data_7BKC
#
_entry.id   7BKC
#
_cell.length_a   1.00
_cell.length_b   1.00
_cell.length_c   1.00
_cell.angle_alpha   90.00
_cell.angle_beta   90.00
_cell.angle_gamma   90.00
#
_symmetry.space_group_name_H-M   'P 1'
#
loop_
_entity.id
_entity.type
_entity.pdbx_description
1 polymer 'CoB--CoM heterodisulfide reductase iron-sulfur subunit A'
2 polymer 'F420-non-reducing hydrogenase subunit D'
3 polymer 'Formate dehydrogenase, beta subunit (F420)'
4 polymer 'CoB--CoM heterodisulfide reductase subunit C'
5 polymer 'CoB--CoM heterodisulfide reductase subunit B'
6 polymer 'Formate dehydrogenase'
7 polymer 'Formylmethanofuran dehydrogenase'
8 polymer 'Formylmethanofuran dehydrogenase, subunit G'
9 polymer 'Formylmethanofuran dehydrogenase, subunit A'
10 polymer 'Formylmethanofuran dehydrogenase, subunit D'
11 polymer 'Formylmethanofuran dehydrogenase, subunit F'
12 polymer 'Formylmethanofuran dehydrogenase, subunit B'
13 non-polymer 'IRON/SULFUR CLUSTER'
14 non-polymer 'FLAVIN-ADENINE DINUCLEOTIDE'
15 non-polymer 'FE2/S2 (INORGANIC) CLUSTER'
16 non-polymer 'Non-cubane [4Fe-4S]-cluster'
17 non-polymer 'ZINC ION'
18 non-polymer 'MOLYBDENUM ATOM'
19 non-polymer '2-AMINO-5,6-DIMERCAPTO-7-METHYL-3,7,8A,9-TETRAHYDRO-8-OXA-1,3,9,10-TETRAAZA-ANTHRACEN-4-ONE GUANOSINE DINUCLEOTIDE'
#
loop_
_entity_poly.entity_id
_entity_poly.type
_entity_poly.pdbx_seq_one_letter_code
_entity_poly.pdbx_strand_id
1 'polypeptide(L)'
;MAENTEPRIGVFVCHCGTNIAGSMSIDDVVNYAKTLPYVAVADQYQYMCSTPGQKKIDDAIKEYNLTGVVVAACSPRLHE
PTFRTATKEGGLNPFRFEMANIREQNSWVHMHGMWDEATQKAKDQVRMAVAKAAKLEDLVPKSVPVEKTAMVVGGGVAGM
QAALDLASAGIKTYLIERTPTIGGRMSQLDKTFPTLDCSQCILTPKMVDVGRHPNIEMMTYTEVEKVEGYIGNFDVTLRK
KARGVLTPTEATAKGIVGGGCNGCGDCSAVCPVIKPNPFEMGMAPRKAIYIYHAQVMPLIYTVDFDSCVKCGLCVEACGD
KKAIDLEMQDEFITVKVGTAVLATGYELFPIENKREWGYKQFDNVINALEFERLICASGPTGGHLVRPSDGKTPMKVGFV
LCAGSRDNTGIGKPYCSRFCCMYSLKHAHQIMEKIPGAVAYLFYMDIRSFGKMYEEFYYRIQHEGAKFIRGRVANVLEDK
ETKNLHVFTEDTLLGRPVDVEVDLLVLAAAVQPNEGANELRKKFGVSASQDGWMLEAHPKLNPCGTTTAGVFLAGVCQGP
KDIPDTVAQAEGAASAASIPIHMGEVELEPYFAMCIDELCAGCGMCVNLCPYSALSLGEKNGRTVMVVTEAKCKGCGTCG
GFCPGGAIKMQHFTTPQIVAQIDAFFAGGEQ
;
A,a
2 'polypeptide(L)'
;MADDWKPQILAIICNWCSYAGADLAGGARIQYPPTVRAIRVMCTGRVDMLFILKAFVEGADGVLVSGCHFGDCHYLEGNY
KAAKRMFMIKNLLRNIGLDDRRFRMTFVSASEGAKWGMVMEDVTNTIKELGPSPIKEFKK
;
F,f
3 'polypeptide(L)'
;MAAKGDMLYAWAKDAEIQKKGECGGAVTALLKHALETKMVDAVVAIKKGKDLYDAVPTVITNPEDIIQTAGSLHCGTLLI
PKLIKKYLNGAKDMKLAVTCKGCDAMAFYELAKRNQINLDNIIMIGVNCGGSVSPVTARKMISNKFGVDPDTVHKEEIDK
GQFIIEYEGGHKGIKIDELEEEGYGRRSNCRRCKMKIPRQADIAAGNWGVIGDKAGKATFLEICSEKGANLVNSAQSKGA
LEISPADPKGIDIRAKVEKAMFNLGDEWRHRDFEGMGKGKDRLKLMMSESSKCIKCYACVEACPICYCIECSTKKPWYIA
PGVLPTSFMFHLIRFAHVSDSCINCGQCEELCPMEIPNALFMHSQQVEIEKMFGHIPGQDMTPPIHAFVEEKAERARLDA
TGTDSIYTNIFTDE
;
E,e
4 'polypeptide(L)'
;MAAKSYNIPELDKKLADRRYHLSDTNPEFTQKILKTSRTIANMCYQCGTCTGSCPSAPRSSYRIRLFMRRCVLGLENEAL
TDPDLWLCTTCYSCTDRCPRDIAPTDVIMAMRNLAFKRDIVPKNFLQTVQLIYNSGHGVPNNDVNRAARTKLGLPADPPT
THSYPEFVKGIQKIIDHYELKENADRILKGD
;
C,c
5 'polypeptide(L)'
;MHEYAFFLGCIAPNRYPGCEASAIKTSEKVGIKLLPLKGASCCPAPGAFGSIDLNVWYAMAARNLVLAEEMKKDIALICN
GCYKSIWEVNHILKHNDELRDNVNEVLAEIDMQFKGTIDVWHLAELYYDDKVCGVQKIKDSVTTPLSGAKVAAHYGCHLM
KPKKERHFGDTENPMWFEELIGALGAEPIQYRNKMQCCGAGGGVRGYDIVHALDITNEKLINIQEAGADAITELCPFCQL
QFDRGQIEIKEKFGDVYNIPVLHYNELLGLAQGMSPQDLALDLHAIDCTPFLQKVL
;
B,b
6 'polypeptide(L)'
;MSENSEIMKYVATTCPYCGVGCTLNLVVSNGKVVGVEPNQRSPINEGKLCPKGVTCWEHIHSPDRLTTPLIKKDGKFIEA
SWDEALDLVAKNLKVIYDKHGPKGLGFQTSCRTVNEDCYIFQKFARVGFKTNNVDNCARICHGPSVAGLSLSFGSGAATN
GFEDALNADLILIWGSNAVEAHPLAGRRIAQAKKKGIQIIAVDPRYTMTARLADTYVRFNPSTHIALANSMMYWIIKEGL
EDKKFIQDRVNGFEDLKKTVENYADAEAIHGVPLDVVKDIAFRYAKAKNAVIIYCLGITELTTGTDNVRSMGNLALLTGN
VGREGVGVNPLRGQNNVQGACDMGAYPNVYSGYQKCEVAENRAKMEKAWSVTNLPDWYGATLTEQINQCGDEIKGMYILG
LNPVVTYPSSNHVKAQLEKLDFLVVQDIFFTETCQYADVILPGACFAEKDGTFTSGERRINRVRKAVNPPGQAKEDIHII
SELAAKMGFKGFELPTAKDVWDDMRAVTPSMFGATYEKLERPEGICWPCPTEEHPGTPILHREKFATADGKGNLFGIDYR
PPAEVADAEYPFTLMTGRLIFHYHSRTQTDRAADLHREVPESYAQINIEDARRLGIKNNEYIKLKSRRGETTTLARVTDE
VAPGVVYMTMHFADGVNNLTNTVLDPMSKMPELKHCAISIEKVGGN
;
D,d
7 'polypeptide(L)'
;METITMTLVQEPELFLECYSVTPDLFAGKSLAEIADLPAHEGKIQWKLGDFFKFEGKAGETAADTKIVVNGNVRRMKRFG
QQMTAGEIIINSDADMYIGGWMKGGKITVKGNADSFLGIAMEGGEILIEGDAQNHVGSAYRGDWRGMSGGLIRVKGKAGN
DIGTAMTGGTIIIEGDAFIHVLTHAEGGTVIIKGDVEGRVGGQMVKGDAYILGNLLYPLPGFKKVATVEKEVDGATYTFD
QFIGDLGERKEKKKGEIIYGNIFLKK
;
I,i
8 'polypeptide(L)'
;MKYRGPEDKLIVFTFYKESKKKRHFFPFFLQKISYLFQNIYLYFLTTFVQSILIDQAGATNMAFAVHVNMERCTGCNNCV
VACPVNALELNTVNPSSTDKIYKVINGDAVILDVKHELCAGCGICVDACPYDVIQLSGQPPQAVEA
;
L,l
9 'polypeptide(L)'
;MSELLIKNGYIFDPISGIKGDKADIAIKDGKIVDKVSSKAQVIDASGKTVMSGGVDIHTHVSGPKVNTGRMMRPEDKFFR
GSYRGGIIKQGKRMEMGFSIPSTYKTGYAYARMGYTFTNEAAMPPLLAPHVHEEFRDTPILDQAAMPVFGNNWFCFEYIK
NKELENNAAYVAWLLNATKGIGI(KCX)VVNPGGTEAWAWGENCTTINDPVPYFDITPAEIVKGLIETNEYLGLPHSVHI
HGNNLGNPGNYKDTLDTLRLAESYKAKNKFGREQVLHNTHIQFHSYKGTSWADFESGAKEIMDYVNANKNITCDIGQVTL
DETTTMTADGPFEYHLNQLNHIKWANVDVELETGSGVVPYIYDKNIKVCGIQWAIGLELALYAKDLMRVHITTDHPNAGP
FTRYPCVIKWLMSEKARKATLDTMKWKDKVIAASNIASMDRELGLYEIAMMTRAGPAKALGLAAIYGSLVKGADGNVAIY
NLDANDLPSDPELIEAAFQNTAYTIKEGVVVVKDGEIIAEPHKYTLWTKVNMPENAQVMHDIKEKFTKNYTVNLENYAVF
DEHVHNPRAIELDVA
;
G,g
10 'polypeptide(L)'
;MKAKKTLNMITQRAVEEGIAMEIGKTSRQYFDACSIIEMNEQDMKELGIMKNTNVRVKSESGEVVVKAVVGRQTCYPGLC
HIRQGVWANQVVPPRTQSTGAPQYSGFPVTVEPVPNERLKTALELVQGAVGMWKGDQ
;
J,j
11 'polypeptide(L)'
;MSTLFPKYSKTTDGSKVIMEQRLLQQVNNLILDNDICTGCGICSEVCPEEAISVGAVGGVRRGLVDDAASIHVDETKCSY
CGVCVIMCPFSALALKVDGEERLPILEKEGFPTYDKGTAIDQDKCVRCNICDDVCPRDAIDRDVPLFEGEDKEGLAKGQA
VELKIEFKVDDEKCTKCGICGNLCEAINVLHKPFSPEIGKVEGEVIWDEAYCDGCNVCAEACPSEAIKVTRTVVGQKKLG
NVNIIDEDCCTCRWCAINCPTEAITVNKIFEGEITFHAEKCPGGCSTCVDVCPANAIYLPTPKPAKDMKGQIEAKIAVNK
DFCILCGACVNACPGEDIIYLRRDSVKIKGKETDLFKKIKEKLFTPRTSKVKEQPSLAGSVELKAVSQ
;
M,K,m,k
12 'polypeptide(L)'
;MPKVIENVGCPYCGCSCDDVRITVSDDGKDILEVENVCAIGTEIFKHGCSKDRIRLPRMRQPDGSMKDISYEEAIDWTAR
HLLKAKKPLMYGFGSTNCEGQAAAARVMEIAGGMLDNCATICHGPSFLAIFDNGYPSCTLGEVKNRADVIVYWGSNPAHA
HPRHMSRYSIFPRGFFTGKGQKKRTVIVIDPRFTDTANVADYHLQVKQGHDYELFNAFRMVIHGHGKDLPDEVAGIKKET
ILEVAEIMKNARFGTTFFGMGLTHTDGRNHNIDIAISLTRDLNKISKWTIMAMRGHYNIAGPGVVWSWTFGFPYCLDLTK
QNHAHMNPGETSSVDMAMRDEVDMFINIGTDAAAHFPIPAVKQLKKHPWVTIDPSINMASEISDLHIPVCICGVDVGGIV
YRMDNVPIQFRKVIEPPEGVMDDETLLNKIADRMEELKAKGEA
;
H,h
#
loop_
_chem_comp.id
_chem_comp.type
_chem_comp.name
_chem_comp.formula
9S8 non-polymer 'Non-cubane [4Fe-4S]-cluster' 'Fe4 S4'
FAD non-polymer 'FLAVIN-ADENINE DINUCLEOTIDE' 'C27 H33 N9 O15 P2'
FES non-polymer 'FE2/S2 (INORGANIC) CLUSTER' 'Fe2 S2'
MGD non-polymer '2-AMINO-5,6-DIMERCAPTO-7-METHYL-3,7,8A,9-TETRAHYDRO-8-OXA-1,3,9,10-TETRAAZA-ANTHRACEN-4-ONE GUANOSINE DINUCLEOTIDE' 'C20 H26 N10 O13 P2 S2'
MO non-polymer 'MOLYBDENUM ATOM' Mo
SF4 non-polymer 'IRON/SULFUR CLUSTER' 'Fe4 S4'
ZN non-polymer 'ZINC ION' 'Zn 2'
#
# COMPACT_ATOMS: atom_id res chain seq x y z
N PRO A 7 59.62 -3.80 9.02
CA PRO A 7 58.23 -3.44 9.28
C PRO A 7 57.77 -3.88 10.65
N ARG A 8 56.86 -3.14 11.25
CA ARG A 8 56.30 -3.46 12.56
C ARG A 8 54.80 -3.34 12.47
N ILE A 9 54.10 -4.44 12.71
CA ILE A 9 52.66 -4.54 12.50
C ILE A 9 51.98 -4.73 13.84
N GLY A 10 50.85 -4.07 14.02
CA GLY A 10 50.00 -4.27 15.18
C GLY A 10 48.73 -4.98 14.77
N VAL A 11 48.36 -5.99 15.55
CA VAL A 11 47.17 -6.79 15.29
C VAL A 11 46.16 -6.53 16.40
N PHE A 12 45.00 -6.01 16.03
CA PHE A 12 43.96 -5.68 16.98
C PHE A 12 42.71 -6.47 16.64
N VAL A 13 42.27 -7.34 17.55
CA VAL A 13 41.21 -8.30 17.30
C VAL A 13 39.96 -7.85 18.05
N CYS A 14 38.91 -7.55 17.31
CA CYS A 14 37.66 -7.12 17.89
C CYS A 14 36.83 -8.32 18.32
N HIS A 15 36.11 -8.17 19.42
CA HIS A 15 35.11 -9.16 19.82
C HIS A 15 33.77 -8.91 19.18
N CYS A 16 33.53 -7.68 18.73
CA CYS A 16 32.24 -7.24 18.21
C CYS A 16 31.14 -7.49 19.23
N GLY A 17 31.47 -7.44 20.51
CA GLY A 17 30.51 -7.72 21.55
C GLY A 17 29.92 -9.10 21.40
N THR A 18 30.76 -10.10 21.60
CA THR A 18 30.50 -11.55 21.63
C THR A 18 30.07 -12.12 20.28
N ASN A 19 29.88 -11.28 19.26
CA ASN A 19 29.59 -11.82 17.92
C ASN A 19 30.75 -12.63 17.38
N ILE A 20 31.97 -12.38 17.85
CA ILE A 20 33.14 -13.11 17.41
C ILE A 20 33.69 -14.00 18.52
N ALA A 21 33.62 -13.53 19.76
CA ALA A 21 34.08 -14.31 20.90
C ALA A 21 33.15 -15.47 21.20
N GLY A 22 31.94 -15.46 20.67
CA GLY A 22 31.05 -16.59 20.77
C GLY A 22 31.18 -17.59 19.66
N SER A 23 32.21 -17.45 18.81
CA SER A 23 32.45 -18.42 17.76
C SER A 23 33.90 -18.90 17.78
N MET A 24 34.84 -18.06 18.21
CA MET A 24 36.22 -18.52 18.30
C MET A 24 36.84 -18.15 19.63
N SER A 25 38.09 -18.56 19.81
CA SER A 25 38.91 -18.26 20.98
C SER A 25 39.78 -17.04 20.65
N ILE A 26 39.32 -15.87 21.09
CA ILE A 26 40.04 -14.64 20.77
C ILE A 26 41.40 -14.62 21.45
N ASP A 27 41.49 -15.20 22.65
CA ASP A 27 42.78 -15.28 23.32
C ASP A 27 43.79 -16.07 22.49
N ASP A 28 43.36 -17.20 21.94
CA ASP A 28 44.25 -18.00 21.11
C ASP A 28 44.65 -17.28 19.84
N VAL A 29 43.70 -16.61 19.19
CA VAL A 29 44.04 -15.84 18.01
C VAL A 29 45.08 -14.77 18.34
N VAL A 30 44.92 -14.11 19.49
CA VAL A 30 45.84 -13.04 19.88
C VAL A 30 47.23 -13.59 20.17
N ASN A 31 47.32 -14.72 20.87
CA ASN A 31 48.63 -15.30 21.15
C ASN A 31 49.31 -15.74 19.86
N TYR A 32 48.55 -16.31 18.93
CA TYR A 32 49.12 -16.66 17.64
C TYR A 32 49.63 -15.42 16.91
N ALA A 33 48.87 -14.34 16.96
CA ALA A 33 49.33 -13.10 16.32
C ALA A 33 50.61 -12.62 16.95
N LYS A 34 50.72 -12.72 18.28
CA LYS A 34 51.95 -12.32 18.94
C LYS A 34 53.13 -13.13 18.45
N THR A 35 52.95 -14.45 18.29
CA THR A 35 54.07 -15.27 17.83
C THR A 35 54.31 -15.17 16.34
N LEU A 36 53.42 -14.54 15.59
CA LEU A 36 53.63 -14.38 14.15
C LEU A 36 54.89 -13.53 13.88
N PRO A 37 55.53 -13.71 12.73
CA PRO A 37 56.63 -12.82 12.36
C PRO A 37 56.14 -11.44 11.95
N TYR A 38 56.97 -10.45 12.24
CA TYR A 38 56.81 -9.02 11.97
C TYR A 38 55.86 -8.34 12.95
N VAL A 39 55.19 -9.07 13.83
CA VAL A 39 54.15 -8.49 14.66
C VAL A 39 54.79 -7.90 15.91
N ALA A 40 54.63 -6.61 16.10
CA ALA A 40 55.15 -5.91 17.26
C ALA A 40 54.22 -6.01 18.46
N VAL A 41 52.93 -5.76 18.25
CA VAL A 41 51.94 -5.81 19.32
C VAL A 41 50.68 -6.48 18.79
N ALA A 42 50.09 -7.34 19.61
CA ALA A 42 48.79 -7.92 19.33
C ALA A 42 47.89 -7.68 20.53
N ASP A 43 46.65 -7.29 20.27
CA ASP A 43 45.80 -6.85 21.37
C ASP A 43 44.35 -6.95 20.91
N GLN A 44 43.44 -6.85 21.88
CA GLN A 44 42.03 -7.09 21.63
C GLN A 44 41.18 -6.04 22.31
N TYR A 45 39.97 -5.88 21.81
CA TYR A 45 39.02 -4.94 22.42
C TYR A 45 37.62 -5.34 22.01
N GLN A 46 36.64 -4.90 22.81
CA GLN A 46 35.25 -5.31 22.60
C GLN A 46 34.66 -4.66 21.36
N TYR A 47 34.91 -3.37 21.15
CA TYR A 47 34.35 -2.65 20.00
C TYR A 47 35.46 -1.80 19.39
N MET A 48 36.22 -2.38 18.45
CA MET A 48 37.31 -1.65 17.83
C MET A 48 36.83 -0.51 16.93
N CYS A 49 35.56 -0.48 16.57
CA CYS A 49 35.05 0.63 15.76
C CYS A 49 34.63 1.81 16.61
N SER A 50 34.72 1.70 17.93
CA SER A 50 34.32 2.77 18.82
C SER A 50 35.51 3.62 19.22
N THR A 51 35.20 4.81 19.75
CA THR A 51 36.25 5.78 20.07
C THR A 51 37.34 5.23 20.96
N PRO A 52 37.06 4.45 22.02
CA PRO A 52 38.17 3.78 22.71
C PRO A 52 38.95 2.85 21.82
N GLY A 53 38.33 2.24 20.81
CA GLY A 53 39.07 1.37 19.92
C GLY A 53 40.04 2.14 19.04
N GLN A 54 39.59 3.23 18.43
CA GLN A 54 40.53 4.08 17.70
C GLN A 54 41.61 4.63 18.62
N LYS A 55 41.27 5.02 19.84
CA LYS A 55 42.29 5.48 20.77
C LYS A 55 43.30 4.38 21.07
N LYS A 56 42.83 3.14 21.20
CA LYS A 56 43.74 2.02 21.42
C LYS A 56 44.70 1.87 20.25
N ILE A 57 44.18 1.96 19.02
CA ILE A 57 45.04 1.86 17.85
C ILE A 57 46.09 2.95 17.86
N ASP A 58 45.66 4.19 18.15
CA ASP A 58 46.57 5.33 18.08
C ASP A 58 47.64 5.25 19.16
N ASP A 59 47.25 4.86 20.38
CA ASP A 59 48.22 4.70 21.45
C ASP A 59 49.22 3.61 21.10
N ALA A 60 48.75 2.50 20.53
CA ALA A 60 49.67 1.44 20.15
C ALA A 60 50.64 1.90 19.09
N ILE A 61 50.15 2.65 18.09
CA ILE A 61 51.02 3.18 17.06
C ILE A 61 52.11 4.03 17.67
N LYS A 62 51.73 4.98 18.52
CA LYS A 62 52.71 5.89 19.11
C LYS A 62 53.71 5.15 19.99
N GLU A 63 53.23 4.20 20.80
CA GLU A 63 54.13 3.54 21.74
C GLU A 63 55.09 2.59 21.04
N TYR A 64 54.59 1.79 20.10
CA TYR A 64 55.39 0.71 19.52
C TYR A 64 56.01 1.08 18.18
N ASN A 65 55.83 2.32 17.72
CA ASN A 65 56.39 2.77 16.45
C ASN A 65 55.95 1.84 15.31
N LEU A 66 54.64 1.68 15.18
CA LEU A 66 54.10 0.72 14.25
C LEU A 66 54.23 1.22 12.82
N THR A 67 54.65 0.34 11.94
CA THR A 67 54.67 0.63 10.51
C THR A 67 53.28 0.43 9.89
N GLY A 68 52.57 -0.63 10.28
CA GLY A 68 51.27 -0.91 9.72
C GLY A 68 50.36 -1.49 10.77
N VAL A 69 49.07 -1.51 10.44
CA VAL A 69 48.03 -1.92 11.36
C VAL A 69 47.16 -2.97 10.69
N VAL A 70 46.93 -4.09 11.37
CA VAL A 70 46.01 -5.12 10.92
C VAL A 70 44.91 -5.24 11.96
N VAL A 71 43.66 -5.14 11.53
CA VAL A 71 42.51 -5.24 12.41
C VAL A 71 41.71 -6.46 12.01
N ALA A 72 41.60 -7.42 12.93
CA ALA A 72 40.84 -8.64 12.72
C ALA A 72 39.42 -8.41 13.20
N ALA A 73 38.54 -8.05 12.27
CA ALA A 73 37.23 -7.52 12.59
C ALA A 73 36.23 -7.82 11.49
N CYS A 74 35.22 -6.97 11.36
CA CYS A 74 34.18 -7.11 10.36
C CYS A 74 34.72 -6.85 8.95
N SER A 75 33.82 -6.69 8.01
CA SER A 75 34.19 -6.63 6.60
C SER A 75 34.88 -5.31 6.24
N PRO A 76 35.83 -5.36 5.31
CA PRO A 76 36.38 -4.11 4.77
C PRO A 76 35.33 -3.23 4.13
N ARG A 77 34.38 -3.81 3.41
CA ARG A 77 33.32 -3.02 2.80
C ARG A 77 32.52 -2.26 3.83
N LEU A 78 32.55 -2.71 5.09
CA LEU A 78 31.91 -2.01 6.18
C LEU A 78 32.82 -0.95 6.78
N HIS A 79 34.06 -1.29 7.13
CA HIS A 79 34.86 -0.40 7.96
C HIS A 79 36.29 -0.22 7.45
N GLU A 80 36.47 -0.01 6.14
CA GLU A 80 37.74 0.59 5.71
C GLU A 80 37.83 2.07 6.04
N PRO A 81 36.86 2.91 5.73
CA PRO A 81 37.05 4.35 6.03
C PRO A 81 37.32 4.63 7.49
N THR A 82 36.63 3.93 8.39
CA THR A 82 36.80 4.17 9.82
C THR A 82 38.23 3.92 10.24
N PHE A 83 38.77 2.76 9.92
CA PHE A 83 40.09 2.40 10.41
C PHE A 83 41.20 3.02 9.58
N ARG A 84 40.94 3.40 8.33
CA ARG A 84 41.91 4.19 7.60
C ARG A 84 42.05 5.58 8.22
N THR A 85 40.94 6.19 8.63
CA THR A 85 41.04 7.47 9.31
C THR A 85 41.68 7.33 10.68
N ALA A 86 41.39 6.23 11.37
CA ALA A 86 42.05 5.95 12.65
C ALA A 86 43.55 5.74 12.47
N THR A 87 43.96 5.15 11.35
CA THR A 87 45.38 4.96 11.09
C THR A 87 46.06 6.27 10.72
N LYS A 88 45.38 7.11 9.92
CA LYS A 88 45.90 8.44 9.65
C LYS A 88 46.13 9.21 10.94
N GLU A 89 45.11 9.30 11.78
CA GLU A 89 45.23 9.97 13.07
C GLU A 89 46.10 9.09 13.95
N GLY A 90 47.39 9.38 13.97
CA GLY A 90 48.32 8.47 14.62
C GLY A 90 49.66 8.47 13.91
N GLY A 91 49.73 9.15 12.78
CA GLY A 91 50.99 9.38 12.12
C GLY A 91 51.35 8.41 11.03
N LEU A 92 50.41 7.58 10.59
CA LEU A 92 50.64 6.65 9.51
C LEU A 92 49.91 7.12 8.26
N ASN A 93 50.22 6.49 7.14
CA ASN A 93 49.41 6.66 5.95
C ASN A 93 48.11 5.87 6.13
N PRO A 94 47.00 6.34 5.57
CA PRO A 94 45.78 5.53 5.62
C PRO A 94 45.93 4.17 4.97
N PHE A 95 46.85 4.01 4.03
CA PHE A 95 46.94 2.81 3.22
C PHE A 95 48.02 1.87 3.70
N ARG A 96 48.54 2.08 4.90
CA ARG A 96 49.32 1.07 5.60
C ARG A 96 48.47 0.18 6.47
N PHE A 97 47.19 0.03 6.12
CA PHE A 97 46.21 -0.66 6.93
C PHE A 97 45.56 -1.78 6.13
N GLU A 98 45.26 -2.90 6.81
CA GLU A 98 44.65 -4.06 6.17
C GLU A 98 43.76 -4.76 7.18
N MET A 99 42.59 -5.23 6.74
CA MET A 99 41.67 -5.92 7.62
C MET A 99 41.72 -7.43 7.38
N ALA A 100 41.32 -8.17 8.41
CA ALA A 100 41.11 -9.61 8.33
C ALA A 100 39.66 -9.86 8.72
N ASN A 101 38.81 -10.16 7.74
CA ASN A 101 37.39 -10.38 8.00
C ASN A 101 37.21 -11.70 8.73
N ILE A 102 37.06 -11.64 10.05
CA ILE A 102 36.87 -12.83 10.86
C ILE A 102 35.49 -12.86 11.50
N ARG A 103 34.57 -12.00 11.07
CA ARG A 103 33.23 -12.02 11.61
C ARG A 103 32.21 -12.50 10.59
N GLU A 104 32.08 -11.80 9.47
CA GLU A 104 31.07 -12.16 8.49
C GLU A 104 31.49 -13.35 7.65
N GLN A 105 32.75 -13.76 7.72
CA GLN A 105 33.24 -14.90 6.98
C GLN A 105 33.84 -15.95 7.87
N ASN A 106 33.86 -15.76 9.18
CA ASN A 106 34.23 -16.83 10.10
C ASN A 106 33.15 -17.11 11.13
N SER A 107 32.73 -16.13 11.90
CA SER A 107 31.86 -16.39 13.06
C SER A 107 30.46 -16.73 12.60
N TRP A 108 29.84 -15.83 11.86
CA TRP A 108 28.45 -15.95 11.48
C TRP A 108 28.20 -17.14 10.59
N VAL A 109 29.25 -17.75 10.05
CA VAL A 109 29.11 -18.91 9.19
C VAL A 109 29.66 -20.17 9.83
N HIS A 110 30.39 -20.08 10.93
CA HIS A 110 30.84 -21.25 11.67
C HIS A 110 30.45 -21.15 13.13
N MET A 111 29.24 -20.66 13.40
CA MET A 111 28.74 -20.61 14.77
C MET A 111 28.70 -21.99 15.41
N HIS A 112 27.93 -22.91 14.83
CA HIS A 112 27.41 -24.06 15.55
C HIS A 112 28.38 -25.24 15.55
N GLY A 113 28.71 -25.73 16.75
CA GLY A 113 29.33 -27.03 16.90
C GLY A 113 30.68 -27.18 16.25
N MET A 114 31.37 -26.07 15.99
CA MET A 114 32.69 -26.13 15.35
C MET A 114 33.44 -24.84 15.73
N TRP A 115 34.35 -24.99 16.68
CA TRP A 115 34.97 -23.91 17.43
C TRP A 115 36.47 -23.84 17.19
N ASP A 116 37.19 -24.95 17.38
CA ASP A 116 38.60 -24.97 17.06
C ASP A 116 38.84 -24.86 15.56
N GLU A 117 37.88 -25.33 14.75
CA GLU A 117 37.98 -25.13 13.31
C GLU A 117 37.84 -23.65 12.95
N ALA A 118 36.90 -22.95 13.58
CA ALA A 118 36.79 -21.52 13.34
C ALA A 118 38.01 -20.77 13.87
N THR A 119 38.58 -21.23 14.97
CA THR A 119 39.78 -20.60 15.49
C THR A 119 40.94 -20.77 14.52
N GLN A 120 41.10 -21.96 13.94
CA GLN A 120 42.15 -22.17 12.95
C GLN A 120 41.92 -21.31 11.72
N LYS A 121 40.67 -21.19 11.28
CA LYS A 121 40.39 -20.31 10.15
C LYS A 121 40.75 -18.87 10.48
N ALA A 122 40.46 -18.43 11.71
CA ALA A 122 40.79 -17.07 12.11
C ALA A 122 42.29 -16.85 12.14
N LYS A 123 43.03 -17.83 12.65
CA LYS A 123 44.48 -17.72 12.64
C LYS A 123 45.01 -17.61 11.22
N ASP A 124 44.45 -18.39 10.30
CA ASP A 124 44.89 -18.32 8.91
C ASP A 124 44.60 -16.96 8.31
N GLN A 125 43.40 -16.42 8.57
CA GLN A 125 43.05 -15.11 8.00
C GLN A 125 43.94 -14.02 8.57
N VAL A 126 44.24 -14.07 9.87
CA VAL A 126 45.12 -13.09 10.48
C VAL A 126 46.53 -13.21 9.91
N ARG A 127 47.00 -14.43 9.67
CA ARG A 127 48.33 -14.60 9.08
C ARG A 127 48.39 -14.01 7.68
N MET A 128 47.38 -14.26 6.85
CA MET A 128 47.37 -13.70 5.51
C MET A 128 47.29 -12.18 5.54
N ALA A 129 46.49 -11.62 6.45
CA ALA A 129 46.39 -10.18 6.55
C ALA A 129 47.72 -9.56 6.97
N VAL A 130 48.40 -10.18 7.95
CA VAL A 130 49.69 -9.66 8.39
C VAL A 130 50.71 -9.74 7.26
N ALA A 131 50.67 -10.83 6.48
CA ALA A 131 51.61 -10.96 5.37
C ALA A 131 51.39 -9.87 4.33
N LYS A 132 50.14 -9.55 4.02
CA LYS A 132 49.92 -8.45 3.08
C LYS A 132 50.35 -7.11 3.67
N ALA A 133 50.02 -6.85 4.93
CA ALA A 133 50.29 -5.55 5.52
C ALA A 133 51.78 -5.32 5.72
N ALA A 134 52.56 -6.39 5.90
CA ALA A 134 54.01 -6.23 5.98
C ALA A 134 54.62 -5.80 4.67
N LYS A 135 53.86 -5.84 3.58
CA LYS A 135 54.34 -5.42 2.27
C LYS A 135 53.58 -4.25 1.69
N LEU A 136 52.51 -3.78 2.33
CA LEU A 136 51.87 -2.56 1.87
C LEU A 136 52.82 -1.37 2.05
N GLU A 137 52.68 -0.39 1.17
CA GLU A 137 53.41 0.86 1.34
C GLU A 137 52.55 2.03 0.91
N ASP A 138 53.13 3.24 1.03
CA ASP A 138 52.35 4.46 1.12
C ASP A 138 51.72 4.84 -0.21
N LEU A 139 50.44 5.19 -0.15
CA LEU A 139 49.71 5.73 -1.28
C LEU A 139 49.08 7.04 -0.86
N VAL A 140 48.91 7.95 -1.82
CA VAL A 140 48.21 9.20 -1.60
C VAL A 140 47.08 9.29 -2.63
N PRO A 141 45.84 9.49 -2.21
CA PRO A 141 44.74 9.51 -3.17
C PRO A 141 44.89 10.63 -4.18
N LYS A 142 44.46 10.37 -5.41
CA LYS A 142 44.54 11.35 -6.47
C LYS A 142 43.36 12.31 -6.37
N SER A 143 43.65 13.61 -6.41
CA SER A 143 42.62 14.63 -6.46
C SER A 143 42.50 15.13 -7.89
N VAL A 144 41.27 15.18 -8.40
CA VAL A 144 41.05 15.62 -9.77
C VAL A 144 40.11 16.81 -9.77
N PRO A 145 40.30 17.78 -10.65
CA PRO A 145 39.38 18.92 -10.71
C PRO A 145 38.03 18.50 -11.27
N VAL A 146 37.00 19.26 -10.90
CA VAL A 146 35.63 18.98 -11.32
C VAL A 146 35.14 20.13 -12.18
N GLU A 147 34.72 19.83 -13.40
CA GLU A 147 34.10 20.84 -14.24
C GLU A 147 32.83 21.35 -13.57
N LYS A 148 32.62 22.66 -13.64
CA LYS A 148 31.56 23.32 -12.90
C LYS A 148 30.22 23.30 -13.61
N THR A 149 30.00 22.34 -14.51
CA THR A 149 28.71 22.17 -15.15
C THR A 149 28.11 20.84 -14.73
N ALA A 150 26.80 20.70 -14.97
CA ALA A 150 26.09 19.48 -14.67
C ALA A 150 25.14 19.18 -15.80
N MET A 151 24.81 17.91 -15.97
CA MET A 151 23.88 17.46 -16.99
C MET A 151 22.71 16.76 -16.33
N VAL A 152 21.50 17.05 -16.80
CA VAL A 152 20.30 16.36 -16.38
C VAL A 152 19.64 15.77 -17.61
N VAL A 153 19.59 14.46 -17.67
CA VAL A 153 18.96 13.75 -18.82
C VAL A 153 17.52 13.42 -18.43
N GLY A 154 16.58 14.05 -19.11
CA GLY A 154 15.17 13.86 -18.78
C GLY A 154 14.57 15.16 -18.38
N GLY A 155 13.49 15.55 -19.03
CA GLY A 155 12.84 16.84 -18.77
C GLY A 155 11.47 16.65 -18.19
N GLY A 156 11.31 15.64 -17.35
CA GLY A 156 10.02 15.42 -16.68
C GLY A 156 9.99 16.26 -15.44
N VAL A 157 9.12 15.96 -14.49
CA VAL A 157 9.15 16.72 -13.22
C VAL A 157 10.48 16.51 -12.49
N ALA A 158 10.99 15.28 -12.47
CA ALA A 158 12.24 15.00 -11.74
C ALA A 158 13.45 15.65 -12.39
N GLY A 159 13.49 15.66 -13.72
CA GLY A 159 14.56 16.35 -14.40
C GLY A 159 14.48 17.86 -14.25
N MET A 160 13.27 18.42 -14.38
CA MET A 160 13.11 19.86 -14.22
C MET A 160 13.42 20.30 -12.80
N GLN A 161 12.98 19.53 -11.80
CA GLN A 161 13.30 19.89 -10.43
C GLN A 161 14.80 19.84 -10.16
N ALA A 162 15.47 18.80 -10.65
CA ALA A 162 16.92 18.70 -10.46
C ALA A 162 17.64 19.84 -11.16
N ALA A 163 17.21 20.19 -12.38
CA ALA A 163 17.85 21.27 -13.11
C ALA A 163 17.65 22.61 -12.41
N LEU A 164 16.43 22.88 -11.95
CA LEU A 164 16.17 24.13 -11.24
C LEU A 164 16.96 24.19 -9.95
N ASP A 165 17.05 23.08 -9.23
CA ASP A 165 17.80 23.06 -7.99
C ASP A 165 19.29 23.34 -8.23
N LEU A 166 19.89 22.69 -9.21
CA LEU A 166 21.29 22.93 -9.51
C LEU A 166 21.52 24.37 -9.97
N ALA A 167 20.67 24.87 -10.86
CA ALA A 167 20.84 26.23 -11.36
C ALA A 167 20.70 27.25 -10.25
N SER A 168 19.70 27.09 -9.37
CA SER A 168 19.55 28.02 -8.27
C SER A 168 20.65 27.86 -7.22
N ALA A 169 21.29 26.70 -7.16
CA ALA A 169 22.54 26.61 -6.40
C ALA A 169 23.68 27.30 -7.11
N GLY A 170 23.54 27.60 -8.40
CA GLY A 170 24.51 28.40 -9.12
C GLY A 170 25.29 27.65 -10.17
N ILE A 171 25.14 26.33 -10.25
CA ILE A 171 25.86 25.52 -11.21
C ILE A 171 25.17 25.62 -12.57
N LYS A 172 25.94 25.84 -13.62
CA LYS A 172 25.39 25.78 -14.96
C LYS A 172 24.97 24.35 -15.28
N THR A 173 23.80 24.20 -15.88
CA THR A 173 23.18 22.91 -16.05
C THR A 173 22.69 22.74 -17.48
N TYR A 174 22.84 21.53 -18.00
CA TYR A 174 22.27 21.12 -19.27
C TYR A 174 21.06 20.25 -19.00
N LEU A 175 19.95 20.55 -19.65
CA LEU A 175 18.74 19.74 -19.52
C LEU A 175 18.49 19.08 -20.88
N ILE A 176 18.73 17.77 -20.95
CA ILE A 176 18.55 17.06 -22.24
C ILE A 176 17.18 16.38 -22.21
N GLU A 177 16.38 16.60 -23.24
CA GLU A 177 15.06 15.97 -23.36
C GLU A 177 14.99 15.42 -24.78
N ARG A 178 14.63 14.15 -24.96
CA ARG A 178 14.50 13.53 -26.30
C ARG A 178 13.30 14.10 -27.04
N THR A 179 12.31 14.57 -26.31
CA THR A 179 11.08 15.02 -26.98
C THR A 179 11.12 16.54 -27.18
N PRO A 180 10.30 17.16 -28.06
CA PRO A 180 10.41 18.60 -28.33
C PRO A 180 9.98 19.50 -27.17
N THR A 181 9.49 18.93 -26.06
CA THR A 181 9.03 19.74 -24.94
C THR A 181 9.41 19.07 -23.63
N ILE A 182 9.59 19.87 -22.60
CA ILE A 182 9.77 19.37 -21.25
C ILE A 182 8.41 19.15 -20.61
N GLY A 183 8.35 18.50 -19.45
CA GLY A 183 7.08 18.30 -18.73
C GLY A 183 6.90 16.87 -18.30
N GLY A 184 7.06 15.92 -19.24
CA GLY A 184 6.95 14.50 -18.93
C GLY A 184 5.52 14.02 -18.83
N ARG A 185 5.30 12.98 -18.03
CA ARG A 185 3.95 12.39 -17.85
C ARG A 185 3.03 13.33 -17.10
N MET A 186 3.56 14.17 -16.20
CA MET A 186 2.70 15.03 -15.36
C MET A 186 2.04 16.05 -16.27
N SER A 187 2.67 16.41 -17.38
CA SER A 187 2.02 17.25 -18.38
C SER A 187 0.85 16.55 -19.04
N GLN A 188 0.85 15.22 -19.07
CA GLN A 188 -0.28 14.49 -19.64
C GLN A 188 -1.40 14.31 -18.62
N LEU A 189 -1.06 14.19 -17.34
CA LEU A 189 -2.07 14.06 -16.26
C LEU A 189 -3.07 15.21 -16.35
N ASP A 190 -4.32 14.93 -16.00
CA ASP A 190 -5.39 15.93 -15.98
C ASP A 190 -5.54 16.56 -14.60
N LYS A 191 -5.85 15.76 -13.59
CA LYS A 191 -5.95 16.26 -12.20
C LYS A 191 -5.03 15.36 -11.39
N THR A 192 -4.57 15.81 -10.23
CA THR A 192 -3.59 15.04 -9.47
C THR A 192 -4.14 14.55 -8.14
N PHE A 193 -3.97 13.28 -7.81
CA PHE A 193 -4.36 12.75 -6.49
C PHE A 193 -3.35 13.32 -5.46
N PRO A 194 -3.64 13.45 -4.14
CA PRO A 194 -4.99 13.36 -3.60
C PRO A 194 -5.63 14.74 -3.46
N THR A 195 -4.92 15.76 -3.92
CA THR A 195 -5.35 17.14 -3.78
C THR A 195 -6.27 17.61 -4.90
N LEU A 196 -6.42 16.84 -5.97
CA LEU A 196 -7.26 17.16 -7.17
C LEU A 196 -6.95 18.52 -7.79
N ASP A 197 -5.67 18.89 -7.81
CA ASP A 197 -5.23 20.12 -8.49
C ASP A 197 -5.09 19.84 -9.97
N CYS A 198 -5.17 20.85 -10.84
CA CYS A 198 -4.92 20.67 -12.29
C CYS A 198 -3.41 20.52 -12.46
N SER A 199 -2.96 19.48 -13.13
CA SER A 199 -1.51 19.18 -13.27
C SER A 199 -0.77 20.27 -14.03
N GLN A 200 -1.32 20.72 -15.16
CA GLN A 200 -0.64 21.73 -16.00
C GLN A 200 -0.58 23.04 -15.23
N CYS A 201 -1.63 23.37 -14.49
CA CYS A 201 -1.67 24.64 -13.75
C CYS A 201 -0.53 24.68 -12.72
N ILE A 202 -0.35 23.61 -11.95
CA ILE A 202 0.73 23.54 -10.94
C ILE A 202 2.12 23.42 -11.57
N LEU A 203 2.23 22.87 -12.77
CA LEU A 203 3.54 22.65 -13.39
C LEU A 203 3.92 23.79 -14.34
N THR A 204 2.96 24.49 -14.95
CA THR A 204 3.32 25.52 -15.96
C THR A 204 4.26 26.53 -15.33
N PRO A 205 4.02 27.05 -14.12
CA PRO A 205 4.98 27.92 -13.46
C PRO A 205 6.42 27.40 -13.50
N LYS A 206 6.66 26.15 -13.11
CA LYS A 206 8.00 25.57 -13.06
C LYS A 206 8.58 25.37 -14.45
N MET A 207 7.73 25.07 -15.44
CA MET A 207 8.21 25.02 -16.82
C MET A 207 8.71 26.39 -17.26
N VAL A 208 8.00 27.45 -16.89
CA VAL A 208 8.42 28.80 -17.23
C VAL A 208 9.74 29.14 -16.54
N ASP A 209 9.89 28.74 -15.27
CA ASP A 209 11.15 28.97 -14.57
C ASP A 209 12.30 28.28 -15.29
N VAL A 210 12.12 27.03 -15.69
CA VAL A 210 13.17 26.32 -16.40
C VAL A 210 13.49 27.01 -17.72
N GLY A 211 12.46 27.43 -18.44
CA GLY A 211 12.69 28.06 -19.74
C GLY A 211 13.38 29.41 -19.64
N ARG A 212 13.21 30.10 -18.52
CA ARG A 212 13.80 31.43 -18.36
C ARG A 212 15.11 31.45 -17.58
N HIS A 213 15.45 30.38 -16.88
CA HIS A 213 16.61 30.42 -16.00
C HIS A 213 17.88 30.63 -16.81
N PRO A 214 18.73 31.61 -16.45
CA PRO A 214 19.97 31.82 -17.20
C PRO A 214 21.01 30.73 -17.00
N ASN A 215 20.91 29.96 -15.92
CA ASN A 215 21.89 28.93 -15.60
C ASN A 215 21.52 27.57 -16.16
N ILE A 216 20.41 27.47 -16.90
CA ILE A 216 19.96 26.21 -17.47
C ILE A 216 20.05 26.30 -18.98
N GLU A 217 20.73 25.33 -19.58
CA GLU A 217 20.81 25.21 -21.03
C GLU A 217 19.84 24.13 -21.45
N MET A 218 18.60 24.55 -21.73
CA MET A 218 17.53 23.62 -22.07
C MET A 218 17.73 23.17 -23.51
N MET A 219 18.00 21.89 -23.70
CA MET A 219 18.27 21.30 -25.00
C MET A 219 17.20 20.23 -25.24
N THR A 220 16.09 20.63 -25.85
CA THR A 220 15.03 19.69 -26.14
C THR A 220 15.27 19.02 -27.48
N TYR A 221 14.68 17.83 -27.64
CA TYR A 221 14.73 17.08 -28.89
C TYR A 221 16.18 16.70 -29.19
N THR A 222 16.84 16.19 -28.17
CA THR A 222 18.28 15.92 -28.26
C THR A 222 18.55 14.64 -27.47
N GLU A 223 19.52 13.86 -27.92
CA GLU A 223 19.81 12.59 -27.24
C GLU A 223 21.28 12.56 -26.83
N VAL A 224 21.71 11.54 -26.11
CA VAL A 224 23.09 11.36 -25.63
C VAL A 224 23.69 10.22 -26.44
N GLU A 225 24.57 10.55 -27.40
CA GLU A 225 25.19 9.51 -28.21
C GLU A 225 26.20 8.70 -27.43
N LYS A 226 27.11 9.36 -26.72
CA LYS A 226 28.18 8.62 -26.08
C LYS A 226 28.69 9.42 -24.89
N VAL A 227 29.20 8.71 -23.89
CA VAL A 227 29.76 9.30 -22.69
C VAL A 227 31.09 8.62 -22.41
N GLU A 228 32.14 9.43 -22.24
CA GLU A 228 33.41 8.93 -21.74
C GLU A 228 33.95 9.91 -20.72
N GLY A 229 34.74 9.39 -19.79
CA GLY A 229 35.30 10.19 -18.73
C GLY A 229 34.96 9.58 -17.39
N TYR A 230 35.02 10.42 -16.35
CA TYR A 230 34.87 9.96 -14.98
C TYR A 230 34.34 11.12 -14.15
N ILE A 231 34.38 10.96 -12.82
CA ILE A 231 33.88 11.97 -11.89
C ILE A 231 34.37 13.36 -12.25
N GLY A 232 35.60 13.48 -12.71
CA GLY A 232 36.12 14.79 -13.03
C GLY A 232 35.46 15.41 -14.25
N ASN A 233 35.75 14.85 -15.43
CA ASN A 233 35.25 15.39 -16.68
C ASN A 233 34.56 14.29 -17.45
N PHE A 234 33.28 14.49 -17.75
CA PHE A 234 32.51 13.59 -18.60
C PHE A 234 32.41 14.24 -19.96
N ASP A 235 33.00 13.62 -20.98
CA ASP A 235 32.90 14.15 -22.33
C ASP A 235 31.67 13.53 -22.97
N VAL A 236 30.55 14.25 -22.87
CA VAL A 236 29.26 13.75 -23.32
C VAL A 236 28.98 14.32 -24.69
N THR A 237 28.71 13.43 -25.65
CA THR A 237 28.37 13.83 -27.01
C THR A 237 26.85 13.77 -27.17
N LEU A 238 26.28 14.86 -27.64
CA LEU A 238 24.84 14.99 -27.80
C LEU A 238 24.49 14.99 -29.27
N ARG A 239 23.34 14.41 -29.60
CA ARG A 239 22.81 14.45 -30.95
C ARG A 239 21.67 15.45 -30.98
N LYS A 240 21.87 16.57 -31.65
CA LYS A 240 20.82 17.55 -31.84
C LYS A 240 20.01 17.14 -33.06
N LYS A 241 18.90 16.45 -32.82
CA LYS A 241 18.08 15.96 -33.92
C LYS A 241 17.55 17.13 -34.74
N ALA A 242 17.33 16.88 -36.02
CA ALA A 242 16.91 17.93 -36.92
C ALA A 242 15.48 18.34 -36.57
N ARG A 243 15.34 19.41 -35.81
CA ARG A 243 14.01 19.89 -35.44
C ARG A 243 13.26 20.42 -36.65
N GLY A 244 13.97 21.00 -37.61
CA GLY A 244 13.36 21.57 -38.78
C GLY A 244 12.92 23.00 -38.64
N VAL A 245 12.94 23.57 -37.44
CA VAL A 245 12.48 24.92 -37.20
C VAL A 245 13.48 25.62 -36.28
N LEU A 246 13.71 26.90 -36.55
CA LEU A 246 14.75 27.67 -35.87
C LEU A 246 14.15 28.54 -34.78
N THR A 247 14.75 28.51 -33.60
CA THR A 247 14.39 29.45 -32.56
C THR A 247 14.85 30.85 -32.97
N PRO A 248 14.29 31.90 -32.36
CA PRO A 248 14.73 33.25 -32.72
C PRO A 248 16.23 33.47 -32.55
N THR A 249 16.83 32.92 -31.50
CA THR A 249 18.26 33.09 -31.29
C THR A 249 19.06 32.47 -32.43
N GLU A 250 18.73 31.24 -32.79
CA GLU A 250 19.43 30.56 -33.87
C GLU A 250 19.19 31.24 -35.20
N ALA A 251 17.99 31.78 -35.42
CA ALA A 251 17.72 32.50 -36.64
C ALA A 251 18.58 33.75 -36.75
N THR A 252 18.68 34.51 -35.65
CA THR A 252 19.53 35.69 -35.67
C THR A 252 20.99 35.31 -35.88
N ALA A 253 21.43 34.22 -35.28
CA ALA A 253 22.80 33.76 -35.49
C ALA A 253 23.03 33.42 -36.96
N LYS A 254 22.09 32.71 -37.58
CA LYS A 254 22.21 32.38 -39.00
C LYS A 254 22.01 33.58 -39.91
N GLY A 255 21.53 34.71 -39.37
CA GLY A 255 21.46 35.94 -40.14
C GLY A 255 20.07 36.46 -40.41
N ILE A 256 19.02 35.71 -40.07
CA ILE A 256 17.66 36.17 -40.30
C ILE A 256 17.30 37.13 -39.17
N VAL A 257 17.22 38.41 -39.48
CA VAL A 257 16.91 39.41 -38.47
C VAL A 257 15.46 39.30 -38.02
N GLY A 258 14.55 39.03 -38.95
CA GLY A 258 13.13 39.02 -38.64
C GLY A 258 12.73 38.05 -37.54
N GLY A 259 13.55 37.04 -37.28
CA GLY A 259 13.34 36.15 -36.18
C GLY A 259 13.25 34.70 -36.63
N GLY A 260 12.86 33.85 -35.70
CA GLY A 260 12.63 32.46 -35.99
C GLY A 260 11.18 32.08 -35.78
N CYS A 261 10.93 31.17 -34.86
CA CYS A 261 9.58 30.68 -34.61
C CYS A 261 8.96 31.45 -33.44
N ASN A 262 7.79 32.04 -33.68
CA ASN A 262 7.02 32.69 -32.64
C ASN A 262 5.79 31.88 -32.23
N GLY A 263 5.63 30.68 -32.77
CA GLY A 263 4.49 29.84 -32.42
C GLY A 263 3.16 30.35 -32.90
N CYS A 264 3.08 30.90 -34.11
CA CYS A 264 1.81 31.42 -34.60
C CYS A 264 0.85 30.30 -34.98
N GLY A 265 1.36 29.25 -35.60
CA GLY A 265 0.56 28.10 -35.98
C GLY A 265 0.14 28.03 -37.43
N ASP A 266 0.56 29.00 -38.26
CA ASP A 266 0.16 28.99 -39.66
C ASP A 266 0.71 27.77 -40.39
N CYS A 267 1.93 27.36 -40.04
CA CYS A 267 2.52 26.17 -40.65
C CYS A 267 1.63 24.96 -40.47
N SER A 268 1.23 24.67 -39.23
CA SER A 268 0.39 23.51 -39.01
C SER A 268 -1.03 23.77 -39.51
N ALA A 269 -1.41 25.03 -39.70
CA ALA A 269 -2.70 25.30 -40.31
C ALA A 269 -2.72 24.90 -41.77
N VAL A 270 -1.57 24.96 -42.44
CA VAL A 270 -1.55 24.63 -43.87
C VAL A 270 -0.97 23.25 -44.19
N CYS A 271 -0.28 22.61 -43.26
CA CYS A 271 0.28 21.30 -43.54
C CYS A 271 -0.80 20.30 -43.90
N PRO A 272 -0.64 19.52 -44.97
CA PRO A 272 -1.67 18.55 -45.34
C PRO A 272 -1.51 17.16 -44.75
N VAL A 273 -0.35 16.81 -44.23
CA VAL A 273 -0.16 15.51 -43.60
C VAL A 273 -0.84 15.51 -42.24
N ILE A 274 -1.46 14.40 -41.88
CA ILE A 274 -2.10 14.24 -40.57
C ILE A 274 -1.68 12.91 -39.99
N LYS A 275 -1.15 12.94 -38.77
CA LYS A 275 -0.61 11.77 -38.11
C LYS A 275 -1.07 11.76 -36.66
N PRO A 276 -0.99 10.62 -35.98
CA PRO A 276 -1.38 10.58 -34.57
C PRO A 276 -0.44 11.37 -33.69
N ASN A 277 -0.98 11.88 -32.60
CA ASN A 277 -0.22 12.67 -31.65
C ASN A 277 0.24 11.78 -30.50
N PRO A 278 1.55 11.57 -30.32
CA PRO A 278 1.99 10.69 -29.23
C PRO A 278 1.70 11.26 -27.85
N PHE A 279 1.59 12.58 -27.72
CA PHE A 279 1.23 13.16 -26.44
C PHE A 279 -0.18 12.74 -26.02
N GLU A 280 -1.12 12.76 -26.97
CA GLU A 280 -2.47 12.31 -26.74
C GLU A 280 -2.62 10.81 -26.89
N MET A 281 -1.53 10.06 -26.71
CA MET A 281 -1.55 8.60 -26.82
C MET A 281 -2.19 8.13 -28.11
N GLY A 282 -2.09 8.93 -29.16
CA GLY A 282 -2.60 8.56 -30.45
C GLY A 282 -4.06 8.90 -30.71
N MET A 283 -4.80 9.39 -29.70
CA MET A 283 -6.20 9.67 -29.96
C MET A 283 -6.41 10.87 -30.87
N ALA A 284 -5.40 11.74 -31.05
CA ALA A 284 -5.72 12.98 -31.72
C ALA A 284 -4.81 13.22 -32.91
N PRO A 285 -5.31 13.89 -33.94
CA PRO A 285 -4.47 14.19 -35.10
C PRO A 285 -3.50 15.33 -34.82
N ARG A 286 -2.40 15.31 -35.56
CA ARG A 286 -1.45 16.43 -35.59
C ARG A 286 -0.76 16.41 -36.93
N LYS A 287 -0.44 17.59 -37.45
CA LYS A 287 0.16 17.70 -38.77
C LYS A 287 1.61 17.22 -38.72
N ALA A 288 2.28 17.30 -39.87
CA ALA A 288 3.69 16.93 -39.91
C ALA A 288 4.54 17.91 -39.15
N ILE A 289 4.15 19.19 -39.14
CA ILE A 289 4.77 20.22 -38.35
C ILE A 289 3.81 20.55 -37.21
N TYR A 290 4.31 20.51 -35.97
CA TYR A 290 3.38 20.37 -34.86
C TYR A 290 4.04 20.74 -33.55
N ILE A 291 3.18 20.96 -32.56
CA ILE A 291 3.54 20.94 -31.14
C ILE A 291 2.65 19.89 -30.48
N TYR A 292 3.13 19.30 -29.39
CA TYR A 292 2.29 18.35 -28.66
C TYR A 292 1.02 19.00 -28.17
N HIS A 293 1.14 19.99 -27.29
CA HIS A 293 -0.02 20.71 -26.79
C HIS A 293 0.29 22.19 -26.78
N ALA A 294 -0.71 23.00 -26.49
CA ALA A 294 -0.55 24.44 -26.54
C ALA A 294 0.30 24.99 -25.40
N GLN A 295 0.62 24.17 -24.39
CA GLN A 295 1.40 24.61 -23.24
C GLN A 295 2.81 24.04 -23.24
N VAL A 296 3.35 23.69 -24.41
CA VAL A 296 4.72 23.20 -24.47
C VAL A 296 5.67 24.34 -24.14
N MET A 297 6.77 24.02 -23.44
CA MET A 297 7.64 25.10 -23.00
C MET A 297 8.42 25.75 -24.14
N PRO A 298 9.26 25.04 -24.88
CA PRO A 298 9.76 25.67 -26.10
C PRO A 298 8.67 25.58 -27.16
N LEU A 299 8.00 26.70 -27.42
CA LEU A 299 6.91 26.76 -28.38
C LEU A 299 7.50 26.98 -29.78
N ILE A 300 8.08 25.91 -30.33
CA ILE A 300 8.97 26.03 -31.47
C ILE A 300 8.58 25.15 -32.65
N TYR A 301 7.56 24.30 -32.52
CA TYR A 301 6.94 23.64 -33.69
C TYR A 301 7.92 22.77 -34.47
N THR A 302 8.29 21.65 -33.87
CA THR A 302 9.07 20.62 -34.55
C THR A 302 8.45 20.22 -35.89
N VAL A 303 9.30 19.77 -36.81
CA VAL A 303 8.87 19.13 -38.04
C VAL A 303 9.18 17.64 -37.92
N ASP A 304 8.20 16.80 -38.25
CA ASP A 304 8.37 15.36 -38.18
C ASP A 304 8.87 14.88 -39.53
N PHE A 305 10.18 14.66 -39.63
CA PHE A 305 10.77 14.40 -40.94
C PHE A 305 10.49 12.99 -41.42
N ASP A 306 10.12 12.07 -40.55
CA ASP A 306 9.71 10.76 -41.02
C ASP A 306 8.39 10.80 -41.76
N SER A 307 7.60 11.85 -41.59
CA SER A 307 6.29 11.93 -42.18
C SER A 307 6.08 13.16 -43.06
N CYS A 308 7.01 14.10 -43.06
CA CYS A 308 6.92 15.24 -43.95
C CYS A 308 7.10 14.80 -45.39
N VAL A 309 6.32 15.40 -46.29
CA VAL A 309 6.46 15.14 -47.71
C VAL A 309 7.15 16.29 -48.43
N LYS A 310 7.71 17.24 -47.68
CA LYS A 310 8.46 18.37 -48.26
C LYS A 310 7.63 19.12 -49.29
N CYS A 311 6.34 19.31 -49.00
CA CYS A 311 5.49 20.01 -49.95
C CYS A 311 5.81 21.49 -49.99
N GLY A 312 6.44 22.02 -48.96
CA GLY A 312 6.86 23.39 -48.94
C GLY A 312 5.77 24.40 -48.63
N LEU A 313 4.56 23.95 -48.28
CA LEU A 313 3.53 24.89 -47.89
C LEU A 313 3.85 25.56 -46.57
N CYS A 314 4.53 24.84 -45.68
CA CYS A 314 4.83 25.39 -44.36
C CYS A 314 5.75 26.60 -44.48
N VAL A 315 6.73 26.57 -45.37
CA VAL A 315 7.65 27.68 -45.48
C VAL A 315 6.95 28.90 -46.06
N GLU A 316 6.03 28.69 -47.00
CA GLU A 316 5.26 29.81 -47.53
C GLU A 316 4.37 30.42 -46.44
N ALA A 317 3.78 29.57 -45.60
CA ALA A 317 2.99 30.10 -44.49
C ALA A 317 3.84 30.86 -43.49
N CYS A 318 5.03 30.35 -43.19
CA CYS A 318 5.90 31.03 -42.24
C CYS A 318 6.37 32.38 -42.78
N GLY A 319 6.65 32.45 -44.08
CA GLY A 319 6.92 33.74 -44.69
C GLY A 319 8.23 34.33 -44.23
N ASP A 320 8.20 35.63 -43.93
CA ASP A 320 9.43 36.37 -43.65
C ASP A 320 10.11 35.92 -42.37
N LYS A 321 9.40 35.24 -41.48
CA LYS A 321 10.03 34.70 -40.28
C LYS A 321 11.10 33.68 -40.64
N LYS A 322 10.87 32.91 -41.70
CA LYS A 322 11.85 31.98 -42.26
C LYS A 322 12.38 31.03 -41.19
N ALA A 323 11.49 30.51 -40.37
CA ALA A 323 11.90 29.63 -39.28
C ALA A 323 12.07 28.19 -39.71
N ILE A 324 11.56 27.80 -40.87
CA ILE A 324 11.51 26.41 -41.29
C ILE A 324 12.67 26.14 -42.24
N ASP A 325 13.50 25.16 -41.89
CA ASP A 325 14.60 24.69 -42.72
C ASP A 325 14.38 23.21 -42.97
N LEU A 326 13.79 22.87 -44.12
CA LEU A 326 13.41 21.49 -44.38
C LEU A 326 14.59 20.57 -44.67
N GLU A 327 15.78 21.11 -44.83
CA GLU A 327 16.96 20.30 -45.13
C GLU A 327 17.87 20.13 -43.93
N MET A 328 17.42 20.48 -42.73
CA MET A 328 18.25 20.38 -41.55
C MET A 328 18.63 18.93 -41.26
N GLN A 329 19.83 18.74 -40.70
CA GLN A 329 20.36 17.43 -40.40
C GLN A 329 20.74 17.34 -38.94
N ASP A 330 20.94 16.10 -38.47
CA ASP A 330 21.35 15.85 -37.10
C ASP A 330 22.72 16.44 -36.82
N GLU A 331 22.76 17.46 -35.96
CA GLU A 331 24.02 18.06 -35.55
C GLU A 331 24.52 17.38 -34.27
N PHE A 332 25.84 17.28 -34.15
CA PHE A 332 26.46 16.64 -33.01
C PHE A 332 27.29 17.66 -32.23
N ILE A 333 27.16 17.61 -30.91
CA ILE A 333 27.83 18.54 -30.00
C ILE A 333 28.49 17.73 -28.90
N THR A 334 29.68 18.13 -28.49
CA THR A 334 30.39 17.50 -27.38
C THR A 334 30.48 18.47 -26.21
N VAL A 335 30.04 18.04 -25.04
CA VAL A 335 29.91 18.88 -23.86
C VAL A 335 30.66 18.22 -22.72
N LYS A 336 31.44 19.00 -21.98
CA LYS A 336 32.18 18.51 -20.83
C LYS A 336 31.42 18.88 -19.56
N VAL A 337 31.10 17.88 -18.74
CA VAL A 337 30.31 18.10 -17.53
C VAL A 337 30.99 17.40 -16.36
N GLY A 338 30.69 17.87 -15.16
CA GLY A 338 31.28 17.33 -13.97
C GLY A 338 30.51 16.16 -13.39
N THR A 339 29.20 16.30 -13.31
CA THR A 339 28.32 15.25 -12.81
C THR A 339 27.15 15.10 -13.75
N ALA A 340 26.40 14.01 -13.59
CA ALA A 340 25.23 13.75 -14.42
C ALA A 340 24.10 13.20 -13.57
N VAL A 341 22.88 13.62 -13.86
CA VAL A 341 21.68 13.17 -13.19
C VAL A 341 20.78 12.51 -14.21
N LEU A 342 20.37 11.28 -13.94
CA LEU A 342 19.55 10.50 -14.85
C LEU A 342 18.10 10.50 -14.34
N ALA A 343 17.18 10.91 -15.21
CA ALA A 343 15.75 11.07 -14.84
C ALA A 343 14.91 10.62 -16.05
N THR A 344 15.02 9.37 -16.47
CA THR A 344 14.40 8.91 -17.74
C THR A 344 12.91 8.54 -17.63
N GLY A 345 12.37 8.44 -16.43
CA GLY A 345 10.94 8.15 -16.24
C GLY A 345 10.45 6.77 -16.57
N TYR A 346 9.32 6.68 -17.27
CA TYR A 346 8.68 5.36 -17.43
C TYR A 346 7.69 5.35 -18.56
N GLU A 347 7.28 4.17 -18.96
CA GLU A 347 6.22 3.96 -19.93
C GLU A 347 5.27 2.91 -19.38
N LEU A 348 4.10 2.79 -20.01
CA LEU A 348 3.11 1.76 -19.58
C LEU A 348 3.46 0.40 -20.16
N PHE A 349 3.44 -0.63 -19.33
CA PHE A 349 3.71 -1.99 -19.76
C PHE A 349 2.73 -2.39 -20.84
N PRO A 350 3.17 -3.15 -21.86
CA PRO A 350 2.25 -3.53 -22.94
C PRO A 350 1.21 -4.53 -22.49
N ILE A 351 -0.01 -4.06 -22.27
CA ILE A 351 -1.04 -4.88 -21.64
C ILE A 351 -1.85 -5.66 -22.67
N GLU A 352 -1.54 -5.51 -23.97
CA GLU A 352 -2.19 -6.33 -24.96
C GLU A 352 -1.70 -7.78 -24.90
N ASN A 353 -0.62 -8.02 -24.17
CA ASN A 353 -0.13 -9.39 -24.01
C ASN A 353 -1.04 -10.21 -23.12
N LYS A 354 -1.69 -9.56 -22.16
CA LYS A 354 -2.70 -10.22 -21.34
C LYS A 354 -3.99 -10.30 -22.14
N ARG A 355 -4.16 -11.40 -22.86
CA ARG A 355 -5.27 -11.55 -23.80
C ARG A 355 -6.63 -11.66 -23.14
N GLU A 356 -6.69 -12.08 -21.88
CA GLU A 356 -7.99 -12.27 -21.23
C GLU A 356 -8.70 -10.93 -21.02
N TRP A 357 -7.96 -9.83 -20.98
CA TRP A 357 -8.56 -8.51 -20.95
C TRP A 357 -8.36 -7.90 -22.33
N GLY A 358 -9.42 -7.82 -23.11
CA GLY A 358 -9.26 -7.58 -24.52
C GLY A 358 -8.84 -6.18 -24.88
N TYR A 359 -7.60 -5.82 -24.53
CA TYR A 359 -7.19 -4.42 -24.63
C TYR A 359 -7.23 -3.92 -26.07
N LYS A 360 -6.47 -4.56 -26.96
CA LYS A 360 -6.47 -4.15 -28.35
C LYS A 360 -7.63 -4.72 -29.16
N GLN A 361 -8.33 -5.72 -28.65
CA GLN A 361 -9.30 -6.42 -29.48
C GLN A 361 -10.72 -5.92 -29.23
N PHE A 362 -10.99 -5.35 -28.07
CA PHE A 362 -12.28 -4.72 -27.80
C PHE A 362 -12.12 -3.21 -27.82
N ASP A 363 -13.05 -2.52 -28.48
CA ASP A 363 -12.92 -1.08 -28.68
C ASP A 363 -12.95 -0.33 -27.35
N ASN A 364 -13.87 -0.69 -26.46
CA ASN A 364 -14.11 0.09 -25.25
C ASN A 364 -13.25 -0.34 -24.07
N VAL A 365 -12.08 -0.92 -24.32
CA VAL A 365 -11.10 -1.19 -23.29
C VAL A 365 -9.91 -0.28 -23.54
N ILE A 366 -9.60 0.56 -22.56
CA ILE A 366 -8.51 1.53 -22.68
C ILE A 366 -7.61 1.36 -21.47
N ASN A 367 -6.51 2.09 -21.45
CA ASN A 367 -5.63 2.08 -20.29
C ASN A 367 -5.66 3.43 -19.59
N ALA A 368 -4.96 3.52 -18.47
CA ALA A 368 -5.09 4.73 -17.64
C ALA A 368 -4.51 6.03 -18.20
N LEU A 369 -3.55 6.01 -19.12
CA LEU A 369 -3.06 7.29 -19.68
C LEU A 369 -3.98 7.72 -20.81
N GLU A 370 -4.57 6.77 -21.51
CA GLU A 370 -5.58 7.14 -22.49
C GLU A 370 -6.83 7.67 -21.80
N PHE A 371 -7.20 7.08 -20.67
CA PHE A 371 -8.32 7.63 -19.92
C PHE A 371 -8.02 9.04 -19.43
N GLU A 372 -6.82 9.27 -18.91
CA GLU A 372 -6.41 10.62 -18.45
C GLU A 372 -6.42 11.65 -19.59
N ARG A 373 -6.07 11.26 -20.80
CA ARG A 373 -6.17 12.19 -21.93
C ARG A 373 -7.63 12.40 -22.35
N LEU A 374 -8.45 11.35 -22.27
CA LEU A 374 -9.85 11.48 -22.62
C LEU A 374 -10.61 12.35 -21.63
N ILE A 375 -10.21 12.30 -20.37
CA ILE A 375 -10.90 13.07 -19.33
C ILE A 375 -10.36 14.49 -19.20
N CYS A 376 -9.14 14.75 -19.66
CA CYS A 376 -8.62 16.12 -19.65
C CYS A 376 -9.43 17.00 -20.59
N ALA A 377 -9.62 18.26 -20.19
CA ALA A 377 -10.35 19.22 -21.00
C ALA A 377 -9.58 19.69 -22.22
N SER A 378 -8.28 19.45 -22.27
CA SER A 378 -7.46 19.81 -23.42
C SER A 378 -7.21 18.64 -24.35
N GLY A 379 -7.88 17.52 -24.14
CA GLY A 379 -7.63 16.31 -24.89
C GLY A 379 -8.38 16.27 -26.20
N PRO A 380 -8.38 15.10 -26.85
CA PRO A 380 -9.08 14.97 -28.14
C PRO A 380 -10.56 15.29 -28.06
N THR A 381 -11.22 14.88 -27.00
CA THR A 381 -12.59 15.31 -26.72
C THR A 381 -12.56 16.66 -26.01
N GLY A 382 -13.73 17.24 -25.87
CA GLY A 382 -13.80 18.49 -25.12
C GLY A 382 -13.81 18.24 -23.63
N GLY A 383 -12.98 17.30 -23.19
CA GLY A 383 -13.03 16.84 -21.82
C GLY A 383 -14.16 15.89 -21.52
N HIS A 384 -14.94 15.51 -22.52
CA HIS A 384 -16.08 14.62 -22.33
C HIS A 384 -15.63 13.19 -22.56
N LEU A 385 -15.73 12.36 -21.53
CA LEU A 385 -15.48 10.94 -21.68
C LEU A 385 -16.58 10.32 -22.52
N VAL A 386 -16.21 9.78 -23.68
CA VAL A 386 -17.15 9.09 -24.55
C VAL A 386 -16.58 7.72 -24.90
N ARG A 387 -17.46 6.83 -25.30
CA ARG A 387 -17.04 5.48 -25.64
C ARG A 387 -16.31 5.50 -26.98
N PRO A 388 -15.14 4.89 -27.09
CA PRO A 388 -14.45 4.82 -28.38
C PRO A 388 -15.25 4.12 -29.45
N SER A 389 -16.10 3.17 -29.09
CA SER A 389 -16.79 2.37 -30.09
C SER A 389 -17.82 3.19 -30.87
N ASP A 390 -18.56 4.06 -30.19
CA ASP A 390 -19.62 4.80 -30.84
C ASP A 390 -19.72 6.27 -30.44
N GLY A 391 -18.87 6.76 -29.55
CA GLY A 391 -18.93 8.15 -29.15
C GLY A 391 -20.05 8.50 -28.20
N LYS A 392 -20.68 7.51 -27.57
CA LYS A 392 -21.72 7.77 -26.59
C LYS A 392 -21.11 7.86 -25.19
N THR A 393 -21.83 8.54 -24.31
CA THR A 393 -21.33 8.73 -22.96
C THR A 393 -21.51 7.46 -22.14
N PRO A 394 -20.47 6.96 -21.48
CA PRO A 394 -20.64 5.79 -20.62
C PRO A 394 -21.44 6.15 -19.38
N MET A 395 -22.09 5.14 -18.81
CA MET A 395 -22.73 5.27 -17.51
C MET A 395 -22.23 4.30 -16.48
N LYS A 396 -21.51 3.26 -16.88
CA LYS A 396 -20.83 2.35 -15.96
C LYS A 396 -19.41 2.19 -16.44
N VAL A 397 -18.45 2.42 -15.56
CA VAL A 397 -17.03 2.32 -15.91
C VAL A 397 -16.37 1.39 -14.91
N GLY A 398 -15.60 0.44 -15.42
CA GLY A 398 -14.87 -0.49 -14.60
C GLY A 398 -13.39 -0.14 -14.60
N PHE A 399 -12.74 -0.37 -13.47
CA PHE A 399 -11.32 -0.12 -13.32
C PHE A 399 -10.67 -1.42 -12.87
N VAL A 400 -9.84 -1.98 -13.74
CA VAL A 400 -9.14 -3.23 -13.44
C VAL A 400 -7.80 -2.85 -12.81
N LEU A 401 -7.72 -3.00 -11.51
CA LEU A 401 -6.49 -2.64 -10.79
C LEU A 401 -5.54 -3.82 -10.84
N CYS A 402 -4.25 -3.56 -10.81
CA CYS A 402 -3.21 -4.62 -10.73
C CYS A 402 -3.06 -5.24 -12.11
N ALA A 403 -3.42 -4.52 -13.16
CA ALA A 403 -3.43 -5.09 -14.51
C ALA A 403 -2.00 -5.30 -14.97
N GLY A 404 -1.53 -6.53 -14.87
CA GLY A 404 -0.17 -6.87 -15.22
C GLY A 404 0.84 -6.69 -14.11
N SER A 405 0.36 -6.60 -12.87
CA SER A 405 1.26 -6.32 -11.74
C SER A 405 1.15 -7.39 -10.66
N ARG A 406 2.15 -7.48 -9.78
CA ARG A 406 2.17 -8.50 -8.71
C ARG A 406 1.84 -9.80 -9.43
N ASP A 407 2.44 -10.05 -10.59
CA ASP A 407 2.12 -11.19 -11.44
C ASP A 407 3.38 -11.99 -11.67
N ASN A 408 3.37 -13.26 -11.28
CA ASN A 408 4.54 -14.12 -11.37
C ASN A 408 4.46 -15.11 -12.53
N THR A 409 3.58 -14.88 -13.49
CA THR A 409 3.40 -15.81 -14.60
C THR A 409 4.40 -15.58 -15.72
N GLY A 410 5.20 -14.52 -15.66
CA GLY A 410 6.14 -14.23 -16.71
C GLY A 410 5.66 -13.25 -17.76
N ILE A 411 4.37 -12.95 -17.81
CA ILE A 411 3.86 -11.96 -18.74
C ILE A 411 3.89 -10.56 -18.11
N GLY A 412 3.26 -10.40 -16.96
CA GLY A 412 3.24 -9.12 -16.28
C GLY A 412 4.47 -8.90 -15.43
N LYS A 413 4.39 -7.87 -14.61
CA LYS A 413 5.48 -7.50 -13.72
C LYS A 413 5.23 -8.05 -12.33
N PRO A 414 6.28 -8.57 -11.67
CA PRO A 414 6.11 -9.12 -10.33
C PRO A 414 6.06 -8.09 -9.21
N TYR A 415 6.10 -6.80 -9.52
CA TYR A 415 6.14 -5.76 -8.50
C TYR A 415 4.85 -4.94 -8.53
N CYS A 416 4.70 -4.10 -7.52
CA CYS A 416 3.56 -3.15 -7.46
C CYS A 416 4.04 -1.88 -8.14
N SER A 417 3.20 -1.26 -8.93
CA SER A 417 3.54 0.00 -9.63
C SER A 417 3.29 1.21 -8.73
N ARG A 418 2.92 1.03 -7.47
CA ARG A 418 2.86 2.10 -6.45
C ARG A 418 1.68 3.08 -6.58
N PHE A 419 1.47 3.68 -7.73
CA PHE A 419 0.45 4.76 -7.87
C PHE A 419 -0.85 4.36 -8.54
N CYS A 420 -0.96 3.14 -9.03
CA CYS A 420 -2.14 2.71 -9.82
C CYS A 420 -3.44 2.57 -8.98
N CYS A 421 -3.33 2.35 -7.69
CA CYS A 421 -4.52 2.28 -6.81
C CYS A 421 -5.02 3.71 -6.64
N MET A 422 -4.09 4.64 -6.48
CA MET A 422 -4.43 6.03 -6.22
C MET A 422 -5.00 6.71 -7.46
N TYR A 423 -4.42 6.43 -8.61
CA TYR A 423 -4.91 7.11 -9.82
C TYR A 423 -6.24 6.49 -10.25
N SER A 424 -6.49 5.23 -9.92
CA SER A 424 -7.78 4.64 -10.22
C SER A 424 -8.87 5.24 -9.34
N LEU A 425 -8.55 5.48 -8.07
CA LEU A 425 -9.48 6.23 -7.22
C LEU A 425 -9.76 7.62 -7.80
N LYS A 426 -8.75 8.31 -8.32
CA LYS A 426 -8.90 9.66 -8.89
C LYS A 426 -9.84 9.60 -10.09
N HIS A 427 -9.65 8.61 -10.93
CA HIS A 427 -10.45 8.47 -12.16
C HIS A 427 -11.88 8.10 -11.80
N ALA A 428 -12.08 7.25 -10.80
CA ALA A 428 -13.43 6.96 -10.36
C ALA A 428 -14.14 8.22 -9.87
N HIS A 429 -13.43 9.03 -9.09
CA HIS A 429 -14.01 10.30 -8.65
C HIS A 429 -14.34 11.17 -9.84
N GLN A 430 -13.42 11.26 -10.80
CA GLN A 430 -13.63 12.15 -11.93
C GLN A 430 -14.85 11.74 -12.75
N ILE A 431 -15.03 10.44 -12.99
CA ILE A 431 -16.22 10.03 -13.74
C ILE A 431 -17.48 10.27 -12.93
N MET A 432 -17.47 9.93 -11.64
CA MET A 432 -18.68 10.13 -10.85
C MET A 432 -19.05 11.60 -10.71
N GLU A 433 -18.10 12.51 -10.83
CA GLU A 433 -18.45 13.92 -10.73
C GLU A 433 -18.71 14.56 -12.09
N LYS A 434 -18.16 14.01 -13.17
CA LYS A 434 -18.35 14.62 -14.49
C LYS A 434 -19.55 14.08 -15.24
N ILE A 435 -19.89 12.80 -15.06
CA ILE A 435 -21.08 12.25 -15.69
C ILE A 435 -22.11 12.01 -14.59
N PRO A 436 -23.22 12.74 -14.56
CA PRO A 436 -24.19 12.57 -13.48
C PRO A 436 -24.89 11.23 -13.57
N GLY A 437 -24.87 10.49 -12.47
CA GLY A 437 -25.48 9.18 -12.41
C GLY A 437 -24.60 8.04 -12.83
N ALA A 438 -23.38 8.29 -13.28
CA ALA A 438 -22.46 7.24 -13.64
C ALA A 438 -21.89 6.57 -12.39
N VAL A 439 -21.68 5.27 -12.48
CA VAL A 439 -21.16 4.48 -11.37
C VAL A 439 -19.81 3.92 -11.74
N ALA A 440 -18.88 3.96 -10.80
CA ALA A 440 -17.54 3.43 -10.98
C ALA A 440 -17.42 2.12 -10.20
N TYR A 441 -16.92 1.09 -10.86
CA TYR A 441 -16.65 -0.19 -10.22
C TYR A 441 -15.15 -0.43 -10.26
N LEU A 442 -14.56 -0.67 -9.10
CA LEU A 442 -13.14 -0.93 -8.98
C LEU A 442 -12.95 -2.38 -8.57
N PHE A 443 -12.36 -3.16 -9.46
CA PHE A 443 -12.07 -4.56 -9.19
C PHE A 443 -10.66 -4.61 -8.65
N TYR A 444 -10.54 -4.76 -7.34
CA TYR A 444 -9.30 -4.46 -6.67
C TYR A 444 -8.78 -5.68 -5.92
N MET A 445 -7.56 -5.68 -5.47
CA MET A 445 -6.96 -6.82 -4.77
C MET A 445 -5.92 -6.21 -3.85
N ASP A 446 -6.30 -5.54 -2.78
CA ASP A 446 -5.40 -4.74 -1.91
C ASP A 446 -5.34 -3.29 -2.33
N ILE A 447 -6.32 -2.48 -1.94
CA ILE A 447 -6.22 -1.03 -2.09
C ILE A 447 -5.03 -0.51 -1.31
N ARG A 448 -4.14 0.24 -2.00
CA ARG A 448 -2.84 0.67 -1.42
C ARG A 448 -2.77 2.20 -1.35
N SER A 449 -3.42 2.79 -0.35
CA SER A 449 -3.43 4.23 -0.14
C SER A 449 -2.60 4.50 1.11
N PHE A 450 -1.30 4.62 0.90
CA PHE A 450 -0.32 4.61 1.99
C PHE A 450 0.24 5.99 2.30
N GLY A 451 0.18 6.92 1.35
CA GLY A 451 0.82 8.21 1.48
C GLY A 451 0.01 9.19 2.30
N LYS A 452 0.49 10.43 2.32
CA LYS A 452 -0.15 11.47 3.12
C LYS A 452 -1.48 11.87 2.50
N MET A 453 -2.54 11.78 3.28
CA MET A 453 -3.93 12.06 2.88
C MET A 453 -4.50 11.02 1.92
N TYR A 454 -3.77 9.92 1.67
CA TYR A 454 -4.25 8.93 0.73
C TYR A 454 -5.43 8.13 1.29
N GLU A 455 -5.34 7.74 2.56
CA GLU A 455 -6.44 7.01 3.19
C GLU A 455 -7.69 7.86 3.25
N GLU A 456 -7.52 9.16 3.53
CA GLU A 456 -8.66 10.07 3.51
C GLU A 456 -9.24 10.21 2.11
N PHE A 457 -8.39 10.21 1.10
CA PHE A 457 -8.88 10.22 -0.28
C PHE A 457 -9.70 8.96 -0.58
N TYR A 458 -9.22 7.81 -0.11
CA TYR A 458 -9.93 6.55 -0.29
C TYR A 458 -11.29 6.58 0.40
N TYR A 459 -11.33 7.09 1.62
CA TYR A 459 -12.58 7.26 2.36
C TYR A 459 -13.54 8.16 1.60
N ARG A 460 -13.03 9.26 1.05
CA ARG A 460 -13.90 10.19 0.34
C ARG A 460 -14.45 9.58 -0.94
N ILE A 461 -13.65 8.79 -1.64
CA ILE A 461 -14.15 8.16 -2.87
C ILE A 461 -15.24 7.15 -2.55
N GLN A 462 -15.01 6.32 -1.52
CA GLN A 462 -16.07 5.39 -1.12
C GLN A 462 -17.32 6.15 -0.69
N HIS A 463 -17.16 7.29 -0.01
CA HIS A 463 -18.31 8.09 0.41
C HIS A 463 -19.07 8.62 -0.79
N GLU A 464 -18.37 9.09 -1.82
CA GLU A 464 -19.06 9.54 -3.03
C GLU A 464 -19.70 8.39 -3.79
N GLY A 465 -19.27 7.16 -3.56
CA GLY A 465 -20.09 6.03 -3.97
C GLY A 465 -19.51 5.13 -5.03
N ALA A 466 -18.19 5.03 -5.07
CA ALA A 466 -17.56 4.01 -5.91
C ALA A 466 -17.76 2.64 -5.29
N LYS A 467 -18.02 1.65 -6.12
CA LYS A 467 -18.18 0.28 -5.66
C LYS A 467 -16.84 -0.42 -5.68
N PHE A 468 -16.46 -1.01 -4.57
CA PHE A 468 -15.19 -1.70 -4.44
C PHE A 468 -15.46 -3.20 -4.38
N ILE A 469 -15.09 -3.92 -5.42
CA ILE A 469 -15.28 -5.36 -5.50
C ILE A 469 -13.90 -5.99 -5.37
N ARG A 470 -13.66 -6.71 -4.28
CA ARG A 470 -12.36 -7.32 -4.07
C ARG A 470 -12.29 -8.61 -4.85
N GLY A 471 -11.85 -8.49 -6.10
CA GLY A 471 -11.57 -9.64 -6.93
C GLY A 471 -10.79 -9.25 -8.14
N ARG A 472 -9.70 -9.96 -8.41
CA ARG A 472 -8.94 -9.75 -9.63
C ARG A 472 -9.75 -10.23 -10.83
N VAL A 473 -9.83 -9.39 -11.86
CA VAL A 473 -10.64 -9.74 -13.02
C VAL A 473 -10.10 -10.99 -13.67
N ALA A 474 -11.00 -11.93 -13.97
CA ALA A 474 -10.58 -13.18 -14.60
C ALA A 474 -10.48 -13.02 -16.11
N ASN A 475 -11.56 -12.60 -16.74
CA ASN A 475 -11.53 -12.36 -18.18
C ASN A 475 -12.65 -11.39 -18.52
N VAL A 476 -12.59 -10.86 -19.73
CA VAL A 476 -13.52 -9.85 -20.21
C VAL A 476 -14.09 -10.32 -21.53
N LEU A 477 -15.41 -10.29 -21.65
CA LEU A 477 -16.10 -10.63 -22.89
C LEU A 477 -16.81 -9.40 -23.42
N GLU A 478 -16.83 -9.25 -24.73
CA GLU A 478 -17.47 -8.11 -25.37
C GLU A 478 -18.82 -8.54 -25.93
N ASP A 479 -19.86 -7.82 -25.55
CA ASP A 479 -21.16 -8.04 -26.16
C ASP A 479 -21.11 -7.66 -27.63
N LYS A 480 -21.64 -8.53 -28.48
CA LYS A 480 -21.43 -8.38 -29.92
C LYS A 480 -22.12 -7.14 -30.49
N GLU A 481 -23.21 -6.70 -29.90
CA GLU A 481 -24.02 -5.64 -30.48
C GLU A 481 -23.86 -4.30 -29.77
N THR A 482 -24.04 -4.27 -28.46
CA THR A 482 -23.91 -3.02 -27.73
C THR A 482 -22.45 -2.63 -27.50
N LYS A 483 -21.51 -3.52 -27.78
CA LYS A 483 -20.10 -3.32 -27.52
C LYS A 483 -19.81 -3.15 -26.03
N ASN A 484 -20.75 -3.53 -25.17
CA ASN A 484 -20.51 -3.48 -23.74
C ASN A 484 -19.60 -4.62 -23.31
N LEU A 485 -18.97 -4.45 -22.17
CA LEU A 485 -17.91 -5.35 -21.73
C LEU A 485 -18.40 -6.10 -20.52
N HIS A 486 -18.38 -7.42 -20.58
CA HIS A 486 -18.78 -8.26 -19.45
C HIS A 486 -17.55 -8.66 -18.69
N VAL A 487 -17.43 -8.16 -17.47
CA VAL A 487 -16.27 -8.40 -16.62
C VAL A 487 -16.59 -9.54 -15.68
N PHE A 488 -15.78 -10.59 -15.72
CA PHE A 488 -16.01 -11.79 -14.93
C PHE A 488 -14.92 -11.91 -13.89
N THR A 489 -15.32 -11.96 -12.63
CA THR A 489 -14.41 -12.27 -11.54
C THR A 489 -15.25 -12.84 -10.41
N GLU A 490 -14.64 -12.97 -9.24
CA GLU A 490 -15.36 -13.34 -8.04
C GLU A 490 -15.28 -12.19 -7.06
N ASP A 491 -16.40 -11.87 -6.42
CA ASP A 491 -16.40 -10.99 -5.26
C ASP A 491 -15.95 -11.85 -4.08
N THR A 492 -14.67 -11.75 -3.75
CA THR A 492 -14.08 -12.62 -2.74
C THR A 492 -14.69 -12.39 -1.36
N LEU A 493 -15.04 -11.15 -1.04
CA LEU A 493 -15.68 -10.89 0.25
C LEU A 493 -17.12 -11.36 0.27
N LEU A 494 -17.87 -11.09 -0.80
CA LEU A 494 -19.23 -11.61 -0.91
C LEU A 494 -19.24 -13.12 -1.03
N GLY A 495 -18.25 -13.70 -1.70
CA GLY A 495 -18.16 -15.13 -1.87
C GLY A 495 -18.91 -15.68 -3.05
N ARG A 496 -19.19 -14.88 -4.05
CA ARG A 496 -19.91 -15.33 -5.24
C ARG A 496 -19.21 -14.81 -6.48
N PRO A 497 -19.30 -15.54 -7.58
CA PRO A 497 -18.87 -14.98 -8.86
C PRO A 497 -19.76 -13.81 -9.25
N VAL A 498 -19.22 -12.93 -10.10
CA VAL A 498 -19.94 -11.74 -10.54
C VAL A 498 -19.81 -11.62 -12.05
N ASP A 499 -20.76 -10.90 -12.65
CA ASP A 499 -20.70 -10.54 -14.07
C ASP A 499 -21.20 -9.11 -14.20
N VAL A 500 -20.27 -8.17 -14.15
CA VAL A 500 -20.58 -6.74 -14.18
C VAL A 500 -20.44 -6.28 -15.62
N GLU A 501 -21.51 -5.74 -16.18
CA GLU A 501 -21.51 -5.25 -17.55
C GLU A 501 -21.30 -3.74 -17.54
N VAL A 502 -20.18 -3.28 -18.10
CA VAL A 502 -19.82 -1.88 -18.08
C VAL A 502 -19.78 -1.36 -19.52
N ASP A 503 -19.89 -0.03 -19.64
CA ASP A 503 -19.77 0.60 -20.95
C ASP A 503 -18.33 0.88 -21.32
N LEU A 504 -17.45 1.01 -20.32
CA LEU A 504 -16.06 1.35 -20.56
C LEU A 504 -15.22 0.66 -19.51
N LEU A 505 -14.14 0.02 -19.95
CA LEU A 505 -13.23 -0.68 -19.05
C LEU A 505 -11.87 -0.01 -19.12
N VAL A 506 -11.33 0.32 -17.96
CA VAL A 506 -10.04 1.00 -17.84
C VAL A 506 -9.09 0.07 -17.12
N LEU A 507 -7.94 -0.17 -17.73
CA LEU A 507 -6.93 -1.05 -17.17
C LEU A 507 -5.86 -0.21 -16.50
N ALA A 508 -5.64 -0.44 -15.20
CA ALA A 508 -4.56 0.22 -14.46
C ALA A 508 -3.29 -0.58 -14.68
N ALA A 509 -2.66 -0.36 -15.83
CA ALA A 509 -1.54 -1.16 -16.28
C ALA A 509 -0.29 -0.86 -15.48
N ALA A 510 0.61 -1.84 -15.43
CA ALA A 510 1.89 -1.65 -14.77
C ALA A 510 2.78 -0.70 -15.56
N VAL A 511 3.80 -0.18 -14.89
CA VAL A 511 4.76 0.70 -15.52
C VAL A 511 6.09 -0.03 -15.62
N GLN A 512 6.87 0.34 -16.61
CA GLN A 512 8.18 -0.24 -16.86
C GLN A 512 9.13 0.86 -17.28
N PRO A 513 10.44 0.61 -17.22
CA PRO A 513 11.40 1.63 -17.66
C PRO A 513 11.15 2.07 -19.09
N ASN A 514 11.34 3.36 -19.31
CA ASN A 514 11.08 3.96 -20.63
C ASN A 514 11.86 3.28 -21.73
N GLU A 515 11.49 3.56 -22.97
CA GLU A 515 12.16 3.02 -24.14
C GLU A 515 13.53 3.66 -24.32
N GLY A 516 14.56 2.84 -24.43
CA GLY A 516 15.93 3.31 -24.54
C GLY A 516 16.63 3.58 -23.23
N ALA A 517 15.94 3.38 -22.11
CA ALA A 517 16.54 3.68 -20.81
C ALA A 517 17.71 2.76 -20.52
N ASN A 518 17.62 1.49 -20.93
CA ASN A 518 18.73 0.56 -20.71
C ASN A 518 19.94 0.95 -21.54
N GLU A 519 19.71 1.39 -22.78
CA GLU A 519 20.80 1.90 -23.60
C GLU A 519 21.48 3.08 -22.92
N LEU A 520 20.70 4.04 -22.43
CA LEU A 520 21.31 5.23 -21.78
C LEU A 520 22.03 4.84 -20.49
N ARG A 521 21.49 3.94 -19.68
CA ARG A 521 22.18 3.62 -18.44
C ARG A 521 23.41 2.76 -18.69
N LYS A 522 23.46 2.04 -19.82
CA LYS A 522 24.72 1.39 -20.19
C LYS A 522 25.73 2.39 -20.72
N LYS A 523 25.28 3.44 -21.41
CA LYS A 523 26.20 4.50 -21.79
C LYS A 523 26.84 5.14 -20.57
N PHE A 524 26.05 5.36 -19.52
CA PHE A 524 26.58 5.99 -18.33
C PHE A 524 27.22 5.03 -17.34
N GLY A 525 27.07 3.73 -17.54
CA GLY A 525 27.71 2.76 -16.67
C GLY A 525 26.91 2.33 -15.46
N VAL A 526 25.62 2.58 -15.45
CA VAL A 526 24.75 2.25 -14.32
C VAL A 526 24.23 0.83 -14.52
N SER A 527 24.08 0.10 -13.42
CA SER A 527 23.55 -1.25 -13.49
C SER A 527 22.03 -1.22 -13.33
N ALA A 528 21.41 -2.39 -13.33
CA ALA A 528 19.96 -2.52 -13.20
C ALA A 528 19.63 -3.31 -11.95
N SER A 529 18.38 -3.15 -11.51
CA SER A 529 17.90 -3.85 -10.33
C SER A 529 17.37 -5.22 -10.74
N GLN A 530 16.92 -6.00 -9.75
CA GLN A 530 16.16 -7.21 -10.06
C GLN A 530 14.90 -6.87 -10.85
N ASP A 531 14.25 -5.77 -10.47
CA ASP A 531 13.00 -5.33 -11.10
C ASP A 531 13.20 -4.78 -12.50
N GLY A 532 14.42 -4.44 -12.88
CA GLY A 532 14.68 -3.83 -14.17
C GLY A 532 14.87 -2.33 -14.15
N TRP A 533 14.69 -1.68 -13.01
CA TRP A 533 14.94 -0.26 -12.87
C TRP A 533 16.41 -0.02 -12.54
N MET A 534 16.84 1.23 -12.67
CA MET A 534 18.23 1.57 -12.41
C MET A 534 18.55 1.35 -10.93
N LEU A 535 19.77 0.88 -10.67
CA LEU A 535 20.17 0.50 -9.32
C LEU A 535 20.87 1.66 -8.62
N GLU A 536 20.65 1.75 -7.31
CA GLU A 536 21.21 2.79 -6.46
C GLU A 536 22.41 2.25 -5.69
N ALA A 537 23.20 3.19 -5.13
CA ALA A 537 24.44 2.81 -4.47
C ALA A 537 24.20 1.93 -3.25
N HIS A 538 23.33 2.37 -2.34
CA HIS A 538 22.93 1.58 -1.19
C HIS A 538 21.42 1.69 -1.06
N PRO A 539 20.69 0.58 -1.08
CA PRO A 539 19.23 0.66 -1.17
C PRO A 539 18.57 1.41 -0.03
N LYS A 540 19.20 1.44 1.15
CA LYS A 540 18.62 2.16 2.29
C LYS A 540 19.15 3.59 2.37
N LEU A 541 20.46 3.75 2.52
CA LEU A 541 21.05 5.02 2.91
C LEU A 541 21.60 5.81 1.74
N ASN A 542 21.36 5.38 0.50
CA ASN A 542 21.84 6.18 -0.62
C ASN A 542 20.98 5.88 -1.84
N PRO A 543 19.70 6.29 -1.84
CA PRO A 543 18.81 5.93 -2.94
C PRO A 543 18.99 6.78 -4.19
N CYS A 544 19.87 7.77 -4.17
CA CYS A 544 20.08 8.64 -5.33
C CYS A 544 21.36 8.29 -6.10
N GLY A 545 22.48 8.18 -5.41
CA GLY A 545 23.72 7.89 -6.09
C GLY A 545 23.79 6.46 -6.60
N THR A 546 24.61 6.28 -7.62
CA THR A 546 24.90 4.96 -8.18
C THR A 546 26.31 4.56 -7.80
N THR A 547 26.68 3.33 -8.15
CA THR A 547 28.02 2.84 -7.84
C THR A 547 29.07 3.56 -8.68
N THR A 548 28.75 3.90 -9.92
CA THR A 548 29.65 4.73 -10.71
C THR A 548 29.60 6.17 -10.20
N ALA A 549 30.75 6.70 -9.83
CA ALA A 549 30.82 8.01 -9.22
C ALA A 549 30.43 9.10 -10.23
N GLY A 550 29.78 10.14 -9.72
CA GLY A 550 29.38 11.25 -10.55
C GLY A 550 28.09 11.09 -11.31
N VAL A 551 27.39 9.98 -11.12
CA VAL A 551 26.10 9.75 -11.75
C VAL A 551 25.06 9.55 -10.66
N PHE A 552 23.92 10.21 -10.79
CA PHE A 552 22.89 10.18 -9.77
C PHE A 552 21.53 9.95 -10.43
N LEU A 553 20.64 9.33 -9.67
CA LEU A 553 19.32 8.95 -10.15
C LEU A 553 18.26 9.85 -9.56
N ALA A 554 17.20 10.10 -10.33
CA ALA A 554 16.10 10.91 -9.86
C ALA A 554 14.81 10.47 -10.54
N GLY A 555 13.76 10.26 -9.78
CA GLY A 555 12.44 10.00 -10.40
C GLY A 555 12.05 8.56 -10.56
N VAL A 556 11.08 8.34 -11.43
CA VAL A 556 10.54 6.98 -11.64
C VAL A 556 11.60 6.08 -12.29
N CYS A 557 12.66 6.63 -12.87
CA CYS A 557 13.67 5.79 -13.50
C CYS A 557 14.33 4.84 -12.52
N GLN A 558 14.35 5.19 -11.24
CA GLN A 558 14.87 4.32 -10.19
C GLN A 558 13.80 3.41 -9.59
N GLY A 559 12.55 3.57 -9.98
CA GLY A 559 11.46 2.82 -9.41
C GLY A 559 10.22 3.67 -9.35
N PRO A 560 9.04 3.08 -9.51
CA PRO A 560 7.82 3.87 -9.59
C PRO A 560 7.57 4.67 -8.32
N LYS A 561 7.03 5.89 -8.48
CA LYS A 561 6.78 6.78 -7.33
C LYS A 561 5.78 7.86 -7.71
N ASP A 562 5.14 8.49 -6.74
CA ASP A 562 4.21 9.62 -6.99
C ASP A 562 5.03 10.90 -7.21
N ILE A 563 4.39 11.98 -7.67
CA ILE A 563 5.08 13.26 -7.97
C ILE A 563 5.76 13.83 -6.72
N PRO A 564 5.18 13.80 -5.50
CA PRO A 564 5.89 14.22 -4.28
C PRO A 564 7.21 13.48 -4.00
N ASP A 565 7.21 12.15 -3.99
CA ASP A 565 8.39 11.32 -3.81
C ASP A 565 9.40 11.55 -4.93
N THR A 566 8.92 11.73 -6.15
CA THR A 566 9.79 11.97 -7.34
C THR A 566 10.54 13.30 -7.13
N VAL A 567 9.85 14.33 -6.66
CA VAL A 567 10.48 15.63 -6.48
C VAL A 567 11.48 15.61 -5.33
N ALA A 568 11.14 14.91 -4.25
CA ALA A 568 12.09 14.76 -3.15
C ALA A 568 13.35 14.05 -3.62
N GLN A 569 13.19 12.98 -4.39
CA GLN A 569 14.33 12.26 -4.94
C GLN A 569 15.15 13.13 -5.88
N ALA A 570 14.47 13.94 -6.71
CA ALA A 570 15.17 14.81 -7.64
C ALA A 570 16.00 15.86 -6.92
N GLU A 571 15.46 16.46 -5.85
CA GLU A 571 16.25 17.46 -5.12
C GLU A 571 17.38 16.79 -4.37
N GLY A 572 17.16 15.58 -3.85
CA GLY A 572 18.25 14.84 -3.23
C GLY A 572 19.38 14.58 -4.21
N ALA A 573 19.03 14.19 -5.43
CA ALA A 573 20.05 13.94 -6.46
C ALA A 573 20.77 15.23 -6.82
N ALA A 574 20.04 16.34 -6.92
CA ALA A 574 20.68 17.62 -7.21
C ALA A 574 21.67 17.99 -6.12
N SER A 575 21.31 17.77 -4.86
CA SER A 575 22.23 18.05 -3.77
C SER A 575 23.48 17.18 -3.87
N ALA A 576 23.29 15.88 -4.15
CA ALA A 576 24.43 14.98 -4.24
C ALA A 576 25.34 15.36 -5.41
N ALA A 577 24.74 15.81 -6.52
CA ALA A 577 25.55 16.24 -7.66
C ALA A 577 26.23 17.57 -7.41
N SER A 578 25.68 18.39 -6.51
CA SER A 578 26.31 19.66 -6.18
C SER A 578 27.46 19.51 -5.21
N ILE A 579 27.43 18.47 -4.38
CA ILE A 579 28.51 18.28 -3.40
C ILE A 579 29.90 18.37 -4.02
N PRO A 580 30.22 17.66 -5.13
CA PRO A 580 31.59 17.73 -5.64
C PRO A 580 31.86 18.97 -6.47
N ILE A 581 30.81 19.55 -7.05
CA ILE A 581 30.99 20.76 -7.85
C ILE A 581 31.32 21.96 -6.98
N HIS A 582 30.64 22.08 -5.83
CA HIS A 582 30.93 23.19 -4.92
C HIS A 582 32.35 23.09 -4.36
N MET A 583 32.77 21.90 -3.95
CA MET A 583 34.15 21.73 -3.53
C MET A 583 35.14 22.01 -4.65
N GLY A 584 34.85 21.52 -5.86
CA GLY A 584 35.78 21.66 -6.96
C GLY A 584 36.88 20.63 -7.01
N GLU A 585 37.20 19.99 -5.89
CA GLU A 585 38.11 18.86 -5.87
C GLU A 585 37.30 17.61 -5.61
N VAL A 586 37.84 16.47 -6.04
CA VAL A 586 37.33 15.18 -5.62
C VAL A 586 38.49 14.20 -5.64
N GLU A 587 38.55 13.36 -4.63
CA GLU A 587 39.66 12.43 -4.44
C GLU A 587 39.30 11.07 -5.02
N LEU A 588 40.15 10.56 -5.90
CA LEU A 588 40.00 9.22 -6.43
C LEU A 588 40.78 8.22 -5.59
N GLU A 589 40.35 6.98 -5.66
CA GLU A 589 40.94 5.94 -4.83
C GLU A 589 42.25 5.47 -5.47
N PRO A 590 43.36 5.50 -4.75
CA PRO A 590 44.67 5.24 -5.38
C PRO A 590 44.91 3.76 -5.65
N TYR A 591 44.07 3.18 -6.51
CA TYR A 591 44.23 1.79 -6.91
C TYR A 591 44.76 1.67 -8.32
N PHE A 592 45.30 2.76 -8.87
CA PHE A 592 45.63 2.84 -10.28
C PHE A 592 46.74 1.87 -10.66
N ALA A 593 46.83 1.62 -11.95
CA ALA A 593 47.94 0.88 -12.54
C ALA A 593 49.10 1.83 -12.78
N MET A 594 50.31 1.39 -12.46
CA MET A 594 51.50 2.19 -12.69
C MET A 594 52.50 1.34 -13.46
N CYS A 595 52.87 1.81 -14.66
CA CYS A 595 53.80 1.07 -15.50
C CYS A 595 55.23 1.30 -15.03
N ILE A 596 55.97 0.21 -14.86
CA ILE A 596 57.39 0.25 -14.55
C ILE A 596 58.13 0.23 -15.89
N ASP A 597 58.63 1.39 -16.31
CA ASP A 597 59.08 1.53 -17.68
C ASP A 597 60.32 0.69 -17.99
N GLU A 598 61.28 0.63 -17.08
CA GLU A 598 62.44 -0.18 -17.38
C GLU A 598 62.18 -1.66 -17.20
N LEU A 599 60.92 -2.07 -17.10
CA LEU A 599 60.50 -3.44 -17.31
C LEU A 599 59.55 -3.60 -18.49
N CYS A 600 58.91 -2.52 -18.95
CA CYS A 600 58.06 -2.63 -20.11
C CYS A 600 58.88 -2.87 -21.37
N ALA A 601 58.40 -3.78 -22.21
CA ALA A 601 59.05 -4.10 -23.47
C ALA A 601 58.33 -3.50 -24.67
N GLY A 602 57.24 -2.78 -24.46
CA GLY A 602 56.59 -2.09 -25.55
C GLY A 602 55.80 -2.96 -26.48
N CYS A 603 55.39 -4.14 -26.05
CA CYS A 603 54.64 -5.01 -26.94
C CYS A 603 53.28 -4.43 -27.30
N GLY A 604 52.70 -3.62 -26.42
CA GLY A 604 51.42 -3.01 -26.70
C GLY A 604 50.23 -3.92 -26.60
N MET A 605 50.41 -5.11 -26.05
CA MET A 605 49.31 -6.07 -25.99
C MET A 605 48.32 -5.75 -24.88
N CYS A 606 48.77 -5.11 -23.81
CA CYS A 606 47.88 -4.70 -22.72
C CYS A 606 46.93 -3.59 -23.13
N VAL A 607 47.23 -2.87 -24.19
CA VAL A 607 46.47 -1.65 -24.51
C VAL A 607 45.00 -1.96 -24.74
N ASN A 608 44.71 -3.09 -25.36
CA ASN A 608 43.33 -3.45 -25.68
C ASN A 608 42.61 -4.13 -24.53
N LEU A 609 43.27 -4.35 -23.40
CA LEU A 609 42.60 -4.97 -22.27
C LEU A 609 41.94 -3.98 -21.34
N CYS A 610 42.04 -2.68 -21.62
CA CYS A 610 41.45 -1.69 -20.75
C CYS A 610 40.10 -1.28 -21.29
N PRO A 611 39.01 -1.49 -20.55
CA PRO A 611 37.71 -0.99 -21.02
C PRO A 611 37.64 0.51 -21.10
N TYR A 612 38.46 1.21 -20.30
CA TYR A 612 38.40 2.65 -20.20
C TYR A 612 39.44 3.36 -21.04
N SER A 613 40.22 2.62 -21.83
CA SER A 613 41.23 3.17 -22.72
C SER A 613 42.26 4.00 -21.96
N ALA A 614 42.60 3.56 -20.76
CA ALA A 614 43.59 4.26 -19.96
C ALA A 614 45.01 3.97 -20.38
N LEU A 615 45.23 2.97 -21.21
CA LEU A 615 46.56 2.53 -21.60
C LEU A 615 46.86 2.94 -23.03
N SER A 616 48.11 3.30 -23.28
CA SER A 616 48.56 3.66 -24.61
C SER A 616 50.06 3.49 -24.67
N LEU A 617 50.58 3.43 -25.89
CA LEU A 617 52.01 3.32 -26.12
C LEU A 617 52.59 4.69 -26.38
N GLY A 618 53.66 5.04 -25.66
CA GLY A 618 54.26 6.35 -25.79
C GLY A 618 55.77 6.26 -25.72
N GLU A 619 56.40 7.38 -26.02
CA GLU A 619 57.84 7.49 -26.10
C GLU A 619 58.38 7.98 -24.76
N LYS A 620 59.24 7.19 -24.12
CA LYS A 620 59.98 7.65 -22.96
C LYS A 620 61.41 7.15 -23.07
N ASN A 621 62.35 8.08 -23.17
CA ASN A 621 63.78 7.78 -23.28
C ASN A 621 64.08 6.92 -24.49
N GLY A 622 63.45 7.25 -25.62
CA GLY A 622 63.68 6.51 -26.86
C GLY A 622 62.91 5.21 -26.93
N ARG A 623 62.86 4.48 -25.81
CA ARG A 623 62.09 3.25 -25.76
C ARG A 623 60.62 3.55 -25.86
N THR A 624 59.90 2.73 -26.62
CA THR A 624 58.45 2.78 -26.64
C THR A 624 57.93 1.96 -25.47
N VAL A 625 57.31 2.62 -24.50
CA VAL A 625 56.76 1.94 -23.34
C VAL A 625 55.29 2.30 -23.22
N MET A 626 54.61 1.69 -22.26
CA MET A 626 53.19 1.92 -22.06
C MET A 626 53.00 3.10 -21.10
N VAL A 627 51.93 3.85 -21.31
CA VAL A 627 51.61 5.04 -20.52
C VAL A 627 50.21 4.88 -19.94
N VAL A 628 50.09 5.06 -18.63
CA VAL A 628 48.79 4.99 -17.96
C VAL A 628 48.27 6.41 -17.75
N THR A 629 47.06 6.67 -18.22
CA THR A 629 46.34 7.87 -17.80
C THR A 629 45.72 7.58 -16.44
N GLU A 630 46.42 7.98 -15.40
CA GLU A 630 46.06 7.61 -14.04
C GLU A 630 44.69 8.11 -13.67
N ALA A 631 44.20 9.15 -14.33
CA ALA A 631 42.84 9.61 -14.07
C ALA A 631 41.83 8.62 -14.64
N LYS A 632 42.09 8.08 -15.83
CA LYS A 632 41.16 7.16 -16.47
C LYS A 632 41.20 5.77 -15.87
N CYS A 633 42.33 5.36 -15.30
CA CYS A 633 42.38 4.03 -14.69
C CYS A 633 41.40 3.93 -13.54
N LYS A 634 40.80 2.75 -13.38
CA LYS A 634 39.86 2.50 -12.31
C LYS A 634 40.31 1.45 -11.32
N GLY A 635 41.45 0.82 -11.53
CA GLY A 635 41.99 -0.10 -10.56
C GLY A 635 41.51 -1.52 -10.66
N CYS A 636 40.90 -1.90 -11.79
CA CYS A 636 40.39 -3.26 -11.93
C CYS A 636 41.50 -4.29 -11.84
N GLY A 637 42.60 -4.06 -12.55
CA GLY A 637 43.74 -4.96 -12.52
C GLY A 637 43.88 -5.89 -13.69
N THR A 638 43.05 -5.75 -14.71
CA THR A 638 43.12 -6.65 -15.84
C THR A 638 44.47 -6.57 -16.54
N CYS A 639 44.93 -5.36 -16.82
CA CYS A 639 46.21 -5.19 -17.49
C CYS A 639 47.35 -5.77 -16.67
N GLY A 640 47.35 -5.50 -15.36
CA GLY A 640 48.43 -5.97 -14.52
C GLY A 640 48.38 -7.45 -14.26
N GLY A 641 47.20 -8.06 -14.37
CA GLY A 641 47.12 -9.49 -14.36
C GLY A 641 47.49 -10.13 -15.66
N PHE A 642 47.51 -9.35 -16.74
CA PHE A 642 47.94 -9.87 -18.02
C PHE A 642 49.45 -9.83 -18.21
N CYS A 643 50.05 -8.64 -18.07
CA CYS A 643 51.42 -8.37 -18.49
C CYS A 643 52.39 -9.48 -18.08
N PRO A 644 52.99 -10.22 -19.04
CA PRO A 644 53.83 -11.35 -18.70
C PRO A 644 55.09 -10.94 -17.97
N GLY A 645 55.66 -9.77 -18.27
CA GLY A 645 56.90 -9.36 -17.68
C GLY A 645 56.79 -8.71 -16.33
N GLY A 646 55.58 -8.52 -15.83
CA GLY A 646 55.39 -7.85 -14.56
C GLY A 646 55.76 -6.39 -14.59
N ALA A 647 55.47 -5.72 -15.70
CA ALA A 647 55.80 -4.31 -15.87
C ALA A 647 54.68 -3.39 -15.49
N ILE A 648 53.55 -3.93 -15.03
CA ILE A 648 52.44 -3.13 -14.53
C ILE A 648 52.28 -3.41 -13.06
N LYS A 649 52.31 -2.37 -12.22
CA LYS A 649 52.12 -2.50 -10.75
C LYS A 649 50.75 -1.98 -10.33
N MET A 650 49.97 -2.80 -9.61
CA MET A 650 48.66 -2.39 -9.09
C MET A 650 48.94 -1.83 -7.70
N GLN A 651 48.53 -0.61 -7.42
CA GLN A 651 49.03 0.08 -6.22
C GLN A 651 48.72 -0.53 -4.85
N HIS A 652 47.53 -1.02 -4.57
CA HIS A 652 47.35 -1.58 -3.20
C HIS A 652 47.22 -3.09 -3.27
N PHE A 653 47.22 -3.67 -4.47
CA PHE A 653 47.07 -5.11 -4.69
C PHE A 653 48.18 -5.52 -5.64
N THR A 654 49.43 -5.33 -5.26
CA THR A 654 50.62 -5.65 -6.08
C THR A 654 50.83 -7.16 -6.07
N THR A 655 51.49 -7.71 -7.08
CA THR A 655 51.77 -9.15 -7.14
C THR A 655 52.55 -9.55 -5.90
N PRO A 656 53.67 -8.90 -5.49
CA PRO A 656 54.33 -9.34 -4.25
C PRO A 656 53.38 -9.44 -3.07
N GLN A 657 52.43 -8.53 -2.95
CA GLN A 657 51.48 -8.57 -1.84
C GLN A 657 50.57 -9.78 -1.93
N ILE A 658 49.97 -9.99 -3.11
CA ILE A 658 49.04 -11.12 -3.26
C ILE A 658 49.79 -12.44 -3.09
N VAL A 659 51.00 -12.55 -3.66
CA VAL A 659 51.76 -13.77 -3.53
C VAL A 659 52.22 -13.98 -2.09
N ALA A 660 52.48 -12.91 -1.34
CA ALA A 660 52.77 -13.05 0.07
C ALA A 660 51.56 -13.59 0.83
N GLN A 661 50.37 -13.16 0.45
CA GLN A 661 49.17 -13.70 1.07
C GLN A 661 49.04 -15.20 0.80
N ILE A 662 49.27 -15.61 -0.46
CA ILE A 662 49.20 -17.04 -0.80
C ILE A 662 50.24 -17.83 -0.01
N ASP A 663 51.47 -17.33 0.04
CA ASP A 663 52.53 -18.00 0.76
C ASP A 663 52.21 -18.12 2.23
N ALA A 664 51.65 -17.08 2.82
CA ALA A 664 51.29 -17.12 4.23
C ALA A 664 50.16 -18.10 4.49
N PHE A 665 49.23 -18.24 3.54
CA PHE A 665 48.20 -19.27 3.69
C PHE A 665 48.82 -20.65 3.76
N PHE A 666 49.80 -20.90 2.91
CA PHE A 666 50.37 -22.25 2.93
C PHE A 666 51.45 -22.43 3.98
N ALA A 667 51.88 -21.37 4.65
CA ALA A 667 52.77 -21.53 5.79
C ALA A 667 52.07 -22.30 6.91
N GLY A 668 52.80 -23.20 7.55
CA GLY A 668 52.24 -24.00 8.62
C GLY A 668 52.97 -23.85 9.93
N ASP B 4 44.12 -36.67 9.95
CA ASP B 4 45.45 -36.13 9.72
C ASP B 4 45.46 -35.16 8.55
N TRP B 5 44.50 -35.32 7.63
CA TRP B 5 44.43 -34.52 6.42
C TRP B 5 43.17 -33.67 6.43
N LYS B 6 43.35 -32.36 6.23
CA LYS B 6 42.26 -31.43 6.00
C LYS B 6 42.51 -30.71 4.68
N PRO B 7 41.51 -30.63 3.80
CA PRO B 7 41.72 -29.98 2.52
C PRO B 7 42.15 -28.54 2.70
N GLN B 8 43.03 -28.09 1.82
CA GLN B 8 43.51 -26.71 1.79
C GLN B 8 42.96 -26.08 0.52
N ILE B 9 41.84 -25.37 0.63
CA ILE B 9 41.20 -24.74 -0.50
C ILE B 9 41.39 -23.24 -0.38
N LEU B 10 41.76 -22.60 -1.48
CA LEU B 10 42.02 -21.17 -1.53
C LEU B 10 41.05 -20.54 -2.51
N ALA B 11 40.39 -19.47 -2.10
CA ALA B 11 39.47 -18.76 -2.95
C ALA B 11 40.00 -17.36 -3.22
N ILE B 12 39.75 -16.86 -4.43
CA ILE B 12 40.15 -15.52 -4.84
C ILE B 12 38.89 -14.87 -5.36
N ILE B 13 38.25 -14.05 -4.54
CA ILE B 13 36.92 -13.56 -4.83
C ILE B 13 36.99 -12.06 -5.09
N CYS B 14 36.24 -11.61 -6.09
CA CYS B 14 36.22 -10.19 -6.39
C CYS B 14 35.51 -9.43 -5.29
N ASN B 15 35.75 -8.13 -5.25
CA ASN B 15 35.23 -7.29 -4.18
C ASN B 15 33.76 -6.96 -4.36
N TRP B 16 33.27 -6.92 -5.59
CA TRP B 16 31.99 -6.28 -5.86
C TRP B 16 30.83 -7.25 -5.99
N CYS B 17 31.07 -8.52 -6.24
CA CYS B 17 29.96 -9.46 -6.20
C CYS B 17 30.23 -10.67 -5.33
N SER B 18 31.43 -11.22 -5.37
CA SER B 18 31.65 -12.44 -4.60
C SER B 18 31.93 -12.13 -3.13
N TYR B 19 32.68 -11.07 -2.86
CA TYR B 19 32.85 -10.67 -1.47
C TYR B 19 31.54 -10.20 -0.88
N ALA B 20 30.75 -9.47 -1.67
CA ALA B 20 29.43 -9.04 -1.21
C ALA B 20 28.52 -10.24 -0.96
N GLY B 21 28.59 -11.25 -1.82
CA GLY B 21 27.78 -12.44 -1.62
C GLY B 21 28.18 -13.23 -0.40
N ALA B 22 29.49 -13.39 -0.17
CA ALA B 22 29.95 -14.06 1.03
C ALA B 22 29.55 -13.30 2.28
N ASP B 23 29.66 -11.97 2.23
CA ASP B 23 29.24 -11.14 3.35
C ASP B 23 27.75 -11.28 3.61
N LEU B 24 26.95 -11.33 2.54
CA LEU B 24 25.51 -11.49 2.70
C LEU B 24 25.18 -12.85 3.29
N ALA B 25 25.89 -13.90 2.87
CA ALA B 25 25.68 -15.21 3.47
C ALA B 25 25.99 -15.19 4.95
N GLY B 26 27.10 -14.57 5.33
CA GLY B 26 27.41 -14.42 6.74
C GLY B 26 26.36 -13.64 7.50
N GLY B 27 25.90 -12.54 6.92
CA GLY B 27 24.86 -11.75 7.59
C GLY B 27 23.57 -12.53 7.78
N ALA B 28 23.19 -13.31 6.78
CA ALA B 28 22.01 -14.15 6.85
C ALA B 28 22.22 -15.42 7.65
N ARG B 29 23.45 -15.66 8.14
CA ARG B 29 23.74 -16.76 9.05
C ARG B 29 23.60 -18.11 8.35
N ILE B 30 24.10 -18.20 7.13
CA ILE B 30 24.11 -19.45 6.38
C ILE B 30 25.39 -20.20 6.74
N GLN B 31 25.24 -21.37 7.35
CA GLN B 31 26.39 -22.13 7.80
C GLN B 31 26.99 -22.93 6.66
N TYR B 32 28.30 -23.11 6.73
CA TYR B 32 29.01 -24.00 5.81
C TYR B 32 30.34 -24.37 6.44
N PRO B 33 31.00 -25.43 5.96
CA PRO B 33 32.21 -25.90 6.63
C PRO B 33 33.34 -24.92 6.50
N PRO B 34 34.23 -24.85 7.47
CA PRO B 34 35.34 -23.88 7.48
C PRO B 34 36.60 -24.38 6.78
N THR B 35 36.52 -24.59 5.47
CA THR B 35 37.64 -25.14 4.73
C THR B 35 38.25 -24.18 3.73
N VAL B 36 37.54 -23.15 3.32
CA VAL B 36 37.99 -22.24 2.28
C VAL B 36 38.44 -20.93 2.90
N ARG B 37 39.58 -20.41 2.47
CA ARG B 37 40.08 -19.11 2.87
C ARG B 37 40.25 -18.23 1.65
N ALA B 38 39.82 -16.97 1.74
CA ALA B 38 39.70 -16.09 0.58
C ALA B 38 40.75 -14.99 0.59
N ILE B 39 40.96 -14.40 -0.58
CA ILE B 39 42.03 -13.43 -0.80
C ILE B 39 41.50 -12.03 -1.07
N ARG B 40 40.37 -11.90 -1.77
CA ARG B 40 39.77 -10.59 -2.03
C ARG B 40 40.59 -9.63 -2.89
N VAL B 41 40.54 -9.80 -4.20
CA VAL B 41 41.06 -8.83 -5.15
C VAL B 41 39.91 -7.95 -5.62
N MET B 42 40.20 -6.86 -6.32
CA MET B 42 39.16 -5.93 -6.73
C MET B 42 38.23 -6.55 -7.76
N CYS B 43 38.79 -6.97 -8.90
CA CYS B 43 38.05 -7.68 -9.94
C CYS B 43 38.70 -9.04 -10.10
N THR B 44 37.99 -9.95 -10.75
CA THR B 44 38.66 -11.19 -11.13
C THR B 44 39.55 -11.03 -12.34
N GLY B 45 39.45 -9.91 -13.05
CA GLY B 45 40.45 -9.60 -14.06
C GLY B 45 41.83 -9.46 -13.49
N ARG B 46 41.94 -9.15 -12.21
CA ARG B 46 43.25 -9.04 -11.58
C ARG B 46 43.93 -10.39 -11.46
N VAL B 47 43.16 -11.47 -11.42
CA VAL B 47 43.72 -12.78 -11.13
C VAL B 47 44.61 -13.19 -12.31
N ASP B 48 45.91 -13.20 -12.07
CA ASP B 48 46.88 -13.70 -13.02
C ASP B 48 46.91 -15.22 -12.97
N MET B 49 47.31 -15.84 -14.08
CA MET B 49 47.47 -17.28 -14.09
C MET B 49 48.52 -17.74 -13.09
N LEU B 50 49.57 -16.95 -12.92
CA LEU B 50 50.63 -17.35 -12.03
C LEU B 50 50.18 -17.40 -10.59
N PHE B 51 49.11 -16.68 -10.22
CA PHE B 51 48.55 -16.82 -8.88
C PHE B 51 48.00 -18.22 -8.68
N ILE B 52 47.20 -18.70 -9.63
CA ILE B 52 46.62 -20.03 -9.54
C ILE B 52 47.70 -21.09 -9.53
N LEU B 53 48.67 -20.97 -10.44
CA LEU B 53 49.71 -21.98 -10.53
C LEU B 53 50.59 -21.97 -9.29
N LYS B 54 50.86 -20.78 -8.74
CA LYS B 54 51.62 -20.69 -7.50
C LYS B 54 50.87 -21.36 -6.36
N ALA B 55 49.55 -21.16 -6.28
CA ALA B 55 48.77 -21.84 -5.26
C ALA B 55 48.89 -23.36 -5.40
N PHE B 56 48.69 -23.85 -6.63
CA PHE B 56 48.71 -25.29 -6.84
C PHE B 56 50.08 -25.90 -6.61
N VAL B 57 51.14 -25.14 -6.85
CA VAL B 57 52.48 -25.68 -6.61
C VAL B 57 52.89 -25.54 -5.15
N GLU B 58 52.33 -24.58 -4.41
CA GLU B 58 52.53 -24.59 -2.97
C GLU B 58 51.75 -25.68 -2.28
N GLY B 59 50.68 -26.16 -2.90
CA GLY B 59 50.02 -27.33 -2.36
C GLY B 59 48.54 -27.17 -2.12
N ALA B 60 47.91 -26.23 -2.79
CA ALA B 60 46.46 -26.12 -2.70
C ALA B 60 45.82 -27.40 -3.19
N ASP B 61 45.06 -28.06 -2.31
CA ASP B 61 44.27 -29.18 -2.75
C ASP B 61 43.18 -28.73 -3.71
N GLY B 62 42.73 -27.49 -3.59
CA GLY B 62 41.80 -26.94 -4.55
C GLY B 62 41.96 -25.44 -4.60
N VAL B 63 41.52 -24.87 -5.70
CA VAL B 63 41.54 -23.42 -5.89
C VAL B 63 40.19 -23.02 -6.46
N LEU B 64 39.60 -21.97 -5.91
CA LEU B 64 38.34 -21.44 -6.38
C LEU B 64 38.51 -19.98 -6.72
N VAL B 65 37.93 -19.55 -7.84
CA VAL B 65 37.95 -18.16 -8.24
C VAL B 65 36.51 -17.75 -8.48
N SER B 66 36.04 -16.76 -7.74
CA SER B 66 34.64 -16.38 -7.77
C SER B 66 34.51 -14.94 -8.20
N GLY B 67 33.61 -14.68 -9.14
CA GLY B 67 33.43 -13.34 -9.64
C GLY B 67 32.02 -13.00 -10.03
N CYS B 68 31.85 -11.89 -10.73
CA CYS B 68 30.54 -11.40 -11.11
C CYS B 68 30.01 -12.17 -12.30
N HIS B 69 28.70 -12.17 -12.47
CA HIS B 69 28.12 -12.79 -13.65
C HIS B 69 28.55 -12.04 -14.89
N PHE B 70 28.50 -12.74 -16.02
CA PHE B 70 28.81 -12.10 -17.29
C PHE B 70 27.85 -10.96 -17.54
N GLY B 71 28.38 -9.79 -17.83
CA GLY B 71 27.59 -8.60 -17.98
C GLY B 71 27.37 -7.81 -16.72
N ASP B 72 27.83 -8.31 -15.58
CA ASP B 72 27.64 -7.63 -14.30
C ASP B 72 28.96 -7.31 -13.61
N CYS B 73 30.06 -7.25 -14.35
CA CYS B 73 31.32 -6.84 -13.74
C CYS B 73 31.25 -5.36 -13.39
N HIS B 74 31.80 -5.01 -12.23
CA HIS B 74 31.86 -3.61 -11.84
C HIS B 74 32.69 -2.82 -12.84
N TYR B 75 33.81 -3.38 -13.27
CA TYR B 75 34.61 -2.83 -14.35
C TYR B 75 34.23 -3.57 -15.62
N LEU B 76 33.70 -2.83 -16.58
CA LEU B 76 32.73 -3.33 -17.56
C LEU B 76 32.95 -4.76 -18.03
N GLU B 77 34.19 -5.18 -18.24
CA GLU B 77 34.41 -6.47 -18.86
C GLU B 77 35.59 -7.23 -18.27
N GLY B 78 35.86 -7.03 -16.99
CA GLY B 78 37.04 -7.66 -16.44
C GLY B 78 36.90 -9.12 -16.13
N ASN B 79 35.70 -9.69 -16.16
CA ASN B 79 35.59 -11.10 -15.86
C ASN B 79 35.56 -11.96 -17.10
N TYR B 80 35.39 -11.37 -18.28
CA TYR B 80 35.64 -12.10 -19.51
C TYR B 80 37.10 -12.50 -19.62
N LYS B 81 38.00 -11.57 -19.28
CA LYS B 81 39.42 -11.88 -19.28
C LYS B 81 39.72 -12.99 -18.29
N ALA B 82 39.13 -12.93 -17.10
CA ALA B 82 39.34 -13.97 -16.12
C ALA B 82 38.79 -15.31 -16.60
N ALA B 83 37.64 -15.30 -17.26
CA ALA B 83 37.06 -16.55 -17.74
C ALA B 83 37.96 -17.21 -18.78
N LYS B 84 38.46 -16.42 -19.73
CA LYS B 84 39.39 -16.99 -20.70
C LYS B 84 40.64 -17.53 -20.02
N ARG B 85 41.17 -16.77 -19.06
CA ARG B 85 42.36 -17.24 -18.36
C ARG B 85 42.10 -18.55 -17.64
N MET B 86 40.94 -18.69 -16.99
CA MET B 86 40.66 -19.92 -16.25
C MET B 86 40.35 -21.09 -17.15
N PHE B 87 39.74 -20.86 -18.30
CA PHE B 87 39.62 -21.94 -19.28
C PHE B 87 41.00 -22.47 -19.66
N MET B 88 41.92 -21.56 -19.97
CA MET B 88 43.27 -21.99 -20.28
C MET B 88 43.95 -22.67 -19.11
N ILE B 89 43.69 -22.23 -17.88
CA ILE B 89 44.28 -22.90 -16.71
C ILE B 89 43.75 -24.32 -16.56
N LYS B 90 42.46 -24.50 -16.83
CA LYS B 90 41.87 -25.86 -16.79
C LYS B 90 42.59 -26.75 -17.78
N ASN B 91 42.85 -26.27 -18.99
CA ASN B 91 43.59 -27.04 -20.01
C ASN B 91 45.01 -27.38 -19.55
N LEU B 92 45.75 -26.45 -18.97
CA LEU B 92 47.13 -26.69 -18.52
C LEU B 92 47.15 -27.76 -17.44
N LEU B 93 46.25 -27.70 -16.48
CA LEU B 93 46.30 -28.66 -15.34
C LEU B 93 45.97 -30.06 -15.85
N ARG B 94 45.05 -30.18 -16.80
CA ARG B 94 44.71 -31.48 -17.41
C ARG B 94 45.92 -32.07 -18.12
N ASN B 95 46.74 -31.24 -18.80
CA ASN B 95 47.89 -31.71 -19.61
C ASN B 95 49.17 -31.82 -18.81
N ILE B 96 49.20 -31.35 -17.58
CA ILE B 96 50.40 -31.59 -16.74
C ILE B 96 50.02 -32.77 -15.88
N GLY B 97 48.82 -33.29 -16.06
CA GLY B 97 48.40 -34.49 -15.32
C GLY B 97 47.87 -34.25 -13.92
N LEU B 98 47.57 -33.01 -13.55
CA LEU B 98 46.93 -32.78 -12.24
C LEU B 98 45.45 -32.82 -12.54
N ASP B 99 44.64 -33.15 -11.57
CA ASP B 99 43.21 -33.30 -11.76
C ASP B 99 42.57 -31.92 -11.91
N ASP B 100 42.01 -31.62 -13.08
CA ASP B 100 41.51 -30.24 -13.39
C ASP B 100 40.27 -29.88 -12.59
N ARG B 101 39.53 -30.84 -12.07
CA ARG B 101 38.45 -30.50 -11.14
C ARG B 101 38.93 -30.03 -9.79
N ARG B 102 40.23 -29.94 -9.53
CA ARG B 102 40.66 -29.20 -8.36
C ARG B 102 40.48 -27.70 -8.51
N PHE B 103 40.13 -27.21 -9.68
CA PHE B 103 39.99 -25.79 -9.95
C PHE B 103 38.62 -25.53 -10.57
N ARG B 104 37.98 -24.45 -10.16
CA ARG B 104 36.74 -24.03 -10.80
C ARG B 104 36.57 -22.54 -10.62
N MET B 105 35.71 -21.95 -11.46
CA MET B 105 35.40 -20.53 -11.37
C MET B 105 33.89 -20.39 -11.32
N THR B 106 33.37 -19.83 -10.24
CA THR B 106 31.95 -19.64 -10.05
C THR B 106 31.59 -18.18 -10.20
N PHE B 107 30.39 -17.92 -10.69
CA PHE B 107 29.88 -16.57 -10.86
C PHE B 107 28.78 -16.37 -9.82
N VAL B 108 29.09 -15.59 -8.79
CA VAL B 108 28.20 -15.35 -7.66
C VAL B 108 27.86 -13.87 -7.63
N SER B 109 26.58 -13.55 -7.64
CA SER B 109 26.19 -12.15 -7.61
C SER B 109 26.21 -11.63 -6.17
N ALA B 110 25.96 -10.32 -6.03
CA ALA B 110 26.02 -9.70 -4.72
C ALA B 110 24.89 -10.15 -3.80
N SER B 111 23.80 -10.66 -4.36
CA SER B 111 22.63 -11.05 -3.58
C SER B 111 22.53 -12.55 -3.34
N GLU B 112 23.47 -13.35 -3.83
CA GLU B 112 23.37 -14.80 -3.76
C GLU B 112 24.21 -15.36 -2.61
N GLY B 113 23.79 -15.02 -1.39
CA GLY B 113 24.42 -15.61 -0.22
C GLY B 113 24.16 -17.09 -0.10
N ALA B 114 22.94 -17.52 -0.45
CA ALA B 114 22.62 -18.94 -0.43
C ALA B 114 23.47 -19.70 -1.44
N LYS B 115 23.62 -19.14 -2.65
CA LYS B 115 24.44 -19.77 -3.66
C LYS B 115 25.90 -19.80 -3.24
N TRP B 116 26.37 -18.77 -2.53
CA TRP B 116 27.73 -18.82 -2.00
C TRP B 116 27.90 -19.96 -1.01
N GLY B 117 26.92 -20.15 -0.13
CA GLY B 117 26.98 -21.29 0.79
C GLY B 117 27.01 -22.62 0.07
N MET B 118 26.19 -22.75 -0.98
CA MET B 118 26.15 -24.01 -1.74
C MET B 118 27.46 -24.24 -2.47
N VAL B 119 28.06 -23.18 -3.02
CA VAL B 119 29.36 -23.29 -3.66
C VAL B 119 30.40 -23.76 -2.66
N MET B 120 30.39 -23.19 -1.46
CA MET B 120 31.34 -23.60 -0.43
C MET B 120 31.20 -25.09 -0.14
N GLU B 121 29.96 -25.54 0.07
CA GLU B 121 29.73 -26.95 0.38
C GLU B 121 30.20 -27.86 -0.75
N ASP B 122 29.88 -27.49 -2.00
CA ASP B 122 30.22 -28.35 -3.12
C ASP B 122 31.72 -28.40 -3.37
N VAL B 123 32.41 -27.26 -3.24
CA VAL B 123 33.86 -27.27 -3.39
C VAL B 123 34.49 -28.16 -2.33
N THR B 124 34.03 -28.03 -1.08
CA THR B 124 34.59 -28.88 -0.03
C THR B 124 34.37 -30.35 -0.34
N ASN B 125 33.15 -30.71 -0.77
CA ASN B 125 32.85 -32.10 -1.06
C ASN B 125 33.71 -32.64 -2.19
N THR B 126 33.85 -31.88 -3.26
CA THR B 126 34.62 -32.34 -4.41
C THR B 126 36.08 -32.55 -4.04
N ILE B 127 36.67 -31.61 -3.30
CA ILE B 127 38.07 -31.79 -2.93
C ILE B 127 38.24 -32.96 -1.98
N LYS B 128 37.27 -33.16 -1.07
CA LYS B 128 37.36 -34.31 -0.18
C LYS B 128 37.33 -35.62 -0.97
N GLU B 129 36.47 -35.71 -1.98
CA GLU B 129 36.48 -36.89 -2.83
C GLU B 129 37.82 -37.05 -3.54
N LEU B 130 38.37 -35.96 -4.08
CA LEU B 130 39.60 -36.04 -4.85
C LEU B 130 40.78 -36.48 -4.02
N GLY B 131 40.91 -35.97 -2.81
CA GLY B 131 42.00 -36.37 -1.96
C GLY B 131 43.16 -35.39 -1.98
N PRO B 132 44.22 -35.72 -1.26
CA PRO B 132 45.38 -34.81 -1.21
C PRO B 132 46.01 -34.64 -2.58
N SER B 133 46.52 -33.44 -2.81
CA SER B 133 47.14 -33.13 -4.10
C SER B 133 48.43 -33.94 -4.25
N PRO B 134 48.80 -34.30 -5.48
CA PRO B 134 50.03 -35.09 -5.67
C PRO B 134 51.32 -34.31 -5.63
N ILE B 135 51.28 -32.99 -5.79
CA ILE B 135 52.50 -32.20 -5.82
C ILE B 135 53.27 -32.34 -4.51
N LYS B 136 52.53 -32.39 -3.39
CA LYS B 136 53.15 -32.39 -2.08
C LYS B 136 54.05 -33.59 -1.87
N GLU B 137 53.76 -34.71 -2.53
CA GLU B 137 54.66 -35.84 -2.44
C GLU B 137 55.58 -35.95 -3.64
N PHE B 138 55.19 -35.36 -4.78
CA PHE B 138 56.05 -35.47 -5.95
C PHE B 138 57.29 -34.60 -5.77
N LYS B 139 57.19 -33.52 -5.00
CA LYS B 139 58.35 -32.67 -4.76
C LYS B 139 59.49 -33.43 -4.10
N LYS B 140 59.27 -33.87 -2.87
CA LYS B 140 60.30 -34.54 -2.06
C LYS B 140 61.59 -33.73 -2.00
N ALA C 2 54.47 -13.97 -60.42
CA ALA C 2 54.27 -12.69 -61.07
C ALA C 2 53.07 -11.95 -60.48
N ALA C 3 52.12 -12.69 -59.90
CA ALA C 3 51.02 -12.04 -59.16
C ALA C 3 50.49 -13.00 -58.10
N LYS C 4 51.02 -12.88 -56.88
CA LYS C 4 50.34 -13.30 -55.65
C LYS C 4 49.51 -14.57 -55.79
N GLY C 5 50.14 -15.69 -56.09
CA GLY C 5 49.41 -16.94 -56.21
C GLY C 5 49.95 -17.76 -57.34
N ASP C 6 50.71 -17.12 -58.23
CA ASP C 6 51.35 -17.82 -59.33
C ASP C 6 52.32 -18.86 -58.79
N MET C 7 52.38 -19.99 -59.47
CA MET C 7 53.35 -21.03 -59.19
C MET C 7 54.27 -21.16 -60.39
N LEU C 8 55.57 -21.04 -60.15
CA LEU C 8 56.54 -20.84 -61.22
C LEU C 8 57.73 -21.77 -61.04
N TYR C 9 58.43 -22.00 -62.14
CA TYR C 9 59.76 -22.56 -62.13
C TYR C 9 60.75 -21.41 -62.27
N ALA C 10 61.78 -21.39 -61.44
CA ALA C 10 62.73 -20.29 -61.46
C ALA C 10 64.14 -20.82 -61.31
N TRP C 11 65.05 -20.30 -62.12
CA TRP C 11 66.46 -20.62 -62.00
C TRP C 11 67.26 -19.36 -62.28
N ALA C 12 68.52 -19.36 -61.86
CA ALA C 12 69.36 -18.20 -61.99
C ALA C 12 69.93 -18.06 -63.40
N LYS C 13 69.95 -16.83 -63.92
CA LYS C 13 70.65 -16.57 -65.17
C LYS C 13 72.15 -16.82 -65.05
N ASP C 14 72.74 -16.45 -63.93
CA ASP C 14 74.16 -16.66 -63.71
C ASP C 14 74.45 -18.13 -63.50
N ALA C 15 75.32 -18.70 -64.34
CA ALA C 15 75.55 -20.13 -64.32
C ALA C 15 76.18 -20.59 -63.02
N GLU C 16 77.04 -19.75 -62.45
CA GLU C 16 77.69 -20.17 -61.21
C GLU C 16 76.70 -20.16 -60.05
N ILE C 17 75.83 -19.14 -59.99
CA ILE C 17 74.78 -19.12 -58.98
C ILE C 17 73.88 -20.33 -59.16
N GLN C 18 73.62 -20.71 -60.41
CA GLN C 18 72.69 -21.79 -60.67
C GLN C 18 73.33 -23.15 -60.36
N LYS C 19 74.66 -23.25 -60.46
CA LYS C 19 75.33 -24.46 -60.02
C LYS C 19 75.32 -24.57 -58.50
N LYS C 20 75.71 -23.50 -57.80
CA LYS C 20 75.82 -23.60 -56.34
C LYS C 20 74.45 -23.61 -55.67
N GLY C 21 73.38 -23.31 -56.36
CA GLY C 21 72.09 -23.44 -55.67
C GLY C 21 71.80 -24.90 -55.41
N GLU C 22 71.05 -25.22 -54.36
CA GLU C 22 70.65 -26.62 -54.09
C GLU C 22 69.78 -27.04 -55.25
N CYS C 23 68.92 -26.13 -55.74
CA CYS C 23 68.11 -26.43 -56.94
C CYS C 23 68.54 -25.50 -58.06
N GLY C 24 67.78 -24.44 -58.34
CA GLY C 24 68.09 -23.55 -59.46
C GLY C 24 68.75 -22.24 -59.09
N GLY C 25 69.00 -22.00 -57.81
CA GLY C 25 69.66 -20.78 -57.34
C GLY C 25 68.74 -19.59 -57.25
N ALA C 26 67.44 -19.78 -57.30
CA ALA C 26 66.47 -18.67 -57.29
C ALA C 26 66.46 -17.93 -55.97
N VAL C 27 66.64 -18.59 -54.84
CA VAL C 27 66.73 -17.84 -53.55
C VAL C 27 67.97 -16.95 -53.58
N THR C 28 69.10 -17.41 -54.11
CA THR C 28 70.33 -16.60 -54.11
C THR C 28 70.29 -15.58 -55.24
N ALA C 29 69.56 -15.81 -56.32
CA ALA C 29 69.42 -14.76 -57.33
C ALA C 29 68.49 -13.66 -56.84
N LEU C 30 67.38 -14.03 -56.18
CA LEU C 30 66.48 -13.02 -55.65
C LEU C 30 67.14 -12.17 -54.57
N LEU C 31 67.87 -12.81 -53.66
CA LEU C 31 68.57 -12.08 -52.57
C LEU C 31 69.62 -11.15 -53.17
N LYS C 32 70.40 -11.63 -54.14
CA LYS C 32 71.41 -10.80 -54.79
C LYS C 32 70.77 -9.62 -55.49
N HIS C 33 69.67 -9.86 -56.20
CA HIS C 33 69.02 -8.77 -56.89
C HIS C 33 68.50 -7.73 -55.93
N ALA C 34 67.83 -8.16 -54.87
CA ALA C 34 67.30 -7.20 -53.91
C ALA C 34 68.41 -6.34 -53.34
N LEU C 35 69.52 -6.98 -52.94
CA LEU C 35 70.65 -6.23 -52.40
C LEU C 35 71.20 -5.23 -53.40
N GLU C 36 71.45 -5.67 -54.63
CA GLU C 36 72.15 -4.80 -55.56
C GLU C 36 71.25 -3.78 -56.25
N THR C 37 69.93 -3.96 -56.23
CA THR C 37 69.02 -2.93 -56.70
C THR C 37 68.50 -2.07 -55.57
N LYS C 38 68.86 -2.39 -54.33
CA LYS C 38 68.63 -1.54 -53.17
C LYS C 38 67.18 -1.51 -52.74
N MET C 39 66.46 -2.62 -52.93
CA MET C 39 65.27 -2.84 -52.14
C MET C 39 65.60 -2.98 -50.66
N VAL C 40 66.69 -3.67 -50.34
CA VAL C 40 67.03 -3.96 -48.95
C VAL C 40 68.44 -3.46 -48.68
N ASP C 41 68.69 -3.18 -47.41
CA ASP C 41 69.98 -2.69 -46.98
C ASP C 41 70.91 -3.78 -46.49
N ALA C 42 70.38 -4.96 -46.19
CA ALA C 42 71.20 -6.10 -45.80
C ALA C 42 70.44 -7.37 -46.13
N VAL C 43 71.10 -8.50 -45.93
CA VAL C 43 70.54 -9.82 -46.23
C VAL C 43 71.02 -10.77 -45.15
N VAL C 44 70.08 -11.45 -44.49
CA VAL C 44 70.41 -12.35 -43.41
C VAL C 44 70.20 -13.77 -43.92
N ALA C 45 71.29 -14.45 -44.22
CA ALA C 45 71.20 -15.80 -44.79
C ALA C 45 72.13 -16.74 -44.01
N ILE C 46 72.11 -18.01 -44.34
CA ILE C 46 72.98 -19.00 -43.67
C ILE C 46 74.10 -19.40 -44.59
N LYS C 47 75.30 -19.38 -44.09
CA LYS C 47 76.47 -19.86 -44.81
C LYS C 47 77.17 -20.90 -43.96
N LYS C 48 77.96 -21.74 -44.62
CA LYS C 48 78.80 -22.68 -43.89
C LYS C 48 80.01 -21.94 -43.34
N GLY C 49 80.29 -22.13 -42.07
CA GLY C 49 81.46 -21.51 -41.49
C GLY C 49 82.67 -22.42 -41.58
N LYS C 50 82.36 -23.70 -41.69
CA LYS C 50 83.33 -24.80 -41.64
C LYS C 50 82.76 -25.91 -42.51
N ASP C 51 83.09 -27.15 -42.18
CA ASP C 51 82.43 -28.29 -42.82
C ASP C 51 80.92 -28.06 -42.91
N LEU C 52 80.28 -28.69 -43.89
CA LEU C 52 78.86 -28.43 -44.15
C LEU C 52 77.96 -28.72 -42.96
N TYR C 53 78.49 -29.19 -41.86
CA TYR C 53 77.68 -29.41 -40.68
C TYR C 53 77.57 -28.17 -39.82
N ASP C 54 78.28 -27.11 -40.15
CA ASP C 54 78.32 -25.87 -39.38
C ASP C 54 77.56 -24.83 -40.17
N ALA C 55 76.43 -24.38 -39.65
CA ALA C 55 75.62 -23.35 -40.27
C ALA C 55 75.73 -22.09 -39.44
N VAL C 56 76.17 -21.00 -40.07
CA VAL C 56 76.45 -19.75 -39.40
C VAL C 56 75.58 -18.67 -40.02
N PRO C 57 74.74 -17.98 -39.26
CA PRO C 57 73.98 -16.87 -39.84
C PRO C 57 74.89 -15.71 -40.19
N THR C 58 74.49 -14.96 -41.20
CA THR C 58 75.36 -13.94 -41.74
C THR C 58 74.55 -12.77 -42.25
N VAL C 59 74.90 -11.56 -41.80
CA VAL C 59 74.35 -10.34 -42.38
C VAL C 59 75.31 -9.89 -43.47
N ILE C 60 74.79 -9.75 -44.68
CA ILE C 60 75.60 -9.49 -45.86
C ILE C 60 75.16 -8.17 -46.47
N THR C 61 76.10 -7.27 -46.68
CA THR C 61 75.82 -6.02 -47.35
C THR C 61 76.53 -5.89 -48.69
N ASN C 62 77.65 -6.57 -48.87
CA ASN C 62 78.32 -6.61 -50.16
C ASN C 62 77.60 -7.61 -51.06
N PRO C 63 77.03 -7.18 -52.19
CA PRO C 63 76.35 -8.13 -53.08
C PRO C 63 77.24 -9.23 -53.61
N GLU C 64 78.54 -9.17 -53.33
CA GLU C 64 79.50 -10.13 -53.83
C GLU C 64 79.62 -11.37 -52.96
N ASP C 65 78.92 -11.40 -51.83
CA ASP C 65 79.10 -12.44 -50.83
C ASP C 65 77.93 -13.40 -50.71
N ILE C 66 76.92 -13.27 -51.58
CA ILE C 66 75.76 -14.14 -51.48
C ILE C 66 75.95 -15.45 -52.23
N ILE C 67 76.89 -15.50 -53.16
CA ILE C 67 77.30 -16.77 -53.74
C ILE C 67 77.84 -17.71 -52.68
N GLN C 68 78.36 -17.15 -51.58
CA GLN C 68 78.80 -17.99 -50.48
C GLN C 68 77.64 -18.54 -49.65
N THR C 69 76.47 -17.91 -49.76
CA THR C 69 75.28 -18.30 -48.97
C THR C 69 74.50 -19.35 -49.75
N ALA C 70 74.87 -19.60 -50.99
CA ALA C 70 74.06 -20.51 -51.84
C ALA C 70 74.20 -21.94 -51.37
N GLY C 71 73.13 -22.72 -51.48
CA GLY C 71 73.12 -24.10 -51.00
C GLY C 71 72.32 -24.18 -49.73
N SER C 72 71.70 -25.31 -49.48
CA SER C 72 70.89 -25.51 -48.26
C SER C 72 71.62 -26.41 -47.28
N LEU C 73 71.72 -25.99 -46.03
CA LEU C 73 72.40 -26.78 -44.98
C LEU C 73 71.31 -27.45 -44.16
N HIS C 74 71.28 -28.77 -44.16
CA HIS C 74 70.17 -29.50 -43.49
C HIS C 74 70.55 -29.67 -42.04
N CYS C 75 71.78 -29.34 -41.72
CA CYS C 75 72.17 -29.36 -40.33
C CYS C 75 72.03 -28.00 -39.67
N GLY C 76 71.39 -27.06 -40.34
CA GLY C 76 71.16 -25.72 -39.80
C GLY C 76 69.89 -25.71 -39.01
N THR C 77 70.00 -25.98 -37.72
CA THR C 77 68.84 -26.07 -36.85
C THR C 77 68.58 -24.78 -36.10
N LEU C 78 69.04 -23.66 -36.62
CA LEU C 78 68.97 -22.42 -35.90
C LEU C 78 67.70 -21.66 -36.26
N LEU C 79 67.46 -20.57 -35.54
CA LEU C 79 66.26 -19.76 -35.71
C LEU C 79 66.71 -18.31 -35.84
N ILE C 80 66.34 -17.67 -36.94
CA ILE C 80 66.85 -16.36 -37.34
C ILE C 80 66.15 -15.16 -36.69
N PRO C 81 64.82 -15.12 -36.57
CA PRO C 81 64.18 -13.87 -36.19
C PRO C 81 64.56 -13.35 -34.83
N LYS C 82 64.85 -14.22 -33.86
CA LYS C 82 65.25 -13.73 -32.55
C LYS C 82 66.60 -13.03 -32.63
N LEU C 83 67.49 -13.42 -33.52
CA LEU C 83 68.79 -12.72 -33.72
C LEU C 83 68.59 -11.31 -34.29
N ILE C 84 67.64 -11.13 -35.19
CA ILE C 84 67.31 -9.80 -35.78
C ILE C 84 66.80 -8.86 -34.69
N LYS C 85 65.97 -9.32 -33.77
CA LYS C 85 65.52 -8.45 -32.66
C LYS C 85 66.68 -8.08 -31.75
N LYS C 86 67.51 -9.03 -31.33
CA LYS C 86 68.61 -8.79 -30.37
C LYS C 86 69.77 -7.97 -30.92
N TYR C 87 70.25 -8.23 -32.13
CA TYR C 87 71.48 -7.57 -32.63
C TYR C 87 71.26 -6.74 -33.90
N LEU C 88 70.07 -6.61 -34.41
CA LEU C 88 69.79 -5.74 -35.58
C LEU C 88 68.68 -4.76 -35.24
N ASN C 89 68.45 -4.51 -33.95
CA ASN C 89 67.44 -3.53 -33.48
C ASN C 89 66.06 -3.84 -34.07
N GLY C 90 65.74 -5.11 -34.25
CA GLY C 90 64.40 -5.45 -34.67
C GLY C 90 64.03 -4.95 -36.05
N ALA C 91 65.02 -4.62 -36.87
CA ALA C 91 64.79 -4.12 -38.22
C ALA C 91 63.85 -2.92 -38.21
N LYS C 92 64.01 -2.05 -37.22
CA LYS C 92 63.14 -0.89 -37.08
C LYS C 92 63.58 0.26 -37.97
N ASP C 93 64.83 0.29 -38.41
CA ASP C 93 65.33 1.35 -39.25
C ASP C 93 65.84 0.89 -40.60
N MET C 94 66.21 -0.37 -40.77
CA MET C 94 66.80 -0.86 -41.99
C MET C 94 65.95 -1.97 -42.58
N LYS C 95 65.77 -1.94 -43.90
CA LYS C 95 65.16 -3.04 -44.60
C LYS C 95 66.11 -4.23 -44.70
N LEU C 96 65.56 -5.42 -44.54
CA LEU C 96 66.30 -6.66 -44.68
C LEU C 96 65.55 -7.59 -45.60
N ALA C 97 66.28 -8.54 -46.19
CA ALA C 97 65.69 -9.67 -46.88
C ALA C 97 66.23 -10.92 -46.21
N VAL C 98 65.34 -11.74 -45.69
CA VAL C 98 65.73 -12.88 -44.86
C VAL C 98 65.21 -14.15 -45.50
N THR C 99 66.11 -15.15 -45.61
CA THR C 99 65.74 -16.50 -46.09
C THR C 99 65.36 -17.28 -44.84
N CYS C 100 64.20 -17.95 -44.83
CA CYS C 100 63.66 -18.51 -43.61
C CYS C 100 62.94 -19.82 -43.90
N LYS C 101 62.96 -20.76 -42.96
CA LYS C 101 62.20 -22.02 -43.05
C LYS C 101 60.81 -21.77 -42.47
N GLY C 102 59.96 -22.78 -42.31
CA GLY C 102 58.62 -22.64 -41.77
C GLY C 102 58.61 -22.16 -40.33
N CYS C 103 59.48 -22.73 -39.51
CA CYS C 103 59.59 -22.28 -38.13
C CYS C 103 60.12 -20.85 -38.06
N ASP C 104 61.02 -20.46 -38.95
CA ASP C 104 61.56 -19.09 -38.96
C ASP C 104 60.49 -18.12 -39.44
N ALA C 105 59.56 -18.49 -40.31
CA ALA C 105 58.46 -17.62 -40.68
C ALA C 105 57.45 -17.49 -39.55
N MET C 106 57.12 -18.61 -38.90
CA MET C 106 56.22 -18.53 -37.75
C MET C 106 56.78 -17.65 -36.65
N ALA C 107 58.09 -17.75 -36.40
CA ALA C 107 58.71 -16.91 -35.38
C ALA C 107 58.67 -15.44 -35.76
N PHE C 108 58.87 -15.15 -37.05
CA PHE C 108 58.71 -13.77 -37.49
C PHE C 108 57.33 -13.24 -37.15
N TYR C 109 56.30 -14.04 -37.40
CA TYR C 109 54.96 -13.54 -37.13
C TYR C 109 54.67 -13.44 -35.63
N GLU C 110 55.19 -14.35 -34.81
CA GLU C 110 55.00 -14.22 -33.37
C GLU C 110 55.65 -12.95 -32.83
N LEU C 111 56.88 -12.68 -33.24
CA LEU C 111 57.55 -11.48 -32.76
C LEU C 111 56.91 -10.22 -33.32
N ALA C 112 56.36 -10.27 -34.53
CA ALA C 112 55.66 -9.09 -35.03
C ALA C 112 54.33 -8.87 -34.32
N LYS C 113 53.62 -9.94 -33.95
CA LYS C 113 52.46 -9.79 -33.07
C LYS C 113 52.85 -9.06 -31.80
N ARG C 114 53.92 -9.49 -31.16
CA ARG C 114 54.34 -8.85 -29.93
C ARG C 114 55.18 -7.62 -30.15
N ASN C 115 55.22 -7.10 -31.38
CA ASN C 115 55.76 -5.77 -31.65
C ASN C 115 57.26 -5.69 -31.50
N GLN C 116 57.97 -6.79 -31.72
CA GLN C 116 59.41 -6.83 -31.51
C GLN C 116 60.22 -6.72 -32.79
N ILE C 117 59.59 -6.84 -33.96
CA ILE C 117 60.24 -6.64 -35.24
C ILE C 117 59.28 -5.91 -36.15
N ASN C 118 59.81 -5.42 -37.27
CA ASN C 118 59.04 -4.65 -38.23
C ASN C 118 58.93 -5.45 -39.54
N LEU C 119 57.82 -6.15 -39.69
CA LEU C 119 57.58 -6.92 -40.90
C LEU C 119 57.28 -6.04 -42.10
N ASP C 120 57.02 -4.75 -41.90
CA ASP C 120 57.04 -3.83 -43.03
C ASP C 120 58.43 -3.71 -43.62
N ASN C 121 59.47 -3.84 -42.78
CA ASN C 121 60.84 -3.75 -43.26
C ASN C 121 61.38 -5.09 -43.74
N ILE C 122 61.00 -6.17 -43.10
CA ILE C 122 61.58 -7.48 -43.40
C ILE C 122 60.90 -8.09 -44.63
N ILE C 123 61.70 -8.64 -45.54
CA ILE C 123 61.21 -9.48 -46.64
C ILE C 123 61.58 -10.91 -46.32
N MET C 124 60.60 -11.80 -46.34
CA MET C 124 60.79 -13.20 -45.99
C MET C 124 60.71 -14.05 -47.25
N ILE C 125 61.85 -14.60 -47.66
CA ILE C 125 61.90 -15.61 -48.71
C ILE C 125 61.85 -16.95 -48.00
N GLY C 126 60.72 -17.62 -48.04
CA GLY C 126 60.57 -18.88 -47.33
C GLY C 126 60.95 -20.06 -48.19
N VAL C 127 61.53 -21.05 -47.52
CA VAL C 127 62.00 -22.30 -48.20
C VAL C 127 61.07 -23.40 -47.68
N ASN C 128 60.84 -24.48 -48.43
CA ASN C 128 60.07 -25.63 -47.92
C ASN C 128 60.99 -26.29 -46.92
N CYS C 129 60.48 -26.92 -45.88
CA CYS C 129 61.41 -27.65 -44.99
C CYS C 129 60.81 -28.99 -44.67
N GLY C 130 61.54 -30.06 -44.93
CA GLY C 130 61.11 -31.40 -44.58
C GLY C 130 61.82 -31.86 -43.35
N GLY C 131 62.70 -31.05 -42.80
CA GLY C 131 63.28 -31.42 -41.53
C GLY C 131 64.73 -31.06 -41.42
N SER C 132 65.21 -30.93 -40.21
CA SER C 132 66.60 -30.54 -39.98
C SER C 132 67.19 -31.53 -39.02
N VAL C 133 68.48 -31.74 -39.11
CA VAL C 133 69.18 -32.69 -38.25
C VAL C 133 70.19 -31.92 -37.42
N SER C 134 70.34 -32.29 -36.17
CA SER C 134 71.41 -31.72 -35.36
C SER C 134 72.75 -32.11 -35.97
N PRO C 135 73.72 -31.19 -36.00
CA PRO C 135 75.00 -31.53 -36.65
C PRO C 135 75.72 -32.70 -36.02
N VAL C 136 75.78 -32.75 -34.70
CA VAL C 136 76.50 -33.82 -34.02
C VAL C 136 75.78 -35.14 -34.18
N THR C 137 74.45 -35.12 -34.13
CA THR C 137 73.69 -36.33 -34.36
C THR C 137 73.85 -36.82 -35.79
N ALA C 138 73.92 -35.90 -36.76
CA ALA C 138 74.21 -36.31 -38.13
C ALA C 138 75.58 -36.96 -38.23
N ARG C 139 76.57 -36.42 -37.51
CA ARG C 139 77.89 -37.04 -37.49
C ARG C 139 77.83 -38.46 -36.95
N LYS C 140 77.15 -38.66 -35.82
CA LYS C 140 77.06 -40.02 -35.26
C LYS C 140 76.29 -40.94 -36.18
N MET C 141 75.25 -40.42 -36.82
CA MET C 141 74.50 -41.19 -37.82
C MET C 141 75.43 -41.72 -38.89
N ILE C 142 76.25 -40.83 -39.45
CA ILE C 142 77.11 -41.20 -40.57
C ILE C 142 78.22 -42.12 -40.12
N SER C 143 78.76 -41.92 -38.91
CA SER C 143 79.80 -42.80 -38.42
C SER C 143 79.28 -44.21 -38.18
N ASN C 144 78.09 -44.35 -37.60
CA ASN C 144 77.60 -45.66 -37.20
C ASN C 144 76.74 -46.33 -38.26
N LYS C 145 75.63 -45.71 -38.63
CA LYS C 145 74.67 -46.38 -39.51
C LYS C 145 75.16 -46.43 -40.96
N PHE C 146 75.73 -45.33 -41.46
CA PHE C 146 76.20 -45.32 -42.84
C PHE C 146 77.58 -45.94 -43.00
N GLY C 147 78.32 -46.12 -41.92
CA GLY C 147 79.66 -46.68 -42.01
C GLY C 147 80.63 -45.84 -42.81
N VAL C 148 80.60 -44.53 -42.63
CA VAL C 148 81.47 -43.61 -43.36
C VAL C 148 82.14 -42.69 -42.35
N ASP C 149 83.34 -42.24 -42.68
CA ASP C 149 83.97 -41.20 -41.90
C ASP C 149 83.25 -39.89 -42.22
N PRO C 150 82.70 -39.18 -41.22
CA PRO C 150 81.87 -38.01 -41.53
C PRO C 150 82.60 -36.91 -42.24
N ASP C 151 83.92 -36.80 -42.07
CA ASP C 151 84.67 -35.74 -42.73
C ASP C 151 84.79 -35.95 -44.23
N THR C 152 84.46 -37.15 -44.70
CA THR C 152 84.52 -37.47 -46.12
C THR C 152 83.35 -36.88 -46.90
N VAL C 153 82.20 -36.70 -46.26
CA VAL C 153 80.99 -36.28 -46.95
C VAL C 153 81.18 -34.91 -47.60
N HIS C 154 80.71 -34.79 -48.84
CA HIS C 154 80.67 -33.50 -49.53
C HIS C 154 79.34 -32.79 -49.33
N LYS C 155 78.25 -33.43 -49.76
CA LYS C 155 76.92 -32.90 -49.56
C LYS C 155 76.03 -34.00 -49.00
N GLU C 156 74.88 -33.58 -48.47
CA GLU C 156 73.97 -34.46 -47.77
C GLU C 156 72.60 -33.80 -47.68
N GLU C 157 71.56 -34.57 -47.98
CA GLU C 157 70.24 -33.99 -48.12
C GLU C 157 69.18 -35.02 -47.77
N ILE C 158 68.02 -34.53 -47.35
CA ILE C 158 66.86 -35.42 -47.11
C ILE C 158 65.98 -35.25 -48.36
N ASP C 159 65.94 -36.27 -49.23
CA ASP C 159 65.23 -36.26 -50.49
C ASP C 159 64.43 -37.56 -50.61
N LYS C 160 63.14 -37.42 -50.90
CA LYS C 160 62.24 -38.56 -50.97
C LYS C 160 62.21 -39.37 -49.69
N GLY C 161 62.28 -38.72 -48.54
CA GLY C 161 62.17 -39.44 -47.30
C GLY C 161 63.34 -40.32 -46.96
N GLN C 162 64.49 -40.10 -47.58
CA GLN C 162 65.70 -40.83 -47.24
C GLN C 162 66.87 -39.87 -47.17
N PHE C 163 67.92 -40.30 -46.49
CA PHE C 163 69.06 -39.45 -46.15
C PHE C 163 70.19 -39.75 -47.12
N ILE C 164 70.24 -39.03 -48.22
CA ILE C 164 71.29 -39.20 -49.21
C ILE C 164 72.53 -38.46 -48.77
N ILE C 165 73.67 -39.13 -48.77
CA ILE C 165 74.96 -38.50 -48.53
C ILE C 165 75.85 -38.77 -49.74
N GLU C 166 76.64 -37.78 -50.11
CA GLU C 166 77.58 -37.89 -51.21
C GLU C 166 78.99 -37.78 -50.63
N TYR C 167 79.72 -38.88 -50.64
CA TYR C 167 81.09 -38.92 -50.15
C TYR C 167 82.01 -39.30 -51.29
N GLU C 168 83.31 -39.40 -51.00
CA GLU C 168 84.26 -39.84 -52.01
C GLU C 168 84.19 -41.36 -52.13
N GLY C 169 83.75 -41.83 -53.29
CA GLY C 169 83.45 -43.23 -53.50
C GLY C 169 82.09 -43.44 -54.12
N GLY C 170 81.11 -42.63 -53.73
CA GLY C 170 79.77 -42.76 -54.31
C GLY C 170 78.76 -41.98 -53.50
N HIS C 171 77.55 -42.52 -53.43
CA HIS C 171 76.51 -41.98 -52.56
C HIS C 171 75.72 -43.13 -51.97
N LYS C 172 75.04 -42.84 -50.86
CA LYS C 172 74.30 -43.83 -50.11
C LYS C 172 72.94 -43.25 -49.74
N GLY C 173 72.07 -44.10 -49.21
CA GLY C 173 70.75 -43.66 -48.82
C GLY C 173 70.09 -44.60 -47.82
N ILE C 174 69.46 -44.05 -46.81
CA ILE C 174 68.74 -44.83 -45.81
C ILE C 174 67.43 -44.11 -45.49
N LYS C 175 66.35 -44.87 -45.35
CA LYS C 175 65.05 -44.28 -45.06
C LYS C 175 65.09 -43.51 -43.74
N ILE C 176 64.58 -42.27 -43.78
CA ILE C 176 64.58 -41.46 -42.56
C ILE C 176 63.70 -42.08 -41.49
N ASP C 177 62.64 -42.79 -41.89
CA ASP C 177 61.80 -43.44 -40.88
C ASP C 177 62.57 -44.54 -40.14
N GLU C 178 63.35 -45.33 -40.88
CA GLU C 178 64.20 -46.34 -40.26
C GLU C 178 65.22 -45.70 -39.32
N LEU C 179 65.83 -44.60 -39.76
CA LEU C 179 66.79 -43.93 -38.89
C LEU C 179 66.10 -43.43 -37.62
N GLU C 180 64.91 -42.86 -37.77
CA GLU C 180 64.19 -42.29 -36.65
C GLU C 180 63.74 -43.35 -35.67
N GLU C 181 63.43 -44.55 -36.15
CA GLU C 181 63.21 -45.67 -35.23
C GLU C 181 64.49 -46.06 -34.50
N GLU C 182 65.61 -46.12 -35.21
CA GLU C 182 66.86 -46.48 -34.54
C GLU C 182 67.39 -45.40 -33.59
N GLY C 183 66.83 -44.18 -33.63
CA GLY C 183 67.22 -43.18 -32.65
C GLY C 183 68.02 -42.04 -33.21
N TYR C 184 67.80 -41.74 -34.48
CA TYR C 184 68.53 -40.70 -35.19
C TYR C 184 67.51 -39.95 -36.03
N GLY C 185 67.99 -39.22 -37.01
CA GLY C 185 67.12 -38.59 -37.98
C GLY C 185 66.87 -37.14 -37.67
N ARG C 186 65.74 -36.66 -38.15
CA ARG C 186 65.34 -35.29 -37.91
C ARG C 186 65.12 -35.08 -36.43
N ARG C 187 65.10 -33.81 -36.04
CA ARG C 187 64.82 -33.47 -34.66
C ARG C 187 63.40 -33.86 -34.31
N SER C 188 63.13 -34.01 -33.02
CA SER C 188 61.81 -34.43 -32.57
C SER C 188 60.73 -33.45 -33.03
N ASN C 189 60.99 -32.16 -32.84
CA ASN C 189 60.01 -31.18 -33.25
C ASN C 189 59.87 -31.15 -34.76
N CYS C 190 60.91 -31.51 -35.49
CA CYS C 190 60.79 -31.57 -36.94
C CYS C 190 59.93 -32.74 -37.36
N ARG C 191 59.98 -33.83 -36.60
CA ARG C 191 59.10 -34.96 -36.85
C ARG C 191 57.64 -34.58 -36.57
N ARG C 192 57.41 -33.77 -35.55
CA ARG C 192 56.07 -33.31 -35.26
C ARG C 192 55.62 -32.12 -36.09
N CYS C 193 56.51 -31.50 -36.85
CA CYS C 193 56.19 -30.25 -37.52
C CYS C 193 55.22 -30.47 -38.67
N LYS C 194 54.40 -29.47 -38.92
CA LYS C 194 53.45 -29.51 -40.02
C LYS C 194 53.43 -28.21 -40.81
N MET C 195 54.43 -27.37 -40.65
CA MET C 195 54.51 -26.12 -41.38
C MET C 195 55.50 -26.33 -42.53
N LYS C 196 55.05 -27.06 -43.53
CA LYS C 196 55.95 -27.57 -44.55
C LYS C 196 56.18 -26.57 -45.68
N ILE C 197 55.15 -25.85 -46.08
CA ILE C 197 55.29 -24.84 -47.12
C ILE C 197 54.93 -23.48 -46.53
N PRO C 198 55.87 -22.59 -46.32
CA PRO C 198 55.57 -21.34 -45.61
C PRO C 198 54.78 -20.38 -46.47
N ARG C 199 53.47 -20.56 -46.51
CA ARG C 199 52.62 -19.68 -47.28
C ARG C 199 52.36 -18.34 -46.61
N GLN C 200 52.83 -18.15 -45.38
CA GLN C 200 52.76 -16.85 -44.74
C GLN C 200 53.94 -15.97 -45.06
N ALA C 201 54.96 -16.50 -45.72
CA ALA C 201 56.12 -15.71 -46.13
C ALA C 201 55.78 -14.97 -47.41
N ASP C 202 56.75 -14.27 -47.98
CA ASP C 202 56.51 -13.55 -49.22
C ASP C 202 56.77 -14.40 -50.46
N ILE C 203 57.66 -15.38 -50.38
CA ILE C 203 57.91 -16.32 -51.45
C ILE C 203 58.22 -17.67 -50.82
N ALA C 204 57.73 -18.74 -51.43
CA ALA C 204 57.98 -20.11 -50.97
C ALA C 204 58.68 -20.88 -52.07
N ALA C 205 59.92 -21.27 -51.78
CA ALA C 205 60.79 -21.93 -52.75
C ALA C 205 61.01 -23.37 -52.34
N GLY C 206 60.96 -24.33 -53.26
CA GLY C 206 61.25 -25.73 -52.90
C GLY C 206 61.62 -26.60 -54.06
N ASN C 207 61.98 -27.85 -53.77
CA ASN C 207 62.29 -28.82 -54.85
C ASN C 207 61.12 -29.77 -55.07
N TRP C 208 59.93 -29.48 -54.54
CA TRP C 208 58.74 -30.35 -54.65
C TRP C 208 57.92 -29.82 -55.80
N GLY C 209 57.44 -30.66 -56.71
CA GLY C 209 56.68 -30.24 -57.86
C GLY C 209 57.48 -29.85 -59.08
N VAL C 210 58.79 -30.00 -59.05
CA VAL C 210 59.62 -29.77 -60.23
C VAL C 210 59.89 -31.13 -60.88
N ILE C 211 59.34 -31.34 -62.06
CA ILE C 211 59.34 -32.65 -62.70
C ILE C 211 59.89 -32.54 -64.11
N GLY C 212 60.57 -33.59 -64.56
CA GLY C 212 60.94 -33.74 -65.95
C GLY C 212 62.35 -33.24 -66.23
N ASP C 213 62.47 -32.40 -67.26
CA ASP C 213 63.76 -31.91 -67.72
C ASP C 213 64.41 -30.92 -66.77
N LYS C 214 63.71 -30.49 -65.73
CA LYS C 214 64.26 -29.52 -64.78
C LYS C 214 64.32 -30.09 -63.37
N ALA C 215 64.45 -31.40 -63.22
CA ALA C 215 64.30 -32.02 -61.91
C ALA C 215 65.40 -31.61 -60.93
N GLY C 216 66.48 -31.00 -61.39
CA GLY C 216 67.53 -30.60 -60.47
C GLY C 216 68.10 -29.24 -60.81
N LYS C 217 67.44 -28.52 -61.71
CA LYS C 217 67.93 -27.22 -62.13
C LYS C 217 66.79 -26.20 -62.22
N ALA C 218 65.82 -26.30 -61.33
CA ALA C 218 64.75 -25.31 -61.26
C ALA C 218 64.17 -25.33 -59.87
N THR C 219 63.76 -24.17 -59.37
CA THR C 219 63.14 -24.03 -58.04
C THR C 219 61.66 -23.75 -58.23
N PHE C 220 60.81 -24.48 -57.55
CA PHE C 220 59.37 -24.24 -57.58
C PHE C 220 59.10 -23.02 -56.71
N LEU C 221 58.62 -21.94 -57.32
CA LEU C 221 58.29 -20.72 -56.61
C LEU C 221 56.79 -20.57 -56.50
N GLU C 222 56.31 -20.28 -55.30
CA GLU C 222 54.94 -19.87 -55.09
C GLU C 222 54.96 -18.44 -54.56
N ILE C 223 54.31 -17.53 -55.29
CA ILE C 223 54.27 -16.13 -54.92
C ILE C 223 53.16 -15.96 -53.89
N CYS C 224 53.52 -15.60 -52.66
CA CYS C 224 52.56 -15.55 -51.57
C CYS C 224 52.17 -14.15 -51.14
N SER C 225 52.64 -13.11 -51.82
CA SER C 225 52.25 -11.75 -51.44
C SER C 225 52.62 -10.79 -52.55
N GLU C 226 52.07 -9.58 -52.46
CA GLU C 226 52.37 -8.54 -53.42
C GLU C 226 53.83 -8.10 -53.34
N LYS C 227 54.40 -8.08 -52.14
CA LYS C 227 55.81 -7.75 -52.00
C LYS C 227 56.69 -8.77 -52.72
N GLY C 228 56.37 -10.05 -52.57
CA GLY C 228 57.10 -11.07 -53.31
C GLY C 228 56.87 -11.01 -54.80
N ALA C 229 55.65 -10.66 -55.21
CA ALA C 229 55.38 -10.49 -56.63
C ALA C 229 56.24 -9.38 -57.22
N ASN C 230 56.36 -8.28 -56.48
CA ASN C 230 57.21 -7.18 -56.95
C ASN C 230 58.66 -7.58 -57.02
N LEU C 231 59.16 -8.28 -56.00
CA LEU C 231 60.54 -8.73 -56.04
C LEU C 231 60.80 -9.64 -57.23
N VAL C 232 59.89 -10.59 -57.46
CA VAL C 232 60.08 -11.54 -58.56
C VAL C 232 59.99 -10.85 -59.90
N ASN C 233 59.02 -9.95 -60.08
CA ASN C 233 58.88 -9.28 -61.36
C ASN C 233 60.09 -8.40 -61.64
N SER C 234 60.60 -7.70 -60.62
CA SER C 234 61.79 -6.88 -60.82
C SER C 234 62.99 -7.75 -61.19
N ALA C 235 63.17 -8.88 -60.51
CA ALA C 235 64.30 -9.74 -60.82
C ALA C 235 64.21 -10.30 -62.24
N GLN C 236 63.00 -10.69 -62.65
CA GLN C 236 62.82 -11.22 -64.00
C GLN C 236 63.03 -10.15 -65.05
N SER C 237 62.63 -8.92 -64.78
CA SER C 237 62.78 -7.87 -65.78
C SER C 237 64.23 -7.42 -65.89
N LYS C 238 64.93 -7.26 -64.77
CA LYS C 238 66.35 -6.94 -64.82
C LYS C 238 67.18 -8.13 -65.25
N GLY C 239 66.61 -9.32 -65.33
CA GLY C 239 67.28 -10.43 -65.97
C GLY C 239 68.24 -11.17 -65.07
N ALA C 240 67.95 -11.24 -63.79
CA ALA C 240 68.72 -12.04 -62.86
C ALA C 240 68.08 -13.40 -62.59
N LEU C 241 66.92 -13.67 -63.19
CA LEU C 241 66.13 -14.83 -62.81
C LEU C 241 65.26 -15.20 -64.01
N GLU C 242 65.13 -16.49 -64.29
CA GLU C 242 64.30 -16.97 -65.37
C GLU C 242 63.00 -17.53 -64.82
N ILE C 243 61.90 -17.31 -65.53
CA ILE C 243 60.58 -17.67 -65.06
C ILE C 243 59.85 -18.44 -66.14
N SER C 244 59.35 -19.63 -65.80
CA SER C 244 58.43 -20.35 -66.65
C SER C 244 57.27 -20.87 -65.82
N PRO C 245 56.05 -20.80 -66.31
CA PRO C 245 54.90 -21.26 -65.52
C PRO C 245 55.01 -22.73 -65.17
N ALA C 246 54.57 -23.07 -63.97
CA ALA C 246 54.80 -24.41 -63.45
C ALA C 246 53.90 -25.42 -64.15
N ASP C 247 54.27 -26.69 -64.00
CA ASP C 247 53.56 -27.78 -64.65
C ASP C 247 52.41 -28.24 -63.76
N PRO C 248 51.19 -28.39 -64.30
CA PRO C 248 50.06 -28.78 -63.43
C PRO C 248 50.27 -30.09 -62.72
N LYS C 249 50.92 -31.06 -63.38
CA LYS C 249 51.26 -32.30 -62.71
C LYS C 249 52.21 -32.05 -61.55
N GLY C 250 53.15 -31.12 -61.73
CA GLY C 250 54.02 -30.75 -60.63
C GLY C 250 53.25 -30.16 -59.47
N ILE C 251 52.27 -29.30 -59.76
CA ILE C 251 51.47 -28.73 -58.69
C ILE C 251 50.72 -29.82 -57.94
N ASP C 252 50.16 -30.78 -58.67
CA ASP C 252 49.41 -31.87 -58.04
C ASP C 252 50.31 -32.69 -57.13
N ILE C 253 51.49 -33.09 -57.61
CA ILE C 253 52.28 -33.94 -56.75
C ILE C 253 52.92 -33.14 -55.63
N ARG C 254 53.08 -31.83 -55.80
CA ARG C 254 53.48 -31.00 -54.68
C ARG C 254 52.43 -31.04 -53.58
N ALA C 255 51.15 -30.94 -53.96
CA ALA C 255 50.08 -31.04 -52.99
C ALA C 255 50.08 -32.40 -52.30
N LYS C 256 50.29 -33.47 -53.07
CA LYS C 256 50.29 -34.80 -52.47
C LYS C 256 51.44 -34.99 -51.48
N VAL C 257 52.64 -34.52 -51.81
CA VAL C 257 53.76 -34.67 -50.88
C VAL C 257 53.50 -33.84 -49.63
N GLU C 258 52.97 -32.63 -49.78
CA GLU C 258 52.65 -31.82 -48.61
C GLU C 258 51.64 -32.53 -47.71
N LYS C 259 50.60 -33.11 -48.30
CA LYS C 259 49.59 -33.82 -47.52
C LYS C 259 50.16 -35.04 -46.82
N ALA C 260 51.02 -35.79 -47.50
CA ALA C 260 51.65 -36.93 -46.85
C ALA C 260 52.53 -36.50 -45.70
N MET C 261 53.21 -35.37 -45.84
CA MET C 261 54.03 -34.85 -44.74
C MET C 261 53.15 -34.42 -43.57
N PHE C 262 51.97 -33.89 -43.86
CA PHE C 262 51.01 -33.60 -42.79
C PHE C 262 50.64 -34.86 -42.02
N ASN C 263 50.34 -35.93 -42.75
CA ASN C 263 49.95 -37.18 -42.09
C ASN C 263 51.08 -37.75 -41.24
N LEU C 264 52.29 -37.73 -41.75
CA LEU C 264 53.43 -38.21 -40.97
C LEU C 264 53.63 -37.37 -39.72
N GLY C 265 53.47 -36.05 -39.84
CA GLY C 265 53.56 -35.19 -38.67
C GLY C 265 52.51 -35.52 -37.63
N ASP C 266 51.30 -35.81 -38.08
CA ASP C 266 50.24 -36.21 -37.16
C ASP C 266 50.59 -37.51 -36.44
N GLU C 267 51.13 -38.49 -37.17
CA GLU C 267 51.49 -39.75 -36.54
C GLU C 267 52.54 -39.55 -35.47
N TRP C 268 53.54 -38.71 -35.74
CA TRP C 268 54.57 -38.50 -34.74
C TRP C 268 54.05 -37.71 -33.55
N ARG C 269 53.17 -36.74 -33.80
CA ARG C 269 52.51 -36.03 -32.71
C ARG C 269 51.79 -37.01 -31.79
N HIS C 270 51.03 -37.92 -32.38
CA HIS C 270 50.36 -38.95 -31.61
C HIS C 270 51.37 -39.72 -30.78
N ARG C 271 52.26 -40.46 -31.43
CA ARG C 271 53.09 -41.40 -30.68
C ARG C 271 53.91 -40.69 -29.61
N ASP C 272 54.33 -39.44 -29.84
CA ASP C 272 55.08 -38.70 -28.82
C ASP C 272 54.19 -38.29 -27.64
N PHE C 273 53.01 -37.72 -27.93
CA PHE C 273 52.19 -37.21 -26.84
C PHE C 273 51.60 -38.32 -25.99
N GLU C 274 51.23 -39.46 -26.59
CA GLU C 274 50.91 -40.61 -25.72
C GLU C 274 52.15 -41.27 -25.12
N GLY C 275 53.33 -41.10 -25.69
CA GLY C 275 54.51 -41.58 -25.00
C GLY C 275 54.77 -40.82 -23.72
N MET C 276 54.22 -39.63 -23.52
CA MET C 276 54.54 -38.81 -22.30
C MET C 276 53.74 -39.34 -21.10
N GLY C 277 52.62 -39.99 -21.37
CA GLY C 277 51.82 -40.58 -20.28
C GLY C 277 50.52 -39.86 -20.13
N LYS C 278 49.74 -40.22 -19.12
CA LYS C 278 48.44 -39.56 -18.84
C LYS C 278 48.27 -39.54 -17.32
N GLY C 279 47.52 -38.59 -16.79
CA GLY C 279 47.24 -38.55 -15.34
C GLY C 279 48.44 -38.25 -14.50
N LYS C 280 48.52 -38.80 -13.31
CA LYS C 280 49.62 -38.51 -12.36
C LYS C 280 50.96 -39.01 -12.89
N ASP C 281 50.97 -39.97 -13.80
CA ASP C 281 52.21 -40.42 -14.46
C ASP C 281 52.85 -39.29 -15.28
N ARG C 282 52.05 -38.49 -16.00
CA ARG C 282 52.55 -37.32 -16.75
C ARG C 282 53.08 -36.29 -15.78
N LEU C 283 52.46 -36.07 -14.63
CA LEU C 283 52.98 -35.16 -13.58
C LEU C 283 54.30 -35.68 -13.04
N LYS C 284 54.43 -36.97 -12.78
CA LYS C 284 55.76 -37.45 -12.35
C LYS C 284 56.76 -37.35 -13.52
N LEU C 285 56.35 -37.61 -14.76
CA LEU C 285 57.33 -37.38 -15.82
C LEU C 285 57.77 -35.92 -15.83
N MET C 286 56.81 -35.01 -15.87
CA MET C 286 57.15 -33.58 -15.97
C MET C 286 57.95 -33.13 -14.76
N MET C 287 57.54 -33.51 -13.56
CA MET C 287 58.20 -32.98 -12.38
C MET C 287 59.60 -33.56 -12.24
N SER C 288 59.77 -34.86 -12.49
CA SER C 288 61.09 -35.45 -12.37
C SER C 288 62.03 -34.93 -13.44
N GLU C 289 61.54 -34.68 -14.66
CA GLU C 289 62.41 -34.09 -15.67
C GLU C 289 62.79 -32.68 -15.30
N SER C 290 61.81 -31.85 -14.95
CA SER C 290 62.07 -30.45 -14.66
C SER C 290 62.85 -30.25 -13.37
N SER C 291 62.98 -31.26 -12.52
CA SER C 291 63.84 -31.09 -11.35
C SER C 291 65.31 -31.00 -11.72
N LYS C 292 65.66 -31.26 -12.98
CA LYS C 292 67.05 -31.18 -13.42
C LYS C 292 67.49 -29.77 -13.78
N CYS C 293 66.56 -28.84 -13.99
CA CYS C 293 66.92 -27.54 -14.53
C CYS C 293 67.92 -26.81 -13.65
N ILE C 294 68.99 -26.32 -14.28
CA ILE C 294 70.02 -25.55 -13.57
C ILE C 294 69.85 -24.06 -13.79
N LYS C 295 68.73 -23.62 -14.35
CA LYS C 295 68.40 -22.22 -14.50
C LYS C 295 69.41 -21.48 -15.35
N CYS C 296 69.81 -22.09 -16.47
CA CYS C 296 70.65 -21.39 -17.42
C CYS C 296 69.87 -20.36 -18.23
N TYR C 297 68.55 -20.45 -18.25
CA TYR C 297 67.66 -19.55 -18.98
C TYR C 297 67.85 -19.59 -20.48
N ALA C 298 68.49 -20.63 -20.99
CA ALA C 298 68.67 -20.73 -22.43
C ALA C 298 67.33 -20.90 -23.14
N CYS C 299 66.41 -21.65 -22.54
CA CYS C 299 65.09 -21.82 -23.12
C CYS C 299 64.36 -20.48 -23.25
N VAL C 300 64.46 -19.61 -22.26
CA VAL C 300 63.81 -18.28 -22.26
C VAL C 300 64.50 -17.40 -23.29
N GLU C 301 65.83 -17.41 -23.32
CA GLU C 301 66.51 -16.52 -24.24
C GLU C 301 66.42 -16.97 -25.69
N ALA C 302 66.14 -18.25 -25.93
CA ALA C 302 66.02 -18.75 -27.28
C ALA C 302 64.59 -18.79 -27.79
N CYS C 303 63.60 -18.81 -26.90
CA CYS C 303 62.23 -18.89 -27.36
C CYS C 303 61.84 -17.62 -28.13
N PRO C 304 61.22 -17.76 -29.30
CA PRO C 304 60.70 -16.56 -29.99
C PRO C 304 59.64 -15.82 -29.22
N ILE C 305 58.87 -16.49 -28.37
CA ILE C 305 57.67 -15.91 -27.72
C ILE C 305 58.05 -15.24 -26.41
N CYS C 306 59.25 -15.49 -25.95
CA CYS C 306 59.71 -14.93 -24.69
C CYS C 306 60.38 -13.60 -25.02
N TYR C 307 59.68 -12.49 -24.87
CA TYR C 307 60.19 -11.16 -25.27
C TYR C 307 60.26 -10.22 -24.09
N CYS C 308 60.25 -10.72 -22.88
CA CYS C 308 60.06 -9.86 -21.70
C CYS C 308 61.39 -9.35 -21.19
N ILE C 309 61.42 -8.09 -20.77
CA ILE C 309 62.69 -7.53 -20.32
C ILE C 309 63.25 -8.35 -19.17
N GLU C 310 62.42 -8.65 -18.18
CA GLU C 310 62.79 -9.55 -17.10
C GLU C 310 61.77 -10.65 -17.01
N CYS C 311 62.22 -11.89 -17.04
CA CYS C 311 61.29 -13.02 -16.94
C CYS C 311 60.72 -13.08 -15.53
N SER C 312 59.48 -13.52 -15.41
CA SER C 312 58.88 -13.73 -14.10
C SER C 312 59.59 -14.89 -13.44
N THR C 313 60.28 -15.73 -14.19
CA THR C 313 61.07 -16.75 -13.52
C THR C 313 62.24 -16.16 -12.74
N LYS C 314 62.52 -14.88 -12.90
CA LYS C 314 63.60 -14.21 -12.20
C LYS C 314 63.13 -13.38 -11.02
N LYS C 315 61.86 -13.36 -10.75
CA LYS C 315 61.32 -12.50 -9.70
C LYS C 315 61.29 -13.25 -8.38
N PRO C 316 61.81 -12.66 -7.31
CA PRO C 316 62.02 -13.44 -6.08
C PRO C 316 60.75 -13.90 -5.41
N TRP C 317 59.60 -13.33 -5.73
CA TRP C 317 58.36 -13.81 -5.15
C TRP C 317 57.79 -15.01 -5.87
N TYR C 318 58.35 -15.40 -7.02
CA TYR C 318 57.99 -16.63 -7.69
C TYR C 318 59.01 -17.73 -7.48
N ILE C 319 60.29 -17.43 -7.71
CA ILE C 319 61.37 -18.41 -7.64
C ILE C 319 62.40 -17.92 -6.64
N ALA C 320 62.72 -18.76 -5.68
CA ALA C 320 63.75 -18.42 -4.70
C ALA C 320 65.11 -18.30 -5.38
N PRO C 321 65.82 -17.19 -5.19
CA PRO C 321 66.99 -16.93 -6.06
C PRO C 321 68.10 -17.96 -5.98
N GLY C 322 68.35 -18.54 -4.81
CA GLY C 322 69.52 -19.39 -4.67
C GLY C 322 69.25 -20.87 -4.64
N VAL C 323 67.98 -21.26 -4.46
CA VAL C 323 67.63 -22.67 -4.35
C VAL C 323 67.80 -23.30 -5.73
N LEU C 324 68.78 -24.19 -5.87
CA LEU C 324 69.08 -24.72 -7.20
C LEU C 324 68.15 -25.84 -7.64
N PRO C 325 67.80 -26.82 -6.78
CA PRO C 325 66.80 -27.80 -7.23
C PRO C 325 65.46 -27.11 -7.39
N THR C 326 65.35 -26.36 -8.48
CA THR C 326 64.34 -25.31 -8.60
C THR C 326 62.94 -25.89 -8.61
N SER C 327 61.98 -25.03 -8.33
CA SER C 327 60.59 -25.41 -8.23
C SER C 327 60.03 -25.76 -9.61
N PHE C 328 58.92 -26.50 -9.60
CA PHE C 328 58.14 -26.72 -10.81
C PHE C 328 57.51 -25.44 -11.30
N MET C 329 57.51 -24.39 -10.47
CA MET C 329 56.96 -23.10 -10.87
C MET C 329 57.73 -22.52 -12.05
N PHE C 330 59.02 -22.84 -12.17
CA PHE C 330 59.82 -22.33 -13.28
C PHE C 330 59.20 -22.73 -14.62
N HIS C 331 58.82 -23.99 -14.75
CA HIS C 331 58.26 -24.47 -16.00
C HIS C 331 56.77 -24.25 -16.09
N LEU C 332 56.08 -24.11 -14.96
CA LEU C 332 54.68 -23.72 -15.01
C LEU C 332 54.53 -22.30 -15.56
N ILE C 333 55.50 -21.42 -15.29
CA ILE C 333 55.44 -19.99 -15.72
C ILE C 333 55.67 -19.94 -17.22
N ARG C 334 56.39 -20.90 -17.79
CA ARG C 334 56.59 -20.94 -19.25
C ARG C 334 55.41 -21.64 -19.89
N PHE C 335 54.84 -22.68 -19.28
CA PHE C 335 53.63 -23.28 -19.84
C PHE C 335 52.51 -22.27 -19.90
N ALA C 336 52.37 -21.44 -18.86
CA ALA C 336 51.30 -20.46 -18.85
C ALA C 336 51.52 -19.37 -19.89
N HIS C 337 52.75 -18.93 -20.09
CA HIS C 337 53.01 -17.76 -20.97
C HIS C 337 53.22 -18.12 -22.43
N VAL C 338 53.70 -19.31 -22.74
CA VAL C 338 54.08 -19.63 -24.10
C VAL C 338 53.12 -20.62 -24.74
N SER C 339 52.57 -21.55 -23.97
CA SER C 339 51.90 -22.70 -24.56
C SER C 339 50.74 -22.31 -25.45
N ASP C 340 50.15 -21.13 -25.26
CA ASP C 340 49.09 -20.73 -26.15
C ASP C 340 49.60 -20.43 -27.55
N SER C 341 50.84 -19.97 -27.70
CA SER C 341 51.44 -19.75 -29.01
C SER C 341 52.87 -20.29 -29.00
N CYS C 342 53.01 -21.58 -29.27
CA CYS C 342 54.30 -22.22 -29.44
C CYS C 342 54.38 -22.70 -30.88
N ILE C 343 55.46 -22.35 -31.56
CA ILE C 343 55.57 -22.64 -32.98
C ILE C 343 56.38 -23.91 -33.18
N ASN C 344 56.73 -24.58 -32.09
CA ASN C 344 57.42 -25.87 -32.14
C ASN C 344 58.73 -25.75 -32.91
N CYS C 345 59.52 -24.76 -32.54
CA CYS C 345 60.82 -24.57 -33.16
C CYS C 345 61.89 -25.47 -32.57
N GLY C 346 61.71 -25.93 -31.34
CA GLY C 346 62.61 -26.86 -30.71
C GLY C 346 63.83 -26.26 -30.08
N GLN C 347 63.98 -24.94 -30.12
CA GLN C 347 65.19 -24.31 -29.60
C GLN C 347 65.34 -24.55 -28.11
N CYS C 348 64.23 -24.49 -27.38
CA CYS C 348 64.25 -24.75 -25.96
C CYS C 348 64.71 -26.16 -25.66
N GLU C 349 64.28 -27.12 -26.47
CA GLU C 349 64.68 -28.51 -26.23
C GLU C 349 66.15 -28.72 -26.55
N GLU C 350 66.62 -28.13 -27.64
CA GLU C 350 67.95 -28.45 -28.10
C GLU C 350 69.04 -27.61 -27.46
N LEU C 351 68.70 -26.53 -26.76
CA LEU C 351 69.72 -25.74 -26.07
C LEU C 351 69.76 -26.02 -24.57
N CYS C 352 69.09 -27.05 -24.10
CA CYS C 352 69.02 -27.31 -22.68
C CYS C 352 70.21 -28.16 -22.23
N PRO C 353 71.06 -27.66 -21.33
CA PRO C 353 72.19 -28.47 -20.87
C PRO C 353 71.78 -29.72 -20.14
N MET C 354 70.56 -29.79 -19.65
CA MET C 354 70.14 -30.92 -18.85
C MET C 354 69.23 -31.86 -19.61
N GLU C 355 69.00 -31.60 -20.90
CA GLU C 355 68.28 -32.50 -21.78
C GLU C 355 66.85 -32.74 -21.32
N ILE C 356 66.14 -31.65 -21.07
CA ILE C 356 64.74 -31.68 -20.65
C ILE C 356 63.88 -31.52 -21.90
N PRO C 357 62.85 -32.33 -22.09
CA PRO C 357 62.03 -32.22 -23.30
C PRO C 357 61.13 -31.01 -23.31
N ASN C 358 61.72 -29.81 -23.30
CA ASN C 358 60.92 -28.60 -23.22
C ASN C 358 59.96 -28.48 -24.39
N ALA C 359 60.43 -28.76 -25.60
CA ALA C 359 59.58 -28.59 -26.77
C ALA C 359 58.47 -29.62 -26.79
N LEU C 360 58.75 -30.83 -26.33
CA LEU C 360 57.72 -31.86 -26.29
C LEU C 360 56.62 -31.47 -25.32
N PHE C 361 56.99 -31.06 -24.11
CA PHE C 361 55.98 -30.62 -23.15
C PHE C 361 55.17 -29.45 -23.70
N MET C 362 55.86 -28.45 -24.23
CA MET C 362 55.18 -27.24 -24.64
C MET C 362 54.28 -27.49 -25.84
N HIS C 363 54.71 -28.30 -26.79
CA HIS C 363 53.87 -28.59 -27.95
C HIS C 363 52.70 -29.48 -27.58
N SER C 364 52.89 -30.40 -26.62
CA SER C 364 51.77 -31.21 -26.17
C SER C 364 50.69 -30.35 -25.56
N GLN C 365 51.07 -29.27 -24.91
CA GLN C 365 50.04 -28.35 -24.40
C GLN C 365 49.48 -27.46 -25.50
N GLN C 366 50.33 -27.06 -26.43
CA GLN C 366 49.92 -26.13 -27.48
C GLN C 366 48.87 -26.74 -28.41
N VAL C 367 49.03 -28.02 -28.76
CA VAL C 367 48.15 -28.57 -29.79
C VAL C 367 46.70 -28.49 -29.35
N GLU C 368 46.45 -28.70 -28.07
CA GLU C 368 45.06 -28.68 -27.65
C GLU C 368 44.62 -27.34 -27.08
N ILE C 369 45.54 -26.46 -26.67
CA ILE C 369 45.11 -25.06 -26.58
C ILE C 369 44.61 -24.61 -27.94
N GLU C 370 45.22 -25.11 -29.01
CA GLU C 370 44.79 -24.78 -30.36
C GLU C 370 43.42 -25.38 -30.67
N LYS C 371 43.22 -26.66 -30.38
CA LYS C 371 41.89 -27.21 -30.68
C LYS C 371 40.82 -26.74 -29.70
N MET C 372 41.20 -26.09 -28.61
CA MET C 372 40.25 -25.44 -27.71
C MET C 372 39.83 -24.06 -28.21
N PHE C 373 40.80 -23.17 -28.43
CA PHE C 373 40.51 -21.80 -28.79
C PHE C 373 40.54 -21.54 -30.29
N GLY C 374 41.10 -22.45 -31.08
CA GLY C 374 41.10 -22.26 -32.52
C GLY C 374 42.10 -21.24 -33.01
N HIS C 375 43.23 -21.10 -32.33
CA HIS C 375 44.23 -20.10 -32.66
C HIS C 375 45.50 -20.83 -33.10
N ILE C 376 45.91 -20.60 -34.33
CA ILE C 376 47.09 -21.25 -34.91
C ILE C 376 48.25 -20.28 -34.83
N PRO C 377 49.31 -20.58 -34.08
CA PRO C 377 50.40 -19.62 -33.92
C PRO C 377 51.21 -19.44 -35.18
N GLY C 378 51.64 -18.21 -35.42
CA GLY C 378 52.62 -17.92 -36.43
C GLY C 378 52.10 -17.77 -37.84
N GLN C 379 50.79 -17.75 -38.05
CA GLN C 379 50.27 -17.67 -39.40
C GLN C 379 50.04 -16.23 -39.87
N ASP C 380 49.54 -15.35 -39.02
CA ASP C 380 49.30 -13.97 -39.42
C ASP C 380 49.27 -13.08 -38.18
N MET C 381 48.78 -11.86 -38.34
CA MET C 381 48.79 -10.83 -37.29
C MET C 381 47.69 -11.01 -36.25
N THR C 382 47.06 -12.17 -36.15
CA THR C 382 46.04 -12.38 -35.13
C THR C 382 46.64 -12.20 -33.75
N PRO C 383 46.06 -11.35 -32.89
CA PRO C 383 46.65 -11.13 -31.58
C PRO C 383 46.56 -12.38 -30.73
N PRO C 384 47.45 -12.54 -29.75
CA PRO C 384 47.37 -13.68 -28.85
C PRO C 384 46.03 -13.75 -28.11
N ILE C 385 45.71 -14.96 -27.65
CA ILE C 385 44.37 -15.22 -27.15
C ILE C 385 44.05 -14.37 -25.95
N HIS C 386 45.04 -14.12 -25.09
CA HIS C 386 44.82 -13.29 -23.93
C HIS C 386 45.05 -11.81 -24.19
N ALA C 387 45.66 -11.47 -25.31
CA ALA C 387 45.76 -10.07 -25.68
C ALA C 387 44.50 -9.58 -26.36
N PHE C 388 43.64 -10.47 -26.83
CA PHE C 388 42.36 -10.04 -27.41
C PHE C 388 41.24 -10.95 -26.93
N VAL C 389 40.56 -10.54 -25.87
CA VAL C 389 39.39 -11.26 -25.34
C VAL C 389 38.14 -10.59 -25.86
N GLU C 390 37.13 -11.38 -26.22
CA GLU C 390 35.93 -10.84 -26.84
C GLU C 390 34.70 -11.28 -26.08
N GLU C 391 33.78 -10.33 -25.91
CA GLU C 391 32.56 -10.52 -25.14
C GLU C 391 31.72 -11.68 -25.65
N LYS C 392 31.43 -11.68 -26.96
CA LYS C 392 30.59 -12.70 -27.55
C LYS C 392 31.22 -14.08 -27.47
N ALA C 393 32.52 -14.18 -27.73
CA ALA C 393 33.19 -15.47 -27.65
C ALA C 393 33.19 -16.02 -26.22
N GLU C 394 33.35 -15.14 -25.23
CA GLU C 394 33.34 -15.62 -23.86
C GLU C 394 31.97 -16.15 -23.46
N ARG C 395 30.92 -15.40 -23.80
CA ARG C 395 29.58 -15.94 -23.65
C ARG C 395 29.45 -17.29 -24.33
N ALA C 396 30.00 -17.41 -25.54
CA ALA C 396 29.82 -18.63 -26.33
C ALA C 396 30.42 -19.84 -25.63
N ARG C 397 31.60 -19.72 -25.03
CA ARG C 397 32.28 -20.86 -24.41
C ARG C 397 31.61 -21.19 -23.08
N LEU C 398 31.01 -20.22 -22.40
CA LEU C 398 30.28 -20.53 -21.19
C LEU C 398 28.96 -21.23 -21.51
N ASP C 399 28.28 -20.79 -22.57
CA ASP C 399 27.03 -21.45 -22.96
C ASP C 399 27.29 -22.84 -23.50
N ALA C 400 28.37 -23.03 -24.24
CA ALA C 400 28.68 -24.35 -24.79
C ALA C 400 28.93 -25.37 -23.70
N THR C 401 29.48 -24.94 -22.56
CA THR C 401 29.60 -25.90 -21.45
C THR C 401 28.25 -26.30 -20.88
N GLY C 402 27.20 -25.55 -21.18
CA GLY C 402 25.88 -25.85 -20.64
C GLY C 402 25.83 -25.82 -19.12
N THR C 403 26.57 -24.91 -18.50
CA THR C 403 26.80 -24.95 -17.07
C THR C 403 26.86 -23.51 -16.57
N ASP C 404 26.62 -23.33 -15.27
CA ASP C 404 26.63 -22.02 -14.66
C ASP C 404 28.01 -21.58 -14.19
N SER C 405 29.03 -22.40 -14.37
CA SER C 405 30.36 -22.06 -13.90
C SER C 405 31.38 -22.62 -14.88
N ILE C 406 32.65 -22.54 -14.50
CA ILE C 406 33.70 -23.20 -15.27
C ILE C 406 34.17 -24.36 -14.42
N TYR C 407 33.50 -25.51 -14.53
CA TYR C 407 33.90 -26.65 -13.70
C TYR C 407 34.04 -27.95 -14.48
N THR C 408 33.09 -28.26 -15.36
CA THR C 408 33.06 -29.55 -16.05
C THR C 408 32.34 -29.40 -17.39
N ASN C 409 32.20 -30.51 -18.11
CA ASN C 409 31.62 -30.53 -19.46
C ASN C 409 32.35 -29.60 -20.41
N ILE C 410 33.67 -29.51 -20.21
CA ILE C 410 34.56 -28.64 -21.03
C ILE C 410 35.38 -29.55 -21.98
N PHE C 411 35.78 -30.74 -21.51
CA PHE C 411 36.61 -31.64 -22.36
C PHE C 411 35.92 -32.96 -22.69
N THR C 412 36.34 -33.67 -23.76
CA THR C 412 35.91 -35.02 -24.07
C THR C 412 37.00 -36.06 -23.80
N ALA D 2 -27.82 -22.66 -14.43
CA ALA D 2 -27.82 -21.21 -14.50
C ALA D 2 -27.97 -20.73 -15.94
N ALA D 3 -28.26 -21.66 -16.85
CA ALA D 3 -28.40 -21.29 -18.26
C ALA D 3 -29.63 -20.42 -18.48
N LYS D 4 -30.76 -20.81 -17.92
CA LYS D 4 -31.99 -20.03 -17.96
C LYS D 4 -33.00 -20.69 -17.04
N SER D 5 -34.23 -20.16 -17.06
CA SER D 5 -35.29 -20.73 -16.24
C SER D 5 -35.88 -21.96 -16.91
N TYR D 6 -35.91 -23.07 -16.17
CA TYR D 6 -36.43 -24.32 -16.69
C TYR D 6 -37.86 -24.63 -16.23
N ASN D 7 -38.31 -23.99 -15.16
CA ASN D 7 -39.63 -24.21 -14.57
C ASN D 7 -39.81 -25.61 -14.02
N ILE D 8 -38.71 -26.27 -13.66
CA ILE D 8 -38.80 -27.49 -12.86
C ILE D 8 -38.24 -27.14 -11.49
N PRO D 9 -39.08 -26.97 -10.46
CA PRO D 9 -38.66 -26.25 -9.25
C PRO D 9 -37.40 -26.80 -8.59
N GLU D 10 -37.24 -28.12 -8.52
CA GLU D 10 -36.04 -28.66 -7.88
C GLU D 10 -34.78 -28.36 -8.71
N LEU D 11 -34.88 -28.46 -10.05
CA LEU D 11 -33.73 -28.09 -10.86
C LEU D 11 -33.45 -26.59 -10.84
N ASP D 12 -34.49 -25.76 -10.75
CA ASP D 12 -34.25 -24.34 -10.58
C ASP D 12 -33.55 -24.05 -9.27
N LYS D 13 -33.94 -24.74 -8.20
CA LYS D 13 -33.26 -24.59 -6.92
C LYS D 13 -31.81 -25.06 -7.00
N LYS D 14 -31.56 -26.16 -7.73
CA LYS D 14 -30.22 -26.72 -7.80
C LYS D 14 -29.29 -25.87 -8.67
N LEU D 15 -29.81 -25.35 -9.78
CA LEU D 15 -29.02 -24.57 -10.73
C LEU D 15 -29.37 -23.09 -10.68
N ALA D 16 -29.77 -22.59 -9.52
CA ALA D 16 -29.95 -21.16 -9.34
C ALA D 16 -28.68 -20.42 -9.71
N ASP D 17 -28.84 -19.33 -10.46
CA ASP D 17 -27.71 -18.50 -10.83
C ASP D 17 -27.07 -17.90 -9.58
N ARG D 18 -25.84 -18.29 -9.29
CA ARG D 18 -25.11 -17.81 -8.12
C ARG D 18 -24.32 -16.54 -8.40
N ARG D 19 -24.44 -16.00 -9.60
CA ARG D 19 -23.53 -14.97 -10.09
C ARG D 19 -24.20 -13.60 -9.95
N TYR D 20 -23.53 -12.69 -9.26
CA TYR D 20 -24.08 -11.36 -9.02
C TYR D 20 -24.07 -10.54 -10.31
N HIS D 21 -25.21 -9.96 -10.63
CA HIS D 21 -25.36 -9.05 -11.77
C HIS D 21 -25.69 -7.66 -11.25
N LEU D 22 -25.47 -6.66 -12.10
CA LEU D 22 -25.87 -5.30 -11.74
C LEU D 22 -27.37 -5.11 -11.75
N SER D 23 -28.13 -6.07 -12.28
CA SER D 23 -29.58 -6.03 -12.16
C SER D 23 -30.05 -6.42 -10.77
N ASP D 24 -29.16 -6.94 -9.93
CA ASP D 24 -29.49 -7.41 -8.60
C ASP D 24 -29.45 -6.29 -7.56
N THR D 25 -28.93 -5.13 -7.89
CA THR D 25 -28.76 -4.05 -6.93
C THR D 25 -30.05 -3.24 -6.80
N ASN D 26 -30.43 -2.95 -5.56
CA ASN D 26 -31.59 -2.11 -5.25
C ASN D 26 -31.11 -0.88 -4.48
N PRO D 27 -30.77 0.19 -5.18
CA PRO D 27 -30.36 1.43 -4.49
C PRO D 27 -31.45 1.99 -3.61
N GLU D 28 -32.72 1.79 -3.97
CA GLU D 28 -33.81 2.22 -3.09
C GLU D 28 -33.76 1.45 -1.78
N PHE D 29 -33.49 0.15 -1.83
CA PHE D 29 -33.31 -0.64 -0.62
C PHE D 29 -32.18 -0.08 0.23
N THR D 30 -31.04 0.25 -0.42
CA THR D 30 -29.92 0.80 0.35
C THR D 30 -30.30 2.13 1.00
N GLN D 31 -31.02 2.99 0.29
CA GLN D 31 -31.36 4.29 0.83
C GLN D 31 -32.35 4.17 1.98
N LYS D 32 -33.32 3.26 1.86
CA LYS D 32 -34.23 2.99 2.98
C LYS D 32 -33.48 2.48 4.19
N ILE D 33 -32.51 1.59 3.99
CA ILE D 33 -31.73 1.10 5.11
C ILE D 33 -30.95 2.24 5.77
N LEU D 34 -30.34 3.10 4.97
CA LEU D 34 -29.56 4.20 5.55
C LEU D 34 -30.46 5.12 6.35
N LYS D 35 -31.62 5.49 5.80
CA LYS D 35 -32.54 6.36 6.50
C LYS D 35 -32.99 5.75 7.82
N THR D 36 -33.48 4.51 7.77
CA THR D 36 -34.04 3.92 8.99
C THR D 36 -32.97 3.64 10.03
N SER D 37 -31.79 3.16 9.62
CA SER D 37 -30.76 2.81 10.56
C SER D 37 -30.04 4.02 11.15
N ARG D 38 -30.03 5.15 10.43
CA ARG D 38 -29.37 6.37 10.91
C ARG D 38 -27.87 6.13 11.11
N THR D 39 -27.28 5.32 10.25
CA THR D 39 -25.87 4.97 10.35
C THR D 39 -25.25 5.05 8.97
N ILE D 40 -23.92 5.19 8.95
CA ILE D 40 -23.18 5.28 7.68
C ILE D 40 -22.80 3.85 7.30
N ALA D 41 -23.76 3.16 6.69
CA ALA D 41 -23.55 1.74 6.38
C ALA D 41 -22.81 1.56 5.07
N ASN D 42 -22.93 2.49 4.15
CA ASN D 42 -22.24 2.41 2.87
C ASN D 42 -20.74 2.57 2.99
N MET D 43 -20.20 2.79 4.19
CA MET D 43 -18.79 3.05 4.36
C MET D 43 -18.05 1.85 4.91
N CYS D 44 -18.68 0.68 4.94
CA CYS D 44 -18.02 -0.53 5.38
C CYS D 44 -16.93 -0.94 4.41
N TYR D 45 -15.77 -1.31 4.94
CA TYR D 45 -14.72 -1.85 4.09
C TYR D 45 -14.35 -3.28 4.50
N GLN D 46 -15.30 -4.00 5.09
CA GLN D 46 -15.26 -5.45 5.20
C GLN D 46 -14.01 -5.94 5.94
N CYS D 47 -13.74 -5.33 7.08
CA CYS D 47 -12.61 -5.75 7.90
C CYS D 47 -12.87 -7.02 8.67
N GLY D 48 -14.12 -7.38 8.93
CA GLY D 48 -14.46 -8.58 9.66
C GLY D 48 -14.48 -8.47 11.17
N THR D 49 -14.29 -7.27 11.72
CA THR D 49 -14.30 -7.11 13.17
C THR D 49 -15.67 -7.43 13.76
N CYS D 50 -16.73 -7.01 13.07
CA CYS D 50 -18.09 -7.28 13.52
C CYS D 50 -18.35 -8.78 13.66
N THR D 51 -18.04 -9.55 12.62
CA THR D 51 -18.22 -11.00 12.70
C THR D 51 -17.29 -11.61 13.73
N GLY D 52 -16.07 -11.08 13.85
CA GLY D 52 -15.16 -11.61 14.85
C GLY D 52 -15.63 -11.39 16.26
N SER D 53 -16.49 -10.40 16.48
CA SER D 53 -17.01 -10.13 17.82
C SER D 53 -18.40 -10.72 18.07
N CYS D 54 -19.12 -11.12 17.02
CA CYS D 54 -20.49 -11.61 17.20
C CYS D 54 -20.54 -12.88 18.04
N PRO D 55 -21.44 -12.98 19.02
CA PRO D 55 -21.63 -14.24 19.74
C PRO D 55 -22.52 -15.24 19.03
N SER D 56 -23.27 -14.83 18.00
CA SER D 56 -24.09 -15.74 17.24
C SER D 56 -23.32 -16.43 16.12
N ALA D 57 -22.24 -15.82 15.64
CA ALA D 57 -21.50 -16.38 14.52
C ALA D 57 -20.87 -17.75 14.79
N PRO D 58 -20.26 -18.03 15.96
CA PRO D 58 -19.58 -19.32 16.13
C PRO D 58 -20.49 -20.53 16.14
N ARG D 59 -21.81 -20.36 16.14
CA ARG D 59 -22.73 -21.49 16.28
C ARG D 59 -23.80 -21.49 15.20
N SER D 60 -23.63 -20.74 14.14
CA SER D 60 -24.66 -20.65 13.13
C SER D 60 -24.00 -20.16 11.84
N SER D 61 -24.81 -19.93 10.83
CA SER D 61 -24.35 -19.36 9.57
C SER D 61 -24.52 -17.85 9.52
N TYR D 62 -24.89 -17.22 10.64
CA TYR D 62 -25.10 -15.79 10.69
C TYR D 62 -23.79 -15.03 10.54
N ARG D 63 -23.72 -14.14 9.55
CA ARG D 63 -22.54 -13.33 9.30
C ARG D 63 -22.97 -11.87 9.13
N ILE D 64 -22.72 -11.07 10.15
CA ILE D 64 -23.11 -9.67 10.11
C ILE D 64 -22.34 -8.93 9.03
N ARG D 65 -21.08 -9.28 8.80
CA ARG D 65 -20.33 -8.65 7.72
C ARG D 65 -20.96 -8.94 6.36
N LEU D 66 -21.44 -10.17 6.18
CA LEU D 66 -22.14 -10.51 4.95
C LEU D 66 -23.41 -9.69 4.80
N PHE D 67 -24.14 -9.48 5.91
CA PHE D 67 -25.32 -8.62 5.83
C PHE D 67 -24.96 -7.18 5.47
N MET D 68 -23.84 -6.68 6.00
CA MET D 68 -23.38 -5.34 5.64
C MET D 68 -23.04 -5.26 4.15
N ARG D 69 -22.39 -6.30 3.62
CA ARG D 69 -22.08 -6.33 2.20
C ARG D 69 -23.35 -6.35 1.35
N ARG D 70 -24.35 -7.12 1.77
CA ARG D 70 -25.62 -7.14 1.05
C ARG D 70 -26.29 -5.78 1.09
N CYS D 71 -26.24 -5.10 2.23
CA CYS D 71 -26.77 -3.74 2.31
C CYS D 71 -26.06 -2.81 1.33
N VAL D 72 -24.73 -2.88 1.29
CA VAL D 72 -23.97 -2.00 0.41
C VAL D 72 -24.31 -2.27 -1.05
N LEU D 73 -24.39 -3.53 -1.43
CA LEU D 73 -24.66 -3.90 -2.82
C LEU D 73 -26.14 -3.86 -3.18
N GLY D 74 -27.03 -3.63 -2.21
CA GLY D 74 -28.44 -3.52 -2.54
C GLY D 74 -29.13 -4.85 -2.76
N LEU D 75 -28.65 -5.92 -2.14
CA LEU D 75 -29.18 -7.26 -2.36
C LEU D 75 -30.40 -7.48 -1.48
N GLU D 76 -31.47 -6.78 -1.85
CA GLU D 76 -32.80 -7.05 -1.36
C GLU D 76 -33.30 -8.35 -1.98
N ASN D 77 -34.05 -9.11 -1.19
CA ASN D 77 -34.46 -10.50 -1.41
C ASN D 77 -33.33 -11.48 -1.15
N GLU D 78 -32.10 -11.03 -0.94
CA GLU D 78 -31.06 -11.86 -0.34
C GLU D 78 -30.93 -11.59 1.15
N ALA D 79 -30.96 -10.31 1.53
CA ALA D 79 -30.87 -9.96 2.94
C ALA D 79 -32.18 -10.27 3.67
N LEU D 80 -33.32 -9.89 3.10
CA LEU D 80 -34.58 -9.93 3.85
C LEU D 80 -35.06 -11.35 4.07
N THR D 81 -34.89 -12.22 3.10
CA THR D 81 -35.39 -13.58 3.21
C THR D 81 -34.43 -14.51 3.94
N ASP D 82 -33.26 -14.05 4.33
CA ASP D 82 -32.31 -14.90 5.03
C ASP D 82 -32.86 -15.24 6.41
N PRO D 83 -33.06 -16.52 6.73
CA PRO D 83 -33.53 -16.87 8.07
C PRO D 83 -32.55 -16.50 9.17
N ASP D 84 -31.28 -16.31 8.85
CA ASP D 84 -30.36 -15.79 9.86
C ASP D 84 -30.35 -14.28 9.89
N LEU D 85 -31.52 -13.67 9.84
CA LEU D 85 -31.67 -12.26 10.12
C LEU D 85 -32.20 -12.05 11.53
N TRP D 86 -32.70 -13.12 12.15
CA TRP D 86 -33.29 -13.08 13.47
C TRP D 86 -32.44 -13.76 14.52
N LEU D 87 -31.16 -13.97 14.22
CA LEU D 87 -30.23 -14.53 15.19
C LEU D 87 -29.35 -13.47 15.83
N CYS D 88 -29.56 -12.20 15.51
CA CYS D 88 -28.85 -11.12 16.17
C CYS D 88 -29.48 -10.85 17.53
N THR D 89 -28.68 -10.91 18.59
CA THR D 89 -29.15 -10.60 19.93
C THR D 89 -29.09 -9.11 20.24
N THR D 90 -28.66 -8.29 19.30
CA THR D 90 -28.46 -6.86 19.50
C THR D 90 -27.59 -6.59 20.73
N CYS D 91 -26.51 -7.36 20.86
CA CYS D 91 -25.57 -7.16 21.94
C CYS D 91 -24.68 -5.95 21.73
N TYR D 92 -24.64 -5.41 20.51
CA TYR D 92 -23.91 -4.19 20.15
C TYR D 92 -22.40 -4.32 20.25
N SER D 93 -21.85 -5.54 20.25
CA SER D 93 -20.40 -5.67 20.23
C SER D 93 -19.82 -5.21 18.90
N CYS D 94 -20.49 -5.54 17.80
CA CYS D 94 -20.04 -5.08 16.50
C CYS D 94 -20.00 -3.56 16.43
N THR D 95 -21.06 -2.91 16.92
CA THR D 95 -21.10 -1.45 16.93
C THR D 95 -20.04 -0.90 17.86
N ASP D 96 -19.78 -1.60 18.95
CA ASP D 96 -18.75 -1.17 19.88
C ASP D 96 -17.36 -1.17 19.24
N ARG D 97 -17.12 -2.08 18.29
CA ARG D 97 -15.76 -2.26 17.78
C ARG D 97 -15.53 -1.83 16.34
N CYS D 98 -16.54 -1.48 15.58
CA CYS D 98 -16.34 -1.18 14.16
C CYS D 98 -15.36 -0.01 14.00
N PRO D 99 -14.33 -0.14 13.17
CA PRO D 99 -13.37 0.96 12.98
C PRO D 99 -13.90 2.09 12.15
N ARG D 100 -15.05 1.94 11.49
CA ARG D 100 -15.61 2.95 10.63
C ARG D 100 -16.77 3.70 11.28
N ASP D 101 -17.05 3.47 12.55
CA ASP D 101 -18.23 4.01 13.24
C ASP D 101 -19.52 3.66 12.51
N ILE D 102 -19.69 2.39 12.22
CA ILE D 102 -20.94 1.88 11.69
C ILE D 102 -21.66 1.17 12.82
N ALA D 103 -22.98 1.16 12.74
CA ALA D 103 -23.82 0.40 13.65
C ALA D 103 -24.44 -0.76 12.87
N PRO D 104 -23.73 -1.87 12.72
CA PRO D 104 -24.28 -3.01 11.99
C PRO D 104 -25.55 -3.55 12.61
N THR D 105 -25.67 -3.51 13.93
CA THR D 105 -26.90 -3.94 14.57
C THR D 105 -28.05 -3.00 14.28
N ASP D 106 -27.78 -1.71 14.07
CA ASP D 106 -28.85 -0.83 13.63
C ASP D 106 -29.24 -1.11 12.19
N VAL D 107 -28.28 -1.50 11.36
CA VAL D 107 -28.62 -1.96 10.01
C VAL D 107 -29.49 -3.22 10.07
N ILE D 108 -29.16 -4.13 10.98
CA ILE D 108 -29.96 -5.33 11.19
C ILE D 108 -31.39 -4.95 11.59
N MET D 109 -31.53 -3.98 12.49
CA MET D 109 -32.84 -3.57 12.94
C MET D 109 -33.67 -3.00 11.79
N ALA D 110 -33.04 -2.16 10.95
CA ALA D 110 -33.75 -1.62 9.79
C ALA D 110 -34.15 -2.74 8.82
N MET D 111 -33.27 -3.70 8.61
CA MET D 111 -33.60 -4.84 7.76
C MET D 111 -34.78 -5.63 8.32
N ARG D 112 -34.82 -5.82 9.64
CA ARG D 112 -35.93 -6.52 10.25
C ARG D 112 -37.24 -5.76 10.05
N ASN D 113 -37.19 -4.43 10.12
CA ASN D 113 -38.40 -3.65 9.86
C ASN D 113 -38.87 -3.84 8.42
N LEU D 114 -37.95 -3.83 7.46
CA LEU D 114 -38.35 -4.05 6.07
C LEU D 114 -38.89 -5.47 5.86
N ALA D 115 -38.29 -6.45 6.54
CA ALA D 115 -38.80 -7.81 6.45
C ALA D 115 -40.21 -7.92 7.01
N PHE D 116 -40.48 -7.24 8.12
CA PHE D 116 -41.85 -7.23 8.63
C PHE D 116 -42.80 -6.57 7.64
N LYS D 117 -42.39 -5.47 7.04
CA LYS D 117 -43.27 -4.82 6.06
C LYS D 117 -43.53 -5.68 4.84
N ARG D 118 -42.62 -6.59 4.50
CA ARG D 118 -42.90 -7.57 3.45
C ARG D 118 -43.42 -8.90 4.00
N ASP D 119 -43.76 -8.96 5.29
CA ASP D 119 -44.48 -10.05 5.96
C ASP D 119 -43.62 -11.24 6.37
N ILE D 120 -42.30 -11.13 6.33
CA ILE D 120 -41.43 -12.15 6.90
C ILE D 120 -41.14 -11.75 8.34
N VAL D 121 -41.59 -12.57 9.28
CA VAL D 121 -41.41 -12.26 10.71
C VAL D 121 -41.75 -13.48 11.54
N PRO D 122 -40.92 -13.83 12.53
CA PRO D 122 -41.25 -14.95 13.41
C PRO D 122 -42.47 -14.65 14.28
N LYS D 123 -43.12 -15.72 14.73
CA LYS D 123 -44.41 -15.61 15.38
C LYS D 123 -44.34 -15.10 16.81
N ASN D 124 -43.19 -15.22 17.47
CA ASN D 124 -43.08 -14.68 18.82
C ASN D 124 -43.25 -13.17 18.81
N PHE D 125 -42.74 -12.52 17.77
CA PHE D 125 -42.89 -11.07 17.65
C PHE D 125 -44.37 -10.68 17.55
N LEU D 126 -45.12 -11.40 16.73
CA LEU D 126 -46.55 -11.12 16.59
C LEU D 126 -47.31 -11.40 17.88
N GLN D 127 -46.94 -12.47 18.58
CA GLN D 127 -47.60 -12.77 19.85
C GLN D 127 -47.32 -11.69 20.88
N THR D 128 -46.10 -11.17 20.91
CA THR D 128 -45.79 -10.06 21.80
C THR D 128 -46.60 -8.83 21.43
N VAL D 129 -46.79 -8.58 20.14
CA VAL D 129 -47.65 -7.48 19.72
C VAL D 129 -49.05 -7.66 20.26
N GLN D 130 -49.58 -8.88 20.17
CA GLN D 130 -50.93 -9.15 20.69
C GLN D 130 -50.99 -8.88 22.19
N LEU D 131 -49.99 -9.36 22.93
CA LEU D 131 -50.00 -9.17 24.38
C LEU D 131 -49.93 -7.70 24.76
N ILE D 132 -49.08 -6.93 24.10
CA ILE D 132 -48.94 -5.52 24.42
C ILE D 132 -50.20 -4.77 24.03
N TYR D 133 -50.85 -5.16 22.93
CA TYR D 133 -52.12 -4.55 22.57
C TYR D 133 -53.17 -4.81 23.64
N ASN D 134 -53.24 -6.05 24.14
CA ASN D 134 -54.30 -6.39 25.07
C ASN D 134 -54.09 -5.75 26.44
N SER D 135 -52.86 -5.81 26.95
CA SER D 135 -52.60 -5.38 28.32
C SER D 135 -51.51 -4.33 28.47
N GLY D 136 -50.81 -3.96 27.41
CA GLY D 136 -49.70 -3.05 27.53
C GLY D 136 -48.43 -3.65 28.08
N HIS D 137 -48.39 -4.96 28.30
CA HIS D 137 -47.24 -5.61 28.92
C HIS D 137 -46.81 -6.80 28.07
N GLY D 138 -45.53 -6.82 27.71
CA GLY D 138 -45.00 -7.97 26.99
C GLY D 138 -45.00 -9.24 27.81
N VAL D 139 -44.77 -9.13 29.11
CA VAL D 139 -44.82 -10.26 30.02
C VAL D 139 -45.87 -9.97 31.08
N PRO D 140 -47.13 -10.36 30.87
CA PRO D 140 -48.21 -9.93 31.76
C PRO D 140 -48.27 -10.76 33.05
N ASN D 141 -49.04 -10.24 33.99
CA ASN D 141 -49.24 -10.86 35.29
C ASN D 141 -50.19 -12.04 35.19
N ASN D 142 -50.05 -12.99 36.12
CA ASN D 142 -50.96 -14.12 36.22
C ASN D 142 -51.38 -14.30 37.68
N ASP D 143 -52.24 -15.29 37.91
CA ASP D 143 -52.81 -15.50 39.23
C ASP D 143 -51.74 -15.90 40.25
N VAL D 144 -50.81 -16.76 39.87
CA VAL D 144 -49.80 -17.21 40.82
C VAL D 144 -48.89 -16.07 41.23
N ASN D 145 -48.55 -15.18 40.28
CA ASN D 145 -47.74 -14.04 40.65
C ASN D 145 -48.53 -13.03 41.45
N ARG D 146 -49.84 -12.88 41.20
CA ARG D 146 -50.64 -12.04 42.07
C ARG D 146 -50.63 -12.56 43.50
N ALA D 147 -50.76 -13.87 43.67
CA ALA D 147 -50.69 -14.46 45.00
C ALA D 147 -49.32 -14.24 45.64
N ALA D 148 -48.24 -14.40 44.84
CA ALA D 148 -46.91 -14.18 45.38
C ALA D 148 -46.70 -12.74 45.82
N ARG D 149 -47.16 -11.78 45.00
CA ARG D 149 -47.05 -10.38 45.37
C ARG D 149 -47.83 -10.08 46.64
N THR D 150 -49.04 -10.65 46.76
CA THR D 150 -49.81 -10.46 47.98
C THR D 150 -49.09 -11.01 49.20
N LYS D 151 -48.52 -12.22 49.08
CA LYS D 151 -47.81 -12.79 50.22
C LYS D 151 -46.57 -11.96 50.56
N LEU D 152 -45.94 -11.35 49.56
CA LEU D 152 -44.84 -10.42 49.83
C LEU D 152 -45.33 -9.22 50.63
N GLY D 153 -46.45 -8.64 50.21
CA GLY D 153 -46.94 -7.40 50.79
C GLY D 153 -47.20 -6.31 49.77
N LEU D 154 -46.79 -6.51 48.52
CA LEU D 154 -47.12 -5.58 47.47
C LEU D 154 -48.59 -5.71 47.10
N PRO D 155 -49.16 -4.69 46.45
CA PRO D 155 -50.50 -4.84 45.90
C PRO D 155 -50.54 -5.96 44.87
N ALA D 156 -51.71 -6.57 44.73
CA ALA D 156 -51.85 -7.75 43.88
C ALA D 156 -51.52 -7.43 42.42
N ASP D 157 -51.56 -6.17 42.02
CA ASP D 157 -51.15 -5.76 40.69
C ASP D 157 -50.19 -4.58 40.79
N PRO D 158 -49.23 -4.50 39.88
CA PRO D 158 -48.28 -3.39 39.90
C PRO D 158 -48.95 -2.10 39.48
N PRO D 159 -48.33 -0.95 39.80
CA PRO D 159 -48.94 0.35 39.46
C PRO D 159 -49.08 0.62 37.97
N THR D 160 -48.80 -0.38 37.14
CA THR D 160 -48.80 -0.20 35.69
C THR D 160 -50.21 -0.20 35.09
N THR D 161 -50.29 -0.35 33.77
CA THR D 161 -51.57 -0.47 33.10
C THR D 161 -52.32 -1.74 33.49
N HIS D 162 -51.71 -2.61 34.29
CA HIS D 162 -52.45 -3.71 34.89
C HIS D 162 -53.40 -3.22 35.97
N SER D 163 -53.09 -2.09 36.60
CA SER D 163 -53.95 -1.51 37.61
C SER D 163 -54.57 -0.20 37.16
N TYR D 164 -54.16 0.37 36.03
CA TYR D 164 -54.76 1.58 35.47
C TYR D 164 -55.14 1.32 34.01
N PRO D 165 -56.22 0.59 33.78
CA PRO D 165 -56.56 0.14 32.42
C PRO D 165 -56.99 1.25 31.48
N GLU D 166 -57.04 2.51 31.90
CA GLU D 166 -57.44 3.57 30.99
C GLU D 166 -56.32 3.99 30.04
N PHE D 167 -55.05 3.77 30.41
CA PHE D 167 -53.95 4.04 29.52
C PHE D 167 -53.80 2.99 28.42
N VAL D 168 -54.40 1.82 28.60
CA VAL D 168 -54.33 0.78 27.59
C VAL D 168 -54.94 1.28 26.30
N LYS D 169 -55.99 2.08 26.39
CA LYS D 169 -56.64 2.62 25.20
C LYS D 169 -55.71 3.54 24.43
N GLY D 170 -54.92 4.36 25.13
CA GLY D 170 -53.93 5.18 24.46
C GLY D 170 -52.83 4.36 23.80
N ILE D 171 -52.36 3.32 24.49
CA ILE D 171 -51.38 2.42 23.87
C ILE D 171 -51.95 1.79 22.61
N GLN D 172 -53.22 1.38 22.67
CA GLN D 172 -53.86 0.75 21.51
C GLN D 172 -53.98 1.74 20.36
N LYS D 173 -54.27 3.00 20.65
CA LYS D 173 -54.33 3.97 19.56
C LYS D 173 -52.95 4.19 18.96
N ILE D 174 -51.90 4.21 19.78
CA ILE D 174 -50.54 4.32 19.24
C ILE D 174 -50.24 3.16 18.29
N ILE D 175 -50.56 1.94 18.72
CA ILE D 175 -50.29 0.78 17.87
C ILE D 175 -51.14 0.82 16.61
N ASP D 176 -52.41 1.18 16.74
CA ASP D 176 -53.31 1.21 15.59
C ASP D 176 -52.90 2.27 14.58
N HIS D 177 -52.27 3.36 15.04
CA HIS D 177 -51.85 4.40 14.10
C HIS D 177 -50.86 3.86 13.09
N TYR D 178 -49.95 2.99 13.54
CA TYR D 178 -48.99 2.35 12.65
C TYR D 178 -49.52 1.04 12.07
N GLU D 179 -50.69 0.58 12.52
CA GLU D 179 -51.39 -0.57 11.96
C GLU D 179 -50.71 -1.88 12.34
N LEU D 180 -49.96 -1.84 13.44
CA LEU D 180 -49.18 -3.00 13.85
C LEU D 180 -50.07 -4.18 14.18
N LYS D 181 -51.17 -3.93 14.89
CA LYS D 181 -52.11 -5.00 15.21
C LYS D 181 -52.78 -5.55 13.96
N GLU D 182 -53.21 -4.66 13.07
CA GLU D 182 -53.89 -5.07 11.85
C GLU D 182 -52.99 -5.87 10.93
N ASN D 183 -51.67 -5.70 11.05
CA ASN D 183 -50.78 -6.56 10.29
C ASN D 183 -50.44 -7.84 11.04
N ALA D 184 -50.25 -7.76 12.36
CA ALA D 184 -49.88 -8.93 13.12
C ALA D 184 -50.96 -10.00 13.09
N ASP D 185 -52.22 -9.59 13.27
CA ASP D 185 -53.29 -10.58 13.25
C ASP D 185 -53.45 -11.19 11.87
N ARG D 186 -53.32 -10.38 10.82
CA ARG D 186 -53.42 -10.90 9.47
C ARG D 186 -52.33 -11.91 9.17
N ILE D 187 -51.09 -11.61 9.58
CA ILE D 187 -50.00 -12.55 9.34
C ILE D 187 -50.19 -13.82 10.15
N LEU D 188 -50.63 -13.68 11.41
CA LEU D 188 -50.89 -14.84 12.24
C LEU D 188 -51.98 -15.74 11.65
N LYS D 189 -52.97 -15.14 10.99
CA LYS D 189 -54.02 -15.93 10.35
C LYS D 189 -53.48 -16.60 9.10
N GLY D 190 -53.26 -17.91 9.19
CA GLY D 190 -52.76 -18.67 8.05
C GLY D 190 -52.57 -20.14 8.35
N MET E 1 -32.92 12.98 50.85
CA MET E 1 -33.50 11.82 50.18
C MET E 1 -33.90 12.16 48.76
N HIS E 2 -33.11 11.72 47.80
CA HIS E 2 -33.41 11.95 46.40
C HIS E 2 -34.63 11.13 45.99
N GLU E 3 -35.44 11.69 45.10
CA GLU E 3 -36.69 11.07 44.67
C GLU E 3 -36.64 10.79 43.17
N TYR E 4 -37.02 9.58 42.78
CA TYR E 4 -37.05 9.17 41.39
C TYR E 4 -38.34 8.43 41.11
N ALA E 5 -38.87 8.62 39.91
CA ALA E 5 -39.95 7.78 39.43
C ALA E 5 -39.41 6.39 39.11
N PHE E 6 -40.09 5.36 39.59
CA PHE E 6 -39.63 3.98 39.47
C PHE E 6 -40.36 3.31 38.31
N PHE E 7 -39.65 3.03 37.22
CA PHE E 7 -40.32 2.63 35.99
C PHE E 7 -40.93 1.24 36.09
N LEU E 8 -40.16 0.26 36.59
CA LEU E 8 -40.75 -1.05 36.87
C LEU E 8 -41.36 -1.75 35.65
N GLY E 9 -40.55 -2.31 34.76
CA GLY E 9 -41.09 -2.83 33.51
C GLY E 9 -41.91 -4.09 33.67
N CYS E 10 -41.76 -5.06 32.79
CA CYS E 10 -42.66 -6.21 32.80
C CYS E 10 -42.19 -7.36 33.66
N ILE E 11 -40.93 -7.76 33.58
CA ILE E 11 -40.52 -9.01 34.20
C ILE E 11 -40.35 -8.91 35.70
N ALA E 12 -39.82 -7.80 36.19
CA ALA E 12 -39.64 -7.67 37.64
C ALA E 12 -40.96 -7.71 38.39
N PRO E 13 -41.99 -6.96 37.99
CA PRO E 13 -43.24 -7.02 38.75
C PRO E 13 -44.02 -8.31 38.55
N ASN E 14 -43.92 -8.93 37.39
CA ASN E 14 -44.80 -10.05 37.03
C ASN E 14 -44.10 -11.41 37.09
N ARG E 15 -42.81 -11.46 37.27
CA ARG E 15 -42.16 -12.75 37.44
C ARG E 15 -41.28 -12.81 38.68
N TYR E 16 -40.62 -11.71 39.03
CA TYR E 16 -39.68 -11.67 40.14
C TYR E 16 -40.00 -10.49 41.05
N PRO E 17 -41.17 -10.51 41.69
CA PRO E 17 -41.59 -9.34 42.48
C PRO E 17 -40.67 -9.03 43.64
N GLY E 18 -39.93 -10.02 44.13
CA GLY E 18 -38.95 -9.76 45.18
C GLY E 18 -37.91 -8.76 44.73
N CYS E 19 -37.58 -8.75 43.44
CA CYS E 19 -36.64 -7.76 42.91
C CYS E 19 -37.15 -6.35 43.15
N GLU E 20 -38.41 -6.06 42.80
CA GLU E 20 -38.94 -4.72 42.98
C GLU E 20 -39.15 -4.39 44.46
N ALA E 21 -39.56 -5.37 45.26
CA ALA E 21 -39.75 -5.13 46.68
C ALA E 21 -38.44 -4.76 47.35
N SER E 22 -37.39 -5.54 47.09
CA SER E 22 -36.08 -5.21 47.63
C SER E 22 -35.56 -3.91 47.06
N ALA E 23 -35.88 -3.61 45.80
CA ALA E 23 -35.47 -2.33 45.23
C ALA E 23 -36.00 -1.18 46.07
N ILE E 24 -37.31 -1.18 46.34
CA ILE E 24 -37.90 -0.09 47.10
C ILE E 24 -37.31 -0.05 48.50
N LYS E 25 -37.23 -1.19 49.18
CA LYS E 25 -36.76 -1.20 50.57
C LYS E 25 -35.32 -0.74 50.69
N THR E 26 -34.41 -1.33 49.90
CA THR E 26 -33.01 -1.00 49.99
C THR E 26 -32.73 0.43 49.52
N SER E 27 -33.41 0.87 48.47
CA SER E 27 -33.24 2.25 48.02
C SER E 27 -33.69 3.22 49.10
N GLU E 28 -34.75 2.88 49.84
CA GLU E 28 -35.16 3.75 50.94
C GLU E 28 -34.17 3.71 52.08
N LYS E 29 -33.56 2.55 52.34
CA LYS E 29 -32.57 2.48 53.42
C LYS E 29 -31.38 3.38 53.12
N VAL E 30 -30.87 3.33 51.90
CA VAL E 30 -29.93 4.34 51.44
C VAL E 30 -30.75 5.57 51.07
N GLY E 31 -30.10 6.69 50.78
CA GLY E 31 -30.87 7.92 50.63
C GLY E 31 -31.60 8.11 49.31
N ILE E 32 -32.45 7.17 48.92
CA ILE E 32 -33.16 7.23 47.64
C ILE E 32 -34.63 6.89 47.87
N LYS E 33 -35.52 7.60 47.16
CA LYS E 33 -36.95 7.42 47.31
C LYS E 33 -37.53 7.07 45.95
N LEU E 34 -38.06 5.87 45.82
CA LEU E 34 -38.54 5.34 44.55
C LEU E 34 -40.06 5.45 44.48
N LEU E 35 -40.55 6.37 43.66
CA LEU E 35 -41.96 6.68 43.51
C LEU E 35 -42.58 5.87 42.38
N PRO E 36 -43.78 5.32 42.59
CA PRO E 36 -44.44 4.57 41.52
C PRO E 36 -44.70 5.44 40.30
N LEU E 37 -44.56 4.84 39.12
CA LEU E 37 -44.91 5.51 37.88
C LEU E 37 -46.37 5.20 37.55
N LYS E 38 -47.11 6.25 37.22
CA LYS E 38 -48.57 6.15 37.16
C LYS E 38 -48.99 5.67 35.78
N GLY E 39 -49.36 4.39 35.69
CA GLY E 39 -49.81 3.84 34.43
C GLY E 39 -48.74 3.60 33.40
N ALA E 40 -47.49 3.40 33.84
CA ALA E 40 -46.45 3.00 32.91
C ALA E 40 -46.75 1.62 32.35
N SER E 41 -46.19 1.34 31.19
CA SER E 41 -46.43 0.06 30.54
C SER E 41 -45.11 -0.62 30.23
N CYS E 42 -45.17 -1.69 29.44
CA CYS E 42 -43.97 -2.19 28.79
C CYS E 42 -43.23 -1.04 28.15
N CYS E 43 -42.00 -0.80 28.57
CA CYS E 43 -41.11 -0.10 27.70
C CYS E 43 -41.10 -0.93 26.43
N PRO E 44 -41.37 -0.38 25.29
CA PRO E 44 -41.44 -1.25 24.13
C PRO E 44 -40.12 -1.99 24.05
N ALA E 45 -40.15 -3.28 24.36
CA ALA E 45 -38.93 -4.03 24.60
C ALA E 45 -38.03 -3.93 23.38
N PRO E 46 -36.78 -3.52 23.55
CA PRO E 46 -36.00 -3.07 22.40
C PRO E 46 -35.83 -4.13 21.32
N GLY E 47 -35.68 -5.40 21.70
CA GLY E 47 -35.51 -6.43 20.71
C GLY E 47 -36.82 -6.83 20.06
N ALA E 48 -37.73 -7.38 20.86
CA ALA E 48 -38.95 -7.98 20.34
C ALA E 48 -39.91 -6.96 19.76
N PHE E 49 -39.65 -5.68 19.89
CA PHE E 49 -40.62 -4.69 19.44
C PHE E 49 -39.94 -3.67 18.53
N GLY E 50 -38.68 -3.37 18.85
CA GLY E 50 -37.86 -2.59 17.94
C GLY E 50 -37.56 -3.33 16.66
N SER E 51 -37.43 -4.66 16.71
CA SER E 51 -37.25 -5.44 15.50
C SER E 51 -38.45 -5.33 14.59
N ILE E 52 -39.64 -5.14 15.14
CA ILE E 52 -40.84 -5.04 14.34
C ILE E 52 -41.02 -3.64 13.77
N ASP E 53 -41.01 -2.62 14.64
CA ASP E 53 -41.33 -1.27 14.17
C ASP E 53 -40.68 -0.22 15.05
N LEU E 54 -39.70 0.48 14.48
CA LEU E 54 -38.97 1.49 15.24
C LEU E 54 -39.82 2.70 15.57
N ASN E 55 -40.76 3.05 14.71
CA ASN E 55 -41.61 4.22 14.99
C ASN E 55 -42.52 3.99 16.18
N VAL E 56 -43.11 2.80 16.28
CA VAL E 56 -43.95 2.53 17.44
C VAL E 56 -43.09 2.30 18.67
N TRP E 57 -41.87 1.79 18.49
CA TRP E 57 -40.92 1.77 19.60
C TRP E 57 -40.71 3.18 20.17
N TYR E 58 -40.44 4.13 19.27
CA TYR E 58 -40.24 5.51 19.69
C TYR E 58 -41.47 6.05 20.40
N ALA E 59 -42.65 5.83 19.82
CA ALA E 59 -43.87 6.39 20.39
C ALA E 59 -44.15 5.85 21.78
N MET E 60 -44.02 4.53 21.98
CA MET E 60 -44.32 3.98 23.30
C MET E 60 -43.27 4.39 24.33
N ALA E 61 -41.99 4.39 23.95
CA ALA E 61 -40.99 4.83 24.91
C ALA E 61 -41.21 6.31 25.27
N ALA E 62 -41.62 7.12 24.30
CA ALA E 62 -41.87 8.53 24.58
C ALA E 62 -43.08 8.70 25.48
N ARG E 63 -44.10 7.87 25.32
CA ARG E 63 -45.25 7.93 26.23
C ARG E 63 -44.82 7.61 27.66
N ASN E 64 -44.00 6.57 27.81
CA ASN E 64 -43.48 6.25 29.13
C ASN E 64 -42.66 7.41 29.70
N LEU E 65 -41.94 8.12 28.84
CA LEU E 65 -41.13 9.23 29.31
C LEU E 65 -41.99 10.43 29.71
N VAL E 66 -43.07 10.68 28.98
CA VAL E 66 -43.88 11.84 29.29
C VAL E 66 -44.77 11.62 30.50
N LEU E 67 -45.05 10.37 30.86
CA LEU E 67 -45.68 10.12 32.16
C LEU E 67 -44.84 10.70 33.29
N ALA E 68 -43.56 10.33 33.34
CA ALA E 68 -42.67 10.88 34.36
C ALA E 68 -42.38 12.35 34.14
N GLU E 69 -42.49 12.84 32.90
CA GLU E 69 -42.36 14.27 32.65
C GLU E 69 -43.47 15.04 33.35
N GLU E 70 -44.72 14.57 33.20
CA GLU E 70 -45.82 15.19 33.93
C GLU E 70 -45.63 15.04 35.43
N MET E 71 -45.10 13.90 35.87
CA MET E 71 -44.77 13.76 37.28
C MET E 71 -43.65 14.70 37.71
N LYS E 72 -42.89 15.24 36.75
CA LYS E 72 -41.74 16.12 37.02
C LYS E 72 -40.70 15.43 37.89
N LYS E 73 -40.24 14.27 37.43
CA LYS E 73 -39.28 13.47 38.18
C LYS E 73 -38.33 12.79 37.21
N ASP E 74 -37.22 12.28 37.75
CA ASP E 74 -36.23 11.54 36.98
C ASP E 74 -36.52 10.06 37.08
N ILE E 75 -36.48 9.37 35.93
CA ILE E 75 -36.74 7.93 35.89
C ILE E 75 -35.59 7.19 36.56
N ALA E 76 -35.92 6.17 37.35
CA ALA E 76 -34.96 5.19 37.83
C ALA E 76 -35.39 3.80 37.38
N LEU E 77 -34.42 3.01 36.92
CA LEU E 77 -34.68 1.72 36.29
C LEU E 77 -33.92 0.62 37.01
N ILE E 78 -34.33 -0.62 36.77
CA ILE E 78 -33.59 -1.76 37.27
C ILE E 78 -33.36 -2.80 36.18
N CYS E 79 -33.61 -2.44 34.93
CA CYS E 79 -33.45 -3.38 33.83
C CYS E 79 -32.58 -2.78 32.74
N ASN E 80 -31.62 -3.54 32.22
CA ASN E 80 -30.76 -3.05 31.11
C ASN E 80 -31.58 -2.88 29.83
N GLY E 81 -32.53 -3.76 29.53
CA GLY E 81 -33.34 -3.58 28.34
C GLY E 81 -34.26 -2.38 28.44
N CYS E 82 -34.87 -2.20 29.60
CA CYS E 82 -35.69 -1.02 29.84
C CYS E 82 -34.84 0.23 29.78
N TYR E 83 -33.61 0.17 30.28
CA TYR E 83 -32.70 1.29 30.15
C TYR E 83 -32.46 1.61 28.69
N LYS E 84 -32.18 0.59 27.88
CA LYS E 84 -32.01 0.83 26.46
C LYS E 84 -33.20 1.59 25.90
N SER E 85 -34.40 1.01 26.03
CA SER E 85 -35.59 1.67 25.47
C SER E 85 -35.74 3.09 25.99
N ILE E 86 -35.92 3.25 27.29
CA ILE E 86 -36.28 4.55 27.87
C ILE E 86 -35.15 5.55 27.66
N TRP E 87 -33.97 5.25 28.17
CA TRP E 87 -32.87 6.20 28.11
C TRP E 87 -32.49 6.54 26.69
N GLU E 88 -32.43 5.54 25.80
CA GLU E 88 -31.95 5.81 24.45
C GLU E 88 -32.98 6.57 23.65
N VAL E 89 -34.28 6.28 23.81
CA VAL E 89 -35.28 7.08 23.12
C VAL E 89 -35.30 8.50 23.66
N ASN E 90 -35.13 8.65 24.97
CA ASN E 90 -35.00 9.99 25.54
C ASN E 90 -33.84 10.75 24.91
N HIS E 91 -32.68 10.09 24.80
CA HIS E 91 -31.50 10.73 24.25
C HIS E 91 -31.68 11.07 22.77
N ILE E 92 -32.30 10.16 22.00
CA ILE E 92 -32.48 10.39 20.57
C ILE E 92 -33.46 11.52 20.32
N LEU E 93 -34.57 11.54 21.08
CA LEU E 93 -35.58 12.57 20.91
C LEU E 93 -35.20 13.86 21.60
N LYS E 94 -34.11 13.89 22.36
CA LYS E 94 -33.66 15.19 22.83
C LYS E 94 -32.84 15.92 21.78
N HIS E 95 -32.46 15.25 20.69
CA HIS E 95 -31.53 15.85 19.73
C HIS E 95 -32.03 15.80 18.29
N ASN E 96 -32.91 14.85 17.95
CA ASN E 96 -33.37 14.70 16.57
C ASN E 96 -34.73 15.37 16.41
N ASP E 97 -34.75 16.46 15.63
CA ASP E 97 -35.93 17.31 15.57
C ASP E 97 -37.06 16.67 14.78
N GLU E 98 -36.76 16.03 13.65
CA GLU E 98 -37.83 15.45 12.86
C GLU E 98 -38.44 14.25 13.58
N LEU E 99 -37.64 13.52 14.36
CA LEU E 99 -38.18 12.44 15.15
C LEU E 99 -39.02 12.98 16.31
N ARG E 100 -38.58 14.07 16.96
CA ARG E 100 -39.46 14.73 17.91
C ARG E 100 -40.80 15.07 17.27
N ASP E 101 -40.76 15.67 16.09
CA ASP E 101 -41.99 16.11 15.46
C ASP E 101 -42.89 14.92 15.18
N ASN E 102 -42.34 13.85 14.60
CA ASN E 102 -43.15 12.68 14.27
C ASN E 102 -43.77 12.07 15.52
N VAL E 103 -42.98 11.88 16.57
CA VAL E 103 -43.50 11.30 17.80
C VAL E 103 -44.57 12.20 18.40
N ASN E 104 -44.37 13.51 18.31
CA ASN E 104 -45.34 14.44 18.90
C ASN E 104 -46.65 14.43 18.16
N GLU E 105 -46.63 14.34 16.83
CA GLU E 105 -47.92 14.26 16.14
C GLU E 105 -48.54 12.88 16.22
N VAL E 106 -47.77 11.86 16.61
CA VAL E 106 -48.42 10.60 16.96
C VAL E 106 -49.07 10.69 18.33
N LEU E 107 -48.37 11.28 19.29
CA LEU E 107 -48.85 11.39 20.66
C LEU E 107 -49.98 12.39 20.82
N ALA E 108 -50.11 13.35 19.90
CA ALA E 108 -51.18 14.32 19.97
C ALA E 108 -52.56 13.68 19.81
N GLU E 109 -52.63 12.44 19.33
CA GLU E 109 -53.91 11.74 19.28
C GLU E 109 -54.35 11.28 20.66
N ILE E 110 -53.47 11.32 21.65
CA ILE E 110 -53.83 10.96 23.01
C ILE E 110 -53.54 12.10 23.99
N ASP E 111 -53.49 13.33 23.48
CA ASP E 111 -53.41 14.54 24.31
C ASP E 111 -52.18 14.51 25.22
N MET E 112 -51.01 14.54 24.58
CA MET E 112 -49.80 14.15 25.28
C MET E 112 -48.60 14.58 24.45
N GLN E 113 -47.63 15.27 25.05
CA GLN E 113 -46.53 15.85 24.32
C GLN E 113 -45.20 15.51 24.98
N PHE E 114 -44.17 15.36 24.16
CA PHE E 114 -42.82 15.12 24.63
C PHE E 114 -41.99 16.39 24.45
N LYS E 115 -41.35 16.84 25.52
CA LYS E 115 -40.50 18.02 25.46
C LYS E 115 -39.06 17.77 25.88
N GLY E 116 -38.77 16.64 26.52
CA GLY E 116 -37.40 16.32 26.86
C GLY E 116 -36.85 17.11 28.03
N THR E 117 -37.40 16.86 29.22
CA THR E 117 -37.03 17.63 30.40
C THR E 117 -36.43 16.80 31.52
N ILE E 118 -36.42 15.47 31.42
CA ILE E 118 -36.00 14.62 32.53
C ILE E 118 -34.83 13.76 32.09
N ASP E 119 -34.27 13.05 33.07
CA ASP E 119 -33.12 12.17 32.86
C ASP E 119 -33.46 10.78 33.35
N VAL E 120 -32.78 9.79 32.79
CA VAL E 120 -33.04 8.39 33.06
C VAL E 120 -31.80 7.80 33.70
N TRP E 121 -31.98 7.07 34.79
CA TRP E 121 -30.88 6.47 35.53
C TRP E 121 -31.17 5.01 35.80
N HIS E 122 -30.13 4.20 35.77
CA HIS E 122 -30.20 2.85 36.29
C HIS E 122 -29.94 2.88 37.78
N LEU E 123 -30.65 2.02 38.52
CA LEU E 123 -30.50 2.03 39.96
C LEU E 123 -29.07 1.71 40.40
N ALA E 124 -28.41 0.79 39.71
CA ALA E 124 -27.02 0.50 40.05
C ALA E 124 -26.12 1.68 39.73
N GLU E 125 -26.43 2.41 38.67
CA GLU E 125 -25.71 3.64 38.38
C GLU E 125 -25.86 4.66 39.51
N LEU E 126 -27.07 4.79 40.04
CA LEU E 126 -27.28 5.68 41.18
C LEU E 126 -26.51 5.18 42.41
N TYR E 127 -26.56 3.87 42.67
CA TYR E 127 -25.82 3.31 43.80
C TYR E 127 -24.33 3.54 43.66
N TYR E 128 -23.84 3.66 42.43
CA TYR E 128 -22.41 3.86 42.23
C TYR E 128 -22.00 5.32 42.27
N ASP E 129 -22.89 6.22 41.84
CA ASP E 129 -22.57 7.64 41.84
C ASP E 129 -22.27 8.12 43.25
N ASP E 130 -21.43 9.14 43.35
CA ASP E 130 -21.02 9.64 44.66
C ASP E 130 -21.94 10.74 45.19
N LYS E 131 -22.51 11.55 44.31
CA LYS E 131 -23.50 12.54 44.75
C LYS E 131 -24.68 11.85 45.40
N VAL E 132 -25.26 10.88 44.70
CA VAL E 132 -26.30 9.98 45.20
C VAL E 132 -25.53 8.91 45.98
N CYS E 133 -26.23 8.03 46.69
CA CYS E 133 -25.62 6.93 47.41
C CYS E 133 -24.41 6.35 46.69
N GLY E 134 -23.28 6.29 47.39
CA GLY E 134 -22.06 5.75 46.85
C GLY E 134 -21.74 4.37 47.40
N VAL E 135 -20.60 3.86 46.94
CA VAL E 135 -20.15 2.54 47.41
C VAL E 135 -19.96 2.55 48.91
N GLN E 136 -19.45 3.65 49.45
CA GLN E 136 -19.25 3.74 50.90
C GLN E 136 -20.59 3.71 51.63
N LYS E 137 -21.60 4.39 51.10
CA LYS E 137 -22.92 4.35 51.73
C LYS E 137 -23.52 2.95 51.67
N ILE E 138 -23.29 2.24 50.56
CA ILE E 138 -23.75 0.85 50.48
C ILE E 138 -23.07 0.00 51.54
N LYS E 139 -21.76 0.16 51.69
CA LYS E 139 -21.03 -0.56 52.73
C LYS E 139 -21.58 -0.25 54.11
N ASP E 140 -21.92 1.02 54.34
CA ASP E 140 -22.50 1.42 55.62
C ASP E 140 -23.83 0.73 55.86
N SER E 141 -24.68 0.69 54.83
CA SER E 141 -26.01 0.12 55.01
C SER E 141 -25.97 -1.39 55.18
N VAL E 142 -24.93 -2.05 54.66
CA VAL E 142 -24.85 -3.50 54.78
C VAL E 142 -24.75 -3.90 56.25
N THR E 143 -25.61 -4.82 56.66
CA THR E 143 -25.62 -5.30 58.05
C THR E 143 -25.33 -6.79 58.20
N THR E 144 -25.57 -7.60 57.17
CA THR E 144 -25.13 -8.99 57.17
C THR E 144 -23.97 -9.13 56.20
N PRO E 145 -22.82 -9.63 56.65
CA PRO E 145 -21.61 -9.54 55.83
C PRO E 145 -21.68 -10.25 54.49
N LEU E 146 -22.41 -11.35 54.36
CA LEU E 146 -22.39 -12.18 53.15
C LEU E 146 -20.96 -12.58 52.79
N SER E 147 -20.15 -12.85 53.81
CA SER E 147 -18.76 -13.20 53.58
C SER E 147 -18.62 -14.67 53.20
N GLY E 148 -17.51 -14.99 52.54
CA GLY E 148 -17.25 -16.35 52.14
C GLY E 148 -18.17 -16.87 51.05
N ALA E 149 -18.51 -16.03 50.08
CA ALA E 149 -19.32 -16.42 48.94
C ALA E 149 -18.68 -15.90 47.67
N LYS E 150 -18.49 -16.80 46.70
CA LYS E 150 -17.97 -16.41 45.40
C LYS E 150 -19.15 -16.09 44.50
N VAL E 151 -19.13 -14.89 43.93
CA VAL E 151 -20.26 -14.35 43.21
C VAL E 151 -19.78 -13.83 41.86
N ALA E 152 -20.41 -14.29 40.79
CA ALA E 152 -20.03 -13.89 39.44
C ALA E 152 -20.99 -12.84 38.93
N ALA E 153 -20.46 -11.71 38.47
CA ALA E 153 -21.27 -10.65 37.83
C ALA E 153 -21.52 -10.76 36.34
N HIS E 154 -22.78 -10.55 35.95
CA HIS E 154 -23.12 -10.47 34.52
C HIS E 154 -23.57 -9.03 34.31
N TYR E 155 -22.83 -8.24 33.56
CA TYR E 155 -23.14 -6.83 33.26
C TYR E 155 -24.32 -6.71 32.29
N GLY E 156 -24.41 -7.59 31.32
CA GLY E 156 -25.43 -7.45 30.28
C GLY E 156 -24.86 -6.63 29.18
N CYS E 157 -25.65 -6.20 28.22
CA CYS E 157 -25.09 -5.54 27.05
C CYS E 157 -25.74 -4.18 26.87
N HIS E 158 -27.00 -4.05 27.24
CA HIS E 158 -27.71 -2.82 26.90
C HIS E 158 -27.44 -1.69 27.87
N LEU E 159 -26.87 -1.97 29.03
CA LEU E 159 -26.50 -0.89 29.93
C LEU E 159 -25.27 -0.15 29.43
N MET E 160 -24.21 -0.89 29.13
CA MET E 160 -22.88 -0.33 28.78
C MET E 160 -22.61 -0.19 27.29
N LYS E 161 -23.37 -0.84 26.40
CA LYS E 161 -22.95 -0.80 25.02
C LYS E 161 -24.02 -0.21 24.12
N PRO E 162 -23.64 0.51 23.05
CA PRO E 162 -22.26 0.79 22.64
C PRO E 162 -21.65 1.94 23.43
N LYS E 163 -20.35 1.88 23.68
CA LYS E 163 -19.74 2.91 24.52
C LYS E 163 -19.71 4.27 23.83
N LYS E 164 -19.88 4.32 22.52
CA LYS E 164 -20.06 5.59 21.83
C LYS E 164 -21.43 6.19 22.05
N GLU E 165 -22.35 5.46 22.68
CA GLU E 165 -23.68 5.96 22.99
C GLU E 165 -23.96 6.04 24.49
N ARG E 166 -23.10 5.50 25.33
CA ARG E 166 -23.28 5.56 26.77
C ARG E 166 -22.14 6.33 27.41
N HIS E 167 -22.14 6.37 28.74
CA HIS E 167 -21.17 7.13 29.50
C HIS E 167 -20.59 6.35 30.67
N PHE E 168 -20.57 5.02 30.58
CA PHE E 168 -20.08 4.19 31.66
C PHE E 168 -18.62 3.78 31.50
N GLY E 169 -17.95 4.23 30.44
CA GLY E 169 -16.53 3.98 30.28
C GLY E 169 -16.19 2.71 29.53
N ASP E 170 -15.19 1.98 30.04
CA ASP E 170 -14.68 0.81 29.34
C ASP E 170 -15.70 -0.32 29.34
N THR E 171 -15.92 -0.91 28.17
CA THR E 171 -16.76 -2.08 28.06
C THR E 171 -15.97 -3.38 28.01
N GLU E 172 -14.65 -3.32 27.85
CA GLU E 172 -13.88 -4.55 27.71
C GLU E 172 -13.67 -5.26 29.04
N ASN E 173 -13.43 -4.52 30.12
CA ASN E 173 -13.25 -5.12 31.44
C ASN E 173 -13.63 -4.11 32.52
N PRO E 174 -14.95 -3.79 32.64
CA PRO E 174 -15.39 -2.90 33.70
C PRO E 174 -15.28 -3.55 35.07
N MET E 175 -15.18 -2.75 36.12
CA MET E 175 -15.00 -3.33 37.47
C MET E 175 -15.96 -2.65 38.42
N TRP E 176 -16.78 -1.75 37.92
CA TRP E 176 -17.67 -0.95 38.79
C TRP E 176 -18.70 -1.84 39.48
N PHE E 177 -19.30 -2.74 38.73
CA PHE E 177 -20.32 -3.66 39.27
C PHE E 177 -19.63 -4.63 40.19
N GLU E 178 -18.37 -4.93 39.96
CA GLU E 178 -17.62 -5.81 40.87
C GLU E 178 -17.40 -5.11 42.21
N GLU E 179 -17.25 -3.79 42.23
CA GLU E 179 -17.13 -2.98 43.47
C GLU E 179 -18.42 -2.99 44.29
N LEU E 180 -19.59 -2.91 43.63
CA LEU E 180 -20.89 -2.99 44.33
C LEU E 180 -21.05 -4.36 45.01
N ILE E 181 -20.64 -5.45 44.36
CA ILE E 181 -20.69 -6.81 44.96
C ILE E 181 -19.64 -6.91 46.06
N GLY E 182 -18.48 -6.26 45.90
CA GLY E 182 -17.49 -6.26 46.96
C GLY E 182 -17.91 -5.43 48.16
N ALA E 183 -18.73 -4.40 47.94
CA ALA E 183 -19.28 -3.64 49.05
C ALA E 183 -20.13 -4.53 49.95
N LEU E 184 -20.94 -5.41 49.37
CA LEU E 184 -21.78 -6.30 50.14
C LEU E 184 -20.99 -7.28 51.00
N GLY E 185 -19.71 -7.48 50.73
CA GLY E 185 -18.89 -8.42 51.44
C GLY E 185 -18.62 -9.71 50.69
N ALA E 186 -19.37 -9.98 49.64
CA ALA E 186 -19.11 -11.15 48.80
C ALA E 186 -17.96 -10.85 47.87
N GLU E 187 -17.08 -11.84 47.69
CA GLU E 187 -15.94 -11.63 46.80
C GLU E 187 -16.36 -11.89 45.37
N PRO E 188 -16.27 -10.92 44.48
CA PRO E 188 -16.60 -11.17 43.07
C PRO E 188 -15.43 -11.84 42.36
N ILE E 189 -15.76 -12.86 41.60
CA ILE E 189 -14.74 -13.66 40.88
C ILE E 189 -14.77 -13.28 39.40
N GLN E 190 -13.69 -13.56 38.69
CA GLN E 190 -13.58 -13.25 37.25
C GLN E 190 -13.62 -14.57 36.50
N TYR E 191 -14.33 -14.62 35.37
CA TYR E 191 -14.49 -15.85 34.61
C TYR E 191 -14.14 -15.51 33.16
N ARG E 192 -13.96 -16.52 32.32
CA ARG E 192 -13.58 -16.28 30.91
C ARG E 192 -14.70 -15.56 30.16
N ASN E 193 -14.36 -14.61 29.30
CA ASN E 193 -15.34 -13.91 28.45
C ASN E 193 -16.50 -13.40 29.30
N LYS E 194 -16.24 -12.64 30.36
CA LYS E 194 -17.28 -12.17 31.30
C LYS E 194 -18.22 -11.15 30.66
N MET E 195 -17.89 -10.66 29.49
CA MET E 195 -18.69 -9.58 28.88
C MET E 195 -19.51 -10.15 27.74
N GLN E 196 -19.69 -11.47 27.73
CA GLN E 196 -20.47 -12.11 26.68
C GLN E 196 -21.96 -11.92 26.92
N CYS E 197 -22.70 -11.80 25.81
CA CYS E 197 -24.15 -11.71 25.89
C CYS E 197 -24.71 -13.00 26.47
N CYS E 198 -25.81 -12.88 27.22
CA CYS E 198 -26.48 -14.04 27.76
C CYS E 198 -27.28 -14.79 26.70
N GLY E 199 -27.59 -14.14 25.58
CA GLY E 199 -28.25 -14.79 24.47
C GLY E 199 -29.73 -14.49 24.34
N ALA E 200 -30.33 -13.80 25.29
CA ALA E 200 -31.77 -13.56 25.29
C ALA E 200 -32.17 -12.29 24.57
N GLY E 201 -31.23 -11.45 24.19
CA GLY E 201 -31.59 -10.19 23.60
C GLY E 201 -32.11 -10.33 22.18
N GLY E 202 -32.69 -9.25 21.69
CA GLY E 202 -33.09 -9.16 20.31
C GLY E 202 -34.22 -10.07 19.89
N GLY E 203 -34.91 -10.71 20.83
CA GLY E 203 -35.93 -11.66 20.48
C GLY E 203 -35.42 -13.05 20.14
N VAL E 204 -34.12 -13.30 20.29
CA VAL E 204 -33.59 -14.62 19.99
C VAL E 204 -34.13 -15.63 20.99
N ARG E 205 -34.32 -15.21 22.24
CA ARG E 205 -34.94 -16.03 23.28
C ARG E 205 -36.22 -16.68 22.77
N GLY E 206 -37.00 -15.96 21.97
CA GLY E 206 -38.23 -16.51 21.43
C GLY E 206 -38.06 -17.19 20.10
N TYR E 207 -37.25 -16.59 19.22
CA TYR E 207 -37.14 -17.11 17.86
C TYR E 207 -36.43 -18.45 17.81
N ASP E 208 -35.26 -18.56 18.46
CA ASP E 208 -34.45 -19.78 18.40
C ASP E 208 -33.94 -20.08 19.80
N ILE E 209 -34.71 -20.86 20.54
CA ILE E 209 -34.42 -21.13 21.94
C ILE E 209 -33.13 -21.93 22.07
N VAL E 210 -32.86 -22.84 21.14
CA VAL E 210 -31.65 -23.65 21.23
C VAL E 210 -30.41 -22.80 21.01
N HIS E 211 -30.45 -21.89 20.03
CA HIS E 211 -29.35 -20.97 19.80
C HIS E 211 -29.10 -20.10 21.02
N ALA E 212 -30.17 -19.52 21.57
CA ALA E 212 -30.04 -18.69 22.76
C ALA E 212 -29.48 -19.48 23.93
N LEU E 213 -29.95 -20.71 24.12
CA LEU E 213 -29.47 -21.54 25.21
C LEU E 213 -28.03 -21.95 25.03
N ASP E 214 -27.57 -22.15 23.80
CA ASP E 214 -26.16 -22.43 23.60
C ASP E 214 -25.30 -21.25 24.01
N ILE E 215 -25.73 -20.04 23.63
CA ILE E 215 -25.01 -18.84 24.06
C ILE E 215 -24.99 -18.75 25.59
N THR E 216 -26.11 -19.06 26.23
CA THR E 216 -26.16 -19.04 27.69
C THR E 216 -25.27 -20.12 28.31
N ASN E 217 -25.24 -21.29 27.69
CA ASN E 217 -24.50 -22.41 28.24
C ASN E 217 -23.00 -22.17 28.21
N GLU E 218 -22.54 -21.44 27.18
CA GLU E 218 -21.11 -21.05 27.12
C GLU E 218 -20.79 -20.29 28.40
N LYS E 219 -21.60 -19.28 28.76
CA LYS E 219 -21.41 -18.49 30.01
C LYS E 219 -21.47 -19.39 31.24
N LEU E 220 -22.49 -20.23 31.37
CA LEU E 220 -22.64 -21.08 32.55
C LEU E 220 -21.43 -21.99 32.73
N ILE E 221 -20.87 -22.50 31.63
CA ILE E 221 -19.67 -23.32 31.72
C ILE E 221 -18.50 -22.51 32.27
N ASN E 222 -18.31 -21.30 31.75
CA ASN E 222 -17.22 -20.46 32.24
C ASN E 222 -17.39 -20.11 33.72
N ILE E 223 -18.63 -19.82 34.12
CA ILE E 223 -18.90 -19.43 35.50
C ILE E 223 -18.66 -20.58 36.45
N GLN E 224 -19.14 -21.78 36.09
CA GLN E 224 -18.87 -22.94 36.93
C GLN E 224 -17.38 -23.22 37.03
N GLU E 225 -16.66 -23.07 35.91
CA GLU E 225 -15.22 -23.29 35.93
C GLU E 225 -14.53 -22.31 36.88
N ALA E 226 -14.97 -21.05 36.88
CA ALA E 226 -14.44 -20.10 37.84
C ALA E 226 -14.76 -20.52 39.27
N GLY E 227 -15.98 -20.98 39.52
CA GLY E 227 -16.32 -21.49 40.83
C GLY E 227 -17.35 -20.64 41.55
N ALA E 228 -18.22 -20.00 40.80
CA ALA E 228 -19.21 -19.10 41.40
C ALA E 228 -20.25 -19.88 42.18
N ASP E 229 -20.81 -19.22 43.18
CA ASP E 229 -21.90 -19.76 43.98
C ASP E 229 -23.22 -19.07 43.69
N ALA E 230 -23.18 -17.96 42.97
CA ALA E 230 -24.39 -17.29 42.50
C ALA E 230 -23.98 -16.38 41.35
N ILE E 231 -24.96 -15.94 40.57
CA ILE E 231 -24.69 -14.97 39.48
C ILE E 231 -25.52 -13.72 39.75
N THR E 232 -24.89 -12.62 40.10
CA THR E 232 -25.61 -11.33 40.21
C THR E 232 -25.81 -10.79 38.81
N GLU E 233 -26.83 -9.98 38.62
CA GLU E 233 -27.16 -9.44 37.30
C GLU E 233 -27.93 -8.15 37.53
N LEU E 234 -28.00 -7.29 36.54
CA LEU E 234 -28.71 -6.00 36.65
C LEU E 234 -29.84 -5.97 35.62
N CYS E 235 -30.34 -7.11 35.18
CA CYS E 235 -31.38 -7.15 34.13
C CYS E 235 -32.38 -8.27 34.34
N PRO E 236 -33.71 -8.03 34.42
CA PRO E 236 -34.66 -9.14 34.49
C PRO E 236 -34.70 -10.02 33.24
N PHE E 237 -34.45 -9.50 32.03
CA PHE E 237 -34.19 -10.40 30.90
C PHE E 237 -33.08 -11.38 31.18
N CYS E 238 -31.92 -10.89 31.61
CA CYS E 238 -30.78 -11.79 31.78
C CYS E 238 -31.04 -12.76 32.93
N GLN E 239 -31.73 -12.30 33.97
CA GLN E 239 -32.09 -13.19 35.05
C GLN E 239 -33.04 -14.26 34.59
N LEU E 240 -34.03 -13.90 33.78
CA LEU E 240 -34.95 -14.89 33.24
C LEU E 240 -34.22 -15.91 32.38
N GLN E 241 -33.31 -15.44 31.53
CA GLN E 241 -32.53 -16.37 30.72
C GLN E 241 -31.69 -17.29 31.60
N PHE E 242 -30.90 -16.73 32.50
CA PHE E 242 -30.06 -17.56 33.35
C PHE E 242 -30.84 -18.45 34.30
N ASP E 243 -32.11 -18.15 34.55
CA ASP E 243 -32.91 -18.92 35.51
C ASP E 243 -33.75 -19.99 34.82
N ARG E 244 -34.65 -19.59 33.92
CA ARG E 244 -35.38 -20.55 33.11
C ARG E 244 -34.43 -21.40 32.27
N GLY E 245 -33.53 -20.75 31.54
CA GLY E 245 -32.62 -21.46 30.67
C GLY E 245 -31.78 -22.50 31.35
N GLN E 246 -31.52 -22.41 32.65
CA GLN E 246 -30.87 -23.54 33.29
C GLN E 246 -31.75 -24.77 33.28
N ILE E 247 -33.05 -24.59 33.49
CA ILE E 247 -34.00 -25.70 33.44
C ILE E 247 -34.13 -26.22 32.01
N GLU E 248 -34.30 -25.30 31.06
CA GLU E 248 -34.36 -25.73 29.67
C GLU E 248 -33.07 -26.36 29.18
N ILE E 249 -31.92 -25.96 29.73
CA ILE E 249 -30.67 -26.61 29.39
C ILE E 249 -30.62 -28.00 29.99
N LYS E 250 -31.08 -28.14 31.23
CA LYS E 250 -31.13 -29.45 31.87
C LYS E 250 -32.02 -30.40 31.09
N GLU E 251 -33.04 -29.90 30.41
CA GLU E 251 -33.94 -30.81 29.70
C GLU E 251 -33.54 -31.01 28.24
N LYS E 252 -33.16 -29.94 27.53
CA LYS E 252 -32.81 -30.05 26.12
C LYS E 252 -31.40 -30.61 25.93
N PHE E 253 -30.47 -30.27 26.80
CA PHE E 253 -29.14 -30.84 26.89
C PHE E 253 -29.10 -31.67 28.16
N GLY E 254 -27.91 -32.15 28.51
CA GLY E 254 -27.79 -32.90 29.75
C GLY E 254 -26.89 -32.25 30.77
N ASP E 255 -26.98 -30.93 30.90
CA ASP E 255 -26.05 -30.16 31.72
C ASP E 255 -26.74 -29.68 32.99
N VAL E 256 -26.08 -29.90 34.12
CA VAL E 256 -26.60 -29.51 35.42
C VAL E 256 -25.60 -28.56 36.06
N TYR E 257 -26.06 -27.38 36.45
CA TYR E 257 -25.23 -26.41 37.16
C TYR E 257 -25.78 -26.03 38.52
N ASN E 258 -27.10 -25.81 38.62
CA ASN E 258 -27.75 -25.38 39.85
C ASN E 258 -27.02 -24.19 40.47
N ILE E 259 -26.93 -23.12 39.71
CA ILE E 259 -26.29 -21.89 40.14
C ILE E 259 -27.38 -20.84 40.33
N PRO E 260 -27.62 -20.37 41.56
CA PRO E 260 -28.68 -19.38 41.76
C PRO E 260 -28.38 -18.08 41.02
N VAL E 261 -29.43 -17.47 40.49
CA VAL E 261 -29.34 -16.21 39.77
C VAL E 261 -30.13 -15.18 40.55
N LEU E 262 -29.48 -14.11 40.97
CA LEU E 262 -30.10 -13.08 41.80
C LEU E 262 -29.83 -11.71 41.22
N HIS E 263 -30.84 -10.86 41.25
CA HIS E 263 -30.64 -9.47 40.94
C HIS E 263 -29.82 -8.79 42.03
N TYR E 264 -29.10 -7.74 41.64
CA TYR E 264 -28.27 -7.05 42.63
C TYR E 264 -29.12 -6.48 43.75
N ASN E 265 -30.35 -6.09 43.45
CA ASN E 265 -31.23 -5.57 44.49
C ASN E 265 -31.61 -6.68 45.48
N GLU E 266 -31.78 -7.90 44.99
CA GLU E 266 -32.02 -9.02 45.90
C GLU E 266 -30.80 -9.29 46.78
N LEU E 267 -29.60 -9.24 46.21
CA LEU E 267 -28.42 -9.40 47.07
C LEU E 267 -28.28 -8.26 48.06
N LEU E 268 -28.61 -7.04 47.64
CA LEU E 268 -28.54 -5.91 48.55
C LEU E 268 -29.54 -6.08 49.70
N GLY E 269 -30.73 -6.57 49.39
CA GLY E 269 -31.68 -6.89 50.45
C GLY E 269 -31.17 -7.96 51.40
N LEU E 270 -30.56 -9.01 50.85
CA LEU E 270 -29.99 -10.04 51.70
C LEU E 270 -28.90 -9.48 52.59
N ALA E 271 -28.07 -8.59 52.04
CA ALA E 271 -27.01 -7.97 52.83
C ALA E 271 -27.59 -7.07 53.91
N GLN E 272 -28.65 -6.34 53.61
CA GLN E 272 -29.26 -5.42 54.56
C GLN E 272 -30.21 -6.11 55.52
N GLY E 273 -30.41 -7.41 55.39
CA GLY E 273 -31.12 -8.18 56.39
C GLY E 273 -32.52 -8.61 56.04
N MET E 274 -32.97 -8.39 54.81
CA MET E 274 -34.29 -8.83 54.40
C MET E 274 -34.36 -10.34 54.39
N SER E 275 -35.55 -10.86 54.58
CA SER E 275 -35.69 -12.30 54.69
C SER E 275 -35.83 -12.94 53.31
N PRO E 276 -35.41 -14.20 53.16
CA PRO E 276 -35.64 -14.89 51.88
C PRO E 276 -37.11 -14.96 51.49
N GLN E 277 -38.00 -15.15 52.46
CA GLN E 277 -39.42 -15.11 52.16
C GLN E 277 -39.86 -13.73 51.69
N ASP E 278 -39.32 -12.68 52.32
CA ASP E 278 -39.66 -11.32 51.91
C ASP E 278 -39.04 -10.97 50.57
N LEU E 279 -38.05 -11.72 50.12
CA LEU E 279 -37.48 -11.55 48.79
C LEU E 279 -38.08 -12.48 47.76
N ALA E 280 -38.91 -13.44 48.19
CA ALA E 280 -39.59 -14.36 47.28
C ALA E 280 -38.58 -15.15 46.45
N LEU E 281 -37.56 -15.68 47.12
CA LEU E 281 -36.58 -16.51 46.44
C LEU E 281 -37.15 -17.86 46.04
N ASP E 282 -38.36 -18.19 46.49
CA ASP E 282 -39.04 -19.41 46.08
C ASP E 282 -39.63 -19.30 44.69
N LEU E 283 -39.64 -18.13 44.08
CA LEU E 283 -40.16 -17.92 42.75
C LEU E 283 -39.13 -18.12 41.65
N HIS E 284 -37.88 -18.41 42.01
CA HIS E 284 -36.85 -18.72 41.03
C HIS E 284 -36.88 -20.20 40.68
N ALA E 285 -36.57 -20.51 39.42
CA ALA E 285 -36.48 -21.90 39.01
C ALA E 285 -35.36 -22.62 39.75
N ILE E 286 -34.22 -21.97 39.90
CA ILE E 286 -33.05 -22.58 40.52
C ILE E 286 -33.05 -22.26 42.00
N ASP E 287 -32.99 -23.31 42.83
CA ASP E 287 -33.04 -23.14 44.27
C ASP E 287 -31.82 -22.33 44.75
N CYS E 288 -32.08 -21.35 45.60
CA CYS E 288 -31.02 -20.55 46.19
C CYS E 288 -30.52 -21.11 47.51
N THR E 289 -31.06 -22.23 47.96
CA THR E 289 -30.76 -22.72 49.30
C THR E 289 -29.29 -23.00 49.56
N PRO E 290 -28.49 -23.58 48.65
CA PRO E 290 -27.05 -23.71 48.96
C PRO E 290 -26.36 -22.37 49.19
N PHE E 291 -26.69 -21.38 48.38
CA PHE E 291 -26.12 -20.05 48.56
C PHE E 291 -26.55 -19.43 49.88
N LEU E 292 -27.81 -19.64 50.26
CA LEU E 292 -28.27 -19.15 51.55
C LEU E 292 -27.58 -19.86 52.70
N GLN E 293 -27.33 -21.16 52.58
CA GLN E 293 -26.56 -21.85 53.61
C GLN E 293 -25.16 -21.27 53.71
N LYS E 294 -24.55 -20.93 52.58
CA LYS E 294 -23.20 -20.38 52.63
C LYS E 294 -23.18 -19.00 53.27
N VAL E 295 -24.07 -18.10 52.85
CA VAL E 295 -24.02 -16.72 53.31
C VAL E 295 -24.86 -16.48 54.57
N LEU E 296 -25.46 -17.52 55.13
CA LEU E 296 -26.25 -17.35 56.36
C LEU E 296 -25.91 -18.44 57.37
N SER F 5 81.46 -1.34 -40.26
CA SER F 5 82.39 -2.44 -40.47
C SER F 5 81.64 -3.76 -40.58
N GLU F 6 81.34 -4.35 -39.43
CA GLU F 6 80.74 -5.68 -39.33
C GLU F 6 79.50 -5.58 -38.46
N ILE F 7 78.42 -6.22 -38.89
CA ILE F 7 77.18 -6.28 -38.13
C ILE F 7 76.89 -7.74 -37.81
N MET F 8 76.80 -8.06 -36.52
CA MET F 8 76.45 -9.44 -36.08
C MET F 8 77.36 -10.43 -36.75
N LYS F 9 78.63 -10.43 -36.39
CA LYS F 9 79.56 -11.43 -36.86
C LYS F 9 79.79 -12.46 -35.76
N TYR F 10 79.78 -13.73 -36.14
CA TYR F 10 79.93 -14.84 -35.21
C TYR F 10 81.39 -15.26 -35.14
N VAL F 11 81.92 -15.39 -33.92
CA VAL F 11 83.29 -15.83 -33.70
C VAL F 11 83.26 -17.00 -32.73
N ALA F 12 83.79 -18.13 -33.15
CA ALA F 12 83.80 -19.32 -32.31
C ALA F 12 84.96 -19.25 -31.31
N THR F 13 84.68 -19.61 -30.06
CA THR F 13 85.65 -19.50 -28.99
C THR F 13 85.32 -20.55 -27.94
N THR F 14 86.25 -20.78 -27.03
CA THR F 14 86.04 -21.64 -25.89
C THR F 14 85.62 -20.83 -24.67
N CYS F 15 84.75 -21.40 -23.86
CA CYS F 15 84.35 -20.74 -22.63
C CYS F 15 85.51 -20.71 -21.65
N PRO F 16 85.77 -19.59 -21.01
CA PRO F 16 86.94 -19.52 -20.11
C PRO F 16 86.66 -19.84 -18.66
N TYR F 17 85.53 -20.44 -18.33
CA TYR F 17 85.12 -20.48 -16.93
C TYR F 17 85.31 -21.80 -16.22
N CYS F 18 85.46 -22.92 -16.92
CA CYS F 18 85.85 -24.15 -16.25
C CYS F 18 86.47 -25.08 -17.27
N GLY F 19 86.82 -26.27 -16.83
CA GLY F 19 87.61 -27.20 -17.60
C GLY F 19 86.86 -28.02 -18.61
N VAL F 20 85.54 -27.84 -18.75
CA VAL F 20 84.82 -28.59 -19.77
C VAL F 20 85.22 -28.10 -21.16
N GLY F 21 85.47 -26.81 -21.31
CA GLY F 21 85.89 -26.30 -22.60
C GLY F 21 84.79 -26.17 -23.62
N CYS F 22 83.61 -25.76 -23.20
CA CYS F 22 82.49 -25.64 -24.12
C CYS F 22 82.80 -24.60 -25.19
N THR F 23 82.23 -24.78 -26.36
CA THR F 23 82.42 -23.87 -27.48
C THR F 23 81.21 -22.97 -27.58
N LEU F 24 81.45 -21.71 -27.92
CA LEU F 24 80.37 -20.74 -28.03
C LEU F 24 80.73 -19.74 -29.10
N ASN F 25 79.72 -19.04 -29.59
CA ASN F 25 79.91 -17.98 -30.57
C ASN F 25 79.76 -16.64 -29.87
N LEU F 26 80.75 -15.77 -30.03
CA LEU F 26 80.62 -14.39 -29.62
C LEU F 26 80.11 -13.57 -30.79
N VAL F 27 79.12 -12.74 -30.54
CA VAL F 27 78.55 -11.85 -31.59
C VAL F 27 79.26 -10.52 -31.50
N VAL F 28 79.86 -10.06 -32.58
CA VAL F 28 80.71 -8.88 -32.58
C VAL F 28 80.13 -7.89 -33.57
N SER F 29 79.63 -6.76 -33.07
CA SER F 29 79.05 -5.73 -33.91
C SER F 29 79.82 -4.43 -33.73
N ASN F 30 80.37 -3.90 -34.82
CA ASN F 30 81.22 -2.71 -34.80
C ASN F 30 82.35 -2.85 -33.79
N GLY F 31 83.00 -4.01 -33.79
CA GLY F 31 84.13 -4.20 -32.90
C GLY F 31 83.79 -4.24 -31.43
N LYS F 32 82.55 -4.55 -31.08
CA LYS F 32 82.14 -4.72 -29.69
C LYS F 32 81.45 -6.07 -29.56
N VAL F 33 81.84 -6.84 -28.54
CA VAL F 33 81.16 -8.10 -28.26
C VAL F 33 79.81 -7.79 -27.64
N VAL F 34 78.74 -8.22 -28.31
CA VAL F 34 77.38 -7.78 -27.92
C VAL F 34 76.55 -8.98 -27.46
N GLY F 35 77.10 -10.18 -27.47
CA GLY F 35 76.35 -11.32 -26.98
C GLY F 35 77.05 -12.64 -27.18
N VAL F 36 76.49 -13.72 -26.67
CA VAL F 36 77.05 -15.08 -26.81
C VAL F 36 75.95 -15.90 -27.46
N GLU F 37 76.30 -16.68 -28.47
CA GLU F 37 75.31 -17.47 -29.23
C GLU F 37 75.72 -18.94 -29.14
N PRO F 38 74.81 -19.94 -29.26
CA PRO F 38 75.21 -21.34 -29.27
C PRO F 38 76.00 -21.70 -30.52
N ASN F 39 76.90 -22.65 -30.35
CA ASN F 39 77.62 -23.28 -31.46
C ASN F 39 77.23 -24.75 -31.46
N GLN F 40 76.22 -25.10 -32.27
CA GLN F 40 75.70 -26.45 -32.28
C GLN F 40 76.66 -27.45 -32.90
N ARG F 41 77.70 -26.98 -33.59
CA ARG F 41 78.63 -27.90 -34.22
C ARG F 41 79.53 -28.59 -33.21
N SER F 42 79.78 -28.02 -32.05
CA SER F 42 80.78 -28.57 -31.10
C SER F 42 80.46 -29.94 -30.54
N PRO F 43 81.41 -30.89 -30.60
CA PRO F 43 81.22 -32.16 -29.97
C PRO F 43 81.10 -32.07 -28.44
N ILE F 44 81.81 -31.18 -27.75
CA ILE F 44 81.86 -31.14 -26.26
C ILE F 44 80.51 -30.80 -25.67
N ASN F 45 79.89 -29.76 -26.17
CA ASN F 45 78.58 -29.28 -25.71
C ASN F 45 77.90 -29.12 -27.04
N GLU F 46 76.70 -29.56 -27.22
CA GLU F 46 76.20 -29.38 -28.59
C GLU F 46 75.46 -28.06 -28.66
N GLY F 47 76.14 -26.95 -28.41
CA GLY F 47 75.48 -25.64 -28.41
C GLY F 47 74.88 -25.30 -27.07
N LYS F 48 75.07 -26.14 -26.08
CA LYS F 48 74.46 -25.97 -24.77
C LYS F 48 75.50 -25.34 -23.88
N LEU F 49 75.10 -24.39 -23.04
CA LEU F 49 76.04 -23.67 -22.18
C LEU F 49 75.35 -23.49 -20.85
N CYS F 50 76.10 -23.34 -19.77
CA CYS F 50 75.60 -23.11 -18.43
C CYS F 50 75.40 -21.61 -18.23
N PRO F 51 74.92 -21.15 -17.08
CA PRO F 51 74.79 -19.70 -16.90
C PRO F 51 76.08 -18.92 -17.11
N LYS F 52 77.20 -19.46 -16.66
CA LYS F 52 78.47 -18.77 -16.82
C LYS F 52 78.83 -18.61 -18.28
N GLY F 53 78.64 -19.66 -19.08
CA GLY F 53 78.90 -19.54 -20.50
C GLY F 53 77.93 -18.61 -21.18
N VAL F 54 76.68 -18.63 -20.75
CA VAL F 54 75.69 -17.77 -21.38
C VAL F 54 76.01 -16.30 -21.15
N THR F 55 76.56 -15.95 -19.98
CA THR F 55 76.86 -14.56 -19.67
C THR F 55 78.35 -14.26 -19.61
N CYS F 56 79.19 -15.06 -20.27
CA CYS F 56 80.62 -14.78 -20.30
C CYS F 56 80.97 -13.47 -21.00
N TRP F 57 80.08 -12.91 -21.80
CA TRP F 57 80.42 -11.74 -22.59
C TRP F 57 80.28 -10.42 -21.85
N GLU F 58 79.80 -10.44 -20.61
CA GLU F 58 79.43 -9.19 -19.95
C GLU F 58 80.65 -8.39 -19.48
N HIS F 59 81.69 -9.08 -19.05
CA HIS F 59 82.83 -8.42 -18.42
C HIS F 59 83.84 -7.89 -19.43
N ILE F 60 83.62 -8.11 -20.72
CA ILE F 60 84.66 -7.84 -21.70
C ILE F 60 84.89 -6.34 -21.83
N HIS F 61 83.82 -5.57 -21.99
CA HIS F 61 83.92 -4.15 -22.31
C HIS F 61 83.61 -3.27 -21.11
N SER F 62 83.83 -3.78 -19.90
CA SER F 62 83.61 -2.98 -18.72
C SER F 62 84.54 -1.77 -18.71
N PRO F 63 84.10 -0.64 -18.16
CA PRO F 63 85.00 0.52 -18.06
C PRO F 63 86.16 0.32 -17.10
N ASP F 64 86.06 -0.63 -16.18
CA ASP F 64 87.10 -0.85 -15.18
C ASP F 64 88.35 -1.50 -15.76
N ARG F 65 88.32 -1.95 -17.01
CA ARG F 65 89.45 -2.65 -17.58
C ARG F 65 90.67 -1.74 -17.63
N LEU F 66 91.82 -2.29 -17.23
CA LEU F 66 93.08 -1.57 -17.36
C LEU F 66 93.37 -1.27 -18.81
N THR F 67 93.79 -0.04 -19.07
CA THR F 67 93.97 0.46 -20.41
C THR F 67 95.41 0.83 -20.75
N THR F 68 96.21 1.22 -19.77
CA THR F 68 97.57 1.68 -19.99
C THR F 68 98.40 1.32 -18.76
N PRO F 69 99.72 1.17 -18.92
CA PRO F 69 100.54 0.80 -17.78
C PRO F 69 100.51 1.85 -16.68
N LEU F 70 100.68 1.39 -15.45
CA LEU F 70 100.68 2.26 -14.29
C LEU F 70 101.98 2.05 -13.53
N ILE F 71 102.53 3.13 -12.98
CA ILE F 71 103.74 3.07 -12.18
C ILE F 71 103.47 3.71 -10.84
N LYS F 72 103.83 3.01 -9.77
CA LYS F 72 103.73 3.56 -8.43
C LYS F 72 104.88 4.53 -8.20
N LYS F 73 104.58 5.83 -8.27
CA LYS F 73 105.56 6.89 -8.10
C LYS F 73 105.26 7.62 -6.80
N ASP F 74 105.86 7.13 -5.72
CA ASP F 74 105.72 7.74 -4.39
C ASP F 74 104.25 7.88 -3.98
N GLY F 75 103.46 6.86 -4.30
CA GLY F 75 102.05 6.91 -4.00
C GLY F 75 101.19 6.43 -5.15
N LYS F 76 100.02 7.05 -5.30
CA LYS F 76 99.02 6.59 -6.25
C LYS F 76 99.58 6.45 -7.66
N PHE F 77 99.08 5.46 -8.39
CA PHE F 77 99.63 5.10 -9.68
C PHE F 77 99.37 6.17 -10.71
N ILE F 78 100.42 6.56 -11.43
CA ILE F 78 100.31 7.52 -12.51
C ILE F 78 100.43 6.77 -13.83
N GLU F 79 100.08 7.45 -14.91
CA GLU F 79 99.90 6.77 -16.19
C GLU F 79 101.23 6.76 -16.91
N ALA F 80 101.62 5.60 -17.43
CA ALA F 80 102.94 5.45 -18.00
C ALA F 80 102.83 4.95 -19.43
N SER F 81 103.91 5.13 -20.17
CA SER F 81 104.02 4.62 -21.52
C SER F 81 104.62 3.22 -21.48
N TRP F 82 104.38 2.46 -22.56
CA TRP F 82 104.85 1.09 -22.58
C TRP F 82 106.36 1.02 -22.49
N ASP F 83 107.05 1.89 -23.25
CA ASP F 83 108.51 1.91 -23.19
C ASP F 83 109.00 2.25 -21.80
N GLU F 84 108.39 3.24 -21.15
CA GLU F 84 108.80 3.63 -19.80
C GLU F 84 108.64 2.47 -18.82
N ALA F 85 107.45 1.88 -18.80
CA ALA F 85 107.17 0.82 -17.84
C ALA F 85 108.06 -0.39 -18.09
N LEU F 86 108.25 -0.77 -19.35
CA LEU F 86 109.07 -1.93 -19.63
C LEU F 86 110.53 -1.68 -19.33
N ASP F 87 111.03 -0.47 -19.57
CA ASP F 87 112.42 -0.19 -19.21
C ASP F 87 112.61 -0.23 -17.70
N LEU F 88 111.63 0.27 -16.95
CA LEU F 88 111.69 0.16 -15.50
C LEU F 88 111.72 -1.30 -15.05
N VAL F 89 110.85 -2.13 -15.63
CA VAL F 89 110.80 -3.53 -15.24
C VAL F 89 112.11 -4.23 -15.58
N ALA F 90 112.63 -3.99 -16.78
CA ALA F 90 113.87 -4.63 -17.17
C ALA F 90 115.01 -4.23 -16.25
N LYS F 91 115.10 -2.96 -15.91
CA LYS F 91 116.17 -2.51 -15.01
C LYS F 91 116.06 -3.19 -13.66
N ASN F 92 114.87 -3.20 -13.07
CA ASN F 92 114.73 -3.75 -11.72
C ASN F 92 114.96 -5.27 -11.70
N LEU F 93 114.43 -5.98 -12.69
CA LEU F 93 114.69 -7.41 -12.77
C LEU F 93 116.17 -7.69 -12.97
N LYS F 94 116.82 -6.90 -13.80
CA LYS F 94 118.24 -7.07 -14.03
C LYS F 94 119.04 -6.93 -12.75
N VAL F 95 118.73 -5.90 -11.95
CA VAL F 95 119.53 -5.69 -10.74
C VAL F 95 119.25 -6.79 -9.72
N ILE F 96 117.99 -7.21 -9.57
CA ILE F 96 117.70 -8.25 -8.60
C ILE F 96 118.39 -9.57 -8.98
N TYR F 97 118.31 -9.93 -10.27
CA TYR F 97 119.14 -11.02 -10.77
C TYR F 97 120.60 -10.87 -10.39
N ASP F 98 121.24 -9.80 -10.86
CA ASP F 98 122.68 -9.69 -10.68
C ASP F 98 123.09 -9.66 -9.21
N LYS F 99 122.16 -9.36 -8.32
CA LYS F 99 122.51 -9.39 -6.91
C LYS F 99 122.25 -10.75 -6.26
N HIS F 100 121.17 -11.44 -6.60
CA HIS F 100 120.76 -12.61 -5.83
C HIS F 100 120.58 -13.88 -6.66
N GLY F 101 121.14 -13.95 -7.86
CA GLY F 101 121.09 -15.16 -8.63
C GLY F 101 119.69 -15.50 -9.09
N PRO F 102 119.45 -16.78 -9.35
CA PRO F 102 118.12 -17.19 -9.82
C PRO F 102 117.15 -17.46 -8.69
N LYS F 103 117.68 -17.67 -7.48
CA LYS F 103 116.80 -17.91 -6.34
C LYS F 103 116.02 -16.67 -5.95
N GLY F 104 116.51 -15.48 -6.32
CA GLY F 104 115.91 -14.25 -5.85
C GLY F 104 114.60 -13.89 -6.50
N LEU F 105 114.30 -14.46 -7.65
CA LEU F 105 113.11 -14.12 -8.41
C LEU F 105 112.02 -15.16 -8.19
N GLY F 106 110.79 -14.77 -8.55
CA GLY F 106 109.66 -15.65 -8.38
C GLY F 106 108.56 -15.36 -9.37
N PHE F 107 108.06 -16.39 -10.03
CA PHE F 107 107.06 -16.25 -11.08
C PHE F 107 105.84 -17.07 -10.72
N GLN F 108 104.66 -16.53 -10.99
CA GLN F 108 103.48 -17.37 -10.97
C GLN F 108 102.39 -16.81 -11.87
N THR F 109 101.84 -17.69 -12.67
CA THR F 109 100.77 -17.40 -13.61
C THR F 109 99.46 -17.96 -13.09
N SER F 110 98.39 -17.60 -13.78
CA SER F 110 97.08 -18.12 -13.47
C SER F 110 96.73 -19.24 -14.43
N CYS F 111 95.72 -20.02 -14.06
CA CYS F 111 95.18 -21.03 -14.94
C CYS F 111 94.15 -20.46 -15.91
N ARG F 112 93.83 -19.18 -15.80
CA ARG F 112 92.91 -18.50 -16.71
C ARG F 112 93.53 -18.23 -18.07
N THR F 113 94.82 -18.42 -18.22
CA THR F 113 95.57 -17.89 -19.34
C THR F 113 95.72 -18.96 -20.42
N VAL F 114 96.00 -18.53 -21.64
CA VAL F 114 96.08 -19.47 -22.76
C VAL F 114 97.41 -20.21 -22.74
N ASN F 115 97.45 -21.33 -23.45
CA ASN F 115 98.65 -22.20 -23.38
C ASN F 115 99.86 -21.44 -23.87
N GLU F 116 99.73 -20.66 -24.93
CA GLU F 116 100.89 -19.94 -25.54
C GLU F 116 101.47 -18.96 -24.55
N ASP F 117 100.66 -18.26 -23.77
CA ASP F 117 101.14 -17.33 -22.71
C ASP F 117 101.73 -18.08 -21.52
N CYS F 118 101.21 -19.25 -21.15
CA CYS F 118 101.84 -20.03 -20.09
C CYS F 118 103.21 -20.56 -20.54
N TYR F 119 103.29 -21.02 -21.79
CA TYR F 119 104.56 -21.54 -22.28
C TYR F 119 105.60 -20.45 -22.40
N ILE F 120 105.23 -19.30 -22.95
CA ILE F 120 106.20 -18.22 -23.10
C ILE F 120 106.58 -17.65 -21.75
N PHE F 121 105.68 -17.71 -20.78
CA PHE F 121 105.99 -17.26 -19.42
C PHE F 121 107.02 -18.16 -18.77
N GLN F 122 106.83 -19.47 -18.86
CA GLN F 122 107.84 -20.36 -18.27
C GLN F 122 109.14 -20.34 -19.05
N LYS F 123 109.07 -20.13 -20.38
CA LYS F 123 110.28 -19.97 -21.16
C LYS F 123 111.03 -18.72 -20.76
N PHE F 124 110.31 -17.62 -20.49
CA PHE F 124 110.94 -16.42 -19.99
C PHE F 124 111.59 -16.67 -18.65
N ALA F 125 110.91 -17.40 -17.77
CA ALA F 125 111.45 -17.65 -16.44
C ALA F 125 112.67 -18.57 -16.45
N ARG F 126 112.84 -19.40 -17.48
CA ARG F 126 113.95 -20.34 -17.48
C ARG F 126 115.07 -20.00 -18.45
N VAL F 127 114.76 -19.51 -19.66
CA VAL F 127 115.78 -19.21 -20.66
C VAL F 127 116.63 -18.04 -20.23
N GLY F 128 116.05 -17.08 -19.54
CA GLY F 128 116.84 -15.93 -19.15
C GLY F 128 117.60 -16.32 -17.91
N PHE F 129 117.37 -15.60 -16.83
CA PHE F 129 117.75 -16.08 -15.52
C PHE F 129 117.24 -17.48 -15.24
N LYS F 130 118.13 -18.42 -15.00
CA LYS F 130 117.68 -19.83 -14.90
C LYS F 130 117.06 -20.12 -13.55
N THR F 131 115.75 -19.89 -13.39
CA THR F 131 115.06 -20.24 -12.12
C THR F 131 113.91 -21.19 -12.39
N ASN F 132 113.64 -22.14 -11.49
CA ASN F 132 112.43 -22.99 -11.67
C ASN F 132 111.36 -22.51 -10.70
N ASN F 133 111.50 -21.31 -10.16
CA ASN F 133 110.49 -20.75 -9.23
C ASN F 133 109.33 -20.28 -10.08
N VAL F 134 108.70 -21.17 -10.84
CA VAL F 134 107.52 -20.84 -11.69
C VAL F 134 106.40 -21.71 -11.15
N ASP F 135 105.15 -21.23 -11.15
CA ASP F 135 104.04 -22.01 -10.56
C ASP F 135 102.71 -21.43 -10.99
N ASN F 136 101.61 -22.03 -10.58
CA ASN F 136 100.29 -21.53 -10.94
C ASN F 136 99.26 -21.94 -9.90
N CYS F 137 98.00 -21.57 -10.17
CA CYS F 137 96.92 -21.70 -9.21
C CYS F 137 96.69 -23.12 -8.73
N ALA F 138 97.05 -24.13 -9.53
CA ALA F 138 96.62 -25.49 -9.26
C ALA F 138 97.05 -25.95 -7.87
N ARG F 139 98.14 -25.39 -7.35
CA ARG F 139 98.55 -25.72 -5.99
C ARG F 139 97.47 -25.33 -4.99
N ILE F 140 97.21 -24.03 -4.85
CA ILE F 140 96.23 -23.56 -3.89
C ILE F 140 94.81 -23.97 -4.25
N CYS F 141 94.55 -24.28 -5.51
CA CYS F 141 93.23 -24.77 -5.86
C CYS F 141 93.03 -26.16 -5.28
N HIS F 142 91.80 -26.65 -5.39
CA HIS F 142 91.33 -27.84 -4.69
C HIS F 142 92.29 -29.02 -4.81
N GLY F 143 92.82 -29.28 -6.00
CA GLY F 143 93.43 -30.56 -6.27
C GLY F 143 94.92 -30.57 -6.50
N PRO F 144 95.66 -31.12 -5.53
CA PRO F 144 96.98 -31.68 -5.83
C PRO F 144 96.87 -33.13 -6.28
N SER F 145 95.66 -33.53 -6.69
CA SER F 145 95.36 -34.89 -7.11
C SER F 145 96.19 -35.33 -8.32
N VAL F 146 96.76 -34.38 -9.06
CA VAL F 146 97.57 -34.75 -10.23
C VAL F 146 98.75 -35.60 -9.80
N ALA F 147 99.40 -35.24 -8.69
CA ALA F 147 100.54 -36.03 -8.23
C ALA F 147 100.11 -37.45 -7.84
N GLY F 148 98.99 -37.57 -7.15
CA GLY F 148 98.53 -38.90 -6.75
C GLY F 148 98.18 -39.77 -7.94
N LEU F 149 97.43 -39.22 -8.88
CA LEU F 149 97.07 -40.03 -10.05
C LEU F 149 98.28 -40.32 -10.90
N SER F 150 99.27 -39.43 -10.90
CA SER F 150 100.53 -39.72 -11.59
C SER F 150 101.26 -40.88 -10.94
N LEU F 151 101.27 -40.92 -9.60
CA LEU F 151 101.89 -42.05 -8.91
C LEU F 151 101.17 -43.34 -9.24
N SER F 152 99.84 -43.31 -9.29
CA SER F 152 99.07 -44.53 -9.58
C SER F 152 99.30 -45.01 -11.00
N PHE F 153 99.15 -44.13 -11.98
CA PHE F 153 99.12 -44.52 -13.39
C PHE F 153 100.36 -44.14 -14.16
N GLY F 154 100.78 -42.90 -14.06
CA GLY F 154 101.87 -42.39 -14.89
C GLY F 154 101.55 -41.04 -15.47
N SER F 155 100.27 -40.79 -15.74
CA SER F 155 99.80 -39.50 -16.21
C SER F 155 98.71 -39.02 -15.28
N GLY F 156 98.91 -37.86 -14.66
CA GLY F 156 97.93 -37.36 -13.73
C GLY F 156 96.63 -36.90 -14.36
N ALA F 157 96.54 -36.89 -15.69
CA ALA F 157 95.35 -36.44 -16.36
C ALA F 157 94.22 -37.47 -16.23
N ALA F 158 93.02 -37.06 -16.64
CA ALA F 158 91.89 -37.97 -16.68
C ALA F 158 92.12 -39.03 -17.74
N THR F 159 91.80 -40.29 -17.41
CA THR F 159 92.11 -41.38 -18.31
C THR F 159 91.22 -41.37 -19.55
N ASN F 160 89.94 -41.10 -19.38
CA ASN F 160 89.00 -41.10 -20.51
C ASN F 160 88.40 -39.71 -20.68
N GLY F 161 87.43 -39.60 -21.58
CA GLY F 161 86.80 -38.34 -21.89
C GLY F 161 85.51 -38.13 -21.12
N PHE F 162 84.64 -37.31 -21.69
CA PHE F 162 83.33 -37.05 -21.12
C PHE F 162 82.22 -37.82 -21.83
N GLU F 163 82.23 -37.82 -23.17
CA GLU F 163 81.29 -38.63 -23.94
C GLU F 163 81.47 -40.10 -23.63
N ASP F 164 82.62 -40.47 -23.10
CA ASP F 164 83.00 -41.86 -22.89
C ASP F 164 82.12 -42.54 -21.84
N ALA F 165 81.70 -41.81 -20.81
CA ALA F 165 80.93 -42.43 -19.73
C ALA F 165 79.57 -42.92 -20.20
N LEU F 166 79.12 -42.51 -21.38
CA LEU F 166 77.91 -43.06 -21.97
C LEU F 166 78.03 -44.55 -22.23
N ASN F 167 79.24 -45.08 -22.25
CA ASN F 167 79.47 -46.49 -22.57
C ASN F 167 79.58 -47.38 -21.36
N ALA F 168 79.46 -46.84 -20.15
CA ALA F 168 79.60 -47.67 -18.96
C ALA F 168 78.26 -48.24 -18.55
N ASP F 169 78.30 -49.13 -17.56
CA ASP F 169 77.09 -49.52 -16.87
C ASP F 169 76.95 -48.83 -15.51
N LEU F 170 78.04 -48.40 -14.90
CA LEU F 170 78.04 -48.01 -13.51
C LEU F 170 78.83 -46.71 -13.27
N ILE F 171 78.42 -45.63 -13.91
CA ILE F 171 78.95 -44.32 -13.52
C ILE F 171 78.90 -44.22 -12.00
N LEU F 172 80.04 -43.93 -11.39
CA LEU F 172 80.15 -43.85 -9.94
C LEU F 172 80.65 -42.45 -9.59
N ILE F 173 79.71 -41.52 -9.43
CA ILE F 173 80.10 -40.20 -8.96
C ILE F 173 80.52 -40.32 -7.51
N TRP F 174 81.61 -39.67 -7.15
CA TRP F 174 82.15 -39.80 -5.81
C TRP F 174 82.53 -38.42 -5.31
N GLY F 175 81.78 -37.91 -4.35
CA GLY F 175 82.12 -36.66 -3.72
C GLY F 175 82.24 -35.52 -4.70
N SER F 176 81.37 -35.47 -5.69
CA SER F 176 81.45 -34.49 -6.75
C SER F 176 80.15 -33.70 -6.84
N ASN F 177 80.28 -32.39 -6.98
CA ASN F 177 79.15 -31.54 -7.36
C ASN F 177 79.25 -31.24 -8.86
N ALA F 178 79.11 -32.31 -9.65
CA ALA F 178 79.41 -32.24 -11.06
C ALA F 178 78.38 -31.43 -11.84
N VAL F 179 77.23 -31.13 -11.23
CA VAL F 179 76.23 -30.32 -11.91
C VAL F 179 76.29 -28.87 -11.46
N GLU F 180 76.82 -28.60 -10.27
CA GLU F 180 77.08 -27.23 -9.87
C GLU F 180 78.33 -26.69 -10.55
N ALA F 181 79.42 -27.45 -10.47
CA ALA F 181 80.64 -27.15 -11.21
C ALA F 181 80.78 -28.19 -12.30
N HIS F 182 81.11 -27.75 -13.50
CA HIS F 182 81.10 -28.57 -14.72
C HIS F 182 79.71 -29.05 -15.09
N PRO F 183 78.72 -28.17 -15.21
CA PRO F 183 77.37 -28.64 -15.56
C PRO F 183 77.30 -29.39 -16.87
N LEU F 184 78.12 -29.08 -17.84
CA LEU F 184 78.04 -29.84 -19.08
C LEU F 184 78.95 -31.05 -19.08
N ALA F 185 79.64 -31.31 -17.97
CA ALA F 185 80.11 -32.66 -17.71
C ALA F 185 79.01 -33.48 -17.03
N GLY F 186 78.23 -32.84 -16.15
CA GLY F 186 77.10 -33.54 -15.55
C GLY F 186 75.97 -33.83 -16.52
N ARG F 187 75.93 -33.10 -17.63
CA ARG F 187 75.00 -33.44 -18.69
C ARG F 187 75.19 -34.87 -19.15
N ARG F 188 76.42 -35.37 -19.13
CA ARG F 188 76.65 -36.77 -19.49
C ARG F 188 75.97 -37.70 -18.52
N ILE F 189 75.98 -37.36 -17.23
CA ILE F 189 75.26 -38.16 -16.25
C ILE F 189 73.76 -38.14 -16.53
N ALA F 190 73.23 -36.98 -16.92
CA ALA F 190 71.81 -36.90 -17.25
C ALA F 190 71.48 -37.78 -18.46
N GLN F 191 72.31 -37.71 -19.50
CA GLN F 191 72.11 -38.56 -20.67
C GLN F 191 72.22 -40.03 -20.33
N ALA F 192 73.16 -40.38 -19.47
CA ALA F 192 73.33 -41.77 -19.09
C ALA F 192 72.12 -42.30 -18.34
N LYS F 193 71.59 -41.52 -17.39
CA LYS F 193 70.42 -42.03 -16.68
C LYS F 193 69.22 -42.12 -17.61
N LYS F 194 69.14 -41.22 -18.59
CA LYS F 194 68.09 -41.34 -19.59
C LYS F 194 68.27 -42.64 -20.40
N LYS F 195 69.52 -43.01 -20.67
CA LYS F 195 69.81 -44.29 -21.32
C LYS F 195 69.66 -45.48 -20.39
N GLY F 196 69.45 -45.27 -19.09
CA GLY F 196 69.32 -46.39 -18.19
C GLY F 196 70.64 -47.00 -17.78
N ILE F 197 71.49 -46.20 -17.16
CA ILE F 197 72.80 -46.65 -16.69
C ILE F 197 72.83 -46.53 -15.17
N GLN F 198 73.29 -47.58 -14.51
CA GLN F 198 73.39 -47.55 -13.07
C GLN F 198 74.31 -46.40 -12.65
N ILE F 199 73.84 -45.57 -11.72
CA ILE F 199 74.58 -44.42 -11.26
C ILE F 199 74.56 -44.42 -9.74
N ILE F 200 75.73 -44.35 -9.13
CA ILE F 200 75.85 -44.35 -7.68
C ILE F 200 76.59 -43.09 -7.28
N ALA F 201 75.94 -42.24 -6.50
CA ALA F 201 76.58 -41.04 -5.97
C ALA F 201 76.96 -41.29 -4.52
N VAL F 202 78.08 -40.70 -4.10
CA VAL F 202 78.64 -40.97 -2.79
C VAL F 202 79.02 -39.69 -2.04
N ASP F 203 78.51 -38.54 -2.44
CA ASP F 203 78.90 -37.31 -1.76
C ASP F 203 78.44 -37.28 -0.31
N PRO F 204 79.11 -36.53 0.56
CA PRO F 204 78.61 -36.36 1.93
C PRO F 204 77.27 -35.65 2.03
N ARG F 205 76.90 -34.82 1.07
CA ARG F 205 75.63 -34.10 1.14
C ARG F 205 74.81 -34.34 -0.12
N TYR F 206 73.48 -34.29 0.04
CA TYR F 206 72.54 -34.64 -1.02
C TYR F 206 72.52 -33.51 -2.04
N THR F 207 73.45 -33.57 -2.99
CA THR F 207 73.60 -32.51 -3.97
C THR F 207 72.70 -32.75 -5.18
N MET F 208 72.65 -31.73 -6.04
CA MET F 208 71.79 -31.81 -7.20
C MET F 208 72.33 -32.78 -8.24
N THR F 209 73.60 -33.17 -8.13
CA THR F 209 74.11 -34.29 -8.90
C THR F 209 73.87 -35.62 -8.22
N ALA F 210 73.60 -35.61 -6.92
CA ALA F 210 73.19 -36.84 -6.24
C ALA F 210 71.72 -37.12 -6.44
N ARG F 211 70.95 -36.13 -6.88
CA ARG F 211 69.56 -36.40 -7.26
C ARG F 211 69.50 -37.37 -8.44
N LEU F 212 70.40 -37.23 -9.41
CA LEU F 212 70.35 -38.03 -10.63
C LEU F 212 70.66 -39.50 -10.38
N ALA F 213 71.18 -39.86 -9.21
CA ALA F 213 71.74 -41.18 -9.00
C ALA F 213 70.68 -42.17 -8.51
N ASP F 214 70.84 -43.42 -8.95
CA ASP F 214 69.99 -44.50 -8.47
C ASP F 214 70.22 -44.77 -7.00
N THR F 215 71.47 -44.84 -6.58
CA THR F 215 71.82 -45.00 -5.18
C THR F 215 72.57 -43.76 -4.71
N TYR F 216 72.23 -43.28 -3.52
CA TYR F 216 72.96 -42.19 -2.91
C TYR F 216 73.44 -42.65 -1.54
N VAL F 217 74.68 -42.32 -1.21
CA VAL F 217 75.33 -42.81 0.00
C VAL F 217 75.94 -41.65 0.77
N ARG F 218 75.44 -41.40 1.97
CA ARG F 218 76.09 -40.50 2.90
C ARG F 218 77.33 -41.13 3.49
N PHE F 219 78.35 -40.33 3.73
CA PHE F 219 79.41 -40.73 4.63
C PHE F 219 79.90 -39.51 5.39
N ASN F 220 80.49 -39.75 6.55
CA ASN F 220 81.02 -38.67 7.35
C ASN F 220 82.14 -37.97 6.59
N PRO F 221 82.14 -36.65 6.52
CA PRO F 221 83.15 -35.96 5.70
C PRO F 221 84.56 -36.27 6.17
N SER F 222 85.48 -36.30 5.21
CA SER F 222 86.90 -36.63 5.44
C SER F 222 87.06 -38.10 5.84
N THR F 223 86.40 -38.99 5.10
CA THR F 223 86.53 -40.42 5.34
C THR F 223 86.65 -41.21 4.04
N HIS F 224 87.07 -40.58 2.95
CA HIS F 224 87.15 -41.27 1.67
C HIS F 224 88.08 -42.46 1.76
N ILE F 225 89.20 -42.32 2.45
CA ILE F 225 90.15 -43.42 2.58
C ILE F 225 89.50 -44.61 3.25
N ALA F 226 88.77 -44.36 4.34
CA ALA F 226 88.14 -45.46 5.06
C ALA F 226 87.06 -46.14 4.21
N LEU F 227 86.22 -45.34 3.54
CA LEU F 227 85.16 -45.94 2.75
C LEU F 227 85.72 -46.74 1.58
N ALA F 228 86.69 -46.19 0.87
CA ALA F 228 87.28 -46.93 -0.25
C ALA F 228 88.04 -48.15 0.23
N ASN F 229 88.69 -48.06 1.39
CA ASN F 229 89.37 -49.23 1.93
C ASN F 229 88.37 -50.33 2.24
N SER F 230 87.21 -49.98 2.79
CA SER F 230 86.20 -51.00 3.04
C SER F 230 85.71 -51.63 1.74
N MET F 231 85.44 -50.79 0.73
CA MET F 231 84.95 -51.33 -0.54
C MET F 231 85.96 -52.29 -1.15
N MET F 232 87.23 -51.91 -1.14
CA MET F 232 88.25 -52.82 -1.65
C MET F 232 88.40 -54.06 -0.78
N TYR F 233 88.16 -53.96 0.53
CA TYR F 233 88.19 -55.15 1.34
C TYR F 233 87.14 -56.15 0.91
N TRP F 234 85.92 -55.68 0.65
CA TRP F 234 84.89 -56.62 0.26
C TRP F 234 85.14 -57.17 -1.13
N ILE F 235 85.64 -56.33 -2.05
CA ILE F 235 85.98 -56.82 -3.38
C ILE F 235 87.01 -57.94 -3.29
N ILE F 236 88.06 -57.73 -2.49
CA ILE F 236 89.06 -58.77 -2.31
C ILE F 236 88.46 -60.00 -1.64
N LYS F 237 87.63 -59.78 -0.62
CA LYS F 237 87.14 -60.89 0.20
C LYS F 237 86.29 -61.85 -0.61
N GLU F 238 85.42 -61.32 -1.46
CA GLU F 238 84.63 -62.19 -2.32
C GLU F 238 85.30 -62.47 -3.66
N GLY F 239 86.49 -61.91 -3.89
CA GLY F 239 87.25 -62.26 -5.07
C GLY F 239 86.63 -61.83 -6.38
N LEU F 240 86.12 -60.61 -6.46
CA LEU F 240 85.65 -60.03 -7.70
C LEU F 240 86.72 -59.16 -8.36
N GLU F 241 87.93 -59.16 -7.82
CA GLU F 241 89.06 -58.54 -8.48
C GLU F 241 89.28 -59.15 -9.87
N ASP F 242 90.05 -58.44 -10.69
CA ASP F 242 90.32 -58.85 -12.06
C ASP F 242 91.70 -59.50 -12.09
N LYS F 243 91.74 -60.83 -12.23
CA LYS F 243 93.00 -61.55 -12.10
C LYS F 243 93.93 -61.28 -13.27
N LYS F 244 93.44 -61.35 -14.51
CA LYS F 244 94.32 -61.09 -15.64
C LYS F 244 94.88 -59.68 -15.56
N PHE F 245 94.03 -58.71 -15.26
CA PHE F 245 94.48 -57.32 -15.16
C PHE F 245 95.51 -57.16 -14.06
N ILE F 246 95.23 -57.66 -12.86
CA ILE F 246 96.15 -57.46 -11.76
C ILE F 246 97.47 -58.18 -12.01
N GLN F 247 97.41 -59.36 -12.61
CA GLN F 247 98.62 -60.14 -12.82
C GLN F 247 99.43 -59.60 -14.00
N ASP F 248 98.81 -58.84 -14.89
CA ASP F 248 99.47 -58.39 -16.11
C ASP F 248 99.91 -56.93 -16.07
N ARG F 249 99.10 -56.05 -15.49
CA ARG F 249 99.31 -54.62 -15.64
C ARG F 249 99.37 -53.85 -14.33
N VAL F 250 99.32 -54.52 -13.18
CA VAL F 250 99.25 -53.84 -11.90
C VAL F 250 100.25 -54.47 -10.95
N ASN F 251 100.75 -53.66 -10.01
CA ASN F 251 101.77 -54.10 -9.07
C ASN F 251 101.49 -53.52 -7.69
N GLY F 252 101.74 -54.31 -6.65
CA GLY F 252 101.53 -53.88 -5.27
C GLY F 252 100.37 -54.55 -4.55
N PHE F 253 99.85 -55.65 -5.11
CA PHE F 253 98.60 -56.21 -4.60
C PHE F 253 98.75 -56.71 -3.17
N GLU F 254 99.91 -57.28 -2.82
CA GLU F 254 100.09 -57.74 -1.47
C GLU F 254 100.04 -56.58 -0.47
N ASP F 255 100.65 -55.46 -0.84
CA ASP F 255 100.61 -54.28 0.02
C ASP F 255 99.18 -53.81 0.20
N LEU F 256 98.41 -53.77 -0.88
CA LEU F 256 97.00 -53.42 -0.74
C LEU F 256 96.28 -54.41 0.17
N LYS F 257 96.62 -55.69 0.07
CA LYS F 257 95.99 -56.72 0.87
C LYS F 257 96.15 -56.44 2.36
N LYS F 258 97.41 -56.33 2.81
CA LYS F 258 97.64 -55.95 4.21
C LYS F 258 96.91 -54.68 4.58
N THR F 259 97.04 -53.64 3.76
CA THR F 259 96.55 -52.34 4.20
C THR F 259 95.04 -52.36 4.40
N VAL F 260 94.31 -53.01 3.50
CA VAL F 260 92.86 -52.97 3.58
C VAL F 260 92.27 -54.00 4.52
N GLU F 261 93.00 -55.07 4.87
CA GLU F 261 92.31 -56.08 5.66
C GLU F 261 91.88 -55.61 7.04
N ASN F 262 92.15 -54.36 7.43
CA ASN F 262 91.71 -53.83 8.71
C ASN F 262 90.46 -52.97 8.61
N TYR F 263 89.70 -53.11 7.53
CA TYR F 263 88.55 -52.25 7.31
C TYR F 263 87.31 -53.08 7.04
N ALA F 264 87.14 -54.19 7.75
CA ALA F 264 85.90 -54.95 7.65
C ALA F 264 84.72 -54.15 8.15
N ASP F 265 84.83 -53.62 9.37
CA ASP F 265 83.78 -52.82 10.00
C ASP F 265 84.33 -51.43 10.23
N ALA F 266 84.01 -50.52 9.32
CA ALA F 266 84.45 -49.13 9.45
C ALA F 266 83.28 -48.18 9.63
N GLU F 267 82.12 -48.69 10.05
CA GLU F 267 80.98 -47.83 10.33
C GLU F 267 81.31 -46.77 11.37
N ALA F 268 82.28 -47.05 12.23
CA ALA F 268 82.73 -46.05 13.18
C ALA F 268 83.27 -44.82 12.48
N ILE F 269 84.08 -45.01 11.44
CA ILE F 269 84.70 -43.89 10.75
C ILE F 269 83.76 -43.24 9.77
N HIS F 270 83.34 -43.98 8.75
CA HIS F 270 82.36 -43.51 7.79
C HIS F 270 80.98 -43.98 8.21
N GLY F 271 79.98 -43.20 7.88
CA GLY F 271 78.66 -43.53 8.40
C GLY F 271 77.94 -44.65 7.69
N VAL F 272 78.57 -45.29 6.71
CA VAL F 272 77.85 -46.18 5.79
C VAL F 272 77.66 -47.55 6.44
N PRO F 273 76.43 -48.06 6.52
CA PRO F 273 76.24 -49.42 7.03
C PRO F 273 76.87 -50.46 6.13
N LEU F 274 77.23 -51.59 6.74
CA LEU F 274 77.90 -52.66 6.00
C LEU F 274 77.05 -53.17 4.85
N ASP F 275 75.73 -53.13 4.99
CA ASP F 275 74.86 -53.55 3.91
C ASP F 275 75.03 -52.65 2.69
N VAL F 276 75.04 -51.33 2.90
CA VAL F 276 75.20 -50.40 1.79
C VAL F 276 76.60 -50.49 1.21
N VAL F 277 77.61 -50.70 2.06
CA VAL F 277 78.97 -50.85 1.57
C VAL F 277 79.06 -52.06 0.65
N LYS F 278 78.54 -53.20 1.08
CA LYS F 278 78.57 -54.38 0.22
C LYS F 278 77.79 -54.14 -1.05
N ASP F 279 76.66 -53.45 -0.97
CA ASP F 279 75.88 -53.17 -2.17
C ASP F 279 76.69 -52.42 -3.20
N ILE F 280 77.29 -51.29 -2.80
CA ILE F 280 78.03 -50.50 -3.79
C ILE F 280 79.28 -51.23 -4.24
N ALA F 281 79.97 -51.91 -3.32
CA ALA F 281 81.19 -52.62 -3.68
C ALA F 281 80.91 -53.71 -4.71
N PHE F 282 79.88 -54.49 -4.49
CA PHE F 282 79.61 -55.59 -5.42
C PHE F 282 79.01 -55.09 -6.72
N ARG F 283 78.20 -54.04 -6.70
CA ARG F 283 77.75 -53.47 -7.95
C ARG F 283 78.91 -52.97 -8.79
N TYR F 284 79.88 -52.33 -8.14
CA TYR F 284 81.04 -51.82 -8.86
C TYR F 284 81.91 -52.95 -9.39
N ALA F 285 82.21 -53.94 -8.55
CA ALA F 285 83.06 -55.03 -8.97
C ALA F 285 82.40 -55.93 -10.01
N LYS F 286 81.06 -56.00 -10.02
CA LYS F 286 80.35 -56.83 -10.97
C LYS F 286 80.09 -56.12 -12.29
N ALA F 287 79.96 -54.80 -12.27
CA ALA F 287 79.83 -54.07 -13.52
C ALA F 287 81.01 -54.36 -14.42
N LYS F 288 80.73 -54.64 -15.69
CA LYS F 288 81.80 -54.96 -16.62
C LYS F 288 82.63 -53.72 -16.96
N ASN F 289 81.97 -52.58 -17.15
CA ASN F 289 82.63 -51.33 -17.51
C ASN F 289 82.09 -50.24 -16.59
N ALA F 290 82.91 -49.82 -15.63
CA ALA F 290 82.49 -48.86 -14.63
C ALA F 290 83.45 -47.70 -14.59
N VAL F 291 82.93 -46.48 -14.56
CA VAL F 291 83.73 -45.26 -14.61
C VAL F 291 83.56 -44.50 -13.31
N ILE F 292 84.67 -44.02 -12.76
CA ILE F 292 84.68 -43.24 -11.53
C ILE F 292 84.87 -41.78 -11.89
N ILE F 293 84.03 -40.91 -11.34
CA ILE F 293 84.16 -39.47 -11.52
C ILE F 293 84.47 -38.85 -10.17
N TYR F 294 85.63 -38.24 -10.04
CA TYR F 294 86.11 -37.74 -8.77
C TYR F 294 86.11 -36.21 -8.76
N CYS F 295 85.75 -35.64 -7.63
CA CYS F 295 85.86 -34.20 -7.41
C CYS F 295 85.77 -33.87 -5.93
N THR F 305 95.52 -36.13 -2.15
CA THR F 305 96.63 -36.99 -2.65
C THR F 305 96.27 -38.44 -2.37
N ASP F 306 96.09 -38.78 -1.10
CA ASP F 306 95.69 -40.15 -0.70
C ASP F 306 94.31 -40.39 -1.27
N ASN F 307 93.48 -39.35 -1.28
CA ASN F 307 92.09 -39.50 -1.78
C ASN F 307 92.09 -39.94 -3.24
N VAL F 308 92.96 -39.40 -4.09
CA VAL F 308 92.89 -39.80 -5.53
C VAL F 308 93.63 -41.13 -5.75
N ARG F 309 94.67 -41.43 -4.98
CA ARG F 309 95.32 -42.74 -5.11
C ARG F 309 94.42 -43.86 -4.65
N SER F 310 93.49 -43.59 -3.73
CA SER F 310 92.51 -44.62 -3.40
C SER F 310 91.59 -44.91 -4.58
N MET F 311 91.23 -43.86 -5.33
CA MET F 311 90.45 -44.08 -6.55
C MET F 311 91.24 -44.88 -7.57
N GLY F 312 92.52 -44.56 -7.73
CA GLY F 312 93.37 -45.37 -8.59
C GLY F 312 93.42 -46.81 -8.11
N ASN F 313 93.45 -47.00 -6.80
CA ASN F 313 93.43 -48.35 -6.24
C ASN F 313 92.17 -49.08 -6.67
N LEU F 314 91.02 -48.42 -6.57
CA LEU F 314 89.76 -49.06 -6.94
C LEU F 314 89.75 -49.45 -8.40
N ALA F 315 90.11 -48.50 -9.28
CA ALA F 315 90.06 -48.79 -10.71
C ALA F 315 91.04 -49.90 -11.09
N LEU F 316 92.25 -49.87 -10.54
CA LEU F 316 93.21 -50.92 -10.85
C LEU F 316 92.75 -52.26 -10.27
N LEU F 317 92.15 -52.25 -9.09
CA LEU F 317 91.71 -53.48 -8.46
C LEU F 317 90.63 -54.15 -9.26
N THR F 318 89.71 -53.38 -9.83
CA THR F 318 88.66 -53.96 -10.65
C THR F 318 89.02 -53.99 -12.13
N GLY F 319 90.25 -53.62 -12.49
CA GLY F 319 90.66 -53.68 -13.88
C GLY F 319 89.90 -52.72 -14.76
N ASN F 320 89.50 -51.58 -14.23
CA ASN F 320 88.66 -50.62 -14.94
C ASN F 320 89.48 -49.45 -15.47
N VAL F 321 90.43 -49.69 -16.37
CA VAL F 321 91.26 -48.55 -16.79
C VAL F 321 91.33 -48.31 -18.30
N GLY F 322 91.93 -49.24 -19.03
CA GLY F 322 92.34 -48.93 -20.38
C GLY F 322 91.40 -49.30 -21.50
N ARG F 323 90.23 -48.67 -21.58
CA ARG F 323 89.20 -49.20 -22.47
C ARG F 323 88.10 -48.15 -22.61
N GLU F 324 87.28 -48.29 -23.65
CA GLU F 324 86.12 -47.44 -23.79
C GLU F 324 85.11 -47.69 -22.68
N GLY F 325 84.46 -46.63 -22.23
CA GLY F 325 83.42 -46.74 -21.22
C GLY F 325 83.88 -47.01 -19.81
N VAL F 326 85.10 -46.59 -19.48
CA VAL F 326 85.64 -46.94 -18.18
C VAL F 326 86.61 -45.84 -17.75
N GLY F 327 87.23 -45.97 -16.60
CA GLY F 327 88.35 -45.12 -16.24
C GLY F 327 88.08 -44.27 -15.01
N VAL F 328 88.93 -43.27 -14.84
CA VAL F 328 88.84 -42.31 -13.73
C VAL F 328 88.92 -40.92 -14.32
N ASN F 329 87.99 -40.05 -13.97
CA ASN F 329 87.88 -38.71 -14.54
C ASN F 329 87.83 -37.67 -13.44
N PRO F 330 88.96 -37.29 -12.88
CA PRO F 330 88.96 -36.20 -11.89
C PRO F 330 88.73 -34.85 -12.59
N LEU F 331 87.72 -34.13 -12.14
CA LEU F 331 87.30 -32.89 -12.77
C LEU F 331 88.17 -31.74 -12.27
N ARG F 332 88.62 -30.88 -13.19
CA ARG F 332 89.66 -29.91 -12.86
C ARG F 332 89.13 -28.66 -12.17
N GLY F 333 88.32 -27.88 -12.87
CA GLY F 333 87.68 -26.72 -12.29
C GLY F 333 88.10 -25.38 -12.85
N GLN F 334 89.31 -25.26 -13.37
CA GLN F 334 89.76 -24.03 -13.99
C GLN F 334 89.88 -24.27 -15.49
N ASN F 335 89.71 -23.19 -16.27
CA ASN F 335 89.56 -23.40 -17.71
C ASN F 335 90.81 -23.93 -18.36
N ASN F 336 91.98 -23.53 -17.88
CA ASN F 336 93.22 -23.95 -18.51
C ASN F 336 94.24 -24.43 -17.50
N VAL F 337 93.78 -25.04 -16.40
CA VAL F 337 94.71 -25.60 -15.43
C VAL F 337 95.50 -26.75 -16.04
N GLN F 338 94.82 -27.63 -16.79
CA GLN F 338 95.50 -28.69 -17.49
C GLN F 338 96.49 -28.12 -18.49
N GLY F 339 96.10 -27.08 -19.21
CA GLY F 339 96.98 -26.49 -20.20
C GLY F 339 98.22 -25.87 -19.59
N ALA F 340 98.07 -25.18 -18.46
CA ALA F 340 99.24 -24.60 -17.81
C ALA F 340 100.20 -25.68 -17.32
N CYS F 341 99.67 -26.72 -16.70
CA CYS F 341 100.53 -27.82 -16.28
C CYS F 341 101.22 -28.46 -17.48
N ASP F 342 100.49 -28.62 -18.59
CA ASP F 342 101.07 -29.20 -19.79
C ASP F 342 102.20 -28.35 -20.33
N MET F 343 101.98 -27.03 -20.40
CA MET F 343 102.97 -26.12 -20.94
C MET F 343 104.20 -26.04 -20.05
N GLY F 344 104.05 -26.36 -18.77
CA GLY F 344 105.25 -26.50 -17.98
C GLY F 344 105.43 -25.35 -17.03
N ALA F 345 104.32 -24.90 -16.46
CA ALA F 345 104.31 -23.86 -15.46
C ALA F 345 104.37 -24.44 -14.06
N TYR F 346 105.05 -25.56 -13.89
CA TYR F 346 105.38 -26.14 -12.61
C TYR F 346 106.86 -26.04 -12.35
N PRO F 347 107.28 -26.13 -11.08
CA PRO F 347 108.72 -26.09 -10.78
C PRO F 347 109.50 -27.25 -11.36
N ASN F 348 108.91 -28.44 -11.50
CA ASN F 348 109.69 -29.62 -11.79
C ASN F 348 109.59 -30.12 -13.22
N VAL F 349 108.64 -29.65 -14.01
CA VAL F 349 108.45 -30.17 -15.36
C VAL F 349 108.72 -29.07 -16.36
N TYR F 350 109.34 -29.45 -17.48
CA TYR F 350 109.62 -28.48 -18.53
C TYR F 350 108.39 -28.24 -19.40
N SER F 351 107.90 -29.29 -20.05
CA SER F 351 106.72 -29.17 -20.90
C SER F 351 106.32 -30.57 -21.33
N GLY F 352 105.02 -30.82 -21.38
CA GLY F 352 104.57 -32.19 -21.59
C GLY F 352 105.02 -33.12 -20.48
N TYR F 353 105.19 -32.59 -19.27
CA TYR F 353 105.63 -33.36 -18.11
C TYR F 353 106.98 -34.00 -18.33
N GLN F 354 107.89 -33.27 -18.97
CA GLN F 354 109.29 -33.70 -19.05
C GLN F 354 109.98 -33.21 -17.78
N LYS F 355 110.33 -34.13 -16.89
CA LYS F 355 110.96 -33.76 -15.64
C LYS F 355 112.28 -33.06 -15.89
N CYS F 356 112.59 -32.08 -15.03
CA CYS F 356 113.87 -31.41 -15.07
C CYS F 356 114.94 -32.13 -14.25
N GLU F 357 114.55 -33.16 -13.51
CA GLU F 357 115.51 -33.94 -12.74
C GLU F 357 116.37 -34.82 -13.63
N VAL F 358 116.00 -35.00 -14.89
CA VAL F 358 116.70 -35.91 -15.78
C VAL F 358 117.51 -35.11 -16.79
N ALA F 359 118.83 -35.34 -16.75
CA ALA F 359 119.77 -34.59 -17.57
C ALA F 359 119.49 -34.78 -19.05
N GLU F 360 118.80 -35.85 -19.42
CA GLU F 360 118.52 -36.11 -20.82
C GLU F 360 117.71 -34.97 -21.44
N ASN F 361 116.49 -34.77 -20.95
CA ASN F 361 115.70 -33.68 -21.51
C ASN F 361 116.15 -32.33 -20.98
N ARG F 362 116.92 -32.28 -19.89
CA ARG F 362 117.53 -31.00 -19.54
C ARG F 362 118.46 -30.53 -20.65
N ALA F 363 119.33 -31.42 -21.14
CA ALA F 363 120.21 -31.08 -22.25
C ALA F 363 119.43 -30.87 -23.53
N LYS F 364 118.33 -31.60 -23.72
CA LYS F 364 117.50 -31.35 -24.89
C LYS F 364 116.93 -29.94 -24.85
N MET F 365 116.47 -29.49 -23.69
CA MET F 365 116.01 -28.12 -23.54
C MET F 365 117.13 -27.13 -23.86
N GLU F 366 118.32 -27.39 -23.34
CA GLU F 366 119.44 -26.48 -23.59
C GLU F 366 119.71 -26.36 -25.07
N LYS F 367 119.79 -27.49 -25.77
CA LYS F 367 120.06 -27.45 -27.20
C LYS F 367 118.93 -26.74 -27.96
N ALA F 368 117.68 -27.04 -27.63
CA ALA F 368 116.57 -26.47 -28.37
C ALA F 368 116.44 -24.97 -28.14
N TRP F 369 116.63 -24.52 -26.91
CA TRP F 369 116.44 -23.14 -26.56
C TRP F 369 117.70 -22.30 -26.72
N SER F 370 118.83 -22.92 -27.07
CA SER F 370 120.09 -22.21 -27.29
C SER F 370 120.54 -21.49 -26.03
N VAL F 371 120.38 -22.17 -24.88
CA VAL F 371 120.75 -21.65 -23.58
C VAL F 371 121.50 -22.76 -22.85
N THR F 372 122.25 -22.39 -21.82
CA THR F 372 123.14 -23.32 -21.13
C THR F 372 122.87 -23.30 -19.63
N ASN F 373 123.21 -24.41 -18.98
CA ASN F 373 123.18 -24.52 -17.53
C ASN F 373 121.79 -24.26 -16.96
N LEU F 374 120.84 -25.09 -17.38
CA LEU F 374 119.51 -25.03 -16.83
C LEU F 374 119.52 -25.49 -15.37
N PRO F 375 118.61 -24.97 -14.52
CA PRO F 375 118.78 -25.10 -13.06
C PRO F 375 118.88 -26.52 -12.56
N ASP F 376 117.84 -27.32 -12.80
CA ASP F 376 117.58 -28.71 -12.42
C ASP F 376 117.11 -28.88 -10.97
N TRP F 377 117.07 -27.83 -10.17
CA TRP F 377 116.61 -28.00 -8.79
C TRP F 377 115.10 -27.78 -8.72
N TYR F 378 114.49 -28.38 -7.71
CA TYR F 378 113.05 -28.29 -7.56
C TYR F 378 112.70 -26.88 -7.11
N GLY F 379 111.89 -26.18 -7.91
CA GLY F 379 111.59 -24.80 -7.64
C GLY F 379 110.76 -24.58 -6.40
N ALA F 380 110.15 -23.41 -6.29
CA ALA F 380 109.32 -23.06 -5.15
C ALA F 380 107.89 -22.92 -5.63
N THR F 381 106.96 -23.61 -4.96
CA THR F 381 105.56 -23.53 -5.32
C THR F 381 105.00 -22.19 -4.85
N LEU F 382 103.70 -21.97 -5.03
CA LEU F 382 103.11 -20.67 -4.70
C LEU F 382 103.30 -20.35 -3.22
N THR F 383 102.86 -21.25 -2.35
CA THR F 383 102.95 -20.98 -0.93
C THR F 383 104.38 -20.95 -0.45
N GLU F 384 105.24 -21.79 -1.04
CA GLU F 384 106.66 -21.72 -0.73
C GLU F 384 107.20 -20.32 -0.99
N GLN F 385 106.89 -19.77 -2.16
CA GLN F 385 107.35 -18.42 -2.51
C GLN F 385 106.79 -17.39 -1.56
N ILE F 386 105.48 -17.45 -1.31
CA ILE F 386 104.86 -16.41 -0.49
C ILE F 386 105.40 -16.43 0.92
N ASN F 387 105.65 -17.63 1.47
CA ASN F 387 106.21 -17.70 2.81
C ASN F 387 107.65 -17.20 2.85
N GLN F 388 108.46 -17.52 1.83
CA GLN F 388 109.81 -16.99 1.78
C GLN F 388 109.91 -15.70 0.96
N CYS F 389 108.84 -14.91 0.93
CA CYS F 389 108.76 -13.73 0.07
C CYS F 389 109.68 -12.60 0.49
N GLY F 390 110.30 -12.67 1.65
CA GLY F 390 111.27 -11.65 1.99
C GLY F 390 112.63 -12.24 2.30
N ASP F 391 112.65 -13.51 2.70
CA ASP F 391 113.87 -14.13 3.20
C ASP F 391 114.91 -14.27 2.09
N GLU F 392 114.53 -14.85 0.96
CA GLU F 392 115.46 -14.94 -0.16
C GLU F 392 114.84 -14.54 -1.49
N ILE F 393 113.52 -14.67 -1.62
CA ILE F 393 112.84 -14.22 -2.82
C ILE F 393 112.53 -12.74 -2.68
N LYS F 394 112.82 -11.97 -3.71
CA LYS F 394 112.49 -10.54 -3.74
C LYS F 394 112.45 -10.11 -5.19
N GLY F 395 111.29 -9.60 -5.61
CA GLY F 395 111.04 -9.45 -7.03
C GLY F 395 110.17 -10.57 -7.52
N MET F 396 109.01 -10.22 -8.06
CA MET F 396 108.00 -11.21 -8.37
C MET F 396 107.18 -10.73 -9.55
N TYR F 397 106.99 -11.57 -10.57
CA TYR F 397 106.06 -11.23 -11.67
C TYR F 397 104.82 -12.08 -11.43
N ILE F 398 103.64 -11.48 -11.38
CA ILE F 398 102.37 -12.22 -11.16
C ILE F 398 101.53 -12.08 -12.42
N LEU F 399 101.43 -13.12 -13.24
CA LEU F 399 100.74 -12.99 -14.55
C LEU F 399 99.23 -12.77 -14.51
N GLY F 400 98.48 -13.37 -13.60
CA GLY F 400 97.04 -13.03 -13.57
C GLY F 400 96.41 -13.29 -12.23
N LEU F 401 97.20 -13.41 -11.19
CA LEU F 401 96.74 -13.79 -9.88
C LEU F 401 96.24 -12.61 -9.06
N ASN F 402 95.38 -12.92 -8.09
CA ASN F 402 94.93 -12.01 -7.06
C ASN F 402 95.16 -12.68 -5.71
N PRO F 403 96.43 -12.84 -5.32
CA PRO F 403 96.73 -13.64 -4.12
C PRO F 403 96.10 -13.10 -2.86
N VAL F 404 95.99 -11.77 -2.72
CA VAL F 404 95.46 -11.21 -1.49
C VAL F 404 94.01 -11.61 -1.28
N VAL F 405 93.28 -11.87 -2.37
CA VAL F 405 91.90 -12.31 -2.25
C VAL F 405 91.77 -13.82 -2.30
N THR F 406 92.75 -14.52 -2.88
CA THR F 406 92.59 -15.95 -3.05
C THR F 406 93.22 -16.77 -1.92
N TYR F 407 94.42 -16.43 -1.48
CA TYR F 407 95.06 -17.23 -0.45
C TYR F 407 94.36 -17.06 0.89
N PRO F 408 94.36 -18.09 1.73
CA PRO F 408 93.96 -17.91 3.13
C PRO F 408 95.00 -17.10 3.88
N SER F 409 94.55 -16.48 4.97
CA SER F 409 95.35 -15.52 5.72
C SER F 409 95.77 -14.36 4.81
N SER F 410 94.76 -13.65 4.30
CA SER F 410 95.00 -12.56 3.37
C SER F 410 95.88 -11.48 3.99
N ASN F 411 95.75 -11.26 5.29
CA ASN F 411 96.58 -10.26 5.96
C ASN F 411 98.04 -10.70 5.98
N HIS F 412 98.29 -11.99 6.18
CA HIS F 412 99.65 -12.50 6.07
C HIS F 412 100.17 -12.35 4.65
N VAL F 413 99.32 -12.58 3.66
CA VAL F 413 99.71 -12.40 2.27
C VAL F 413 100.11 -10.95 2.02
N LYS F 414 99.31 -10.01 2.53
CA LYS F 414 99.63 -8.60 2.36
C LYS F 414 100.95 -8.24 3.04
N ALA F 415 101.17 -8.78 4.24
CA ALA F 415 102.43 -8.51 4.92
C ALA F 415 103.62 -9.00 4.10
N GLN F 416 103.52 -10.24 3.58
CA GLN F 416 104.62 -10.77 2.81
C GLN F 416 104.84 -9.99 1.52
N LEU F 417 103.76 -9.60 0.86
CA LEU F 417 103.89 -8.85 -0.39
C LEU F 417 104.48 -7.47 -0.17
N GLU F 418 104.12 -6.80 0.93
CA GLU F 418 104.76 -5.53 1.24
C GLU F 418 106.19 -5.71 1.70
N LYS F 419 106.56 -6.89 2.19
CA LYS F 419 107.96 -7.17 2.47
C LYS F 419 108.80 -7.34 1.22
N LEU F 420 108.22 -7.08 0.05
CA LEU F 420 108.80 -7.51 -1.22
C LEU F 420 109.28 -6.32 -2.04
N ASP F 421 110.42 -6.50 -2.69
CA ASP F 421 111.01 -5.50 -3.57
C ASP F 421 110.54 -5.75 -5.00
N PHE F 422 109.84 -4.77 -5.58
CA PHE F 422 109.49 -4.77 -6.99
C PHE F 422 108.62 -5.95 -7.39
N LEU F 423 107.39 -5.93 -6.90
CA LEU F 423 106.33 -6.74 -7.48
C LEU F 423 105.93 -6.17 -8.83
N VAL F 424 105.68 -6.99 -9.85
CA VAL F 424 105.14 -6.54 -11.18
C VAL F 424 103.82 -7.28 -11.36
N VAL F 425 102.73 -6.66 -11.74
CA VAL F 425 101.46 -7.42 -11.82
C VAL F 425 100.86 -7.19 -13.20
N GLN F 426 100.49 -8.24 -13.91
CA GLN F 426 99.80 -8.05 -15.21
C GLN F 426 98.34 -8.44 -15.06
N ASP F 427 97.39 -7.52 -15.22
CA ASP F 427 95.98 -7.96 -15.11
C ASP F 427 95.07 -7.25 -16.12
N ILE F 428 93.83 -7.72 -16.30
CA ILE F 428 92.84 -7.00 -17.09
C ILE F 428 92.04 -6.03 -16.25
N PHE F 429 92.06 -6.17 -14.92
CA PHE F 429 91.28 -5.34 -14.02
C PHE F 429 92.17 -4.85 -12.90
N PHE F 430 91.74 -3.77 -12.25
CA PHE F 430 92.47 -3.27 -11.09
C PHE F 430 92.02 -4.04 -9.88
N THR F 431 92.80 -5.04 -9.50
CA THR F 431 92.45 -5.93 -8.41
C THR F 431 92.92 -5.34 -7.09
N GLU F 432 92.85 -6.15 -6.02
CA GLU F 432 93.36 -5.72 -4.74
C GLU F 432 94.86 -5.92 -4.63
N THR F 433 95.39 -6.93 -5.32
CA THR F 433 96.82 -7.18 -5.33
C THR F 433 97.56 -6.08 -6.08
N CYS F 434 96.86 -5.32 -6.91
CA CYS F 434 97.50 -4.30 -7.71
C CYS F 434 98.08 -3.17 -6.87
N GLN F 435 97.45 -2.82 -5.73
CA GLN F 435 97.98 -1.72 -4.94
C GLN F 435 99.40 -1.97 -4.49
N TYR F 436 99.79 -3.23 -4.36
CA TYR F 436 101.12 -3.53 -3.85
C TYR F 436 102.13 -3.66 -4.97
N ALA F 437 101.69 -3.52 -6.22
CA ALA F 437 102.58 -3.60 -7.35
C ALA F 437 103.40 -2.33 -7.47
N ASP F 438 104.54 -2.44 -8.12
CA ASP F 438 105.31 -1.27 -8.53
C ASP F 438 105.08 -0.93 -9.99
N VAL F 439 104.78 -1.92 -10.82
CA VAL F 439 104.40 -1.71 -12.21
C VAL F 439 103.14 -2.53 -12.42
N ILE F 440 102.24 -2.03 -13.26
CA ILE F 440 101.05 -2.77 -13.62
C ILE F 440 100.95 -2.76 -15.13
N LEU F 441 101.07 -3.93 -15.73
CA LEU F 441 101.05 -4.03 -17.19
C LEU F 441 99.64 -4.48 -17.60
N PRO F 442 98.82 -3.73 -18.36
CA PRO F 442 97.47 -4.16 -18.73
C PRO F 442 97.50 -5.35 -19.67
N GLY F 443 96.50 -6.20 -19.56
CA GLY F 443 96.42 -7.42 -20.33
C GLY F 443 95.14 -7.50 -21.15
N ALA F 444 95.05 -8.59 -21.90
CA ALA F 444 93.88 -8.88 -22.71
C ALA F 444 93.15 -10.08 -22.12
N CYS F 445 91.85 -10.14 -22.35
CA CYS F 445 91.05 -11.25 -21.88
C CYS F 445 90.89 -12.27 -23.01
N PHE F 446 90.03 -13.27 -22.78
CA PHE F 446 89.89 -14.36 -23.72
C PHE F 446 89.30 -13.89 -25.04
N ALA F 447 88.59 -12.77 -25.06
CA ALA F 447 88.02 -12.28 -26.31
C ALA F 447 89.01 -11.49 -27.13
N GLU F 448 90.17 -11.13 -26.58
CA GLU F 448 91.22 -10.48 -27.35
C GLU F 448 92.43 -11.35 -27.59
N LYS F 449 92.61 -12.41 -26.82
CA LYS F 449 93.71 -13.32 -27.12
C LYS F 449 93.38 -14.19 -28.33
N ASP F 450 94.37 -14.94 -28.80
CA ASP F 450 94.20 -15.81 -29.95
C ASP F 450 94.93 -17.13 -29.74
N GLY F 451 94.82 -17.71 -28.56
CA GLY F 451 95.57 -18.90 -28.22
C GLY F 451 94.73 -20.16 -28.21
N THR F 452 95.10 -21.09 -27.34
CA THR F 452 94.36 -22.33 -27.12
C THR F 452 94.15 -22.57 -25.64
N PHE F 453 93.02 -23.17 -25.31
CA PHE F 453 92.82 -23.74 -23.99
C PHE F 453 92.99 -25.26 -24.06
N THR F 454 93.07 -25.89 -22.89
CA THR F 454 93.13 -27.34 -22.81
C THR F 454 92.11 -27.81 -21.77
N SER F 455 91.13 -28.57 -22.22
CA SER F 455 90.06 -29.03 -21.35
C SER F 455 90.60 -29.97 -20.28
N GLY F 456 89.71 -30.35 -19.36
CA GLY F 456 90.08 -31.35 -18.37
C GLY F 456 90.17 -32.74 -18.93
N GLU F 457 89.54 -32.98 -20.08
CA GLU F 457 89.66 -34.23 -20.82
C GLU F 457 90.80 -34.22 -21.82
N ARG F 458 91.80 -33.37 -21.61
CA ARG F 458 93.04 -33.32 -22.38
C ARG F 458 92.84 -32.79 -23.78
N ARG F 459 91.71 -32.16 -24.08
CA ARG F 459 91.42 -31.68 -25.43
C ARG F 459 91.89 -30.25 -25.61
N ILE F 460 92.67 -30.01 -26.66
CA ILE F 460 93.13 -28.66 -26.99
C ILE F 460 92.09 -27.99 -27.88
N ASN F 461 91.57 -26.87 -27.43
CA ASN F 461 90.56 -26.11 -28.15
C ASN F 461 91.11 -24.75 -28.53
N ARG F 462 90.62 -24.21 -29.63
CA ARG F 462 91.07 -22.92 -30.12
C ARG F 462 90.31 -21.79 -29.46
N VAL F 463 91.04 -20.72 -29.12
CA VAL F 463 90.46 -19.44 -28.73
C VAL F 463 90.71 -18.48 -29.87
N ARG F 464 89.68 -17.75 -30.28
CA ARG F 464 89.78 -16.89 -31.43
C ARG F 464 89.57 -15.44 -31.04
N LYS F 465 90.21 -14.54 -31.78
CA LYS F 465 90.16 -13.12 -31.48
C LYS F 465 88.85 -12.54 -31.99
N ALA F 466 88.11 -11.91 -31.09
CA ALA F 466 86.85 -11.28 -31.43
C ALA F 466 86.99 -9.77 -31.57
N VAL F 467 87.64 -9.14 -30.60
CA VAL F 467 87.80 -7.69 -30.57
C VAL F 467 89.25 -7.36 -30.25
N ASN F 468 89.54 -6.09 -30.22
CA ASN F 468 90.88 -5.60 -29.88
C ASN F 468 90.94 -5.24 -28.40
N PRO F 469 92.13 -5.29 -27.81
CA PRO F 469 92.27 -4.90 -26.42
C PRO F 469 91.86 -3.45 -26.23
N PRO F 470 91.32 -3.11 -25.06
CA PRO F 470 90.56 -1.84 -24.92
C PRO F 470 91.29 -0.61 -25.41
N GLY F 471 92.43 -0.29 -24.82
CA GLY F 471 93.19 0.87 -25.23
C GLY F 471 94.57 0.51 -25.69
N GLN F 472 95.56 0.81 -24.85
CA GLN F 472 96.94 0.46 -25.08
C GLN F 472 97.30 -0.90 -24.49
N ALA F 473 96.32 -1.65 -24.00
CA ALA F 473 96.59 -2.98 -23.45
C ALA F 473 97.05 -3.92 -24.55
N LYS F 474 97.90 -4.87 -24.18
CA LYS F 474 98.41 -5.86 -25.10
C LYS F 474 98.26 -7.24 -24.49
N GLU F 475 98.35 -8.26 -25.34
CA GLU F 475 98.28 -9.63 -24.88
C GLU F 475 99.65 -10.11 -24.41
N ASP F 476 99.65 -11.13 -23.57
CA ASP F 476 100.84 -11.59 -22.83
C ASP F 476 102.01 -12.09 -23.68
N ILE F 477 101.76 -12.81 -24.76
CA ILE F 477 102.90 -13.15 -25.60
C ILE F 477 103.61 -11.88 -26.05
N HIS F 478 102.85 -10.86 -26.45
CA HIS F 478 103.44 -9.61 -26.89
C HIS F 478 104.20 -8.93 -25.76
N ILE F 479 103.57 -8.77 -24.59
CA ILE F 479 104.28 -8.17 -23.42
C ILE F 479 105.57 -8.93 -23.11
N ILE F 480 105.53 -10.25 -22.97
CA ILE F 480 106.72 -10.99 -22.55
C ILE F 480 107.78 -10.92 -23.64
N SER F 481 107.39 -10.95 -24.92
CA SER F 481 108.38 -10.81 -25.97
C SER F 481 109.04 -9.45 -25.93
N GLU F 482 108.26 -8.40 -25.67
CA GLU F 482 108.84 -7.06 -25.63
C GLU F 482 109.76 -6.88 -24.43
N LEU F 483 109.40 -7.47 -23.29
CA LEU F 483 110.27 -7.43 -22.12
C LEU F 483 111.56 -8.21 -22.36
N ALA F 484 111.47 -9.36 -23.02
CA ALA F 484 112.68 -10.13 -23.28
C ALA F 484 113.57 -9.44 -24.30
N ALA F 485 112.97 -8.76 -25.28
CA ALA F 485 113.76 -7.95 -26.21
C ALA F 485 114.41 -6.77 -25.49
N LYS F 486 113.73 -6.19 -24.50
CA LYS F 486 114.35 -5.15 -23.69
C LYS F 486 115.54 -5.70 -22.91
N MET F 487 115.39 -6.88 -22.33
CA MET F 487 116.45 -7.42 -21.48
C MET F 487 117.54 -8.13 -22.26
N GLY F 488 117.38 -8.31 -23.56
CA GLY F 488 118.39 -8.95 -24.38
C GLY F 488 118.37 -10.45 -24.22
N PHE F 489 117.24 -11.08 -24.56
CA PHE F 489 117.08 -12.52 -24.48
C PHE F 489 116.75 -13.06 -25.86
N LYS F 490 117.51 -14.05 -26.30
CA LYS F 490 117.32 -14.64 -27.61
C LYS F 490 116.37 -15.81 -27.54
N GLY F 491 115.43 -15.88 -28.49
CA GLY F 491 114.44 -16.92 -28.53
C GLY F 491 113.02 -16.45 -28.35
N PHE F 492 112.78 -15.15 -28.23
CA PHE F 492 111.45 -14.60 -28.03
C PHE F 492 111.04 -13.75 -29.23
N GLU F 493 111.32 -14.25 -30.42
CA GLU F 493 111.00 -13.56 -31.67
C GLU F 493 109.70 -14.06 -32.26
N LEU F 494 108.73 -14.35 -31.40
CA LEU F 494 107.53 -15.11 -31.73
C LEU F 494 106.36 -14.16 -31.85
N PRO F 495 106.00 -13.71 -33.06
CA PRO F 495 104.99 -12.66 -33.17
C PRO F 495 103.55 -13.14 -33.04
N THR F 496 103.30 -14.45 -33.09
CA THR F 496 101.94 -14.96 -33.05
C THR F 496 101.85 -16.19 -32.16
N ALA F 497 100.61 -16.46 -31.74
CA ALA F 497 100.33 -17.66 -30.99
C ALA F 497 100.71 -18.90 -31.77
N LYS F 498 100.62 -18.85 -33.11
CA LYS F 498 101.06 -19.99 -33.90
C LYS F 498 102.56 -20.21 -33.77
N ASP F 499 103.36 -19.14 -33.78
CA ASP F 499 104.79 -19.32 -33.62
C ASP F 499 105.14 -19.81 -32.23
N VAL F 500 104.44 -19.32 -31.21
CA VAL F 500 104.66 -19.83 -29.86
C VAL F 500 104.31 -21.32 -29.81
N TRP F 501 103.19 -21.70 -30.41
CA TRP F 501 102.78 -23.09 -30.42
C TRP F 501 103.79 -23.96 -31.14
N ASP F 502 104.34 -23.49 -32.26
CA ASP F 502 105.29 -24.29 -33.01
C ASP F 502 106.60 -24.45 -32.24
N ASP F 503 107.04 -23.42 -31.53
CA ASP F 503 108.21 -23.59 -30.67
C ASP F 503 107.94 -24.63 -29.59
N MET F 504 106.76 -24.56 -28.97
CA MET F 504 106.43 -25.55 -27.95
C MET F 504 106.42 -26.96 -28.54
N ARG F 505 105.84 -27.11 -29.74
CA ARG F 505 105.76 -28.42 -30.36
C ARG F 505 107.12 -28.98 -30.69
N ALA F 506 108.03 -28.12 -31.17
CA ALA F 506 109.39 -28.58 -31.40
C ALA F 506 110.02 -29.07 -30.11
N VAL F 507 109.72 -28.40 -29.00
CA VAL F 507 110.29 -28.78 -27.72
C VAL F 507 109.74 -30.12 -27.24
N THR F 508 108.42 -30.29 -27.27
CA THR F 508 107.79 -31.40 -26.55
C THR F 508 107.61 -32.61 -27.46
N PRO F 509 107.86 -33.82 -26.94
CA PRO F 509 107.65 -35.03 -27.74
C PRO F 509 106.19 -35.27 -28.09
N SER F 510 105.31 -35.31 -27.09
CA SER F 510 103.89 -35.29 -27.38
C SER F 510 103.50 -33.89 -27.83
N MET F 511 102.24 -33.72 -28.18
CA MET F 511 101.74 -32.47 -28.75
C MET F 511 102.49 -32.08 -30.01
N PHE F 512 103.35 -32.95 -30.54
CA PHE F 512 104.02 -32.64 -31.80
C PHE F 512 103.07 -32.73 -32.98
N GLY F 513 102.00 -33.49 -32.86
CA GLY F 513 101.04 -33.57 -33.93
C GLY F 513 99.95 -32.54 -33.92
N ALA F 514 99.88 -31.72 -32.87
CA ALA F 514 98.77 -30.79 -32.70
C ALA F 514 99.10 -29.45 -33.36
N THR F 515 99.04 -29.44 -34.69
CA THR F 515 99.20 -28.22 -35.46
C THR F 515 97.89 -27.44 -35.48
N TYR F 516 97.97 -26.12 -35.68
CA TYR F 516 96.73 -25.37 -35.77
C TYR F 516 95.86 -25.76 -36.95
N GLU F 517 96.45 -26.20 -38.06
CA GLU F 517 95.60 -26.68 -39.13
C GLU F 517 94.77 -27.88 -38.70
N LYS F 518 95.24 -28.60 -37.68
CA LYS F 518 94.49 -29.70 -37.10
C LYS F 518 93.58 -29.25 -35.97
N LEU F 519 93.93 -28.18 -35.26
CA LEU F 519 93.07 -27.66 -34.20
C LEU F 519 91.92 -26.81 -34.74
N GLU F 520 91.97 -26.40 -36.00
CA GLU F 520 90.84 -25.72 -36.60
C GLU F 520 89.63 -26.64 -36.76
N ARG F 521 89.81 -27.94 -36.57
CA ARG F 521 88.66 -28.82 -36.55
C ARG F 521 87.84 -28.55 -35.29
N PRO F 522 86.52 -28.56 -35.39
CA PRO F 522 85.70 -28.37 -34.18
C PRO F 522 85.93 -29.43 -33.12
N GLU F 523 86.49 -30.57 -33.49
CA GLU F 523 86.71 -31.64 -32.54
C GLU F 523 87.90 -31.37 -31.62
N GLY F 524 88.91 -30.61 -32.04
CA GLY F 524 90.10 -30.33 -31.22
C GLY F 524 91.05 -31.49 -31.26
N ILE F 525 92.04 -31.56 -30.36
CA ILE F 525 92.98 -32.71 -30.31
C ILE F 525 93.21 -33.09 -28.85
N CYS F 526 93.25 -34.37 -28.51
CA CYS F 526 93.60 -34.81 -27.13
C CYS F 526 95.11 -34.85 -26.98
N TRP F 527 95.64 -34.62 -25.78
CA TRP F 527 97.09 -34.32 -25.61
C TRP F 527 98.12 -35.35 -26.01
N PRO F 528 98.01 -36.67 -25.81
CA PRO F 528 99.10 -37.51 -26.26
C PRO F 528 98.88 -37.64 -27.78
N CYS F 529 99.46 -36.73 -28.56
CA CYS F 529 99.36 -36.76 -30.05
C CYS F 529 100.77 -36.66 -30.59
N PRO F 530 101.58 -37.72 -30.52
CA PRO F 530 102.98 -37.67 -30.90
C PRO F 530 103.40 -37.45 -32.37
N THR F 531 102.53 -37.68 -33.34
CA THR F 531 102.90 -37.59 -34.78
C THR F 531 101.84 -36.77 -35.50
N GLU F 532 102.12 -36.27 -36.68
CA GLU F 532 101.16 -35.35 -37.37
C GLU F 532 100.01 -36.08 -38.04
N GLU F 533 100.07 -37.39 -38.20
CA GLU F 533 98.92 -38.13 -38.71
C GLU F 533 98.12 -38.81 -37.61
N HIS F 534 98.63 -38.81 -36.39
CA HIS F 534 97.93 -39.35 -35.25
C HIS F 534 96.64 -38.56 -35.00
N PRO F 535 95.50 -39.23 -34.81
CA PRO F 535 94.25 -38.49 -34.53
C PRO F 535 94.09 -38.03 -33.09
N GLY F 536 95.00 -38.40 -32.21
CA GLY F 536 94.87 -38.10 -30.79
C GLY F 536 94.62 -39.36 -29.98
N THR F 537 94.68 -39.19 -28.66
CA THR F 537 94.52 -40.29 -27.72
C THR F 537 93.41 -39.92 -26.74
N PRO F 538 92.15 -40.07 -27.15
CA PRO F 538 91.05 -39.78 -26.22
C PRO F 538 90.99 -40.68 -25.01
N ILE F 539 91.62 -41.85 -25.04
CA ILE F 539 91.61 -42.77 -23.91
C ILE F 539 93.04 -43.16 -23.59
N LEU F 540 93.49 -42.85 -22.38
CA LEU F 540 94.87 -43.08 -22.00
C LEU F 540 95.12 -44.51 -21.58
N HIS F 541 96.39 -44.85 -21.39
CA HIS F 541 96.81 -46.16 -20.92
C HIS F 541 96.18 -47.27 -21.75
N ARG F 542 96.33 -47.14 -23.06
CA ARG F 542 95.57 -47.92 -24.03
C ARG F 542 95.77 -49.41 -23.81
N GLU F 543 97.02 -49.88 -23.74
CA GLU F 543 97.29 -51.20 -23.17
C GLU F 543 98.51 -51.26 -22.28
N LYS F 544 99.26 -50.18 -22.10
CA LYS F 544 100.29 -50.18 -21.07
C LYS F 544 100.30 -48.81 -20.40
N PHE F 545 100.72 -48.81 -19.14
CA PHE F 545 100.70 -47.58 -18.35
C PHE F 545 101.93 -46.75 -18.65
N ALA F 546 102.16 -45.71 -17.85
CA ALA F 546 103.20 -44.72 -18.11
C ALA F 546 104.19 -44.61 -16.96
N THR F 547 104.39 -45.75 -16.29
CA THR F 547 105.35 -45.81 -15.16
C THR F 547 106.61 -46.58 -15.59
N ALA F 548 107.56 -46.83 -14.70
CA ALA F 548 108.87 -47.43 -15.05
C ALA F 548 108.77 -48.82 -15.69
N ASP F 549 107.95 -49.71 -15.15
CA ASP F 549 107.79 -51.09 -15.69
C ASP F 549 106.64 -51.07 -16.69
N GLY F 550 106.01 -49.90 -16.90
CA GLY F 550 104.82 -49.82 -17.75
C GLY F 550 103.63 -50.35 -16.99
N LYS F 551 103.79 -50.57 -15.68
CA LYS F 551 102.70 -51.17 -14.88
C LYS F 551 102.21 -50.20 -13.80
N GLY F 552 100.89 -50.07 -13.65
CA GLY F 552 100.34 -49.23 -12.58
C GLY F 552 100.71 -49.76 -11.22
N ASN F 553 100.96 -48.90 -10.26
CA ASN F 553 101.26 -49.37 -8.90
C ASN F 553 100.05 -49.01 -8.05
N LEU F 554 99.57 -49.94 -7.25
CA LEU F 554 98.46 -49.60 -6.37
C LEU F 554 98.95 -49.65 -4.93
N PHE F 555 98.65 -48.61 -4.17
CA PHE F 555 99.25 -48.38 -2.87
C PHE F 555 98.29 -48.73 -1.74
N GLY F 556 98.87 -48.94 -0.57
CA GLY F 556 98.08 -49.17 0.62
C GLY F 556 98.07 -47.97 1.55
N ILE F 557 96.94 -47.27 1.60
CA ILE F 557 96.81 -46.05 2.40
C ILE F 557 96.03 -46.37 3.66
N ASP F 558 96.57 -45.98 4.81
CA ASP F 558 95.85 -46.08 6.06
C ASP F 558 95.16 -44.75 6.34
N TYR F 559 93.94 -44.83 6.85
CA TYR F 559 93.16 -43.62 7.13
C TYR F 559 93.72 -42.92 8.36
N ARG F 560 93.97 -41.61 8.23
CA ARG F 560 94.47 -40.80 9.33
C ARG F 560 93.34 -39.92 9.86
N PRO F 561 92.83 -40.16 11.06
CA PRO F 561 91.78 -39.30 11.60
C PRO F 561 92.36 -37.95 11.98
N PRO F 562 91.70 -36.85 11.60
CA PRO F 562 92.25 -35.51 11.79
C PRO F 562 92.12 -35.00 13.22
N GLU G 2 -37.68 -78.90 -112.81
CA GLU G 2 -38.37 -77.63 -112.71
C GLU G 2 -38.19 -77.03 -111.32
N THR G 3 -38.03 -77.88 -110.32
CA THR G 3 -37.96 -77.47 -108.94
C THR G 3 -36.98 -78.34 -108.18
N ILE G 4 -36.46 -77.78 -107.09
CA ILE G 4 -35.59 -78.48 -106.15
C ILE G 4 -36.14 -78.25 -104.76
N THR G 5 -36.08 -79.26 -103.91
CA THR G 5 -36.48 -79.14 -102.52
C THR G 5 -35.29 -79.45 -101.62
N MET G 6 -34.98 -78.52 -100.73
CA MET G 6 -33.90 -78.68 -99.77
C MET G 6 -34.52 -78.70 -98.37
N THR G 7 -34.12 -79.68 -97.56
CA THR G 7 -34.64 -79.82 -96.20
C THR G 7 -33.49 -80.09 -95.26
N LEU G 8 -33.36 -79.24 -94.24
CA LEU G 8 -32.21 -79.35 -93.29
C LEU G 8 -32.36 -80.60 -92.43
N VAL G 9 -31.33 -81.45 -92.41
CA VAL G 9 -31.38 -82.70 -91.67
C VAL G 9 -30.43 -82.67 -90.47
N GLN G 10 -29.27 -82.06 -90.63
CA GLN G 10 -28.31 -81.94 -89.54
C GLN G 10 -28.15 -80.47 -89.17
N GLU G 11 -28.33 -80.15 -87.90
CA GLU G 11 -28.16 -78.75 -87.54
C GLU G 11 -26.69 -78.39 -87.39
N PRO G 12 -26.20 -77.32 -88.10
CA PRO G 12 -24.79 -76.85 -87.99
C PRO G 12 -24.59 -75.94 -86.78
N GLU G 13 -23.62 -76.24 -85.91
CA GLU G 13 -23.45 -75.49 -84.68
C GLU G 13 -23.03 -74.05 -84.96
N LEU G 14 -22.39 -73.81 -86.10
CA LEU G 14 -22.00 -72.46 -86.46
C LEU G 14 -22.70 -72.05 -87.74
N PHE G 15 -22.35 -70.89 -88.29
CA PHE G 15 -23.01 -70.36 -89.46
C PHE G 15 -22.40 -70.97 -90.72
N LEU G 16 -23.28 -71.42 -91.61
CA LEU G 16 -22.84 -72.02 -92.89
C LEU G 16 -22.91 -70.97 -93.99
N GLU G 17 -21.78 -70.67 -94.64
CA GLU G 17 -21.73 -69.76 -95.75
C GLU G 17 -22.06 -70.57 -97.00
N CYS G 18 -23.36 -70.73 -97.24
CA CYS G 18 -23.84 -71.55 -98.37
C CYS G 18 -24.04 -70.70 -99.60
N TYR G 19 -22.99 -70.03 -100.06
CA TYR G 19 -23.07 -69.20 -101.25
C TYR G 19 -23.43 -70.03 -102.48
N SER G 20 -23.13 -71.33 -102.44
CA SER G 20 -23.33 -72.19 -103.59
C SER G 20 -24.80 -72.47 -103.89
N VAL G 21 -25.71 -72.04 -103.02
CA VAL G 21 -27.13 -72.31 -103.21
C VAL G 21 -27.74 -71.22 -104.09
N THR G 22 -27.61 -71.37 -105.40
CA THR G 22 -28.24 -70.46 -106.34
C THR G 22 -28.78 -71.28 -107.50
N PRO G 23 -29.78 -70.77 -108.21
CA PRO G 23 -30.17 -71.43 -109.46
C PRO G 23 -29.03 -71.54 -110.45
N ASP G 24 -28.07 -70.61 -110.41
CA ASP G 24 -26.95 -70.66 -111.33
C ASP G 24 -26.09 -71.90 -111.11
N LEU G 25 -25.86 -72.25 -109.85
CA LEU G 25 -25.07 -73.45 -109.56
C LEU G 25 -25.92 -74.71 -109.57
N PHE G 26 -27.23 -74.60 -109.39
CA PHE G 26 -28.07 -75.78 -109.36
C PHE G 26 -28.59 -76.18 -110.74
N ALA G 27 -28.50 -75.29 -111.72
CA ALA G 27 -29.09 -75.58 -113.02
C ALA G 27 -28.32 -76.69 -113.73
N GLY G 28 -29.07 -77.62 -114.31
CA GLY G 28 -28.46 -78.69 -115.11
C GLY G 28 -27.45 -79.54 -114.39
N LYS G 29 -27.73 -79.91 -113.13
CA LYS G 29 -26.83 -80.75 -112.36
C LYS G 29 -27.57 -81.95 -111.81
N SER G 30 -26.85 -83.08 -111.73
CA SER G 30 -27.38 -84.28 -111.12
C SER G 30 -27.50 -84.10 -109.61
N LEU G 31 -28.36 -84.91 -109.01
CA LEU G 31 -28.68 -84.74 -107.59
C LEU G 31 -27.45 -84.94 -106.72
N ALA G 32 -26.62 -85.93 -107.05
CA ALA G 32 -25.39 -86.13 -106.30
C ALA G 32 -24.45 -84.93 -106.43
N GLU G 33 -24.35 -84.37 -107.65
CA GLU G 33 -23.49 -83.21 -107.83
C GLU G 33 -23.97 -82.04 -106.99
N ILE G 34 -25.28 -81.76 -107.03
CA ILE G 34 -25.83 -80.69 -106.20
C ILE G 34 -25.55 -80.97 -104.73
N ALA G 35 -25.70 -82.22 -104.31
CA ALA G 35 -25.43 -82.57 -102.93
C ALA G 35 -23.95 -82.44 -102.57
N ASP G 36 -23.05 -82.44 -103.56
CA ASP G 36 -21.64 -82.28 -103.26
C ASP G 36 -21.09 -80.90 -103.64
N LEU G 37 -21.93 -79.94 -104.00
CA LEU G 37 -21.46 -78.57 -104.19
C LEU G 37 -20.83 -78.06 -102.89
N PRO G 38 -19.78 -77.24 -103.00
CA PRO G 38 -19.04 -76.84 -101.80
C PRO G 38 -19.84 -75.93 -100.89
N ALA G 39 -19.54 -76.01 -99.60
CA ALA G 39 -20.14 -75.12 -98.61
C ALA G 39 -19.22 -75.06 -97.40
N HIS G 40 -18.95 -73.85 -96.93
CA HIS G 40 -18.01 -73.63 -95.84
C HIS G 40 -18.74 -73.62 -94.51
N GLU G 41 -17.97 -73.81 -93.44
CA GLU G 41 -18.47 -73.65 -92.09
C GLU G 41 -17.29 -73.48 -91.14
N GLY G 42 -17.19 -72.33 -90.49
CA GLY G 42 -15.97 -72.02 -89.78
C GLY G 42 -14.80 -72.00 -90.75
N LYS G 43 -13.72 -72.68 -90.40
CA LYS G 43 -12.61 -72.85 -91.32
C LYS G 43 -12.64 -74.18 -92.05
N ILE G 44 -13.73 -74.93 -91.91
CA ILE G 44 -13.90 -76.23 -92.58
C ILE G 44 -14.84 -76.03 -93.76
N GLN G 45 -14.66 -76.87 -94.77
CA GLN G 45 -15.51 -76.87 -95.96
C GLN G 45 -16.32 -78.15 -96.00
N TRP G 46 -17.65 -78.00 -95.94
CA TRP G 46 -18.57 -79.12 -96.02
C TRP G 46 -19.02 -79.31 -97.45
N LYS G 47 -19.77 -80.37 -97.70
CA LYS G 47 -20.11 -80.77 -99.05
C LYS G 47 -21.53 -80.41 -99.46
N LEU G 48 -22.33 -79.81 -98.58
CA LEU G 48 -23.71 -79.39 -98.83
C LEU G 48 -24.66 -80.57 -98.96
N GLY G 49 -24.17 -81.80 -98.92
CA GLY G 49 -25.04 -82.95 -98.76
C GLY G 49 -24.99 -83.39 -97.31
N ASP G 50 -24.07 -82.79 -96.57
CA ASP G 50 -23.89 -83.07 -95.15
C ASP G 50 -24.86 -82.28 -94.28
N PHE G 51 -25.67 -81.41 -94.88
CA PHE G 51 -26.61 -80.61 -94.11
C PHE G 51 -27.98 -80.47 -94.77
N PHE G 52 -28.17 -81.17 -95.88
CA PHE G 52 -29.45 -80.99 -96.59
C PHE G 52 -29.86 -82.29 -97.25
N LYS G 53 -31.14 -82.43 -97.55
CA LYS G 53 -31.64 -83.60 -98.24
C LYS G 53 -32.46 -83.13 -99.43
N PHE G 54 -32.10 -83.58 -100.63
CA PHE G 54 -32.61 -83.03 -101.86
C PHE G 54 -33.63 -83.97 -102.48
N GLU G 55 -34.68 -83.39 -103.07
CA GLU G 55 -35.69 -84.19 -103.77
C GLU G 55 -36.32 -83.30 -104.84
N GLY G 56 -35.87 -83.46 -106.07
CA GLY G 56 -36.40 -82.68 -107.17
C GLY G 56 -35.55 -82.87 -108.40
N LYS G 57 -35.92 -82.11 -109.44
CA LYS G 57 -35.22 -82.14 -110.71
C LYS G 57 -35.00 -80.72 -111.19
N ALA G 58 -33.74 -80.29 -111.21
CA ALA G 58 -33.41 -78.94 -111.65
C ALA G 58 -33.46 -78.87 -113.18
N GLY G 59 -33.55 -77.65 -113.69
CA GLY G 59 -33.66 -77.44 -115.11
C GLY G 59 -32.32 -77.31 -115.81
N GLU G 60 -32.36 -77.34 -117.14
CA GLU G 60 -31.18 -77.08 -117.94
C GLU G 60 -30.65 -75.67 -117.71
N THR G 61 -31.51 -74.75 -117.31
CA THR G 61 -31.14 -73.35 -117.14
C THR G 61 -31.61 -72.84 -115.79
N ALA G 62 -30.85 -71.90 -115.25
CA ALA G 62 -31.24 -71.27 -113.99
C ALA G 62 -32.60 -70.61 -114.12
N ALA G 63 -32.86 -69.98 -115.26
CA ALA G 63 -34.17 -69.36 -115.49
C ALA G 63 -35.29 -70.40 -115.45
N ASP G 64 -34.96 -71.68 -115.54
CA ASP G 64 -35.93 -72.75 -115.39
C ASP G 64 -36.02 -73.25 -113.97
N THR G 65 -34.87 -73.45 -113.32
CA THR G 65 -34.88 -74.11 -112.01
C THR G 65 -35.49 -73.21 -110.95
N LYS G 66 -35.74 -73.81 -109.78
CA LYS G 66 -36.38 -73.11 -108.66
C LYS G 66 -36.14 -73.89 -107.37
N ILE G 67 -35.45 -73.29 -106.42
CA ILE G 67 -35.06 -73.95 -105.18
C ILE G 67 -36.06 -73.58 -104.09
N VAL G 68 -36.37 -74.54 -103.24
CA VAL G 68 -37.25 -74.34 -102.09
C VAL G 68 -36.55 -74.93 -100.87
N VAL G 69 -36.22 -74.06 -99.91
CA VAL G 69 -35.51 -74.48 -98.68
C VAL G 69 -36.56 -74.57 -97.57
N ASN G 70 -36.73 -75.73 -96.94
CA ASN G 70 -37.85 -75.92 -95.98
C ASN G 70 -37.43 -76.13 -94.53
N GLY G 71 -36.24 -75.74 -94.11
CA GLY G 71 -35.83 -76.07 -92.72
C GLY G 71 -35.56 -74.83 -91.89
N ASN G 72 -34.86 -74.98 -90.76
CA ASN G 72 -34.44 -73.80 -89.97
C ASN G 72 -33.14 -73.28 -90.58
N VAL G 73 -33.24 -72.56 -91.69
CA VAL G 73 -32.05 -71.99 -92.37
C VAL G 73 -31.94 -70.57 -91.84
N ARG G 74 -31.99 -70.40 -90.53
CA ARG G 74 -31.94 -69.04 -89.94
C ARG G 74 -30.52 -68.76 -89.44
N ARG G 75 -29.60 -69.68 -89.69
CA ARG G 75 -28.17 -69.42 -89.38
C ARG G 75 -27.37 -69.68 -90.67
N MET G 76 -28.00 -69.51 -91.83
CA MET G 76 -27.33 -69.74 -93.13
C MET G 76 -27.20 -68.40 -93.85
N LYS G 77 -26.03 -68.09 -94.38
CA LYS G 77 -25.80 -66.76 -94.97
C LYS G 77 -25.44 -66.91 -96.44
N ARG G 78 -25.58 -65.86 -97.21
CA ARG G 78 -25.10 -65.85 -98.62
C ARG G 78 -26.06 -66.56 -99.58
N PHE G 79 -27.28 -66.86 -99.16
CA PHE G 79 -28.24 -67.45 -100.12
C PHE G 79 -28.49 -66.48 -101.28
N GLY G 80 -28.57 -66.95 -102.51
CA GLY G 80 -28.93 -66.08 -103.65
C GLY G 80 -27.79 -65.24 -104.16
N GLN G 81 -26.56 -65.43 -103.66
CA GLN G 81 -25.47 -64.51 -104.05
C GLN G 81 -25.26 -64.54 -105.56
N GLN G 82 -25.23 -63.38 -106.20
CA GLN G 82 -24.96 -63.27 -107.65
C GLN G 82 -25.91 -64.15 -108.45
N MET G 83 -27.15 -64.26 -107.99
CA MET G 83 -28.15 -65.07 -108.72
C MET G 83 -28.53 -64.30 -109.96
N THR G 84 -28.37 -64.91 -111.11
CA THR G 84 -28.68 -64.24 -112.37
C THR G 84 -30.14 -64.40 -112.80
N ALA G 85 -30.71 -65.60 -112.64
CA ALA G 85 -32.12 -65.79 -112.98
C ALA G 85 -32.60 -67.01 -112.22
N GLY G 86 -33.94 -67.15 -112.14
CA GLY G 86 -34.55 -68.32 -111.56
C GLY G 86 -35.49 -67.96 -110.43
N GLU G 87 -35.31 -68.63 -109.29
CA GLU G 87 -36.21 -68.47 -108.14
C GLU G 87 -35.61 -69.15 -106.93
N ILE G 88 -35.78 -68.54 -105.77
CA ILE G 88 -35.46 -69.15 -104.48
C ILE G 88 -36.62 -68.84 -103.54
N ILE G 89 -36.90 -69.77 -102.63
CA ILE G 89 -37.87 -69.58 -101.58
C ILE G 89 -37.22 -70.00 -100.27
N ILE G 90 -37.36 -69.21 -99.23
CA ILE G 90 -36.81 -69.61 -97.91
C ILE G 90 -37.97 -69.75 -96.93
N ASN G 91 -38.49 -70.97 -96.70
CA ASN G 91 -39.68 -71.17 -95.88
C ASN G 91 -39.33 -71.07 -94.40
N SER G 92 -38.58 -70.04 -94.04
CA SER G 92 -38.19 -69.85 -92.64
C SER G 92 -37.84 -68.39 -92.52
N ASP G 93 -36.72 -68.09 -91.89
CA ASP G 93 -36.27 -66.69 -91.89
C ASP G 93 -35.00 -66.69 -92.74
N ALA G 94 -33.92 -66.03 -92.31
CA ALA G 94 -32.64 -66.07 -93.05
C ALA G 94 -31.56 -65.32 -92.28
N ASP G 95 -30.35 -65.25 -92.85
CA ASP G 95 -29.29 -64.42 -92.21
C ASP G 95 -28.70 -63.35 -93.14
N MET G 96 -27.37 -63.19 -93.14
CA MET G 96 -26.72 -62.06 -93.86
C MET G 96 -26.48 -62.28 -95.36
N TYR G 97 -26.49 -61.21 -96.16
CA TYR G 97 -26.16 -61.23 -97.62
C TYR G 97 -27.18 -61.96 -98.49
N ILE G 98 -28.43 -62.10 -98.07
CA ILE G 98 -29.39 -62.76 -98.98
C ILE G 98 -29.47 -61.92 -100.24
N GLY G 99 -29.37 -62.53 -101.42
CA GLY G 99 -29.57 -61.81 -102.69
C GLY G 99 -28.46 -60.85 -103.01
N GLY G 100 -27.30 -61.03 -102.40
CA GLY G 100 -26.21 -60.06 -102.61
C GLY G 100 -25.73 -60.02 -104.04
N TRP G 101 -25.55 -58.85 -104.60
CA TRP G 101 -25.00 -58.69 -105.96
C TRP G 101 -25.85 -59.50 -106.94
N MET G 102 -27.15 -59.50 -106.75
CA MET G 102 -28.06 -60.29 -107.61
C MET G 102 -28.32 -59.52 -108.89
N LYS G 103 -28.57 -60.23 -109.98
CA LYS G 103 -28.78 -59.62 -111.30
C LYS G 103 -30.08 -60.04 -111.94
N GLY G 104 -30.97 -60.70 -111.22
CA GLY G 104 -32.24 -61.13 -111.79
C GLY G 104 -32.94 -62.07 -110.84
N GLY G 105 -34.04 -62.63 -111.33
CA GLY G 105 -34.76 -63.61 -110.54
C GLY G 105 -35.43 -63.00 -109.33
N LYS G 106 -35.63 -63.82 -108.29
CA LYS G 106 -36.39 -63.35 -107.15
C LYS G 106 -36.19 -64.27 -105.95
N ILE G 107 -36.19 -63.68 -104.77
CA ILE G 107 -36.06 -64.39 -103.50
C ILE G 107 -37.27 -64.07 -102.66
N THR G 108 -37.97 -65.10 -102.21
CA THR G 108 -39.18 -64.91 -101.41
C THR G 108 -38.91 -65.47 -100.02
N VAL G 109 -38.21 -64.67 -99.20
CA VAL G 109 -37.98 -65.07 -97.79
C VAL G 109 -39.31 -64.93 -97.07
N LYS G 110 -39.82 -65.99 -96.45
CA LYS G 110 -41.09 -65.96 -95.75
C LYS G 110 -40.97 -65.53 -94.30
N GLY G 111 -39.81 -65.08 -93.90
CA GLY G 111 -39.65 -64.74 -92.49
C GLY G 111 -38.87 -63.47 -92.35
N ASN G 112 -37.86 -63.47 -91.49
CA ASN G 112 -37.09 -62.25 -91.21
C ASN G 112 -35.93 -62.11 -92.17
N ALA G 113 -34.83 -61.52 -91.71
CA ALA G 113 -33.60 -61.35 -92.46
C ALA G 113 -32.63 -60.55 -91.60
N ASP G 114 -31.36 -60.87 -91.71
CA ASP G 114 -30.33 -60.15 -90.99
C ASP G 114 -29.79 -59.04 -91.87
N SER G 115 -28.63 -58.51 -91.54
CA SER G 115 -28.19 -57.30 -92.26
C SER G 115 -27.75 -57.56 -93.69
N PHE G 116 -27.44 -56.50 -94.42
CA PHE G 116 -26.84 -56.61 -95.77
C PHE G 116 -27.77 -57.32 -96.74
N LEU G 117 -29.07 -57.27 -96.51
CA LEU G 117 -29.98 -57.85 -97.52
C LEU G 117 -29.83 -57.08 -98.82
N GLY G 118 -29.78 -57.76 -99.97
CA GLY G 118 -29.72 -57.08 -101.28
C GLY G 118 -28.53 -56.17 -101.48
N ILE G 119 -27.35 -56.53 -100.96
CA ILE G 119 -26.17 -55.62 -101.03
C ILE G 119 -25.81 -55.48 -102.51
N ALA G 120 -25.73 -54.25 -103.02
CA ALA G 120 -25.34 -53.97 -104.42
C ALA G 120 -26.18 -54.72 -105.45
N MET G 121 -27.47 -54.85 -105.23
CA MET G 121 -28.33 -55.62 -106.14
C MET G 121 -28.40 -54.89 -107.48
N GLU G 122 -28.69 -55.60 -108.57
CA GLU G 122 -28.69 -54.98 -109.91
C GLU G 122 -29.92 -55.40 -110.70
N GLY G 123 -30.93 -56.00 -110.04
CA GLY G 123 -32.15 -56.38 -110.71
C GLY G 123 -32.96 -57.30 -109.83
N GLY G 124 -34.06 -57.77 -110.39
CA GLY G 124 -34.81 -58.81 -109.71
C GLY G 124 -35.59 -58.30 -108.51
N GLU G 125 -36.15 -59.27 -107.79
CA GLU G 125 -37.10 -58.98 -106.72
C GLU G 125 -36.69 -59.66 -105.42
N ILE G 126 -37.14 -59.08 -104.32
CA ILE G 126 -37.08 -59.68 -103.00
C ILE G 126 -38.42 -59.43 -102.33
N LEU G 127 -38.93 -60.41 -101.57
CA LEU G 127 -40.28 -60.35 -101.04
C LEU G 127 -40.32 -60.74 -99.57
N ILE G 128 -39.43 -60.13 -98.78
CA ILE G 128 -39.40 -60.43 -97.35
C ILE G 128 -40.71 -60.01 -96.70
N GLU G 129 -41.21 -60.85 -95.79
CA GLU G 129 -42.36 -60.48 -94.96
C GLU G 129 -41.98 -60.31 -93.48
N GLY G 130 -40.69 -60.29 -93.16
CA GLY G 130 -40.24 -60.15 -91.80
C GLY G 130 -39.56 -58.82 -91.54
N ASP G 131 -38.89 -58.74 -90.39
CA ASP G 131 -38.26 -57.50 -89.94
C ASP G 131 -36.81 -57.52 -90.40
N ALA G 132 -36.56 -56.97 -91.58
CA ALA G 132 -35.19 -56.90 -92.08
C ALA G 132 -34.37 -55.97 -91.22
N GLN G 133 -33.11 -56.35 -90.98
CA GLN G 133 -32.21 -55.49 -90.24
C GLN G 133 -31.67 -54.39 -91.15
N ASN G 134 -30.64 -53.71 -90.68
CA ASN G 134 -30.09 -52.55 -91.34
C ASN G 134 -29.25 -52.93 -92.56
N HIS G 135 -28.80 -51.91 -93.28
CA HIS G 135 -28.04 -52.05 -94.53
C HIS G 135 -28.83 -52.78 -95.60
N VAL G 136 -30.12 -52.49 -95.69
CA VAL G 136 -30.96 -53.06 -96.74
C VAL G 136 -30.67 -52.34 -98.04
N GLY G 137 -30.11 -53.05 -99.01
CA GLY G 137 -29.76 -52.45 -100.28
C GLY G 137 -28.51 -51.60 -100.25
N SER G 138 -27.79 -51.60 -99.15
CA SER G 138 -26.62 -50.74 -98.99
C SER G 138 -25.45 -51.23 -99.83
N ALA G 139 -24.70 -50.29 -100.38
CA ALA G 139 -23.51 -50.63 -101.14
C ALA G 139 -22.42 -51.16 -100.22
N TYR G 140 -21.52 -51.97 -100.78
CA TYR G 140 -20.44 -52.53 -100.00
C TYR G 140 -19.55 -51.42 -99.45
N ARG G 141 -18.92 -51.70 -98.30
CA ARG G 141 -18.06 -50.72 -97.65
C ARG G 141 -16.98 -50.23 -98.59
N GLY G 142 -16.90 -48.91 -98.75
CA GLY G 142 -15.85 -48.32 -99.57
C GLY G 142 -16.20 -48.15 -101.02
N ASP G 143 -17.47 -48.15 -101.37
CA ASP G 143 -17.90 -48.06 -102.75
C ASP G 143 -18.73 -46.80 -102.96
N TRP G 144 -18.85 -46.36 -104.21
CA TRP G 144 -19.69 -45.20 -104.50
C TRP G 144 -20.84 -45.50 -105.45
N ARG G 145 -20.76 -46.54 -106.27
CA ARG G 145 -21.88 -46.92 -107.11
C ARG G 145 -22.41 -48.27 -106.62
N GLY G 146 -23.51 -48.22 -105.88
CA GLY G 146 -24.05 -49.42 -105.27
C GLY G 146 -25.26 -49.96 -105.99
N MET G 147 -26.37 -50.10 -105.27
CA MET G 147 -27.57 -50.68 -105.84
C MET G 147 -28.01 -49.89 -107.06
N SER G 148 -28.30 -50.59 -108.16
CA SER G 148 -28.54 -49.93 -109.42
C SER G 148 -29.76 -50.50 -110.16
N GLY G 149 -30.63 -51.20 -109.46
CA GLY G 149 -31.82 -51.70 -110.09
C GLY G 149 -32.54 -52.66 -109.16
N GLY G 150 -33.67 -53.14 -109.64
CA GLY G 150 -34.39 -54.16 -108.91
C GLY G 150 -35.31 -53.60 -107.84
N LEU G 151 -35.84 -54.51 -107.04
CA LEU G 151 -36.88 -54.20 -106.07
C LEU G 151 -36.61 -54.94 -104.77
N ILE G 152 -36.78 -54.25 -103.66
CA ILE G 152 -36.72 -54.82 -102.33
C ILE G 152 -38.01 -54.45 -101.62
N ARG G 153 -38.67 -55.43 -101.01
CA ARG G 153 -39.97 -55.22 -100.38
C ARG G 153 -39.92 -55.80 -98.98
N VAL G 154 -39.48 -55.00 -98.03
CA VAL G 154 -39.38 -55.43 -96.63
C VAL G 154 -40.71 -55.11 -95.96
N LYS G 155 -41.50 -56.13 -95.68
CA LYS G 155 -42.81 -55.91 -95.10
C LYS G 155 -42.77 -55.77 -93.58
N GLY G 156 -41.61 -55.41 -93.02
CA GLY G 156 -41.51 -55.21 -91.59
C GLY G 156 -40.66 -54.02 -91.22
N LYS G 157 -40.18 -53.99 -89.98
CA LYS G 157 -39.36 -52.88 -89.52
C LYS G 157 -37.96 -52.98 -90.11
N ALA G 158 -37.56 -51.97 -90.87
CA ALA G 158 -36.20 -51.89 -91.40
C ALA G 158 -35.24 -51.39 -90.33
N GLY G 159 -34.05 -50.97 -90.72
CA GLY G 159 -33.12 -50.40 -89.77
C GLY G 159 -32.31 -49.23 -90.30
N ASN G 160 -31.02 -49.21 -89.99
CA ASN G 160 -30.10 -48.18 -90.44
C ASN G 160 -29.78 -48.36 -91.92
N ASP G 161 -29.15 -47.32 -92.48
CA ASP G 161 -28.41 -47.41 -93.73
C ASP G 161 -29.27 -48.01 -94.85
N ILE G 162 -30.47 -47.50 -95.00
CA ILE G 162 -31.34 -47.92 -96.09
C ILE G 162 -30.90 -47.21 -97.36
N GLY G 163 -30.61 -47.97 -98.40
CA GLY G 163 -30.28 -47.38 -99.69
C GLY G 163 -29.06 -46.50 -99.70
N THR G 164 -28.04 -46.84 -98.92
CA THR G 164 -26.80 -46.07 -98.94
C THR G 164 -26.17 -46.11 -100.33
N ALA G 165 -25.77 -44.94 -100.82
CA ALA G 165 -25.12 -44.81 -102.12
C ALA G 165 -25.93 -45.47 -103.23
N MET G 166 -27.25 -45.44 -103.09
CA MET G 166 -28.13 -46.02 -104.08
C MET G 166 -28.01 -45.27 -105.40
N THR G 167 -28.08 -46.00 -106.50
CA THR G 167 -28.02 -45.41 -107.84
C THR G 167 -29.31 -45.53 -108.62
N GLY G 168 -29.99 -46.66 -108.56
CA GLY G 168 -31.25 -46.80 -109.26
C GLY G 168 -32.09 -47.84 -108.57
N GLY G 169 -33.25 -48.10 -109.15
CA GLY G 169 -34.13 -49.12 -108.62
C GLY G 169 -35.07 -48.61 -107.56
N THR G 170 -35.41 -49.46 -106.58
CA THR G 170 -36.41 -49.05 -105.55
C THR G 170 -36.33 -49.92 -104.29
N ILE G 171 -36.36 -49.31 -103.11
CA ILE G 171 -36.42 -50.07 -101.84
C ILE G 171 -37.74 -49.68 -101.19
N ILE G 172 -38.68 -50.61 -101.02
CA ILE G 172 -40.01 -50.32 -100.38
C ILE G 172 -40.03 -50.96 -98.99
N ILE G 173 -40.26 -50.19 -97.96
CA ILE G 173 -40.30 -50.71 -96.57
C ILE G 173 -41.72 -50.52 -96.05
N GLU G 174 -42.55 -51.56 -96.05
CA GLU G 174 -43.96 -51.45 -95.70
C GLU G 174 -44.18 -51.17 -94.23
N GLY G 175 -43.15 -51.27 -93.40
CA GLY G 175 -43.29 -50.95 -92.00
C GLY G 175 -42.85 -49.54 -91.69
N ASP G 176 -41.73 -49.40 -91.00
CA ASP G 176 -41.12 -48.10 -90.75
C ASP G 176 -39.62 -48.24 -90.85
N ALA G 177 -38.85 -47.28 -90.36
CA ALA G 177 -37.41 -47.33 -90.54
C ALA G 177 -36.72 -46.71 -89.33
N PHE G 178 -35.43 -46.41 -89.50
CA PHE G 178 -34.59 -45.79 -88.48
C PHE G 178 -33.69 -44.81 -89.21
N ILE G 179 -32.59 -44.42 -88.55
CA ILE G 179 -31.78 -43.32 -89.06
C ILE G 179 -31.16 -43.64 -90.42
N HIS G 180 -30.68 -42.59 -91.08
CA HIS G 180 -29.77 -42.68 -92.22
C HIS G 180 -30.36 -43.46 -93.38
N VAL G 181 -31.39 -42.86 -93.98
CA VAL G 181 -31.99 -43.36 -95.21
C VAL G 181 -31.39 -42.61 -96.39
N LEU G 182 -30.95 -43.35 -97.41
CA LEU G 182 -30.53 -42.79 -98.69
C LEU G 182 -29.33 -41.86 -98.58
N THR G 183 -28.44 -42.10 -97.62
CA THR G 183 -27.22 -41.30 -97.53
C THR G 183 -26.34 -41.53 -98.75
N HIS G 184 -25.58 -40.50 -99.13
CA HIS G 184 -24.67 -40.52 -100.26
C HIS G 184 -25.34 -40.88 -101.57
N ALA G 185 -26.67 -40.96 -101.59
CA ALA G 185 -27.35 -41.56 -102.72
C ALA G 185 -27.15 -40.73 -103.99
N GLU G 186 -27.58 -41.30 -105.11
CA GLU G 186 -27.59 -40.58 -106.37
C GLU G 186 -28.88 -40.73 -107.16
N GLY G 187 -29.65 -41.79 -106.96
CA GLY G 187 -30.88 -41.94 -107.70
C GLY G 187 -31.78 -42.98 -107.06
N GLY G 188 -32.93 -43.16 -107.67
CA GLY G 188 -33.88 -44.18 -107.24
C GLY G 188 -34.90 -43.63 -106.25
N THR G 189 -35.69 -44.55 -105.72
CA THR G 189 -36.74 -44.22 -104.77
C THR G 189 -36.58 -45.06 -103.52
N VAL G 190 -37.13 -44.55 -102.42
CA VAL G 190 -37.27 -45.31 -101.18
C VAL G 190 -38.65 -45.00 -100.63
N ILE G 191 -39.49 -46.01 -100.47
CA ILE G 191 -40.86 -45.77 -100.07
C ILE G 191 -41.09 -46.33 -98.67
N ILE G 192 -40.87 -45.50 -97.65
CA ILE G 192 -41.07 -45.89 -96.28
C ILE G 192 -42.49 -45.53 -95.87
N LYS G 193 -43.21 -46.46 -95.28
CA LYS G 193 -44.61 -46.26 -94.95
C LYS G 193 -44.83 -46.24 -93.44
N GLY G 194 -43.96 -45.55 -92.72
CA GLY G 194 -44.13 -45.48 -91.28
C GLY G 194 -43.19 -44.48 -90.66
N ASP G 195 -43.16 -44.50 -89.33
CA ASP G 195 -42.37 -43.54 -88.58
C ASP G 195 -40.89 -43.71 -88.88
N VAL G 196 -40.19 -42.60 -89.08
CA VAL G 196 -38.75 -42.59 -89.30
C VAL G 196 -38.13 -41.69 -88.24
N GLU G 197 -37.05 -42.17 -87.61
CA GLU G 197 -36.43 -41.37 -86.56
C GLU G 197 -35.89 -40.06 -87.13
N GLY G 198 -35.29 -40.11 -88.31
CA GLY G 198 -34.82 -38.91 -88.96
C GLY G 198 -33.62 -39.21 -89.83
N ARG G 199 -32.82 -38.16 -90.06
CA ARG G 199 -31.58 -38.25 -90.81
C ARG G 199 -31.80 -38.82 -92.21
N VAL G 200 -32.98 -38.59 -92.76
CA VAL G 200 -33.32 -39.10 -94.09
C VAL G 200 -32.80 -38.14 -95.14
N GLY G 201 -32.12 -38.67 -96.14
CA GLY G 201 -31.68 -37.88 -97.26
C GLY G 201 -30.37 -37.17 -97.07
N GLY G 202 -29.66 -37.43 -95.98
CA GLY G 202 -28.38 -36.77 -95.77
C GLY G 202 -27.41 -37.07 -96.89
N GLN G 203 -26.57 -36.08 -97.21
CA GLN G 203 -25.53 -36.25 -98.21
C GLN G 203 -26.07 -36.49 -99.61
N MET G 204 -27.39 -36.52 -99.77
CA MET G 204 -27.95 -36.86 -101.07
C MET G 204 -27.49 -35.89 -102.14
N VAL G 205 -27.13 -36.43 -103.29
CA VAL G 205 -26.86 -35.64 -104.48
C VAL G 205 -28.08 -35.57 -105.40
N LYS G 206 -28.77 -36.68 -105.55
CA LYS G 206 -30.00 -36.75 -106.32
C LYS G 206 -30.76 -37.98 -105.85
N GLY G 207 -32.06 -37.99 -106.10
CA GLY G 207 -32.86 -39.14 -105.75
C GLY G 207 -34.18 -38.72 -105.15
N ASP G 208 -35.00 -39.73 -104.84
CA ASP G 208 -36.33 -39.52 -104.30
C ASP G 208 -36.50 -40.39 -103.06
N ALA G 209 -37.23 -39.88 -102.08
CA ALA G 209 -37.49 -40.64 -100.84
C ALA G 209 -38.92 -40.36 -100.42
N TYR G 210 -39.85 -41.20 -100.86
CA TYR G 210 -41.24 -41.08 -100.48
C TYR G 210 -41.41 -41.57 -99.06
N ILE G 211 -42.09 -40.79 -98.24
CA ILE G 211 -42.34 -41.15 -96.85
C ILE G 211 -43.80 -40.89 -96.54
N LEU G 212 -44.46 -41.87 -95.91
CA LEU G 212 -45.87 -41.74 -95.56
C LEU G 212 -46.09 -41.83 -94.06
N GLY G 213 -45.04 -41.75 -93.26
CA GLY G 213 -45.15 -41.79 -91.82
C GLY G 213 -44.96 -40.42 -91.20
N ASN G 214 -43.92 -40.25 -90.39
CA ASN G 214 -43.67 -38.99 -89.71
C ASN G 214 -42.18 -38.87 -89.41
N LEU G 215 -41.53 -37.89 -90.03
CA LEU G 215 -40.15 -37.57 -89.66
C LEU G 215 -40.13 -36.84 -88.34
N LEU G 216 -39.41 -37.38 -87.38
CA LEU G 216 -39.28 -36.77 -86.07
C LEU G 216 -38.08 -35.86 -85.95
N TYR G 217 -37.01 -36.09 -86.73
CA TYR G 217 -35.87 -35.18 -86.74
C TYR G 217 -35.54 -34.78 -88.17
N PRO G 218 -36.19 -33.76 -88.70
CA PRO G 218 -35.84 -33.28 -90.04
C PRO G 218 -34.47 -32.64 -90.06
N LEU G 219 -33.68 -33.00 -91.07
CA LEU G 219 -32.37 -32.40 -91.23
C LEU G 219 -32.50 -30.95 -91.70
N PRO G 220 -31.56 -30.08 -91.32
CA PRO G 220 -31.61 -28.70 -91.78
C PRO G 220 -31.43 -28.55 -93.28
N GLY G 221 -30.93 -29.57 -93.96
CA GLY G 221 -30.58 -29.43 -95.35
C GLY G 221 -31.70 -29.55 -96.34
N PHE G 222 -32.95 -29.59 -95.89
CA PHE G 222 -34.09 -29.72 -96.79
C PHE G 222 -35.09 -28.62 -96.50
N LYS G 223 -35.57 -27.96 -97.55
CA LYS G 223 -36.55 -26.89 -97.44
C LYS G 223 -37.77 -27.23 -98.27
N LYS G 224 -38.95 -26.86 -97.76
CA LYS G 224 -40.19 -27.13 -98.46
C LYS G 224 -40.33 -26.17 -99.64
N VAL G 225 -40.73 -26.70 -100.79
CA VAL G 225 -40.91 -25.86 -101.97
C VAL G 225 -42.27 -26.03 -102.62
N ALA G 226 -42.96 -27.16 -102.47
CA ALA G 226 -44.22 -27.36 -103.16
C ALA G 226 -44.99 -28.47 -102.47
N THR G 227 -46.29 -28.52 -102.77
CA THR G 227 -47.18 -29.58 -102.29
C THR G 227 -47.76 -30.25 -103.52
N VAL G 228 -47.39 -31.51 -103.76
CA VAL G 228 -47.70 -32.20 -104.99
C VAL G 228 -48.47 -33.47 -104.66
N GLU G 229 -49.34 -33.88 -105.58
CA GLU G 229 -50.01 -35.17 -105.49
C GLU G 229 -49.19 -36.21 -106.24
N LYS G 230 -48.99 -37.37 -105.60
CA LYS G 230 -48.13 -38.40 -106.17
C LYS G 230 -48.73 -39.77 -105.90
N GLU G 231 -48.73 -40.63 -106.92
CA GLU G 231 -49.25 -41.99 -106.82
C GLU G 231 -48.06 -42.92 -106.69
N VAL G 232 -47.60 -43.15 -105.46
CA VAL G 232 -46.42 -43.96 -105.20
C VAL G 232 -46.86 -45.20 -104.44
N ASP G 233 -46.89 -46.34 -105.13
CA ASP G 233 -47.25 -47.64 -104.56
C ASP G 233 -48.71 -47.66 -104.14
N GLY G 234 -49.38 -46.52 -104.25
CA GLY G 234 -50.74 -46.33 -103.82
C GLY G 234 -51.51 -45.46 -104.79
N ALA G 235 -52.08 -44.37 -104.26
CA ALA G 235 -52.85 -43.43 -105.05
C ALA G 235 -52.56 -42.04 -104.50
N THR G 236 -53.42 -41.07 -104.81
CA THR G 236 -53.11 -39.68 -104.52
C THR G 236 -52.99 -39.43 -103.03
N TYR G 237 -51.75 -39.23 -102.56
CA TYR G 237 -51.51 -38.94 -101.15
C TYR G 237 -51.14 -37.49 -100.87
N THR G 238 -50.97 -36.66 -101.90
CA THR G 238 -50.79 -35.21 -101.75
C THR G 238 -49.57 -34.89 -100.87
N PHE G 239 -48.40 -35.20 -101.42
CA PHE G 239 -47.14 -34.99 -100.71
C PHE G 239 -46.70 -33.53 -100.77
N ASP G 240 -46.00 -33.10 -99.73
CA ASP G 240 -45.40 -31.77 -99.67
C ASP G 240 -43.91 -31.91 -99.80
N GLN G 241 -43.39 -31.83 -101.03
CA GLN G 241 -42.01 -32.19 -101.27
C GLN G 241 -41.07 -31.18 -100.65
N PHE G 242 -39.95 -31.68 -100.14
CA PHE G 242 -38.81 -30.85 -99.79
C PHE G 242 -37.77 -30.99 -100.89
N ILE G 243 -36.85 -30.03 -100.97
CA ILE G 243 -35.96 -29.97 -102.12
C ILE G 243 -34.52 -30.11 -101.66
N GLY G 244 -33.86 -31.15 -102.14
CA GLY G 244 -32.41 -31.25 -102.13
C GLY G 244 -31.75 -31.34 -100.78
N ASP G 245 -30.53 -31.88 -100.73
CA ASP G 245 -29.68 -31.74 -99.57
C ASP G 245 -28.72 -30.60 -99.88
N LEU G 246 -29.10 -29.39 -99.47
CA LEU G 246 -28.28 -28.21 -99.74
C LEU G 246 -26.93 -28.27 -99.06
N GLY G 247 -26.76 -29.19 -98.10
CA GLY G 247 -25.44 -29.39 -97.51
C GLY G 247 -24.41 -29.91 -98.49
N GLU G 248 -24.84 -30.73 -99.45
CA GLU G 248 -23.93 -31.41 -100.34
C GLU G 248 -24.06 -30.87 -101.76
N ARG G 249 -22.93 -30.81 -102.45
CA ARG G 249 -22.89 -30.40 -103.85
C ARG G 249 -23.93 -31.13 -104.68
N LYS G 250 -24.35 -30.50 -105.77
CA LYS G 250 -25.44 -31.01 -106.60
C LYS G 250 -24.98 -31.14 -108.04
N GLU G 251 -25.23 -32.30 -108.64
CA GLU G 251 -25.05 -32.47 -110.07
C GLU G 251 -25.99 -31.56 -110.85
N LYS G 252 -25.49 -30.96 -111.93
CA LYS G 252 -26.27 -30.08 -112.76
C LYS G 252 -26.57 -30.72 -114.10
N LYS G 253 -27.81 -30.61 -114.54
CA LYS G 253 -28.27 -31.11 -115.82
C LYS G 253 -28.26 -29.96 -116.82
N LYS G 254 -28.85 -30.18 -117.99
CA LYS G 254 -28.94 -29.16 -119.04
C LYS G 254 -29.74 -27.97 -118.54
N GLY G 255 -29.06 -26.86 -118.26
CA GLY G 255 -29.73 -25.63 -117.93
C GLY G 255 -30.53 -25.63 -116.64
N GLU G 256 -30.26 -26.55 -115.73
CA GLU G 256 -30.98 -26.59 -114.47
C GLU G 256 -30.23 -27.47 -113.48
N ILE G 257 -30.19 -27.04 -112.22
CA ILE G 257 -29.65 -27.84 -111.14
C ILE G 257 -30.75 -28.74 -110.62
N ILE G 258 -30.45 -30.03 -110.48
CA ILE G 258 -31.42 -31.01 -110.02
C ILE G 258 -31.14 -31.32 -108.56
N TYR G 259 -32.16 -31.23 -107.74
CA TYR G 259 -32.05 -31.49 -106.31
C TYR G 259 -32.57 -32.87 -105.98
N GLY G 260 -32.13 -33.41 -104.85
CA GLY G 260 -32.66 -34.66 -104.39
C GLY G 260 -33.85 -34.45 -103.50
N ASN G 261 -35.05 -34.56 -104.07
CA ASN G 261 -36.27 -34.12 -103.40
C ASN G 261 -36.84 -35.24 -102.54
N ILE G 262 -36.94 -34.98 -101.26
CA ILE G 262 -37.59 -35.87 -100.29
C ILE G 262 -39.04 -35.43 -100.14
N PHE G 263 -39.95 -36.39 -100.24
CA PHE G 263 -41.36 -36.11 -100.08
C PHE G 263 -41.79 -36.37 -98.65
N LEU G 264 -43.05 -36.07 -98.35
CA LEU G 264 -43.60 -36.32 -97.03
C LEU G 264 -45.11 -36.37 -97.11
N LYS G 265 -45.71 -36.90 -96.05
CA LYS G 265 -47.16 -37.05 -95.96
C LYS G 265 -47.86 -35.73 -95.66
N ALA H 63 8.21 -10.91 -59.32
CA ALA H 63 8.87 -11.67 -58.29
C ALA H 63 7.87 -12.35 -57.37
N PHE H 64 6.73 -12.71 -57.93
CA PHE H 64 5.60 -13.20 -57.15
C PHE H 64 5.79 -14.67 -56.82
N ALA H 65 4.77 -15.29 -56.22
CA ALA H 65 4.84 -16.67 -55.79
C ALA H 65 3.67 -17.44 -56.40
N VAL H 66 4.00 -18.57 -57.05
CA VAL H 66 2.98 -19.45 -57.68
C VAL H 66 2.96 -20.75 -56.88
N HIS H 67 1.79 -21.33 -56.65
CA HIS H 67 1.64 -22.57 -55.92
C HIS H 67 0.85 -23.55 -56.78
N VAL H 68 1.40 -24.76 -56.98
CA VAL H 68 0.77 -25.82 -57.82
C VAL H 68 0.21 -26.93 -56.95
N ASN H 69 -1.10 -27.19 -57.03
CA ASN H 69 -1.79 -28.22 -56.26
C ASN H 69 -1.42 -29.57 -56.84
N MET H 70 -0.42 -30.23 -56.25
CA MET H 70 0.11 -31.46 -56.82
C MET H 70 -0.95 -32.55 -56.90
N GLU H 71 -2.03 -32.41 -56.12
CA GLU H 71 -2.96 -33.53 -55.97
C GLU H 71 -3.85 -33.69 -57.20
N ARG H 72 -4.04 -32.59 -57.93
CA ARG H 72 -4.90 -32.64 -59.15
C ARG H 72 -4.07 -32.26 -60.37
N CYS H 73 -2.73 -32.22 -60.27
CA CYS H 73 -1.91 -31.95 -61.48
C CYS H 73 -1.82 -33.23 -62.29
N THR H 74 -2.08 -33.14 -63.60
CA THR H 74 -2.09 -34.32 -64.46
C THR H 74 -0.82 -34.47 -65.28
N GLY H 75 0.12 -33.55 -65.22
CA GLY H 75 1.33 -33.59 -66.07
C GLY H 75 1.08 -33.11 -67.46
N CYS H 76 0.06 -32.30 -67.66
CA CYS H 76 -0.31 -31.88 -69.03
C CYS H 76 0.80 -31.05 -69.66
N ASN H 77 1.64 -30.38 -68.90
CA ASN H 77 2.81 -29.65 -69.44
C ASN H 77 2.38 -28.39 -70.19
N ASN H 78 1.15 -27.93 -70.06
CA ASN H 78 0.70 -26.68 -70.73
C ASN H 78 0.97 -25.49 -69.84
N CYS H 79 1.63 -25.68 -68.70
CA CYS H 79 2.00 -24.58 -67.80
C CYS H 79 3.47 -24.32 -68.08
N VAL H 80 4.21 -25.34 -68.47
CA VAL H 80 5.60 -25.27 -68.90
C VAL H 80 5.70 -24.64 -70.28
N VAL H 81 4.84 -25.06 -71.20
CA VAL H 81 4.92 -24.55 -72.57
C VAL H 81 4.43 -23.12 -72.64
N ALA H 82 3.49 -22.73 -71.79
CA ALA H 82 2.87 -21.42 -71.94
C ALA H 82 3.53 -20.32 -71.13
N CYS H 83 4.36 -20.63 -70.15
CA CYS H 83 5.04 -19.60 -69.32
C CYS H 83 5.91 -18.77 -70.24
N PRO H 84 5.77 -17.44 -70.30
CA PRO H 84 6.64 -16.63 -71.11
C PRO H 84 8.06 -16.43 -70.58
N VAL H 85 8.40 -16.90 -69.38
CA VAL H 85 9.80 -16.86 -68.87
C VAL H 85 10.45 -18.17 -69.32
N ASN H 86 9.72 -19.28 -69.32
CA ASN H 86 10.26 -20.47 -69.92
C ASN H 86 10.50 -20.27 -71.41
N ALA H 87 9.59 -19.59 -72.08
CA ALA H 87 9.72 -19.39 -73.51
C ALA H 87 10.82 -18.40 -73.89
N LEU H 88 11.63 -17.95 -72.93
CA LEU H 88 12.67 -16.98 -73.26
C LEU H 88 13.86 -17.64 -73.92
N GLU H 89 14.23 -18.85 -73.50
CA GLU H 89 15.46 -19.44 -73.99
C GLU H 89 15.37 -19.73 -75.49
N LEU H 90 14.43 -20.57 -75.89
CA LEU H 90 14.44 -21.06 -77.26
C LEU H 90 13.70 -20.16 -78.24
N ASN H 91 12.93 -19.19 -77.76
CA ASN H 91 12.01 -18.45 -78.63
C ASN H 91 12.32 -16.97 -78.70
N THR H 92 13.52 -16.56 -78.32
CA THR H 92 13.92 -15.17 -78.30
C THR H 92 15.20 -15.00 -79.12
N VAL H 93 15.34 -13.84 -79.75
CA VAL H 93 16.61 -13.51 -80.40
C VAL H 93 17.60 -13.04 -79.35
N ASN H 94 18.74 -13.70 -79.26
CA ASN H 94 19.74 -13.47 -78.23
C ASN H 94 19.13 -13.63 -76.85
N PRO H 95 18.82 -14.86 -76.44
CA PRO H 95 18.15 -15.08 -75.16
C PRO H 95 18.87 -14.37 -74.02
N SER H 96 18.08 -13.70 -73.18
CA SER H 96 18.63 -12.97 -72.04
C SER H 96 18.90 -13.88 -70.85
N SER H 97 17.84 -14.48 -70.31
CA SER H 97 17.95 -15.37 -69.17
C SER H 97 17.38 -16.72 -69.54
N THR H 98 18.09 -17.79 -69.14
CA THR H 98 17.74 -19.15 -69.51
C THR H 98 17.28 -19.98 -68.31
N ASP H 99 16.70 -19.33 -67.31
CA ASP H 99 16.18 -20.07 -66.14
C ASP H 99 14.71 -20.36 -66.36
N LYS H 100 14.15 -21.39 -65.72
CA LYS H 100 12.75 -21.80 -66.01
C LYS H 100 11.94 -21.93 -64.73
N ILE H 101 10.71 -21.39 -64.71
CA ILE H 101 9.86 -21.58 -63.50
C ILE H 101 9.43 -23.04 -63.36
N TYR H 102 8.75 -23.62 -64.34
CA TYR H 102 8.20 -24.99 -64.16
C TYR H 102 8.87 -26.06 -65.01
N LYS H 103 8.90 -27.32 -64.53
CA LYS H 103 9.37 -28.49 -65.30
C LYS H 103 8.55 -29.65 -64.75
N VAL H 104 7.94 -30.51 -65.58
CA VAL H 104 7.04 -31.56 -65.02
C VAL H 104 7.83 -32.81 -64.64
N ILE H 105 8.22 -32.95 -63.38
CA ILE H 105 9.04 -34.10 -62.92
C ILE H 105 8.11 -35.07 -62.21
N ASN H 106 8.08 -36.33 -62.62
CA ASN H 106 7.24 -37.39 -62.06
C ASN H 106 5.76 -37.09 -62.21
N GLY H 107 5.38 -36.43 -63.30
CA GLY H 107 3.99 -36.26 -63.62
C GLY H 107 3.31 -35.03 -63.06
N ASP H 108 3.98 -34.25 -62.21
CA ASP H 108 3.40 -33.03 -61.68
C ASP H 108 4.35 -31.87 -61.90
N ALA H 109 3.77 -30.67 -62.06
CA ALA H 109 4.58 -29.47 -62.35
C ALA H 109 5.33 -29.00 -61.13
N VAL H 110 6.65 -28.98 -61.22
CA VAL H 110 7.51 -28.51 -60.13
C VAL H 110 8.00 -27.12 -60.50
N ILE H 111 7.91 -26.19 -59.56
CA ILE H 111 8.39 -24.83 -59.75
C ILE H 111 9.82 -24.75 -59.24
N LEU H 112 10.77 -24.64 -60.17
CA LEU H 112 12.17 -24.48 -59.81
C LEU H 112 12.45 -23.09 -59.23
N ASP H 113 11.55 -22.14 -59.47
CA ASP H 113 11.72 -20.77 -59.01
C ASP H 113 11.39 -20.69 -57.52
N VAL H 114 12.29 -21.28 -56.72
CA VAL H 114 12.05 -21.43 -55.30
C VAL H 114 12.00 -20.08 -54.60
N LYS H 115 12.93 -19.19 -54.94
CA LYS H 115 13.09 -17.93 -54.24
C LYS H 115 12.29 -16.80 -54.86
N HIS H 116 11.35 -17.12 -55.74
CA HIS H 116 10.36 -16.17 -56.27
C HIS H 116 11.04 -14.96 -56.91
N GLU H 117 11.98 -15.22 -57.81
CA GLU H 117 12.70 -14.15 -58.47
C GLU H 117 12.29 -13.94 -59.92
N LEU H 118 11.72 -14.94 -60.60
CA LEU H 118 11.51 -14.77 -62.07
C LEU H 118 10.05 -14.57 -62.49
N CYS H 119 9.05 -14.90 -61.66
CA CYS H 119 7.64 -14.79 -62.10
C CYS H 119 7.31 -13.33 -62.37
N ALA H 120 6.31 -13.02 -63.19
CA ALA H 120 5.90 -11.62 -63.39
C ALA H 120 4.39 -11.47 -63.26
N GLY H 121 3.73 -12.40 -62.59
CA GLY H 121 2.29 -12.33 -62.37
C GLY H 121 1.54 -12.21 -63.66
N CYS H 122 2.00 -12.84 -64.73
CA CYS H 122 1.35 -12.68 -66.06
C CYS H 122 -0.02 -13.34 -66.09
N GLY H 123 -0.18 -14.49 -65.45
CA GLY H 123 -1.46 -15.21 -65.51
C GLY H 123 -1.60 -16.04 -66.76
N ILE H 124 -0.57 -16.13 -67.60
CA ILE H 124 -0.60 -17.03 -68.78
C ILE H 124 -0.62 -18.46 -68.25
N CYS H 125 0.02 -18.73 -67.12
CA CYS H 125 0.08 -20.13 -66.66
C CYS H 125 -1.19 -20.51 -65.93
N VAL H 126 -1.79 -19.59 -65.16
CA VAL H 126 -3.07 -19.83 -64.50
C VAL H 126 -4.19 -19.94 -65.54
N ASP H 127 -4.13 -19.12 -66.58
CA ASP H 127 -5.12 -19.21 -67.65
C ASP H 127 -4.91 -20.43 -68.52
N ALA H 128 -3.71 -21.02 -68.51
CA ALA H 128 -3.43 -22.17 -69.36
C ALA H 128 -3.89 -23.47 -68.75
N CYS H 129 -3.56 -23.79 -67.50
CA CYS H 129 -3.91 -25.11 -66.91
C CYS H 129 -5.37 -25.44 -67.15
N PRO H 130 -5.72 -26.56 -67.81
CA PRO H 130 -7.10 -26.86 -68.17
C PRO H 130 -8.02 -27.04 -66.96
N TYR H 131 -7.58 -27.79 -65.95
CA TYR H 131 -8.37 -27.99 -64.71
C TYR H 131 -7.75 -27.11 -63.64
N ASP H 132 -8.22 -25.89 -63.45
CA ASP H 132 -7.52 -24.89 -62.60
C ASP H 132 -6.81 -25.57 -61.43
N VAL H 133 -5.50 -25.38 -61.30
CA VAL H 133 -4.68 -26.06 -60.26
C VAL H 133 -3.54 -25.13 -59.86
N ILE H 134 -3.34 -24.06 -60.60
CA ILE H 134 -2.27 -23.08 -60.27
C ILE H 134 -2.90 -21.83 -59.65
N GLN H 135 -2.62 -21.53 -58.38
CA GLN H 135 -3.04 -20.32 -57.68
C GLN H 135 -1.90 -19.32 -57.73
N LEU H 136 -2.19 -18.11 -58.23
CA LEU H 136 -1.16 -17.04 -58.30
C LEU H 136 -1.35 -16.09 -57.12
N SER H 137 -0.28 -15.87 -56.34
CA SER H 137 -0.38 -14.95 -55.17
C SER H 137 0.20 -13.59 -55.55
N GLY H 138 -0.63 -12.54 -55.51
CA GLY H 138 -0.18 -11.19 -55.88
C GLY H 138 0.28 -10.41 -54.67
N GLN H 139 0.38 -11.06 -53.52
CA GLN H 139 0.75 -10.37 -52.25
C GLN H 139 2.10 -10.90 -51.80
N PRO H 140 2.94 -10.10 -51.12
CA PRO H 140 4.30 -10.54 -50.78
C PRO H 140 4.31 -11.83 -49.95
N PRO H 141 5.15 -12.83 -50.29
CA PRO H 141 5.19 -14.09 -49.57
C PRO H 141 5.79 -13.89 -48.19
N GLU I 3 27.52 -73.00 -109.64
CA GLU I 3 26.42 -73.43 -108.81
C GLU I 3 25.19 -73.63 -109.66
N LEU I 4 25.20 -73.02 -110.85
CA LEU I 4 24.06 -73.10 -111.76
C LEU I 4 24.51 -72.63 -113.14
N LEU I 5 23.94 -73.22 -114.18
CA LEU I 5 24.20 -72.73 -115.53
C LEU I 5 22.93 -72.88 -116.36
N ILE I 6 22.69 -71.89 -117.22
CA ILE I 6 21.50 -71.82 -118.05
C ILE I 6 21.95 -72.09 -119.48
N LYS I 7 21.87 -73.34 -119.90
CA LYS I 7 22.47 -73.77 -121.15
C LYS I 7 21.54 -73.54 -122.33
N ASN I 8 22.07 -72.95 -123.39
CA ASN I 8 21.46 -72.94 -124.73
C ASN I 8 20.14 -72.18 -124.77
N GLY I 9 20.19 -70.91 -124.34
CA GLY I 9 19.06 -70.01 -124.45
C GLY I 9 19.49 -68.72 -125.13
N TYR I 10 18.60 -68.16 -125.94
CA TYR I 10 18.88 -66.89 -126.59
C TYR I 10 19.17 -65.82 -125.53
N ILE I 11 20.20 -65.03 -125.76
CA ILE I 11 20.64 -64.03 -124.79
C ILE I 11 20.40 -62.65 -125.36
N PHE I 12 19.92 -61.75 -124.52
CA PHE I 12 19.68 -60.35 -124.88
C PHE I 12 20.24 -59.50 -123.75
N ASP I 13 21.49 -59.07 -123.89
CA ASP I 13 22.19 -58.26 -122.91
C ASP I 13 22.61 -56.95 -123.58
N PRO I 14 21.80 -55.90 -123.47
CA PRO I 14 22.14 -54.64 -124.14
C PRO I 14 23.45 -54.04 -123.67
N ILE I 15 23.83 -54.28 -122.41
CA ILE I 15 25.08 -53.74 -121.90
C ILE I 15 26.29 -54.40 -122.56
N SER I 16 26.13 -55.60 -123.11
CA SER I 16 27.18 -56.24 -123.87
C SER I 16 26.87 -56.33 -125.37
N GLY I 17 25.78 -55.72 -125.81
CA GLY I 17 25.43 -55.70 -127.23
C GLY I 17 25.18 -57.08 -127.84
N ILE I 18 24.50 -57.94 -127.10
CA ILE I 18 24.30 -59.34 -127.51
C ILE I 18 22.87 -59.49 -128.01
N LYS I 19 22.73 -59.93 -129.25
CA LYS I 19 21.42 -60.06 -129.90
C LYS I 19 21.22 -61.51 -130.32
N GLY I 20 20.46 -62.25 -129.52
CA GLY I 20 20.05 -63.60 -129.90
C GLY I 20 21.17 -64.60 -130.05
N ASP I 21 22.17 -64.55 -129.17
CA ASP I 21 23.23 -65.56 -129.17
C ASP I 21 22.85 -66.71 -128.25
N LYS I 22 23.29 -67.91 -128.62
CA LYS I 22 23.01 -69.10 -127.84
C LYS I 22 24.01 -69.21 -126.69
N ALA I 23 24.19 -68.14 -125.92
CA ALA I 23 25.23 -68.13 -124.92
C ALA I 23 24.78 -68.89 -123.67
N ASP I 24 25.73 -69.13 -122.78
CA ASP I 24 25.47 -69.83 -121.53
C ASP I 24 25.91 -68.95 -120.37
N ILE I 25 25.03 -68.79 -119.39
CA ILE I 25 25.32 -68.01 -118.20
C ILE I 25 25.58 -68.99 -117.07
N ALA I 26 26.73 -68.85 -116.41
CA ALA I 26 27.12 -69.74 -115.33
C ALA I 26 27.12 -68.93 -114.04
N ILE I 27 25.96 -68.83 -113.41
CA ILE I 27 25.88 -68.19 -112.10
C ILE I 27 26.67 -69.01 -111.10
N LYS I 28 27.45 -68.33 -110.27
CA LYS I 28 28.27 -69.00 -109.28
C LYS I 28 28.22 -68.17 -108.01
N ASP I 29 27.42 -68.64 -107.04
CA ASP I 29 27.30 -68.00 -105.73
C ASP I 29 26.82 -66.56 -105.84
N GLY I 30 25.74 -66.36 -106.57
CA GLY I 30 25.08 -65.08 -106.65
C GLY I 30 25.60 -64.13 -107.70
N LYS I 31 26.82 -64.34 -108.18
CA LYS I 31 27.45 -63.44 -109.13
C LYS I 31 27.84 -64.22 -110.36
N ILE I 32 27.50 -63.68 -111.54
CA ILE I 32 27.72 -64.39 -112.79
C ILE I 32 29.22 -64.57 -113.01
N VAL I 33 29.61 -65.80 -113.38
CA VAL I 33 31.01 -66.13 -113.64
C VAL I 33 31.06 -66.86 -114.98
N ASP I 34 32.23 -66.77 -115.63
CA ASP I 34 32.37 -67.32 -116.97
C ASP I 34 32.19 -68.83 -116.99
N LYS I 35 32.85 -69.52 -116.07
CA LYS I 35 32.95 -70.98 -116.12
C LYS I 35 32.68 -71.59 -114.75
N VAL I 36 31.81 -72.60 -114.73
CA VAL I 36 31.54 -73.40 -113.54
C VAL I 36 31.58 -74.87 -113.94
N SER I 37 32.04 -75.71 -113.01
CA SER I 37 32.25 -77.12 -113.29
C SER I 37 30.91 -77.85 -113.44
N SER I 38 30.99 -79.17 -113.61
CA SER I 38 29.83 -79.99 -113.93
C SER I 38 29.02 -80.39 -112.72
N LYS I 39 29.28 -79.82 -111.55
CA LYS I 39 28.42 -80.05 -110.40
C LYS I 39 27.23 -79.10 -110.34
N ALA I 40 27.20 -78.09 -111.20
CA ALA I 40 26.11 -77.12 -111.18
C ALA I 40 24.87 -77.70 -111.84
N GLN I 41 23.73 -77.58 -111.16
CA GLN I 41 22.46 -77.97 -111.76
C GLN I 41 22.19 -77.11 -112.99
N VAL I 42 21.77 -77.76 -114.07
CA VAL I 42 21.64 -77.09 -115.34
C VAL I 42 20.17 -76.75 -115.58
N ILE I 43 19.92 -75.86 -116.53
CA ILE I 43 18.58 -75.51 -116.97
C ILE I 43 18.56 -75.59 -118.49
N ASP I 44 17.73 -76.47 -119.03
CA ASP I 44 17.63 -76.63 -120.48
C ASP I 44 16.62 -75.60 -120.98
N ALA I 45 17.10 -74.40 -121.28
CA ALA I 45 16.26 -73.29 -121.71
C ALA I 45 16.12 -73.23 -123.22
N SER I 46 16.17 -74.38 -123.89
CA SER I 46 16.17 -74.43 -125.34
C SER I 46 14.95 -73.72 -125.93
N GLY I 47 15.21 -72.86 -126.90
CA GLY I 47 14.15 -72.11 -127.56
C GLY I 47 13.40 -71.16 -126.64
N LYS I 48 14.09 -70.58 -125.68
CA LYS I 48 13.47 -69.67 -124.72
C LYS I 48 14.31 -68.42 -124.57
N THR I 49 13.65 -67.26 -124.57
CA THR I 49 14.33 -65.98 -124.61
C THR I 49 14.81 -65.60 -123.21
N VAL I 50 16.12 -65.51 -123.04
CA VAL I 50 16.72 -65.17 -121.75
C VAL I 50 17.08 -63.69 -121.75
N MET I 51 16.75 -63.01 -120.66
CA MET I 51 17.19 -61.65 -120.42
C MET I 51 17.86 -61.61 -119.06
N SER I 52 18.14 -60.43 -118.54
CA SER I 52 18.59 -60.32 -117.16
C SER I 52 17.42 -59.95 -116.26
N GLY I 53 17.64 -60.10 -114.96
CA GLY I 53 16.60 -59.77 -114.01
C GLY I 53 16.21 -58.31 -114.12
N GLY I 54 15.01 -58.06 -114.65
CA GLY I 54 14.55 -56.71 -114.89
C GLY I 54 14.72 -55.77 -113.73
N VAL I 55 14.88 -54.48 -114.03
CA VAL I 55 15.05 -53.44 -113.02
C VAL I 55 13.96 -52.41 -113.25
N ASP I 56 13.21 -52.11 -112.20
CA ASP I 56 12.19 -51.07 -112.26
C ASP I 56 12.69 -49.83 -111.54
N ILE I 57 12.57 -48.69 -112.21
CA ILE I 57 13.21 -47.45 -111.75
C ILE I 57 12.21 -46.58 -111.01
N HIS I 58 10.95 -46.64 -111.44
CA HIS I 58 9.90 -45.79 -110.83
C HIS I 58 8.65 -46.59 -110.52
N THR I 59 8.41 -46.89 -109.26
CA THR I 59 7.20 -47.59 -108.86
C THR I 59 6.96 -47.32 -107.39
N HIS I 60 5.70 -47.00 -107.04
CA HIS I 60 5.34 -46.75 -105.63
C HIS I 60 4.80 -48.03 -105.01
N VAL I 61 5.67 -48.97 -104.68
CA VAL I 61 5.26 -50.26 -104.13
C VAL I 61 5.36 -50.29 -102.62
N SER I 62 5.47 -49.13 -101.99
CA SER I 62 5.51 -49.08 -100.54
C SER I 62 5.28 -47.64 -100.09
N GLY I 63 5.21 -47.47 -98.77
CA GLY I 63 5.19 -46.14 -98.20
C GLY I 63 3.86 -45.71 -97.65
N PRO I 64 3.87 -44.58 -96.94
CA PRO I 64 2.63 -44.07 -96.34
C PRO I 64 1.55 -43.74 -97.36
N LYS I 65 1.92 -43.24 -98.53
CA LYS I 65 0.91 -43.03 -99.57
C LYS I 65 0.18 -44.33 -99.88
N VAL I 66 0.95 -45.39 -100.09
CA VAL I 66 0.38 -46.64 -100.53
C VAL I 66 -0.47 -47.26 -99.43
N ASN I 67 -0.03 -47.16 -98.18
CA ASN I 67 -0.85 -47.67 -97.10
C ASN I 67 -2.13 -46.88 -96.93
N THR I 68 -2.06 -45.56 -97.11
CA THR I 68 -3.26 -44.74 -97.09
C THR I 68 -4.22 -45.17 -98.19
N GLY I 69 -3.70 -45.50 -99.36
CA GLY I 69 -4.56 -46.01 -100.42
C GLY I 69 -5.18 -47.35 -100.06
N ARG I 70 -4.38 -48.26 -99.50
CA ARG I 70 -4.90 -49.58 -99.15
C ARG I 70 -6.02 -49.48 -98.12
N MET I 71 -5.83 -48.67 -97.08
CA MET I 71 -6.93 -48.39 -96.16
C MET I 71 -8.12 -47.80 -96.90
N MET I 72 -7.94 -46.64 -97.52
CA MET I 72 -9.05 -45.89 -98.05
C MET I 72 -9.87 -46.68 -99.06
N ARG I 73 -9.27 -47.68 -99.71
CA ARG I 73 -9.92 -48.32 -100.84
C ARG I 73 -10.02 -49.83 -100.63
N PRO I 74 -11.05 -50.29 -99.91
CA PRO I 74 -11.33 -51.72 -99.84
C PRO I 74 -12.21 -52.24 -100.96
N GLU I 75 -12.85 -51.36 -101.73
CA GLU I 75 -13.43 -51.78 -102.99
C GLU I 75 -12.36 -52.37 -103.89
N ASP I 76 -11.12 -51.92 -103.72
CA ASP I 76 -10.04 -52.36 -104.59
C ASP I 76 -9.88 -53.88 -104.56
N LYS I 77 -9.92 -54.47 -103.37
CA LYS I 77 -9.78 -55.92 -103.25
C LYS I 77 -11.03 -56.65 -103.70
N PHE I 78 -12.20 -56.18 -103.30
CA PHE I 78 -13.47 -56.89 -103.46
C PHE I 78 -14.41 -56.02 -104.29
N PHE I 79 -14.99 -56.60 -105.35
CA PHE I 79 -15.85 -55.81 -106.22
C PHE I 79 -16.86 -56.70 -106.92
N ARG I 80 -18.13 -56.31 -106.84
CA ARG I 80 -19.24 -56.98 -107.51
C ARG I 80 -19.34 -58.45 -107.11
N GLY I 81 -18.99 -58.77 -105.87
CA GLY I 81 -19.10 -60.11 -105.35
C GLY I 81 -17.85 -60.95 -105.43
N SER I 82 -17.03 -60.75 -106.45
CA SER I 82 -15.84 -61.54 -106.67
C SER I 82 -14.61 -60.65 -106.53
N TYR I 83 -13.47 -61.28 -106.26
CA TYR I 83 -12.25 -60.54 -106.00
C TYR I 83 -11.56 -60.22 -107.32
N ARG I 84 -11.39 -58.92 -107.61
CA ARG I 84 -10.68 -58.54 -108.82
C ARG I 84 -9.19 -58.83 -108.74
N GLY I 85 -8.65 -59.09 -107.55
CA GLY I 85 -7.26 -59.45 -107.51
C GLY I 85 -6.98 -60.87 -107.92
N GLY I 86 -8.01 -61.64 -108.24
CA GLY I 86 -7.87 -63.07 -108.42
C GLY I 86 -7.74 -63.76 -107.07
N ILE I 87 -7.83 -65.09 -107.12
CA ILE I 87 -7.71 -65.92 -105.92
C ILE I 87 -6.50 -66.81 -106.12
N ILE I 88 -5.50 -66.65 -105.25
CA ILE I 88 -4.31 -67.50 -105.37
C ILE I 88 -3.46 -67.45 -104.12
N LYS I 89 -2.88 -68.60 -103.77
CA LYS I 89 -1.93 -68.74 -102.67
C LYS I 89 -0.74 -69.60 -103.12
N GLN I 90 -0.15 -69.26 -104.27
CA GLN I 90 1.05 -69.95 -104.73
C GLN I 90 2.13 -69.96 -103.67
N GLY I 91 2.46 -68.78 -103.15
CA GLY I 91 3.50 -68.66 -102.16
C GLY I 91 3.01 -69.06 -100.79
N LYS I 92 3.82 -68.75 -99.79
CA LYS I 92 3.46 -69.08 -98.42
C LYS I 92 2.46 -68.09 -97.83
N ARG I 93 2.10 -67.03 -98.54
CA ARG I 93 1.14 -66.05 -98.04
C ARG I 93 0.09 -65.77 -99.08
N MET I 94 -0.71 -64.75 -98.82
CA MET I 94 -1.88 -64.41 -99.61
C MET I 94 -1.54 -63.34 -100.64
N GLU I 95 -2.42 -63.18 -101.63
CA GLU I 95 -2.31 -62.09 -102.59
C GLU I 95 -3.64 -61.36 -102.64
N MET I 96 -3.69 -60.17 -102.03
CA MET I 96 -4.87 -59.32 -101.98
C MET I 96 -4.61 -58.04 -102.74
N GLY I 97 -5.52 -57.67 -103.62
CA GLY I 97 -5.46 -56.36 -104.24
C GLY I 97 -5.28 -56.40 -105.73
N PHE I 98 -6.15 -55.70 -106.46
CA PHE I 98 -5.92 -55.53 -107.90
C PHE I 98 -4.95 -54.38 -108.14
N SER I 99 -5.35 -53.17 -107.79
CA SER I 99 -4.40 -52.08 -107.67
C SER I 99 -3.73 -52.17 -106.31
N ILE I 100 -2.69 -51.36 -106.12
CA ILE I 100 -1.97 -51.26 -104.86
C ILE I 100 -1.92 -52.59 -104.12
N PRO I 101 -1.37 -53.64 -104.73
CA PRO I 101 -1.41 -54.95 -104.09
C PRO I 101 -0.66 -54.95 -102.77
N SER I 102 -1.08 -55.82 -101.87
CA SER I 102 -0.33 -56.03 -100.65
C SER I 102 1.11 -56.40 -100.98
N THR I 103 1.93 -56.18 -99.98
CA THR I 103 3.38 -56.41 -100.17
C THR I 103 3.61 -57.82 -100.66
N TYR I 104 2.77 -58.79 -100.30
CA TYR I 104 3.15 -60.17 -100.69
C TYR I 104 2.74 -60.40 -102.14
N LYS I 105 1.78 -59.66 -102.64
CA LYS I 105 1.37 -59.73 -104.04
C LYS I 105 2.32 -58.96 -104.93
N THR I 106 2.81 -57.80 -104.48
CA THR I 106 3.76 -57.05 -105.31
C THR I 106 5.03 -57.87 -105.54
N GLY I 107 5.58 -58.45 -104.48
CA GLY I 107 6.77 -59.25 -104.63
C GLY I 107 6.57 -60.44 -105.54
N TYR I 108 5.48 -61.18 -105.35
CA TYR I 108 5.25 -62.35 -106.17
C TYR I 108 4.94 -61.99 -107.61
N ALA I 109 4.21 -60.89 -107.84
CA ALA I 109 3.86 -60.50 -109.19
C ALA I 109 5.08 -60.03 -109.97
N TYR I 110 5.97 -59.25 -109.34
CA TYR I 110 7.25 -58.95 -109.98
C TYR I 110 8.09 -60.20 -110.22
N ALA I 111 8.15 -61.12 -109.25
CA ALA I 111 8.91 -62.34 -109.49
C ALA I 111 8.39 -63.08 -110.71
N ARG I 112 7.07 -63.19 -110.84
CA ARG I 112 6.49 -63.81 -112.02
C ARG I 112 6.71 -62.99 -113.28
N MET I 113 6.83 -61.66 -113.14
CA MET I 113 7.15 -60.81 -114.28
C MET I 113 8.57 -61.04 -114.76
N GLY I 114 9.45 -61.45 -113.86
CA GLY I 114 10.87 -61.49 -114.13
C GLY I 114 11.65 -60.39 -113.45
N TYR I 115 10.97 -59.35 -112.98
CA TYR I 115 11.64 -58.23 -112.36
C TYR I 115 12.33 -58.66 -111.07
N THR I 116 13.41 -57.96 -110.74
CA THR I 116 14.16 -58.29 -109.53
C THR I 116 14.54 -57.08 -108.69
N PHE I 117 14.59 -55.89 -109.24
CA PHE I 117 14.89 -54.69 -108.46
C PHE I 117 13.78 -53.70 -108.68
N THR I 118 13.25 -53.14 -107.60
CA THR I 118 12.24 -52.10 -107.71
C THR I 118 12.62 -50.92 -106.85
N ASN I 119 12.60 -49.74 -107.45
CA ASN I 119 13.05 -48.51 -106.84
C ASN I 119 11.82 -47.75 -106.38
N GLU I 120 11.44 -47.94 -105.12
CA GLU I 120 10.31 -47.23 -104.56
C GLU I 120 10.57 -45.74 -104.61
N ALA I 121 9.91 -45.08 -105.55
CA ALA I 121 10.30 -43.69 -105.81
C ALA I 121 10.16 -42.75 -104.63
N ALA I 122 8.97 -42.36 -104.25
CA ALA I 122 8.88 -41.29 -103.23
C ALA I 122 8.72 -41.75 -101.80
N MET I 123 9.54 -41.23 -100.91
CA MET I 123 9.34 -41.42 -99.49
C MET I 123 9.60 -40.14 -98.74
N PRO I 124 8.67 -39.66 -97.93
CA PRO I 124 8.99 -38.56 -97.04
C PRO I 124 10.07 -38.96 -96.07
N PRO I 125 11.16 -38.19 -95.88
CA PRO I 125 12.23 -38.66 -95.01
C PRO I 125 11.79 -38.98 -93.58
N LEU I 126 10.79 -38.29 -93.04
CA LEU I 126 10.31 -38.49 -91.64
C LEU I 126 9.68 -39.86 -91.49
N LEU I 127 9.22 -40.46 -92.59
CA LEU I 127 8.45 -41.70 -92.52
C LEU I 127 9.26 -42.89 -93.03
N ALA I 128 10.52 -42.96 -92.66
CA ALA I 128 11.43 -43.99 -93.15
C ALA I 128 11.25 -45.36 -92.51
N PRO I 129 10.96 -45.46 -91.20
CA PRO I 129 10.70 -46.80 -90.64
C PRO I 129 9.54 -47.50 -91.29
N HIS I 130 8.52 -46.75 -91.72
CA HIS I 130 7.40 -47.33 -92.45
C HIS I 130 7.87 -48.02 -93.72
N VAL I 131 8.65 -47.30 -94.53
CA VAL I 131 9.11 -47.86 -95.79
C VAL I 131 9.99 -49.07 -95.55
N HIS I 132 10.83 -49.02 -94.52
CA HIS I 132 11.73 -50.15 -94.31
C HIS I 132 11.01 -51.35 -93.73
N GLU I 133 9.86 -51.13 -93.09
CA GLU I 133 9.04 -52.22 -92.54
C GLU I 133 8.31 -52.93 -93.68
N GLU I 134 7.67 -52.19 -94.57
CA GLU I 134 6.99 -52.82 -95.74
C GLU I 134 8.00 -53.56 -96.59
N PHE I 135 9.22 -53.03 -96.73
CA PHE I 135 10.30 -53.70 -97.50
C PHE I 135 10.66 -55.02 -96.82
N ARG I 136 10.72 -55.08 -95.51
CA ARG I 136 11.02 -56.39 -94.89
C ARG I 136 9.94 -57.40 -95.31
N ASP I 137 8.73 -56.95 -95.55
CA ASP I 137 7.63 -57.89 -95.89
C ASP I 137 7.52 -58.15 -97.41
N THR I 138 8.06 -57.31 -98.28
CA THR I 138 8.03 -57.66 -99.72
C THR I 138 8.88 -58.93 -99.90
N PRO I 139 8.42 -59.96 -100.63
CA PRO I 139 9.14 -61.25 -100.66
C PRO I 139 10.49 -61.53 -101.30
N ILE I 140 10.70 -61.18 -102.57
CA ILE I 140 11.96 -61.60 -103.25
C ILE I 140 12.70 -60.39 -103.82
N LEU I 141 11.99 -59.38 -104.33
CA LEU I 141 12.65 -58.25 -105.01
C LEU I 141 13.62 -57.49 -104.12
N ASP I 142 14.79 -57.12 -104.65
CA ASP I 142 15.74 -56.25 -103.90
C ASP I 142 15.12 -54.88 -104.08
N GLN I 143 15.38 -53.95 -103.17
CA GLN I 143 14.58 -52.74 -103.20
C GLN I 143 15.32 -51.57 -102.57
N ALA I 144 15.22 -50.41 -103.20
CA ALA I 144 15.73 -49.17 -102.63
C ALA I 144 14.67 -48.09 -102.76
N ALA I 145 14.74 -47.10 -101.89
CA ALA I 145 13.77 -46.01 -101.88
C ALA I 145 14.49 -44.68 -101.99
N MET I 146 13.82 -43.70 -102.58
CA MET I 146 14.46 -42.41 -102.88
C MET I 146 13.90 -41.29 -102.00
N PRO I 147 14.62 -40.73 -101.02
CA PRO I 147 14.06 -39.70 -100.17
C PRO I 147 13.69 -38.46 -101.01
N VAL I 148 12.62 -37.72 -100.66
CA VAL I 148 12.16 -36.55 -101.47
C VAL I 148 12.77 -35.25 -100.92
N PHE I 149 13.59 -34.55 -101.73
CA PHE I 149 14.33 -33.36 -101.25
C PHE I 149 13.93 -32.09 -102.00
N GLY I 150 12.77 -32.06 -102.64
CA GLY I 150 12.42 -30.88 -103.42
C GLY I 150 11.50 -29.93 -102.70
N ASN I 151 11.07 -30.27 -101.49
CA ASN I 151 10.22 -29.37 -100.69
C ASN I 151 10.70 -29.36 -99.24
N ASN I 152 11.88 -29.90 -98.98
CA ASN I 152 12.47 -29.85 -97.62
C ASN I 152 12.74 -28.38 -97.32
N TRP I 153 12.41 -27.92 -96.12
CA TRP I 153 12.69 -26.53 -95.73
C TRP I 153 14.20 -26.31 -95.68
N PHE I 154 14.99 -27.28 -95.20
CA PHE I 154 16.47 -27.13 -95.07
C PHE I 154 17.07 -26.91 -96.46
N CYS I 155 16.50 -27.53 -97.48
CA CYS I 155 17.00 -27.39 -98.88
C CYS I 155 16.30 -26.22 -99.54
N PHE I 156 15.54 -25.44 -98.78
CA PHE I 156 14.93 -24.22 -99.33
C PHE I 156 15.81 -23.10 -98.80
N GLU I 157 16.29 -23.24 -97.58
CA GLU I 157 17.26 -22.29 -97.02
C GLU I 157 18.57 -22.30 -97.80
N TYR I 158 19.13 -23.50 -98.04
CA TYR I 158 20.48 -23.57 -98.58
C TYR I 158 20.52 -23.17 -100.05
N ILE I 159 19.53 -23.56 -100.84
CA ILE I 159 19.48 -23.09 -102.22
C ILE I 159 19.00 -21.63 -102.31
N LYS I 160 18.40 -21.08 -101.26
CA LYS I 160 18.25 -19.62 -101.21
C LYS I 160 19.62 -18.96 -101.07
N ASN I 161 20.42 -19.44 -100.13
CA ASN I 161 21.60 -18.71 -99.69
C ASN I 161 22.88 -19.17 -100.38
N LYS I 162 22.79 -20.10 -101.33
CA LYS I 162 23.91 -20.49 -102.18
C LYS I 162 25.07 -21.10 -101.38
N GLU I 163 24.77 -22.20 -100.69
CA GLU I 163 25.79 -22.99 -99.98
C GLU I 163 25.78 -24.41 -100.53
N LEU I 164 26.56 -24.64 -101.58
CA LEU I 164 26.64 -25.96 -102.16
C LEU I 164 27.18 -26.97 -101.17
N GLU I 165 28.23 -26.60 -100.42
CA GLU I 165 28.82 -27.54 -99.48
C GLU I 165 27.85 -27.91 -98.37
N ASN I 166 27.16 -26.91 -97.82
CA ASN I 166 26.21 -27.20 -96.75
C ASN I 166 25.05 -28.05 -97.26
N ASN I 167 24.52 -27.72 -98.44
CA ASN I 167 23.41 -28.51 -98.96
C ASN I 167 23.86 -29.93 -99.29
N ALA I 168 25.09 -30.10 -99.76
CA ALA I 168 25.61 -31.44 -100.01
C ALA I 168 25.74 -32.22 -98.71
N ALA I 169 26.25 -31.58 -97.67
CA ALA I 169 26.34 -32.27 -96.38
C ALA I 169 24.97 -32.66 -95.87
N TYR I 170 23.95 -31.89 -96.23
CA TYR I 170 22.61 -32.19 -95.67
C TYR I 170 22.03 -33.34 -96.46
N VAL I 171 22.27 -33.34 -97.76
CA VAL I 171 21.76 -34.46 -98.54
C VAL I 171 22.43 -35.75 -98.11
N ALA I 172 23.74 -35.71 -97.81
CA ALA I 172 24.43 -36.90 -97.34
C ALA I 172 23.89 -37.35 -95.99
N TRP I 173 23.63 -36.41 -95.08
CA TRP I 173 23.05 -36.77 -93.80
C TRP I 173 21.68 -37.40 -93.98
N LEU I 174 20.84 -36.80 -94.81
CA LEU I 174 19.48 -37.36 -94.99
C LEU I 174 19.65 -38.77 -95.53
N LEU I 175 20.33 -38.91 -96.66
CA LEU I 175 20.46 -40.23 -97.26
C LEU I 175 20.95 -41.25 -96.25
N ASN I 176 21.94 -40.87 -95.42
CA ASN I 176 22.45 -41.79 -94.42
C ASN I 176 21.42 -42.09 -93.34
N ALA I 177 20.46 -41.18 -93.11
CA ALA I 177 19.44 -41.43 -92.10
C ALA I 177 18.31 -42.30 -92.64
N THR I 178 17.75 -41.92 -93.79
CA THR I 178 16.62 -42.65 -94.37
C THR I 178 17.04 -43.79 -95.27
N LYS I 179 18.32 -44.07 -95.38
CA LYS I 179 18.84 -45.17 -96.17
C LYS I 179 18.34 -45.13 -97.61
N GLY I 180 18.30 -43.95 -98.20
CA GLY I 180 17.84 -43.77 -99.56
C GLY I 180 18.93 -44.06 -100.58
N ILE I 181 18.59 -43.87 -101.84
CA ILE I 181 19.53 -44.16 -102.92
C ILE I 181 19.65 -42.97 -103.86
N GLY I 182 18.72 -42.02 -103.83
CA GLY I 182 18.96 -40.84 -104.68
C GLY I 182 18.26 -39.59 -104.22
N ILE I 183 17.63 -38.87 -105.13
CA ILE I 183 16.93 -37.60 -104.81
C ILE I 183 15.71 -37.54 -105.71
N KCX I 184 14.53 -37.29 -105.17
CA KCX I 184 13.37 -37.10 -106.05
CB KCX I 184 12.25 -38.10 -105.84
CG KCX I 184 11.38 -38.32 -107.06
CD KCX I 184 10.10 -39.07 -106.81
CE KCX I 184 9.13 -38.93 -107.97
NZ KCX I 184 7.78 -39.31 -107.62
C KCX I 184 12.86 -35.70 -105.78
O KCX I 184 12.79 -35.34 -104.61
CX KCX I 184 6.76 -39.22 -108.48
OQ1 KCX I 184 5.78 -39.94 -108.44
OQ2 KCX I 184 6.89 -38.29 -109.41
N VAL I 185 12.60 -34.91 -106.83
CA VAL I 185 11.97 -33.60 -106.62
C VAL I 185 10.54 -33.78 -107.12
N VAL I 186 9.57 -33.71 -106.22
CA VAL I 186 8.15 -33.88 -106.59
C VAL I 186 7.51 -32.50 -106.57
N ASN I 187 7.13 -31.99 -107.72
CA ASN I 187 6.51 -30.69 -107.88
C ASN I 187 7.36 -29.63 -107.16
N PRO I 188 8.51 -29.27 -107.73
CA PRO I 188 9.48 -28.44 -107.00
C PRO I 188 8.87 -27.18 -106.42
N GLY I 189 8.93 -27.04 -105.11
CA GLY I 189 8.40 -25.84 -104.46
C GLY I 189 6.91 -25.79 -104.25
N GLY I 190 6.14 -26.20 -105.25
CA GLY I 190 4.70 -26.08 -105.18
C GLY I 190 4.03 -26.87 -104.07
N THR I 191 4.55 -28.05 -103.77
CA THR I 191 3.94 -28.90 -102.76
C THR I 191 3.93 -28.19 -101.42
N GLU I 192 4.91 -27.33 -101.16
CA GLU I 192 4.90 -26.59 -99.91
C GLU I 192 3.88 -25.47 -99.95
N ALA I 193 3.72 -24.79 -101.08
CA ALA I 193 2.63 -23.82 -101.19
C ALA I 193 1.28 -24.48 -101.03
N TRP I 194 1.20 -25.77 -101.30
CA TRP I 194 -0.05 -26.48 -101.01
C TRP I 194 -0.33 -26.51 -99.52
N ALA I 195 0.72 -26.51 -98.69
CA ALA I 195 0.49 -26.50 -97.25
C ALA I 195 -0.30 -25.28 -96.81
N TRP I 196 -0.25 -24.21 -97.60
CA TRP I 196 -1.13 -23.07 -97.41
C TRP I 196 -2.35 -23.12 -98.32
N GLY I 197 -2.34 -23.97 -99.32
CA GLY I 197 -3.47 -24.13 -100.21
C GLY I 197 -3.26 -23.65 -101.62
N GLU I 198 -2.05 -23.22 -101.97
CA GLU I 198 -1.75 -22.73 -103.30
C GLU I 198 -0.91 -23.76 -104.05
N ASN I 199 -0.54 -23.42 -105.29
CA ASN I 199 0.29 -24.29 -106.08
C ASN I 199 1.18 -23.45 -106.98
N CYS I 200 2.36 -23.99 -107.30
CA CYS I 200 3.30 -23.32 -108.18
C CYS I 200 2.99 -23.78 -109.61
N THR I 201 2.23 -22.95 -110.34
CA THR I 201 1.69 -23.34 -111.62
C THR I 201 2.69 -23.25 -112.77
N THR I 202 3.88 -22.71 -112.53
CA THR I 202 4.90 -22.60 -113.56
C THR I 202 6.24 -22.94 -112.94
N ILE I 203 7.31 -22.60 -113.67
CA ILE I 203 8.66 -22.85 -113.19
C ILE I 203 9.27 -21.64 -112.48
N ASN I 204 8.65 -20.47 -112.60
CA ASN I 204 9.26 -19.22 -112.16
C ASN I 204 8.67 -18.63 -110.88
N ASP I 205 7.45 -18.99 -110.51
CA ASP I 205 6.79 -18.31 -109.39
C ASP I 205 7.42 -18.71 -108.06
N PRO I 206 7.49 -17.79 -107.11
CA PRO I 206 8.17 -18.07 -105.84
C PRO I 206 7.31 -18.87 -104.88
N VAL I 207 7.99 -19.55 -103.96
CA VAL I 207 7.32 -20.25 -102.88
C VAL I 207 6.86 -19.22 -101.85
N PRO I 208 5.72 -19.40 -101.20
CA PRO I 208 5.32 -18.47 -100.13
C PRO I 208 6.33 -18.41 -99.00
N TYR I 209 6.76 -17.20 -98.68
CA TYR I 209 7.66 -16.83 -97.61
C TYR I 209 9.11 -17.23 -97.88
N PHE I 210 9.35 -18.05 -98.89
CA PHE I 210 10.71 -18.46 -99.17
C PHE I 210 11.33 -17.75 -100.36
N ASP I 211 10.51 -17.29 -101.29
CA ASP I 211 10.96 -16.50 -102.43
C ASP I 211 12.08 -17.20 -103.19
N ILE I 212 12.05 -18.51 -103.18
CA ILE I 212 12.86 -19.35 -104.05
C ILE I 212 11.92 -19.93 -105.09
N THR I 213 12.45 -20.29 -106.24
CA THR I 213 11.58 -20.74 -107.30
C THR I 213 11.85 -22.20 -107.66
N PRO I 214 10.91 -22.85 -108.34
CA PRO I 214 11.20 -24.19 -108.86
C PRO I 214 12.48 -24.29 -109.66
N ALA I 215 12.75 -23.30 -110.51
CA ALA I 215 13.99 -23.34 -111.30
C ALA I 215 15.20 -23.32 -110.38
N GLU I 216 15.22 -22.42 -109.41
CA GLU I 216 16.37 -22.33 -108.52
C GLU I 216 16.56 -23.61 -107.72
N ILE I 217 15.48 -24.20 -107.24
CA ILE I 217 15.63 -25.39 -106.41
C ILE I 217 16.08 -26.58 -107.25
N VAL I 218 15.55 -26.72 -108.46
CA VAL I 218 15.99 -27.81 -109.33
C VAL I 218 17.48 -27.65 -109.65
N LYS I 219 17.90 -26.43 -109.99
CA LYS I 219 19.30 -26.22 -110.32
C LYS I 219 20.21 -26.49 -109.12
N GLY I 220 19.79 -26.05 -107.94
CA GLY I 220 20.59 -26.29 -106.75
C GLY I 220 20.73 -27.77 -106.45
N LEU I 221 19.64 -28.52 -106.59
CA LEU I 221 19.72 -29.95 -106.32
C LEU I 221 20.55 -30.67 -107.38
N ILE I 222 20.49 -30.22 -108.64
CA ILE I 222 21.35 -30.82 -109.65
C ILE I 222 22.81 -30.57 -109.33
N GLU I 223 23.16 -29.34 -108.96
CA GLU I 223 24.55 -29.05 -108.61
C GLU I 223 24.99 -29.90 -107.43
N THR I 224 24.14 -30.01 -106.41
CA THR I 224 24.46 -30.86 -105.26
C THR I 224 24.70 -32.30 -105.68
N ASN I 225 23.79 -32.84 -106.48
CA ASN I 225 23.86 -34.25 -106.86
C ASN I 225 25.12 -34.53 -107.65
N GLU I 226 25.39 -33.74 -108.69
CA GLU I 226 26.53 -34.03 -109.54
C GLU I 226 27.84 -33.71 -108.82
N TYR I 227 27.78 -32.85 -107.80
CA TYR I 227 28.97 -32.59 -107.00
C TYR I 227 29.30 -33.77 -106.10
N LEU I 228 28.29 -34.31 -105.40
CA LEU I 228 28.53 -35.49 -104.58
C LEU I 228 28.78 -36.75 -105.40
N GLY I 229 28.37 -36.76 -106.67
CA GLY I 229 28.51 -37.94 -107.49
C GLY I 229 27.65 -39.10 -107.03
N LEU I 230 26.40 -38.84 -106.68
CA LEU I 230 25.51 -39.91 -106.26
C LEU I 230 25.23 -40.84 -107.43
N PRO I 231 24.91 -42.11 -107.16
CA PRO I 231 24.65 -43.05 -108.25
C PRO I 231 23.55 -42.57 -109.19
N HIS I 232 22.35 -42.34 -108.67
CA HIS I 232 21.24 -41.93 -109.50
C HIS I 232 21.14 -40.41 -109.56
N SER I 233 20.64 -39.92 -110.68
CA SER I 233 20.59 -38.48 -110.92
C SER I 233 19.46 -37.86 -110.11
N VAL I 234 19.17 -36.59 -110.36
CA VAL I 234 18.02 -35.94 -109.75
C VAL I 234 16.79 -36.41 -110.51
N HIS I 235 16.06 -37.34 -109.90
CA HIS I 235 14.79 -37.82 -110.50
C HIS I 235 13.83 -36.66 -110.33
N ILE I 236 13.17 -36.24 -111.37
CA ILE I 236 12.36 -35.03 -111.32
C ILE I 236 10.93 -35.34 -111.71
N HIS I 237 9.97 -34.76 -110.99
CA HIS I 237 8.54 -34.85 -111.36
C HIS I 237 8.27 -33.75 -112.37
N GLY I 238 8.14 -32.51 -111.89
CA GLY I 238 7.78 -31.42 -112.77
C GLY I 238 6.61 -30.61 -112.23
N ASN I 239 6.24 -29.59 -113.01
CA ASN I 239 5.20 -28.65 -112.63
C ASN I 239 4.09 -28.63 -113.68
N ASN I 240 2.93 -28.12 -113.26
CA ASN I 240 1.75 -28.06 -114.12
C ASN I 240 1.41 -29.45 -114.64
N LEU I 241 1.40 -30.41 -113.74
CA LEU I 241 1.11 -31.78 -114.09
C LEU I 241 -0.38 -31.96 -114.40
N GLY I 242 -0.67 -32.76 -115.42
CA GLY I 242 -2.04 -33.16 -115.66
C GLY I 242 -2.96 -32.08 -116.18
N ASN I 243 -2.42 -31.07 -116.84
CA ASN I 243 -3.26 -30.04 -117.44
C ASN I 243 -2.90 -29.86 -118.91
N PRO I 244 -3.86 -29.45 -119.73
CA PRO I 244 -3.55 -29.24 -121.15
C PRO I 244 -2.57 -28.09 -121.32
N GLY I 245 -1.77 -28.19 -122.39
CA GLY I 245 -0.84 -27.14 -122.74
C GLY I 245 0.46 -27.12 -121.96
N ASN I 246 0.72 -28.11 -121.13
CA ASN I 246 1.90 -28.07 -120.27
C ASN I 246 3.14 -28.67 -120.92
N TYR I 247 3.10 -28.98 -122.21
CA TYR I 247 4.32 -29.37 -122.89
C TYR I 247 5.31 -28.23 -122.96
N LYS I 248 4.83 -27.00 -123.05
CA LYS I 248 5.72 -25.84 -122.99
C LYS I 248 6.46 -25.80 -121.67
N ASP I 249 5.73 -25.98 -120.57
CA ASP I 249 6.39 -25.98 -119.26
C ASP I 249 7.30 -27.18 -119.11
N THR I 250 6.96 -28.31 -119.72
CA THR I 250 7.83 -29.46 -119.65
C THR I 250 9.16 -29.18 -120.34
N LEU I 251 9.12 -28.52 -121.50
CA LEU I 251 10.37 -28.12 -122.14
C LEU I 251 11.12 -27.11 -121.30
N ASP I 252 10.41 -26.18 -120.67
CA ASP I 252 11.06 -25.20 -119.81
C ASP I 252 11.80 -25.87 -118.66
N THR I 253 11.20 -26.88 -118.05
CA THR I 253 11.87 -27.56 -116.96
C THR I 253 12.95 -28.51 -117.44
N LEU I 254 12.84 -29.04 -118.66
CA LEU I 254 13.90 -29.88 -119.19
C LEU I 254 15.12 -29.07 -119.60
N ARG I 255 14.94 -27.79 -119.93
CA ARG I 255 16.08 -26.97 -120.29
C ARG I 255 16.95 -26.59 -119.11
N LEU I 256 16.71 -27.16 -117.93
CA LEU I 256 17.47 -26.79 -116.74
C LEU I 256 18.78 -27.55 -116.60
N ALA I 257 19.05 -28.50 -117.48
CA ALA I 257 20.23 -29.34 -117.40
C ALA I 257 21.30 -28.97 -118.42
N GLU I 258 21.09 -27.92 -119.20
CA GLU I 258 21.92 -27.63 -120.37
C GLU I 258 23.35 -27.26 -120.02
N SER I 259 23.70 -27.27 -118.72
CA SER I 259 25.02 -26.81 -118.32
C SER I 259 25.66 -27.70 -117.28
N TYR I 260 25.41 -29.00 -117.32
CA TYR I 260 25.97 -29.92 -116.35
C TYR I 260 26.44 -31.19 -117.05
N LYS I 261 27.34 -31.90 -116.37
CA LYS I 261 27.87 -33.16 -116.87
C LYS I 261 27.91 -34.17 -115.73
N ALA I 262 27.48 -35.39 -116.02
CA ALA I 262 27.37 -36.43 -115.00
C ALA I 262 28.76 -36.91 -114.61
N LYS I 263 29.22 -36.53 -113.43
CA LYS I 263 30.51 -36.94 -112.91
C LYS I 263 30.33 -37.89 -111.74
N ASN I 264 30.79 -39.12 -111.90
CA ASN I 264 30.72 -40.13 -110.86
C ASN I 264 31.59 -41.31 -111.27
N LYS I 265 31.83 -42.20 -110.32
CA LYS I 265 32.55 -43.43 -110.61
C LYS I 265 31.63 -44.53 -111.13
N PHE I 266 30.34 -44.26 -111.25
CA PHE I 266 29.39 -45.19 -111.82
C PHE I 266 29.01 -44.73 -113.22
N GLY I 267 28.60 -45.68 -114.05
CA GLY I 267 28.29 -45.33 -115.42
C GLY I 267 26.89 -44.81 -115.61
N ARG I 268 26.72 -43.50 -115.71
CA ARG I 268 25.43 -42.94 -116.08
C ARG I 268 25.65 -41.66 -116.89
N GLU I 269 24.83 -41.49 -117.93
CA GLU I 269 24.92 -40.36 -118.84
C GLU I 269 23.84 -39.31 -118.59
N GLN I 270 22.83 -39.62 -117.79
CA GLN I 270 21.84 -38.63 -117.39
C GLN I 270 22.48 -37.61 -116.49
N VAL I 271 21.83 -36.47 -116.36
CA VAL I 271 22.04 -35.59 -115.22
C VAL I 271 20.75 -35.34 -114.45
N LEU I 272 19.60 -35.44 -115.14
CA LEU I 272 18.31 -35.49 -114.48
C LEU I 272 17.41 -36.46 -115.24
N HIS I 273 16.47 -37.05 -114.52
CA HIS I 273 15.58 -38.07 -115.06
C HIS I 273 14.15 -37.56 -114.96
N ASN I 274 13.55 -37.21 -116.08
CA ASN I 274 12.19 -36.70 -116.12
C ASN I 274 11.24 -37.87 -116.24
N THR I 275 10.40 -38.04 -115.22
CA THR I 275 9.57 -39.27 -115.11
C THR I 275 8.22 -39.12 -115.80
N HIS I 276 7.30 -40.04 -115.54
CA HIS I 276 5.99 -40.11 -116.26
C HIS I 276 5.79 -38.95 -117.22
N ILE I 277 6.47 -38.96 -118.36
CA ILE I 277 6.34 -37.82 -119.27
C ILE I 277 5.06 -37.84 -120.11
N GLN I 278 4.36 -38.96 -120.21
CA GLN I 278 3.09 -38.86 -120.91
C GLN I 278 2.10 -38.03 -120.11
N PHE I 279 2.37 -37.82 -118.82
CA PHE I 279 1.59 -36.89 -118.01
C PHE I 279 2.01 -35.45 -118.26
N HIS I 280 3.27 -35.22 -118.59
CA HIS I 280 3.78 -33.87 -118.81
C HIS I 280 3.70 -33.43 -120.26
N SER I 281 3.27 -34.30 -121.16
CA SER I 281 3.29 -33.98 -122.58
C SER I 281 1.91 -33.64 -123.15
N TYR I 282 1.07 -32.95 -122.39
CA TYR I 282 -0.21 -32.56 -122.92
C TYR I 282 -0.08 -31.30 -123.77
N LYS I 283 -1.17 -30.94 -124.45
CA LYS I 283 -1.18 -29.80 -125.33
C LYS I 283 -2.59 -29.23 -125.39
N GLY I 284 -2.70 -27.99 -125.83
CA GLY I 284 -4.00 -27.37 -125.99
C GLY I 284 -4.44 -26.64 -124.74
N THR I 285 -5.65 -26.09 -124.83
CA THR I 285 -6.19 -25.20 -123.81
C THR I 285 -7.00 -25.93 -122.73
N SER I 286 -7.94 -26.78 -123.11
CA SER I 286 -8.77 -27.49 -122.16
C SER I 286 -8.96 -28.91 -122.66
N TRP I 287 -9.92 -29.63 -122.07
CA TRP I 287 -10.15 -31.02 -122.41
C TRP I 287 -10.99 -31.20 -123.67
N ALA I 288 -11.44 -30.13 -124.30
CA ALA I 288 -12.11 -30.23 -125.59
C ALA I 288 -11.24 -29.81 -126.76
N ASP I 289 -10.09 -29.18 -126.50
CA ASP I 289 -9.14 -28.81 -127.53
C ASP I 289 -7.79 -29.38 -127.15
N PHE I 290 -7.77 -30.66 -126.80
CA PHE I 290 -6.66 -31.31 -126.12
C PHE I 290 -6.03 -32.33 -127.07
N GLU I 291 -4.75 -32.16 -127.36
CA GLU I 291 -4.03 -33.13 -128.18
C GLU I 291 -2.63 -33.39 -127.62
N SER I 292 -1.80 -34.09 -128.38
CA SER I 292 -0.56 -34.67 -127.86
C SER I 292 0.66 -33.84 -128.25
N GLY I 293 1.52 -33.58 -127.26
CA GLY I 293 2.78 -32.88 -127.49
C GLY I 293 3.99 -33.80 -127.38
N ALA I 294 3.73 -35.10 -127.49
CA ALA I 294 4.80 -36.08 -127.39
C ALA I 294 5.84 -35.88 -128.47
N LYS I 295 5.41 -35.41 -129.65
CA LYS I 295 6.36 -35.16 -130.72
C LYS I 295 7.40 -34.13 -130.30
N GLU I 296 6.95 -33.00 -129.74
CA GLU I 296 7.88 -31.98 -129.30
C GLU I 296 8.74 -32.47 -128.13
N ILE I 297 8.13 -33.17 -127.18
CA ILE I 297 8.90 -33.63 -126.03
C ILE I 297 10.01 -34.56 -126.48
N MET I 298 9.69 -35.50 -127.36
CA MET I 298 10.72 -36.42 -127.81
C MET I 298 11.68 -35.80 -128.81
N ASP I 299 11.30 -34.74 -129.50
CA ASP I 299 12.31 -34.03 -130.27
C ASP I 299 13.36 -33.44 -129.34
N TYR I 300 12.92 -32.81 -128.26
CA TYR I 300 13.90 -32.25 -127.31
C TYR I 300 14.75 -33.35 -126.69
N VAL I 301 14.14 -34.48 -126.32
CA VAL I 301 14.90 -35.55 -125.69
C VAL I 301 15.85 -36.21 -126.69
N ASN I 302 15.41 -36.39 -127.94
CA ASN I 302 16.29 -36.95 -128.95
C ASN I 302 17.45 -36.01 -129.25
N ALA I 303 17.26 -34.72 -129.06
CA ALA I 303 18.40 -33.80 -129.12
C ALA I 303 19.36 -34.03 -127.96
N ASN I 304 18.88 -33.87 -126.74
CA ASN I 304 19.76 -33.83 -125.57
C ASN I 304 20.14 -35.23 -125.10
N LYS I 305 21.43 -35.44 -124.85
CA LYS I 305 21.96 -36.71 -124.41
C LYS I 305 22.16 -36.82 -122.90
N ASN I 306 21.95 -35.75 -122.15
CA ASN I 306 22.04 -35.82 -120.70
C ASN I 306 20.67 -35.91 -120.05
N ILE I 307 19.63 -36.14 -120.83
CA ILE I 307 18.26 -36.24 -120.35
C ILE I 307 17.74 -37.62 -120.70
N THR I 308 17.36 -38.38 -119.69
CA THR I 308 16.69 -39.66 -119.90
C THR I 308 15.32 -39.62 -119.24
N CYS I 309 14.42 -40.44 -119.77
CA CYS I 309 13.00 -40.31 -119.51
C CYS I 309 12.43 -41.65 -119.09
N ASP I 310 11.13 -41.67 -118.79
CA ASP I 310 10.37 -42.91 -118.86
C ASP I 310 8.93 -42.55 -119.18
N ILE I 311 8.20 -43.51 -119.67
CA ILE I 311 6.83 -43.27 -120.05
C ILE I 311 5.92 -43.66 -118.89
N GLY I 312 4.74 -43.06 -118.86
CA GLY I 312 3.75 -43.36 -117.86
C GLY I 312 2.52 -43.93 -118.50
N GLN I 313 2.70 -44.86 -119.43
CA GLN I 313 1.61 -45.39 -120.24
C GLN I 313 0.43 -45.79 -119.37
N VAL I 314 -0.75 -45.31 -119.73
CA VAL I 314 -1.97 -45.69 -119.01
C VAL I 314 -2.47 -47.01 -119.59
N THR I 315 -2.80 -47.94 -118.71
CA THR I 315 -3.22 -49.27 -119.10
C THR I 315 -4.73 -49.40 -119.25
N LEU I 316 -5.47 -48.30 -119.16
CA LEU I 316 -6.89 -48.25 -119.47
C LEU I 316 -7.69 -49.20 -118.58
N ASP I 317 -7.68 -48.90 -117.29
CA ASP I 317 -8.50 -49.64 -116.35
C ASP I 317 -8.77 -48.77 -115.13
N GLU I 318 -9.31 -49.37 -114.08
CA GLU I 318 -9.59 -48.68 -112.84
C GLU I 318 -8.37 -48.72 -111.93
N THR I 319 -8.05 -47.59 -111.33
CA THR I 319 -6.84 -47.48 -110.54
C THR I 319 -6.97 -46.33 -109.55
N THR I 320 -6.10 -46.35 -108.55
CA THR I 320 -5.93 -45.26 -107.61
C THR I 320 -4.63 -44.52 -107.93
N THR I 321 -4.69 -43.20 -107.92
CA THR I 321 -3.56 -42.37 -108.33
C THR I 321 -2.94 -41.74 -107.08
N MET I 322 -1.68 -42.06 -106.83
CA MET I 322 -0.96 -41.57 -105.65
C MET I 322 0.29 -40.83 -106.11
N THR I 323 0.30 -39.53 -105.94
CA THR I 323 1.49 -38.72 -106.16
C THR I 323 1.77 -37.91 -104.90
N ALA I 324 3.04 -37.61 -104.67
CA ALA I 324 3.40 -36.88 -103.47
C ALA I 324 2.93 -35.44 -103.48
N ASP I 325 2.42 -34.93 -104.59
CA ASP I 325 1.96 -33.56 -104.62
C ASP I 325 0.44 -33.47 -104.39
N GLY I 326 0.07 -32.53 -103.54
CA GLY I 326 -1.33 -32.30 -103.23
C GLY I 326 -2.16 -31.73 -104.36
N PRO I 327 -1.73 -30.60 -104.93
CA PRO I 327 -2.63 -29.85 -105.83
C PRO I 327 -3.18 -30.67 -106.97
N PHE I 328 -2.39 -31.58 -107.54
CA PHE I 328 -2.90 -32.39 -108.64
C PHE I 328 -4.02 -33.30 -108.17
N GLU I 329 -3.82 -33.96 -107.03
CA GLU I 329 -4.86 -34.85 -106.52
C GLU I 329 -6.11 -34.09 -106.14
N TYR I 330 -5.97 -32.92 -105.51
CA TYR I 330 -7.13 -32.12 -105.18
C TYR I 330 -7.88 -31.70 -106.43
N HIS I 331 -7.15 -31.27 -107.46
CA HIS I 331 -7.80 -30.88 -108.71
C HIS I 331 -8.54 -32.07 -109.31
N LEU I 332 -7.94 -33.25 -109.25
CA LEU I 332 -8.57 -34.44 -109.80
C LEU I 332 -9.84 -34.78 -109.03
N ASN I 333 -9.80 -34.65 -107.70
CA ASN I 333 -10.98 -34.88 -106.89
C ASN I 333 -12.09 -33.91 -107.27
N GLN I 334 -11.75 -32.64 -107.48
CA GLN I 334 -12.78 -31.69 -107.86
C GLN I 334 -13.30 -31.96 -109.27
N LEU I 335 -12.52 -32.65 -110.10
CA LEU I 335 -13.03 -33.07 -111.41
C LEU I 335 -14.02 -34.22 -111.30
N ASN I 336 -13.66 -35.30 -110.60
CA ASN I 336 -14.44 -36.53 -110.71
C ASN I 336 -15.31 -36.85 -109.49
N HIS I 337 -15.22 -36.08 -108.40
CA HIS I 337 -16.12 -36.20 -107.26
C HIS I 337 -16.06 -37.57 -106.60
N ILE I 338 -14.86 -38.11 -106.46
CA ILE I 338 -14.67 -39.39 -105.79
C ILE I 338 -13.81 -39.14 -104.56
N LYS I 339 -13.49 -40.20 -103.82
CA LYS I 339 -12.73 -40.07 -102.59
C LYS I 339 -11.46 -39.26 -102.79
N TRP I 340 -10.92 -38.72 -101.71
CA TRP I 340 -9.66 -37.98 -101.77
C TRP I 340 -9.02 -37.99 -100.40
N ALA I 341 -7.76 -38.39 -100.34
CA ALA I 341 -7.01 -38.44 -99.09
C ALA I 341 -5.78 -37.57 -99.24
N ASN I 342 -5.47 -36.80 -98.20
CA ASN I 342 -4.37 -35.85 -98.21
C ASN I 342 -3.56 -36.06 -96.96
N VAL I 343 -2.24 -36.17 -97.10
CA VAL I 343 -1.36 -36.40 -95.96
C VAL I 343 -0.20 -35.42 -96.06
N ASP I 344 -0.32 -34.27 -95.42
CA ASP I 344 0.77 -33.30 -95.36
C ASP I 344 1.79 -33.78 -94.33
N VAL I 345 3.06 -33.79 -94.73
CA VAL I 345 4.17 -34.15 -93.80
C VAL I 345 4.71 -32.87 -93.15
N GLU I 346 5.45 -32.97 -92.07
CA GLU I 346 5.91 -31.75 -91.37
C GLU I 346 7.25 -31.34 -91.95
N LEU I 347 7.36 -30.11 -92.46
CA LEU I 347 8.65 -29.60 -93.01
C LEU I 347 9.18 -30.52 -94.09
N GLU I 348 8.39 -30.95 -95.07
CA GLU I 348 8.95 -31.96 -96.00
C GLU I 348 8.11 -32.12 -97.25
N THR I 349 7.00 -32.82 -97.17
CA THR I 349 6.27 -32.98 -98.45
C THR I 349 4.76 -32.80 -98.33
N GLY I 350 4.02 -33.38 -99.27
CA GLY I 350 2.58 -33.45 -99.21
C GLY I 350 2.17 -34.86 -99.59
N SER I 351 0.93 -35.05 -100.03
CA SER I 351 0.47 -36.36 -100.48
C SER I 351 -0.93 -36.21 -101.03
N GLY I 352 -1.37 -37.24 -101.75
CA GLY I 352 -2.73 -37.26 -102.26
C GLY I 352 -3.07 -38.59 -102.88
N VAL I 353 -4.20 -39.17 -102.49
CA VAL I 353 -4.66 -40.44 -103.02
C VAL I 353 -6.08 -40.23 -103.54
N VAL I 354 -6.31 -40.53 -104.81
CA VAL I 354 -7.63 -40.35 -105.41
C VAL I 354 -7.90 -41.47 -106.40
N PRO I 355 -8.94 -42.26 -106.24
CA PRO I 355 -9.32 -43.21 -107.28
C PRO I 355 -9.64 -42.50 -108.59
N TYR I 356 -9.46 -43.22 -109.69
CA TYR I 356 -9.73 -42.66 -111.00
C TYR I 356 -10.03 -43.80 -111.96
N ILE I 357 -10.90 -43.53 -112.94
CA ILE I 357 -11.34 -44.51 -113.92
C ILE I 357 -10.78 -44.10 -115.28
N TYR I 358 -9.78 -44.83 -115.76
CA TYR I 358 -9.22 -44.59 -117.09
C TYR I 358 -9.98 -45.37 -118.15
N ASP I 359 -11.30 -45.25 -118.17
CA ASP I 359 -12.08 -46.16 -119.00
C ASP I 359 -11.90 -45.83 -120.47
N LYS I 360 -12.27 -46.80 -121.31
CA LYS I 360 -12.08 -46.71 -122.74
C LYS I 360 -13.07 -45.78 -123.42
N ASN I 361 -14.14 -45.39 -122.74
CA ASN I 361 -15.26 -44.69 -123.34
C ASN I 361 -15.15 -43.18 -123.19
N ILE I 362 -13.93 -42.65 -123.17
CA ILE I 362 -13.72 -41.21 -123.03
C ILE I 362 -12.64 -40.78 -124.01
N LYS I 363 -12.88 -39.67 -124.70
CA LYS I 363 -11.86 -39.11 -125.58
C LYS I 363 -10.60 -38.78 -124.79
N VAL I 364 -10.76 -38.22 -123.59
CA VAL I 364 -9.60 -37.82 -122.80
C VAL I 364 -8.74 -39.03 -122.47
N CYS I 365 -9.36 -40.11 -122.00
CA CYS I 365 -8.59 -41.30 -121.65
C CYS I 365 -7.99 -41.96 -122.88
N GLY I 366 -8.70 -41.94 -124.01
CA GLY I 366 -8.12 -42.47 -125.23
C GLY I 366 -6.86 -41.74 -125.65
N ILE I 367 -6.92 -40.41 -125.63
CA ILE I 367 -5.74 -39.62 -126.01
C ILE I 367 -4.62 -39.84 -125.00
N GLN I 368 -4.96 -39.95 -123.72
CA GLN I 368 -3.95 -40.23 -122.72
C GLN I 368 -3.26 -41.56 -122.99
N TRP I 369 -4.02 -42.55 -123.45
CA TRP I 369 -3.41 -43.82 -123.82
C TRP I 369 -2.51 -43.67 -125.03
N ALA I 370 -2.95 -42.91 -126.04
CA ALA I 370 -2.17 -42.75 -127.25
C ALA I 370 -0.85 -42.02 -127.00
N ILE I 371 -0.83 -41.11 -126.03
CA ILE I 371 0.35 -40.25 -125.85
C ILE I 371 1.58 -41.07 -125.47
N GLY I 372 1.45 -42.00 -124.54
CA GLY I 372 2.60 -42.78 -124.13
C GLY I 372 3.17 -43.61 -125.26
N LEU I 373 2.30 -44.16 -126.10
CA LEU I 373 2.75 -44.91 -127.26
C LEU I 373 3.48 -44.01 -128.24
N GLU I 374 2.98 -42.79 -128.45
CA GLU I 374 3.67 -41.86 -129.31
C GLU I 374 5.06 -41.54 -128.76
N LEU I 375 5.15 -41.32 -127.44
CA LEU I 375 6.45 -41.06 -126.82
C LEU I 375 7.42 -42.22 -127.07
N ALA I 376 6.98 -43.44 -126.80
CA ALA I 376 7.88 -44.58 -126.91
C ALA I 376 8.24 -44.87 -128.36
N LEU I 377 7.32 -44.63 -129.29
CA LEU I 377 7.57 -44.93 -130.70
C LEU I 377 8.25 -43.80 -131.44
N TYR I 378 8.43 -42.64 -130.82
CA TYR I 378 9.23 -41.56 -131.39
C TYR I 378 10.66 -41.56 -130.88
N ALA I 379 11.04 -42.52 -130.03
CA ALA I 379 12.38 -42.55 -129.44
C ALA I 379 13.38 -43.09 -130.45
N LYS I 380 14.39 -42.29 -130.78
CA LYS I 380 15.48 -42.77 -131.62
C LYS I 380 16.45 -43.63 -130.82
N ASP I 381 16.72 -43.25 -129.57
CA ASP I 381 17.53 -44.05 -128.66
C ASP I 381 16.63 -44.55 -127.54
N LEU I 382 16.51 -45.87 -127.43
CA LEU I 382 15.61 -46.43 -126.44
C LEU I 382 16.27 -46.61 -125.08
N MET I 383 17.60 -46.61 -125.04
CA MET I 383 18.31 -46.73 -123.78
C MET I 383 17.93 -45.62 -122.82
N ARG I 384 17.51 -44.47 -123.32
CA ARG I 384 17.18 -43.34 -122.47
C ARG I 384 15.71 -43.26 -122.09
N VAL I 385 14.84 -44.04 -122.73
CA VAL I 385 13.41 -43.98 -122.47
C VAL I 385 12.96 -45.33 -121.93
N HIS I 386 12.54 -45.37 -120.67
CA HIS I 386 12.27 -46.64 -120.01
C HIS I 386 10.76 -46.93 -120.01
N ILE I 387 10.38 -48.05 -119.38
CA ILE I 387 8.99 -48.41 -119.20
C ILE I 387 8.69 -48.44 -117.71
N THR I 388 7.75 -47.61 -117.29
CA THR I 388 7.02 -47.80 -116.06
C THR I 388 5.56 -47.48 -116.35
N THR I 389 4.75 -47.51 -115.30
CA THR I 389 3.40 -46.96 -115.37
C THR I 389 3.15 -46.02 -114.19
N ASP I 390 4.18 -45.67 -113.44
CA ASP I 390 4.02 -44.86 -112.20
C ASP I 390 3.05 -45.65 -111.34
N HIS I 391 3.24 -46.94 -111.21
CA HIS I 391 2.25 -47.76 -110.53
C HIS I 391 1.94 -47.16 -109.16
N PRO I 392 0.66 -46.92 -108.86
CA PRO I 392 -0.46 -47.27 -109.72
C PRO I 392 -1.07 -46.10 -110.48
N ASN I 393 -0.35 -44.99 -110.60
CA ASN I 393 -0.93 -43.75 -111.17
C ASN I 393 -1.48 -43.92 -112.58
N ALA I 394 -0.86 -44.76 -113.38
CA ALA I 394 -1.35 -45.01 -114.73
C ALA I 394 -1.78 -46.45 -114.96
N GLY I 395 -1.93 -47.23 -113.89
CA GLY I 395 -2.31 -48.61 -114.00
C GLY I 395 -1.43 -49.46 -113.12
N PRO I 396 -1.93 -50.63 -112.72
CA PRO I 396 -1.11 -51.51 -111.91
C PRO I 396 0.00 -52.16 -112.72
N PHE I 397 1.07 -52.53 -112.03
CA PHE I 397 2.20 -53.15 -112.70
C PHE I 397 1.85 -54.48 -113.34
N THR I 398 0.81 -55.17 -112.86
CA THR I 398 0.42 -56.41 -113.50
C THR I 398 -0.06 -56.20 -114.92
N ARG I 399 0.00 -54.96 -115.41
CA ARG I 399 -0.34 -54.64 -116.78
C ARG I 399 0.88 -54.25 -117.60
N TYR I 400 2.09 -54.45 -117.08
CA TYR I 400 3.29 -54.28 -117.89
C TYR I 400 3.24 -55.10 -119.17
N PRO I 401 2.90 -56.39 -119.15
CA PRO I 401 2.85 -57.14 -120.40
C PRO I 401 1.85 -56.57 -121.38
N CYS I 402 0.78 -55.92 -120.91
CA CYS I 402 -0.11 -55.25 -121.84
C CYS I 402 0.61 -54.09 -122.53
N VAL I 403 1.40 -53.33 -121.78
CA VAL I 403 2.18 -52.25 -122.38
C VAL I 403 3.14 -52.80 -123.42
N ILE I 404 3.82 -53.89 -123.08
CA ILE I 404 4.79 -54.47 -124.00
C ILE I 404 4.10 -55.03 -125.23
N LYS I 405 2.90 -55.61 -125.06
CA LYS I 405 2.13 -56.05 -126.21
C LYS I 405 1.78 -54.88 -127.12
N TRP I 406 1.33 -53.79 -126.52
CA TRP I 406 0.95 -52.63 -127.32
C TRP I 406 2.14 -52.11 -128.10
N LEU I 407 3.31 -52.07 -127.48
CA LEU I 407 4.50 -51.64 -128.20
C LEU I 407 4.83 -52.62 -129.32
N MET I 408 4.86 -53.91 -129.02
CA MET I 408 5.46 -54.89 -129.93
C MET I 408 4.50 -55.38 -131.00
N SER I 409 3.22 -55.02 -130.95
CA SER I 409 2.28 -55.50 -131.96
C SER I 409 1.31 -54.38 -132.31
N GLU I 410 1.38 -53.90 -133.55
CA GLU I 410 0.44 -52.85 -133.97
C GLU I 410 -0.98 -53.37 -134.09
N LYS I 411 -1.17 -54.69 -134.24
CA LYS I 411 -2.51 -55.25 -134.21
C LYS I 411 -3.18 -54.99 -132.87
N ALA I 412 -2.40 -55.06 -131.79
CA ALA I 412 -2.93 -54.77 -130.47
C ALA I 412 -3.43 -53.33 -130.37
N ARG I 413 -2.65 -52.39 -130.91
CA ARG I 413 -3.05 -50.98 -130.86
C ARG I 413 -4.27 -50.74 -131.74
N LYS I 414 -4.33 -51.35 -132.91
CA LYS I 414 -5.54 -51.22 -133.73
C LYS I 414 -6.75 -51.77 -133.01
N ALA I 415 -6.59 -52.92 -132.33
CA ALA I 415 -7.69 -53.51 -131.59
C ALA I 415 -8.19 -52.57 -130.50
N THR I 416 -7.26 -52.04 -129.70
CA THR I 416 -7.68 -51.14 -128.63
C THR I 416 -8.32 -49.88 -129.18
N LEU I 417 -7.75 -49.30 -130.23
CA LEU I 417 -8.34 -48.09 -130.79
C LEU I 417 -9.71 -48.36 -131.39
N ASP I 418 -9.94 -49.57 -131.90
CA ASP I 418 -11.24 -49.88 -132.46
C ASP I 418 -12.27 -50.13 -131.36
N THR I 419 -11.88 -50.82 -130.29
CA THR I 419 -12.81 -51.02 -129.18
C THR I 419 -13.02 -49.75 -128.38
N MET I 420 -12.19 -48.73 -128.59
CA MET I 420 -12.38 -47.44 -127.94
C MET I 420 -13.59 -46.73 -128.53
N LYS I 421 -14.24 -45.91 -127.69
CA LYS I 421 -15.52 -45.34 -128.05
C LYS I 421 -15.37 -44.17 -129.01
N TRP I 422 -14.62 -43.13 -128.62
CA TRP I 422 -14.41 -41.97 -129.48
C TRP I 422 -13.11 -42.14 -130.26
N LYS I 423 -13.12 -43.17 -131.13
CA LYS I 423 -11.98 -43.43 -131.98
C LYS I 423 -11.72 -42.28 -132.93
N ASP I 424 -12.77 -41.69 -133.49
CA ASP I 424 -12.60 -40.60 -134.43
C ASP I 424 -11.92 -39.41 -133.78
N LYS I 425 -12.39 -39.02 -132.60
CA LYS I 425 -11.77 -37.92 -131.88
C LYS I 425 -10.34 -38.25 -131.48
N VAL I 426 -10.08 -39.47 -130.99
CA VAL I 426 -8.74 -39.80 -130.54
C VAL I 426 -7.75 -39.80 -131.70
N ILE I 427 -8.12 -40.42 -132.82
CA ILE I 427 -7.20 -40.43 -133.95
C ILE I 427 -7.05 -39.03 -134.54
N ALA I 428 -8.10 -38.21 -134.48
CA ALA I 428 -7.97 -36.84 -134.97
C ALA I 428 -7.02 -36.03 -134.10
N ALA I 429 -7.05 -36.25 -132.79
CA ALA I 429 -6.24 -35.46 -131.87
C ALA I 429 -4.97 -36.18 -131.44
N SER I 430 -4.59 -37.26 -132.12
CA SER I 430 -3.33 -37.93 -131.85
C SER I 430 -2.73 -38.38 -133.18
N ASN I 431 -1.73 -39.23 -133.10
CA ASN I 431 -1.01 -39.69 -134.27
C ASN I 431 -0.75 -41.19 -134.27
N ILE I 432 -1.20 -41.91 -133.24
CA ILE I 432 -0.85 -43.31 -133.05
C ILE I 432 -1.62 -44.25 -133.97
N ALA I 433 -2.66 -43.77 -134.65
CA ALA I 433 -3.39 -44.63 -135.57
C ALA I 433 -2.50 -45.07 -136.70
N SER I 434 -1.81 -44.14 -137.35
CA SER I 434 -0.91 -44.44 -138.46
C SER I 434 0.54 -44.39 -137.97
N MET I 435 0.96 -45.50 -137.36
CA MET I 435 2.33 -45.61 -136.88
C MET I 435 2.75 -47.07 -136.91
N ASP I 436 3.74 -47.38 -137.75
CA ASP I 436 4.09 -48.77 -138.03
C ASP I 436 5.03 -49.36 -137.00
N ARG I 437 5.78 -48.53 -136.30
CA ARG I 437 6.89 -49.04 -135.50
C ARG I 437 6.43 -50.08 -134.49
N GLU I 438 7.11 -51.21 -134.47
CA GLU I 438 6.89 -52.26 -133.48
C GLU I 438 8.24 -52.52 -132.83
N LEU I 439 8.40 -52.09 -131.58
CA LEU I 439 9.68 -52.22 -130.90
C LEU I 439 10.11 -53.68 -130.87
N GLY I 440 11.36 -53.92 -131.22
CA GLY I 440 11.86 -55.28 -131.27
C GLY I 440 12.08 -55.84 -129.88
N LEU I 441 12.33 -57.15 -129.85
CA LEU I 441 12.62 -57.80 -128.58
C LEU I 441 13.89 -57.25 -127.97
N TYR I 442 14.91 -56.98 -128.80
CA TYR I 442 16.11 -56.35 -128.28
C TYR I 442 15.79 -54.99 -127.68
N GLU I 443 14.99 -54.19 -128.36
CA GLU I 443 14.65 -52.86 -127.85
C GLU I 443 13.90 -52.96 -126.53
N ILE I 444 12.99 -53.92 -126.42
CA ILE I 444 12.20 -54.03 -125.20
C ILE I 444 13.07 -54.49 -124.05
N ALA I 445 13.99 -55.43 -124.30
CA ALA I 445 14.96 -55.78 -123.28
C ALA I 445 15.81 -54.58 -122.90
N MET I 446 16.20 -53.79 -123.89
CA MET I 446 16.98 -52.58 -123.66
C MET I 446 16.28 -51.69 -122.66
N MET I 447 15.10 -51.20 -123.02
CA MET I 447 14.41 -50.17 -122.27
C MET I 447 13.65 -50.73 -121.07
N THR I 448 13.73 -52.03 -120.83
CA THR I 448 13.22 -52.63 -119.60
C THR I 448 14.31 -52.98 -118.61
N ARG I 449 15.45 -53.48 -119.07
CA ARG I 449 16.51 -53.96 -118.19
C ARG I 449 17.73 -53.07 -118.16
N ALA I 450 18.26 -52.65 -119.32
CA ALA I 450 19.53 -51.95 -119.33
C ALA I 450 19.33 -50.45 -119.12
N GLY I 451 18.29 -49.89 -119.71
CA GLY I 451 17.94 -48.50 -119.51
C GLY I 451 17.86 -48.14 -118.04
N PRO I 452 16.95 -48.76 -117.30
CA PRO I 452 16.84 -48.46 -115.87
C PRO I 452 18.11 -48.72 -115.09
N ALA I 453 18.80 -49.82 -115.35
CA ALA I 453 19.99 -50.13 -114.55
C ALA I 453 21.09 -49.11 -114.81
N LYS I 454 21.38 -48.85 -116.08
CA LYS I 454 22.44 -47.91 -116.42
C LYS I 454 22.09 -46.52 -115.91
N ALA I 455 20.82 -46.11 -116.03
CA ALA I 455 20.42 -44.82 -115.49
C ALA I 455 20.58 -44.76 -113.98
N LEU I 456 20.23 -45.84 -113.27
CA LEU I 456 20.48 -45.86 -111.84
C LEU I 456 21.96 -45.93 -111.52
N GLY I 457 22.81 -46.18 -112.52
CA GLY I 457 24.23 -46.19 -112.27
C GLY I 457 24.66 -47.32 -111.39
N LEU I 458 24.00 -48.46 -111.52
CA LEU I 458 24.32 -49.69 -110.81
C LEU I 458 24.25 -50.87 -111.78
N ALA I 459 24.56 -50.60 -113.05
CA ALA I 459 24.64 -51.63 -114.07
C ALA I 459 25.76 -52.62 -113.81
N ALA I 460 26.66 -52.30 -112.88
CA ALA I 460 27.70 -53.24 -112.50
C ALA I 460 27.10 -54.54 -111.98
N ILE I 461 26.08 -54.44 -111.12
CA ILE I 461 25.51 -55.61 -110.46
C ILE I 461 24.17 -56.01 -111.07
N TYR I 462 23.26 -55.07 -111.28
CA TYR I 462 21.96 -55.38 -111.84
C TYR I 462 21.89 -54.99 -113.30
N GLY I 463 20.91 -55.55 -114.00
CA GLY I 463 20.56 -55.11 -115.33
C GLY I 463 21.36 -55.71 -116.46
N SER I 464 22.31 -56.60 -116.19
CA SER I 464 23.09 -57.17 -117.28
C SER I 464 23.63 -58.52 -116.87
N LEU I 465 24.05 -59.30 -117.88
CA LEU I 465 24.59 -60.64 -117.70
C LEU I 465 26.10 -60.68 -117.86
N VAL I 466 26.78 -59.54 -117.86
CA VAL I 466 28.23 -59.53 -118.02
C VAL I 466 28.87 -60.08 -116.77
N LYS I 467 30.15 -60.44 -116.86
CA LYS I 467 30.83 -61.08 -115.74
C LYS I 467 30.84 -60.17 -114.53
N GLY I 468 30.65 -60.76 -113.35
CA GLY I 468 30.63 -60.03 -112.10
C GLY I 468 29.28 -59.48 -111.70
N ALA I 469 28.32 -59.44 -112.59
CA ALA I 469 27.01 -58.91 -112.27
C ALA I 469 26.30 -59.84 -111.28
N ASP I 470 25.22 -59.34 -110.70
CA ASP I 470 24.43 -60.12 -109.77
C ASP I 470 23.61 -61.14 -110.55
N GLY I 471 23.63 -62.39 -110.09
CA GLY I 471 23.01 -63.47 -110.84
C GLY I 471 21.49 -63.48 -110.80
N ASN I 472 20.86 -62.48 -111.41
CA ASN I 472 19.41 -62.40 -111.50
C ASN I 472 19.02 -62.59 -112.96
N VAL I 473 18.42 -63.74 -113.27
CA VAL I 473 18.10 -64.07 -114.64
C VAL I 473 16.61 -64.36 -114.74
N ALA I 474 16.00 -64.01 -115.88
CA ALA I 474 14.59 -64.22 -116.12
C ALA I 474 14.40 -64.79 -117.50
N ILE I 475 13.93 -66.03 -117.58
CA ILE I 475 13.76 -66.75 -118.84
C ILE I 475 12.29 -66.70 -119.23
N TYR I 476 12.03 -66.42 -120.49
CA TYR I 476 10.67 -66.27 -121.01
C TYR I 476 10.35 -67.39 -121.98
N ASN I 477 9.05 -67.54 -122.27
CA ASN I 477 8.61 -68.64 -123.11
C ASN I 477 8.88 -68.39 -124.59
N LEU I 478 8.67 -67.16 -125.06
CA LEU I 478 8.65 -66.89 -126.48
C LEU I 478 10.02 -67.08 -127.11
N ASP I 479 10.03 -67.53 -128.36
CA ASP I 479 11.25 -67.69 -129.14
C ASP I 479 11.55 -66.40 -129.88
N ALA I 480 12.84 -66.06 -129.98
CA ALA I 480 13.23 -64.82 -130.60
C ALA I 480 13.26 -64.90 -132.11
N ASN I 481 13.16 -66.09 -132.69
CA ASN I 481 13.27 -66.23 -134.14
C ASN I 481 12.01 -65.74 -134.85
N ASP I 482 10.83 -66.09 -134.32
CA ASP I 482 9.57 -65.65 -134.90
C ASP I 482 8.62 -65.25 -133.79
N LEU I 483 8.19 -63.99 -133.82
CA LEU I 483 7.30 -63.47 -132.80
C LEU I 483 5.91 -64.07 -132.95
N PRO I 484 5.15 -64.16 -131.86
CA PRO I 484 3.80 -64.73 -131.95
C PRO I 484 2.88 -63.90 -132.83
N SER I 485 1.97 -64.60 -133.51
CA SER I 485 0.98 -63.92 -134.36
C SER I 485 -0.09 -63.24 -133.52
N ASP I 486 -0.60 -63.94 -132.51
CA ASP I 486 -1.64 -63.38 -131.64
C ASP I 486 -0.98 -62.61 -130.50
N PRO I 487 -1.27 -61.32 -130.35
CA PRO I 487 -0.62 -60.56 -129.26
C PRO I 487 -0.95 -61.06 -127.87
N GLU I 488 -2.06 -61.77 -127.68
CA GLU I 488 -2.33 -62.36 -126.39
C GLU I 488 -1.23 -63.34 -126.00
N LEU I 489 -0.60 -63.96 -126.99
CA LEU I 489 0.54 -64.83 -126.73
C LEU I 489 1.68 -64.05 -126.09
N ILE I 490 1.95 -62.85 -126.60
CA ILE I 490 2.96 -61.97 -125.99
C ILE I 490 2.54 -61.59 -124.58
N GLU I 491 1.27 -61.24 -124.40
CA GLU I 491 0.77 -60.90 -123.08
C GLU I 491 1.08 -62.01 -122.09
N ALA I 492 0.70 -63.24 -122.43
CA ALA I 492 0.93 -64.36 -121.53
C ALA I 492 2.42 -64.64 -121.35
N ALA I 493 3.20 -64.52 -122.43
CA ALA I 493 4.61 -64.85 -122.36
C ALA I 493 5.35 -63.92 -121.40
N PHE I 494 5.03 -62.63 -121.43
CA PHE I 494 5.65 -61.71 -120.50
C PHE I 494 4.98 -61.72 -119.13
N GLN I 495 3.71 -62.13 -119.06
CA GLN I 495 3.02 -62.21 -117.77
C GLN I 495 3.61 -63.32 -116.92
N ASN I 496 3.77 -64.50 -117.49
CA ASN I 496 4.30 -65.65 -116.76
C ASN I 496 5.65 -66.03 -117.37
N THR I 497 6.66 -66.08 -116.52
CA THR I 497 8.01 -66.45 -116.94
C THR I 497 8.22 -67.94 -116.77
N ALA I 498 9.00 -68.53 -117.68
CA ALA I 498 9.28 -69.96 -117.59
C ALA I 498 10.16 -70.26 -116.39
N TYR I 499 11.10 -69.38 -116.07
CA TYR I 499 11.91 -69.51 -114.87
C TYR I 499 12.28 -68.11 -114.38
N THR I 500 12.85 -68.04 -113.20
CA THR I 500 13.38 -66.80 -112.66
C THR I 500 14.32 -67.12 -111.53
N ILE I 501 15.53 -66.59 -111.59
CA ILE I 501 16.57 -66.88 -110.62
C ILE I 501 16.90 -65.61 -109.87
N LYS I 502 17.06 -65.73 -108.56
CA LYS I 502 17.46 -64.60 -107.71
C LYS I 502 18.78 -64.95 -107.05
N GLU I 503 19.84 -64.28 -107.47
CA GLU I 503 21.21 -64.54 -107.05
C GLU I 503 21.51 -66.03 -106.94
N GLY I 504 21.10 -66.80 -107.94
CA GLY I 504 21.48 -68.18 -108.06
C GLY I 504 20.43 -69.20 -107.65
N VAL I 505 19.36 -68.76 -106.98
CA VAL I 505 18.35 -69.66 -106.45
C VAL I 505 17.08 -69.48 -107.26
N VAL I 506 16.65 -70.54 -107.94
CA VAL I 506 15.43 -70.47 -108.74
C VAL I 506 14.25 -70.18 -107.82
N VAL I 507 13.45 -69.19 -108.19
CA VAL I 507 12.33 -68.78 -107.36
C VAL I 507 11.00 -68.87 -108.08
N VAL I 508 10.97 -69.00 -109.41
CA VAL I 508 9.72 -69.12 -110.14
C VAL I 508 9.91 -70.19 -111.20
N LYS I 509 8.97 -71.13 -111.28
CA LYS I 509 9.03 -72.20 -112.27
C LYS I 509 7.66 -72.28 -112.93
N ASP I 510 7.64 -72.23 -114.26
CA ASP I 510 6.42 -72.28 -115.06
C ASP I 510 5.48 -71.13 -114.69
N GLY I 511 5.95 -70.15 -113.93
CA GLY I 511 5.11 -69.11 -113.39
C GLY I 511 4.59 -69.37 -112.00
N GLU I 512 5.09 -70.40 -111.33
CA GLU I 512 4.62 -70.78 -110.00
C GLU I 512 5.75 -70.53 -109.00
N ILE I 513 5.46 -69.74 -107.96
CA ILE I 513 6.50 -69.41 -106.99
C ILE I 513 7.04 -70.70 -106.37
N ILE I 514 8.34 -70.70 -106.06
CA ILE I 514 9.02 -71.88 -105.56
C ILE I 514 9.67 -71.64 -104.20
N ALA I 515 10.35 -70.51 -104.03
CA ALA I 515 10.99 -70.21 -102.74
C ALA I 515 11.26 -68.72 -102.66
N GLU I 516 11.67 -68.27 -101.46
CA GLU I 516 12.04 -66.89 -101.22
C GLU I 516 13.23 -66.86 -100.27
N PRO I 517 14.45 -66.93 -100.79
CA PRO I 517 15.62 -66.93 -99.90
C PRO I 517 15.75 -65.67 -99.05
N HIS I 518 15.93 -64.52 -99.70
CA HIS I 518 16.12 -63.26 -99.00
C HIS I 518 16.20 -62.10 -99.98
N LYS I 519 16.42 -60.90 -99.47
CA LYS I 519 16.45 -59.70 -100.29
C LYS I 519 17.47 -58.72 -99.72
N TYR I 520 17.85 -57.75 -100.54
CA TYR I 520 18.71 -56.65 -100.15
C TYR I 520 17.95 -55.34 -100.29
N THR I 521 18.37 -54.34 -99.51
CA THR I 521 17.81 -52.99 -99.59
C THR I 521 18.94 -51.98 -99.76
N LEU I 522 19.21 -51.60 -101.00
CA LEU I 522 20.36 -50.77 -101.31
C LEU I 522 20.20 -49.36 -100.77
N TRP I 523 21.30 -48.77 -100.33
CA TRP I 523 21.33 -47.37 -99.94
C TRP I 523 22.67 -46.77 -100.34
N THR I 524 22.85 -45.49 -100.02
CA THR I 524 24.04 -44.73 -100.39
C THR I 524 24.80 -44.34 -99.14
N LYS I 525 26.13 -44.43 -99.19
CA LYS I 525 26.96 -44.40 -98.01
C LYS I 525 28.02 -43.31 -98.13
N VAL I 526 27.60 -42.08 -98.45
CA VAL I 526 28.53 -40.97 -98.63
C VAL I 526 29.41 -40.81 -97.40
N ASN I 527 30.72 -40.92 -97.60
CA ASN I 527 31.70 -40.74 -96.54
C ASN I 527 32.32 -39.35 -96.68
N MET I 528 32.14 -38.52 -95.65
CA MET I 528 32.53 -37.12 -95.75
C MET I 528 32.58 -36.54 -94.35
N PRO I 529 33.48 -35.59 -94.09
CA PRO I 529 33.50 -34.94 -92.77
C PRO I 529 32.27 -34.06 -92.58
N GLU I 530 31.69 -34.12 -91.39
CA GLU I 530 30.45 -33.40 -91.12
C GLU I 530 30.67 -31.90 -91.06
N ASN I 531 29.62 -31.15 -91.35
CA ASN I 531 29.62 -29.70 -91.25
C ASN I 531 29.00 -29.29 -89.92
N ALA I 532 29.77 -28.53 -89.13
CA ALA I 532 29.21 -27.99 -87.90
C ALA I 532 28.00 -27.11 -88.18
N GLN I 533 28.00 -26.42 -89.32
CA GLN I 533 26.89 -25.53 -89.63
C GLN I 533 25.61 -26.31 -89.86
N VAL I 534 25.66 -27.38 -90.64
CA VAL I 534 24.45 -28.15 -90.87
C VAL I 534 24.07 -28.93 -89.63
N MET I 535 25.04 -29.39 -88.83
CA MET I 535 24.71 -30.04 -87.58
C MET I 535 23.91 -29.09 -86.68
N HIS I 536 24.40 -27.85 -86.53
CA HIS I 536 23.71 -26.87 -85.72
C HIS I 536 22.33 -26.54 -86.29
N ASP I 537 22.23 -26.38 -87.61
CA ASP I 537 20.94 -26.04 -88.19
C ASP I 537 19.93 -27.15 -87.99
N ILE I 538 20.37 -28.40 -88.14
CA ILE I 538 19.48 -29.53 -87.94
C ILE I 538 19.02 -29.61 -86.48
N LYS I 539 19.94 -29.42 -85.53
CA LYS I 539 19.55 -29.48 -84.13
C LYS I 539 18.54 -28.38 -83.81
N GLU I 540 18.79 -27.16 -84.29
CA GLU I 540 17.88 -26.06 -84.06
C GLU I 540 16.50 -26.35 -84.65
N LYS I 541 16.47 -26.88 -85.87
CA LYS I 541 15.21 -27.12 -86.55
C LYS I 541 14.42 -28.23 -85.90
N PHE I 542 15.10 -29.25 -85.36
CA PHE I 542 14.36 -30.30 -84.67
C PHE I 542 13.84 -29.82 -83.33
N THR I 543 14.61 -28.99 -82.63
CA THR I 543 14.12 -28.46 -81.36
C THR I 543 12.89 -27.60 -81.57
N LYS I 544 12.89 -26.76 -82.61
CA LYS I 544 11.78 -25.83 -82.81
C LYS I 544 10.60 -26.39 -83.59
N ASN I 545 10.81 -27.29 -84.53
CA ASN I 545 9.81 -27.54 -85.56
C ASN I 545 9.33 -28.97 -85.65
N TYR I 546 10.19 -29.95 -85.37
CA TYR I 546 9.79 -31.37 -85.56
C TYR I 546 9.34 -31.99 -84.23
N THR I 547 8.22 -32.70 -84.24
CA THR I 547 7.67 -33.38 -83.09
C THR I 547 8.54 -34.56 -82.67
N VAL I 548 9.09 -35.30 -83.62
CA VAL I 548 10.00 -36.39 -83.31
C VAL I 548 11.33 -35.79 -82.88
N ASN I 549 12.19 -36.60 -82.29
CA ASN I 549 13.48 -36.14 -81.81
C ASN I 549 14.58 -36.46 -82.81
N LEU I 550 15.69 -35.75 -82.67
CA LEU I 550 16.82 -35.97 -83.56
C LEU I 550 17.38 -37.37 -83.40
N GLU I 551 17.41 -37.87 -82.17
CA GLU I 551 17.95 -39.20 -81.93
C GLU I 551 16.99 -40.31 -82.31
N ASN I 552 15.71 -40.00 -82.54
CA ASN I 552 14.76 -40.99 -83.02
C ASN I 552 14.37 -40.77 -84.47
N TYR I 553 15.00 -39.84 -85.18
CA TYR I 553 14.64 -39.67 -86.62
C TYR I 553 15.35 -40.72 -87.45
N ALA I 554 16.62 -40.98 -87.13
CA ALA I 554 17.37 -41.90 -87.97
C ALA I 554 16.88 -43.33 -87.76
N VAL I 555 16.57 -44.02 -88.86
CA VAL I 555 16.21 -45.43 -88.79
C VAL I 555 17.28 -46.18 -88.04
N PHE I 556 16.87 -46.95 -87.04
CA PHE I 556 17.83 -47.65 -86.22
C PHE I 556 18.56 -48.69 -87.05
N ASP I 557 19.76 -49.03 -86.61
CA ASP I 557 20.59 -49.95 -87.37
C ASP I 557 19.96 -51.33 -87.49
N GLU I 558 18.95 -51.62 -86.67
CA GLU I 558 18.30 -52.92 -86.64
C GLU I 558 16.94 -52.93 -87.31
N HIS I 559 16.54 -51.82 -87.95
CA HIS I 559 15.26 -51.75 -88.63
C HIS I 559 15.41 -51.78 -90.15
N VAL I 560 16.59 -52.11 -90.67
CA VAL I 560 16.84 -52.23 -92.10
C VAL I 560 17.17 -53.67 -92.41
N HIS I 561 16.76 -54.13 -93.59
CA HIS I 561 16.75 -55.54 -93.94
C HIS I 561 17.84 -55.84 -94.98
N ASN I 562 19.01 -56.28 -94.50
CA ASN I 562 20.12 -56.66 -95.37
C ASN I 562 20.50 -55.53 -96.33
N PRO I 563 21.14 -54.48 -95.84
CA PRO I 563 21.29 -53.26 -96.65
C PRO I 563 22.15 -53.35 -97.91
N ARG I 564 23.43 -53.69 -97.80
CA ARG I 564 24.38 -53.61 -98.91
C ARG I 564 24.43 -52.19 -99.51
N ALA I 565 25.03 -51.29 -98.74
CA ALA I 565 25.21 -49.90 -99.16
C ALA I 565 25.99 -49.78 -100.47
N ILE I 566 25.90 -48.59 -101.05
CA ILE I 566 26.71 -48.15 -102.18
C ILE I 566 27.53 -46.97 -101.68
N GLU I 567 28.82 -47.17 -101.44
CA GLU I 567 29.61 -46.15 -100.77
C GLU I 567 30.16 -45.13 -101.76
N LEU I 568 30.60 -43.99 -101.22
CA LEU I 568 31.07 -42.87 -102.01
C LEU I 568 32.24 -42.22 -101.27
N ASP I 569 32.76 -41.14 -101.83
CA ASP I 569 33.87 -40.42 -101.23
C ASP I 569 33.66 -38.92 -101.39
N VAL I 570 33.78 -38.19 -100.29
CA VAL I 570 33.68 -36.73 -100.29
C VAL I 570 32.37 -36.26 -100.92
N LYS J 5 -36.00 -38.42 -65.82
CA LYS J 5 -36.37 -39.80 -65.61
C LYS J 5 -35.81 -40.68 -66.73
N THR J 6 -36.11 -40.31 -67.97
CA THR J 6 -35.48 -40.98 -69.10
C THR J 6 -33.97 -40.76 -69.10
N LEU J 7 -33.54 -39.53 -68.78
CA LEU J 7 -32.19 -39.21 -68.33
C LEU J 7 -31.12 -39.87 -69.22
N ASN J 8 -31.01 -39.34 -70.44
CA ASN J 8 -29.96 -39.72 -71.38
C ASN J 8 -28.59 -39.77 -70.71
N MET J 9 -27.70 -40.58 -71.24
CA MET J 9 -26.46 -40.90 -70.55
C MET J 9 -25.31 -41.13 -71.52
N ILE J 10 -24.09 -40.80 -71.09
CA ILE J 10 -22.87 -41.01 -71.85
C ILE J 10 -21.84 -41.66 -70.95
N THR J 11 -20.79 -42.21 -71.56
CA THR J 11 -19.70 -42.88 -70.86
C THR J 11 -18.37 -42.44 -71.46
N GLN J 12 -17.49 -41.87 -70.64
CA GLN J 12 -16.33 -41.16 -71.18
C GLN J 12 -15.13 -41.39 -70.26
N ARG J 13 -14.10 -40.57 -70.43
CA ARG J 13 -12.82 -40.76 -69.76
C ARG J 13 -12.60 -39.73 -68.65
N ALA J 14 -11.52 -39.96 -67.90
CA ALA J 14 -11.02 -39.00 -66.93
C ALA J 14 -9.59 -39.38 -66.58
N VAL J 15 -8.78 -38.40 -66.24
CA VAL J 15 -7.34 -38.69 -65.98
C VAL J 15 -7.27 -39.55 -64.74
N GLU J 16 -8.05 -39.24 -63.72
CA GLU J 16 -8.00 -40.10 -62.54
C GLU J 16 -8.33 -41.54 -62.90
N GLU J 17 -9.23 -41.73 -63.87
CA GLU J 17 -9.56 -43.06 -64.36
C GLU J 17 -8.39 -43.74 -65.06
N GLY J 18 -7.69 -43.03 -65.94
CA GLY J 18 -6.51 -43.60 -66.58
C GLY J 18 -5.40 -43.93 -65.60
N ILE J 19 -5.10 -42.97 -64.73
CA ILE J 19 -4.22 -43.20 -63.60
C ILE J 19 -4.62 -44.46 -62.85
N ALA J 20 -5.91 -44.61 -62.58
CA ALA J 20 -6.35 -45.75 -61.78
C ALA J 20 -6.08 -47.06 -62.50
N MET J 21 -6.42 -47.13 -63.79
CA MET J 21 -6.21 -48.41 -64.46
C MET J 21 -4.74 -48.75 -64.51
N GLU J 22 -3.87 -47.77 -64.69
CA GLU J 22 -2.46 -48.11 -64.74
C GLU J 22 -1.86 -48.39 -63.37
N ILE J 23 -2.50 -47.95 -62.30
CA ILE J 23 -2.20 -48.52 -60.99
C ILE J 23 -2.59 -49.99 -60.98
N GLY J 24 -3.74 -50.31 -61.57
CA GLY J 24 -4.20 -51.69 -61.67
C GLY J 24 -5.70 -51.80 -61.68
N LYS J 25 -6.24 -52.66 -62.56
CA LYS J 25 -7.69 -52.83 -62.67
C LYS J 25 -8.33 -53.38 -61.41
N THR J 26 -7.55 -53.97 -60.51
CA THR J 26 -8.08 -54.57 -59.29
C THR J 26 -7.73 -53.76 -58.05
N SER J 27 -7.44 -52.48 -58.21
CA SER J 27 -6.94 -51.68 -57.11
C SER J 27 -8.01 -50.75 -56.55
N ARG J 28 -7.82 -50.39 -55.28
CA ARG J 28 -8.73 -49.44 -54.65
C ARG J 28 -8.78 -48.14 -55.42
N GLN J 29 -7.66 -47.73 -56.02
CA GLN J 29 -7.67 -46.54 -56.85
C GLN J 29 -8.63 -46.69 -58.02
N TYR J 30 -8.62 -47.86 -58.67
CA TYR J 30 -9.53 -48.08 -59.78
C TYR J 30 -10.97 -48.09 -59.33
N PHE J 31 -11.24 -48.75 -58.19
CA PHE J 31 -12.58 -48.75 -57.64
C PHE J 31 -13.09 -47.34 -57.43
N ASP J 32 -12.29 -46.52 -56.73
CA ASP J 32 -12.67 -45.15 -56.41
C ASP J 32 -12.85 -44.32 -57.67
N ALA J 33 -12.00 -44.55 -58.67
CA ALA J 33 -12.04 -43.70 -59.85
C ALA J 33 -13.22 -44.02 -60.74
N CYS J 34 -13.57 -45.30 -60.88
CA CYS J 34 -14.60 -45.66 -61.86
C CYS J 34 -16.00 -45.74 -61.29
N SER J 35 -16.18 -46.16 -60.04
CA SER J 35 -17.54 -46.32 -59.50
C SER J 35 -18.10 -44.95 -59.17
N ILE J 36 -18.56 -44.25 -60.20
CA ILE J 36 -18.91 -42.83 -60.07
C ILE J 36 -19.99 -42.47 -61.09
N ILE J 37 -21.06 -41.81 -60.63
CA ILE J 37 -21.98 -41.09 -61.49
C ILE J 37 -21.64 -39.61 -61.41
N GLU J 38 -21.52 -38.95 -62.55
CA GLU J 38 -21.30 -37.52 -62.58
C GLU J 38 -22.48 -36.90 -63.31
N MET J 39 -23.52 -36.54 -62.57
CA MET J 39 -24.75 -36.00 -63.12
C MET J 39 -24.88 -34.53 -62.75
N ASN J 40 -26.00 -33.93 -63.15
CA ASN J 40 -26.23 -32.51 -62.92
C ASN J 40 -26.81 -32.27 -61.54
N GLU J 41 -26.53 -31.09 -60.99
CA GLU J 41 -27.05 -30.72 -59.67
C GLU J 41 -28.56 -30.57 -59.69
N GLN J 42 -29.11 -29.96 -60.75
CA GLN J 42 -30.56 -29.84 -60.88
C GLN J 42 -31.21 -31.21 -60.94
N ASP J 43 -30.64 -32.12 -61.72
CA ASP J 43 -31.21 -33.47 -61.81
C ASP J 43 -31.09 -34.20 -60.49
N MET J 44 -29.98 -34.01 -59.77
CA MET J 44 -29.83 -34.66 -58.47
C MET J 44 -30.91 -34.19 -57.51
N LYS J 45 -31.16 -32.87 -57.46
CA LYS J 45 -32.23 -32.34 -56.62
C LYS J 45 -33.59 -32.88 -57.04
N GLU J 46 -33.88 -32.90 -58.34
CA GLU J 46 -35.21 -33.30 -58.80
C GLU J 46 -35.48 -34.77 -58.55
N LEU J 47 -34.47 -35.62 -58.76
CA LEU J 47 -34.63 -37.04 -58.49
C LEU J 47 -34.70 -37.32 -56.99
N GLY J 48 -33.87 -36.64 -56.20
CA GLY J 48 -33.86 -36.87 -54.78
C GLY J 48 -32.63 -37.62 -54.33
N ILE J 49 -31.52 -37.38 -55.04
CA ILE J 49 -30.28 -38.11 -54.79
C ILE J 49 -29.39 -37.25 -53.88
N MET J 50 -29.07 -37.78 -52.70
CA MET J 50 -28.09 -37.14 -51.85
C MET J 50 -26.71 -37.22 -52.49
N LYS J 51 -25.98 -36.12 -52.45
CA LYS J 51 -24.62 -36.13 -52.99
C LYS J 51 -23.79 -37.19 -52.30
N ASN J 52 -22.99 -37.90 -53.07
CA ASN J 52 -22.12 -38.95 -52.56
C ASN J 52 -22.95 -40.04 -51.85
N THR J 53 -23.88 -40.61 -52.59
CA THR J 53 -24.67 -41.74 -52.11
C THR J 53 -24.91 -42.71 -53.26
N ASN J 54 -24.89 -43.99 -52.94
CA ASN J 54 -25.09 -45.02 -53.95
C ASN J 54 -26.43 -44.82 -54.64
N VAL J 55 -26.50 -45.25 -55.90
CA VAL J 55 -27.71 -45.05 -56.69
C VAL J 55 -27.79 -46.16 -57.72
N ARG J 56 -29.00 -46.53 -58.10
CA ARG J 56 -29.24 -47.67 -58.99
C ARG J 56 -29.41 -47.14 -60.40
N VAL J 57 -28.42 -47.35 -61.24
CA VAL J 57 -28.48 -46.99 -62.64
C VAL J 57 -28.91 -48.24 -63.39
N LYS J 58 -30.11 -48.21 -63.96
CA LYS J 58 -30.70 -49.41 -64.56
C LYS J 58 -31.18 -49.09 -65.96
N SER J 59 -30.42 -49.54 -66.96
CA SER J 59 -30.83 -49.43 -68.34
C SER J 59 -31.46 -50.73 -68.79
N GLU J 60 -31.89 -50.77 -70.05
CA GLU J 60 -32.54 -51.94 -70.61
C GLU J 60 -31.60 -53.13 -70.76
N SER J 61 -30.29 -52.93 -70.63
CA SER J 61 -29.32 -54.01 -70.85
C SER J 61 -28.50 -54.27 -69.60
N GLY J 62 -29.10 -54.13 -68.44
CA GLY J 62 -28.38 -54.39 -67.21
C GLY J 62 -28.84 -53.48 -66.10
N GLU J 63 -27.90 -53.26 -65.18
CA GLU J 63 -28.07 -52.60 -63.90
C GLU J 63 -26.76 -52.54 -63.16
N VAL J 64 -26.55 -51.47 -62.38
CA VAL J 64 -25.34 -51.31 -61.58
C VAL J 64 -25.63 -50.34 -60.45
N VAL J 65 -25.06 -50.60 -59.28
CA VAL J 65 -25.12 -49.69 -58.14
C VAL J 65 -23.84 -48.89 -58.15
N VAL J 66 -23.96 -47.58 -58.27
CA VAL J 66 -22.82 -46.69 -58.48
C VAL J 66 -22.99 -45.46 -57.62
N LYS J 67 -21.89 -45.00 -57.02
CA LYS J 67 -21.90 -43.75 -56.26
C LYS J 67 -22.33 -42.59 -57.15
N ALA J 68 -23.07 -41.66 -56.57
CA ALA J 68 -23.63 -40.53 -57.31
C ALA J 68 -22.99 -39.24 -56.81
N VAL J 69 -22.18 -38.60 -57.66
CA VAL J 69 -21.50 -37.37 -57.32
C VAL J 69 -21.87 -36.31 -58.36
N VAL J 70 -21.34 -35.11 -58.15
CA VAL J 70 -21.48 -34.02 -59.11
C VAL J 70 -20.11 -33.73 -59.69
N GLY J 71 -20.07 -33.50 -61.00
CA GLY J 71 -18.81 -33.35 -61.72
C GLY J 71 -18.56 -31.91 -62.11
N ARG J 72 -17.28 -31.52 -62.13
CA ARG J 72 -16.88 -30.15 -62.54
C ARG J 72 -17.31 -29.94 -63.98
N GLN J 73 -17.16 -30.97 -64.80
CA GLN J 73 -17.46 -30.89 -66.22
C GLN J 73 -18.97 -30.84 -66.39
N THR J 74 -19.51 -29.63 -66.46
CA THR J 74 -20.92 -29.39 -66.17
C THR J 74 -21.81 -30.09 -67.18
N CYS J 75 -22.46 -31.17 -66.75
CA CYS J 75 -23.46 -31.81 -67.58
C CYS J 75 -24.73 -30.98 -67.58
N TYR J 76 -25.28 -30.74 -68.76
CA TYR J 76 -26.49 -29.94 -68.86
C TYR J 76 -27.66 -30.73 -68.27
N PRO J 77 -28.75 -30.05 -67.88
CA PRO J 77 -29.87 -30.77 -67.26
C PRO J 77 -30.41 -31.86 -68.18
N GLY J 78 -30.31 -33.10 -67.72
CA GLY J 78 -30.77 -34.25 -68.45
C GLY J 78 -29.70 -35.17 -68.96
N LEU J 79 -28.50 -35.11 -68.41
CA LEU J 79 -27.38 -35.93 -68.85
C LEU J 79 -26.74 -36.61 -67.66
N CYS J 80 -26.20 -37.79 -67.89
CA CYS J 80 -25.49 -38.57 -66.89
C CYS J 80 -24.09 -38.82 -67.42
N HIS J 81 -23.25 -39.47 -66.61
CA HIS J 81 -21.91 -39.81 -67.07
C HIS J 81 -21.21 -40.79 -66.13
N ILE J 82 -20.78 -41.93 -66.64
CA ILE J 82 -19.89 -42.82 -65.89
C ILE J 82 -18.54 -42.85 -66.61
N ARG J 83 -17.47 -42.73 -65.84
CA ARG J 83 -16.14 -42.98 -66.36
C ARG J 83 -16.06 -44.42 -66.83
N GLN J 84 -15.55 -44.63 -68.04
CA GLN J 84 -15.64 -45.94 -68.67
C GLN J 84 -14.90 -46.98 -67.87
N GLY J 85 -15.42 -48.20 -67.88
CA GLY J 85 -14.78 -49.29 -67.16
C GLY J 85 -15.77 -50.39 -66.85
N VAL J 86 -15.47 -51.14 -65.80
CA VAL J 86 -16.29 -52.29 -65.42
C VAL J 86 -17.73 -51.86 -65.19
N TRP J 87 -17.91 -50.82 -64.37
CA TRP J 87 -19.25 -50.45 -63.94
C TRP J 87 -20.08 -49.95 -65.12
N ALA J 88 -19.49 -49.09 -65.95
CA ALA J 88 -20.23 -48.57 -67.09
C ALA J 88 -20.59 -49.69 -68.05
N ASN J 89 -19.66 -50.61 -68.29
CA ASN J 89 -19.94 -51.68 -69.23
C ASN J 89 -20.84 -52.76 -68.64
N GLN J 90 -21.12 -52.70 -67.34
CA GLN J 90 -22.24 -53.49 -66.83
C GLN J 90 -23.60 -53.02 -67.31
N VAL J 91 -23.69 -51.83 -67.90
CA VAL J 91 -25.01 -51.28 -68.20
C VAL J 91 -25.04 -50.77 -69.64
N VAL J 92 -23.90 -50.76 -70.31
CA VAL J 92 -23.91 -50.31 -71.72
C VAL J 92 -24.72 -51.28 -72.57
N PRO J 93 -25.65 -50.80 -73.41
CA PRO J 93 -26.35 -51.70 -74.31
C PRO J 93 -25.44 -52.14 -75.44
N PRO J 94 -25.58 -53.37 -75.94
CA PRO J 94 -24.65 -53.89 -76.94
C PRO J 94 -25.00 -53.55 -78.38
N ARG J 95 -26.04 -52.78 -78.63
CA ARG J 95 -26.45 -52.50 -80.00
C ARG J 95 -25.33 -51.82 -80.76
N THR J 96 -25.04 -52.31 -81.96
CA THR J 96 -23.93 -51.82 -82.75
C THR J 96 -24.34 -51.07 -84.01
N GLN J 97 -25.57 -51.24 -84.47
CA GLN J 97 -26.02 -50.63 -85.72
C GLN J 97 -25.14 -51.09 -86.88
N SER J 98 -24.78 -52.37 -86.88
CA SER J 98 -23.99 -53.01 -87.94
C SER J 98 -22.72 -52.22 -88.22
N THR J 99 -22.06 -51.77 -87.16
CA THR J 99 -20.78 -51.09 -87.28
C THR J 99 -19.75 -51.62 -86.30
N GLY J 100 -20.16 -52.41 -85.32
CA GLY J 100 -19.22 -52.93 -84.36
C GLY J 100 -18.89 -52.00 -83.22
N ALA J 101 -19.49 -50.81 -83.18
CA ALA J 101 -19.25 -49.88 -82.10
C ALA J 101 -20.47 -49.83 -81.20
N PRO J 102 -20.47 -50.51 -80.06
CA PRO J 102 -21.66 -50.53 -79.21
C PRO J 102 -22.09 -49.14 -78.79
N GLN J 103 -23.32 -49.03 -78.29
CA GLN J 103 -23.86 -47.73 -77.95
C GLN J 103 -23.18 -47.22 -76.68
N TYR J 104 -21.95 -46.76 -76.81
CA TYR J 104 -21.15 -46.40 -75.65
C TYR J 104 -21.51 -45.03 -75.09
N SER J 105 -22.35 -44.28 -75.78
CA SER J 105 -22.67 -42.92 -75.36
C SER J 105 -24.01 -42.52 -75.94
N GLY J 106 -25.00 -42.29 -75.10
CA GLY J 106 -26.29 -41.89 -75.60
C GLY J 106 -27.37 -42.94 -75.49
N PHE J 107 -27.38 -43.66 -74.38
CA PHE J 107 -28.44 -44.62 -74.17
C PHE J 107 -29.32 -44.21 -73.00
N PRO J 108 -30.63 -44.36 -73.09
CA PRO J 108 -31.50 -43.97 -71.99
C PRO J 108 -31.29 -44.84 -70.77
N VAL J 109 -31.60 -44.29 -69.60
CA VAL J 109 -31.41 -45.01 -68.35
C VAL J 109 -32.26 -44.34 -67.28
N THR J 110 -32.70 -45.13 -66.31
CA THR J 110 -33.46 -44.62 -65.17
C THR J 110 -32.61 -44.72 -63.92
N VAL J 111 -32.75 -43.74 -63.03
CA VAL J 111 -31.87 -43.60 -61.87
C VAL J 111 -32.72 -43.62 -60.60
N GLU J 112 -32.37 -44.50 -59.67
CA GLU J 112 -33.17 -44.75 -58.47
C GLU J 112 -32.28 -44.59 -57.24
N PRO J 113 -32.55 -43.64 -56.36
CA PRO J 113 -31.68 -43.45 -55.18
C PRO J 113 -31.82 -44.63 -54.22
N VAL J 114 -30.76 -45.41 -54.10
CA VAL J 114 -30.82 -46.63 -53.28
C VAL J 114 -29.64 -46.72 -52.31
N PRO J 115 -29.52 -45.82 -51.34
CA PRO J 115 -28.44 -45.94 -50.36
C PRO J 115 -28.60 -47.19 -49.51
N ASN J 116 -27.65 -47.43 -48.60
CA ASN J 116 -27.58 -48.60 -47.74
C ASN J 116 -27.30 -49.88 -48.51
N GLU J 117 -26.97 -49.79 -49.80
CA GLU J 117 -26.53 -50.93 -50.59
C GLU J 117 -25.08 -50.72 -50.99
N ARG J 118 -24.28 -51.76 -50.84
CA ARG J 118 -22.86 -51.66 -51.11
C ARG J 118 -22.62 -51.52 -52.61
N LEU J 119 -21.38 -51.16 -52.95
CA LEU J 119 -20.91 -51.18 -54.33
C LEU J 119 -20.25 -52.52 -54.61
N LYS J 120 -20.39 -52.98 -55.84
CA LYS J 120 -19.79 -54.24 -56.26
C LYS J 120 -18.41 -53.97 -56.85
N THR J 121 -17.40 -54.70 -56.36
CA THR J 121 -16.05 -54.52 -56.87
C THR J 121 -15.96 -54.98 -58.32
N ALA J 122 -14.81 -54.69 -58.94
CA ALA J 122 -14.65 -55.05 -60.35
C ALA J 122 -14.62 -56.56 -60.53
N LEU J 123 -13.81 -57.25 -59.71
CA LEU J 123 -13.77 -58.70 -59.78
C LEU J 123 -15.14 -59.29 -59.51
N GLU J 124 -15.82 -58.81 -58.48
CA GLU J 124 -17.11 -59.37 -58.17
C GLU J 124 -18.08 -59.18 -59.32
N LEU J 125 -18.09 -57.99 -59.92
CA LEU J 125 -18.97 -57.73 -61.05
C LEU J 125 -18.73 -58.70 -62.20
N VAL J 126 -17.48 -58.79 -62.67
CA VAL J 126 -17.20 -59.56 -63.87
C VAL J 126 -17.29 -61.05 -63.60
N GLN J 127 -16.64 -61.52 -62.52
CA GLN J 127 -16.64 -62.94 -62.22
C GLN J 127 -18.02 -63.43 -61.82
N GLY J 128 -18.90 -62.55 -61.33
CA GLY J 128 -20.25 -62.96 -61.06
C GLY J 128 -21.15 -62.90 -62.27
N ALA J 129 -20.87 -61.99 -63.20
CA ALA J 129 -21.59 -62.03 -64.47
C ALA J 129 -21.28 -63.31 -65.21
N VAL J 130 -20.03 -63.75 -65.15
CA VAL J 130 -19.67 -64.98 -65.83
C VAL J 130 -20.08 -66.21 -65.02
N GLY J 131 -20.11 -66.11 -63.70
CA GLY J 131 -20.39 -67.25 -62.86
C GLY J 131 -19.17 -67.84 -62.19
N MET J 132 -18.14 -67.06 -61.95
CA MET J 132 -16.88 -67.55 -61.41
C MET J 132 -16.58 -67.01 -60.02
N TRP J 133 -17.55 -66.37 -59.39
CA TRP J 133 -17.27 -65.62 -58.16
C TRP J 133 -17.03 -66.56 -56.99
N LYS J 134 -15.78 -67.01 -56.85
CA LYS J 134 -15.41 -67.92 -55.77
C LYS J 134 -15.55 -67.25 -54.42
N GLY J 135 -14.96 -66.07 -54.26
CA GLY J 135 -14.96 -65.37 -52.99
C GLY J 135 -16.35 -65.01 -52.50
N GLU K 166 -31.81 1.89 -105.65
CA GLU K 166 -32.20 3.04 -104.85
C GLU K 166 -31.04 3.58 -104.02
N PHE K 167 -30.74 2.88 -102.94
CA PHE K 167 -29.82 3.38 -101.93
C PHE K 167 -28.38 3.12 -102.36
N LYS K 168 -27.49 4.04 -101.99
CA LYS K 168 -26.08 3.93 -102.34
C LYS K 168 -25.26 4.86 -101.47
N VAL K 169 -24.29 4.29 -100.75
CA VAL K 169 -23.36 5.11 -99.92
C VAL K 169 -22.10 5.36 -100.75
N ASP K 170 -21.30 6.35 -100.38
CA ASP K 170 -20.01 6.64 -101.04
C ASP K 170 -18.92 6.37 -100.02
N ASP K 171 -18.38 5.16 -99.97
CA ASP K 171 -17.42 4.82 -98.92
C ASP K 171 -16.21 5.72 -99.07
N GLU K 172 -16.06 6.35 -100.23
CA GLU K 172 -14.95 7.31 -100.41
C GLU K 172 -15.11 8.46 -99.42
N LYS K 173 -16.33 8.97 -99.24
CA LYS K 173 -16.54 10.15 -98.34
C LYS K 173 -17.41 9.77 -97.14
N CYS K 174 -17.17 8.65 -96.48
CA CYS K 174 -17.93 8.33 -95.26
C CYS K 174 -16.94 8.16 -94.14
N THR K 175 -17.29 8.61 -92.96
CA THR K 175 -16.38 8.56 -91.81
C THR K 175 -16.88 7.50 -90.85
N LYS K 176 -17.87 6.73 -91.27
CA LYS K 176 -18.50 5.75 -90.35
C LYS K 176 -19.01 6.47 -89.10
N CYS K 177 -19.72 7.58 -89.26
CA CYS K 177 -20.32 8.27 -88.09
C CYS K 177 -21.69 7.67 -87.93
N GLY K 178 -22.08 7.27 -86.73
CA GLY K 178 -23.36 6.56 -86.54
C GLY K 178 -24.57 7.43 -86.85
N ILE K 179 -24.42 8.73 -87.14
CA ILE K 179 -25.56 9.67 -87.29
C ILE K 179 -26.36 9.36 -88.53
N CYS K 180 -26.15 8.20 -89.12
CA CYS K 180 -26.84 7.85 -90.39
C CYS K 180 -27.52 6.55 -90.07
N GLY K 181 -26.89 5.79 -89.19
CA GLY K 181 -27.60 4.58 -88.83
C GLY K 181 -28.36 4.66 -87.53
N ASN K 182 -28.26 5.80 -86.85
CA ASN K 182 -29.06 6.02 -85.65
C ASN K 182 -30.47 6.48 -85.99
N LEU K 183 -30.70 6.97 -87.20
CA LEU K 183 -32.01 7.54 -87.55
C LEU K 183 -32.93 6.46 -88.10
N CYS K 184 -32.58 5.91 -89.26
CA CYS K 184 -33.48 4.92 -89.87
C CYS K 184 -33.25 3.57 -89.23
N GLU K 185 -34.26 2.72 -89.25
CA GLU K 185 -34.12 1.35 -88.79
C GLU K 185 -33.59 0.44 -89.89
N ALA K 186 -33.43 1.02 -91.07
CA ALA K 186 -32.85 0.24 -92.18
C ALA K 186 -31.33 0.28 -92.11
N ILE K 187 -30.75 1.41 -91.72
CA ILE K 187 -29.28 1.55 -91.78
C ILE K 187 -28.65 1.03 -90.49
N ASN K 188 -27.94 -0.09 -90.59
CA ASN K 188 -27.22 -0.61 -89.43
C ASN K 188 -25.75 -0.53 -89.75
N VAL K 189 -25.02 0.27 -88.95
CA VAL K 189 -23.57 0.58 -89.16
C VAL K 189 -22.66 -0.23 -88.24
N LEU K 190 -21.97 -1.23 -88.77
CA LEU K 190 -21.14 -2.10 -87.96
C LEU K 190 -19.71 -1.60 -87.98
N HIS K 191 -19.21 -1.21 -86.80
CA HIS K 191 -17.82 -0.84 -86.63
C HIS K 191 -17.05 -2.09 -86.23
N LYS K 192 -16.29 -2.66 -87.17
CA LYS K 192 -15.49 -3.81 -86.83
C LYS K 192 -14.36 -3.38 -85.88
N PRO K 193 -13.91 -4.27 -85.01
CA PRO K 193 -13.23 -3.84 -83.78
C PRO K 193 -12.05 -2.92 -84.04
N PHE K 194 -11.88 -1.95 -83.14
CA PHE K 194 -10.87 -0.91 -83.28
C PHE K 194 -9.53 -1.45 -82.83
N SER K 195 -8.56 -1.42 -83.72
CA SER K 195 -7.23 -1.90 -83.43
C SER K 195 -6.21 -0.85 -83.81
N PRO K 196 -5.17 -0.67 -83.00
CA PRO K 196 -4.14 0.32 -83.35
C PRO K 196 -3.40 -0.01 -84.62
N GLU K 197 -3.57 -1.21 -85.17
CA GLU K 197 -2.99 -1.60 -86.44
C GLU K 197 -3.17 -0.46 -87.43
N ILE K 198 -4.42 -0.18 -87.75
CA ILE K 198 -4.74 0.90 -88.65
C ILE K 198 -4.76 2.20 -87.90
N GLY K 199 -5.25 2.20 -86.67
CA GLY K 199 -5.42 3.42 -85.91
C GLY K 199 -6.58 4.25 -86.41
N LYS K 200 -7.50 3.66 -87.15
CA LYS K 200 -8.62 4.39 -87.69
C LYS K 200 -9.90 3.63 -87.40
N VAL K 201 -11.01 4.29 -87.67
CA VAL K 201 -12.34 3.69 -87.60
C VAL K 201 -12.69 3.20 -88.99
N GLU K 202 -13.17 1.97 -89.09
CA GLU K 202 -13.55 1.43 -90.38
C GLU K 202 -14.60 0.36 -90.18
N GLY K 203 -15.69 0.48 -90.92
CA GLY K 203 -16.76 -0.48 -90.80
C GLY K 203 -17.54 -0.61 -92.09
N GLU K 204 -18.86 -0.70 -91.98
CA GLU K 204 -19.69 -0.87 -93.17
C GLU K 204 -21.08 -0.33 -92.85
N VAL K 205 -21.75 0.17 -93.87
CA VAL K 205 -23.14 0.62 -93.76
C VAL K 205 -24.02 -0.35 -94.54
N ILE K 206 -24.98 -0.96 -93.85
CA ILE K 206 -25.85 -1.98 -94.42
C ILE K 206 -27.26 -1.43 -94.46
N TRP K 207 -27.87 -1.39 -95.65
CA TRP K 207 -29.26 -0.87 -95.83
C TRP K 207 -30.19 -1.96 -96.30
N ASP K 208 -31.33 -2.16 -95.64
CA ASP K 208 -32.31 -3.20 -95.91
C ASP K 208 -33.54 -2.58 -96.53
N GLU K 209 -34.09 -3.22 -97.56
CA GLU K 209 -35.27 -2.69 -98.21
C GLU K 209 -36.48 -2.73 -97.28
N ALA K 210 -36.57 -3.76 -96.44
CA ALA K 210 -37.77 -4.02 -95.67
C ALA K 210 -38.12 -2.91 -94.70
N TYR K 211 -37.35 -1.83 -94.62
CA TYR K 211 -37.63 -0.78 -93.66
C TYR K 211 -37.55 0.62 -94.25
N CYS K 212 -37.19 0.74 -95.52
CA CYS K 212 -36.95 2.13 -96.01
C CYS K 212 -38.21 2.90 -96.32
N ASP K 213 -38.02 4.05 -96.96
CA ASP K 213 -39.10 4.95 -97.35
C ASP K 213 -38.37 5.89 -98.30
N GLY K 214 -39.03 6.87 -98.88
CA GLY K 214 -38.31 7.87 -99.69
C GLY K 214 -38.03 9.05 -98.81
N CYS K 215 -37.97 8.84 -97.49
CA CYS K 215 -37.86 9.96 -96.52
C CYS K 215 -36.65 10.80 -96.81
N ASN K 216 -35.51 10.19 -97.09
CA ASN K 216 -34.34 10.98 -97.56
C ASN K 216 -33.87 11.88 -96.43
N VAL K 217 -34.36 11.69 -95.21
CA VAL K 217 -33.81 12.55 -94.13
C VAL K 217 -32.34 12.18 -93.95
N CYS K 218 -32.01 10.90 -93.97
CA CYS K 218 -30.60 10.56 -93.67
C CYS K 218 -29.66 11.03 -94.76
N ALA K 219 -30.15 11.41 -95.93
CA ALA K 219 -29.19 11.98 -96.87
C ALA K 219 -28.49 13.18 -96.26
N GLU K 220 -29.26 14.15 -95.75
CA GLU K 220 -28.67 15.36 -95.20
C GLU K 220 -28.39 15.28 -93.71
N ALA K 221 -28.84 14.24 -93.03
CA ALA K 221 -28.37 14.01 -91.68
C ALA K 221 -26.93 13.55 -91.65
N CYS K 222 -26.47 12.89 -92.70
CA CYS K 222 -25.05 12.52 -92.71
C CYS K 222 -24.28 13.82 -92.62
N PRO K 223 -23.18 13.90 -91.85
CA PRO K 223 -22.38 15.09 -91.84
C PRO K 223 -21.89 15.30 -93.27
N SER K 224 -21.25 14.30 -93.88
CA SER K 224 -20.78 14.35 -95.25
C SER K 224 -21.94 14.10 -96.19
N GLU K 225 -21.70 14.27 -97.48
CA GLU K 225 -22.73 14.01 -98.47
C GLU K 225 -22.69 12.57 -98.96
N ALA K 226 -22.18 11.70 -98.09
CA ALA K 226 -21.96 10.30 -98.49
C ALA K 226 -23.21 9.50 -98.84
N ILE K 227 -24.41 10.04 -98.82
CA ILE K 227 -25.56 9.14 -99.09
C ILE K 227 -26.51 9.71 -100.13
N LYS K 228 -26.67 9.01 -101.26
CA LYS K 228 -27.71 9.42 -102.19
C LYS K 228 -28.72 8.29 -102.28
N VAL K 229 -30.00 8.66 -102.19
CA VAL K 229 -31.07 7.63 -102.18
C VAL K 229 -32.12 8.00 -103.23
N THR K 230 -32.91 7.04 -103.70
CA THR K 230 -34.00 7.30 -104.63
C THR K 230 -35.19 6.37 -104.40
N SER L 2 0.35 -1.29 -24.87
CA SER L 2 0.86 -0.14 -25.60
C SER L 2 -0.19 0.96 -25.68
N THR L 3 -0.32 1.55 -26.86
CA THR L 3 -1.39 2.49 -27.16
C THR L 3 -2.10 2.01 -28.42
N LEU L 4 -3.43 2.16 -28.44
CA LEU L 4 -4.23 1.50 -29.47
C LEU L 4 -4.77 2.43 -30.55
N PHE L 5 -5.06 3.68 -30.23
CA PHE L 5 -5.98 4.45 -31.05
C PHE L 5 -5.51 4.82 -32.46
N PRO L 6 -4.22 4.91 -32.75
CA PRO L 6 -3.82 4.95 -34.16
C PRO L 6 -4.09 3.59 -34.79
N LYS L 7 -5.37 3.32 -35.08
CA LYS L 7 -5.79 2.02 -35.61
C LYS L 7 -5.59 1.99 -37.11
N TYR L 8 -4.61 1.23 -37.57
CA TYR L 8 -4.30 1.10 -38.98
C TYR L 8 -4.99 -0.13 -39.54
N SER L 9 -5.83 0.06 -40.54
CA SER L 9 -6.62 -1.03 -41.10
C SER L 9 -6.58 -0.97 -42.62
N LYS L 10 -6.75 -2.13 -43.25
CA LYS L 10 -6.64 -2.27 -44.70
C LYS L 10 -7.67 -3.31 -45.13
N THR L 11 -8.84 -2.84 -45.55
CA THR L 11 -9.97 -3.72 -45.84
C THR L 11 -10.30 -3.68 -47.32
N THR L 12 -10.65 -4.83 -47.87
CA THR L 12 -10.97 -4.98 -49.29
C THR L 12 -12.49 -5.07 -49.43
N ASP L 13 -13.15 -3.93 -49.46
CA ASP L 13 -14.61 -3.87 -49.44
C ASP L 13 -15.12 -4.04 -50.86
N GLY L 14 -15.27 -5.28 -51.30
CA GLY L 14 -15.77 -5.53 -52.64
C GLY L 14 -14.66 -5.37 -53.65
N SER L 15 -14.76 -4.31 -54.45
CA SER L 15 -13.74 -4.01 -55.45
C SER L 15 -12.85 -2.83 -55.05
N LYS L 16 -13.17 -2.15 -53.96
CA LYS L 16 -12.39 -1.02 -53.47
C LYS L 16 -11.52 -1.52 -52.33
N VAL L 17 -10.22 -1.30 -52.44
CA VAL L 17 -9.33 -1.51 -51.31
C VAL L 17 -9.28 -0.22 -50.51
N ILE L 18 -9.72 -0.27 -49.26
CA ILE L 18 -9.87 0.91 -48.43
C ILE L 18 -8.79 0.84 -47.37
N MET L 19 -7.91 1.82 -47.36
CA MET L 19 -6.81 1.89 -46.39
C MET L 19 -7.07 3.06 -45.45
N GLU L 20 -7.02 2.78 -44.15
CA GLU L 20 -7.63 3.67 -43.19
C GLU L 20 -6.69 3.91 -42.02
N GLN L 21 -6.88 5.03 -41.35
CA GLN L 21 -6.19 5.34 -40.11
C GLN L 21 -7.20 5.94 -39.16
N ARG L 22 -7.59 5.18 -38.14
CA ARG L 22 -8.58 5.62 -37.16
C ARG L 22 -7.96 6.53 -36.11
N LEU L 23 -8.78 7.45 -35.63
CA LEU L 23 -8.55 8.19 -34.40
C LEU L 23 -9.89 8.14 -33.66
N LEU L 24 -10.06 8.94 -32.60
CA LEU L 24 -11.38 8.98 -31.97
C LEU L 24 -12.42 9.53 -32.94
N GLN L 25 -12.17 10.70 -33.51
CA GLN L 25 -13.16 11.34 -34.37
C GLN L 25 -12.64 11.63 -35.76
N GLN L 26 -11.33 11.58 -35.98
CA GLN L 26 -10.74 11.90 -37.27
C GLN L 26 -10.27 10.62 -37.92
N VAL L 27 -10.62 10.44 -39.19
CA VAL L 27 -10.16 9.27 -39.92
C VAL L 27 -9.33 9.71 -41.11
N ASN L 28 -8.90 8.75 -41.91
CA ASN L 28 -8.13 9.03 -43.12
C ASN L 28 -8.30 7.83 -44.02
N ASN L 29 -8.89 8.03 -45.18
CA ASN L 29 -9.27 6.91 -46.04
C ASN L 29 -8.64 7.09 -47.41
N LEU L 30 -7.56 6.33 -47.65
CA LEU L 30 -6.99 6.30 -49.02
C LEU L 30 -7.71 5.14 -49.68
N ILE L 31 -8.56 5.41 -50.64
CA ILE L 31 -9.43 4.42 -51.26
C ILE L 31 -8.95 4.20 -52.69
N LEU L 32 -8.59 2.95 -53.00
CA LEU L 32 -8.15 2.58 -54.38
C LEU L 32 -9.26 1.80 -55.06
N ASP L 33 -9.69 2.23 -56.22
CA ASP L 33 -10.76 1.56 -56.96
C ASP L 33 -10.12 0.58 -57.92
N ASN L 34 -10.12 -0.70 -57.55
CA ASN L 34 -9.35 -1.68 -58.30
C ASN L 34 -9.93 -1.99 -59.67
N ASP L 35 -11.09 -1.44 -60.02
CA ASP L 35 -11.60 -1.65 -61.37
C ASP L 35 -11.04 -0.65 -62.35
N ILE L 36 -10.45 0.43 -61.85
CA ILE L 36 -9.93 1.50 -62.74
C ILE L 36 -8.39 1.49 -62.74
N CYS L 37 -7.74 0.90 -61.74
CA CYS L 37 -6.27 0.94 -61.74
C CYS L 37 -5.82 0.29 -63.03
N THR L 38 -4.65 0.66 -63.54
CA THR L 38 -4.17 0.14 -64.83
C THR L 38 -2.79 -0.47 -64.66
N GLY L 39 -2.27 -0.48 -63.46
CA GLY L 39 -0.99 -1.11 -63.19
C GLY L 39 0.20 -0.24 -63.52
N CYS L 40 0.03 1.04 -63.80
CA CYS L 40 1.19 1.91 -64.04
C CYS L 40 1.84 2.15 -62.69
N GLY L 41 3.02 2.74 -62.65
CA GLY L 41 3.61 2.88 -61.32
C GLY L 41 3.70 4.33 -60.98
N ILE L 42 3.08 5.18 -61.81
CA ILE L 42 3.07 6.65 -61.60
C ILE L 42 2.46 6.98 -60.26
N CYS L 43 2.25 5.99 -59.41
CA CYS L 43 1.72 6.25 -58.05
C CYS L 43 2.80 5.80 -57.11
N SER L 44 3.65 4.91 -57.58
CA SER L 44 4.78 4.41 -56.76
C SER L 44 6.00 5.27 -56.99
N GLU L 45 6.16 5.74 -58.22
CA GLU L 45 7.27 6.66 -58.46
C GLU L 45 7.06 7.99 -57.73
N VAL L 46 5.81 8.39 -57.56
CA VAL L 46 5.51 9.72 -57.07
C VAL L 46 5.37 9.79 -55.55
N CYS L 47 4.95 8.71 -54.92
CA CYS L 47 4.79 8.65 -53.45
C CYS L 47 5.94 9.37 -52.79
N PRO L 48 5.75 10.50 -52.12
CA PRO L 48 6.82 11.11 -51.39
C PRO L 48 7.35 10.18 -50.30
N GLU L 49 6.48 9.43 -49.65
CA GLU L 49 6.88 8.62 -48.47
C GLU L 49 7.22 7.16 -48.80
N GLU L 50 7.29 6.78 -50.07
CA GLU L 50 7.68 5.45 -50.54
C GLU L 50 6.90 4.36 -49.81
N ALA L 51 5.59 4.37 -50.04
CA ALA L 51 4.74 3.33 -49.44
C ALA L 51 4.10 2.51 -50.54
N ILE L 52 3.70 3.13 -51.64
CA ILE L 52 2.94 2.35 -52.65
C ILE L 52 3.89 1.47 -53.42
N SER L 53 3.66 0.15 -53.46
CA SER L 53 4.41 -0.77 -54.30
C SER L 53 3.45 -1.40 -55.28
N VAL L 54 4.00 -1.96 -56.35
CA VAL L 54 3.20 -2.48 -57.46
C VAL L 54 3.20 -3.99 -57.41
N GLY L 55 2.02 -4.58 -57.62
CA GLY L 55 1.87 -6.02 -57.53
C GLY L 55 1.67 -6.71 -58.86
N ALA L 56 0.94 -7.83 -58.86
CA ALA L 56 0.80 -8.67 -60.04
C ALA L 56 -0.10 -7.98 -61.04
N VAL L 57 0.50 -7.11 -61.84
CA VAL L 57 -0.27 -6.25 -62.74
C VAL L 57 -1.03 -7.09 -63.75
N GLY L 58 -0.34 -8.01 -64.43
CA GLY L 58 -1.00 -8.77 -65.47
C GLY L 58 -2.10 -9.66 -64.93
N GLY L 59 -1.81 -10.37 -63.84
CA GLY L 59 -2.81 -11.26 -63.28
C GLY L 59 -4.03 -10.51 -62.79
N VAL L 60 -3.82 -9.43 -62.04
CA VAL L 60 -4.95 -8.67 -61.52
C VAL L 60 -5.73 -8.03 -62.65
N ARG L 61 -5.04 -7.46 -63.64
CA ARG L 61 -5.74 -6.81 -64.74
C ARG L 61 -6.44 -7.82 -65.65
N ARG L 62 -6.10 -9.10 -65.54
CA ARG L 62 -6.79 -10.14 -66.28
C ARG L 62 -7.85 -10.86 -65.47
N GLY L 63 -7.87 -10.68 -64.16
CA GLY L 63 -8.89 -11.30 -63.34
C GLY L 63 -8.49 -12.62 -62.73
N LEU L 64 -7.25 -13.04 -62.89
CA LEU L 64 -6.80 -14.33 -62.40
C LEU L 64 -6.22 -14.27 -60.99
N VAL L 65 -6.22 -13.10 -60.36
CA VAL L 65 -5.73 -12.92 -59.01
C VAL L 65 -6.85 -12.34 -58.17
N ASP L 66 -7.02 -12.88 -56.96
CA ASP L 66 -8.11 -12.50 -56.08
C ASP L 66 -7.66 -11.86 -54.78
N ASP L 67 -6.57 -12.33 -54.18
CA ASP L 67 -6.12 -11.86 -52.87
C ASP L 67 -5.21 -10.66 -52.95
N ALA L 68 -5.26 -9.89 -54.03
CA ALA L 68 -4.39 -8.73 -54.14
C ALA L 68 -4.98 -7.75 -55.14
N ALA L 69 -4.51 -6.52 -55.05
CA ALA L 69 -4.83 -5.47 -56.00
C ALA L 69 -3.62 -5.23 -56.90
N SER L 70 -3.74 -4.27 -57.80
CA SER L 70 -2.61 -3.95 -58.66
C SER L 70 -1.46 -3.37 -57.86
N ILE L 71 -1.80 -2.64 -56.79
CA ILE L 71 -0.82 -1.92 -55.96
C ILE L 71 -1.02 -2.24 -54.48
N HIS L 72 0.04 -2.29 -53.68
CA HIS L 72 -0.07 -2.46 -52.24
C HIS L 72 0.44 -1.19 -51.59
N VAL L 73 -0.38 -0.61 -50.72
CA VAL L 73 0.02 0.63 -49.98
C VAL L 73 0.23 0.29 -48.51
N ASP L 74 1.42 0.55 -47.98
CA ASP L 74 1.70 0.37 -46.56
C ASP L 74 1.06 1.52 -45.81
N GLU L 75 -0.16 1.32 -45.32
CA GLU L 75 -0.91 2.41 -44.70
C GLU L 75 -0.30 2.87 -43.38
N THR L 76 0.67 2.13 -42.84
CA THR L 76 1.41 2.63 -41.69
C THR L 76 2.45 3.66 -42.09
N LYS L 77 2.97 3.57 -43.31
CA LYS L 77 3.92 4.56 -43.81
C LYS L 77 3.25 5.71 -44.55
N CYS L 78 2.08 5.50 -45.13
CA CYS L 78 1.43 6.57 -45.92
C CYS L 78 1.20 7.76 -45.00
N SER L 79 1.19 8.98 -45.52
CA SER L 79 1.05 10.21 -44.72
C SER L 79 -0.24 10.92 -45.12
N TYR L 80 -0.98 10.36 -46.04
CA TYR L 80 -2.27 10.93 -46.46
C TYR L 80 -2.08 12.33 -47.03
N CYS L 81 -0.97 12.58 -47.73
CA CYS L 81 -0.75 13.87 -48.44
C CYS L 81 -1.71 13.97 -49.60
N GLY L 82 -1.90 12.88 -50.31
CA GLY L 82 -2.77 12.90 -51.49
C GLY L 82 -2.02 13.20 -52.74
N VAL L 83 -0.69 13.15 -52.73
CA VAL L 83 0.11 13.35 -53.96
C VAL L 83 -0.27 12.27 -54.97
N CYS L 84 -0.37 11.00 -54.55
CA CYS L 84 -0.78 9.89 -55.43
C CYS L 84 -2.11 10.18 -56.11
N VAL L 85 -3.08 10.78 -55.42
CA VAL L 85 -4.42 11.04 -55.98
C VAL L 85 -4.32 12.10 -57.06
N ILE L 86 -3.50 13.14 -56.88
CA ILE L 86 -3.30 14.22 -57.89
C ILE L 86 -2.52 13.72 -59.09
N MET L 87 -1.52 12.87 -58.89
CA MET L 87 -0.58 12.43 -59.96
C MET L 87 -0.91 11.06 -60.58
N CYS L 88 -2.10 10.52 -60.40
CA CYS L 88 -2.54 9.25 -61.05
C CYS L 88 -3.27 9.61 -62.32
N PRO L 89 -2.82 9.21 -63.51
CA PRO L 89 -3.45 9.68 -64.72
C PRO L 89 -4.93 9.30 -64.88
N PHE L 90 -5.31 8.08 -64.52
CA PHE L 90 -6.71 7.59 -64.56
C PHE L 90 -7.12 7.57 -63.10
N SER L 91 -8.04 8.43 -62.67
CA SER L 91 -8.28 8.63 -61.23
C SER L 91 -8.83 7.40 -60.57
N ALA L 92 -7.96 6.52 -60.14
CA ALA L 92 -8.37 5.28 -59.48
C ALA L 92 -7.91 5.32 -58.03
N LEU L 93 -7.51 6.49 -57.53
CA LEU L 93 -7.16 6.62 -56.10
C LEU L 93 -7.88 7.87 -55.61
N ALA L 94 -8.53 7.85 -54.44
CA ALA L 94 -9.21 8.98 -53.83
C ALA L 94 -8.86 9.04 -52.37
N LEU L 95 -8.84 10.26 -51.84
CA LEU L 95 -8.56 10.51 -50.43
C LEU L 95 -9.80 11.09 -49.80
N LYS L 96 -10.25 10.47 -48.71
CA LYS L 96 -11.41 10.96 -47.96
C LYS L 96 -10.97 11.16 -46.54
N VAL L 97 -11.01 12.41 -46.07
CA VAL L 97 -10.44 12.73 -44.77
C VAL L 97 -11.38 12.30 -43.66
N ASP L 98 -12.56 12.92 -43.58
CA ASP L 98 -13.56 12.47 -42.61
C ASP L 98 -14.57 11.55 -43.26
N GLY L 99 -15.34 12.06 -44.21
CA GLY L 99 -16.21 11.22 -45.00
C GLY L 99 -16.34 11.76 -46.41
N GLU L 100 -15.57 12.78 -46.74
CA GLU L 100 -15.72 13.51 -47.99
C GLU L 100 -14.39 13.54 -48.73
N GLU L 101 -14.47 13.47 -50.05
CA GLU L 101 -13.28 13.57 -50.89
C GLU L 101 -12.69 14.95 -50.73
N ARG L 102 -11.56 15.03 -50.04
CA ARG L 102 -11.01 16.30 -49.61
C ARG L 102 -9.49 16.27 -49.76
N LEU L 103 -8.96 17.22 -50.53
CA LEU L 103 -7.53 17.28 -50.82
C LEU L 103 -6.96 18.55 -50.23
N PRO L 104 -6.41 18.50 -49.01
CA PRO L 104 -5.88 19.72 -48.39
C PRO L 104 -4.76 20.37 -49.16
N ILE L 105 -3.93 19.58 -49.83
CA ILE L 105 -2.78 20.15 -50.52
C ILE L 105 -3.24 21.00 -51.71
N LEU L 106 -4.30 20.58 -52.40
CA LEU L 106 -4.90 21.47 -53.40
C LEU L 106 -5.63 22.63 -52.75
N GLU L 107 -6.33 22.39 -51.64
CA GLU L 107 -7.03 23.49 -50.99
C GLU L 107 -6.08 24.61 -50.63
N LYS L 108 -4.85 24.29 -50.29
CA LYS L 108 -3.82 25.29 -50.02
C LYS L 108 -2.95 25.59 -51.24
N GLU L 109 -3.17 24.92 -52.37
CA GLU L 109 -2.46 25.18 -53.62
C GLU L 109 -0.98 24.82 -53.52
N GLY L 110 -0.68 23.75 -52.79
CA GLY L 110 0.70 23.33 -52.62
C GLY L 110 1.20 22.33 -53.63
N PHE L 111 0.43 22.07 -54.69
CA PHE L 111 0.85 21.07 -55.65
C PHE L 111 0.16 21.33 -56.98
N PRO L 112 0.87 21.28 -58.10
CA PRO L 112 0.23 21.40 -59.40
C PRO L 112 -0.53 20.14 -59.77
N THR L 113 -1.44 20.29 -60.72
CA THR L 113 -2.27 19.21 -61.20
C THR L 113 -2.03 18.98 -62.68
N TYR L 114 -2.50 17.87 -63.22
CA TYR L 114 -2.23 17.54 -64.64
C TYR L 114 -3.14 18.36 -65.53
N ASP L 115 -2.62 18.92 -66.62
CA ASP L 115 -3.47 19.64 -67.59
C ASP L 115 -3.89 18.71 -68.72
N LYS L 116 -4.89 17.86 -68.51
CA LYS L 116 -5.41 16.99 -69.59
C LYS L 116 -6.01 17.90 -70.64
N GLY L 117 -6.52 19.06 -70.27
CA GLY L 117 -7.02 20.08 -71.21
C GLY L 117 -8.14 19.68 -72.14
N THR L 118 -9.09 18.86 -71.68
CA THR L 118 -10.13 18.33 -72.59
C THR L 118 -11.13 19.41 -73.01
N ALA L 119 -11.84 19.23 -74.13
CA ALA L 119 -12.88 20.18 -74.57
C ALA L 119 -13.50 19.65 -75.83
N ILE L 120 -14.77 19.93 -76.12
CA ILE L 120 -15.42 19.50 -77.37
C ILE L 120 -16.24 20.67 -77.89
N ASP L 121 -15.75 21.40 -78.89
CA ASP L 121 -16.44 22.58 -79.40
C ASP L 121 -17.80 22.18 -79.91
N GLN L 122 -18.85 22.48 -79.13
CA GLN L 122 -20.18 22.01 -79.44
C GLN L 122 -20.74 22.65 -80.70
N ASP L 123 -20.08 23.66 -81.23
CA ASP L 123 -20.45 24.24 -82.52
C ASP L 123 -19.79 23.51 -83.68
N LYS L 124 -19.07 22.42 -83.41
CA LYS L 124 -18.47 21.63 -84.47
C LYS L 124 -18.83 20.16 -84.32
N CYS L 125 -18.92 19.64 -83.09
CA CYS L 125 -19.35 18.22 -82.90
C CYS L 125 -20.72 18.00 -83.55
N VAL L 126 -21.00 16.79 -84.05
CA VAL L 126 -22.26 16.51 -84.79
C VAL L 126 -23.03 15.35 -84.17
N ARG L 127 -22.77 15.00 -82.91
CA ARG L 127 -23.44 13.87 -82.21
C ARG L 127 -23.15 12.55 -82.92
N CYS L 128 -21.93 12.34 -83.36
CA CYS L 128 -21.51 11.19 -84.20
C CYS L 128 -21.52 9.78 -83.62
N ASN L 129 -21.06 9.50 -82.40
CA ASN L 129 -20.94 8.12 -81.83
C ASN L 129 -19.53 7.54 -81.95
N ILE L 130 -18.66 8.07 -82.81
CA ILE L 130 -17.26 7.58 -82.95
C ILE L 130 -16.46 7.81 -81.67
N CYS L 131 -16.59 8.98 -81.04
CA CYS L 131 -15.74 9.31 -79.89
C CYS L 131 -16.06 8.43 -78.70
N ASP L 132 -17.32 8.12 -78.47
CA ASP L 132 -17.72 7.18 -77.39
C ASP L 132 -17.29 5.77 -77.74
N ASP L 133 -17.38 5.42 -79.01
CA ASP L 133 -17.00 4.05 -79.47
C ASP L 133 -15.51 3.78 -79.34
N VAL L 134 -14.64 4.71 -79.74
CA VAL L 134 -13.18 4.45 -79.75
C VAL L 134 -12.56 4.70 -78.39
N CYS L 135 -13.29 5.26 -77.44
CA CYS L 135 -12.66 5.63 -76.14
C CYS L 135 -12.24 4.41 -75.35
N PRO L 136 -10.94 4.18 -75.12
CA PRO L 136 -10.49 3.03 -74.40
C PRO L 136 -11.07 2.98 -72.99
N ARG L 137 -11.19 4.12 -72.31
CA ARG L 137 -11.79 4.20 -70.94
C ARG L 137 -13.22 4.71 -71.09
N ASP L 138 -14.07 4.64 -70.06
CA ASP L 138 -15.45 5.10 -70.22
C ASP L 138 -15.50 6.57 -69.80
N ALA L 139 -14.99 7.43 -70.66
CA ALA L 139 -14.89 8.85 -70.31
C ALA L 139 -15.59 9.79 -71.26
N ILE L 140 -16.39 9.30 -72.18
CA ILE L 140 -17.15 10.28 -73.01
C ILE L 140 -18.62 10.28 -72.58
N ASP L 141 -19.09 11.35 -71.93
CA ASP L 141 -20.48 11.48 -71.51
C ASP L 141 -21.19 12.25 -72.61
N ARG L 142 -21.79 11.53 -73.55
CA ARG L 142 -22.59 12.13 -74.59
C ARG L 142 -24.05 12.10 -74.16
N ASP L 143 -24.65 13.28 -74.07
CA ASP L 143 -26.05 13.42 -73.66
C ASP L 143 -26.83 13.76 -74.93
N VAL L 144 -27.39 12.72 -75.56
CA VAL L 144 -28.14 12.89 -76.79
C VAL L 144 -29.46 12.12 -76.70
N PRO L 145 -30.58 12.68 -77.14
CA PRO L 145 -31.80 11.89 -77.25
C PRO L 145 -31.63 10.75 -78.24
N LEU L 146 -32.15 9.59 -77.87
CA LEU L 146 -31.92 8.36 -78.63
C LEU L 146 -33.03 8.18 -79.65
N PHE L 147 -32.68 8.28 -80.92
CA PHE L 147 -33.68 8.21 -81.99
C PHE L 147 -34.06 6.76 -82.23
N GLU L 148 -34.71 6.49 -83.35
CA GLU L 148 -35.22 5.15 -83.64
C GLU L 148 -34.12 4.10 -83.67
N GLY L 149 -32.88 4.49 -83.91
CA GLY L 149 -31.78 3.56 -83.80
C GLY L 149 -31.62 3.04 -82.40
N GLU L 150 -31.92 1.76 -82.22
CA GLU L 150 -31.75 0.97 -80.99
C GLU L 150 -32.82 1.27 -79.95
N ASP L 151 -33.72 2.21 -80.16
CA ASP L 151 -34.71 2.56 -79.15
C ASP L 151 -35.89 3.25 -79.79
N LYS L 152 -36.89 3.57 -78.95
CA LYS L 152 -37.98 4.44 -79.34
C LYS L 152 -37.47 5.85 -79.56
N GLU L 153 -38.11 6.57 -80.48
CA GLU L 153 -37.60 7.84 -80.98
C GLU L 153 -37.32 8.85 -79.87
N GLY L 154 -36.14 9.46 -79.92
CA GLY L 154 -35.84 10.54 -79.00
C GLY L 154 -36.72 11.75 -79.24
N LEU L 155 -36.80 12.20 -80.48
CA LEU L 155 -37.92 13.02 -80.93
C LEU L 155 -38.72 12.31 -82.01
N ALA L 156 -38.09 11.99 -83.14
CA ALA L 156 -38.64 11.20 -84.23
C ALA L 156 -37.58 11.08 -85.30
N LYS L 157 -37.66 10.09 -86.18
CA LYS L 157 -36.58 10.04 -87.20
C LYS L 157 -36.65 11.35 -87.95
N GLY L 158 -37.85 11.85 -88.19
CA GLY L 158 -37.89 13.07 -88.97
C GLY L 158 -37.60 14.33 -88.20
N GLN L 159 -37.56 14.25 -86.87
CA GLN L 159 -37.16 15.39 -86.07
C GLN L 159 -35.71 15.35 -85.64
N ALA L 160 -34.99 14.26 -85.97
CA ALA L 160 -33.53 14.33 -85.88
C ALA L 160 -32.95 15.35 -86.83
N VAL L 161 -33.69 15.73 -87.87
CA VAL L 161 -33.31 16.82 -88.76
C VAL L 161 -34.39 17.88 -88.71
N GLU L 162 -33.97 19.12 -88.50
CA GLU L 162 -34.89 20.24 -88.36
C GLU L 162 -35.45 20.53 -89.74
N LEU L 163 -36.60 19.93 -90.04
CA LEU L 163 -37.23 20.02 -91.34
C LEU L 163 -38.60 20.68 -91.22
N LYS L 164 -38.92 21.54 -92.18
CA LYS L 164 -40.17 22.30 -92.17
C LYS L 164 -41.16 21.59 -93.08
N ILE L 165 -42.08 20.84 -92.48
CA ILE L 165 -43.06 20.04 -93.19
C ILE L 165 -44.47 20.49 -92.85
N ARG L 231 -39.69 21.70 -99.60
CA ARG L 231 -39.08 21.53 -98.30
C ARG L 231 -37.56 21.59 -98.40
N THR L 232 -36.93 21.97 -97.29
CA THR L 232 -35.48 21.88 -97.18
C THR L 232 -35.10 21.90 -95.71
N VAL L 233 -33.94 21.30 -95.42
CA VAL L 233 -33.40 21.35 -94.07
C VAL L 233 -33.11 22.81 -93.70
N VAL L 234 -33.35 23.14 -92.44
CA VAL L 234 -32.94 24.46 -91.97
C VAL L 234 -31.58 24.35 -91.28
N GLY L 235 -30.53 24.37 -92.08
CA GLY L 235 -29.18 24.61 -91.61
C GLY L 235 -28.49 23.46 -90.92
N GLN L 236 -28.80 23.26 -89.63
CA GLN L 236 -27.98 22.43 -88.76
C GLN L 236 -28.85 21.90 -87.63
N LYS L 237 -28.47 20.75 -87.10
CA LYS L 237 -29.37 20.01 -86.24
C LYS L 237 -28.84 19.88 -84.82
N LYS L 238 -27.70 19.22 -84.63
CA LYS L 238 -26.92 19.22 -83.40
C LYS L 238 -27.81 19.14 -82.15
N LEU L 239 -28.56 18.05 -82.05
CA LEU L 239 -29.50 17.87 -80.95
C LEU L 239 -28.81 17.22 -79.77
N GLY L 240 -28.71 17.96 -78.66
CA GLY L 240 -28.12 17.39 -77.46
C GLY L 240 -26.81 18.06 -77.07
N ASN L 241 -25.94 17.33 -76.39
CA ASN L 241 -24.69 17.91 -75.92
C ASN L 241 -23.75 16.77 -75.54
N VAL L 242 -22.46 16.88 -75.94
CA VAL L 242 -21.42 15.84 -75.68
C VAL L 242 -20.25 16.47 -74.95
N ASN L 243 -19.71 15.84 -73.91
CA ASN L 243 -18.61 16.34 -73.10
C ASN L 243 -17.64 15.20 -72.84
N ILE L 244 -16.53 15.49 -72.15
CA ILE L 244 -15.49 14.46 -71.80
C ILE L 244 -15.21 14.54 -70.31
N ILE L 245 -15.52 13.50 -69.54
CA ILE L 245 -15.35 13.49 -68.09
C ILE L 245 -13.87 13.70 -67.82
N ASP L 246 -13.49 14.92 -67.46
CA ASP L 246 -12.09 15.29 -67.43
C ASP L 246 -11.28 14.55 -66.39
N GLU L 247 -11.94 13.94 -65.40
CA GLU L 247 -11.18 13.17 -64.44
C GLU L 247 -11.02 11.72 -64.85
N ASP L 248 -11.52 11.33 -66.01
CA ASP L 248 -11.36 9.97 -66.51
C ASP L 248 -10.51 9.87 -67.76
N CYS L 249 -10.55 10.86 -68.66
CA CYS L 249 -9.71 10.86 -69.88
C CYS L 249 -8.27 10.66 -69.51
N CYS L 250 -7.53 9.83 -70.25
CA CYS L 250 -6.11 9.52 -69.98
C CYS L 250 -5.24 10.17 -71.05
N THR L 251 -5.80 11.01 -71.90
CA THR L 251 -5.08 11.68 -73.01
C THR L 251 -4.54 10.70 -74.03
N CYS L 252 -5.20 9.59 -74.33
CA CYS L 252 -4.80 8.63 -75.40
C CYS L 252 -4.94 9.26 -76.77
N ARG L 253 -5.98 10.02 -76.99
CA ARG L 253 -6.19 10.76 -78.25
C ARG L 253 -6.82 9.89 -79.32
N TRP L 254 -7.39 8.77 -78.96
CA TRP L 254 -8.14 7.96 -79.94
C TRP L 254 -9.32 8.76 -80.43
N CYS L 255 -9.90 9.60 -79.59
CA CYS L 255 -11.11 10.34 -79.96
C CYS L 255 -10.79 11.60 -80.74
N ALA L 256 -9.64 12.23 -80.49
CA ALA L 256 -9.22 13.40 -81.27
C ALA L 256 -8.72 12.99 -82.63
N ILE L 257 -7.91 11.95 -82.70
CA ILE L 257 -7.30 11.47 -83.98
C ILE L 257 -8.42 10.97 -84.89
N ASN L 258 -9.46 10.35 -84.34
CA ASN L 258 -10.56 9.77 -85.14
C ASN L 258 -11.83 10.62 -85.12
N CYS L 259 -11.82 11.84 -84.59
CA CYS L 259 -13.12 12.57 -84.61
C CYS L 259 -13.38 13.00 -86.03
N PRO L 260 -14.58 12.87 -86.56
CA PRO L 260 -14.84 13.37 -87.88
C PRO L 260 -14.64 14.87 -88.08
N THR L 261 -15.02 15.74 -87.13
CA THR L 261 -14.98 17.20 -87.39
C THR L 261 -13.88 17.95 -86.61
N GLU L 262 -12.90 17.25 -86.05
CA GLU L 262 -11.74 17.86 -85.40
C GLU L 262 -12.17 18.79 -84.28
N ALA L 263 -13.21 18.38 -83.54
CA ALA L 263 -13.81 19.22 -82.52
C ALA L 263 -13.37 18.88 -81.12
N ILE L 264 -12.41 17.96 -80.99
CA ILE L 264 -11.93 17.52 -79.65
C ILE L 264 -10.50 18.01 -79.41
N THR L 265 -10.19 18.63 -78.27
CA THR L 265 -8.89 19.22 -77.97
C THR L 265 -8.37 18.58 -76.69
N VAL L 266 -7.53 17.56 -76.85
CA VAL L 266 -6.90 16.88 -75.69
C VAL L 266 -5.40 16.93 -75.97
N ASN L 267 -4.56 17.09 -74.95
CA ASN L 267 -3.11 17.12 -75.07
C ASN L 267 -2.51 16.12 -74.11
N LYS L 268 -1.57 15.31 -74.59
CA LYS L 268 -1.04 14.25 -73.76
C LYS L 268 -0.32 14.82 -72.55
N ILE L 269 -0.52 14.19 -71.41
CA ILE L 269 0.12 14.67 -70.19
C ILE L 269 1.62 14.42 -70.24
N PHE L 270 2.05 13.31 -70.81
CA PHE L 270 3.47 12.95 -70.84
C PHE L 270 4.00 13.03 -72.26
N GLU L 271 5.30 13.28 -72.37
CA GLU L 271 5.97 13.29 -73.67
C GLU L 271 7.27 12.52 -73.55
N GLY L 272 7.64 11.84 -74.62
CA GLY L 272 8.82 11.00 -74.59
C GLY L 272 8.79 10.04 -75.76
N GLU L 273 9.33 8.85 -75.52
CA GLU L 273 9.35 7.82 -76.55
C GLU L 273 9.39 6.45 -75.91
N ILE L 274 8.69 5.50 -76.53
CA ILE L 274 8.67 4.11 -76.13
C ILE L 274 9.02 3.27 -77.34
N THR L 275 9.92 2.30 -77.14
CA THR L 275 10.36 1.44 -78.22
C THR L 275 10.15 -0.02 -77.86
N PHE L 276 9.80 -0.80 -78.87
CA PHE L 276 9.54 -2.23 -78.74
C PHE L 276 10.55 -3.00 -79.57
N HIS L 277 11.39 -3.78 -78.90
CA HIS L 277 12.30 -4.70 -79.59
C HIS L 277 11.53 -6.00 -79.82
N ALA L 278 10.84 -6.06 -80.96
CA ALA L 278 9.97 -7.20 -81.23
C ALA L 278 10.72 -8.52 -81.18
N GLU L 279 11.99 -8.53 -81.57
CA GLU L 279 12.75 -9.76 -81.63
C GLU L 279 13.06 -10.31 -80.30
N LYS L 280 12.56 -9.76 -79.20
CA LYS L 280 12.81 -10.33 -77.89
C LYS L 280 11.53 -10.71 -77.15
N CYS L 281 10.40 -10.64 -77.81
CA CYS L 281 9.17 -11.10 -77.19
C CYS L 281 9.07 -12.61 -77.34
N PRO L 282 8.90 -13.33 -76.27
CA PRO L 282 8.68 -14.78 -76.37
C PRO L 282 7.24 -15.14 -76.72
N GLY L 283 6.73 -14.57 -77.80
CA GLY L 283 5.52 -15.07 -78.39
C GLY L 283 4.24 -14.91 -77.61
N GLY L 284 3.73 -16.02 -77.08
CA GLY L 284 2.40 -16.08 -76.48
C GLY L 284 2.32 -15.48 -75.11
N CYS L 285 2.54 -14.17 -75.02
CA CYS L 285 2.56 -13.42 -73.78
C CYS L 285 1.84 -12.10 -73.94
N SER L 286 0.61 -12.11 -74.45
CA SER L 286 0.02 -10.81 -74.73
C SER L 286 -0.45 -10.12 -73.47
N THR L 287 0.40 -10.10 -72.45
CA THR L 287 0.11 -9.37 -71.22
C THR L 287 0.17 -7.87 -71.46
N CYS L 288 1.19 -7.42 -72.19
CA CYS L 288 1.27 -6.01 -72.54
C CYS L 288 0.03 -5.55 -73.29
N VAL L 289 -0.41 -6.33 -74.27
CA VAL L 289 -1.63 -6.00 -75.00
C VAL L 289 -2.81 -5.96 -74.06
N ASP L 290 -2.88 -6.91 -73.13
CA ASP L 290 -4.04 -6.99 -72.25
C ASP L 290 -4.11 -5.84 -71.26
N VAL L 291 -2.96 -5.31 -70.83
CA VAL L 291 -2.94 -4.32 -69.76
C VAL L 291 -2.76 -2.90 -70.26
N CYS L 292 -2.48 -2.68 -71.54
CA CYS L 292 -2.34 -1.30 -72.00
C CYS L 292 -3.66 -0.56 -71.84
N PRO L 293 -3.69 0.54 -71.08
CA PRO L 293 -4.95 1.27 -70.93
C PRO L 293 -5.44 1.90 -72.21
N ALA L 294 -4.55 2.49 -73.00
CA ALA L 294 -4.94 3.23 -74.18
C ALA L 294 -4.95 2.39 -75.44
N ASN L 295 -4.92 1.06 -75.30
CA ASN L 295 -4.83 0.09 -76.39
C ASN L 295 -3.94 0.57 -77.53
N ALA L 296 -2.76 1.05 -77.17
CA ALA L 296 -1.77 1.38 -78.19
C ALA L 296 -1.13 0.14 -78.76
N ILE L 297 -0.98 -0.91 -77.97
CA ILE L 297 -0.26 -2.10 -78.39
C ILE L 297 -1.15 -3.00 -79.23
N TYR L 298 -0.55 -3.69 -80.19
CA TYR L 298 -1.25 -4.67 -81.00
C TYR L 298 -0.34 -5.84 -81.27
N LEU L 299 -0.94 -6.98 -81.60
CA LEU L 299 -0.20 -8.08 -82.18
C LEU L 299 -0.28 -7.94 -83.69
N PRO L 300 0.81 -7.64 -84.38
CA PRO L 300 0.72 -7.38 -85.82
C PRO L 300 0.15 -8.59 -86.54
N THR L 301 -0.92 -8.38 -87.29
CA THR L 301 -1.67 -9.49 -87.85
C THR L 301 -0.79 -10.28 -88.83
N PRO L 302 -0.75 -11.60 -88.72
CA PRO L 302 0.02 -12.38 -89.69
C PRO L 302 -0.53 -12.22 -91.09
N LYS L 303 0.37 -12.03 -92.04
CA LYS L 303 -0.01 -11.88 -93.43
C LYS L 303 -0.53 -13.21 -93.95
N PRO L 304 -1.34 -13.18 -95.01
CA PRO L 304 -1.72 -14.43 -95.66
C PRO L 304 -0.56 -15.00 -96.43
N ALA L 305 -0.75 -16.22 -96.94
CA ALA L 305 0.20 -16.73 -97.91
C ALA L 305 0.10 -15.89 -99.19
N LYS L 306 1.06 -16.11 -100.10
CA LYS L 306 1.19 -15.37 -101.35
C LYS L 306 1.26 -13.86 -101.11
N ASP L 307 1.46 -13.46 -99.86
CA ASP L 307 1.70 -12.07 -99.50
C ASP L 307 2.81 -11.90 -98.47
N MET L 308 3.38 -12.97 -97.94
CA MET L 308 4.39 -12.82 -96.90
C MET L 308 5.68 -12.18 -97.42
N LYS L 309 6.04 -12.49 -98.66
CA LYS L 309 7.20 -11.87 -99.32
C LYS L 309 8.47 -12.00 -98.49
N GLY L 310 8.69 -13.19 -97.93
CA GLY L 310 9.92 -13.49 -97.25
C GLY L 310 10.12 -12.80 -95.93
N GLN L 311 9.28 -11.83 -95.58
CA GLN L 311 9.28 -11.21 -94.26
C GLN L 311 8.23 -11.92 -93.44
N ILE L 312 8.64 -12.51 -92.32
CA ILE L 312 7.74 -13.45 -91.66
C ILE L 312 6.64 -12.71 -90.91
N GLU L 313 6.99 -12.01 -89.83
CA GLU L 313 6.04 -11.18 -89.09
C GLU L 313 6.78 -10.63 -87.88
N ALA L 314 6.24 -9.55 -87.31
CA ALA L 314 6.67 -9.08 -86.01
C ALA L 314 5.82 -9.73 -84.93
N LYS L 315 6.35 -9.78 -83.71
CA LYS L 315 5.59 -10.39 -82.62
C LYS L 315 4.83 -9.39 -81.79
N ILE L 316 5.23 -8.11 -81.79
CA ILE L 316 4.60 -7.09 -80.98
C ILE L 316 5.03 -5.73 -81.50
N ALA L 317 4.15 -4.74 -81.37
CA ALA L 317 4.48 -3.39 -81.75
C ALA L 317 3.54 -2.43 -81.02
N VAL L 318 3.78 -1.14 -81.19
CA VAL L 318 3.07 -0.09 -80.46
C VAL L 318 2.66 1.00 -81.43
N ASN L 319 1.68 1.79 -81.03
CA ASN L 319 1.26 2.96 -81.77
C ASN L 319 1.61 4.18 -80.92
N LYS L 320 2.67 4.88 -81.31
CA LYS L 320 3.11 6.03 -80.54
C LYS L 320 2.08 7.14 -80.56
N ASP L 321 1.12 7.11 -81.48
CA ASP L 321 0.07 8.12 -81.48
C ASP L 321 -0.84 7.97 -80.28
N PHE L 322 -1.01 6.76 -79.77
CA PHE L 322 -1.95 6.50 -78.70
C PHE L 322 -1.28 6.16 -77.37
N CYS L 323 -0.03 5.70 -77.38
CA CYS L 323 0.65 5.47 -76.11
C CYS L 323 0.68 6.75 -75.30
N ILE L 324 0.29 6.66 -74.03
CA ILE L 324 0.29 7.80 -73.13
C ILE L 324 1.46 7.77 -72.17
N LEU L 325 2.44 6.91 -72.42
CA LEU L 325 3.65 6.82 -71.60
C LEU L 325 3.31 6.50 -70.15
N CYS L 326 2.29 5.67 -69.95
CA CYS L 326 1.88 5.33 -68.59
C CYS L 326 2.93 4.47 -67.90
N GLY L 327 3.18 3.28 -68.43
CA GLY L 327 4.15 2.37 -67.85
C GLY L 327 3.59 1.02 -67.47
N ALA L 328 2.30 0.77 -67.70
CA ALA L 328 1.74 -0.53 -67.37
C ALA L 328 2.37 -1.63 -68.21
N CYS L 329 2.69 -1.34 -69.47
CA CYS L 329 3.35 -2.33 -70.31
C CYS L 329 4.67 -2.78 -69.71
N VAL L 330 5.49 -1.82 -69.26
CA VAL L 330 6.76 -2.17 -68.67
C VAL L 330 6.57 -2.92 -67.37
N ASN L 331 5.61 -2.50 -66.56
CA ASN L 331 5.40 -3.17 -65.29
C ASN L 331 4.86 -4.58 -65.46
N ALA L 332 4.22 -4.88 -66.58
CA ALA L 332 3.58 -6.16 -66.80
C ALA L 332 4.43 -7.14 -67.59
N CYS L 333 5.26 -6.68 -68.52
CA CYS L 333 6.03 -7.59 -69.35
C CYS L 333 6.92 -8.47 -68.47
N PRO L 334 6.87 -9.83 -68.69
CA PRO L 334 7.77 -10.76 -68.01
C PRO L 334 9.09 -10.94 -68.76
N GLY L 335 9.29 -10.24 -69.87
CA GLY L 335 10.50 -10.37 -70.65
C GLY L 335 11.69 -9.70 -70.01
N GLU L 336 12.78 -9.50 -70.76
CA GLU L 336 13.96 -8.88 -70.18
C GLU L 336 14.08 -7.40 -70.51
N ASP L 337 14.17 -7.05 -71.79
CA ASP L 337 14.19 -5.63 -72.14
C ASP L 337 13.47 -5.38 -73.44
N ILE L 338 12.30 -5.98 -73.62
CA ILE L 338 11.54 -5.73 -74.84
C ILE L 338 11.15 -4.27 -74.93
N ILE L 339 10.82 -3.66 -73.81
CA ILE L 339 10.21 -2.33 -73.79
C ILE L 339 11.18 -1.33 -73.20
N TYR L 340 11.23 -0.14 -73.80
CA TYR L 340 12.02 0.97 -73.28
C TYR L 340 11.12 2.18 -73.11
N LEU L 341 10.99 2.65 -71.88
CA LEU L 341 10.10 3.76 -71.56
C LEU L 341 10.91 4.92 -71.00
N ARG L 342 10.65 6.11 -71.51
CA ARG L 342 11.30 7.31 -71.02
C ARG L 342 10.38 8.50 -71.28
N ARG L 343 9.96 9.17 -70.21
CA ARG L 343 9.13 10.36 -70.30
C ARG L 343 10.02 11.59 -70.20
N ASP L 344 9.70 12.62 -70.97
CA ASP L 344 10.52 13.82 -71.02
C ASP L 344 9.88 15.05 -70.45
N SER L 345 8.55 15.17 -70.47
CA SER L 345 7.92 16.38 -69.98
C SER L 345 6.48 16.10 -69.59
N VAL L 346 6.14 16.40 -68.35
CA VAL L 346 4.76 16.35 -67.87
C VAL L 346 4.16 17.74 -68.03
N LYS L 347 2.89 17.79 -68.41
CA LYS L 347 2.22 19.05 -68.68
C LYS L 347 1.23 19.36 -67.56
N ILE L 348 1.45 20.48 -66.87
CA ILE L 348 0.74 20.80 -65.64
C ILE L 348 0.15 22.19 -65.70
N LYS L 349 -0.80 22.43 -64.80
CA LYS L 349 -1.27 23.76 -64.43
C LYS L 349 -1.14 23.89 -62.92
N GLY L 350 -0.91 25.09 -62.46
CA GLY L 350 -0.33 25.26 -61.14
C GLY L 350 1.17 25.42 -61.26
N LYS L 351 1.76 26.19 -60.35
CA LYS L 351 3.05 26.74 -60.70
C LYS L 351 4.18 25.71 -60.63
N GLU L 352 4.60 25.32 -59.44
CA GLU L 352 5.67 24.35 -59.26
C GLU L 352 5.98 24.19 -57.77
N THR L 353 6.88 23.28 -57.43
CA THR L 353 7.35 23.12 -56.07
C THR L 353 8.66 22.35 -56.11
N ASP L 354 9.47 22.51 -55.06
CA ASP L 354 10.66 21.66 -54.95
C ASP L 354 10.26 20.19 -54.93
N LEU L 355 9.17 19.87 -54.25
CA LEU L 355 8.66 18.51 -54.29
C LEU L 355 8.31 18.10 -55.71
N PHE L 356 7.73 19.02 -56.48
CA PHE L 356 7.37 18.66 -57.84
C PHE L 356 8.59 18.50 -58.72
N LYS L 357 9.67 19.23 -58.46
CA LYS L 357 10.90 19.00 -59.20
C LYS L 357 11.48 17.63 -58.86
N LYS L 358 11.43 17.24 -57.58
CA LYS L 358 11.85 15.90 -57.22
C LYS L 358 11.00 14.84 -57.91
N ILE L 359 9.70 15.07 -58.00
CA ILE L 359 8.81 14.10 -58.63
C ILE L 359 9.05 14.02 -60.12
N LYS L 360 9.33 15.15 -60.77
CA LYS L 360 9.74 15.14 -62.16
C LYS L 360 10.99 14.31 -62.36
N GLU L 361 11.99 14.51 -61.50
CA GLU L 361 13.22 13.75 -61.61
C GLU L 361 12.96 12.26 -61.42
N LYS L 362 12.00 11.91 -60.56
CA LYS L 362 11.71 10.49 -60.34
C LYS L 362 10.96 9.90 -61.52
N LEU L 363 10.02 10.64 -62.10
CA LEU L 363 9.24 10.11 -63.22
C LEU L 363 10.05 10.05 -64.50
N PHE L 364 11.11 10.83 -64.63
CA PHE L 364 11.77 10.96 -65.92
C PHE L 364 13.01 10.08 -66.07
N THR L 365 13.21 9.11 -65.21
CA THR L 365 14.32 8.18 -65.37
C THR L 365 13.92 7.04 -66.27
N PRO L 366 14.72 6.70 -67.29
CA PRO L 366 14.33 5.62 -68.21
C PRO L 366 14.32 4.28 -67.51
N ARG L 367 13.46 3.39 -68.00
CA ARG L 367 13.24 2.11 -67.34
C ARG L 367 12.94 1.06 -68.39
N THR L 368 13.11 -0.21 -68.00
CA THR L 368 12.80 -1.34 -68.85
C THR L 368 12.60 -2.56 -67.96
N SER L 369 12.10 -3.63 -68.55
CA SER L 369 11.75 -4.82 -67.79
C SER L 369 12.99 -5.45 -67.18
N LYS L 370 12.78 -6.50 -66.40
CA LYS L 370 13.89 -7.26 -65.85
C LYS L 370 13.39 -8.63 -65.43
N VAL L 371 14.20 -9.64 -65.70
CA VAL L 371 13.98 -10.98 -65.20
C VAL L 371 14.93 -11.20 -64.05
N LYS L 372 14.49 -11.99 -63.07
CA LYS L 372 15.33 -12.39 -61.94
C LYS L 372 15.75 -11.18 -61.11
N GLU L 373 14.75 -10.47 -60.58
CA GLU L 373 15.02 -9.42 -59.61
C GLU L 373 15.34 -10.06 -58.27
N GLN L 374 15.61 -9.23 -57.26
CA GLN L 374 16.12 -9.72 -56.00
C GLN L 374 15.02 -10.41 -55.20
N PRO L 375 15.35 -11.45 -54.41
CA PRO L 375 14.31 -12.16 -53.66
C PRO L 375 13.83 -11.42 -52.42
N SER L 376 14.68 -10.57 -51.83
CA SER L 376 14.31 -9.92 -50.58
C SER L 376 13.07 -9.07 -50.72
N LEU L 377 12.74 -8.62 -51.93
CA LEU L 377 11.53 -7.84 -52.17
C LEU L 377 10.45 -8.66 -52.87
N ALA L 378 10.47 -9.98 -52.70
CA ALA L 378 9.49 -10.83 -53.38
C ALA L 378 8.08 -10.42 -53.02
N GLY L 379 7.22 -10.34 -54.02
CA GLY L 379 5.87 -9.84 -53.85
C GLY L 379 5.63 -8.50 -54.50
N SER L 380 6.61 -7.94 -55.20
CA SER L 380 6.48 -6.65 -55.85
C SER L 380 7.32 -6.66 -57.12
N VAL L 381 7.39 -5.52 -57.79
CA VAL L 381 8.08 -5.38 -59.06
C VAL L 381 9.31 -4.50 -58.87
N GLU L 382 10.39 -4.85 -59.56
CA GLU L 382 11.57 -3.99 -59.65
C GLU L 382 12.02 -3.96 -61.11
N LEU L 383 12.20 -2.77 -61.65
CA LEU L 383 12.59 -2.59 -63.04
C LEU L 383 14.09 -2.37 -63.15
N LYS L 384 14.56 -2.22 -64.38
CA LYS L 384 15.97 -1.93 -64.65
C LYS L 384 16.17 -0.45 -64.84
N ALA L 385 17.19 0.09 -64.17
CA ALA L 385 17.61 1.46 -64.40
C ALA L 385 18.50 1.49 -65.65
N VAL L 386 18.06 2.19 -66.67
CA VAL L 386 18.84 2.38 -67.88
C VAL L 386 19.67 3.66 -67.72
N SER L 387 20.94 3.56 -68.07
CA SER L 387 21.86 4.69 -67.93
C SER L 387 21.39 5.90 -68.73
N PRO M 2 21.27 -43.65 -61.49
CA PRO M 2 21.82 -42.37 -61.94
C PRO M 2 22.38 -42.42 -63.35
N LYS M 3 21.80 -43.27 -64.20
CA LYS M 3 22.20 -43.38 -65.61
C LYS M 3 21.05 -42.84 -66.46
N VAL M 4 21.06 -41.53 -66.67
CA VAL M 4 19.93 -40.86 -67.30
C VAL M 4 19.81 -41.29 -68.75
N ILE M 5 18.62 -41.73 -69.14
CA ILE M 5 18.34 -42.22 -70.48
C ILE M 5 17.40 -41.25 -71.17
N GLU M 6 17.79 -40.76 -72.34
CA GLU M 6 16.98 -39.81 -73.08
C GLU M 6 16.04 -40.54 -74.02
N ASN M 7 15.19 -39.76 -74.69
CA ASN M 7 14.38 -40.20 -75.82
C ASN M 7 13.75 -41.58 -75.62
N VAL M 8 12.94 -41.69 -74.59
CA VAL M 8 12.15 -42.87 -74.36
C VAL M 8 10.75 -42.61 -74.88
N GLY M 9 9.95 -43.65 -75.01
CA GLY M 9 8.57 -43.53 -75.43
C GLY M 9 7.62 -43.85 -74.28
N CYS M 10 6.58 -43.02 -74.17
CA CYS M 10 5.50 -43.29 -73.19
C CYS M 10 4.46 -44.16 -73.90
N PRO M 11 4.25 -45.44 -73.50
CA PRO M 11 3.30 -46.32 -74.19
C PRO M 11 1.88 -46.31 -73.65
N TYR M 12 1.17 -45.19 -73.72
CA TYR M 12 -0.27 -45.21 -73.39
C TYR M 12 -1.19 -44.53 -74.38
N CYS M 13 -1.09 -43.25 -74.60
CA CYS M 13 -2.13 -42.60 -75.43
C CYS M 13 -1.65 -42.37 -76.85
N GLY M 14 -2.54 -41.95 -77.73
CA GLY M 14 -2.26 -41.75 -79.13
C GLY M 14 -1.13 -40.80 -79.40
N CYS M 15 -0.68 -40.08 -78.40
CA CYS M 15 0.33 -39.01 -78.60
C CYS M 15 1.70 -39.64 -78.80
N SER M 16 1.87 -40.84 -78.29
CA SER M 16 3.16 -41.55 -78.48
C SER M 16 4.29 -40.60 -78.13
N CYS M 17 4.21 -39.95 -76.98
CA CYS M 17 5.22 -38.93 -76.67
C CYS M 17 6.56 -39.62 -76.49
N ASP M 18 7.56 -39.07 -77.13
CA ASP M 18 8.91 -39.63 -77.09
C ASP M 18 9.92 -38.69 -76.44
N ASP M 19 9.47 -37.61 -75.83
CA ASP M 19 10.34 -36.70 -75.11
C ASP M 19 10.42 -37.05 -73.64
N VAL M 20 10.70 -38.30 -73.30
CA VAL M 20 10.67 -38.77 -71.93
C VAL M 20 12.09 -39.07 -71.49
N ARG M 21 12.42 -38.69 -70.27
CA ARG M 21 13.75 -38.91 -69.72
C ARG M 21 13.62 -39.79 -68.49
N ILE M 22 14.38 -40.87 -68.44
CA ILE M 22 14.33 -41.83 -67.34
C ILE M 22 15.68 -41.83 -66.65
N THR M 23 15.68 -41.89 -65.34
CA THR M 23 16.91 -41.99 -64.57
C THR M 23 16.96 -43.38 -63.95
N VAL M 24 17.47 -44.34 -64.72
CA VAL M 24 17.49 -45.73 -64.29
C VAL M 24 18.55 -45.90 -63.21
N SER M 25 18.33 -46.90 -62.35
CA SER M 25 19.23 -47.15 -61.23
C SER M 25 20.60 -47.58 -61.73
N ASP M 26 21.51 -47.82 -60.79
CA ASP M 26 22.87 -48.22 -61.15
C ASP M 26 22.88 -49.57 -61.84
N ASP M 27 22.05 -50.51 -61.38
CA ASP M 27 22.04 -51.86 -61.90
C ASP M 27 21.18 -52.00 -63.16
N GLY M 28 20.54 -50.93 -63.62
CA GLY M 28 19.77 -50.99 -64.84
C GLY M 28 18.45 -51.72 -64.74
N LYS M 29 17.88 -51.84 -63.54
CA LYS M 29 16.62 -52.55 -63.39
C LYS M 29 15.65 -51.88 -62.43
N ASP M 30 15.94 -50.67 -61.97
CA ASP M 30 15.02 -49.89 -61.14
C ASP M 30 14.92 -48.50 -61.75
N ILE M 31 13.71 -48.00 -61.94
CA ILE M 31 13.49 -46.65 -62.44
C ILE M 31 13.30 -45.71 -61.26
N LEU M 32 14.12 -44.67 -61.18
CA LEU M 32 14.12 -43.78 -60.03
C LEU M 32 13.24 -42.56 -60.21
N GLU M 33 13.52 -41.74 -61.21
CA GLU M 33 12.72 -40.56 -61.48
C GLU M 33 12.45 -40.46 -62.97
N VAL M 34 11.25 -40.05 -63.32
CA VAL M 34 10.82 -39.96 -64.70
C VAL M 34 10.39 -38.53 -64.96
N GLU M 35 10.99 -37.92 -65.98
CA GLU M 35 10.76 -36.51 -66.24
C GLU M 35 10.05 -36.34 -67.57
N ASN M 36 9.25 -35.29 -67.67
CA ASN M 36 8.67 -34.75 -68.89
C ASN M 36 7.43 -35.50 -69.37
N VAL M 37 6.95 -36.49 -68.59
CA VAL M 37 5.81 -37.37 -68.99
C VAL M 37 4.60 -37.01 -68.14
N CYS M 38 3.40 -37.42 -68.53
CA CYS M 38 2.22 -36.99 -67.75
C CYS M 38 2.05 -38.03 -66.66
N ALA M 39 1.01 -37.99 -65.86
CA ALA M 39 0.88 -38.91 -64.74
C ALA M 39 0.55 -40.32 -65.19
N ILE M 40 -0.37 -40.42 -66.16
CA ILE M 40 -0.81 -41.72 -66.69
C ILE M 40 0.43 -42.44 -67.15
N GLY M 41 1.38 -41.72 -67.71
CA GLY M 41 2.61 -42.34 -68.21
C GLY M 41 3.49 -42.70 -67.06
N THR M 42 3.73 -41.76 -66.17
CA THR M 42 4.54 -41.98 -64.98
C THR M 42 4.18 -43.30 -64.34
N GLU M 43 2.88 -43.58 -64.28
CA GLU M 43 2.41 -44.80 -63.65
C GLU M 43 2.72 -46.01 -64.50
N ILE M 44 2.66 -45.90 -65.82
CA ILE M 44 3.06 -47.00 -66.68
C ILE M 44 4.49 -47.41 -66.39
N PHE M 45 5.39 -46.43 -66.32
CA PHE M 45 6.79 -46.76 -66.07
C PHE M 45 6.99 -47.30 -64.66
N LYS M 46 6.29 -46.71 -63.69
CA LYS M 46 6.40 -47.18 -62.31
C LYS M 46 5.91 -48.62 -62.17
N HIS M 47 4.91 -49.00 -62.97
CA HIS M 47 4.45 -50.38 -62.96
C HIS M 47 5.41 -51.30 -63.69
N GLY M 48 5.96 -50.84 -64.81
CA GLY M 48 6.91 -51.66 -65.55
C GLY M 48 8.14 -51.99 -64.74
N CYS M 49 8.59 -51.06 -63.90
CA CYS M 49 9.77 -51.28 -63.08
C CYS M 49 9.46 -51.97 -61.76
N SER M 50 8.36 -52.71 -61.68
CA SER M 50 7.97 -53.35 -60.44
C SER M 50 8.85 -54.58 -60.17
N LYS M 51 8.91 -54.96 -58.89
CA LYS M 51 9.71 -56.10 -58.46
C LYS M 51 8.93 -57.40 -58.42
N ASP M 52 7.63 -57.33 -58.18
CA ASP M 52 6.77 -58.50 -58.04
C ASP M 52 5.84 -58.54 -59.25
N ARG M 53 6.28 -59.21 -60.32
CA ARG M 53 5.50 -59.23 -61.56
C ARG M 53 5.48 -60.65 -62.13
N ILE M 54 4.49 -60.90 -62.99
CA ILE M 54 4.28 -62.24 -63.52
C ILE M 54 5.46 -62.66 -64.38
N ARG M 55 5.80 -63.95 -64.30
CA ARG M 55 7.03 -64.44 -64.91
C ARG M 55 6.80 -65.71 -65.73
N LEU M 56 5.78 -66.48 -65.38
CA LEU M 56 5.43 -67.74 -66.02
C LEU M 56 3.96 -67.75 -66.36
N PRO M 57 3.53 -68.56 -67.32
CA PRO M 57 2.09 -68.72 -67.59
C PRO M 57 1.37 -69.28 -66.39
N ARG M 58 0.05 -69.41 -66.48
CA ARG M 58 -0.71 -69.93 -65.35
C ARG M 58 -2.03 -70.49 -65.85
N MET M 59 -2.33 -71.73 -65.49
CA MET M 59 -3.41 -72.51 -66.06
C MET M 59 -4.56 -72.63 -65.06
N ARG M 60 -5.78 -72.81 -65.58
CA ARG M 60 -6.92 -73.07 -64.71
C ARG M 60 -7.10 -74.55 -64.48
N GLN M 61 -6.85 -74.97 -63.25
CA GLN M 61 -7.09 -76.33 -62.82
C GLN M 61 -8.57 -76.56 -62.58
N PRO M 62 -9.00 -77.83 -62.48
CA PRO M 62 -10.42 -78.11 -62.22
C PRO M 62 -10.97 -77.40 -60.99
N ASP M 63 -10.16 -77.27 -59.93
CA ASP M 63 -10.63 -76.67 -58.68
C ASP M 63 -11.02 -75.21 -58.84
N GLY M 64 -10.64 -74.55 -59.93
CA GLY M 64 -10.92 -73.16 -60.14
C GLY M 64 -9.78 -72.23 -59.79
N SER M 65 -8.75 -72.73 -59.11
CA SER M 65 -7.56 -71.92 -58.84
C SER M 65 -6.75 -71.81 -60.13
N MET M 66 -5.55 -71.25 -60.04
CA MET M 66 -4.76 -71.00 -61.24
C MET M 66 -3.29 -71.22 -60.91
N LYS M 67 -2.70 -72.25 -61.51
CA LYS M 67 -1.32 -72.68 -61.25
C LYS M 67 -0.47 -72.50 -62.50
N ASP M 68 0.84 -72.34 -62.28
CA ASP M 68 1.79 -72.02 -63.33
C ASP M 68 2.11 -73.22 -64.20
N ILE M 69 2.49 -72.94 -65.45
CA ILE M 69 3.01 -73.94 -66.37
C ILE M 69 4.15 -73.33 -67.15
N SER M 70 4.91 -74.18 -67.85
CA SER M 70 6.03 -73.71 -68.65
C SER M 70 5.56 -73.09 -69.96
N TYR M 71 6.43 -72.24 -70.53
CA TYR M 71 6.09 -71.60 -71.81
C TYR M 71 5.84 -72.63 -72.90
N GLU M 72 6.63 -73.70 -72.96
CA GLU M 72 6.40 -74.68 -74.02
C GLU M 72 5.06 -75.35 -73.84
N GLU M 73 4.65 -75.61 -72.60
CA GLU M 73 3.34 -76.22 -72.37
C GLU M 73 2.22 -75.28 -72.78
N ALA M 74 2.36 -73.99 -72.46
CA ALA M 74 1.34 -73.02 -72.88
C ALA M 74 1.28 -72.90 -74.40
N ILE M 75 2.44 -72.90 -75.07
CA ILE M 75 2.46 -72.84 -76.53
C ILE M 75 1.80 -74.08 -77.12
N ASP M 76 2.08 -75.25 -76.56
CA ASP M 76 1.43 -76.48 -77.01
C ASP M 76 -0.08 -76.40 -76.85
N TRP M 77 -0.54 -75.97 -75.67
CA TRP M 77 -1.96 -75.82 -75.43
C TRP M 77 -2.61 -74.91 -76.47
N THR M 78 -2.04 -73.72 -76.67
CA THR M 78 -2.66 -72.77 -77.57
C THR M 78 -2.63 -73.28 -79.01
N ALA M 79 -1.53 -73.92 -79.42
CA ALA M 79 -1.45 -74.42 -80.78
C ALA M 79 -2.49 -75.50 -81.03
N ARG M 80 -2.58 -76.48 -80.12
CA ARG M 80 -3.56 -77.54 -80.30
C ARG M 80 -4.97 -76.99 -80.33
N HIS M 81 -5.29 -76.04 -79.45
CA HIS M 81 -6.64 -75.50 -79.44
C HIS M 81 -6.93 -74.68 -80.70
N LEU M 82 -5.96 -73.88 -81.15
CA LEU M 82 -6.16 -73.10 -82.37
C LEU M 82 -6.42 -74.00 -83.57
N LEU M 83 -5.75 -75.15 -83.62
CA LEU M 83 -5.99 -76.04 -84.74
C LEU M 83 -7.31 -76.81 -84.59
N LYS M 84 -7.65 -77.23 -83.37
CA LYS M 84 -8.88 -77.98 -83.19
C LYS M 84 -10.12 -77.11 -83.38
N ALA M 85 -10.03 -75.82 -83.10
CA ALA M 85 -11.19 -74.95 -83.20
C ALA M 85 -11.67 -74.86 -84.64
N LYS M 86 -12.80 -74.17 -84.83
CA LYS M 86 -13.40 -74.03 -86.14
C LYS M 86 -13.45 -72.60 -86.64
N LYS M 87 -13.41 -71.61 -85.74
CA LYS M 87 -13.34 -70.20 -86.13
C LYS M 87 -12.86 -69.40 -84.94
N PRO M 88 -11.60 -69.55 -84.55
CA PRO M 88 -11.09 -68.80 -83.41
C PRO M 88 -11.05 -67.31 -83.70
N LEU M 89 -11.07 -66.51 -82.64
CA LEU M 89 -11.03 -65.07 -82.77
C LEU M 89 -9.89 -64.54 -81.92
N MET M 90 -8.98 -63.79 -82.55
CA MET M 90 -7.87 -63.15 -81.86
C MET M 90 -8.13 -61.65 -81.85
N TYR M 91 -8.16 -61.06 -80.65
CA TYR M 91 -8.58 -59.69 -80.48
C TYR M 91 -7.55 -58.92 -79.66
N GLY M 92 -7.35 -57.66 -80.02
CA GLY M 92 -6.50 -56.79 -79.22
C GLY M 92 -5.57 -55.92 -80.01
N PHE M 93 -4.27 -56.05 -79.79
CA PHE M 93 -3.24 -55.36 -80.62
C PHE M 93 -3.21 -53.84 -80.48
N GLY M 94 -3.99 -53.27 -79.58
CA GLY M 94 -3.87 -51.82 -79.35
C GLY M 94 -2.54 -51.45 -78.76
N SER M 95 -2.04 -52.28 -77.88
CA SER M 95 -0.80 -51.97 -77.16
C SER M 95 0.24 -53.04 -77.47
N THR M 96 0.87 -52.96 -78.64
CA THR M 96 1.93 -53.91 -79.02
C THR M 96 2.80 -53.24 -80.10
N ASN M 97 4.01 -53.73 -80.36
CA ASN M 97 4.90 -53.18 -81.41
C ASN M 97 4.33 -53.65 -82.73
N CYS M 98 4.84 -53.14 -83.86
CA CYS M 98 4.25 -53.51 -85.17
C CYS M 98 4.76 -54.88 -85.59
N GLU M 99 5.83 -55.41 -85.01
CA GLU M 99 6.26 -56.79 -85.21
C GLU M 99 5.33 -57.77 -84.51
N GLY M 100 4.75 -57.32 -83.39
CA GLY M 100 3.73 -58.09 -82.65
C GLY M 100 2.47 -58.22 -83.48
N GLN M 101 2.18 -57.24 -84.34
CA GLN M 101 0.94 -57.24 -85.15
C GLN M 101 1.21 -57.92 -86.49
N ALA M 102 2.47 -58.12 -86.88
CA ALA M 102 2.82 -58.93 -88.05
C ALA M 102 2.88 -60.41 -87.69
N ALA M 103 3.50 -60.74 -86.56
CA ALA M 103 3.56 -62.12 -86.11
C ALA M 103 2.16 -62.68 -85.89
N ALA M 104 1.27 -61.88 -85.32
CA ALA M 104 -0.10 -62.33 -85.12
C ALA M 104 -0.80 -62.58 -86.44
N ALA M 105 -0.58 -61.71 -87.42
CA ALA M 105 -1.17 -61.92 -88.73
C ALA M 105 -0.72 -63.25 -89.31
N ARG M 106 0.56 -63.58 -89.16
CA ARG M 106 1.05 -64.86 -89.66
C ARG M 106 0.42 -66.03 -88.92
N VAL M 107 0.32 -65.93 -87.59
CA VAL M 107 -0.24 -67.01 -86.79
C VAL M 107 -1.67 -67.31 -87.21
N MET M 108 -2.47 -66.27 -87.38
CA MET M 108 -3.85 -66.52 -87.73
C MET M 108 -4.02 -66.82 -89.21
N GLU M 109 -3.05 -66.47 -90.04
CA GLU M 109 -3.03 -67.01 -91.40
C GLU M 109 -2.89 -68.52 -91.38
N ILE M 110 -2.00 -69.03 -90.52
CA ILE M 110 -1.85 -70.49 -90.39
C ILE M 110 -3.13 -71.09 -89.84
N ALA M 111 -3.66 -70.52 -88.75
CA ALA M 111 -4.85 -71.07 -88.11
C ALA M 111 -6.06 -71.05 -89.03
N GLY M 112 -6.55 -69.85 -89.35
CA GLY M 112 -7.69 -69.71 -90.22
C GLY M 112 -8.88 -69.03 -89.58
N GLY M 113 -8.65 -68.34 -88.47
CA GLY M 113 -9.71 -67.75 -87.70
C GLY M 113 -10.00 -66.32 -88.10
N MET M 114 -10.52 -65.56 -87.13
CA MET M 114 -10.83 -64.15 -87.31
C MET M 114 -9.81 -63.32 -86.55
N LEU M 115 -9.21 -62.35 -87.21
CA LEU M 115 -8.19 -61.51 -86.62
C LEU M 115 -8.72 -60.09 -86.53
N ASP M 116 -8.60 -59.48 -85.36
CA ASP M 116 -9.27 -58.20 -85.16
C ASP M 116 -8.57 -57.41 -84.07
N ASN M 117 -8.81 -56.09 -84.06
CA ASN M 117 -8.16 -55.19 -83.13
C ASN M 117 -9.20 -54.26 -82.51
N CYS M 118 -8.72 -53.35 -81.65
CA CYS M 118 -9.61 -52.40 -80.92
C CYS M 118 -10.15 -51.34 -81.85
N ALA M 119 -9.87 -51.43 -83.13
CA ALA M 119 -10.44 -50.48 -84.07
C ALA M 119 -11.95 -50.63 -84.14
N THR M 120 -12.45 -51.86 -84.07
CA THR M 120 -13.88 -52.12 -84.20
C THR M 120 -14.67 -51.32 -83.18
N ILE M 121 -14.26 -51.38 -81.92
CA ILE M 121 -15.02 -50.78 -80.84
C ILE M 121 -14.60 -49.33 -80.63
N CYS M 122 -13.57 -48.87 -81.32
CA CYS M 122 -13.14 -47.50 -81.04
C CYS M 122 -13.31 -46.63 -82.27
N HIS M 123 -12.33 -46.62 -83.15
CA HIS M 123 -12.38 -45.64 -84.27
C HIS M 123 -12.65 -46.34 -85.58
N GLY M 124 -13.10 -47.57 -85.50
CA GLY M 124 -13.51 -48.32 -86.70
C GLY M 124 -14.67 -47.68 -87.38
N PRO M 125 -15.66 -47.11 -86.69
CA PRO M 125 -16.68 -46.38 -87.40
C PRO M 125 -16.03 -45.27 -88.23
N SER M 126 -14.95 -44.67 -87.76
CA SER M 126 -14.24 -43.63 -88.55
C SER M 126 -13.65 -44.23 -89.83
N PHE M 127 -13.04 -45.40 -89.74
CA PHE M 127 -12.41 -45.99 -90.93
C PHE M 127 -13.53 -46.21 -91.91
N LEU M 128 -14.69 -46.63 -91.45
CA LEU M 128 -15.80 -46.98 -92.39
C LEU M 128 -16.21 -45.73 -93.13
N ALA M 129 -15.94 -44.56 -92.56
CA ALA M 129 -16.28 -43.29 -93.22
C ALA M 129 -15.14 -42.96 -94.14
N ILE M 130 -13.91 -43.19 -93.69
CA ILE M 130 -12.78 -43.01 -94.59
C ILE M 130 -13.01 -43.80 -95.88
N PHE M 131 -13.50 -45.03 -95.76
CA PHE M 131 -13.83 -45.80 -96.95
C PHE M 131 -14.87 -45.10 -97.81
N ASP M 132 -15.77 -44.36 -97.19
CA ASP M 132 -16.81 -43.70 -97.96
C ASP M 132 -16.31 -42.43 -98.63
N ASN M 133 -15.62 -41.56 -97.89
CA ASN M 133 -15.33 -40.21 -98.34
C ASN M 133 -13.86 -39.87 -98.48
N GLY M 134 -12.97 -40.53 -97.75
CA GLY M 134 -11.57 -40.19 -97.74
C GLY M 134 -11.15 -39.57 -96.43
N TYR M 135 -9.86 -39.29 -96.32
CA TYR M 135 -9.23 -38.88 -95.07
C TYR M 135 -8.29 -37.71 -95.30
N PRO M 136 -8.81 -36.51 -95.57
CA PRO M 136 -7.91 -35.36 -95.70
C PRO M 136 -7.27 -35.01 -94.37
N SER M 137 -5.99 -35.32 -94.21
CA SER M 137 -5.36 -35.28 -92.90
C SER M 137 -3.99 -34.62 -93.04
N CYS M 138 -3.19 -34.78 -91.99
CA CYS M 138 -1.87 -34.16 -91.91
C CYS M 138 -1.14 -34.78 -90.73
N THR M 139 0.17 -34.59 -90.71
CA THR M 139 0.95 -34.95 -89.54
C THR M 139 0.80 -33.87 -88.47
N LEU M 140 1.21 -34.20 -87.25
CA LEU M 140 0.99 -33.29 -86.13
C LEU M 140 1.95 -32.11 -86.11
N GLY M 141 3.18 -32.29 -86.62
CA GLY M 141 4.03 -31.14 -86.79
C GLY M 141 3.46 -30.10 -87.72
N GLU M 142 2.59 -30.51 -88.65
CA GLU M 142 1.94 -29.56 -89.53
C GLU M 142 1.03 -28.62 -88.76
N VAL M 143 0.22 -29.15 -87.84
CA VAL M 143 -0.62 -28.27 -87.05
C VAL M 143 0.21 -27.52 -86.01
N LYS M 144 1.32 -28.10 -85.57
CA LYS M 144 2.20 -27.37 -84.66
C LYS M 144 2.77 -26.14 -85.34
N ASN M 145 3.13 -26.25 -86.61
CA ASN M 145 3.87 -25.20 -87.29
C ASN M 145 3.00 -24.29 -88.14
N ARG M 146 1.73 -24.63 -88.39
CA ARG M 146 0.92 -23.81 -89.29
C ARG M 146 -0.48 -23.50 -88.80
N ALA M 147 -1.04 -24.24 -87.86
CA ALA M 147 -2.47 -24.17 -87.59
C ALA M 147 -2.87 -22.81 -87.05
N ASP M 148 -3.94 -22.24 -87.61
CA ASP M 148 -4.50 -20.97 -87.17
C ASP M 148 -5.82 -21.16 -86.44
N VAL M 149 -6.59 -22.19 -86.80
CA VAL M 149 -7.82 -22.55 -86.11
C VAL M 149 -7.73 -24.02 -85.73
N ILE M 150 -8.24 -24.37 -84.55
CA ILE M 150 -8.22 -25.74 -84.07
C ILE M 150 -9.60 -26.09 -83.53
N VAL M 151 -10.17 -27.19 -84.02
CA VAL M 151 -11.50 -27.62 -83.62
C VAL M 151 -11.39 -28.99 -82.98
N TYR M 152 -11.92 -29.14 -81.78
CA TYR M 152 -11.94 -30.41 -81.05
C TYR M 152 -13.38 -30.88 -81.03
N TRP M 153 -13.80 -31.58 -82.07
CA TRP M 153 -15.21 -31.93 -82.21
C TRP M 153 -15.45 -33.25 -81.51
N GLY M 154 -16.11 -33.20 -80.37
CA GLY M 154 -16.42 -34.43 -79.68
C GLY M 154 -15.24 -35.10 -79.02
N SER M 155 -14.17 -34.36 -78.77
CA SER M 155 -13.00 -34.91 -78.12
C SER M 155 -12.68 -34.14 -76.85
N ASN M 156 -11.80 -34.71 -76.04
CA ASN M 156 -11.46 -34.18 -74.73
C ASN M 156 -9.99 -34.41 -74.48
N PRO M 157 -9.11 -33.68 -75.17
CA PRO M 157 -7.67 -33.92 -75.00
C PRO M 157 -7.22 -33.80 -73.57
N ALA M 158 -7.80 -32.96 -72.77
CA ALA M 158 -7.26 -32.75 -71.42
C ALA M 158 -7.23 -34.05 -70.65
N HIS M 159 -8.21 -34.92 -70.86
CA HIS M 159 -8.30 -36.16 -70.06
C HIS M 159 -7.99 -37.37 -70.92
N ALA M 160 -8.20 -37.34 -72.24
CA ALA M 160 -7.80 -38.45 -73.07
C ALA M 160 -6.32 -38.41 -73.36
N HIS M 161 -5.87 -37.38 -74.05
CA HIS M 161 -4.45 -37.28 -74.41
C HIS M 161 -3.91 -36.09 -73.68
N PRO M 162 -3.34 -36.22 -72.47
CA PRO M 162 -2.98 -35.04 -71.72
C PRO M 162 -2.02 -34.02 -72.34
N ARG M 163 -0.89 -34.41 -72.91
CA ARG M 163 0.12 -33.46 -73.44
C ARG M 163 -0.10 -33.25 -74.92
N HIS M 164 -1.29 -33.50 -75.43
CA HIS M 164 -1.62 -33.17 -76.81
C HIS M 164 -1.61 -31.67 -77.02
N MET M 165 -2.24 -30.92 -76.12
CA MET M 165 -2.29 -29.48 -76.28
C MET M 165 -0.91 -28.86 -76.14
N SER M 166 -0.11 -29.32 -75.18
CA SER M 166 1.19 -28.71 -74.97
C SER M 166 2.24 -29.20 -75.95
N ARG M 167 1.94 -30.20 -76.79
CA ARG M 167 2.93 -30.70 -77.72
C ARG M 167 2.60 -30.41 -79.17
N TYR M 168 1.36 -30.55 -79.58
CA TYR M 168 1.06 -30.53 -81.00
C TYR M 168 0.09 -29.45 -81.43
N SER M 169 -0.90 -29.11 -80.62
CA SER M 169 -2.00 -28.31 -81.13
C SER M 169 -1.91 -26.83 -80.76
N ILE M 170 -1.95 -26.49 -79.47
CA ILE M 170 -2.28 -25.12 -79.09
C ILE M 170 -1.06 -24.32 -78.67
N PHE M 171 -0.45 -24.71 -77.57
CA PHE M 171 0.54 -23.87 -76.89
C PHE M 171 1.92 -23.79 -77.55
N PRO M 172 2.42 -24.80 -78.23
CA PRO M 172 3.73 -24.66 -78.87
C PRO M 172 3.79 -23.49 -79.84
N ARG M 173 4.93 -22.80 -79.84
CA ARG M 173 5.19 -21.72 -80.77
C ARG M 173 5.96 -22.29 -81.96
N GLY M 174 5.28 -22.42 -83.09
CA GLY M 174 5.86 -23.13 -84.20
C GLY M 174 6.85 -22.34 -85.02
N PHE M 175 6.73 -22.43 -86.34
CA PHE M 175 7.50 -21.60 -87.26
C PHE M 175 6.67 -20.42 -87.77
N PHE M 176 5.55 -20.71 -88.42
CA PHE M 176 4.65 -19.67 -88.89
C PHE M 176 3.67 -19.24 -87.82
N THR M 177 3.74 -19.84 -86.64
CA THR M 177 2.88 -19.49 -85.52
C THR M 177 3.73 -19.03 -84.34
N GLY M 178 4.70 -18.16 -84.59
CA GLY M 178 5.60 -17.73 -83.55
C GLY M 178 4.90 -17.11 -82.36
N LYS M 179 3.74 -16.51 -82.57
CA LYS M 179 2.97 -15.89 -81.50
C LYS M 179 2.32 -16.91 -80.59
N GLY M 180 2.39 -18.20 -80.91
CA GLY M 180 1.93 -19.21 -79.99
C GLY M 180 0.41 -19.30 -79.95
N GLN M 181 -0.11 -19.54 -78.75
CA GLN M 181 -1.55 -19.68 -78.56
C GLN M 181 -2.31 -18.46 -79.03
N LYS M 182 -1.74 -17.27 -78.83
CA LYS M 182 -2.52 -16.04 -78.91
C LYS M 182 -3.04 -15.75 -80.30
N LYS M 183 -2.57 -16.44 -81.33
CA LYS M 183 -3.15 -16.32 -82.65
C LYS M 183 -3.86 -17.60 -83.10
N ARG M 184 -4.10 -18.54 -82.20
CA ARG M 184 -4.87 -19.73 -82.49
C ARG M 184 -6.28 -19.57 -81.93
N THR M 185 -7.28 -19.86 -82.76
CA THR M 185 -8.66 -19.87 -82.32
C THR M 185 -9.07 -21.31 -82.07
N VAL M 186 -9.41 -21.65 -80.83
CA VAL M 186 -9.73 -23.01 -80.43
C VAL M 186 -11.23 -23.09 -80.22
N ILE M 187 -11.89 -23.98 -80.95
CA ILE M 187 -13.32 -24.24 -80.79
C ILE M 187 -13.50 -25.66 -80.29
N VAL M 188 -14.27 -25.84 -79.23
CA VAL M 188 -14.52 -27.15 -78.66
C VAL M 188 -16.02 -27.40 -78.67
N ILE M 189 -16.44 -28.52 -79.26
CA ILE M 189 -17.84 -28.89 -79.34
C ILE M 189 -18.04 -30.18 -78.57
N ASP M 190 -18.88 -30.15 -77.55
CA ASP M 190 -19.38 -31.33 -76.87
C ASP M 190 -20.43 -30.91 -75.83
N PRO M 191 -21.38 -31.78 -75.48
CA PRO M 191 -22.40 -31.38 -74.53
C PRO M 191 -21.87 -30.99 -73.17
N ARG M 192 -20.78 -31.60 -72.73
CA ARG M 192 -20.24 -31.22 -71.44
C ARG M 192 -19.43 -29.94 -71.57
N PHE M 193 -19.14 -29.32 -70.43
CA PHE M 193 -18.20 -28.22 -70.37
C PHE M 193 -16.88 -28.80 -69.85
N THR M 194 -16.18 -29.48 -70.74
CA THR M 194 -14.97 -30.20 -70.41
C THR M 194 -13.81 -29.24 -70.15
N ASP M 195 -12.70 -29.79 -69.68
CA ASP M 195 -11.48 -29.00 -69.40
C ASP M 195 -10.91 -28.49 -70.72
N THR M 196 -11.08 -29.19 -71.81
CA THR M 196 -10.70 -28.66 -73.11
C THR M 196 -11.51 -27.41 -73.43
N ALA M 197 -12.80 -27.42 -73.11
CA ALA M 197 -13.61 -26.21 -73.27
C ALA M 197 -13.14 -25.12 -72.32
N ASN M 198 -12.66 -25.47 -71.12
CA ASN M 198 -12.15 -24.40 -70.22
C ASN M 198 -11.00 -23.74 -70.96
N VAL M 199 -10.03 -24.50 -71.44
CA VAL M 199 -8.91 -23.85 -72.12
C VAL M 199 -9.32 -23.15 -73.41
N ALA M 200 -10.37 -23.62 -74.07
CA ALA M 200 -10.77 -23.10 -75.38
C ALA M 200 -11.17 -21.64 -75.34
N ASP M 201 -11.48 -21.09 -76.51
CA ASP M 201 -12.00 -19.74 -76.63
C ASP M 201 -13.45 -19.69 -77.07
N TYR M 202 -13.95 -20.74 -77.72
CA TYR M 202 -15.36 -20.90 -78.00
C TYR M 202 -15.84 -22.20 -77.39
N HIS M 203 -17.14 -22.41 -77.48
CA HIS M 203 -17.75 -23.65 -77.00
C HIS M 203 -19.14 -23.72 -77.60
N LEU M 204 -19.44 -24.81 -78.29
CA LEU M 204 -20.75 -25.02 -78.89
C LEU M 204 -21.38 -26.21 -78.17
N GLN M 205 -22.04 -25.93 -77.06
CA GLN M 205 -22.64 -26.96 -76.23
C GLN M 205 -23.82 -27.55 -76.98
N VAL M 206 -23.61 -28.71 -77.60
CA VAL M 206 -24.56 -29.31 -78.51
C VAL M 206 -25.29 -30.43 -77.78
N LYS M 207 -26.56 -30.62 -78.13
CA LYS M 207 -27.32 -31.76 -77.62
C LYS M 207 -26.63 -33.05 -78.02
N GLN M 208 -26.47 -33.96 -77.07
CA GLN M 208 -25.79 -35.21 -77.36
C GLN M 208 -26.57 -35.99 -78.40
N GLY M 209 -25.91 -36.28 -79.52
CA GLY M 209 -26.50 -37.07 -80.57
C GLY M 209 -26.91 -36.31 -81.82
N HIS M 210 -26.85 -34.98 -81.81
CA HIS M 210 -27.33 -34.16 -82.92
C HIS M 210 -26.20 -33.64 -83.80
N ASP M 211 -25.01 -34.23 -83.69
CA ASP M 211 -23.88 -33.71 -84.42
C ASP M 211 -24.09 -33.77 -85.92
N TYR M 212 -24.90 -34.71 -86.40
CA TYR M 212 -25.17 -34.74 -87.84
C TYR M 212 -25.90 -33.49 -88.28
N GLU M 213 -26.91 -33.07 -87.52
CA GLU M 213 -27.60 -31.83 -87.85
C GLU M 213 -26.67 -30.64 -87.73
N LEU M 214 -25.78 -30.65 -86.74
CA LEU M 214 -24.81 -29.56 -86.62
C LEU M 214 -23.91 -29.48 -87.84
N PHE M 215 -23.37 -30.62 -88.29
CA PHE M 215 -22.50 -30.62 -89.45
C PHE M 215 -23.25 -30.16 -90.69
N ASN M 216 -24.49 -30.60 -90.85
CA ASN M 216 -25.26 -30.19 -92.00
C ASN M 216 -25.51 -28.68 -91.99
N ALA M 217 -25.75 -28.12 -90.81
CA ALA M 217 -25.89 -26.67 -90.71
C ALA M 217 -24.61 -25.97 -91.14
N PHE M 218 -23.47 -26.40 -90.59
CA PHE M 218 -22.20 -25.81 -90.98
C PHE M 218 -21.99 -25.88 -92.48
N ARG M 219 -22.31 -27.01 -93.09
CA ARG M 219 -22.00 -27.18 -94.49
C ARG M 219 -22.95 -26.38 -95.37
N MET M 220 -24.19 -26.16 -94.93
CA MET M 220 -25.04 -25.26 -95.69
C MET M 220 -24.52 -23.82 -95.61
N VAL M 221 -24.05 -23.42 -94.44
CA VAL M 221 -23.42 -22.11 -94.30
C VAL M 221 -22.24 -21.99 -95.27
N ILE M 222 -21.38 -23.01 -95.29
CA ILE M 222 -20.19 -22.95 -96.14
C ILE M 222 -20.59 -22.91 -97.60
N HIS M 223 -21.54 -23.76 -98.01
CA HIS M 223 -21.98 -23.77 -99.40
C HIS M 223 -22.66 -22.47 -99.78
N GLY M 224 -23.06 -21.66 -98.81
CA GLY M 224 -23.29 -20.27 -99.13
C GLY M 224 -24.64 -19.70 -98.78
N HIS M 225 -25.70 -20.48 -98.98
CA HIS M 225 -27.03 -20.03 -98.58
C HIS M 225 -27.34 -20.56 -97.18
N GLY M 226 -26.65 -19.97 -96.22
CA GLY M 226 -26.86 -20.27 -94.81
C GLY M 226 -28.03 -19.58 -94.18
N LYS M 227 -28.71 -18.71 -94.94
CA LYS M 227 -29.90 -18.06 -94.44
C LYS M 227 -31.06 -19.02 -94.26
N ASP M 228 -31.00 -20.18 -94.90
CA ASP M 228 -32.07 -21.17 -94.81
C ASP M 228 -31.97 -22.04 -93.57
N LEU M 229 -31.06 -21.73 -92.66
CA LEU M 229 -31.00 -22.44 -91.40
C LEU M 229 -32.22 -22.10 -90.54
N PRO M 230 -32.68 -23.03 -89.73
CA PRO M 230 -33.73 -22.71 -88.74
C PRO M 230 -33.20 -21.77 -87.69
N ASP M 231 -34.03 -21.41 -86.71
CA ASP M 231 -33.59 -20.45 -85.71
C ASP M 231 -32.44 -21.02 -84.88
N GLU M 232 -32.56 -22.28 -84.46
CA GLU M 232 -31.48 -22.94 -83.75
C GLU M 232 -31.34 -24.36 -84.29
N VAL M 233 -30.13 -24.90 -84.19
CA VAL M 233 -29.82 -26.22 -84.71
C VAL M 233 -29.06 -27.00 -83.64
N ALA M 234 -29.59 -28.16 -83.25
CA ALA M 234 -28.94 -29.05 -82.29
C ALA M 234 -28.72 -28.38 -80.93
N GLY M 235 -29.52 -27.36 -80.63
CA GLY M 235 -29.32 -26.56 -79.44
C GLY M 235 -28.39 -25.40 -79.62
N ILE M 236 -27.70 -25.32 -80.76
CA ILE M 236 -26.77 -24.23 -81.05
C ILE M 236 -27.54 -23.15 -81.80
N LYS M 237 -27.20 -21.90 -81.54
CA LYS M 237 -27.96 -20.77 -82.04
C LYS M 237 -27.33 -20.27 -83.33
N LYS M 238 -28.19 -19.82 -84.26
CA LYS M 238 -27.75 -19.58 -85.63
C LYS M 238 -26.64 -18.53 -85.70
N GLU M 239 -26.72 -17.50 -84.87
CA GLU M 239 -25.69 -16.47 -84.91
C GLU M 239 -24.34 -17.04 -84.48
N THR M 240 -24.33 -17.91 -83.46
CA THR M 240 -23.07 -18.55 -83.06
C THR M 240 -22.57 -19.47 -84.17
N ILE M 241 -23.48 -20.18 -84.84
CA ILE M 241 -23.10 -21.00 -85.98
C ILE M 241 -22.40 -20.15 -87.03
N LEU M 242 -22.98 -18.99 -87.35
CA LEU M 242 -22.41 -18.10 -88.35
C LEU M 242 -21.06 -17.55 -87.89
N GLU M 243 -20.93 -17.26 -86.60
CA GLU M 243 -19.66 -16.79 -86.06
C GLU M 243 -18.55 -17.82 -86.27
N VAL M 244 -18.79 -19.05 -85.84
CA VAL M 244 -17.77 -20.10 -85.96
C VAL M 244 -17.50 -20.39 -87.43
N ALA M 245 -18.54 -20.35 -88.27
CA ALA M 245 -18.34 -20.62 -89.68
C ALA M 245 -17.51 -19.53 -90.35
N GLU M 246 -17.71 -18.28 -89.95
CA GLU M 246 -16.88 -17.20 -90.48
C GLU M 246 -15.43 -17.39 -90.07
N ILE M 247 -15.19 -17.77 -88.81
CA ILE M 247 -13.83 -18.02 -88.38
C ILE M 247 -13.21 -19.14 -89.21
N MET M 248 -13.97 -20.21 -89.44
CA MET M 248 -13.47 -21.34 -90.21
C MET M 248 -13.14 -20.92 -91.64
N LYS M 249 -14.01 -20.13 -92.26
CA LYS M 249 -13.74 -19.66 -93.62
C LYS M 249 -12.46 -18.83 -93.65
N ASN M 250 -12.26 -17.95 -92.68
CA ASN M 250 -11.10 -17.09 -92.71
C ASN M 250 -9.83 -17.77 -92.21
N ALA M 251 -9.92 -18.99 -91.72
CA ALA M 251 -8.74 -19.69 -91.24
C ALA M 251 -7.69 -19.82 -92.36
N ARG M 252 -6.44 -19.50 -92.02
CA ARG M 252 -5.35 -19.69 -92.97
C ARG M 252 -5.03 -21.17 -93.14
N PHE M 253 -5.09 -21.93 -92.06
CA PHE M 253 -4.84 -23.37 -92.09
C PHE M 253 -5.52 -23.96 -90.86
N GLY M 254 -6.63 -24.65 -91.07
CA GLY M 254 -7.38 -25.21 -89.97
C GLY M 254 -7.05 -26.67 -89.73
N THR M 255 -7.66 -27.23 -88.68
CA THR M 255 -7.49 -28.63 -88.35
C THR M 255 -8.58 -29.06 -87.40
N THR M 256 -9.22 -30.18 -87.70
CA THR M 256 -10.32 -30.70 -86.91
C THR M 256 -9.91 -32.02 -86.29
N PHE M 257 -10.16 -32.18 -84.99
CA PHE M 257 -9.92 -33.42 -84.29
C PHE M 257 -11.26 -33.96 -83.80
N PHE M 258 -11.43 -35.28 -83.85
CA PHE M 258 -12.68 -35.88 -83.40
C PHE M 258 -12.40 -37.14 -82.59
N GLY M 259 -13.41 -37.59 -81.86
CA GLY M 259 -13.26 -38.74 -81.00
C GLY M 259 -14.54 -39.50 -80.72
N MET M 260 -14.75 -39.86 -79.47
CA MET M 260 -15.91 -40.70 -79.11
C MET M 260 -17.21 -39.94 -79.29
N GLY M 261 -17.18 -38.63 -79.19
CA GLY M 261 -18.38 -37.89 -79.45
C GLY M 261 -18.96 -38.16 -80.82
N LEU M 262 -18.13 -38.57 -81.76
CA LEU M 262 -18.62 -38.88 -83.09
C LEU M 262 -18.62 -40.38 -83.39
N THR M 263 -17.66 -41.14 -82.88
CA THR M 263 -17.56 -42.56 -83.21
C THR M 263 -18.34 -43.47 -82.26
N HIS M 264 -19.01 -42.93 -81.25
CA HIS M 264 -19.74 -43.80 -80.33
C HIS M 264 -21.18 -43.37 -80.11
N THR M 265 -21.75 -42.57 -81.00
CA THR M 265 -23.11 -42.09 -80.86
C THR M 265 -23.94 -42.51 -82.07
N ASP M 266 -25.16 -42.00 -82.15
CA ASP M 266 -26.05 -42.37 -83.24
C ASP M 266 -25.43 -42.02 -84.58
N GLY M 267 -25.52 -42.95 -85.53
CA GLY M 267 -24.92 -42.75 -86.82
C GLY M 267 -23.41 -42.80 -86.76
N ARG M 268 -22.88 -43.90 -86.23
CA ARG M 268 -21.47 -44.03 -85.89
C ARG M 268 -20.56 -43.45 -86.95
N ASN M 269 -20.63 -44.00 -88.16
CA ASN M 269 -19.72 -43.57 -89.20
C ASN M 269 -20.26 -42.40 -90.02
N HIS M 270 -21.57 -42.18 -90.02
CA HIS M 270 -22.09 -41.09 -90.81
C HIS M 270 -21.75 -39.75 -90.19
N ASN M 271 -21.61 -39.69 -88.87
CA ASN M 271 -21.08 -38.48 -88.25
C ASN M 271 -19.68 -38.18 -88.78
N ILE M 272 -18.83 -39.19 -88.82
CA ILE M 272 -17.46 -38.97 -89.26
C ILE M 272 -17.42 -38.60 -90.73
N ASP M 273 -18.23 -39.23 -91.56
CA ASP M 273 -18.14 -38.90 -92.97
C ASP M 273 -18.79 -37.57 -93.31
N ILE M 274 -19.80 -37.13 -92.56
CA ILE M 274 -20.24 -35.75 -92.76
C ILE M 274 -19.15 -34.78 -92.30
N ALA M 275 -18.39 -35.13 -91.26
CA ALA M 275 -17.26 -34.29 -90.88
C ALA M 275 -16.23 -34.21 -92.00
N ILE M 276 -15.91 -35.35 -92.60
CA ILE M 276 -14.93 -35.39 -93.69
C ILE M 276 -15.45 -34.62 -94.89
N SER M 277 -16.73 -34.72 -95.18
CA SER M 277 -17.31 -33.91 -96.25
C SER M 277 -17.16 -32.42 -95.95
N LEU M 278 -17.38 -32.04 -94.69
CA LEU M 278 -17.20 -30.64 -94.32
C LEU M 278 -15.77 -30.20 -94.56
N THR M 279 -14.80 -31.03 -94.20
CA THR M 279 -13.39 -30.68 -94.43
C THR M 279 -13.09 -30.53 -95.92
N ARG M 280 -13.56 -31.47 -96.73
CA ARG M 280 -13.34 -31.38 -98.17
C ARG M 280 -14.01 -30.14 -98.75
N ASP M 281 -15.12 -29.71 -98.16
CA ASP M 281 -15.78 -28.50 -98.65
C ASP M 281 -15.02 -27.25 -98.23
N LEU M 282 -14.46 -27.24 -97.01
CA LEU M 282 -13.71 -26.08 -96.56
C LEU M 282 -12.43 -25.90 -97.35
N ASN M 283 -11.82 -26.99 -97.82
CA ASN M 283 -10.61 -26.84 -98.61
C ASN M 283 -10.87 -26.16 -99.95
N LYS M 284 -12.11 -25.75 -100.23
CA LYS M 284 -12.37 -24.93 -101.41
C LYS M 284 -11.80 -23.52 -101.25
N ILE M 285 -11.98 -22.93 -100.06
CA ILE M 285 -11.56 -21.56 -99.81
C ILE M 285 -10.45 -21.45 -98.79
N SER M 286 -10.14 -22.50 -98.06
CA SER M 286 -9.10 -22.47 -97.03
C SER M 286 -8.33 -23.78 -97.11
N LYS M 287 -7.55 -24.07 -96.08
CA LYS M 287 -6.91 -25.37 -95.95
C LYS M 287 -7.34 -25.98 -94.63
N TRP M 288 -8.06 -27.10 -94.71
CA TRP M 288 -8.57 -27.76 -93.52
C TRP M 288 -8.24 -29.24 -93.58
N THR M 289 -7.93 -29.83 -92.44
CA THR M 289 -7.46 -31.21 -92.37
C THR M 289 -8.11 -31.89 -91.18
N ILE M 290 -9.02 -32.83 -91.45
CA ILE M 290 -9.55 -33.68 -90.39
C ILE M 290 -8.43 -34.55 -89.82
N MET M 291 -8.67 -35.07 -88.62
CA MET M 291 -7.69 -35.95 -87.98
C MET M 291 -8.29 -36.69 -86.79
N ALA M 292 -8.10 -37.99 -86.73
CA ALA M 292 -8.78 -38.81 -85.73
C ALA M 292 -7.93 -38.99 -84.48
N MET M 293 -8.56 -38.85 -83.33
CA MET M 293 -7.88 -38.93 -82.05
C MET M 293 -7.72 -40.40 -81.66
N ARG M 294 -6.74 -41.06 -82.30
CA ARG M 294 -6.54 -42.48 -82.04
C ARG M 294 -6.17 -42.72 -80.59
N GLY M 295 -6.55 -43.81 -80.00
CA GLY M 295 -6.33 -43.93 -78.56
C GLY M 295 -5.03 -44.51 -78.15
N HIS M 296 -4.86 -45.80 -78.31
CA HIS M 296 -3.62 -46.42 -77.81
C HIS M 296 -2.43 -46.02 -78.68
N TYR M 297 -1.22 -46.19 -78.15
CA TYR M 297 0.00 -45.80 -78.91
C TYR M 297 -0.06 -46.42 -80.29
N ASN M 298 0.13 -47.73 -80.37
CA ASN M 298 0.18 -48.37 -81.69
C ASN M 298 -1.18 -48.92 -82.08
N ILE M 299 -2.27 -48.18 -81.90
CA ILE M 299 -3.52 -48.69 -82.44
C ILE M 299 -3.64 -48.40 -83.94
N ALA M 300 -2.84 -47.49 -84.47
CA ALA M 300 -2.73 -47.33 -85.91
C ALA M 300 -1.72 -48.30 -86.51
N GLY M 301 -1.07 -49.11 -85.70
CA GLY M 301 -0.12 -50.09 -86.16
C GLY M 301 -0.76 -51.31 -86.78
N PRO M 302 -1.74 -51.90 -86.10
CA PRO M 302 -2.53 -52.95 -86.76
C PRO M 302 -3.13 -52.51 -88.07
N GLY M 303 -3.61 -51.26 -88.14
CA GLY M 303 -4.17 -50.79 -89.38
C GLY M 303 -3.19 -50.86 -90.54
N VAL M 304 -2.00 -50.29 -90.35
CA VAL M 304 -1.02 -50.26 -91.45
C VAL M 304 -0.45 -51.64 -91.72
N VAL M 305 -0.14 -52.40 -90.67
CA VAL M 305 0.47 -53.70 -90.87
C VAL M 305 -0.48 -54.64 -91.60
N TRP M 306 -1.74 -54.67 -91.20
CA TRP M 306 -2.67 -55.51 -91.92
C TRP M 306 -3.12 -54.90 -93.23
N SER M 307 -2.91 -53.59 -93.41
CA SER M 307 -3.11 -53.00 -94.73
C SER M 307 -2.09 -53.55 -95.73
N TRP M 308 -0.84 -53.62 -95.32
CA TRP M 308 0.22 -54.12 -96.22
C TRP M 308 0.16 -55.63 -96.33
N THR M 309 -0.41 -56.31 -95.33
CA THR M 309 -0.43 -57.76 -95.39
C THR M 309 -1.67 -58.29 -96.12
N PHE M 310 -2.86 -57.91 -95.68
CA PHE M 310 -4.09 -58.41 -96.28
C PHE M 310 -4.90 -57.35 -97.02
N GLY M 311 -4.55 -56.08 -96.90
CA GLY M 311 -5.29 -55.03 -97.55
C GLY M 311 -6.47 -54.49 -96.75
N PHE M 312 -6.75 -55.05 -95.58
CA PHE M 312 -7.89 -54.63 -94.78
C PHE M 312 -7.44 -54.23 -93.38
N PRO M 313 -7.78 -53.02 -92.92
CA PRO M 313 -7.29 -52.59 -91.60
C PRO M 313 -7.81 -53.40 -90.42
N TYR M 314 -9.06 -53.88 -90.45
CA TYR M 314 -9.63 -54.55 -89.28
C TYR M 314 -10.81 -55.40 -89.76
N CYS M 315 -11.34 -56.23 -88.86
CA CYS M 315 -12.43 -57.16 -89.18
C CYS M 315 -12.03 -58.09 -90.34
N LEU M 316 -11.05 -58.93 -90.07
CA LEU M 316 -10.49 -59.79 -91.10
C LEU M 316 -11.10 -61.18 -91.03
N ASP M 317 -11.61 -61.64 -92.16
CA ASP M 317 -12.23 -62.95 -92.34
C ASP M 317 -11.22 -63.87 -93.01
N LEU M 318 -10.32 -64.45 -92.21
CA LEU M 318 -9.24 -65.26 -92.75
C LEU M 318 -9.58 -66.74 -92.82
N THR M 319 -10.87 -67.08 -93.00
CA THR M 319 -11.28 -68.48 -92.91
C THR M 319 -11.18 -69.21 -94.23
N LYS M 320 -11.26 -68.49 -95.36
CA LYS M 320 -11.09 -69.15 -96.65
C LYS M 320 -9.66 -69.62 -96.88
N GLN M 321 -8.71 -69.10 -96.11
CA GLN M 321 -7.30 -69.52 -96.11
C GLN M 321 -6.52 -69.07 -97.33
N ASN M 322 -7.18 -68.52 -98.34
CA ASN M 322 -6.44 -67.90 -99.43
C ASN M 322 -7.02 -66.58 -99.93
N HIS M 323 -8.24 -66.22 -99.55
CA HIS M 323 -8.71 -64.87 -99.74
C HIS M 323 -9.41 -64.41 -98.46
N ALA M 324 -9.08 -63.20 -98.04
CA ALA M 324 -9.63 -62.62 -96.82
C ALA M 324 -10.84 -61.76 -97.16
N HIS M 325 -11.67 -61.51 -96.15
CA HIS M 325 -12.86 -60.66 -96.37
C HIS M 325 -12.95 -59.69 -95.23
N MET M 326 -13.68 -58.62 -95.42
CA MET M 326 -13.87 -57.61 -94.39
C MET M 326 -15.26 -57.01 -94.54
N ASN M 327 -16.11 -57.11 -93.51
CA ASN M 327 -17.42 -56.37 -93.50
C ASN M 327 -17.68 -56.11 -92.01
N PRO M 328 -17.46 -54.92 -91.43
CA PRO M 328 -17.54 -54.70 -89.98
C PRO M 328 -18.84 -55.15 -89.36
N GLY M 329 -19.96 -54.99 -90.05
CA GLY M 329 -21.22 -55.46 -89.49
C GLY M 329 -21.29 -56.96 -89.34
N GLU M 330 -20.43 -57.71 -90.03
CA GLU M 330 -20.54 -59.20 -90.05
C GLU M 330 -19.29 -59.86 -89.46
N THR M 331 -18.11 -59.27 -89.58
CA THR M 331 -16.89 -59.93 -89.16
C THR M 331 -16.28 -59.34 -87.89
N SER M 332 -16.95 -58.40 -87.24
CA SER M 332 -16.35 -57.73 -86.10
C SER M 332 -16.52 -58.54 -84.83
N SER M 333 -15.63 -58.28 -83.86
CA SER M 333 -15.56 -59.10 -82.65
C SER M 333 -16.85 -59.04 -81.86
N VAL M 334 -17.44 -57.84 -81.72
CA VAL M 334 -18.64 -57.73 -80.89
C VAL M 334 -19.83 -58.39 -81.57
N ASP M 335 -19.99 -58.21 -82.89
CA ASP M 335 -21.12 -58.83 -83.55
C ASP M 335 -20.99 -60.35 -83.55
N MET M 336 -19.78 -60.86 -83.77
CA MET M 336 -19.58 -62.31 -83.71
C MET M 336 -19.81 -62.85 -82.32
N ALA M 337 -19.35 -62.12 -81.29
CA ALA M 337 -19.63 -62.55 -79.92
C ALA M 337 -21.13 -62.57 -79.64
N MET M 338 -21.85 -61.57 -80.16
CA MET M 338 -23.31 -61.55 -80.00
C MET M 338 -23.94 -62.78 -80.63
N ARG M 339 -23.63 -63.04 -81.90
CA ARG M 339 -24.21 -64.18 -82.60
C ARG M 339 -23.37 -65.44 -82.41
N ASP M 340 -22.69 -65.56 -81.27
CA ASP M 340 -22.01 -66.80 -80.82
C ASP M 340 -21.31 -67.52 -81.97
N GLU M 341 -20.76 -66.72 -82.89
CA GLU M 341 -20.14 -67.20 -84.10
C GLU M 341 -18.66 -67.53 -83.93
N VAL M 342 -18.18 -67.62 -82.69
CA VAL M 342 -16.76 -67.85 -82.45
C VAL M 342 -16.58 -69.25 -81.87
N ASP M 343 -15.33 -69.65 -81.70
CA ASP M 343 -15.01 -70.86 -80.98
C ASP M 343 -13.90 -70.70 -79.97
N MET M 344 -13.17 -69.58 -79.99
CA MET M 344 -12.06 -69.37 -79.08
C MET M 344 -11.68 -67.91 -79.13
N PHE M 345 -11.43 -67.33 -77.96
CA PHE M 345 -11.09 -65.92 -77.85
C PHE M 345 -9.70 -65.81 -77.25
N ILE M 346 -8.83 -65.05 -77.91
CA ILE M 346 -7.45 -64.89 -77.49
C ILE M 346 -7.24 -63.42 -77.15
N ASN M 347 -6.92 -63.15 -75.89
CA ASN M 347 -6.75 -61.79 -75.40
C ASN M 347 -5.29 -61.40 -75.54
N ILE M 348 -4.99 -60.53 -76.50
CA ILE M 348 -3.61 -60.14 -76.81
C ILE M 348 -3.55 -58.61 -76.83
N GLY M 349 -3.01 -58.00 -75.79
CA GLY M 349 -2.82 -56.53 -75.83
C GLY M 349 -4.10 -55.76 -75.62
N THR M 350 -5.01 -56.23 -74.76
CA THR M 350 -6.23 -55.49 -74.49
C THR M 350 -6.86 -56.07 -73.23
N ASP M 351 -8.01 -55.51 -72.84
CA ASP M 351 -8.77 -55.98 -71.68
C ASP M 351 -10.21 -56.17 -72.13
N ALA M 352 -10.47 -57.32 -72.75
CA ALA M 352 -11.80 -57.56 -73.31
C ALA M 352 -12.83 -57.69 -72.21
N ALA M 353 -12.50 -58.38 -71.12
CA ALA M 353 -13.47 -58.62 -70.05
C ALA M 353 -13.96 -57.30 -69.47
N ALA M 354 -13.04 -56.38 -69.17
CA ALA M 354 -13.47 -55.11 -68.62
C ALA M 354 -14.20 -54.27 -69.65
N HIS M 355 -13.64 -54.13 -70.85
CA HIS M 355 -14.07 -53.06 -71.74
C HIS M 355 -15.03 -53.52 -72.83
N PHE M 356 -15.50 -54.75 -72.77
CA PHE M 356 -16.61 -55.16 -73.62
C PHE M 356 -17.91 -55.04 -72.85
N PRO M 357 -19.04 -54.93 -73.54
CA PRO M 357 -20.32 -55.08 -72.87
C PRO M 357 -20.41 -56.46 -72.22
N ILE M 358 -21.05 -56.50 -71.06
CA ILE M 358 -21.07 -57.74 -70.30
C ILE M 358 -21.92 -58.80 -71.00
N PRO M 359 -22.95 -58.47 -71.80
CA PRO M 359 -23.59 -59.55 -72.58
C PRO M 359 -22.63 -60.22 -73.55
N ALA M 360 -21.77 -59.43 -74.20
CA ALA M 360 -20.79 -60.00 -75.11
C ALA M 360 -19.78 -60.85 -74.36
N VAL M 361 -19.33 -60.40 -73.19
CA VAL M 361 -18.39 -61.21 -72.41
C VAL M 361 -19.05 -62.53 -71.99
N LYS M 362 -20.31 -62.47 -71.56
CA LYS M 362 -21.04 -63.69 -71.20
C LYS M 362 -21.13 -64.64 -72.38
N GLN M 363 -21.44 -64.11 -73.56
CA GLN M 363 -21.53 -64.94 -74.76
C GLN M 363 -20.19 -65.56 -75.12
N LEU M 364 -19.10 -64.82 -74.92
CA LEU M 364 -17.80 -65.31 -75.31
C LEU M 364 -17.28 -66.38 -74.38
N LYS M 365 -17.52 -66.23 -73.08
CA LYS M 365 -16.89 -67.14 -72.12
C LYS M 365 -17.36 -68.58 -72.24
N LYS M 366 -18.37 -68.86 -73.08
CA LYS M 366 -18.79 -70.23 -73.32
C LYS M 366 -17.66 -71.09 -73.87
N HIS M 367 -16.65 -70.49 -74.48
CA HIS M 367 -15.56 -71.17 -75.19
C HIS M 367 -14.25 -71.00 -74.41
N PRO M 368 -13.16 -71.63 -74.83
CA PRO M 368 -11.87 -71.38 -74.17
C PRO M 368 -11.42 -69.93 -74.37
N TRP M 369 -10.58 -69.47 -73.45
CA TRP M 369 -10.21 -68.06 -73.35
C TRP M 369 -8.75 -67.98 -72.92
N VAL M 370 -7.93 -67.35 -73.75
CA VAL M 370 -6.49 -67.25 -73.53
C VAL M 370 -6.10 -65.78 -73.47
N THR M 371 -5.20 -65.44 -72.54
CA THR M 371 -4.77 -64.07 -72.37
C THR M 371 -3.26 -63.96 -72.43
N ILE M 372 -2.76 -63.04 -73.24
CA ILE M 372 -1.34 -62.73 -73.32
C ILE M 372 -1.20 -61.28 -72.87
N ASP M 373 -0.92 -61.08 -71.60
CA ASP M 373 -0.76 -59.77 -71.01
C ASP M 373 0.47 -59.78 -70.11
N PRO M 374 1.07 -58.63 -69.87
CA PRO M 374 2.20 -58.57 -68.93
C PRO M 374 1.75 -58.65 -67.48
N SER M 375 0.52 -58.21 -67.20
CA SER M 375 0.07 -58.03 -65.83
C SER M 375 -1.36 -58.49 -65.69
N ILE M 376 -1.81 -58.59 -64.43
CA ILE M 376 -3.16 -59.05 -64.12
C ILE M 376 -4.19 -58.01 -64.53
N ASN M 377 -5.25 -58.47 -65.19
CA ASN M 377 -6.39 -57.64 -65.50
C ASN M 377 -7.64 -58.53 -65.54
N MET M 378 -8.77 -57.97 -65.97
CA MET M 378 -10.01 -58.72 -65.94
C MET M 378 -9.98 -59.92 -66.89
N ALA M 379 -9.42 -59.75 -68.08
CA ALA M 379 -9.32 -60.87 -69.00
C ALA M 379 -8.43 -61.96 -68.43
N SER M 380 -7.32 -61.58 -67.82
CA SER M 380 -6.45 -62.56 -67.18
C SER M 380 -7.04 -63.13 -65.92
N GLU M 381 -8.15 -62.59 -65.43
CA GLU M 381 -8.84 -63.18 -64.31
C GLU M 381 -10.00 -64.07 -64.71
N ILE M 382 -10.55 -63.93 -65.90
CA ILE M 382 -11.54 -64.89 -66.36
C ILE M 382 -11.03 -65.73 -67.53
N SER M 383 -9.72 -65.81 -67.73
CA SER M 383 -9.18 -66.63 -68.79
C SER M 383 -8.93 -68.06 -68.32
N ASP M 384 -8.51 -68.91 -69.26
CA ASP M 384 -8.15 -70.29 -68.95
C ASP M 384 -6.65 -70.46 -68.71
N LEU M 385 -5.82 -69.72 -69.45
CA LEU M 385 -4.41 -69.60 -69.10
C LEU M 385 -3.95 -68.19 -69.44
N HIS M 386 -3.00 -67.69 -68.67
CA HIS M 386 -2.53 -66.31 -68.77
C HIS M 386 -1.04 -66.33 -69.06
N ILE M 387 -0.67 -66.07 -70.31
CA ILE M 387 0.73 -66.10 -70.73
C ILE M 387 1.30 -64.69 -70.55
N PRO M 388 2.36 -64.52 -69.77
CA PRO M 388 2.98 -63.20 -69.66
C PRO M 388 3.68 -62.82 -70.95
N VAL M 389 4.04 -61.55 -71.04
CA VAL M 389 4.67 -61.00 -72.24
C VAL M 389 5.33 -59.70 -71.85
N CYS M 390 6.32 -59.27 -72.63
CA CYS M 390 7.03 -58.03 -72.36
C CYS M 390 6.13 -56.83 -72.65
N ILE M 391 6.44 -55.71 -72.00
CA ILE M 391 5.74 -54.45 -72.23
C ILE M 391 6.48 -53.67 -73.29
N CYS M 392 5.76 -53.19 -74.30
CA CYS M 392 6.36 -52.31 -75.30
C CYS M 392 6.85 -51.02 -74.65
N GLY M 393 8.04 -50.59 -75.04
CA GLY M 393 8.57 -49.32 -74.63
C GLY M 393 9.24 -49.29 -73.27
N VAL M 394 9.08 -50.34 -72.47
CA VAL M 394 9.72 -50.44 -71.17
C VAL M 394 10.66 -51.64 -71.09
N ASP M 395 10.15 -52.82 -71.44
CA ASP M 395 10.98 -54.01 -71.50
C ASP M 395 11.48 -54.33 -72.90
N VAL M 396 10.76 -53.91 -73.93
CA VAL M 396 11.14 -54.18 -75.31
C VAL M 396 10.83 -52.96 -76.16
N GLY M 397 11.67 -52.71 -77.16
CA GLY M 397 11.47 -51.61 -78.07
C GLY M 397 10.83 -52.06 -79.37
N GLY M 398 10.72 -51.11 -80.28
CA GLY M 398 10.17 -51.41 -81.59
C GLY M 398 9.58 -50.17 -82.22
N ILE M 399 8.83 -50.37 -83.27
CA ILE M 399 8.14 -49.29 -83.95
C ILE M 399 6.75 -49.20 -83.35
N VAL M 400 6.25 -47.97 -83.23
CA VAL M 400 4.84 -47.73 -82.91
C VAL M 400 4.36 -46.67 -83.87
N TYR M 401 3.05 -46.50 -83.94
CA TYR M 401 2.48 -45.57 -84.90
C TYR M 401 1.63 -44.55 -84.19
N ARG M 402 1.97 -43.28 -84.36
CA ARG M 402 1.31 -42.20 -83.67
C ARG M 402 -0.11 -42.03 -84.18
N MET M 403 -0.78 -41.00 -83.67
CA MET M 403 -2.12 -40.61 -84.09
C MET M 403 -2.22 -40.45 -85.60
N ASP M 404 -1.18 -39.91 -86.19
CA ASP M 404 -1.15 -39.54 -87.60
C ASP M 404 -0.33 -40.47 -88.46
N ASN M 405 -0.11 -41.70 -88.01
CA ASN M 405 0.56 -42.74 -88.78
C ASN M 405 2.02 -42.40 -89.02
N VAL M 406 2.62 -41.61 -88.15
CA VAL M 406 4.06 -41.33 -88.17
C VAL M 406 4.74 -42.35 -87.27
N PRO M 407 5.70 -43.13 -87.76
CA PRO M 407 6.32 -44.17 -86.94
C PRO M 407 7.33 -43.57 -85.96
N ILE M 408 7.09 -43.75 -84.68
CA ILE M 408 8.07 -43.40 -83.65
C ILE M 408 8.83 -44.68 -83.33
N GLN M 409 10.10 -44.55 -82.99
CA GLN M 409 10.89 -45.70 -82.59
C GLN M 409 11.04 -45.68 -81.07
N PHE M 410 10.43 -46.66 -80.42
CA PHE M 410 10.50 -46.73 -78.97
C PHE M 410 11.74 -47.47 -78.53
N ARG M 411 12.23 -47.11 -77.36
CA ARG M 411 13.45 -47.68 -76.82
C ARG M 411 13.16 -48.52 -75.60
N LYS M 412 14.15 -49.31 -75.23
CA LYS M 412 14.07 -50.24 -74.10
C LYS M 412 14.82 -49.62 -72.93
N VAL M 413 14.23 -49.69 -71.74
CA VAL M 413 14.83 -49.05 -70.58
C VAL M 413 15.09 -50.05 -69.47
N ILE M 414 14.36 -51.17 -69.46
CA ILE M 414 14.49 -52.19 -68.43
C ILE M 414 14.60 -53.54 -69.11
N GLU M 415 15.48 -54.39 -68.59
CA GLU M 415 15.38 -55.71 -69.19
C GLU M 415 14.25 -56.50 -68.54
N PRO M 416 13.47 -57.24 -69.33
CA PRO M 416 12.32 -57.94 -68.78
C PRO M 416 12.76 -59.06 -67.85
N PRO M 417 11.88 -59.49 -66.93
CA PRO M 417 12.30 -60.47 -65.92
C PRO M 417 12.80 -61.76 -66.57
N GLU M 418 13.78 -62.38 -65.90
CA GLU M 418 14.45 -63.54 -66.46
C GLU M 418 13.46 -64.65 -66.75
N GLY M 419 13.27 -64.95 -68.04
CA GLY M 419 12.32 -65.95 -68.50
C GLY M 419 11.25 -65.39 -69.41
N VAL M 420 10.77 -64.17 -69.14
CA VAL M 420 9.67 -63.62 -69.90
C VAL M 420 10.15 -63.27 -71.29
N MET M 421 9.42 -63.74 -72.31
CA MET M 421 9.68 -63.39 -73.69
C MET M 421 8.69 -62.32 -74.11
N ASP M 422 8.77 -61.92 -75.39
CA ASP M 422 7.91 -60.85 -75.93
C ASP M 422 6.94 -61.46 -76.92
N ASP M 423 5.93 -60.71 -77.36
CA ASP M 423 4.88 -61.29 -78.22
C ASP M 423 5.42 -61.74 -79.57
N GLU M 424 6.33 -61.01 -80.21
CA GLU M 424 6.81 -61.52 -81.51
C GLU M 424 7.50 -62.86 -81.30
N THR M 425 8.33 -63.01 -80.28
CA THR M 425 8.90 -64.36 -80.09
C THR M 425 7.77 -65.36 -79.78
N LEU M 426 6.78 -64.99 -78.98
CA LEU M 426 5.73 -65.91 -78.58
C LEU M 426 4.86 -66.31 -79.76
N LEU M 427 4.41 -65.33 -80.54
CA LEU M 427 3.56 -65.66 -81.68
C LEU M 427 4.34 -66.47 -82.70
N ASN M 428 5.63 -66.19 -82.88
CA ASN M 428 6.41 -66.98 -83.81
C ASN M 428 6.54 -68.42 -83.33
N LYS M 429 6.72 -68.63 -82.02
CA LYS M 429 6.82 -69.99 -81.50
C LYS M 429 5.50 -70.73 -81.66
N ILE M 430 4.38 -70.02 -81.45
CA ILE M 430 3.07 -70.64 -81.68
C ILE M 430 2.92 -71.05 -83.15
N ALA M 431 3.33 -70.18 -84.08
CA ALA M 431 3.20 -70.52 -85.49
C ALA M 431 4.11 -71.70 -85.86
N ASP M 432 5.33 -71.72 -85.32
CA ASP M 432 6.22 -72.86 -85.55
C ASP M 432 5.61 -74.15 -85.04
N ARG M 433 5.03 -74.12 -83.84
CA ARG M 433 4.44 -75.33 -83.29
C ARG M 433 3.21 -75.77 -84.09
N MET M 434 2.42 -74.81 -84.58
CA MET M 434 1.28 -75.18 -85.42
C MET M 434 1.74 -75.84 -86.71
N GLU M 435 2.78 -75.31 -87.34
CA GLU M 435 3.30 -75.95 -88.53
C GLU M 435 3.88 -77.33 -88.21
N GLU M 436 4.45 -77.48 -87.02
CA GLU M 436 4.89 -78.80 -86.58
C GLU M 436 3.72 -79.77 -86.49
N LEU M 437 2.61 -79.32 -85.92
CA LEU M 437 1.37 -80.10 -85.92
C LEU M 437 0.78 -80.23 -87.30
N LYS M 438 1.39 -79.59 -88.29
CA LYS M 438 1.15 -79.87 -89.71
C LYS M 438 -0.22 -79.40 -90.16
N ALA M 439 -0.59 -78.20 -89.76
CA ALA M 439 -1.83 -77.61 -90.22
C ALA M 439 -1.70 -76.10 -90.35
N PRO N 7 -1.70 58.34 -15.56
CA PRO N 7 -1.45 56.90 -15.70
C PRO N 7 -2.07 56.32 -16.95
N ARG N 8 -1.45 55.30 -17.52
CA ARG N 8 -1.95 54.63 -18.71
C ARG N 8 -1.90 53.14 -18.46
N ILE N 9 -3.06 52.49 -18.49
CA ILE N 9 -3.20 51.10 -18.09
C ILE N 9 -3.60 50.28 -19.31
N GLY N 10 -3.02 49.10 -19.43
CA GLY N 10 -3.40 48.13 -20.46
C GLY N 10 -4.13 46.97 -19.82
N VAL N 11 -5.24 46.57 -20.43
CA VAL N 11 -6.07 45.48 -19.94
C VAL N 11 -5.98 44.35 -20.95
N PHE N 12 -5.50 43.20 -20.51
CA PHE N 12 -5.34 42.03 -21.36
C PHE N 12 -6.14 40.89 -20.77
N VAL N 13 -7.13 40.41 -21.53
CA VAL N 13 -8.11 39.45 -21.05
C VAL N 13 -7.82 38.10 -21.69
N CYS N 14 -7.49 37.12 -20.86
CA CYS N 14 -7.20 35.78 -21.34
C CYS N 14 -8.49 34.99 -21.52
N HIS N 15 -8.51 34.14 -22.55
CA HIS N 15 -9.58 33.18 -22.71
C HIS N 15 -9.33 31.89 -21.94
N CYS N 16 -8.07 31.63 -21.60
CA CYS N 16 -7.64 30.38 -20.99
C CYS N 16 -8.06 29.19 -21.84
N GLY N 17 -8.16 29.38 -23.15
CA GLY N 17 -8.60 28.32 -24.02
C GLY N 17 -9.98 27.84 -23.65
N THR N 18 -10.96 28.73 -23.85
CA THR N 18 -12.40 28.55 -23.67
C THR N 18 -12.83 28.32 -22.23
N ASN N 19 -11.89 28.18 -21.29
CA ASN N 19 -12.29 28.09 -19.87
C ASN N 19 -12.97 29.36 -19.39
N ILE N 20 -12.71 30.50 -20.02
CA ILE N 20 -13.33 31.75 -19.66
C ILE N 20 -14.30 32.23 -20.71
N ALA N 21 -13.98 31.99 -21.99
CA ALA N 21 -14.87 32.37 -23.07
C ALA N 21 -16.11 31.49 -23.13
N GLY N 22 -16.09 30.35 -22.47
CA GLY N 22 -17.27 29.53 -22.33
C GLY N 22 -18.13 29.85 -21.13
N SER N 23 -17.83 30.95 -20.44
CA SER N 23 -18.66 31.38 -19.32
C SER N 23 -19.06 32.84 -19.46
N MET N 24 -18.23 33.67 -20.09
CA MET N 24 -18.61 35.06 -20.29
C MET N 24 -18.38 35.50 -21.72
N SER N 25 -18.74 36.75 -21.99
CA SER N 25 -18.54 37.40 -23.29
C SER N 25 -17.26 38.23 -23.19
N ILE N 26 -16.17 37.66 -23.70
CA ILE N 26 -14.87 38.30 -23.63
C ILE N 26 -14.86 39.59 -24.45
N ASP N 27 -15.56 39.58 -25.58
CA ASP N 27 -15.66 40.79 -26.39
C ASP N 27 -16.29 41.93 -25.60
N ASP N 28 -17.37 41.64 -24.88
CA ASP N 28 -18.03 42.68 -24.08
C ASP N 28 -17.13 43.16 -22.96
N VAL N 29 -16.44 42.24 -22.28
CA VAL N 29 -15.52 42.67 -21.24
C VAL N 29 -14.45 43.59 -21.82
N VAL N 30 -13.93 43.26 -23.00
CA VAL N 30 -12.88 44.05 -23.61
C VAL N 30 -13.37 45.44 -24.00
N ASN N 31 -14.58 45.53 -24.57
CA ASN N 31 -15.12 46.84 -24.94
C ASN N 31 -15.37 47.69 -23.70
N TYR N 32 -15.86 47.08 -22.63
CA TYR N 32 -16.02 47.81 -21.39
C TYR N 32 -14.68 48.31 -20.87
N ALA N 33 -13.65 47.48 -20.95
CA ALA N 33 -12.34 47.92 -20.50
C ALA N 33 -11.85 49.09 -21.34
N LYS N 34 -12.11 49.06 -22.65
CA LYS N 34 -11.72 50.19 -23.49
C LYS N 34 -12.42 51.46 -23.05
N THR N 35 -13.71 51.38 -22.73
CA THR N 35 -14.41 52.60 -22.32
C THR N 35 -14.13 53.00 -20.89
N LEU N 36 -13.45 52.16 -20.11
CA LEU N 36 -13.12 52.52 -18.74
C LEU N 36 -12.17 53.73 -18.72
N PRO N 37 -12.18 54.51 -17.64
CA PRO N 37 -11.20 55.59 -17.50
C PRO N 37 -9.81 55.05 -17.20
N TYR N 38 -8.81 55.79 -17.68
CA TYR N 38 -7.37 55.57 -17.57
C TYR N 38 -6.86 54.47 -18.49
N VAL N 39 -7.72 53.76 -19.20
CA VAL N 39 -7.31 52.59 -19.96
C VAL N 39 -6.84 53.04 -21.34
N ALA N 40 -5.57 52.77 -21.65
CA ALA N 40 -5.01 53.12 -22.94
C ALA N 40 -5.29 52.06 -23.99
N VAL N 41 -5.09 50.79 -23.66
CA VAL N 41 -5.31 49.69 -24.59
C VAL N 41 -5.98 48.55 -23.84
N ALA N 42 -6.96 47.92 -24.49
CA ALA N 42 -7.58 46.71 -23.99
C ALA N 42 -7.52 45.67 -25.09
N ASP N 43 -7.18 44.44 -24.74
CA ASP N 43 -6.92 43.45 -25.77
C ASP N 43 -7.04 42.07 -25.13
N GLN N 44 -7.09 41.05 -25.99
CA GLN N 44 -7.38 39.69 -25.54
C GLN N 44 -6.46 38.71 -26.24
N TYR N 45 -6.30 37.55 -25.62
CA TYR N 45 -5.51 36.48 -26.21
C TYR N 45 -5.92 35.16 -25.60
N GLN N 46 -5.64 34.08 -26.32
CA GLN N 46 -6.08 32.76 -25.90
C GLN N 46 -5.32 32.26 -24.68
N TYR N 47 -4.00 32.44 -24.64
CA TYR N 47 -3.18 31.97 -23.52
C TYR N 47 -2.21 33.09 -23.14
N MET N 48 -2.64 33.98 -22.25
CA MET N 48 -1.78 35.07 -21.84
C MET N 48 -0.57 34.62 -21.03
N CYS N 49 -0.56 33.41 -20.52
CA CYS N 49 0.59 32.92 -19.79
C CYS N 49 1.65 32.33 -20.71
N SER N 50 1.39 32.27 -22.01
CA SER N 50 2.33 31.71 -22.95
C SER N 50 3.19 32.79 -23.60
N THR N 51 4.28 32.35 -24.21
CA THR N 51 5.26 33.28 -24.76
C THR N 51 4.66 34.31 -25.71
N PRO N 52 3.76 33.96 -26.63
CA PRO N 52 3.07 35.02 -27.38
C PRO N 52 2.28 35.96 -26.48
N GLY N 53 1.78 35.50 -25.34
CA GLY N 53 1.05 36.39 -24.45
C GLY N 53 1.96 37.41 -23.79
N GLN N 54 3.10 36.95 -23.26
CA GLN N 54 4.08 37.91 -22.74
C GLN N 54 4.57 38.85 -23.84
N LYS N 55 4.79 38.33 -25.05
CA LYS N 55 5.19 39.22 -26.13
C LYS N 55 4.12 40.26 -26.43
N LYS N 56 2.85 39.87 -26.36
CA LYS N 56 1.77 40.81 -26.56
C LYS N 56 1.79 41.90 -25.50
N ILE N 57 2.01 41.52 -24.24
CA ILE N 57 2.09 42.51 -23.18
C ILE N 57 3.24 43.47 -23.44
N ASP N 58 4.41 42.95 -23.81
CA ASP N 58 5.59 43.78 -23.98
C ASP N 58 5.44 44.73 -25.17
N ASP N 59 4.89 44.23 -26.27
CA ASP N 59 4.65 45.08 -27.42
C ASP N 59 3.66 46.18 -27.08
N ALA N 60 2.61 45.84 -26.33
CA ALA N 60 1.64 46.87 -25.96
C ALA N 60 2.29 47.93 -25.07
N ILE N 61 3.12 47.49 -24.12
CA ILE N 61 3.81 48.44 -23.26
C ILE N 61 4.64 49.40 -24.09
N LYS N 62 5.46 48.87 -24.99
CA LYS N 62 6.35 49.72 -25.79
C LYS N 62 5.56 50.65 -26.69
N GLU N 63 4.50 50.15 -27.32
CA GLU N 63 3.78 50.98 -28.28
C GLU N 63 2.97 52.07 -27.61
N TYR N 64 2.26 51.74 -26.53
CA TYR N 64 1.31 52.67 -25.94
C TYR N 64 1.87 53.40 -24.73
N ASN N 65 3.14 53.20 -24.39
CA ASN N 65 3.77 53.87 -23.25
C ASN N 65 2.96 53.62 -21.98
N LEU N 66 2.75 52.35 -21.68
CA LEU N 66 1.87 51.97 -20.58
C LEU N 66 2.54 52.23 -19.24
N THR N 67 1.80 52.81 -18.32
CA THR N 67 2.26 52.96 -16.94
C THR N 67 2.06 51.67 -16.15
N GLY N 68 0.93 51.00 -16.33
CA GLY N 68 0.64 49.79 -15.59
C GLY N 68 -0.11 48.80 -16.45
N VAL N 69 -0.15 47.57 -15.98
CA VAL N 69 -0.72 46.45 -16.72
C VAL N 69 -1.73 45.73 -15.83
N VAL N 70 -2.93 45.51 -16.35
CA VAL N 70 -3.95 44.71 -15.68
C VAL N 70 -4.25 43.51 -16.57
N VAL N 71 -4.15 42.31 -16.00
CA VAL N 71 -4.42 41.08 -16.72
C VAL N 71 -5.64 40.42 -16.09
N ALA N 72 -6.70 40.27 -16.88
CA ALA N 72 -7.93 39.62 -16.43
C ALA N 72 -7.82 38.15 -16.76
N ALA N 73 -7.41 37.35 -15.79
CA ALA N 73 -6.99 35.97 -16.01
C ALA N 73 -7.20 35.14 -14.77
N CYS N 74 -6.40 34.10 -14.61
CA CYS N 74 -6.48 33.18 -13.48
C CYS N 74 -6.02 33.86 -12.20
N SER N 75 -5.80 33.06 -11.17
CA SER N 75 -5.56 33.58 -9.83
C SER N 75 -4.17 34.22 -9.70
N PRO N 76 -4.06 35.28 -8.90
CA PRO N 76 -2.72 35.79 -8.57
C PRO N 76 -1.82 34.77 -7.92
N ARG N 77 -2.37 33.93 -7.03
CA ARG N 77 -1.57 32.90 -6.38
C ARG N 77 -0.99 31.94 -7.40
N LEU N 78 -1.53 31.90 -8.61
CA LEU N 78 -0.93 31.05 -9.65
C LEU N 78 0.02 31.82 -10.54
N HIS N 79 -0.33 33.04 -10.94
CA HIS N 79 0.50 33.67 -11.96
C HIS N 79 0.81 35.14 -11.64
N GLU N 80 1.19 35.46 -10.40
CA GLU N 80 1.90 36.72 -10.19
C GLU N 80 3.33 36.69 -10.69
N PRO N 81 4.15 35.69 -10.36
CA PRO N 81 5.55 35.75 -10.83
C PRO N 81 5.67 35.84 -12.34
N THR N 82 4.83 35.10 -13.07
CA THR N 82 4.91 35.10 -14.53
C THR N 82 4.69 36.49 -15.10
N PHE N 83 3.60 37.13 -14.71
CA PHE N 83 3.25 38.40 -15.30
C PHE N 83 4.03 39.56 -14.70
N ARG N 84 4.54 39.41 -13.48
CA ARG N 84 5.47 40.41 -12.96
C ARG N 84 6.77 40.39 -13.74
N THR N 85 7.27 39.19 -14.08
CA THR N 85 8.48 39.13 -14.90
C THR N 85 8.20 39.63 -16.31
N ALA N 86 7.01 39.34 -16.84
CA ALA N 86 6.62 39.87 -18.14
C ALA N 86 6.51 41.37 -18.13
N THR N 87 6.08 41.95 -17.01
CA THR N 87 5.99 43.41 -16.89
C THR N 87 7.38 44.02 -16.76
N LYS N 88 8.26 43.39 -15.99
CA LYS N 88 9.64 43.85 -15.93
C LYS N 88 10.27 43.89 -17.31
N GLU N 89 10.20 42.77 -18.02
CA GLU N 89 10.72 42.71 -19.40
C GLU N 89 9.78 43.53 -20.26
N GLY N 90 10.13 44.78 -20.47
CA GLY N 90 9.22 45.69 -21.12
C GLY N 90 9.36 47.09 -20.59
N GLY N 91 10.18 47.25 -19.55
CA GLY N 91 10.55 48.55 -19.07
C GLY N 91 9.73 49.10 -17.93
N LEU N 92 8.92 48.27 -17.30
CA LEU N 92 8.14 48.69 -16.15
C LEU N 92 8.71 48.07 -14.89
N ASN N 93 8.23 48.54 -13.75
CA ASN N 93 8.51 47.86 -12.50
C ASN N 93 7.63 46.62 -12.43
N PRO N 94 8.10 45.54 -11.80
CA PRO N 94 7.22 44.39 -11.61
C PRO N 94 5.97 44.68 -10.84
N PHE N 95 5.98 45.72 -10.00
CA PHE N 95 4.89 45.98 -9.07
C PHE N 95 3.94 47.05 -9.57
N ARG N 96 4.04 47.42 -10.84
CA ARG N 96 3.00 48.20 -11.51
C ARG N 96 1.96 47.29 -12.18
N PHE N 97 1.79 46.08 -11.66
CA PHE N 97 0.95 45.07 -12.27
C PHE N 97 -0.09 44.58 -11.27
N GLU N 98 -1.29 44.29 -11.77
CA GLU N 98 -2.40 43.82 -10.94
C GLU N 98 -3.27 42.88 -11.76
N MET N 99 -3.73 41.80 -11.13
CA MET N 99 -4.58 40.84 -11.82
C MET N 99 -6.04 41.00 -11.41
N ALA N 100 -6.92 40.55 -12.29
CA ALA N 100 -8.34 40.45 -12.03
C ALA N 100 -8.72 38.98 -12.21
N ASN N 101 -8.95 38.27 -11.12
CA ASN N 101 -9.26 36.84 -11.18
C ASN N 101 -10.68 36.67 -11.73
N ILE N 102 -10.78 36.37 -13.03
CA ILE N 102 -12.07 36.17 -13.67
C ILE N 102 -12.24 34.73 -14.13
N ARG N 103 -11.43 33.83 -13.63
CA ARG N 103 -11.61 32.41 -14.00
C ARG N 103 -12.04 31.63 -12.79
N GLU N 104 -11.13 31.51 -11.83
CA GLU N 104 -11.42 30.65 -10.71
C GLU N 104 -12.48 31.22 -9.80
N GLN N 105 -12.82 32.50 -9.97
CA GLN N 105 -13.84 33.14 -9.17
C GLN N 105 -14.97 33.71 -10.01
N ASN N 106 -14.93 33.57 -11.33
CA ASN N 106 -16.08 33.91 -12.15
C ASN N 106 -16.55 32.73 -13.00
N SER N 107 -15.67 32.16 -13.84
CA SER N 107 -16.12 31.19 -14.83
C SER N 107 -16.48 29.87 -14.19
N TRP N 108 -15.52 29.29 -13.48
CA TRP N 108 -15.68 27.96 -12.93
C TRP N 108 -16.77 27.89 -11.88
N VAL N 109 -17.25 29.03 -11.40
CA VAL N 109 -18.31 29.07 -10.41
C VAL N 109 -19.60 29.62 -10.97
N HIS N 110 -19.60 30.21 -12.16
CA HIS N 110 -20.82 30.65 -12.80
C HIS N 110 -20.93 30.09 -14.21
N MET N 111 -20.53 28.83 -14.38
CA MET N 111 -20.66 28.18 -15.69
C MET N 111 -22.12 28.16 -16.16
N HIS N 112 -23.00 27.52 -15.39
CA HIS N 112 -24.26 27.01 -15.91
C HIS N 112 -25.37 28.05 -15.89
N GLY N 113 -25.98 28.26 -17.05
CA GLY N 113 -27.26 28.95 -17.13
C GLY N 113 -27.26 30.37 -16.63
N MET N 114 -26.09 31.01 -16.58
CA MET N 114 -26.00 32.39 -16.11
C MET N 114 -24.74 33.02 -16.71
N TRP N 115 -24.95 33.82 -17.75
CA TRP N 115 -23.93 34.28 -18.68
C TRP N 115 -23.76 35.79 -18.63
N ASP N 116 -24.84 36.54 -18.79
CA ASP N 116 -24.74 37.99 -18.63
C ASP N 116 -24.45 38.39 -17.19
N GLU N 117 -24.87 37.56 -16.22
CA GLU N 117 -24.49 37.81 -14.83
C GLU N 117 -23.00 37.61 -14.63
N ALA N 118 -22.42 36.56 -15.22
CA ALA N 118 -20.98 36.38 -15.13
C ALA N 118 -20.24 37.47 -15.88
N THR N 119 -20.79 37.95 -16.99
CA THR N 119 -20.17 39.05 -17.70
C THR N 119 -20.16 40.32 -16.87
N GLN N 120 -21.27 40.62 -16.20
CA GLN N 120 -21.29 41.79 -15.32
C GLN N 120 -20.31 41.64 -14.16
N LYS N 121 -20.21 40.43 -13.59
CA LYS N 121 -19.21 40.23 -12.55
C LYS N 121 -17.81 40.46 -13.08
N ALA N 122 -17.53 40.00 -14.30
CA ALA N 122 -16.21 40.19 -14.89
C ALA N 122 -15.91 41.66 -15.13
N LYS N 123 -16.91 42.41 -15.61
CA LYS N 123 -16.72 43.84 -15.79
C LYS N 123 -16.42 44.52 -14.46
N ASP N 124 -17.12 44.12 -13.40
CA ASP N 124 -16.86 44.69 -12.08
C ASP N 124 -15.45 44.38 -11.60
N GLN N 125 -15.01 43.14 -11.77
CA GLN N 125 -13.66 42.77 -11.33
C GLN N 125 -12.60 43.52 -12.12
N VAL N 126 -12.80 43.66 -13.43
CA VAL N 126 -11.85 44.41 -14.25
C VAL N 126 -11.82 45.88 -13.83
N ARG N 127 -12.97 46.45 -13.52
CA ARG N 127 -13.01 47.84 -13.07
C ARG N 127 -12.25 48.03 -11.76
N MET N 128 -12.46 47.13 -10.81
CA MET N 128 -11.74 47.24 -9.54
C MET N 128 -10.24 47.06 -9.73
N ALA N 129 -9.84 46.12 -10.60
CA ALA N 129 -8.42 45.92 -10.85
C ALA N 129 -7.79 47.14 -11.49
N VAL N 130 -8.48 47.75 -12.47
CA VAL N 130 -7.96 48.95 -13.11
C VAL N 130 -7.85 50.08 -12.10
N ALA N 131 -8.83 50.21 -11.22
CA ALA N 131 -8.78 51.27 -10.21
C ALA N 131 -7.60 51.11 -9.29
N LYS N 132 -7.30 49.88 -8.87
CA LYS N 132 -6.11 49.68 -8.04
C LYS N 132 -4.83 49.97 -8.82
N ALA N 133 -4.75 49.47 -10.05
CA ALA N 133 -3.51 49.60 -10.81
C ALA N 133 -3.22 51.03 -11.21
N ALA N 134 -4.26 51.85 -11.36
CA ALA N 134 -4.04 53.27 -11.64
C ALA N 134 -3.42 54.00 -10.46
N LYS N 135 -3.37 53.37 -9.30
CA LYS N 135 -2.78 53.96 -8.11
C LYS N 135 -1.59 53.20 -7.56
N LEU N 136 -1.26 52.04 -8.13
CA LEU N 136 -0.02 51.38 -7.74
C LEU N 136 1.18 52.22 -8.16
N GLU N 137 2.26 52.11 -7.39
CA GLU N 137 3.51 52.74 -7.77
C GLU N 137 4.69 51.85 -7.37
N ASP N 138 5.88 52.33 -7.70
CA ASP N 138 7.05 51.47 -7.83
C ASP N 138 7.56 50.96 -6.49
N LEU N 139 7.82 49.67 -6.43
CA LEU N 139 8.45 49.03 -5.29
C LEU N 139 9.67 48.27 -5.78
N VAL N 140 10.67 48.16 -4.91
CA VAL N 140 11.85 47.35 -5.18
C VAL N 140 12.00 46.35 -4.05
N PRO N 141 12.10 45.05 -4.34
CA PRO N 141 12.16 44.07 -3.26
C PRO N 141 13.41 44.26 -2.40
N LYS N 142 13.26 43.99 -1.12
CA LYS N 142 14.37 44.11 -0.19
C LYS N 142 15.25 42.87 -0.26
N SER N 143 16.55 43.08 -0.39
CA SER N 143 17.52 42.00 -0.33
C SER N 143 18.18 42.00 1.04
N VAL N 144 18.22 40.84 1.67
CA VAL N 144 18.81 40.74 3.01
C VAL N 144 19.95 39.73 2.99
N PRO N 145 21.03 39.96 3.71
CA PRO N 145 22.11 38.99 3.77
C PRO N 145 21.68 37.73 4.52
N VAL N 146 22.34 36.62 4.20
CA VAL N 146 22.04 35.33 4.81
C VAL N 146 23.27 34.86 5.57
N GLU N 147 23.09 34.61 6.87
CA GLU N 147 24.16 34.02 7.66
C GLU N 147 24.52 32.65 7.09
N LYS N 148 25.82 32.36 7.04
CA LYS N 148 26.32 31.18 6.35
C LYS N 148 26.32 29.94 7.24
N THR N 149 25.46 29.88 8.25
CA THR N 149 25.29 28.69 9.04
C THR N 149 23.89 28.13 8.86
N ALA N 150 23.72 26.88 9.27
CA ALA N 150 22.43 26.21 9.19
C ALA N 150 22.22 25.42 10.46
N MET N 151 20.96 25.20 10.79
CA MET N 151 20.59 24.42 11.97
C MET N 151 19.76 23.23 11.54
N VAL N 152 20.04 22.07 12.12
CA VAL N 152 19.24 20.86 11.91
C VAL N 152 18.77 20.40 13.28
N VAL N 153 17.47 20.44 13.49
CA VAL N 153 16.87 19.99 14.78
C VAL N 153 16.44 18.54 14.60
N GLY N 154 17.07 17.64 15.31
CA GLY N 154 16.77 16.22 15.17
C GLY N 154 17.99 15.50 14.70
N GLY N 155 18.39 14.47 15.44
CA GLY N 155 19.62 13.72 15.11
C GLY N 155 19.28 12.30 14.73
N GLY N 156 18.17 12.12 14.02
CA GLY N 156 17.80 10.78 13.55
C GLY N 156 18.49 10.55 12.23
N VAL N 157 18.03 9.61 11.44
CA VAL N 157 18.65 9.44 10.09
C VAL N 157 18.41 10.69 9.24
N ALA N 158 17.22 11.27 9.29
CA ALA N 158 16.91 12.45 8.45
C ALA N 158 17.71 13.68 8.89
N GLY N 159 17.87 13.87 10.19
CA GLY N 159 18.70 14.96 10.65
C GLY N 159 20.16 14.76 10.34
N MET N 160 20.68 13.55 10.55
CA MET N 160 22.07 13.27 10.26
C MET N 160 22.36 13.39 8.76
N GLN N 161 21.45 12.90 7.92
CA GLN N 161 21.67 13.03 6.49
C GLN N 161 21.66 14.49 6.05
N ALA N 162 20.72 15.28 6.56
CA ALA N 162 20.68 16.70 6.22
C ALA N 162 21.94 17.41 6.69
N ALA N 163 22.40 17.11 7.90
CA ALA N 163 23.59 17.75 8.43
C ALA N 163 24.82 17.39 7.61
N LEU N 164 24.98 16.10 7.28
CA LEU N 164 26.11 15.69 6.48
C LEU N 164 26.07 16.33 5.10
N ASP N 165 24.88 16.40 4.50
CA ASP N 165 24.75 17.01 3.18
C ASP N 165 25.14 18.48 3.21
N LEU N 166 24.63 19.23 4.19
CA LEU N 166 25.00 20.65 4.28
C LEU N 166 26.49 20.83 4.55
N ALA N 167 27.04 20.05 5.48
CA ALA N 167 28.46 20.19 5.80
C ALA N 167 29.34 19.85 4.60
N SER N 168 29.02 18.79 3.87
CA SER N 168 29.80 18.44 2.70
C SER N 168 29.57 19.42 1.56
N ALA N 169 28.46 20.14 1.55
CA ALA N 169 28.34 21.28 0.66
C ALA N 169 29.16 22.46 1.15
N GLY N 170 29.60 22.45 2.40
CA GLY N 170 30.54 23.44 2.91
C GLY N 170 29.96 24.38 3.94
N ILE N 171 28.66 24.32 4.18
CA ILE N 171 28.00 25.20 5.14
C ILE N 171 28.23 24.66 6.54
N LYS N 172 28.61 25.53 7.46
CA LYS N 172 28.68 25.14 8.86
C LYS N 172 27.29 24.85 9.39
N THR N 173 27.15 23.77 10.14
CA THR N 173 25.85 23.26 10.52
C THR N 173 25.82 22.95 12.00
N TYR N 174 24.69 23.23 12.63
CA TYR N 174 24.41 22.83 14.01
C TYR N 174 23.44 21.67 13.98
N LEU N 175 23.76 20.61 14.71
CA LEU N 175 22.88 19.45 14.83
C LEU N 175 22.38 19.40 16.27
N ILE N 176 21.10 19.74 16.46
CA ILE N 176 20.54 19.75 17.83
C ILE N 176 19.79 18.44 18.04
N GLU N 177 20.09 17.74 19.13
CA GLU N 177 19.41 16.49 19.48
C GLU N 177 19.03 16.61 20.95
N ARG N 178 17.78 16.36 21.31
CA ARG N 178 17.31 16.42 22.71
C ARG N 178 17.89 15.28 23.52
N THR N 179 18.23 14.19 22.88
CA THR N 179 18.69 13.00 23.63
C THR N 179 20.22 12.97 23.65
N PRO N 180 20.90 12.21 24.54
CA PRO N 180 22.36 12.26 24.64
C PRO N 180 23.08 11.65 23.44
N THR N 181 22.38 11.08 22.47
CA THR N 181 23.01 10.43 21.33
C THR N 181 22.21 10.72 20.08
N ILE N 182 22.90 10.71 18.94
CA ILE N 182 22.24 10.78 17.64
C ILE N 182 21.89 9.38 17.19
N GLY N 183 21.10 9.23 16.13
CA GLY N 183 20.75 7.90 15.59
C GLY N 183 19.27 7.77 15.35
N GLY N 184 18.45 8.09 16.36
CA GLY N 184 17.00 8.04 16.24
C GLY N 184 16.43 6.65 16.36
N ARG N 185 15.30 6.40 15.72
CA ARG N 185 14.61 5.09 15.76
C ARG N 185 15.41 4.03 15.02
N MET N 186 16.17 4.39 13.99
CA MET N 186 16.87 3.40 13.17
C MET N 186 17.96 2.78 14.02
N SER N 187 18.48 3.50 15.01
CA SER N 187 19.40 2.92 15.97
C SER N 187 18.72 1.88 16.84
N GLN N 188 17.40 1.97 17.02
CA GLN N 188 16.70 0.96 17.80
C GLN N 188 16.33 -0.25 16.94
N LEU N 189 16.08 -0.05 15.65
CA LEU N 189 15.78 -1.17 14.73
C LEU N 189 16.87 -2.23 14.81
N ASP N 190 16.52 -3.52 14.67
CA ASP N 190 17.50 -4.64 14.68
C ASP N 190 17.96 -4.98 13.26
N LYS N 191 17.03 -5.23 12.34
CA LYS N 191 17.31 -5.49 10.90
C LYS N 191 16.39 -4.58 10.10
N THR N 192 16.60 -4.46 8.81
CA THR N 192 15.84 -3.51 7.99
C THR N 192 15.18 -4.22 6.81
N PHE N 193 13.93 -3.92 6.51
CA PHE N 193 13.27 -4.43 5.29
C PHE N 193 13.71 -3.49 4.17
N PRO N 194 13.68 -3.85 2.88
CA PRO N 194 13.35 -5.22 2.43
C PRO N 194 14.60 -6.08 2.23
N THR N 195 15.77 -5.58 2.63
CA THR N 195 17.07 -6.22 2.35
C THR N 195 17.64 -7.01 3.52
N LEU N 196 17.06 -6.92 4.71
CA LEU N 196 17.52 -7.61 5.96
C LEU N 196 18.95 -7.28 6.37
N ASP N 197 19.37 -6.03 6.20
CA ASP N 197 20.69 -5.58 6.67
C ASP N 197 20.60 -5.24 8.15
N CYS N 198 21.70 -5.29 8.90
CA CYS N 198 21.71 -4.88 10.32
C CYS N 198 21.67 -3.35 10.33
N SER N 199 20.75 -2.76 11.09
CA SER N 199 20.56 -1.29 11.09
C SER N 199 21.78 -0.54 11.63
N GLN N 200 22.34 -0.97 12.75
CA GLN N 200 23.48 -0.26 13.37
C GLN N 200 24.69 -0.38 12.46
N CYS N 201 24.85 -1.54 11.84
CA CYS N 201 26.03 -1.76 10.97
C CYS N 201 26.00 -0.76 9.83
N ILE N 202 24.86 -0.58 9.17
CA ILE N 202 24.73 0.41 8.06
C ILE N 202 24.75 1.86 8.55
N LEU N 203 24.31 2.14 9.76
CA LEU N 203 24.23 3.54 10.24
C LEU N 203 25.52 3.97 10.94
N THR N 204 26.20 3.07 11.65
CA THR N 204 27.42 3.47 12.42
C THR N 204 28.41 4.22 11.54
N PRO N 205 28.75 3.80 10.31
CA PRO N 205 29.59 4.60 9.45
C PRO N 205 29.14 6.07 9.37
N LYS N 206 27.84 6.33 9.22
CA LYS N 206 27.32 7.69 9.08
C LYS N 206 27.34 8.44 10.41
N MET N 207 27.10 7.73 11.52
CA MET N 207 27.24 8.37 12.82
C MET N 207 28.68 8.81 13.05
N VAL N 208 29.65 8.00 12.64
CA VAL N 208 31.05 8.37 12.78
C VAL N 208 31.38 9.57 11.90
N ASP N 209 30.84 9.60 10.68
CA ASP N 209 31.05 10.76 9.82
C ASP N 209 30.52 12.04 10.46
N VAL N 210 29.31 11.97 11.02
CA VAL N 210 28.74 13.15 11.68
C VAL N 210 29.59 13.56 12.87
N GLY N 211 30.05 12.60 13.66
CA GLY N 211 30.84 12.93 14.83
C GLY N 211 32.20 13.51 14.50
N ARG N 212 32.75 13.18 13.33
CA ARG N 212 34.08 13.66 12.95
C ARG N 212 34.07 14.87 12.03
N HIS N 213 32.95 15.20 11.41
CA HIS N 213 32.95 16.25 10.41
C HIS N 213 33.32 17.58 11.04
N PRO N 214 34.28 18.32 10.47
CA PRO N 214 34.65 19.62 11.04
C PRO N 214 33.60 20.69 10.84
N ASN N 215 32.71 20.53 9.87
CA ASN N 215 31.69 21.53 9.56
C ASN N 215 30.39 21.32 10.31
N ILE N 216 30.32 20.31 11.18
CA ILE N 216 29.11 20.01 11.94
C ILE N 216 29.39 20.26 13.40
N GLU N 217 28.54 21.06 14.02
CA GLU N 217 28.59 21.32 15.46
C GLU N 217 27.52 20.46 16.11
N MET N 218 27.91 19.25 16.48
CA MET N 218 26.98 18.29 17.05
C MET N 218 26.71 18.67 18.50
N MET N 219 25.47 19.04 18.79
CA MET N 219 25.06 19.50 20.12
C MET N 219 23.97 18.54 20.60
N THR N 220 24.38 17.49 21.28
CA THR N 220 23.43 16.51 21.81
C THR N 220 22.93 16.96 23.17
N TYR N 221 21.75 16.46 23.53
CA TYR N 221 21.15 16.70 24.84
C TYR N 221 20.88 18.19 25.02
N THR N 222 20.29 18.78 23.98
CA THR N 222 20.11 20.24 23.92
C THR N 222 18.77 20.50 23.27
N GLU N 223 18.09 21.56 23.68
CA GLU N 223 16.77 21.86 23.11
C GLU N 223 16.78 23.27 22.53
N VAL N 224 15.69 23.68 21.89
CA VAL N 224 15.53 25.00 21.28
C VAL N 224 14.53 25.78 22.13
N GLU N 225 15.01 26.73 22.93
CA GLU N 225 14.11 27.50 23.78
C GLU N 225 13.26 28.47 22.97
N LYS N 226 13.88 29.24 22.09
CA LYS N 226 13.14 30.29 21.41
C LYS N 226 13.82 30.61 20.09
N VAL N 227 13.02 31.04 19.13
CA VAL N 227 13.48 31.43 17.81
C VAL N 227 12.85 32.76 17.45
N GLU N 228 13.69 33.73 17.06
CA GLU N 228 13.20 34.96 16.48
C GLU N 228 14.08 35.32 15.29
N GLY N 229 13.50 36.03 14.35
CA GLY N 229 14.18 36.41 13.14
C GLY N 229 13.42 35.97 11.93
N TYR N 230 14.12 35.85 10.80
CA TYR N 230 13.50 35.59 9.51
C TYR N 230 14.51 34.88 8.63
N ILE N 231 14.20 34.79 7.34
CA ILE N 231 15.06 34.12 6.36
C ILE N 231 16.52 34.56 6.50
N GLY N 232 16.75 35.82 6.80
CA GLY N 232 18.13 36.28 6.91
C GLY N 232 18.84 35.72 8.11
N ASN N 233 18.44 36.18 9.30
CA ASN N 233 19.10 35.79 10.54
C ASN N 233 18.06 35.26 11.51
N PHE N 234 18.23 34.02 11.93
CA PHE N 234 17.40 33.41 12.96
C PHE N 234 18.21 33.42 14.25
N ASP N 235 17.74 34.16 15.24
CA ASP N 235 18.41 34.18 16.55
C ASP N 235 17.82 33.07 17.39
N VAL N 236 18.46 31.90 17.34
CA VAL N 236 17.95 30.70 17.99
C VAL N 236 18.65 30.55 19.32
N THR N 237 17.89 30.45 20.38
CA THR N 237 18.41 30.23 21.72
C THR N 237 18.30 28.76 22.07
N LEU N 238 19.41 28.17 22.48
CA LEU N 238 19.47 26.75 22.79
C LEU N 238 19.64 26.56 24.29
N ARG N 239 19.04 25.50 24.82
CA ARG N 239 19.22 25.12 26.21
C ARG N 239 20.14 23.92 26.26
N LYS N 240 21.35 24.13 26.78
CA LYS N 240 22.29 23.04 26.97
C LYS N 240 21.99 22.41 28.32
N LYS N 241 21.22 21.32 28.30
CA LYS N 241 20.81 20.67 29.53
C LYS N 241 22.04 20.16 30.27
N ALA N 242 21.93 20.10 31.59
CA ALA N 242 23.07 19.71 32.41
C ALA N 242 23.33 18.23 32.20
N ARG N 243 24.31 17.93 31.33
CA ARG N 243 24.67 16.54 31.08
C ARG N 243 25.30 15.91 32.30
N GLY N 244 26.03 16.67 33.09
CA GLY N 244 26.70 16.17 34.26
C GLY N 244 28.08 15.61 34.03
N VAL N 245 28.50 15.47 32.77
CA VAL N 245 29.80 14.89 32.43
C VAL N 245 30.43 15.73 31.33
N LEU N 246 31.74 15.91 31.42
CA LEU N 246 32.48 16.81 30.55
C LEU N 246 33.18 16.03 29.45
N THR N 247 33.04 16.50 28.22
CA THR N 247 33.83 15.97 27.12
C THR N 247 35.29 16.38 27.32
N PRO N 248 36.23 15.69 26.66
CA PRO N 248 37.64 16.08 26.81
C PRO N 248 37.91 17.52 26.45
N THR N 249 37.26 18.04 25.40
CA THR N 249 37.50 19.43 25.00
C THR N 249 37.06 20.39 26.10
N GLU N 250 35.86 20.18 26.63
CA GLU N 250 35.35 21.04 27.69
C GLU N 250 36.17 20.91 28.96
N ALA N 251 36.66 19.71 29.25
CA ALA N 251 37.51 19.53 30.42
C ALA N 251 38.81 20.31 30.27
N THR N 252 39.44 20.23 29.09
CA THR N 252 40.66 21.00 28.87
C THR N 252 40.40 22.50 28.96
N ALA N 253 39.26 22.94 28.42
CA ALA N 253 38.90 24.34 28.53
C ALA N 253 38.75 24.77 29.99
N LYS N 254 38.07 23.95 30.79
CA LYS N 254 37.91 24.24 32.21
C LYS N 254 39.20 24.07 33.00
N GLY N 255 40.23 23.46 32.41
CA GLY N 255 41.53 23.39 33.03
C GLY N 255 42.02 22.02 33.41
N ILE N 256 41.17 21.00 33.29
CA ILE N 256 41.58 19.63 33.62
C ILE N 256 42.38 19.09 32.44
N VAL N 257 43.70 18.95 32.61
CA VAL N 257 44.54 18.47 31.53
C VAL N 257 44.30 16.99 31.27
N GLY N 258 44.10 16.20 32.33
CA GLY N 258 43.99 14.76 32.19
C GLY N 258 42.86 14.31 31.28
N GLY N 259 41.88 15.16 31.03
CA GLY N 259 40.85 14.89 30.07
C GLY N 259 39.47 14.95 30.68
N GLY N 260 38.48 14.51 29.91
CA GLY N 260 37.12 14.41 30.38
C GLY N 260 36.65 12.98 30.39
N CYS N 261 35.62 12.68 29.61
CA CYS N 261 35.05 11.35 29.57
C CYS N 261 35.64 10.55 28.42
N ASN N 262 36.17 9.37 28.73
CA ASN N 262 36.66 8.45 27.71
C ASN N 262 35.75 7.24 27.55
N GLY N 263 34.61 7.22 28.23
CA GLY N 263 33.68 6.11 28.12
C GLY N 263 34.17 4.80 28.69
N CYS N 264 34.85 4.83 29.84
CA CYS N 264 35.37 3.58 30.41
C CYS N 264 34.25 2.76 31.02
N GLY N 265 33.30 3.40 31.70
CA GLY N 265 32.17 2.73 32.29
C GLY N 265 32.26 2.48 33.78
N ASP N 266 33.33 2.92 34.44
CA ASP N 266 33.47 2.69 35.88
C ASP N 266 32.38 3.39 36.66
N CYS N 267 31.99 4.59 36.22
CA CYS N 267 30.92 5.31 36.89
C CYS N 267 29.65 4.50 36.95
N SER N 268 29.19 3.98 35.81
CA SER N 268 27.98 3.19 35.82
C SER N 268 28.21 1.83 36.45
N ALA N 269 29.46 1.40 36.55
CA ALA N 269 29.74 0.16 37.26
C ALA N 269 29.51 0.34 38.76
N VAL N 270 29.70 1.54 39.28
CA VAL N 270 29.55 1.75 40.71
C VAL N 270 28.26 2.45 41.12
N CYS N 271 27.55 3.07 40.19
CA CYS N 271 26.31 3.75 40.55
C CYS N 271 25.31 2.77 41.14
N PRO N 272 24.66 3.10 42.27
CA PRO N 272 23.69 2.19 42.87
C PRO N 272 22.25 2.38 42.42
N VAL N 273 21.91 3.49 41.80
CA VAL N 273 20.56 3.70 41.31
C VAL N 273 20.37 2.87 40.05
N ILE N 274 19.18 2.29 39.89
CA ILE N 274 18.84 1.52 38.70
C ILE N 274 17.47 1.97 38.21
N LYS N 275 17.38 2.34 36.94
CA LYS N 275 16.16 2.89 36.36
C LYS N 275 15.97 2.27 34.99
N PRO N 276 14.76 2.35 34.44
CA PRO N 276 14.53 1.80 33.10
C PRO N 276 15.26 2.59 32.03
N ASN N 277 15.61 1.88 30.95
CA ASN N 277 16.32 2.49 29.84
C ASN N 277 15.32 2.87 28.76
N PRO N 278 15.16 4.17 28.46
CA PRO N 278 14.19 4.54 27.41
C PRO N 278 14.57 4.05 26.02
N PHE N 279 15.85 3.85 25.76
CA PHE N 279 16.26 3.30 24.47
C PHE N 279 15.73 1.89 24.28
N GLU N 280 15.80 1.07 25.32
CA GLU N 280 15.25 -0.27 25.30
C GLU N 280 13.78 -0.30 25.65
N MET N 281 13.07 0.80 25.43
CA MET N 281 11.63 0.90 25.70
C MET N 281 11.28 0.43 27.10
N GLY N 282 12.21 0.60 28.02
CA GLY N 282 11.97 0.25 29.40
C GLY N 282 12.26 -1.18 29.78
N MET N 283 12.59 -2.05 28.84
CA MET N 283 12.84 -3.43 29.23
C MET N 283 14.12 -3.62 30.01
N ALA N 284 15.03 -2.66 29.97
CA ALA N 284 16.34 -2.97 30.53
C ALA N 284 16.77 -1.95 31.58
N PRO N 285 17.53 -2.39 32.58
CA PRO N 285 18.01 -1.44 33.59
C PRO N 285 19.16 -0.59 33.07
N ARG N 286 19.29 0.59 33.66
CA ARG N 286 20.45 1.46 33.46
C ARG N 286 20.62 2.30 34.70
N LYS N 287 21.88 2.59 35.04
CA LYS N 287 22.16 3.33 36.26
C LYS N 287 21.76 4.79 36.09
N ALA N 288 22.01 5.59 37.14
CA ALA N 288 21.72 7.01 37.06
C ALA N 288 22.66 7.70 36.09
N ILE N 289 23.90 7.23 35.98
CA ILE N 289 24.87 7.70 35.00
C ILE N 289 25.00 6.59 33.96
N TYR N 290 24.84 6.94 32.70
CA TYR N 290 24.52 5.91 31.72
C TYR N 290 24.77 6.39 30.30
N ILE N 291 24.82 5.42 29.40
CA ILE N 291 24.64 5.61 27.97
C ILE N 291 23.49 4.72 27.54
N TYR N 292 22.80 5.12 26.47
CA TYR N 292 21.73 4.26 25.96
C TYR N 292 22.25 2.90 25.56
N HIS N 293 23.13 2.86 24.57
CA HIS N 293 23.72 1.60 24.13
C HIS N 293 25.20 1.82 23.90
N ALA N 294 25.92 0.73 23.66
CA ALA N 294 27.36 0.81 23.52
C ALA N 294 27.81 1.48 22.23
N GLN N 295 26.90 1.74 21.30
CA GLN N 295 27.25 2.36 20.02
C GLN N 295 26.75 3.79 19.91
N VAL N 296 26.58 4.49 21.04
CA VAL N 296 26.16 5.88 20.99
C VAL N 296 27.30 6.71 20.42
N MET N 297 26.96 7.74 19.65
CA MET N 297 28.03 8.49 18.98
C MET N 297 28.85 9.35 19.93
N PRO N 298 28.28 10.31 20.66
CA PRO N 298 29.07 10.89 21.73
C PRO N 298 29.06 9.95 22.91
N LEU N 299 30.16 9.24 23.12
CA LEU N 299 30.27 8.25 24.20
C LEU N 299 30.69 8.99 25.47
N ILE N 300 29.72 9.70 26.07
CA ILE N 300 30.02 10.70 27.09
C ILE N 300 29.26 10.49 28.39
N TYR N 301 28.36 9.53 28.48
CA TYR N 301 27.82 9.09 29.77
C TYR N 301 27.10 10.21 30.53
N THR N 302 25.93 10.58 30.01
CA THR N 302 25.03 11.50 30.71
C THR N 302 24.77 11.05 32.15
N VAL N 303 24.47 12.03 33.01
CA VAL N 303 23.95 11.79 34.35
C VAL N 303 22.48 12.18 34.36
N ASP N 304 21.64 11.31 34.88
CA ASP N 304 20.21 11.55 34.96
C ASP N 304 19.92 12.24 36.28
N PHE N 305 19.79 13.56 36.26
CA PHE N 305 19.72 14.32 37.50
C PHE N 305 18.36 14.18 38.17
N ASP N 306 17.33 13.77 37.45
CA ASP N 306 16.06 13.51 38.11
C ASP N 306 16.11 12.28 39.00
N SER N 307 17.09 11.41 38.81
CA SER N 307 17.17 10.17 39.54
C SER N 307 18.48 9.98 40.29
N CYS N 308 19.47 10.83 40.08
CA CYS N 308 20.70 10.77 40.84
C CYS N 308 20.45 11.14 42.29
N VAL N 309 21.11 10.43 43.20
CA VAL N 309 21.03 10.75 44.61
C VAL N 309 22.29 11.44 45.11
N LYS N 310 23.18 11.84 44.21
CA LYS N 310 24.40 12.58 44.55
C LYS N 310 25.22 11.83 45.58
N CYS N 311 25.31 10.50 45.44
CA CYS N 311 26.07 9.72 46.40
C CYS N 311 27.56 9.95 46.23
N GLY N 312 27.99 10.42 45.07
CA GLY N 312 29.38 10.74 44.85
C GLY N 312 30.28 9.56 44.57
N LEU N 313 29.73 8.35 44.41
CA LEU N 313 30.56 7.22 44.05
C LEU N 313 31.08 7.34 42.64
N CYS N 314 30.30 7.96 41.75
CA CYS N 314 30.70 8.08 40.36
C CYS N 314 31.97 8.92 40.23
N VAL N 315 32.08 10.00 40.99
CA VAL N 315 33.27 10.85 40.87
C VAL N 315 34.50 10.14 41.38
N GLU N 316 34.37 9.35 42.45
CA GLU N 316 35.48 8.57 42.93
C GLU N 316 35.92 7.53 41.91
N ALA N 317 34.94 6.90 41.23
CA ALA N 317 35.29 5.96 40.19
C ALA N 317 35.97 6.64 39.01
N CYS N 318 35.49 7.82 38.62
CA CYS N 318 36.10 8.54 37.51
C CYS N 318 37.52 8.96 37.84
N GLY N 319 37.77 9.40 39.07
CA GLY N 319 39.13 9.64 39.50
C GLY N 319 39.73 10.85 38.83
N ASP N 320 40.98 10.70 38.39
CA ASP N 320 41.75 11.83 37.87
C ASP N 320 41.19 12.40 36.58
N LYS N 321 40.36 11.63 35.86
CA LYS N 321 39.73 12.17 34.67
C LYS N 321 38.80 13.33 35.02
N LYS N 322 38.17 13.27 36.18
CA LYS N 322 37.35 14.37 36.71
C LYS N 322 36.31 14.84 35.70
N ALA N 323 35.66 13.90 35.05
CA ALA N 323 34.68 14.24 34.04
C ALA N 323 33.31 14.56 34.60
N ILE N 324 33.04 14.20 35.85
CA ILE N 324 31.70 14.30 36.42
C ILE N 324 31.61 15.57 37.25
N ASP N 325 30.64 16.42 36.90
CA ASP N 325 30.34 17.62 37.66
C ASP N 325 28.87 17.53 38.10
N LEU N 326 28.64 17.11 39.34
CA LEU N 326 27.29 16.85 39.79
C LEU N 326 26.47 18.11 40.03
N GLU N 327 27.09 19.28 40.00
CA GLU N 327 26.39 20.53 40.24
C GLU N 327 26.12 21.31 38.96
N MET N 328 26.30 20.70 37.80
CA MET N 328 26.11 21.40 36.53
C MET N 328 24.66 21.84 36.37
N GLN N 329 24.47 22.98 35.71
CA GLN N 329 23.15 23.56 35.49
C GLN N 329 22.91 23.78 34.01
N ASP N 330 21.65 24.01 33.66
CA ASP N 330 21.25 24.27 32.29
C ASP N 330 21.88 25.55 31.78
N GLU N 331 22.79 25.44 30.82
CA GLU N 331 23.39 26.60 30.19
C GLU N 331 22.60 27.00 28.95
N PHE N 332 22.55 28.30 28.70
CA PHE N 332 21.81 28.84 27.56
C PHE N 332 22.78 29.49 26.58
N ILE N 333 22.57 29.22 25.29
CA ILE N 333 23.42 29.73 24.22
C ILE N 333 22.51 30.31 23.14
N THR N 334 22.93 31.42 22.54
CA THR N 334 22.21 32.03 21.44
C THR N 334 23.04 31.93 20.17
N VAL N 335 22.44 31.39 19.11
CA VAL N 335 23.13 31.07 17.87
C VAL N 335 22.38 31.73 16.73
N LYS N 336 23.11 32.37 15.82
CA LYS N 336 22.52 33.00 14.65
C LYS N 336 22.71 32.10 13.45
N VAL N 337 21.60 31.74 12.78
CA VAL N 337 21.62 30.81 11.67
C VAL N 337 20.83 31.40 10.51
N GLY N 338 21.15 30.92 9.31
CA GLY N 338 20.49 31.43 8.12
C GLY N 338 19.23 30.68 7.77
N THR N 339 19.28 29.36 7.83
CA THR N 339 18.14 28.50 7.56
C THR N 339 18.05 27.45 8.65
N ALA N 340 16.91 26.76 8.70
CA ALA N 340 16.69 25.71 9.68
C ALA N 340 15.98 24.54 9.04
N VAL N 341 16.38 23.33 9.44
CA VAL N 341 15.78 22.09 8.96
C VAL N 341 15.19 21.36 10.15
N LEU N 342 13.92 21.00 10.07
CA LEU N 342 13.22 20.33 11.16
C LEU N 342 13.08 18.86 10.83
N ALA N 343 13.53 18.01 11.75
CA ALA N 343 13.57 16.54 11.53
C ALA N 343 13.23 15.87 12.87
N THR N 344 12.05 16.10 13.42
CA THR N 344 11.71 15.66 14.79
C THR N 344 11.25 14.20 14.91
N GLY N 345 10.97 13.54 13.80
CA GLY N 345 10.60 12.11 13.82
C GLY N 345 9.23 11.76 14.35
N TYR N 346 9.17 10.74 15.19
CA TYR N 346 7.84 10.20 15.56
C TYR N 346 7.92 9.35 16.81
N GLU N 347 6.78 9.05 17.38
CA GLU N 347 6.63 8.13 18.49
C GLU N 347 5.47 7.20 18.18
N LEU N 348 5.36 6.12 18.95
CA LEU N 348 4.24 5.16 18.76
C LEU N 348 2.98 5.66 19.44
N PHE N 349 1.86 5.61 18.74
CA PHE N 349 0.58 6.02 19.28
C PHE N 349 0.25 5.20 20.52
N PRO N 350 -0.36 5.79 21.55
CA PRO N 350 -0.64 5.03 22.78
C PRO N 350 -1.75 4.01 22.56
N ILE N 351 -1.38 2.74 22.44
CA ILE N 351 -2.32 1.71 22.03
C ILE N 351 -3.00 1.08 23.23
N GLU N 352 -2.69 1.52 24.45
CA GLU N 352 -3.43 1.04 25.61
C GLU N 352 -4.84 1.61 25.65
N ASN N 353 -5.11 2.62 24.83
CA ASN N 353 -6.46 3.17 24.77
C ASN N 353 -7.42 2.23 24.08
N LYS N 354 -6.93 1.42 23.14
CA LYS N 354 -7.73 0.38 22.52
C LYS N 354 -7.78 -0.80 23.48
N ARG N 355 -8.81 -0.82 24.32
CA ARG N 355 -8.89 -1.79 25.41
C ARG N 355 -9.15 -3.21 24.93
N GLU N 356 -9.73 -3.39 23.74
CA GLU N 356 -10.05 -4.74 23.28
C GLU N 356 -8.79 -5.55 23.01
N TRP N 357 -7.67 -4.90 22.75
CA TRP N 357 -6.38 -5.59 22.66
C TRP N 357 -5.62 -5.27 23.92
N GLY N 358 -5.51 -6.25 24.80
CA GLY N 358 -5.09 -5.94 26.16
C GLY N 358 -3.63 -5.57 26.30
N TYR N 359 -3.25 -4.41 25.77
CA TYR N 359 -1.83 -4.08 25.66
C TYR N 359 -1.17 -4.00 27.02
N LYS N 360 -1.65 -3.10 27.89
CA LYS N 360 -1.09 -2.96 29.22
C LYS N 360 -1.61 -3.99 30.21
N GLN N 361 -2.70 -4.68 29.91
CA GLN N 361 -3.34 -5.50 30.92
C GLN N 361 -2.96 -6.97 30.79
N PHE N 362 -2.54 -7.40 29.62
CA PHE N 362 -2.02 -8.75 29.42
C PHE N 362 -0.50 -8.69 29.26
N ASP N 363 0.20 -9.59 29.94
CA ASP N 363 1.66 -9.54 29.96
C ASP N 363 2.25 -9.75 28.58
N ASN N 364 1.74 -10.74 27.84
CA ASN N 364 2.35 -11.18 26.59
C ASN N 364 1.83 -10.42 25.38
N VAL N 365 1.35 -9.20 25.55
CA VAL N 365 1.01 -8.32 24.44
C VAL N 365 2.00 -7.18 24.45
N ILE N 366 2.74 -7.03 23.35
CA ILE N 366 3.77 -6.01 23.22
C ILE N 366 3.51 -5.23 21.94
N ASN N 367 4.28 -4.20 21.71
CA ASN N 367 4.17 -3.46 20.47
C ASN N 367 5.44 -3.64 19.63
N ALA N 368 5.42 -3.10 18.43
CA ALA N 368 6.52 -3.39 17.49
C ALA N 368 7.91 -2.84 17.83
N LEU N 369 8.05 -1.79 18.62
CA LEU N 369 9.42 -1.31 18.98
C LEU N 369 9.92 -2.13 20.15
N GLU N 370 9.03 -2.58 21.01
CA GLU N 370 9.47 -3.49 22.06
C GLU N 370 9.84 -4.84 21.48
N PHE N 371 9.11 -5.30 20.47
CA PHE N 371 9.50 -6.53 19.79
C PHE N 371 10.85 -6.38 19.13
N GLU N 372 11.08 -5.27 18.44
CA GLU N 372 12.39 -4.99 17.79
C GLU N 372 13.54 -4.94 18.79
N ARG N 373 13.32 -4.44 20.00
CA ARG N 373 14.37 -4.48 21.02
C ARG N 373 14.56 -5.88 21.59
N LEU N 374 13.46 -6.64 21.72
CA LEU N 374 13.56 -7.99 22.23
C LEU N 374 14.26 -8.92 21.23
N ILE N 375 14.09 -8.66 19.94
CA ILE N 375 14.70 -9.52 18.93
C ILE N 375 16.12 -9.09 18.57
N CYS N 376 16.49 -7.85 18.84
CA CYS N 376 17.87 -7.43 18.62
C CYS N 376 18.82 -8.17 19.56
N ALA N 377 20.00 -8.49 19.04
CA ALA N 377 21.01 -9.19 19.81
C ALA N 377 21.67 -8.32 20.88
N SER N 378 21.50 -7.00 20.80
CA SER N 378 22.04 -6.09 21.80
C SER N 378 21.00 -5.66 22.81
N GLY N 379 19.82 -6.28 22.80
CA GLY N 379 18.74 -5.86 23.66
C GLY N 379 18.81 -6.46 25.04
N PRO N 380 17.72 -6.30 25.80
CA PRO N 380 17.71 -6.84 27.18
C PRO N 380 17.94 -8.33 27.25
N THR N 381 17.38 -9.09 26.31
CA THR N 381 17.69 -10.50 26.17
C THR N 381 18.95 -10.65 25.31
N GLY N 382 19.45 -11.87 25.24
CA GLY N 382 20.60 -12.10 24.37
C GLY N 382 20.17 -12.25 22.93
N GLY N 383 19.23 -11.42 22.50
CA GLY N 383 18.62 -11.60 21.20
C GLY N 383 17.57 -12.68 21.15
N HIS N 384 17.28 -13.33 22.27
CA HIS N 384 16.31 -14.41 22.32
C HIS N 384 14.94 -13.85 22.65
N LEU N 385 13.99 -14.01 21.74
CA LEU N 385 12.61 -13.65 22.02
C LEU N 385 12.05 -14.60 23.05
N VAL N 386 11.66 -14.08 24.21
CA VAL N 386 11.03 -14.86 25.26
C VAL N 386 9.75 -14.17 25.69
N ARG N 387 8.86 -14.94 26.29
CA ARG N 387 7.59 -14.39 26.73
C ARG N 387 7.80 -13.52 27.96
N PRO N 388 7.28 -12.30 27.99
CA PRO N 388 7.39 -11.47 29.20
C PRO N 388 6.79 -12.10 30.43
N SER N 389 5.75 -12.92 30.28
CA SER N 389 5.05 -13.44 31.44
C SER N 389 5.90 -14.43 32.22
N ASP N 390 6.64 -15.29 31.54
CA ASP N 390 7.40 -16.32 32.23
C ASP N 390 8.80 -16.56 31.70
N GLY N 391 9.23 -15.85 30.65
CA GLY N 391 10.56 -16.05 30.11
C GLY N 391 10.73 -17.29 29.27
N LYS N 392 9.64 -17.92 28.84
CA LYS N 392 9.72 -19.08 27.96
C LYS N 392 9.68 -18.64 26.51
N THR N 393 10.21 -19.48 25.65
CA THR N 393 10.27 -19.16 24.23
C THR N 393 8.90 -19.35 23.58
N PRO N 394 8.38 -18.36 22.87
CA PRO N 394 7.12 -18.55 22.17
C PRO N 394 7.27 -19.50 21.00
N MET N 395 6.17 -20.15 20.63
CA MET N 395 6.13 -20.94 19.41
C MET N 395 5.06 -20.48 18.43
N LYS N 396 4.11 -19.66 18.87
CA LYS N 396 3.15 -19.03 17.97
C LYS N 396 3.12 -17.56 18.30
N VAL N 397 3.27 -16.72 17.29
CA VAL N 397 3.30 -15.28 17.47
C VAL N 397 2.28 -14.66 16.52
N GLY N 398 1.44 -13.78 17.04
CA GLY N 398 0.46 -13.08 16.24
C GLY N 398 0.89 -11.65 16.02
N PHE N 399 0.57 -11.12 14.86
CA PHE N 399 0.87 -9.73 14.51
C PHE N 399 -0.43 -9.05 14.14
N VAL N 400 -0.84 -8.10 14.96
CA VAL N 400 -2.07 -7.36 14.72
C VAL N 400 -1.70 -6.13 13.90
N LEU N 401 -2.00 -6.18 12.63
CA LEU N 401 -1.67 -5.07 11.73
C LEU N 401 -2.79 -4.03 11.80
N CYS N 402 -2.47 -2.77 11.57
CA CYS N 402 -3.47 -1.68 11.49
C CYS N 402 -3.91 -1.35 12.92
N ALA N 403 -3.09 -1.64 13.91
CA ALA N 403 -3.49 -1.45 15.30
C ALA N 403 -3.58 0.04 15.61
N GLY N 404 -4.79 0.58 15.59
CA GLY N 404 -5.00 1.98 15.81
C GLY N 404 -4.91 2.84 14.59
N SER N 405 -4.99 2.22 13.40
CA SER N 405 -4.79 2.97 12.14
C SER N 405 -5.98 2.81 11.21
N ARG N 406 -6.13 3.71 10.25
CA ARG N 406 -7.27 3.68 9.30
C ARG N 406 -8.50 3.52 10.19
N ASP N 407 -8.58 4.27 11.30
CA ASP N 407 -9.62 4.11 12.30
C ASP N 407 -10.33 5.44 12.46
N ASN N 408 -11.63 5.47 12.23
CA ASN N 408 -12.41 6.70 12.27
C ASN N 408 -13.25 6.81 13.52
N THR N 409 -12.96 6.02 14.56
CA THR N 409 -13.75 6.04 15.77
C THR N 409 -13.34 7.15 16.74
N GLY N 410 -12.26 7.86 16.47
CA GLY N 410 -11.78 8.89 17.36
C GLY N 410 -10.72 8.47 18.34
N ILE N 411 -10.50 7.17 18.51
CA ILE N 411 -9.41 6.71 19.38
C ILE N 411 -8.11 6.58 18.60
N GLY N 412 -8.12 5.82 17.52
CA GLY N 412 -6.93 5.62 16.71
C GLY N 412 -6.75 6.73 15.69
N LYS N 413 -5.83 6.50 14.78
CA LYS N 413 -5.51 7.45 13.73
C LYS N 413 -6.24 7.09 12.45
N PRO N 414 -6.76 8.09 11.74
CA PRO N 414 -7.49 7.81 10.49
C PRO N 414 -6.60 7.56 9.29
N TYR N 415 -5.28 7.55 9.43
CA TYR N 415 -4.37 7.40 8.31
C TYR N 415 -3.62 6.08 8.40
N CYS N 416 -2.91 5.76 7.33
CA CYS N 416 -2.05 4.57 7.31
C CYS N 416 -0.68 5.03 7.78
N SER N 417 -0.01 4.24 8.58
CA SER N 417 1.34 4.58 9.09
C SER N 417 2.42 4.14 8.10
N ARG N 418 2.06 3.65 6.92
CA ARG N 418 3.01 3.40 5.80
C ARG N 418 3.93 2.19 5.95
N PHE N 419 4.65 2.06 7.05
CA PHE N 419 5.69 1.00 7.18
C PHE N 419 5.29 -0.18 8.05
N CYS N 420 4.13 -0.15 8.68
CA CYS N 420 3.75 -1.22 9.65
C CYS N 420 3.45 -2.57 8.99
N CYS N 421 3.08 -2.61 7.72
CA CYS N 421 2.84 -3.89 7.02
C CYS N 421 4.21 -4.49 6.74
N MET N 422 5.16 -3.65 6.37
CA MET N 422 6.49 -4.11 5.99
C MET N 422 7.28 -4.58 7.20
N TYR N 423 7.17 -3.86 8.32
CA TYR N 423 7.96 -4.25 9.49
C TYR N 423 7.34 -5.48 10.14
N SER N 424 6.03 -5.68 9.99
CA SER N 424 5.41 -6.89 10.50
C SER N 424 5.84 -8.11 9.69
N LEU N 425 5.96 -7.95 8.38
CA LEU N 425 6.55 -9.01 7.56
C LEU N 425 7.96 -9.32 8.01
N LYS N 426 8.77 -8.30 8.33
CA LYS N 426 10.18 -8.49 8.76
C LYS N 426 10.20 -9.27 10.06
N HIS N 427 9.34 -8.93 10.98
CA HIS N 427 9.30 -9.57 12.31
C HIS N 427 8.81 -11.00 12.17
N ALA N 428 7.85 -11.26 11.29
CA ALA N 428 7.44 -12.63 11.06
C ALA N 428 8.58 -13.46 10.52
N HIS N 429 9.33 -12.91 9.57
CA HIS N 429 10.50 -13.61 9.06
C HIS N 429 11.50 -13.87 10.17
N GLN N 430 11.75 -12.86 11.01
CA GLN N 430 12.76 -12.99 12.05
C GLN N 430 12.38 -14.08 13.04
N ILE N 431 11.11 -14.15 13.45
CA ILE N 431 10.73 -15.21 14.38
C ILE N 431 10.80 -16.57 13.71
N MET N 432 10.33 -16.69 12.47
CA MET N 432 10.35 -17.99 11.82
C MET N 432 11.77 -18.47 11.54
N GLU N 433 12.74 -17.57 11.44
CA GLU N 433 14.11 -18.02 11.24
C GLU N 433 14.89 -18.17 12.54
N LYS N 434 14.51 -17.47 13.61
CA LYS N 434 15.25 -17.54 14.85
C LYS N 434 14.74 -18.62 15.80
N ILE N 435 13.45 -18.89 15.81
CA ILE N 435 12.91 -19.96 16.63
C ILE N 435 12.48 -21.09 15.69
N PRO N 436 13.15 -22.24 15.72
CA PRO N 436 12.80 -23.32 14.78
C PRO N 436 11.44 -23.92 15.10
N GLY N 437 10.58 -23.97 14.10
CA GLY N 437 9.25 -24.50 14.26
C GLY N 437 8.20 -23.49 14.70
N ALA N 438 8.59 -22.25 14.97
CA ALA N 438 7.62 -21.23 15.34
C ALA N 438 6.85 -20.77 14.11
N VAL N 439 5.57 -20.44 14.32
CA VAL N 439 4.68 -20.02 13.25
C VAL N 439 4.24 -18.59 13.52
N ALA N 440 4.23 -17.77 12.47
CA ALA N 440 3.78 -16.40 12.55
C ALA N 440 2.41 -16.28 11.92
N TYR N 441 1.48 -15.65 12.62
CA TYR N 441 0.16 -15.36 12.11
C TYR N 441 0.00 -13.85 11.99
N LEU N 442 -0.35 -13.39 10.80
CA LEU N 442 -0.54 -11.97 10.54
C LEU N 442 -2.02 -11.73 10.28
N PHE N 443 -2.66 -10.99 11.17
CA PHE N 443 -4.06 -10.65 11.02
C PHE N 443 -4.11 -9.31 10.32
N TYR N 444 -4.39 -9.33 9.04
CA TYR N 444 -4.12 -8.18 8.20
C TYR N 444 -5.38 -7.68 7.53
N MET N 445 -5.37 -6.52 6.95
CA MET N 445 -6.57 -5.93 6.30
C MET N 445 -6.00 -5.05 5.21
N ASP N 446 -5.49 -5.59 4.12
CA ASP N 446 -4.75 -4.84 3.06
C ASP N 446 -3.26 -4.83 3.31
N ILE N 447 -2.55 -5.90 2.96
CA ILE N 447 -1.09 -5.88 2.93
C ILE N 447 -0.61 -4.82 1.97
N ARG N 448 0.26 -3.92 2.44
CA ARG N 448 0.69 -2.72 1.68
C ARG N 448 2.20 -2.76 1.43
N SER N 449 2.63 -3.56 0.45
CA SER N 449 4.04 -3.69 0.09
C SER N 449 4.20 -3.02 -1.28
N PHE N 450 4.40 -1.70 -1.25
CA PHE N 450 4.33 -0.86 -2.42
C PHE N 450 5.69 -0.43 -2.95
N GLY N 451 6.71 -0.44 -2.11
CA GLY N 451 8.01 0.09 -2.47
C GLY N 451 8.85 -0.88 -3.28
N LYS N 452 10.09 -0.48 -3.50
CA LYS N 452 11.00 -1.27 -4.33
C LYS N 452 11.40 -2.55 -3.59
N MET N 453 11.17 -3.69 -4.24
CA MET N 453 11.41 -5.03 -3.72
C MET N 453 10.46 -5.42 -2.58
N TYR N 454 9.45 -4.60 -2.30
CA TYR N 454 8.54 -4.91 -1.21
C TYR N 454 7.63 -6.08 -1.54
N GLU N 455 7.10 -6.11 -2.74
CA GLU N 455 6.24 -7.22 -3.14
C GLU N 455 7.01 -8.52 -3.16
N GLU N 456 8.27 -8.48 -3.60
CA GLU N 456 9.11 -9.66 -3.55
C GLU N 456 9.39 -10.09 -2.12
N PHE N 457 9.56 -9.13 -1.21
CA PHE N 457 9.70 -9.46 0.20
C PHE N 457 8.45 -10.17 0.73
N TYR N 458 7.28 -9.66 0.35
CA TYR N 458 6.01 -10.27 0.75
C TYR N 458 5.89 -11.70 0.23
N TYR N 459 6.25 -11.90 -1.04
CA TYR N 459 6.27 -13.23 -1.62
C TYR N 459 7.20 -14.15 -0.86
N ARG N 460 8.38 -13.66 -0.51
CA ARG N 460 9.34 -14.50 0.19
C ARG N 460 8.86 -14.87 1.59
N ILE N 461 8.20 -13.94 2.28
CA ILE N 461 7.69 -14.25 3.61
C ILE N 461 6.60 -15.31 3.54
N GLN N 462 5.66 -15.15 2.60
CA GLN N 462 4.65 -16.17 2.43
C GLN N 462 5.27 -17.52 2.07
N HIS N 463 6.33 -17.51 1.26
CA HIS N 463 7.02 -18.74 0.89
C HIS N 463 7.65 -19.41 2.10
N GLU N 464 8.27 -18.63 2.98
CA GLU N 464 8.82 -19.21 4.20
C GLU N 464 7.74 -19.67 5.16
N GLY N 465 6.51 -19.19 5.01
CA GLY N 465 5.40 -19.89 5.64
C GLY N 465 4.66 -19.13 6.72
N ALA N 466 4.64 -17.81 6.63
CA ALA N 466 3.77 -17.03 7.50
C ALA N 466 2.32 -17.20 7.05
N LYS N 467 1.42 -17.30 8.02
CA LYS N 467 0.00 -17.43 7.74
C LYS N 467 -0.62 -16.04 7.67
N PHE N 468 -1.32 -15.75 6.59
CA PHE N 468 -1.96 -14.46 6.40
C PHE N 468 -3.46 -14.64 6.53
N ILE N 469 -4.03 -14.11 7.60
CA ILE N 469 -5.46 -14.19 7.86
C ILE N 469 -6.03 -12.80 7.63
N ARG N 470 -6.85 -12.64 6.61
CA ARG N 470 -7.42 -11.33 6.32
C ARG N 470 -8.60 -11.09 7.23
N GLY N 471 -8.31 -10.51 8.39
CA GLY N 471 -9.34 -10.08 9.30
C GLY N 471 -8.76 -9.19 10.37
N ARG N 472 -9.38 -8.02 10.58
CA ARG N 472 -8.98 -7.16 11.67
C ARG N 472 -9.36 -7.79 12.99
N VAL N 473 -8.42 -7.80 13.93
CA VAL N 473 -8.66 -8.46 15.21
C VAL N 473 -9.80 -7.77 15.93
N ALA N 474 -10.74 -8.56 16.43
CA ALA N 474 -11.89 -8.00 17.14
C ALA N 474 -11.54 -7.73 18.60
N ASN N 475 -11.11 -8.77 19.32
CA ASN N 475 -10.70 -8.60 20.70
C ASN N 475 -9.75 -9.73 21.07
N VAL N 476 -9.08 -9.56 22.20
CA VAL N 476 -8.06 -10.50 22.66
C VAL N 476 -8.41 -10.88 24.10
N LEU N 477 -8.45 -12.18 24.36
CA LEU N 477 -8.66 -12.69 25.70
C LEU N 477 -7.42 -13.43 26.17
N GLU N 478 -7.11 -13.31 27.45
CA GLU N 478 -5.94 -13.95 28.03
C GLU N 478 -6.37 -15.19 28.79
N ASP N 479 -5.76 -16.32 28.46
CA ASP N 479 -5.98 -17.53 29.24
C ASP N 479 -5.42 -17.34 30.64
N LYS N 480 -6.21 -17.71 31.65
CA LYS N 480 -5.87 -17.34 33.02
C LYS N 480 -4.62 -18.04 33.53
N GLU N 481 -4.30 -19.23 33.02
CA GLU N 481 -3.23 -20.03 33.58
C GLU N 481 -1.97 -20.04 32.71
N THR N 482 -2.11 -20.37 31.43
CA THR N 482 -0.95 -20.40 30.57
C THR N 482 -0.52 -19.02 30.10
N LYS N 483 -1.32 -17.99 30.37
CA LYS N 483 -1.07 -16.62 29.93
C LYS N 483 -1.07 -16.52 28.41
N ASN N 484 -1.60 -17.52 27.71
CA ASN N 484 -1.70 -17.45 26.27
C ASN N 484 -2.84 -16.53 25.87
N LEU N 485 -2.77 -16.03 24.64
CA LEU N 485 -3.65 -14.98 24.19
C LEU N 485 -4.57 -15.55 23.13
N HIS N 486 -5.88 -15.43 23.33
CA HIS N 486 -6.86 -15.91 22.37
C HIS N 486 -7.28 -14.74 21.51
N VAL N 487 -6.93 -14.80 20.23
CA VAL N 487 -7.20 -13.71 19.29
C VAL N 487 -8.47 -14.07 18.52
N PHE N 488 -9.46 -13.20 18.59
CA PHE N 488 -10.75 -13.44 17.97
C PHE N 488 -10.94 -12.46 16.83
N THR N 489 -11.16 -13.00 15.64
CA THR N 489 -11.54 -12.20 14.48
C THR N 489 -12.28 -13.12 13.54
N GLU N 490 -12.53 -12.63 12.33
CA GLU N 490 -13.07 -13.46 11.27
C GLU N 490 -12.04 -13.57 10.16
N ASP N 491 -11.87 -14.78 9.63
CA ASP N 491 -11.14 -14.95 8.39
C ASP N 491 -12.10 -14.59 7.26
N THR N 492 -11.97 -13.36 6.77
CA THR N 492 -12.92 -12.84 5.80
C THR N 492 -12.90 -13.61 4.50
N LEU N 493 -11.73 -14.08 4.07
CA LEU N 493 -11.65 -14.87 2.84
C LEU N 493 -12.19 -16.27 3.06
N LEU N 494 -11.84 -16.91 4.17
CA LEU N 494 -12.41 -18.21 4.49
C LEU N 494 -13.89 -18.10 4.79
N GLY N 495 -14.33 -17.01 5.40
CA GLY N 495 -15.73 -16.82 5.71
C GLY N 495 -16.18 -17.38 7.03
N ARG N 496 -15.27 -17.60 7.97
CA ARG N 496 -15.61 -18.15 9.26
C ARG N 496 -14.92 -17.35 10.35
N PRO N 497 -15.52 -17.27 11.54
CA PRO N 497 -14.78 -16.74 12.69
C PRO N 497 -13.62 -17.65 13.04
N VAL N 498 -12.62 -17.08 13.71
CA VAL N 498 -11.43 -17.82 14.10
C VAL N 498 -11.13 -17.53 15.56
N ASP N 499 -10.39 -18.45 16.19
CA ASP N 499 -9.87 -18.25 17.54
C ASP N 499 -8.46 -18.83 17.57
N VAL N 500 -7.48 -17.98 17.29
CA VAL N 500 -6.08 -18.38 17.21
C VAL N 500 -5.44 -18.11 18.55
N GLU N 501 -4.90 -19.14 19.18
CA GLU N 501 -4.24 -19.02 20.47
C GLU N 501 -2.73 -18.92 20.27
N VAL N 502 -2.15 -17.78 20.65
CA VAL N 502 -0.75 -17.51 20.42
C VAL N 502 -0.06 -17.33 21.77
N ASP N 503 1.26 -17.52 21.76
CA ASP N 503 2.05 -17.30 22.96
C ASP N 503 2.45 -15.85 23.13
N LEU N 504 2.50 -15.10 22.03
CA LEU N 504 2.95 -13.71 22.06
C LEU N 504 2.17 -12.95 21.00
N LEU N 505 1.65 -11.79 21.37
CA LEU N 505 0.91 -10.95 20.46
C LEU N 505 1.64 -9.64 20.28
N VAL N 506 1.86 -9.25 19.04
CA VAL N 506 2.59 -8.04 18.70
C VAL N 506 1.64 -7.11 17.98
N LEU N 507 1.53 -5.88 18.47
CA LEU N 507 0.64 -4.89 17.89
C LEU N 507 1.45 -3.96 17.00
N ALA N 508 1.08 -3.86 15.73
CA ALA N 508 1.71 -2.93 14.80
C ALA N 508 1.00 -1.58 14.95
N ALA N 509 1.39 -0.86 15.98
CA ALA N 509 0.71 0.36 16.38
C ALA N 509 0.98 1.50 15.41
N ALA N 510 0.05 2.45 15.37
CA ALA N 510 0.21 3.63 14.54
C ALA N 510 1.30 4.54 15.11
N VAL N 511 1.79 5.43 14.27
CA VAL N 511 2.80 6.40 14.69
C VAL N 511 2.16 7.78 14.70
N GLN N 512 2.69 8.64 15.54
CA GLN N 512 2.20 10.01 15.70
C GLN N 512 3.39 10.92 15.88
N PRO N 513 3.20 12.23 15.69
CA PRO N 513 4.31 13.17 15.89
C PRO N 513 4.91 13.05 17.28
N ASN N 514 6.23 13.18 17.33
CA ASN N 514 6.98 13.02 18.60
C ASN N 514 6.46 13.97 19.67
N GLU N 515 6.87 13.72 20.90
CA GLU N 515 6.50 14.55 22.03
C GLU N 515 7.24 15.89 21.98
N GLY N 516 6.48 16.99 22.05
CA GLY N 516 7.04 18.31 21.96
C GLY N 516 7.19 18.84 20.54
N ALA N 517 6.82 18.05 19.53
CA ALA N 517 6.99 18.48 18.16
C ALA N 517 6.11 19.67 17.84
N ASN N 518 4.90 19.70 18.39
CA ASN N 518 4.00 20.84 18.15
C ASN N 518 4.55 22.11 18.78
N GLU N 519 5.12 22.00 19.98
CA GLU N 519 5.79 23.14 20.60
C GLU N 519 6.91 23.65 19.72
N LEU N 520 7.77 22.76 19.22
CA LEU N 520 8.90 23.21 18.37
C LEU N 520 8.40 23.82 17.06
N ARG N 521 7.38 23.25 16.43
CA ARG N 521 6.95 23.81 15.16
C ARG N 521 6.19 25.11 15.36
N LYS N 522 5.62 25.34 16.54
CA LYS N 522 5.08 26.67 16.83
C LYS N 522 6.18 27.66 17.11
N LYS N 523 7.29 27.23 17.73
CA LYS N 523 8.43 28.13 17.89
C LYS N 523 8.96 28.56 16.53
N PHE N 524 9.01 27.65 15.57
CA PHE N 524 9.53 28.00 14.25
C PHE N 524 8.48 28.58 13.31
N GLY N 525 7.21 28.55 13.67
CA GLY N 525 6.18 29.15 12.85
C GLY N 525 5.58 28.25 11.79
N VAL N 526 5.76 26.94 11.91
CA VAL N 526 5.24 25.98 10.94
C VAL N 526 3.83 25.59 11.36
N SER N 527 2.96 25.36 10.37
CA SER N 527 1.61 24.93 10.66
C SER N 527 1.53 23.40 10.67
N ALA N 528 0.34 22.87 10.87
CA ALA N 528 0.13 21.43 10.93
C ALA N 528 -0.82 21.00 9.83
N SER N 529 -0.79 19.71 9.52
CA SER N 529 -1.65 19.15 8.50
C SER N 529 -2.98 18.76 9.12
N GLN N 530 -3.90 18.26 8.29
CA GLN N 530 -5.09 17.61 8.82
C GLN N 530 -4.72 16.43 9.71
N ASP N 531 -3.72 15.66 9.29
CA ASP N 531 -3.27 14.47 10.00
C ASP N 531 -2.56 14.80 11.31
N GLY N 532 -2.10 16.02 11.50
CA GLY N 532 -1.34 16.39 12.67
C GLY N 532 0.16 16.47 12.46
N TRP N 533 0.66 16.12 11.28
CA TRP N 533 2.07 16.27 10.96
C TRP N 533 2.34 17.67 10.42
N MET N 534 3.61 18.03 10.38
CA MET N 534 3.99 19.35 9.90
C MET N 534 3.63 19.52 8.44
N LEU N 535 3.20 20.72 8.08
CA LEU N 535 2.68 21.00 6.75
C LEU N 535 3.78 21.53 5.84
N GLU N 536 3.70 21.16 4.56
CA GLU N 536 4.66 21.56 3.54
C GLU N 536 4.10 22.70 2.69
N ALA N 537 4.99 23.35 1.94
CA ALA N 537 4.61 24.54 1.19
C ALA N 537 3.58 24.21 0.12
N HIS N 538 3.87 23.22 -0.72
CA HIS N 538 2.92 22.75 -1.73
C HIS N 538 2.94 21.23 -1.69
N PRO N 539 1.80 20.58 -1.45
CA PRO N 539 1.81 19.13 -1.20
C PRO N 539 2.38 18.30 -2.33
N LYS N 540 2.30 18.78 -3.58
CA LYS N 540 2.85 18.05 -4.71
C LYS N 540 4.29 18.47 -5.02
N LEU N 541 4.49 19.74 -5.34
CA LEU N 541 5.75 20.20 -5.93
C LEU N 541 6.70 20.83 -4.92
N ASN N 542 6.40 20.76 -3.64
CA ASN N 542 7.35 21.29 -2.67
C ASN N 542 7.16 20.60 -1.34
N PRO N 543 7.50 19.32 -1.23
CA PRO N 543 7.23 18.57 0.00
C PRO N 543 8.22 18.84 1.12
N CYS N 544 9.26 19.64 0.89
CA CYS N 544 10.26 19.93 1.90
C CYS N 544 10.07 21.29 2.55
N GLY N 545 9.94 22.35 1.75
CA GLY N 545 9.80 23.67 2.30
C GLY N 545 8.45 23.89 2.96
N THR N 546 8.43 24.81 3.89
CA THR N 546 7.21 25.25 4.56
C THR N 546 6.84 26.65 4.05
N THR N 547 5.67 27.14 4.50
CA THR N 547 5.24 28.46 4.08
C THR N 547 6.10 29.55 4.70
N THR N 548 6.56 29.35 5.93
CA THR N 548 7.53 30.27 6.51
C THR N 548 8.89 30.06 5.86
N ALA N 549 9.43 31.13 5.29
CA ALA N 549 10.68 31.05 4.54
C ALA N 549 11.84 30.71 5.45
N GLY N 550 12.78 29.94 4.92
CA GLY N 550 13.96 29.56 5.66
C GLY N 550 13.82 28.38 6.58
N VAL N 551 12.66 27.73 6.59
CA VAL N 551 12.44 26.54 7.41
C VAL N 551 12.06 25.40 6.46
N PHE N 552 12.66 24.24 6.66
CA PHE N 552 12.46 23.10 5.79
C PHE N 552 12.24 21.86 6.62
N LEU N 553 11.50 20.91 6.05
CA LEU N 553 11.10 19.68 6.72
C LEU N 553 11.87 18.50 6.16
N ALA N 554 12.14 17.53 7.02
CA ALA N 554 12.84 16.33 6.60
C ALA N 554 12.42 15.16 7.48
N GLY N 555 12.07 14.04 6.87
CA GLY N 555 11.81 12.83 7.66
C GLY N 555 10.38 12.56 8.04
N VAL N 556 10.22 11.71 9.03
CA VAL N 556 8.86 11.29 9.45
C VAL N 556 8.10 12.46 10.07
N CYS N 557 8.78 13.55 10.45
CA CYS N 557 8.07 14.66 11.06
C CYS N 557 7.05 15.28 10.11
N GLN N 558 7.24 15.13 8.81
CA GLN N 558 6.29 15.59 7.81
C GLN N 558 5.26 14.53 7.44
N GLY N 559 5.39 13.31 7.96
CA GLY N 559 4.52 12.22 7.62
C GLY N 559 5.30 10.92 7.61
N PRO N 560 4.66 9.82 7.97
CA PRO N 560 5.40 8.55 8.10
C PRO N 560 6.03 8.11 6.79
N LYS N 561 7.22 7.52 6.89
CA LYS N 561 7.96 7.09 5.67
C LYS N 561 9.01 6.06 6.05
N ASP N 562 9.50 5.27 5.09
CA ASP N 562 10.60 4.31 5.32
C ASP N 562 11.94 5.05 5.30
N ILE N 563 13.02 4.41 5.72
CA ILE N 563 14.37 5.03 5.79
C ILE N 563 14.81 5.54 4.41
N PRO N 564 14.61 4.82 3.28
CA PRO N 564 14.92 5.36 1.94
C PRO N 564 14.23 6.69 1.59
N ASP N 565 12.90 6.77 1.73
CA ASP N 565 12.12 8.00 1.50
C ASP N 565 12.54 9.09 2.46
N THR N 566 12.83 8.74 3.71
CA THR N 566 13.26 9.73 4.74
C THR N 566 14.59 10.36 4.31
N VAL N 567 15.52 9.56 3.79
CA VAL N 567 16.82 10.07 3.41
C VAL N 567 16.72 10.93 2.16
N ALA N 568 15.87 10.52 1.21
CA ALA N 568 15.65 11.35 0.02
C ALA N 568 15.07 12.70 0.42
N GLN N 569 14.09 12.69 1.32
CA GLN N 569 13.49 13.94 1.81
C GLN N 569 14.52 14.79 2.54
N ALA N 570 15.38 14.17 3.34
CA ALA N 570 16.40 14.91 4.09
C ALA N 570 17.40 15.58 3.16
N GLU N 571 17.84 14.88 2.10
CA GLU N 571 18.77 15.52 1.17
C GLU N 571 18.08 16.60 0.37
N GLY N 572 16.82 16.40 0.02
CA GLY N 572 16.07 17.46 -0.64
C GLY N 572 15.98 18.70 0.22
N ALA N 573 15.71 18.53 1.52
CA ALA N 573 15.66 19.67 2.42
C ALA N 573 17.01 20.34 2.57
N ALA N 574 18.09 19.55 2.61
CA ALA N 574 19.42 20.14 2.69
C ALA N 574 19.72 20.97 1.45
N SER N 575 19.33 20.48 0.28
CA SER N 575 19.52 21.26 -0.94
C SER N 575 18.73 22.57 -0.89
N ALA N 576 17.47 22.50 -0.46
CA ALA N 576 16.65 23.70 -0.39
C ALA N 576 17.22 24.70 0.61
N ALA N 577 17.76 24.21 1.73
CA ALA N 577 18.36 25.10 2.70
C ALA N 577 19.69 25.66 2.22
N SER N 578 20.37 24.96 1.32
CA SER N 578 21.63 25.46 0.78
C SER N 578 21.41 26.51 -0.31
N ILE N 579 20.28 26.46 -1.00
CA ILE N 579 20.04 27.42 -2.08
C ILE N 579 20.26 28.87 -1.65
N PRO N 580 19.70 29.35 -0.51
CA PRO N 580 19.91 30.77 -0.17
C PRO N 580 21.26 31.04 0.47
N ILE N 581 21.85 30.04 1.11
CA ILE N 581 23.15 30.21 1.74
C ILE N 581 24.25 30.37 0.70
N HIS N 582 24.21 29.57 -0.37
CA HIS N 582 25.21 29.68 -1.42
C HIS N 582 25.12 31.02 -2.13
N MET N 583 23.91 31.47 -2.44
CA MET N 583 23.76 32.80 -3.02
C MET N 583 24.23 33.89 -2.05
N GLY N 584 23.87 33.78 -0.78
CA GLY N 584 24.19 34.81 0.19
C GLY N 584 23.23 35.97 0.22
N GLU N 585 22.47 36.21 -0.85
CA GLU N 585 21.41 37.19 -0.85
C GLU N 585 20.09 36.44 -0.87
N VAL N 586 19.04 37.08 -0.38
CA VAL N 586 17.68 36.63 -0.59
C VAL N 586 16.78 37.85 -0.60
N GLU N 587 15.82 37.85 -1.51
CA GLU N 587 14.95 38.99 -1.72
C GLU N 587 13.64 38.78 -0.96
N LEU N 588 13.29 39.77 -0.14
CA LEU N 588 12.01 39.76 0.55
C LEU N 588 10.97 40.50 -0.27
N GLU N 589 9.72 40.17 0.00
CA GLU N 589 8.62 40.73 -0.76
C GLU N 589 8.30 42.13 -0.25
N PRO N 590 8.31 43.15 -1.09
CA PRO N 590 8.18 44.53 -0.59
C PRO N 590 6.76 44.89 -0.19
N TYR N 591 6.25 44.21 0.82
CA TYR N 591 4.93 44.50 1.36
C TYR N 591 5.00 45.19 2.70
N PHE N 592 6.18 45.72 3.05
CA PHE N 592 6.44 46.20 4.39
C PHE N 592 5.58 47.40 4.74
N ALA N 593 5.49 47.66 6.04
CA ALA N 593 4.89 48.87 6.56
C ALA N 593 5.93 49.97 6.56
N MET N 594 5.52 51.17 6.16
CA MET N 594 6.39 52.33 6.14
C MET N 594 5.70 53.46 6.88
N CYS N 595 6.32 53.93 7.95
CA CYS N 595 5.74 55.00 8.75
C CYS N 595 5.98 56.35 8.10
N ILE N 596 4.92 57.13 7.98
CA ILE N 596 5.00 58.50 7.50
C ILE N 596 5.17 59.38 8.73
N ASP N 597 6.39 59.85 8.96
CA ASP N 597 6.73 60.45 10.24
C ASP N 597 6.00 61.76 10.49
N GLU N 598 5.89 62.61 9.48
CA GLU N 598 5.17 63.86 9.73
C GLU N 598 3.67 63.68 9.76
N LEU N 599 3.19 62.45 9.85
CA LEU N 599 1.83 62.14 10.26
C LEU N 599 1.77 61.34 11.55
N CYS N 600 2.85 60.70 11.96
CA CYS N 600 2.84 59.98 13.22
C CYS N 600 2.79 60.95 14.40
N ALA N 601 1.97 60.63 15.38
CA ALA N 601 1.83 61.43 16.59
C ALA N 601 2.54 60.81 17.78
N GLY N 602 3.17 59.67 17.62
CA GLY N 602 3.94 59.10 18.70
C GLY N 602 3.16 58.47 19.82
N CYS N 603 1.91 58.10 19.57
CA CYS N 603 1.11 57.52 20.63
C CYS N 603 1.66 56.17 21.08
N GLY N 604 2.33 55.44 20.19
CA GLY N 604 2.90 54.17 20.56
C GLY N 604 1.93 53.03 20.69
N MET N 605 0.68 53.22 20.27
CA MET N 605 -0.33 52.20 20.45
C MET N 605 -0.21 51.07 19.44
N CYS N 606 0.34 51.35 18.26
CA CYS N 606 0.56 50.32 17.25
C CYS N 606 1.66 49.35 17.63
N VAL N 607 2.52 49.71 18.57
CA VAL N 607 3.73 48.92 18.83
C VAL N 607 3.37 47.51 19.27
N ASN N 608 2.30 47.37 20.05
CA ASN N 608 1.92 46.06 20.56
C ASN N 608 1.06 45.26 19.59
N LEU N 609 0.75 45.80 18.42
CA LEU N 609 -0.04 45.06 17.46
C LEU N 609 0.81 44.23 16.51
N CYS N 610 2.12 44.27 16.62
CA CYS N 610 2.97 43.52 15.73
C CYS N 610 3.38 42.22 16.38
N PRO N 611 3.02 41.06 15.80
CA PRO N 611 3.50 39.80 16.36
C PRO N 611 5.00 39.65 16.27
N TYR N 612 5.64 40.32 15.32
CA TYR N 612 7.06 40.16 15.06
C TYR N 612 7.92 41.24 15.70
N SER N 613 7.31 42.15 16.46
CA SER N 613 8.02 43.21 17.16
C SER N 613 8.80 44.09 16.19
N ALA N 614 8.24 44.32 15.01
CA ALA N 614 8.90 45.16 14.03
C ALA N 614 8.73 46.64 14.30
N LEU N 615 7.85 47.02 15.22
CA LEU N 615 7.53 48.41 15.48
C LEU N 615 8.12 48.84 16.81
N SER N 616 8.58 50.08 16.86
CA SER N 616 9.12 50.65 18.09
C SER N 616 9.02 52.17 17.99
N LEU N 617 9.15 52.82 19.13
CA LEU N 617 9.13 54.27 19.21
C LEU N 617 10.57 54.78 19.24
N GLY N 618 10.87 55.73 18.36
CA GLY N 618 12.20 56.26 18.27
C GLY N 618 12.20 57.76 18.04
N GLU N 619 13.39 58.34 18.13
CA GLU N 619 13.58 59.78 18.02
C GLU N 619 13.93 60.12 16.59
N LYS N 620 13.12 60.95 15.95
CA LYS N 620 13.48 61.53 14.65
C LYS N 620 13.07 62.99 14.65
N ASN N 621 14.06 63.88 14.54
CA ASN N 621 13.84 65.32 14.50
C ASN N 621 13.15 65.81 15.76
N GLY N 622 13.56 65.29 16.91
CA GLY N 622 13.01 65.71 18.18
C GLY N 622 11.69 65.04 18.49
N ARG N 623 10.83 64.91 17.47
CA ARG N 623 9.56 64.23 17.65
C ARG N 623 9.79 62.75 17.90
N THR N 624 9.02 62.18 18.82
CA THR N 624 9.00 60.74 19.01
C THR N 624 8.02 60.16 18.01
N VAL N 625 8.53 59.39 17.06
CA VAL N 625 7.69 58.75 16.05
C VAL N 625 7.95 57.26 16.07
N MET N 626 7.19 56.52 15.27
CA MET N 626 7.34 55.07 15.21
C MET N 626 8.37 54.69 14.15
N VAL N 627 9.08 53.60 14.41
CA VAL N 627 10.15 53.13 13.54
C VAL N 627 9.86 51.69 13.15
N VAL N 628 9.87 51.40 11.85
CA VAL N 628 9.65 50.05 11.35
C VAL N 628 11.01 49.42 11.04
N THR N 629 11.26 48.25 11.62
CA THR N 629 12.36 47.41 11.17
C THR N 629 11.88 46.66 9.93
N GLU N 630 12.19 47.22 8.77
CA GLU N 630 11.64 46.73 7.52
C GLU N 630 12.02 45.29 7.25
N ALA N 631 13.11 44.81 7.85
CA ALA N 631 13.46 43.40 7.72
C ALA N 631 12.49 42.53 8.50
N LYS N 632 12.11 42.96 9.70
CA LYS N 632 11.23 42.17 10.55
C LYS N 632 9.78 42.24 10.11
N CYS N 633 9.37 43.31 9.45
CA CYS N 633 7.99 43.39 9.00
C CYS N 633 7.69 42.28 7.99
N LYS N 634 6.47 41.77 8.04
CA LYS N 634 6.05 40.72 7.13
C LYS N 634 4.91 41.12 6.20
N GLY N 635 4.37 42.33 6.35
CA GLY N 635 3.37 42.81 5.44
C GLY N 635 1.95 42.44 5.76
N CYS N 636 1.67 41.98 6.97
CA CYS N 636 0.31 41.59 7.33
C CYS N 636 -0.66 42.75 7.22
N GLY N 637 -0.29 43.91 7.76
CA GLY N 637 -1.11 45.08 7.70
C GLY N 637 -1.89 45.41 8.94
N THR N 638 -1.68 44.70 10.04
CA THR N 638 -2.44 44.95 11.25
C THR N 638 -2.21 46.36 11.76
N CYS N 639 -0.95 46.78 11.84
CA CYS N 639 -0.63 48.11 12.33
C CYS N 639 -1.25 49.18 11.45
N GLY N 640 -1.13 49.02 10.14
CA GLY N 640 -1.64 50.03 9.23
C GLY N 640 -3.14 50.04 9.14
N GLY N 641 -3.79 48.94 9.46
CA GLY N 641 -5.23 48.95 9.61
C GLY N 641 -5.68 49.50 10.93
N PHE N 642 -4.78 49.59 11.90
CA PHE N 642 -5.12 50.19 13.18
C PHE N 642 -4.97 51.71 13.17
N CYS N 643 -3.78 52.21 12.84
CA CYS N 643 -3.39 53.60 13.06
C CYS N 643 -4.48 54.59 12.65
N PRO N 644 -5.08 55.34 13.63
CA PRO N 644 -6.19 56.21 13.32
C PRO N 644 -5.81 57.35 12.39
N GLY N 645 -4.59 57.87 12.49
CA GLY N 645 -4.19 59.01 11.71
C GLY N 645 -3.70 58.70 10.32
N GLY N 646 -3.64 57.43 9.96
CA GLY N 646 -3.13 57.06 8.64
C GLY N 646 -1.65 57.33 8.47
N ALA N 647 -0.88 57.13 9.52
CA ALA N 647 0.55 57.38 9.50
C ALA N 647 1.36 56.16 9.15
N ILE N 648 0.72 55.04 8.89
CA ILE N 648 1.39 53.82 8.44
C ILE N 648 0.93 53.52 7.03
N LYS N 649 1.86 53.38 6.10
CA LYS N 649 1.54 53.03 4.68
C LYS N 649 1.94 51.59 4.37
N MET N 650 1.01 50.80 3.84
CA MET N 650 1.27 49.41 3.44
C MET N 650 1.67 49.49 1.99
N GLN N 651 2.84 48.97 1.62
CA GLN N 651 3.41 49.29 0.29
C GLN N 651 2.63 48.87 -0.95
N HIS N 652 2.03 47.70 -1.04
CA HIS N 652 1.31 47.39 -2.30
C HIS N 652 -0.19 47.37 -2.04
N PHE N 653 -0.61 47.55 -0.80
CA PHE N 653 -2.04 47.52 -0.41
C PHE N 653 -2.27 48.76 0.45
N THR N 654 -2.06 49.95 -0.11
CA THR N 654 -2.22 51.23 0.60
C THR N 654 -3.70 51.54 0.74
N THR N 655 -4.09 52.34 1.72
CA THR N 655 -5.50 52.72 1.91
C THR N 655 -5.98 53.39 0.63
N PRO N 656 -5.33 54.40 0.02
CA PRO N 656 -5.89 54.94 -1.22
C PRO N 656 -6.18 53.89 -2.26
N GLN N 657 -5.34 52.85 -2.37
CA GLN N 657 -5.56 51.81 -3.35
C GLN N 657 -6.80 50.98 -3.02
N ILE N 658 -6.91 50.54 -1.76
CA ILE N 658 -8.05 49.72 -1.38
C ILE N 658 -9.34 50.52 -1.48
N VAL N 659 -9.31 51.78 -1.07
CA VAL N 659 -10.51 52.61 -1.14
C VAL N 659 -10.86 52.92 -2.59
N ALA N 660 -9.87 53.02 -3.48
CA ALA N 660 -10.17 53.16 -4.89
C ALA N 660 -10.85 51.91 -5.44
N GLN N 661 -10.45 50.74 -4.96
CA GLN N 661 -11.13 49.52 -5.37
C GLN N 661 -12.59 49.52 -4.92
N ILE N 662 -12.83 49.92 -3.67
CA ILE N 662 -14.20 49.98 -3.17
C ILE N 662 -15.03 50.97 -3.98
N ASP N 663 -14.47 52.16 -4.22
CA ASP N 663 -15.17 53.17 -4.99
C ASP N 663 -15.49 52.70 -6.39
N ALA N 664 -14.54 52.00 -7.03
CA ALA N 664 -14.78 51.48 -8.37
C ALA N 664 -15.84 50.40 -8.36
N PHE N 665 -15.91 49.60 -7.31
CA PHE N 665 -17.00 48.64 -7.22
C PHE N 665 -18.34 49.33 -7.20
N PHE N 666 -18.45 50.42 -6.45
CA PHE N 666 -19.75 51.06 -6.40
C PHE N 666 -20.01 52.03 -7.55
N ALA N 667 -19.01 52.30 -8.38
CA ALA N 667 -19.25 53.07 -9.59
C ALA N 667 -20.18 52.30 -10.52
N GLY N 668 -21.12 53.02 -11.14
CA GLY N 668 -22.07 52.40 -12.03
C GLY N 668 -22.05 52.96 -13.44
N ASP O 4 -35.22 45.03 -10.97
CA ASP O 4 -34.58 46.34 -10.96
C ASP O 4 -33.48 46.42 -9.91
N TRP O 5 -33.58 45.58 -8.87
CA TRP O 5 -32.65 45.59 -7.76
C TRP O 5 -31.87 44.29 -7.72
N LYS O 6 -30.55 44.40 -7.68
CA LYS O 6 -29.65 43.29 -7.43
C LYS O 6 -28.77 43.63 -6.24
N PRO O 7 -28.64 42.73 -5.27
CA PRO O 7 -27.83 43.04 -4.09
C PRO O 7 -26.39 43.36 -4.49
N GLN O 8 -25.80 44.30 -3.78
CA GLN O 8 -24.40 44.69 -3.95
C GLN O 8 -23.65 44.24 -2.71
N ILE O 9 -23.03 43.07 -2.76
CA ILE O 9 -22.30 42.52 -1.63
C ILE O 9 -20.81 42.60 -1.95
N LEU O 10 -20.04 43.05 -0.98
CA LEU O 10 -18.59 43.22 -1.12
C LEU O 10 -17.90 42.32 -0.11
N ALA O 11 -16.92 41.56 -0.57
CA ALA O 11 -16.16 40.69 0.32
C ALA O 11 -14.72 41.16 0.36
N ILE O 12 -14.10 41.02 1.52
CA ILE O 12 -12.71 41.37 1.73
C ILE O 12 -12.06 40.13 2.33
N ILE O 13 -11.37 39.35 1.51
CA ILE O 13 -10.92 38.02 1.90
C ILE O 13 -9.40 38.02 1.97
N CYS O 14 -8.87 37.36 3.00
CA CYS O 14 -7.43 37.29 3.14
C CYS O 14 -6.85 36.40 2.05
N ASN O 15 -5.55 36.56 1.84
CA ASN O 15 -4.88 35.86 0.75
C ASN O 15 -4.60 34.41 1.06
N TRP O 16 -4.44 34.05 2.33
CA TRP O 16 -3.84 32.79 2.68
C TRP O 16 -4.85 31.70 3.05
N CYS O 17 -6.07 32.06 3.41
CA CYS O 17 -7.06 31.00 3.61
C CYS O 17 -8.35 31.26 2.85
N SER O 18 -8.83 32.50 2.82
CA SER O 18 -10.12 32.70 2.17
C SER O 18 -9.97 32.80 0.66
N TYR O 19 -8.92 33.44 0.17
CA TYR O 19 -8.67 33.42 -1.27
C TYR O 19 -8.33 32.03 -1.74
N ALA O 20 -7.56 31.28 -0.95
CA ALA O 20 -7.27 29.90 -1.29
C ALA O 20 -8.53 29.05 -1.30
N GLY O 21 -9.43 29.28 -0.34
CA GLY O 21 -10.67 28.53 -0.31
C GLY O 21 -11.59 28.84 -1.47
N ALA O 22 -11.70 30.13 -1.84
CA ALA O 22 -12.49 30.50 -3.00
C ALA O 22 -11.90 29.91 -4.27
N ASP O 23 -10.57 29.94 -4.39
CA ASP O 23 -9.90 29.34 -5.54
C ASP O 23 -10.14 27.84 -5.60
N LEU O 24 -10.11 27.17 -4.45
CA LEU O 24 -10.37 25.74 -4.40
C LEU O 24 -11.80 25.43 -4.80
N ALA O 25 -12.75 26.25 -4.36
CA ALA O 25 -14.14 26.06 -4.77
C ALA O 25 -14.28 26.19 -6.28
N GLY O 26 -13.64 27.22 -6.85
CA GLY O 26 -13.65 27.36 -8.30
C GLY O 26 -13.03 26.18 -9.00
N GLY O 27 -11.89 25.71 -8.51
CA GLY O 27 -11.24 24.56 -9.12
C GLY O 27 -12.10 23.31 -9.07
N ALA O 28 -12.78 23.10 -7.95
CA ALA O 28 -13.68 21.97 -7.78
C ALA O 28 -15.02 22.18 -8.47
N ARG O 29 -15.26 23.35 -9.07
CA ARG O 29 -16.44 23.62 -9.87
C ARG O 29 -17.70 23.64 -9.01
N ILE O 30 -17.62 24.28 -7.86
CA ILE O 30 -18.76 24.46 -6.98
C ILE O 30 -19.49 25.73 -7.41
N GLN O 31 -20.73 25.59 -7.85
CA GLN O 31 -21.48 26.74 -8.35
C GLN O 31 -22.10 27.51 -7.22
N TYR O 32 -22.22 28.82 -7.41
CA TYR O 32 -22.95 29.68 -6.49
C TYR O 32 -23.32 30.95 -7.24
N PRO O 33 -24.28 31.72 -6.72
CA PRO O 33 -24.77 32.89 -7.47
C PRO O 33 -23.72 33.96 -7.59
N PRO O 34 -23.72 34.73 -8.66
CA PRO O 34 -22.71 35.76 -8.92
C PRO O 34 -23.04 37.13 -8.32
N THR O 35 -23.11 37.20 -6.99
CA THR O 35 -23.50 38.44 -6.34
C THR O 35 -22.41 39.09 -5.52
N VAL O 36 -21.36 38.36 -5.16
CA VAL O 36 -20.32 38.87 -4.28
C VAL O 36 -19.07 39.15 -5.10
N ARG O 37 -18.44 40.30 -4.87
CA ARG O 37 -17.17 40.66 -5.47
C ARG O 37 -16.14 40.91 -4.37
N ALA O 38 -14.93 40.39 -4.55
CA ALA O 38 -13.93 40.33 -3.50
C ALA O 38 -12.78 41.31 -3.76
N ILE O 39 -12.04 41.62 -2.69
CA ILE O 39 -11.00 42.63 -2.71
C ILE O 39 -9.61 42.04 -2.54
N ARG O 40 -9.46 40.99 -1.73
CA ARG O 40 -8.16 40.35 -1.55
C ARG O 40 -7.07 41.18 -0.91
N VAL O 41 -7.09 41.30 0.42
CA VAL O 41 -5.98 41.87 1.17
C VAL O 41 -5.11 40.72 1.68
N MET O 42 -3.93 41.02 2.22
CA MET O 42 -3.02 39.96 2.65
C MET O 42 -3.57 39.19 3.84
N CYS O 43 -3.81 39.89 4.94
CA CYS O 43 -4.43 39.33 6.13
C CYS O 43 -5.72 40.08 6.37
N THR O 44 -6.59 39.52 7.21
CA THR O 44 -7.74 40.30 7.63
C THR O 44 -7.38 41.32 8.70
N GLY O 45 -6.20 41.22 9.30
CA GLY O 45 -5.72 42.30 10.13
C GLY O 45 -5.58 43.60 9.39
N ARG O 46 -5.41 43.54 8.07
CA ARG O 46 -5.31 44.76 7.28
C ARG O 46 -6.63 45.51 7.24
N VAL O 47 -7.73 44.81 7.41
CA VAL O 47 -9.04 45.43 7.21
C VAL O 47 -9.26 46.46 8.31
N ASP O 48 -9.24 47.73 7.92
CA ASP O 48 -9.57 48.83 8.80
C ASP O 48 -11.08 48.96 8.91
N MET O 49 -11.53 49.52 10.03
CA MET O 49 -12.96 49.78 10.18
C MET O 49 -13.48 50.73 9.13
N LEU O 50 -12.66 51.70 8.74
CA LEU O 50 -13.11 52.69 7.78
C LEU O 50 -13.35 52.07 6.42
N PHE O 51 -12.74 50.93 6.10
CA PHE O 51 -13.07 50.23 4.87
C PHE O 51 -14.51 49.76 4.88
N ILE O 52 -14.91 49.10 5.98
CA ILE O 52 -16.27 48.59 6.10
C ILE O 52 -17.27 49.74 6.08
N LEU O 53 -16.98 50.79 6.85
CA LEU O 53 -17.91 51.90 6.93
C LEU O 53 -18.01 52.63 5.60
N LYS O 54 -16.89 52.77 4.89
CA LYS O 54 -16.90 53.37 3.56
C LYS O 54 -17.75 52.55 2.61
N ALA O 55 -17.62 51.22 2.65
CA ALA O 55 -18.47 50.38 1.82
C ALA O 55 -19.94 50.60 2.12
N PHE O 56 -20.29 50.59 3.41
CA PHE O 56 -21.69 50.71 3.78
C PHE O 56 -22.25 52.09 3.46
N VAL O 57 -21.42 53.13 3.48
CA VAL O 57 -21.91 54.45 3.15
C VAL O 57 -21.92 54.68 1.64
N GLU O 58 -21.08 53.99 0.87
CA GLU O 58 -21.26 54.03 -0.57
C GLU O 58 -22.47 53.24 -1.03
N GLY O 59 -22.92 52.28 -0.24
CA GLY O 59 -24.17 51.65 -0.58
C GLY O 59 -24.13 50.15 -0.65
N ALA O 60 -23.14 49.53 -0.01
CA ALA O 60 -23.12 48.08 0.05
C ALA O 60 -24.37 47.57 0.76
N ASP O 61 -25.17 46.78 0.05
CA ASP O 61 -26.28 46.11 0.71
C ASP O 61 -25.78 45.12 1.74
N GLY O 62 -24.59 44.58 1.54
CA GLY O 62 -23.97 43.71 2.52
C GLY O 62 -22.47 43.79 2.38
N VAL O 63 -21.78 43.43 3.46
CA VAL O 63 -20.33 43.37 3.48
C VAL O 63 -19.93 42.08 4.17
N LEU O 64 -18.99 41.36 3.58
CA LEU O 64 -18.48 40.12 4.14
C LEU O 64 -16.97 40.24 4.29
N VAL O 65 -16.45 39.77 5.40
CA VAL O 65 -15.02 39.73 5.65
C VAL O 65 -14.67 38.31 6.00
N SER O 66 -13.80 37.70 5.22
CA SER O 66 -13.50 36.29 5.38
C SER O 66 -12.01 36.11 5.66
N GLY O 67 -11.70 35.30 6.66
CA GLY O 67 -10.32 35.10 7.01
C GLY O 67 -10.00 33.72 7.54
N CYS O 68 -8.83 33.56 8.13
CA CYS O 68 -8.37 32.26 8.60
C CYS O 68 -9.02 31.93 9.94
N HIS O 69 -9.06 30.64 10.25
CA HIS O 69 -9.57 30.23 11.55
C HIS O 69 -8.67 30.76 12.65
N PHE O 70 -9.22 30.87 13.84
CA PHE O 70 -8.43 31.29 14.98
C PHE O 70 -7.32 30.29 15.22
N GLY O 71 -6.09 30.77 15.31
CA GLY O 71 -4.93 29.92 15.43
C GLY O 71 -4.31 29.51 14.11
N ASP O 72 -4.92 29.87 12.99
CA ASP O 72 -4.40 29.50 11.67
C ASP O 72 -4.10 30.72 10.80
N CYS O 73 -3.90 31.88 11.39
CA CYS O 73 -3.49 33.03 10.60
C CYS O 73 -2.08 32.83 10.09
N HIS O 74 -1.85 33.22 8.84
CA HIS O 74 -0.49 33.15 8.30
C HIS O 74 0.45 34.02 9.10
N TYR O 75 0.01 35.23 9.43
CA TYR O 75 0.73 36.10 10.35
C TYR O 75 0.13 35.91 11.74
N LEU O 76 0.94 35.44 12.67
CA LEU O 76 0.51 34.63 13.79
C LEU O 76 -0.84 34.99 14.40
N GLU O 77 -1.17 36.28 14.50
CA GLU O 77 -2.36 36.65 15.25
C GLU O 77 -3.11 37.80 14.60
N GLY O 78 -3.06 37.92 13.28
CA GLY O 78 -3.69 39.06 12.66
C GLY O 78 -5.18 38.99 12.54
N ASN O 79 -5.80 37.84 12.78
CA ASN O 79 -7.25 37.78 12.65
C ASN O 79 -7.96 37.95 13.98
N TYR O 80 -7.23 37.87 15.10
CA TYR O 80 -7.81 38.31 16.36
C TYR O 80 -8.11 39.80 16.34
N LYS O 81 -7.18 40.59 15.80
CA LYS O 81 -7.42 42.02 15.66
C LYS O 81 -8.61 42.28 14.77
N ALA O 82 -8.73 41.55 13.67
CA ALA O 82 -9.87 41.72 12.79
C ALA O 82 -11.16 41.32 13.47
N ALA O 83 -11.14 40.25 14.26
CA ALA O 83 -12.35 39.81 14.94
C ALA O 83 -12.83 40.85 15.94
N LYS O 84 -11.92 41.42 16.73
CA LYS O 84 -12.31 42.49 17.64
C LYS O 84 -12.86 43.69 16.88
N ARG O 85 -12.19 44.06 15.79
CA ARG O 85 -12.67 45.19 15.00
C ARG O 85 -14.08 44.93 14.46
N MET O 86 -14.36 43.72 13.98
CA MET O 86 -15.68 43.44 13.42
C MET O 86 -16.75 43.31 14.48
N PHE O 87 -16.42 42.82 15.67
CA PHE O 87 -17.38 42.88 16.76
C PHE O 87 -17.79 44.32 17.04
N MET O 88 -16.80 45.21 17.13
CA MET O 88 -17.11 46.62 17.32
C MET O 88 -17.89 47.21 16.15
N ILE O 89 -17.61 46.78 14.93
CA ILE O 89 -18.39 47.27 13.78
C ILE O 89 -19.83 46.82 13.85
N LYS O 90 -20.06 45.59 14.29
CA LYS O 90 -21.43 45.08 14.48
C LYS O 90 -22.17 45.97 15.46
N ASN O 91 -21.54 46.33 16.57
CA ASN O 91 -22.13 47.23 17.58
C ASN O 91 -22.45 48.61 16.99
N LEU O 92 -21.57 49.22 16.23
CA LEU O 92 -21.78 50.56 15.66
C LEU O 92 -22.96 50.52 14.70
N LEU O 93 -23.08 49.52 13.85
CA LEU O 93 -24.15 49.50 12.83
C LEU O 93 -25.50 49.33 13.53
N ARG O 94 -25.55 48.54 14.59
CA ARG O 94 -26.79 48.35 15.37
C ARG O 94 -27.22 49.68 16.00
N ASN O 95 -26.29 50.50 16.48
CA ASN O 95 -26.58 51.77 17.20
C ASN O 95 -26.73 52.94 16.26
N ILE O 96 -26.40 52.81 14.99
CA ILE O 96 -26.68 53.92 14.05
C ILE O 96 -27.97 53.53 13.38
N GLY O 97 -28.53 52.39 13.77
CA GLY O 97 -29.82 51.98 13.21
C GLY O 97 -29.78 51.27 11.87
N LEU O 98 -28.62 50.85 11.41
CA LEU O 98 -28.58 50.06 10.15
C LEU O 98 -28.65 48.62 10.64
N ASP O 99 -29.15 47.73 9.80
CA ASP O 99 -29.34 46.34 10.18
C ASP O 99 -27.99 45.65 10.26
N ASP O 100 -27.57 45.19 11.45
CA ASP O 100 -26.20 44.64 11.65
C ASP O 100 -26.01 43.30 10.97
N ARG O 101 -27.07 42.57 10.66
CA ARG O 101 -26.89 41.38 9.84
C ARG O 101 -26.56 41.67 8.38
N ARG O 102 -26.43 42.92 7.97
CA ARG O 102 -25.81 43.17 6.67
C ARG O 102 -24.31 42.90 6.67
N PHE O 103 -23.72 42.66 7.82
CA PHE O 103 -22.29 42.45 7.94
C PHE O 103 -22.02 41.16 8.69
N ARG O 104 -21.03 40.39 8.24
CA ARG O 104 -20.61 39.21 8.97
C ARG O 104 -19.16 38.92 8.65
N MET O 105 -18.52 38.14 9.52
CA MET O 105 -17.15 37.71 9.30
C MET O 105 -17.09 36.20 9.42
N THR O 106 -16.68 35.53 8.35
CA THR O 106 -16.59 34.09 8.32
C THR O 106 -15.15 33.65 8.34
N PHE O 107 -14.90 32.50 8.93
CA PHE O 107 -13.56 31.92 9.01
C PHE O 107 -13.54 30.70 8.10
N VAL O 108 -12.88 30.84 6.96
CA VAL O 108 -12.82 29.82 5.93
C VAL O 108 -11.37 29.39 5.76
N SER O 109 -11.11 28.10 5.89
CA SER O 109 -9.76 27.60 5.75
C SER O 109 -9.41 27.42 4.28
N ALA O 110 -8.15 27.09 4.01
CA ALA O 110 -7.69 26.96 2.65
C ALA O 110 -8.30 25.77 1.93
N SER O 111 -8.80 24.78 2.67
CA SER O 111 -9.34 23.56 2.07
C SER O 111 -10.86 23.52 2.03
N GLU O 112 -11.54 24.57 2.49
CA GLU O 112 -13.00 24.55 2.59
C GLU O 112 -13.64 25.30 1.41
N GLY O 113 -13.47 24.72 0.22
CA GLY O 113 -14.16 25.25 -0.94
C GLY O 113 -15.67 25.08 -0.86
N ALA O 114 -16.10 23.94 -0.33
CA ALA O 114 -17.53 23.71 -0.15
C ALA O 114 -18.12 24.71 0.84
N LYS O 115 -17.42 24.96 1.95
CA LYS O 115 -17.89 25.94 2.92
C LYS O 115 -17.88 27.33 2.33
N TRP O 116 -16.92 27.66 1.46
CA TRP O 116 -16.96 28.95 0.79
C TRP O 116 -18.20 29.08 -0.09
N GLY O 117 -18.55 28.03 -0.82
CA GLY O 117 -19.77 28.06 -1.61
C GLY O 117 -21.01 28.25 -0.75
N MET O 118 -21.06 27.56 0.40
CA MET O 118 -22.21 27.70 1.29
C MET O 118 -22.29 29.09 1.89
N VAL O 119 -21.15 29.67 2.24
CA VAL O 119 -21.11 31.05 2.72
C VAL O 119 -21.63 32.00 1.67
N MET O 120 -21.21 31.81 0.42
CA MET O 120 -21.71 32.66 -0.66
C MET O 120 -23.21 32.59 -0.76
N GLU O 121 -23.75 31.37 -0.77
CA GLU O 121 -25.20 31.20 -0.89
C GLU O 121 -25.94 31.85 0.27
N ASP O 122 -25.44 31.65 1.50
CA ASP O 122 -26.15 32.17 2.66
C ASP O 122 -26.08 33.69 2.72
N VAL O 123 -24.93 34.28 2.40
CA VAL O 123 -24.85 35.74 2.37
C VAL O 123 -25.82 36.30 1.35
N THR O 124 -25.87 35.70 0.16
CA THR O 124 -26.80 36.19 -0.85
C THR O 124 -28.24 36.10 -0.37
N ASN O 125 -28.60 34.97 0.26
CA ASN O 125 -29.97 34.79 0.73
C ASN O 125 -30.33 35.81 1.80
N THR O 126 -29.43 36.02 2.76
CA THR O 126 -29.72 36.95 3.85
C THR O 126 -29.90 38.36 3.34
N ILE O 127 -29.02 38.79 2.43
CA ILE O 127 -29.16 40.16 1.92
C ILE O 127 -30.42 40.30 1.08
N LYS O 128 -30.79 39.26 0.33
CA LYS O 128 -32.03 39.31 -0.43
C LYS O 128 -33.23 39.46 0.49
N GLU O 129 -33.24 38.73 1.60
CA GLU O 129 -34.32 38.90 2.59
C GLU O 129 -34.32 40.32 3.14
N LEU O 130 -33.14 40.85 3.48
CA LEU O 130 -33.08 42.16 4.12
C LEU O 130 -33.55 43.27 3.19
N GLY O 131 -33.18 43.23 1.93
CA GLY O 131 -33.60 44.25 0.99
C GLY O 131 -32.58 45.33 0.78
N PRO O 132 -32.93 46.34 -0.03
CA PRO O 132 -31.99 47.41 -0.31
C PRO O 132 -31.61 48.19 0.93
N SER O 133 -30.37 48.63 0.98
CA SER O 133 -29.88 49.38 2.13
C SER O 133 -30.59 50.72 2.23
N PRO O 134 -30.79 51.26 3.43
CA PRO O 134 -31.50 52.54 3.56
C PRO O 134 -30.64 53.77 3.29
N ILE O 135 -29.32 53.65 3.30
CA ILE O 135 -28.47 54.83 3.09
C ILE O 135 -28.72 55.44 1.72
N LYS O 136 -28.96 54.59 0.72
CA LYS O 136 -29.07 55.05 -0.66
C LYS O 136 -30.25 56.00 -0.83
N GLU O 137 -31.28 55.86 -0.02
CA GLU O 137 -32.37 56.83 -0.09
C GLU O 137 -32.28 57.87 1.00
N PHE O 138 -31.58 57.57 2.11
CA PHE O 138 -31.50 58.57 3.16
C PHE O 138 -30.61 59.72 2.75
N LYS O 139 -29.63 59.47 1.87
CA LYS O 139 -28.75 60.53 1.39
C LYS O 139 -29.53 61.64 0.70
N LYS O 140 -30.13 61.32 -0.44
CA LYS O 140 -30.82 62.29 -1.28
C LYS O 140 -29.95 63.51 -1.59
N ALA P 2 -3.81 61.69 54.68
CA ALA P 2 -2.47 61.48 55.20
C ALA P 2 -1.87 60.19 54.68
N ALA P 3 -2.72 59.23 54.31
CA ALA P 3 -2.23 58.02 53.64
C ALA P 3 -3.33 57.43 52.76
N LYS P 4 -3.33 57.80 51.48
CA LYS P 4 -3.92 57.03 50.40
C LYS P 4 -5.21 56.30 50.78
N GLY P 5 -6.25 57.04 51.13
CA GLY P 5 -7.51 56.41 51.46
C GLY P 5 -8.17 57.13 52.62
N ASP P 6 -7.39 57.93 53.32
CA ASP P 6 -7.91 58.73 54.40
C ASP P 6 -8.95 59.71 53.88
N MET P 7 -9.99 59.92 54.67
CA MET P 7 -11.01 60.91 54.39
C MET P 7 -10.95 61.97 55.48
N LEU P 8 -10.79 63.23 55.08
CA LEU P 8 -10.41 64.29 55.99
C LEU P 8 -11.30 65.51 55.78
N TYR P 9 -11.36 66.34 56.81
CA TYR P 9 -11.84 67.72 56.70
C TYR P 9 -10.63 68.62 56.59
N ALA P 10 -10.65 69.55 55.65
CA ALA P 10 -9.52 70.43 55.43
C ALA P 10 -9.99 71.84 55.17
N TRP P 11 -9.32 72.80 55.80
CA TRP P 11 -9.58 74.20 55.55
C TRP P 11 -8.25 74.94 55.59
N ALA P 12 -8.25 76.15 55.04
CA ALA P 12 -7.02 76.92 54.94
C ALA P 12 -6.70 77.64 56.24
N LYS P 13 -5.42 77.64 56.61
CA LYS P 13 -4.97 78.45 57.73
C LYS P 13 -5.14 79.94 57.46
N ASP P 14 -4.88 80.38 56.24
CA ASP P 14 -5.03 81.78 55.88
C ASP P 14 -6.51 82.13 55.80
N ALA P 15 -6.92 83.13 56.59
CA ALA P 15 -8.34 83.44 56.71
C ALA P 15 -8.91 83.97 55.41
N GLU P 16 -8.11 84.69 54.64
CA GLU P 16 -8.63 85.22 53.39
C GLU P 16 -8.82 84.11 52.36
N ILE P 17 -7.87 83.18 52.29
CA ILE P 17 -8.02 82.02 51.42
C ILE P 17 -9.23 81.22 51.83
N GLN P 18 -9.47 81.13 53.14
CA GLN P 18 -10.57 80.32 53.63
C GLN P 18 -11.92 81.00 53.40
N LYS P 19 -11.94 82.33 53.37
CA LYS P 19 -13.16 83.04 52.97
C LYS P 19 -13.45 82.86 51.49
N LYS P 20 -12.44 83.09 50.63
CA LYS P 20 -12.71 83.04 49.19
C LYS P 20 -12.88 81.62 48.69
N GLY P 21 -12.55 80.61 49.47
CA GLY P 21 -12.84 79.27 48.95
C GLY P 21 -14.32 79.04 48.90
N GLU P 22 -14.81 78.20 47.98
CA GLU P 22 -16.24 77.87 47.92
C GLU P 22 -16.57 77.16 49.23
N CYS P 23 -15.66 76.32 49.71
CA CYS P 23 -15.86 75.66 51.01
C CYS P 23 -14.78 76.15 51.97
N GLY P 24 -13.73 75.36 52.22
CA GLY P 24 -12.70 75.73 53.19
C GLY P 24 -11.42 76.26 52.59
N GLY P 25 -11.32 76.35 51.28
CA GLY P 25 -10.12 76.86 50.60
C GLY P 25 -9.01 75.86 50.48
N ALA P 26 -9.26 74.58 50.71
CA ALA P 26 -8.20 73.56 50.69
C ALA P 26 -7.63 73.35 49.30
N VAL P 27 -8.41 73.44 48.25
CA VAL P 27 -7.82 73.34 46.88
C VAL P 27 -6.87 74.51 46.66
N THR P 28 -7.20 75.72 47.10
CA THR P 28 -6.34 76.90 46.87
C THR P 28 -5.18 76.92 47.87
N ALA P 29 -5.31 76.33 49.05
CA ALA P 29 -4.16 76.22 49.94
C ALA P 29 -3.19 75.17 49.44
N LEU P 30 -3.68 74.03 48.97
CA LEU P 30 -2.79 73.00 48.44
C LEU P 30 -2.05 73.49 47.20
N LEU P 31 -2.75 74.16 46.29
CA LEU P 31 -2.12 74.67 45.05
C LEU P 31 -1.08 75.73 45.41
N LYS P 32 -1.39 76.63 46.33
CA LYS P 32 -0.44 77.65 46.75
C LYS P 32 0.77 77.02 47.39
N HIS P 33 0.57 76.03 48.25
CA HIS P 33 1.70 75.39 48.89
C HIS P 33 2.59 74.71 47.88
N ALA P 34 2.00 73.93 46.96
CA ALA P 34 2.81 73.24 45.98
C ALA P 34 3.65 74.23 45.19
N LEU P 35 3.04 75.32 44.73
CA LEU P 35 3.77 76.33 43.98
C LEU P 35 4.91 76.93 44.79
N GLU P 36 4.63 77.34 46.02
CA GLU P 36 5.64 78.08 46.76
C GLU P 36 6.69 77.19 47.43
N THR P 37 6.43 75.90 47.59
CA THR P 37 7.47 74.97 48.04
C THR P 37 8.17 74.28 46.89
N LYS P 38 7.72 74.52 45.67
CA LYS P 38 8.41 74.11 44.46
C LYS P 38 8.31 72.61 44.20
N MET P 39 7.19 72.01 44.60
CA MET P 39 6.81 70.75 43.99
C MET P 39 6.52 70.92 42.51
N VAL P 40 5.86 72.01 42.13
CA VAL P 40 5.42 72.20 40.76
C VAL P 40 5.95 73.53 40.26
N ASP P 41 6.10 73.62 38.94
CA ASP P 41 6.60 74.82 38.31
C ASP P 41 5.51 75.76 37.84
N ALA P 42 4.27 75.28 37.74
CA ALA P 42 3.14 76.13 37.39
C ALA P 42 1.88 75.49 37.94
N VAL P 43 0.77 76.20 37.79
CA VAL P 43 -0.52 75.77 38.30
C VAL P 43 -1.58 76.18 37.29
N VAL P 44 -2.37 75.23 36.83
CA VAL P 44 -3.38 75.49 35.82
C VAL P 44 -4.74 75.43 36.51
N ALA P 45 -5.32 76.59 36.75
CA ALA P 45 -6.60 76.66 37.47
C ALA P 45 -7.56 77.54 36.70
N ILE P 46 -8.80 77.65 37.18
CA ILE P 46 -9.82 78.50 36.51
C ILE P 46 -10.03 79.75 37.33
N LYS P 47 -10.01 80.88 36.70
CA LYS P 47 -10.34 82.15 37.32
C LYS P 47 -11.44 82.82 36.52
N LYS P 48 -12.15 83.73 37.17
CA LYS P 48 -13.12 84.55 36.45
C LYS P 48 -12.40 85.63 35.68
N GLY P 49 -12.71 85.78 34.41
CA GLY P 49 -12.10 86.84 33.63
C GLY P 49 -12.94 88.10 33.69
N LYS P 50 -14.21 87.90 33.97
CA LYS P 50 -15.25 88.93 33.93
C LYS P 50 -16.28 88.53 34.97
N ASP P 51 -17.54 88.90 34.76
CA ASP P 51 -18.62 88.39 35.59
C ASP P 51 -18.46 86.89 35.84
N LEU P 52 -19.01 86.39 36.94
CA LEU P 52 -18.79 85.01 37.35
C LEU P 52 -19.26 84.00 36.31
N TYR P 53 -19.84 84.44 35.21
CA TYR P 53 -20.24 83.51 34.17
C TYR P 53 -19.13 83.22 33.19
N ASP P 54 -17.99 83.90 33.32
CA ASP P 54 -16.85 83.77 32.43
C ASP P 54 -15.76 83.04 33.18
N ALA P 55 -15.44 81.83 32.74
CA ALA P 55 -14.38 81.03 33.33
C ALA P 55 -13.22 80.97 32.36
N VAL P 56 -12.05 81.40 32.81
CA VAL P 56 -10.88 81.52 31.97
C VAL P 56 -9.78 80.65 32.57
N PRO P 57 -9.23 79.69 31.84
CA PRO P 57 -8.10 78.92 32.38
C PRO P 57 -6.86 79.79 32.48
N THR P 58 -6.01 79.44 33.44
CA THR P 58 -4.89 80.31 33.76
C THR P 58 -3.71 79.49 34.23
N VAL P 59 -2.56 79.70 33.61
CA VAL P 59 -1.30 79.15 34.10
C VAL P 59 -0.68 80.19 35.02
N ILE P 60 -0.42 79.80 36.26
CA ILE P 60 0.02 80.72 37.30
C ILE P 60 1.37 80.26 37.81
N THR P 61 2.34 81.16 37.81
CA THR P 61 3.66 80.88 38.35
C THR P 61 3.97 81.72 39.58
N ASN P 62 3.38 82.90 39.69
CA ASN P 62 3.52 83.71 40.89
C ASN P 62 2.61 83.16 41.97
N PRO P 63 3.14 82.69 43.11
CA PRO P 63 2.26 82.18 44.18
C PRO P 63 1.28 83.20 44.72
N GLU P 64 1.38 84.45 44.29
CA GLU P 64 0.54 85.53 44.78
C GLU P 64 -0.78 85.63 44.03
N ASP P 65 -0.99 84.81 43.01
CA ASP P 65 -2.14 84.95 42.12
C ASP P 65 -3.15 83.83 42.25
N ILE P 66 -2.99 82.92 43.20
CA ILE P 66 -3.92 81.82 43.34
C ILE P 66 -5.11 82.17 44.20
N ILE P 67 -5.00 83.22 45.02
CA ILE P 67 -6.17 83.76 45.69
C ILE P 67 -7.20 84.25 44.67
N GLN P 68 -6.75 84.60 43.47
CA GLN P 68 -7.69 84.97 42.42
C GLN P 68 -8.39 83.77 41.80
N THR P 69 -7.81 82.58 41.98
CA THR P 69 -8.36 81.34 41.39
C THR P 69 -9.35 80.72 42.37
N ALA P 70 -9.43 81.24 43.58
CA ALA P 70 -10.27 80.60 44.61
C ALA P 70 -11.75 80.78 44.29
N GLY P 71 -12.56 79.78 44.61
CA GLY P 71 -13.99 79.80 44.29
C GLY P 71 -14.26 78.87 43.15
N SER P 72 -15.45 78.30 43.10
CA SER P 72 -15.82 77.38 42.02
C SER P 72 -16.80 78.05 41.07
N LEU P 73 -16.53 77.99 39.78
CA LEU P 73 -17.39 78.59 38.74
C LEU P 73 -18.22 77.46 38.15
N HIS P 74 -19.53 77.51 38.30
CA HIS P 74 -20.39 76.39 37.85
C HIS P 74 -20.71 76.62 36.39
N CYS P 75 -20.35 77.78 35.89
CA CYS P 75 -20.53 78.01 34.47
C CYS P 75 -19.25 77.70 33.69
N GLY P 76 -18.29 77.08 34.33
CA GLY P 76 -17.03 76.71 33.67
C GLY P 76 -17.17 75.36 33.04
N THR P 77 -17.59 75.33 31.79
CA THR P 77 -17.85 74.10 31.08
C THR P 77 -16.67 73.68 30.23
N LEU P 78 -15.47 74.12 30.56
CA LEU P 78 -14.32 73.88 29.71
C LEU P 78 -13.60 72.60 30.13
N LEU P 79 -12.62 72.21 29.34
CA LEU P 79 -11.87 71.00 29.55
C LEU P 79 -10.39 71.36 29.45
N ILE P 80 -9.64 71.08 30.51
CA ILE P 80 -8.27 71.54 30.70
C ILE P 80 -7.19 70.70 30.01
N PRO P 81 -7.24 69.37 30.05
CA PRO P 81 -6.07 68.58 29.61
C PRO P 81 -5.70 68.79 28.16
N LYS P 82 -6.65 69.02 27.28
CA LYS P 82 -6.30 69.24 25.88
C LYS P 82 -5.54 70.55 25.71
N LEU P 83 -5.77 71.56 26.53
CA LEU P 83 -4.98 72.81 26.49
C LEU P 83 -3.52 72.59 26.92
N ILE P 84 -3.29 71.73 27.91
CA ILE P 84 -1.92 71.39 28.37
C ILE P 84 -1.15 70.70 27.26
N LYS P 85 -1.76 69.80 26.50
CA LYS P 85 -1.06 69.17 25.36
C LYS P 85 -0.73 70.20 24.28
N LYS P 86 -1.67 71.03 23.88
CA LYS P 86 -1.49 71.99 22.77
C LYS P 86 -0.55 73.15 23.08
N TYR P 87 -0.64 73.79 24.24
CA TYR P 87 0.14 75.02 24.52
C TYR P 87 1.10 74.90 25.70
N LEU P 88 1.22 73.75 26.35
CA LEU P 88 2.21 73.56 27.43
C LEU P 88 3.08 72.35 27.11
N ASN P 89 3.18 71.96 25.84
CA ASN P 89 4.03 70.83 25.40
C ASN P 89 3.72 69.57 26.17
N GLY P 90 2.47 69.35 26.53
CA GLY P 90 2.11 68.09 27.14
C GLY P 90 2.74 67.85 28.48
N ALA P 91 3.23 68.90 29.15
CA ALA P 91 3.86 68.78 30.45
C ALA P 91 5.01 67.78 30.42
N LYS P 92 5.75 67.77 29.32
CA LYS P 92 6.85 66.82 29.16
C LYS P 92 8.12 67.27 29.85
N ASP P 93 8.26 68.56 30.14
CA ASP P 93 9.45 69.08 30.79
C ASP P 93 9.18 69.76 32.11
N MET P 94 7.96 70.23 32.38
CA MET P 94 7.65 70.99 33.57
C MET P 94 6.58 70.29 34.38
N LYS P 95 6.76 70.26 35.69
CA LYS P 95 5.71 69.79 36.59
C LYS P 95 4.60 70.84 36.69
N LEU P 96 3.37 70.35 36.74
CA LEU P 96 2.20 71.18 36.92
C LEU P 96 1.35 70.61 38.03
N ALA P 97 0.52 71.45 38.63
CA ALA P 97 -0.56 71.02 39.51
C ALA P 97 -1.84 71.57 38.93
N VAL P 98 -2.78 70.68 38.61
CA VAL P 98 -3.98 71.05 37.87
C VAL P 98 -5.19 70.69 38.70
N THR P 99 -6.11 71.66 38.82
CA THR P 99 -7.43 71.43 39.48
C THR P 99 -8.37 70.97 38.39
N CYS P 100 -9.08 69.86 38.59
CA CYS P 100 -9.82 69.23 37.51
C CYS P 100 -11.13 68.63 38.04
N LYS P 101 -12.16 68.61 37.21
CA LYS P 101 -13.44 67.95 37.52
C LYS P 101 -13.34 66.48 37.09
N GLY P 102 -14.40 65.69 37.14
CA GLY P 102 -14.39 64.29 36.77
C GLY P 102 -14.10 64.09 35.29
N CYS P 103 -14.71 64.90 34.43
CA CYS P 103 -14.42 64.83 33.02
C CYS P 103 -12.99 65.24 32.72
N ASP P 104 -12.45 66.21 33.46
CA ASP P 104 -11.05 66.65 33.24
C ASP P 104 -10.09 65.59 33.72
N ALA P 105 -10.41 64.79 34.74
CA ALA P 105 -9.56 63.68 35.14
C ALA P 105 -9.62 62.53 34.14
N MET P 106 -10.81 62.22 33.65
CA MET P 106 -10.93 61.19 32.62
C MET P 106 -10.15 61.57 31.37
N ALA P 107 -10.22 62.84 30.97
CA ALA P 107 -9.47 63.28 29.80
C ALA P 107 -7.97 63.19 30.03
N PHE P 108 -7.51 63.51 31.24
CA PHE P 108 -6.11 63.32 31.55
C PHE P 108 -5.70 61.88 31.30
N TYR P 109 -6.51 60.93 31.76
CA TYR P 109 -6.13 59.54 31.60
C TYR P 109 -6.21 59.07 30.15
N GLU P 110 -7.18 59.56 29.38
CA GLU P 110 -7.24 59.21 27.96
C GLU P 110 -6.02 59.70 27.21
N LEU P 111 -5.63 60.96 27.44
CA LEU P 111 -4.46 61.48 26.76
C LEU P 111 -3.17 60.83 27.23
N ALA P 112 -3.10 60.42 28.51
CA ALA P 112 -1.92 59.71 28.95
C ALA P 112 -1.85 58.29 28.38
N LYS P 113 -2.99 57.63 28.22
CA LYS P 113 -3.02 56.36 27.48
C LYS P 113 -2.42 56.55 26.09
N ARG P 114 -2.87 57.58 25.39
CA ARG P 114 -2.36 57.81 24.05
C ARG P 114 -1.06 58.58 24.03
N ASN P 115 -0.40 58.74 25.18
CA ASN P 115 0.98 59.20 25.23
C ASN P 115 1.11 60.68 24.89
N GLN P 116 0.09 61.47 25.16
CA GLN P 116 0.10 62.88 24.78
C GLN P 116 0.41 63.81 25.93
N ILE P 117 0.40 63.32 27.16
CA ILE P 117 0.77 64.11 28.33
C ILE P 117 1.56 63.21 29.27
N ASN P 118 2.20 63.82 30.25
CA ASN P 118 3.03 63.12 31.21
C ASN P 118 2.40 63.22 32.59
N LEU P 119 1.66 62.18 32.97
CA LEU P 119 1.03 62.13 34.27
C LEU P 119 2.03 61.91 35.39
N ASP P 120 3.26 61.54 35.08
CA ASP P 120 4.32 61.62 36.09
C ASP P 120 4.58 63.07 36.48
N ASN P 121 4.40 64.00 35.55
CA ASN P 121 4.63 65.41 35.85
C ASN P 121 3.39 66.10 36.40
N ILE P 122 2.21 65.72 35.95
CA ILE P 122 0.98 66.41 36.32
C ILE P 122 0.49 65.91 37.67
N ILE P 123 0.09 66.84 38.55
CA ILE P 123 -0.63 66.54 39.78
C ILE P 123 -2.08 66.97 39.58
N MET P 124 -3.00 66.05 39.82
CA MET P 124 -4.42 66.30 39.60
C MET P 124 -5.12 66.41 40.95
N ILE P 125 -5.56 67.62 41.29
CA ILE P 125 -6.43 67.85 42.43
C ILE P 125 -7.84 67.82 41.88
N GLY P 126 -8.57 66.75 42.14
CA GLY P 126 -9.90 66.61 41.59
C GLY P 126 -10.95 67.15 42.53
N VAL P 127 -11.98 67.72 41.90
CA VAL P 127 -13.11 68.34 42.66
C VAL P 127 -14.32 67.44 42.39
N ASN P 128 -15.31 67.37 43.27
CA ASN P 128 -16.54 66.61 43.00
C ASN P 128 -17.29 67.45 41.97
N CYS P 129 -18.06 66.89 41.07
CA CYS P 129 -18.82 67.75 40.17
C CYS P 129 -20.24 67.21 40.08
N GLY P 130 -21.23 68.03 40.37
CA GLY P 130 -22.63 67.65 40.21
C GLY P 130 -23.18 68.25 38.97
N GLY P 131 -22.39 69.00 38.24
CA GLY P 131 -22.89 69.47 36.95
C GLY P 131 -22.47 70.87 36.63
N SER P 132 -22.45 71.19 35.36
CA SER P 132 -22.03 72.53 34.92
C SER P 132 -23.09 73.07 34.02
N VAL P 133 -23.23 74.37 33.99
CA VAL P 133 -24.22 75.03 33.16
C VAL P 133 -23.51 75.89 32.13
N SER P 134 -24.01 75.91 30.91
CA SER P 134 -23.49 76.85 29.93
C SER P 134 -23.73 78.27 30.41
N PRO P 135 -22.78 79.18 30.22
CA PRO P 135 -22.96 80.54 30.75
C PRO P 135 -24.16 81.26 30.18
N VAL P 136 -24.36 81.18 28.87
CA VAL P 136 -25.46 81.90 28.24
C VAL P 136 -26.79 81.27 28.63
N THR P 137 -26.84 79.95 28.73
CA THR P 137 -28.06 79.29 29.19
C THR P 137 -28.37 79.65 30.63
N ALA P 138 -27.34 79.78 31.47
CA ALA P 138 -27.56 80.24 32.83
C ALA P 138 -28.13 81.66 32.84
N ARG P 139 -27.62 82.51 31.96
CA ARG P 139 -28.17 83.86 31.85
C ARG P 139 -29.65 83.83 31.49
N LYS P 140 -30.02 83.06 30.47
CA LYS P 140 -31.42 82.99 30.08
C LYS P 140 -32.28 82.40 31.19
N MET P 141 -31.75 81.40 31.89
CA MET P 141 -32.42 80.83 33.04
C MET P 141 -32.77 81.91 34.05
N ILE P 142 -31.78 82.71 34.40
CA ILE P 142 -31.96 83.72 35.44
C ILE P 142 -32.89 84.83 34.98
N SER P 143 -32.79 85.20 33.70
CA SER P 143 -33.68 86.25 33.17
C SER P 143 -35.13 85.81 33.16
N ASN P 144 -35.39 84.56 32.76
CA ASN P 144 -36.76 84.12 32.56
C ASN P 144 -37.35 83.42 33.79
N LYS P 145 -36.75 82.33 34.22
CA LYS P 145 -37.36 81.52 35.27
C LYS P 145 -37.21 82.16 36.64
N PHE P 146 -36.04 82.72 36.96
CA PHE P 146 -35.83 83.35 38.26
C PHE P 146 -36.35 84.76 38.32
N GLY P 147 -36.62 85.39 37.18
CA GLY P 147 -37.11 86.77 37.18
C GLY P 147 -36.12 87.77 37.75
N VAL P 148 -34.84 87.63 37.44
CA VAL P 148 -33.81 88.51 37.95
C VAL P 148 -32.98 89.00 36.77
N ASP P 149 -32.43 90.19 36.90
CA ASP P 149 -31.44 90.66 35.94
C ASP P 149 -30.16 89.90 36.19
N PRO P 150 -29.59 89.21 35.20
CA PRO P 150 -28.45 88.33 35.47
C PRO P 150 -27.22 89.06 35.96
N ASP P 151 -27.07 90.34 35.62
CA ASP P 151 -25.90 91.10 36.06
C ASP P 151 -25.93 91.40 37.55
N THR P 152 -27.07 91.21 38.20
CA THR P 152 -27.22 91.44 39.63
C THR P 152 -26.60 90.33 40.47
N VAL P 153 -26.57 89.11 39.94
CA VAL P 153 -26.12 87.95 40.73
C VAL P 153 -24.69 88.12 41.19
N HIS P 154 -24.44 87.79 42.46
CA HIS P 154 -23.08 87.75 43.00
C HIS P 154 -22.48 86.35 42.89
N LYS P 155 -23.12 85.36 43.50
CA LYS P 155 -22.68 83.98 43.42
C LYS P 155 -23.88 83.12 43.08
N GLU P 156 -23.60 81.89 42.67
CA GLU P 156 -24.60 80.96 42.16
C GLU P 156 -24.03 79.56 42.17
N GLU P 157 -24.81 78.61 42.68
CA GLU P 157 -24.28 77.28 42.90
C GLU P 157 -25.40 76.25 42.81
N ILE P 158 -25.03 75.03 42.47
CA ILE P 158 -26.00 73.91 42.48
C ILE P 158 -25.73 73.17 43.79
N ASP P 159 -26.64 73.29 44.77
CA ASP P 159 -26.53 72.72 46.10
C ASP P 159 -27.83 72.04 46.46
N LYS P 160 -27.73 70.78 46.89
CA LYS P 160 -28.91 69.96 47.19
C LYS P 160 -29.86 69.84 46.02
N GLY P 161 -29.34 69.75 44.80
CA GLY P 161 -30.21 69.54 43.66
C GLY P 161 -31.07 70.72 43.30
N GLN P 162 -30.71 71.92 43.74
CA GLN P 162 -31.41 73.13 43.34
C GLN P 162 -30.40 74.22 43.04
N PHE P 163 -30.86 75.21 42.28
CA PHE P 163 -29.99 76.24 41.72
C PHE P 163 -30.11 77.50 42.57
N ILE P 164 -29.26 77.63 43.57
CA ILE P 164 -29.27 78.78 44.45
C ILE P 164 -28.52 79.92 43.77
N ILE P 165 -29.13 81.09 43.71
CA ILE P 165 -28.45 82.30 43.26
C ILE P 165 -28.54 83.33 44.37
N GLU P 166 -27.47 84.10 44.54
CA GLU P 166 -27.40 85.16 45.52
C GLU P 166 -27.28 86.49 44.77
N TYR P 167 -28.34 87.28 44.81
CA TYR P 167 -28.37 88.59 44.17
C TYR P 167 -28.55 89.66 45.23
N GLU P 168 -28.61 90.92 44.80
CA GLU P 168 -28.88 92.01 45.73
C GLU P 168 -30.38 92.04 46.03
N GLY P 169 -30.73 91.77 47.28
CA GLY P 169 -32.12 91.59 47.68
C GLY P 169 -32.33 90.32 48.47
N GLY P 170 -31.62 89.26 48.12
CA GLY P 170 -31.75 88.01 48.86
C GLY P 170 -31.11 86.86 48.09
N HIS P 171 -31.73 85.69 48.23
CA HIS P 171 -31.36 84.53 47.44
C HIS P 171 -32.61 83.74 47.07
N LYS P 172 -32.48 82.93 46.02
CA LYS P 172 -33.59 82.18 45.48
C LYS P 172 -33.13 80.75 45.22
N GLY P 173 -34.08 79.89 44.90
CA GLY P 173 -33.77 78.50 44.61
C GLY P 173 -34.85 77.80 43.83
N ILE P 174 -34.47 77.02 42.83
CA ILE P 174 -35.39 76.24 42.02
C ILE P 174 -34.78 74.87 41.78
N LYS P 175 -35.61 73.83 41.85
CA LYS P 175 -35.13 72.47 41.66
C LYS P 175 -34.51 72.30 40.27
N ILE P 176 -33.31 71.73 40.22
CA ILE P 176 -32.65 71.54 38.93
C ILE P 176 -33.43 70.58 38.06
N ASP P 177 -34.16 69.62 38.65
CA ASP P 177 -34.97 68.73 37.83
C ASP P 177 -36.10 69.48 37.13
N GLU P 178 -36.76 70.38 37.86
CA GLU P 178 -37.78 71.22 37.26
C GLU P 178 -37.20 72.08 36.14
N LEU P 179 -36.03 72.68 36.37
CA LEU P 179 -35.42 73.47 35.32
C LEU P 179 -35.10 72.62 34.10
N GLU P 180 -34.59 71.42 34.33
CA GLU P 180 -34.19 70.54 33.24
C GLU P 180 -35.38 70.05 32.44
N GLU P 181 -36.54 69.88 33.10
CA GLU P 181 -37.76 69.62 32.34
C GLU P 181 -38.17 70.84 31.51
N GLU P 182 -38.09 72.05 32.08
CA GLU P 182 -38.46 73.23 31.31
C GLU P 182 -37.47 73.57 30.19
N GLY P 183 -36.30 72.95 30.16
CA GLY P 183 -35.40 73.15 29.03
C GLY P 183 -34.16 73.94 29.36
N TYR P 184 -33.72 73.82 30.60
CA TYR P 184 -32.57 74.57 31.10
C TYR P 184 -31.78 73.61 31.97
N GLY P 185 -30.91 74.14 32.81
CA GLY P 185 -30.22 73.35 33.79
C GLY P 185 -28.83 72.96 33.35
N ARG P 186 -28.36 71.86 33.92
CA ARG P 186 -27.05 71.37 33.57
C ARG P 186 -27.02 70.95 32.11
N ARG P 187 -25.81 70.81 31.58
CA ARG P 187 -25.66 70.36 30.21
C ARG P 187 -26.16 68.93 30.09
N SER P 188 -26.47 68.53 28.86
CA SER P 188 -27.01 67.20 28.63
C SER P 188 -26.05 66.12 29.09
N ASN P 189 -24.77 66.27 28.74
CA ASN P 189 -23.80 65.27 29.15
C ASN P 189 -23.60 65.30 30.65
N CYS P 190 -23.82 66.45 31.28
CA CYS P 190 -23.71 66.49 32.73
C CYS P 190 -24.87 65.77 33.38
N ARG P 191 -26.04 65.81 32.75
CA ARG P 191 -27.17 65.02 33.23
C ARG P 191 -26.90 63.54 33.08
N ARG P 192 -26.24 63.14 32.01
CA ARG P 192 -25.90 61.73 31.83
C ARG P 192 -24.64 61.31 32.57
N CYS P 193 -23.89 62.23 33.14
CA CYS P 193 -22.58 61.91 33.71
C CYS P 193 -22.72 61.08 34.98
N LYS P 194 -21.73 60.23 35.21
CA LYS P 194 -21.70 59.43 36.42
C LYS P 194 -20.31 59.40 37.05
N MET P 195 -19.44 60.33 36.67
CA MET P 195 -18.11 60.41 37.25
C MET P 195 -18.13 61.53 38.29
N LYS P 196 -18.76 61.24 39.42
CA LYS P 196 -19.09 62.29 40.37
C LYS P 196 -17.96 62.58 41.35
N ILE P 197 -17.25 61.55 41.79
CA ILE P 197 -16.11 61.74 42.68
C ILE P 197 -14.86 61.22 41.98
N PRO P 198 -13.95 62.08 41.58
CA PRO P 198 -12.81 61.62 40.78
C PRO P 198 -11.80 60.87 41.61
N ARG P 199 -12.04 59.58 41.81
CA ARG P 199 -11.13 58.76 42.59
C ARG P 199 -9.89 58.35 41.80
N GLN P 200 -9.82 58.66 40.52
CA GLN P 200 -8.62 58.43 39.74
C GLN P 200 -7.63 59.59 39.82
N ALA P 201 -8.04 60.71 40.41
CA ALA P 201 -7.15 61.84 40.59
C ALA P 201 -6.27 61.60 41.80
N ASP P 202 -5.46 62.59 42.17
CA ASP P 202 -4.61 62.43 43.34
C ASP P 202 -5.29 62.88 44.64
N ILE P 203 -6.23 63.83 44.55
CA ILE P 203 -7.02 64.27 45.69
C ILE P 203 -8.41 64.58 45.18
N ALA P 204 -9.43 64.24 45.97
CA ALA P 204 -10.83 64.52 45.63
C ALA P 204 -11.43 65.39 46.71
N ALA P 205 -11.79 66.61 46.33
CA ALA P 205 -12.28 67.62 47.26
C ALA P 205 -13.75 67.89 46.98
N GLY P 206 -14.59 68.01 48.00
CA GLY P 206 -15.99 68.35 47.77
C GLY P 206 -16.71 68.91 48.96
N ASN P 207 -17.96 69.32 48.79
CA ASN P 207 -18.77 69.81 49.92
C ASN P 207 -19.76 68.74 50.38
N TRP P 208 -19.59 67.48 49.97
CA TRP P 208 -20.51 66.37 50.32
C TRP P 208 -19.88 65.65 51.49
N GLY P 209 -20.64 65.33 52.54
CA GLY P 209 -20.12 64.67 53.72
C GLY P 209 -19.55 65.58 54.77
N VAL P 210 -19.63 66.89 54.62
CA VAL P 210 -19.23 67.83 55.65
C VAL P 210 -20.47 68.26 56.40
N ILE P 211 -20.57 67.87 57.67
CA ILE P 211 -21.79 68.02 58.44
C ILE P 211 -21.49 68.72 59.76
N GLY P 212 -22.44 69.52 60.23
CA GLY P 212 -22.41 70.04 61.58
C GLY P 212 -21.80 71.43 61.64
N ASP P 213 -20.84 71.62 62.54
CA ASP P 213 -20.24 72.92 62.79
C ASP P 213 -19.34 73.39 61.66
N LYS P 214 -19.07 72.54 60.66
CA LYS P 214 -18.20 72.92 59.57
C LYS P 214 -18.91 72.86 58.22
N ALA P 215 -20.23 73.05 58.20
CA ALA P 215 -21.00 72.81 57.00
C ALA P 215 -20.66 73.75 55.85
N GLY P 216 -19.95 74.84 56.11
CA GLY P 216 -19.59 75.75 55.03
C GLY P 216 -18.18 76.27 55.15
N LYS P 217 -17.40 75.67 56.04
CA LYS P 217 -16.03 76.11 56.25
C LYS P 217 -15.07 74.93 56.36
N ALA P 218 -15.32 73.86 55.61
CA ALA P 218 -14.42 72.74 55.56
C ALA P 218 -14.63 72.00 54.25
N THR P 219 -13.55 71.47 53.68
CA THR P 219 -13.61 70.69 52.42
C THR P 219 -13.38 69.23 52.76
N PHE P 220 -14.24 68.35 52.28
CA PHE P 220 -14.07 66.92 52.45
C PHE P 220 -12.98 66.47 51.49
N LEU P 221 -11.86 65.99 52.03
CA LEU P 221 -10.75 65.52 51.22
C LEU P 221 -10.69 64.00 51.28
N GLU P 222 -10.59 63.37 50.12
CA GLU P 222 -10.26 61.96 50.03
C GLU P 222 -8.90 61.82 49.35
N ILE P 223 -7.95 61.20 50.04
CA ILE P 223 -6.61 61.03 49.52
C ILE P 223 -6.62 59.80 48.62
N CYS P 224 -6.39 59.99 47.33
CA CYS P 224 -6.52 58.91 46.36
C CYS P 224 -5.20 58.39 45.82
N SER P 225 -4.07 58.86 46.31
CA SER P 225 -2.79 58.34 45.84
C SER P 225 -1.68 58.77 46.78
N GLU P 226 -0.52 58.14 46.62
CA GLU P 226 0.65 58.47 47.42
C GLU P 226 1.15 59.88 47.12
N LYS P 227 1.05 60.32 45.87
CA LYS P 227 1.44 61.67 45.53
C LYS P 227 0.56 62.70 46.24
N GLY P 228 -0.74 62.44 46.28
CA GLY P 228 -1.64 63.31 47.02
C GLY P 228 -1.41 63.25 48.51
N ALA P 229 -1.08 62.07 49.03
CA ALA P 229 -0.76 61.96 50.45
C ALA P 229 0.46 62.79 50.80
N ASN P 230 1.48 62.76 49.93
CA ASN P 230 2.66 63.57 50.18
C ASN P 230 2.35 65.06 50.11
N LEU P 231 1.56 65.48 49.13
CA LEU P 231 1.19 66.89 49.05
C LEU P 231 0.45 67.34 50.30
N VAL P 232 -0.52 66.53 50.75
CA VAL P 232 -1.33 66.90 51.90
C VAL P 232 -0.48 66.91 53.17
N ASN P 233 0.38 65.91 53.35
CA ASN P 233 1.19 65.88 54.56
C ASN P 233 2.17 67.04 54.59
N SER P 234 2.75 67.39 53.45
CA SER P 234 3.64 68.53 53.40
C SER P 234 2.91 69.82 53.73
N ALA P 235 1.71 70.00 53.17
CA ALA P 235 0.95 71.21 53.44
C ALA P 235 0.56 71.32 54.90
N GLN P 236 0.15 70.19 55.50
CA GLN P 236 -0.21 70.20 56.91
C GLN P 236 0.98 70.46 57.81
N SER P 237 2.16 69.94 57.45
CA SER P 237 3.32 70.15 58.29
C SER P 237 3.86 71.57 58.18
N LYS P 238 3.92 72.11 56.98
CA LYS P 238 4.31 73.51 56.82
C LYS P 238 3.23 74.47 57.29
N GLY P 239 2.03 73.98 57.57
CA GLY P 239 1.04 74.79 58.24
C GLY P 239 0.24 75.69 57.32
N ALA P 240 0.01 75.26 56.09
CA ALA P 240 -0.86 75.97 55.18
C ALA P 240 -2.27 75.40 55.14
N LEU P 241 -2.53 74.34 55.90
CA LEU P 241 -3.76 73.58 55.76
C LEU P 241 -4.03 72.88 57.08
N GLU P 242 -5.29 72.88 57.51
CA GLU P 242 -5.67 72.19 58.73
C GLU P 242 -6.36 70.89 58.39
N ILE P 243 -6.12 69.87 59.21
CA ILE P 243 -6.60 68.53 58.94
C ILE P 243 -7.28 67.97 60.19
N SER P 244 -8.51 67.52 60.04
CA SER P 244 -9.18 66.75 61.08
C SER P 244 -9.85 65.54 60.44
N PRO P 245 -9.79 64.37 61.08
CA PRO P 245 -10.39 63.18 60.49
C PRO P 245 -11.90 63.35 60.29
N ALA P 246 -12.41 62.80 59.19
CA ALA P 246 -13.78 63.05 58.80
C ALA P 246 -14.74 62.32 59.72
N ASP P 247 -15.99 62.75 59.67
CA ASP P 247 -17.04 62.19 60.51
C ASP P 247 -17.67 60.98 59.82
N PRO P 248 -17.81 59.84 60.51
CA PRO P 248 -18.35 58.64 59.84
C PRO P 248 -19.74 58.85 59.26
N LYS P 249 -20.58 59.64 59.94
CA LYS P 249 -21.88 59.99 59.38
C LYS P 249 -21.72 60.79 58.09
N GLY P 250 -20.72 61.67 58.06
CA GLY P 250 -20.43 62.39 56.83
C GLY P 250 -20.03 61.45 55.71
N ILE P 251 -19.20 60.46 56.01
CA ILE P 251 -18.79 59.50 54.99
C ILE P 251 -20.01 58.75 54.45
N ASP P 252 -20.91 58.34 55.36
CA ASP P 252 -22.10 57.60 54.94
C ASP P 252 -22.98 58.44 54.03
N ILE P 253 -23.25 59.69 54.41
CA ILE P 253 -24.16 60.44 53.56
C ILE P 253 -23.47 60.88 52.29
N ARG P 254 -22.15 60.99 52.29
CA ARG P 254 -21.42 61.20 51.04
C ARG P 254 -21.65 60.04 50.09
N ALA P 255 -21.57 58.81 50.61
CA ALA P 255 -21.84 57.64 49.78
C ALA P 255 -23.27 57.65 49.26
N LYS P 256 -24.23 58.02 50.11
CA LYS P 256 -25.63 58.04 49.67
C LYS P 256 -25.87 59.08 48.58
N VAL P 257 -25.29 60.28 48.71
CA VAL P 257 -25.50 61.28 47.67
C VAL P 257 -24.84 60.84 46.38
N GLU P 258 -23.65 60.25 46.45
CA GLU P 258 -23.01 59.74 45.25
C GLU P 258 -23.86 58.70 44.56
N LYS P 259 -24.42 57.77 45.33
CA LYS P 259 -25.27 56.73 44.76
C LYS P 259 -26.54 57.29 44.13
N ALA P 260 -27.16 58.27 44.79
CA ALA P 260 -28.33 58.90 44.20
C ALA P 260 -27.99 59.61 42.91
N MET P 261 -26.81 60.23 42.84
CA MET P 261 -26.39 60.87 41.61
C MET P 261 -26.16 59.85 40.50
N PHE P 262 -25.64 58.67 40.87
CA PHE P 262 -25.55 57.59 39.90
C PHE P 262 -26.91 57.22 39.33
N ASN P 263 -27.91 57.07 40.20
CA ASN P 263 -29.24 56.68 39.74
C ASN P 263 -29.83 57.75 38.82
N LEU P 264 -29.69 59.02 39.19
CA LEU P 264 -30.20 60.08 38.34
C LEU P 264 -29.50 60.09 36.98
N GLY P 265 -28.19 59.86 36.97
CA GLY P 265 -27.48 59.76 35.71
C GLY P 265 -27.99 58.63 34.86
N ASP P 266 -28.28 57.49 35.47
CA ASP P 266 -28.85 56.36 34.72
C ASP P 266 -30.20 56.71 34.13
N GLU P 267 -31.05 57.39 34.90
CA GLU P 267 -32.36 57.77 34.37
C GLU P 267 -32.22 58.67 33.15
N TRP P 268 -31.32 59.63 33.21
CA TRP P 268 -31.18 60.54 32.07
C TRP P 268 -30.55 59.83 30.89
N ARG P 269 -29.60 58.92 31.13
CA ARG P 269 -29.08 58.10 30.06
C ARG P 269 -30.19 57.36 29.34
N HIS P 270 -31.06 56.72 30.12
CA HIS P 270 -32.21 56.04 29.54
C HIS P 270 -33.01 57.00 28.70
N ARG P 271 -33.63 58.00 29.32
CA ARG P 271 -34.60 58.81 28.58
C ARG P 271 -33.98 59.45 27.34
N ASP P 272 -32.69 59.81 27.38
CA ASP P 272 -32.04 60.39 26.20
C ASP P 272 -31.82 59.35 25.10
N PHE P 273 -31.29 58.17 25.47
CA PHE P 273 -30.96 57.20 24.43
C PHE P 273 -32.19 56.59 23.78
N GLU P 274 -33.27 56.37 24.55
CA GLU P 274 -34.53 56.04 23.86
C GLU P 274 -35.19 57.24 23.18
N GLY P 275 -34.89 58.46 23.59
CA GLY P 275 -35.38 59.58 22.82
C GLY P 275 -34.78 59.65 21.44
N MET P 276 -33.64 59.01 21.17
CA MET P 276 -32.96 59.12 19.84
C MET P 276 -33.66 58.24 18.82
N GLY P 277 -34.34 57.20 19.28
CA GLY P 277 -35.10 56.33 18.38
C GLY P 277 -34.47 54.97 18.30
N LYS P 278 -34.98 54.11 17.44
CA LYS P 278 -34.43 52.74 17.24
C LYS P 278 -34.61 52.40 15.77
N GLY P 279 -33.76 51.53 15.23
CA GLY P 279 -33.91 51.08 13.83
C GLY P 279 -33.64 52.17 12.83
N LYS P 280 -34.33 52.15 11.69
CA LYS P 280 -34.10 53.12 10.59
C LYS P 280 -34.46 54.53 11.00
N ASP P 281 -35.31 54.71 12.02
CA ASP P 281 -35.61 56.05 12.58
C ASP P 281 -34.35 56.68 13.18
N ARG P 282 -33.52 55.94 13.90
CA ARG P 282 -32.24 56.43 14.45
C ARG P 282 -31.31 56.78 13.30
N LEU P 283 -31.26 56.01 12.22
CA LEU P 283 -30.45 56.36 11.02
C LEU P 283 -30.97 57.64 10.39
N LYS P 284 -32.27 57.83 10.26
CA LYS P 284 -32.73 59.14 9.73
C LYS P 284 -32.43 60.25 10.75
N LEU P 285 -32.57 60.00 12.06
CA LEU P 285 -32.16 61.07 12.96
C LEU P 285 -30.70 61.42 12.76
N MET P 286 -29.83 60.40 12.81
CA MET P 286 -28.39 60.66 12.71
C MET P 286 -28.04 61.29 11.37
N MET P 287 -28.57 60.76 10.28
CA MET P 287 -28.16 61.27 8.97
C MET P 287 -28.69 62.67 8.73
N SER P 288 -29.92 62.95 9.10
CA SER P 288 -30.45 64.29 8.89
C SER P 288 -29.77 65.31 9.78
N GLU P 289 -29.40 64.94 11.01
CA GLU P 289 -28.66 65.87 11.84
C GLU P 289 -27.27 66.12 11.27
N SER P 290 -26.55 65.06 10.95
CA SER P 290 -25.18 65.19 10.48
C SER P 290 -25.09 65.81 9.09
N SER P 291 -26.19 65.90 8.34
CA SER P 291 -26.10 66.61 7.08
C SER P 291 -25.90 68.10 7.25
N LYS P 292 -26.00 68.61 8.47
CA LYS P 292 -25.79 70.03 8.74
C LYS P 292 -24.33 70.41 8.88
N CYS P 293 -23.43 69.46 9.10
CA CYS P 293 -22.06 69.79 9.46
C CYS P 293 -21.39 70.63 8.38
N ILE P 294 -20.77 71.73 8.82
CA ILE P 294 -20.04 72.62 7.91
C ILE P 294 -18.54 72.38 7.98
N LYS P 295 -18.10 71.31 8.62
CA LYS P 295 -16.71 70.90 8.63
C LYS P 295 -15.82 71.95 9.28
N CYS P 296 -16.26 72.50 10.41
CA CYS P 296 -15.42 73.40 11.17
C CYS P 296 -14.34 72.65 11.94
N TYR P 297 -14.50 71.35 12.13
CA TYR P 297 -13.56 70.49 12.85
C TYR P 297 -13.42 70.85 14.32
N ALA P 298 -14.35 71.61 14.86
CA ALA P 298 -14.28 71.95 16.27
C ALA P 298 -14.43 70.72 17.15
N CYS P 299 -15.29 69.79 16.74
CA CYS P 299 -15.46 68.56 17.49
C CYS P 299 -14.16 67.76 17.56
N VAL P 300 -13.41 67.70 16.47
CA VAL P 300 -12.11 66.96 16.40
C VAL P 300 -11.08 67.70 17.24
N GLU P 301 -11.02 69.03 17.12
CA GLU P 301 -9.99 69.75 17.85
C GLU P 301 -10.28 69.84 19.33
N ALA P 302 -11.53 69.68 19.74
CA ALA P 302 -11.87 69.75 21.16
C ALA P 302 -11.93 68.39 21.83
N CYS P 303 -12.11 67.31 21.07
CA CYS P 303 -12.20 65.99 21.69
C CYS P 303 -10.88 65.63 22.36
N PRO P 304 -10.89 65.14 23.60
CA PRO P 304 -9.67 64.63 24.22
C PRO P 304 -9.08 63.44 23.50
N ILE P 305 -9.88 62.63 22.82
CA ILE P 305 -9.45 61.32 22.26
C ILE P 305 -8.92 61.51 20.86
N CYS P 306 -9.16 62.67 20.29
CA CYS P 306 -8.71 62.95 18.92
C CYS P 306 -7.33 63.57 19.01
N TYR P 307 -6.29 62.78 18.83
CA TYR P 307 -4.89 63.24 19.01
C TYR P 307 -4.10 63.11 17.73
N CYS P 308 -4.74 63.00 16.60
CA CYS P 308 -4.04 62.63 15.36
C CYS P 308 -3.52 63.85 14.64
N ILE P 309 -2.32 63.75 14.08
CA ILE P 309 -1.75 64.92 13.42
C ILE P 309 -2.67 65.40 12.32
N GLU P 310 -3.13 64.49 11.48
CA GLU P 310 -4.12 64.80 10.46
C GLU P 310 -5.28 63.84 10.61
N CYS P 311 -6.49 64.37 10.72
CA CYS P 311 -7.67 63.52 10.87
C CYS P 311 -7.92 62.79 9.55
N SER P 312 -8.44 61.58 9.63
CA SER P 312 -8.84 60.85 8.42
C SER P 312 -10.02 61.57 7.82
N THR P 313 -10.74 62.39 8.58
CA THR P 313 -11.79 63.16 7.94
C THR P 313 -11.24 64.19 6.97
N LYS P 314 -9.93 64.40 6.94
CA LYS P 314 -9.29 65.36 6.05
C LYS P 314 -8.62 64.70 4.85
N LYS P 315 -8.70 63.40 4.73
CA LYS P 315 -8.00 62.71 3.67
C LYS P 315 -8.90 62.56 2.45
N PRO P 316 -8.43 62.93 1.27
CA PRO P 316 -9.34 63.05 0.12
C PRO P 316 -9.94 61.74 -0.34
N TRP P 317 -9.39 60.59 0.05
CA TRP P 317 -10.01 59.34 -0.33
C TRP P 317 -11.15 58.94 0.60
N TYR P 318 -11.36 59.65 1.70
CA TYR P 318 -12.52 59.43 2.54
C TYR P 318 -13.58 60.51 2.34
N ILE P 319 -13.19 61.78 2.38
CA ILE P 319 -14.11 62.89 2.29
C ILE P 319 -13.70 63.79 1.13
N ALA P 320 -14.63 64.05 0.23
CA ALA P 320 -14.34 64.93 -0.90
C ALA P 320 -14.08 66.35 -0.41
N PRO P 321 -12.95 66.97 -0.79
CA PRO P 321 -12.53 68.21 -0.11
C PRO P 321 -13.52 69.36 -0.20
N GLY P 322 -14.21 69.52 -1.32
CA GLY P 322 -15.01 70.72 -1.51
C GLY P 322 -16.50 70.54 -1.33
N VAL P 323 -16.97 69.30 -1.33
CA VAL P 323 -18.39 69.03 -1.23
C VAL P 323 -18.84 69.38 0.18
N LEU P 324 -19.66 70.43 0.31
CA LEU P 324 -20.02 70.92 1.64
C LEU P 324 -21.13 70.12 2.30
N PRO P 325 -22.22 69.73 1.62
CA PRO P 325 -23.19 68.87 2.29
C PRO P 325 -22.55 67.52 2.53
N THR P 326 -21.68 67.46 3.53
CA THR P 326 -20.69 66.42 3.65
C THR P 326 -21.33 65.06 3.90
N SER P 327 -20.55 64.02 3.63
CA SER P 327 -21.03 62.66 3.75
C SER P 327 -21.23 62.27 5.21
N PHE P 328 -22.03 61.23 5.42
CA PHE P 328 -22.14 60.61 6.73
C PHE P 328 -20.84 59.96 7.15
N MET P 329 -19.91 59.79 6.21
CA MET P 329 -18.61 59.21 6.53
C MET P 329 -17.86 60.06 7.53
N PHE P 330 -18.09 61.37 7.54
CA PHE P 330 -17.41 62.26 8.48
C PHE P 330 -17.68 61.83 9.91
N HIS P 331 -18.93 61.54 10.23
CA HIS P 331 -19.29 61.16 11.58
C HIS P 331 -19.13 59.68 11.83
N LEU P 332 -19.18 58.86 10.77
CA LEU P 332 -18.85 57.46 10.95
C LEU P 332 -17.39 57.28 11.35
N ILE P 333 -16.50 58.14 10.86
CA ILE P 333 -15.04 58.03 11.15
C ILE P 333 -14.79 58.44 12.59
N ARG P 334 -15.63 59.28 13.18
CA ARG P 334 -15.49 59.64 14.59
C ARG P 334 -16.17 58.58 15.44
N PHE P 335 -17.30 58.03 15.03
CA PHE P 335 -17.90 56.93 15.78
C PHE P 335 -16.95 55.75 15.87
N ALA P 336 -16.25 55.45 14.77
CA ALA P 336 -15.34 54.31 14.77
C ALA P 336 -14.14 54.58 15.66
N HIS P 337 -13.60 55.80 15.65
CA HIS P 337 -12.33 56.07 16.36
C HIS P 337 -12.50 56.47 17.82
N VAL P 338 -13.62 57.06 18.20
CA VAL P 338 -13.76 57.61 19.53
C VAL P 338 -14.71 56.79 20.39
N SER P 339 -15.75 56.23 19.80
CA SER P 339 -16.86 55.70 20.59
C SER P 339 -16.42 54.62 21.56
N ASP P 340 -15.31 53.95 21.31
CA ASP P 340 -14.86 52.96 22.27
C ASP P 340 -14.37 53.61 23.57
N SER P 341 -13.83 54.81 23.50
CA SER P 341 -13.43 55.54 24.71
C SER P 341 -13.88 57.00 24.59
N CYS P 342 -15.12 57.26 24.97
CA CYS P 342 -15.67 58.60 25.07
C CYS P 342 -15.97 58.87 26.52
N ILE P 343 -15.48 60.00 27.03
CA ILE P 343 -15.59 60.29 28.45
C ILE P 343 -16.79 61.19 28.70
N ASN P 344 -17.57 61.45 27.65
CA ASN P 344 -18.80 62.23 27.76
C ASN P 344 -18.53 63.62 28.34
N CYS P 345 -17.55 64.30 27.78
CA CYS P 345 -17.23 65.64 28.23
C CYS P 345 -18.13 66.69 27.61
N GLY P 346 -18.74 66.39 26.47
CA GLY P 346 -19.70 67.29 25.86
C GLY P 346 -19.10 68.38 25.02
N GLN P 347 -17.78 68.46 24.89
CA GLN P 347 -17.16 69.56 24.16
C GLN P 347 -17.56 69.54 22.70
N CYS P 348 -17.65 68.35 22.11
CA CYS P 348 -18.07 68.24 20.73
C CYS P 348 -19.49 68.76 20.54
N GLU P 349 -20.37 68.49 21.49
CA GLU P 349 -21.74 68.94 21.36
C GLU P 349 -21.84 70.44 21.53
N GLU P 350 -21.10 71.00 22.48
CA GLU P 350 -21.29 72.39 22.81
C GLU P 350 -20.48 73.35 21.96
N LEU P 351 -19.50 72.86 21.19
CA LEU P 351 -18.76 73.74 20.29
C LEU P 351 -19.21 73.64 18.85
N CYS P 352 -20.32 72.98 18.57
CA CYS P 352 -20.75 72.76 17.21
C CYS P 352 -21.58 73.95 16.72
N PRO P 353 -21.15 74.66 15.67
CA PRO P 353 -21.95 75.78 15.18
C PRO P 353 -23.29 75.38 14.65
N MET P 354 -23.48 74.12 14.32
CA MET P 354 -24.72 73.69 13.70
C MET P 354 -25.61 72.94 14.67
N GLU P 355 -25.21 72.83 15.93
CA GLU P 355 -26.04 72.28 17.00
C GLU P 355 -26.40 70.82 16.73
N ILE P 356 -25.39 70.02 16.45
CA ILE P 356 -25.55 68.58 16.21
C ILE P 356 -25.29 67.86 17.52
N PRO P 357 -26.12 66.92 17.93
CA PRO P 357 -25.91 66.24 19.21
C PRO P 357 -24.76 65.26 19.19
N ASN P 358 -23.54 65.76 18.98
CA ASN P 358 -22.39 64.88 18.86
C ASN P 358 -22.18 64.06 20.11
N ALA P 359 -22.29 64.68 21.28
CA ALA P 359 -22.03 63.95 22.52
C ALA P 359 -23.11 62.92 22.78
N LEU P 360 -24.35 63.23 22.42
CA LEU P 360 -25.43 62.26 22.62
C LEU P 360 -25.21 61.04 21.75
N PHE P 361 -24.93 61.24 20.47
CA PHE P 361 -24.67 60.11 19.59
C PHE P 361 -23.49 59.30 20.10
N MET P 362 -22.39 59.97 20.44
CA MET P 362 -21.18 59.27 20.79
C MET P 362 -21.33 58.52 22.11
N HIS P 363 -21.99 59.11 23.08
CA HIS P 363 -22.19 58.44 24.35
C HIS P 363 -23.18 57.29 24.23
N SER P 364 -24.19 57.42 23.37
CA SER P 364 -25.10 56.32 23.14
C SER P 364 -24.38 55.12 22.59
N GLN P 365 -23.37 55.35 21.76
CA GLN P 365 -22.57 54.22 21.28
C GLN P 365 -21.59 53.72 22.34
N GLN P 366 -21.03 54.64 23.11
CA GLN P 366 -20.03 54.29 24.09
C GLN P 366 -20.57 53.41 25.20
N VAL P 367 -21.78 53.67 25.67
CA VAL P 367 -22.26 52.96 26.85
C VAL P 367 -22.30 51.47 26.58
N GLU P 368 -22.68 51.09 25.37
CA GLU P 368 -22.78 49.67 25.11
C GLU P 368 -21.54 49.08 24.46
N ILE P 369 -20.66 49.88 23.84
CA ILE P 369 -19.31 49.35 23.65
C ILE P 369 -18.73 48.97 25.01
N GLU P 370 -19.07 49.74 26.05
CA GLU P 370 -18.62 49.44 27.40
C GLU P 370 -19.23 48.15 27.93
N LYS P 371 -20.54 48.01 27.81
CA LYS P 371 -21.12 46.76 28.33
C LYS P 371 -20.83 45.56 27.44
N MET P 372 -20.29 45.77 26.24
CA MET P 372 -19.81 44.68 25.40
C MET P 372 -18.40 44.24 25.78
N PHE P 373 -17.45 45.16 25.78
CA PHE P 373 -16.06 44.82 26.02
C PHE P 373 -15.63 45.00 27.47
N GLY P 374 -16.41 45.71 28.29
CA GLY P 374 -16.04 45.87 29.68
C GLY P 374 -14.93 46.84 29.94
N HIS P 375 -14.80 47.88 29.11
CA HIS P 375 -13.72 48.85 29.21
C HIS P 375 -14.32 50.19 29.56
N ILE P 376 -13.93 50.72 30.71
CA ILE P 376 -14.45 51.99 31.21
C ILE P 376 -13.43 53.08 30.89
N PRO P 377 -13.76 54.06 30.06
CA PRO P 377 -12.78 55.06 29.65
C PRO P 377 -12.41 55.99 30.79
N GLY P 378 -11.13 56.37 30.83
CA GLY P 378 -10.67 57.43 31.69
C GLY P 378 -10.37 57.06 33.11
N GLN P 379 -10.40 55.78 33.48
CA GLN P 379 -10.19 55.42 34.87
C GLN P 379 -8.72 55.16 35.19
N ASP P 380 -7.97 54.51 34.30
CA ASP P 380 -6.57 54.22 34.58
C ASP P 380 -5.84 53.99 33.26
N MET P 381 -4.63 53.44 33.34
CA MET P 381 -3.75 53.26 32.19
C MET P 381 -4.09 52.07 31.31
N THR P 382 -5.29 51.51 31.42
CA THR P 382 -5.68 50.40 30.57
C THR P 382 -5.62 50.82 29.10
N PRO P 383 -4.92 50.10 28.24
CA PRO P 383 -4.82 50.52 26.85
C PRO P 383 -6.17 50.42 26.16
N PRO P 384 -6.40 51.20 25.11
CA PRO P 384 -7.65 51.09 24.36
C PRO P 384 -7.86 49.70 23.79
N ILE P 385 -9.13 49.40 23.51
CA ILE P 385 -9.53 48.04 23.22
C ILE P 385 -8.85 47.52 21.96
N HIS P 386 -8.65 48.39 20.97
CA HIS P 386 -7.97 47.99 19.75
C HIS P 386 -6.47 48.15 19.83
N ALA P 387 -5.96 48.86 20.82
CA ALA P 387 -4.52 48.90 21.02
C ALA P 387 -4.01 47.71 21.78
N PHE P 388 -4.90 46.96 22.44
CA PHE P 388 -4.46 45.73 23.12
C PHE P 388 -5.49 44.62 22.89
N VAL P 389 -5.24 43.80 21.87
CA VAL P 389 -6.07 42.64 21.58
C VAL P 389 -5.42 41.40 22.16
N GLU P 390 -6.22 40.50 22.73
CA GLU P 390 -5.67 39.34 23.42
C GLU P 390 -6.26 38.06 22.86
N GLU P 391 -5.39 37.07 22.70
CA GLU P 391 -5.73 35.78 22.10
C GLU P 391 -6.86 35.09 22.84
N LYS P 392 -6.72 34.95 24.17
CA LYS P 392 -7.71 34.24 24.97
C LYS P 392 -9.05 34.96 24.96
N ALA P 393 -9.04 36.28 25.06
CA ALA P 393 -10.30 37.03 25.05
C ALA P 393 -11.02 36.90 23.72
N GLU P 394 -10.26 36.88 22.62
CA GLU P 394 -10.90 36.75 21.31
C GLU P 394 -11.54 35.38 21.15
N ARG P 395 -10.81 34.33 21.52
CA ARG P 395 -11.44 33.01 21.60
C ARG P 395 -12.69 33.06 22.44
N ALA P 396 -12.65 33.75 23.58
CA ALA P 396 -13.77 33.74 24.51
C ALA P 396 -15.03 34.34 23.88
N ARG P 397 -14.91 35.43 23.14
CA ARG P 397 -16.08 36.11 22.57
C ARG P 397 -16.61 35.32 21.38
N LEU P 398 -15.75 34.59 20.68
CA LEU P 398 -16.24 33.75 19.61
C LEU P 398 -16.96 32.52 20.15
N ASP P 399 -16.44 31.93 21.22
CA ASP P 399 -17.11 30.79 21.83
C ASP P 399 -18.42 31.19 22.49
N ALA P 400 -18.46 32.36 23.12
CA ALA P 400 -19.68 32.81 23.77
C ALA P 400 -20.81 33.01 22.77
N THR P 401 -20.49 33.40 21.54
CA THR P 401 -21.57 33.45 20.54
C THR P 401 -22.10 32.08 20.18
N GLY P 402 -21.38 31.02 20.52
CA GLY P 402 -21.81 29.67 20.17
C GLY P 402 -21.96 29.45 18.69
N THR P 403 -21.09 30.05 17.89
CA THR P 403 -21.29 30.12 16.45
C THR P 403 -19.93 30.04 15.79
N ASP P 404 -19.92 29.64 14.51
CA ASP P 404 -18.69 29.48 13.76
C ASP P 404 -18.23 30.76 13.08
N SER P 405 -18.96 31.86 13.24
CA SER P 405 -18.61 33.11 12.58
C SER P 405 -19.00 34.26 13.48
N ILE P 406 -18.91 35.47 12.95
CA ILE P 406 -19.42 36.64 13.65
C ILE P 406 -20.64 37.10 12.89
N TYR P 407 -21.80 36.53 13.20
CA TYR P 407 -23.00 36.89 12.47
C TYR P 407 -24.20 37.21 13.36
N THR P 408 -24.45 36.38 14.38
CA THR P 408 -25.65 36.52 15.21
C THR P 408 -25.37 35.94 16.59
N ASN P 409 -26.40 35.97 17.46
CA ASN P 409 -26.29 35.54 18.85
C ASN P 409 -25.22 36.31 19.59
N ILE P 410 -25.07 37.59 19.23
CA ILE P 410 -24.08 38.51 19.84
C ILE P 410 -24.82 39.48 20.78
N PHE P 411 -26.03 39.91 20.40
CA PHE P 411 -26.78 40.89 21.24
C PHE P 411 -28.09 40.33 21.79
N THR P 412 -28.65 40.91 22.88
CA THR P 412 -29.97 40.61 23.40
C THR P 412 -30.98 41.72 23.11
N ALA Q 2 -22.21 -24.49 20.10
CA ALA Q 2 -20.76 -24.58 20.01
C ALA Q 2 -20.12 -24.59 21.39
N ALA Q 3 -20.96 -24.70 22.42
CA ALA Q 3 -20.43 -24.71 23.79
C ALA Q 3 -19.60 -25.96 24.05
N LYS Q 4 -20.12 -27.12 23.68
CA LYS Q 4 -19.41 -28.39 23.79
C LYS Q 4 -20.22 -29.46 23.07
N SER Q 5 -19.77 -30.70 23.18
CA SER Q 5 -20.47 -31.82 22.56
C SER Q 5 -21.65 -32.24 23.42
N TYR Q 6 -22.84 -32.29 22.82
CA TYR Q 6 -24.05 -32.66 23.54
C TYR Q 6 -24.48 -34.09 23.29
N ASN Q 7 -23.99 -34.72 22.22
CA ASN Q 7 -24.35 -36.08 21.83
C ASN Q 7 -25.81 -36.22 21.45
N ILE Q 8 -26.46 -35.13 21.03
CA ILE Q 8 -27.77 -35.21 20.40
C ILE Q 8 -27.55 -34.84 18.94
N PRO Q 9 -27.56 -35.81 18.01
CA PRO Q 9 -26.96 -35.57 16.68
C PRO Q 9 -27.52 -34.36 15.94
N GLU Q 10 -28.82 -34.12 16.00
CA GLU Q 10 -29.36 -32.97 15.30
C GLU Q 10 -28.91 -31.65 15.92
N LEU Q 11 -28.85 -31.59 17.26
CA LEU Q 11 -28.33 -30.38 17.89
C LEU Q 11 -26.83 -30.21 17.67
N ASP Q 12 -26.08 -31.31 17.60
CA ASP Q 12 -24.67 -31.18 17.25
C ASP Q 12 -24.50 -30.64 15.84
N LYS Q 13 -25.34 -31.11 14.91
CA LYS Q 13 -25.30 -30.58 13.56
C LYS Q 13 -25.68 -29.11 13.51
N LYS Q 14 -26.67 -28.71 14.33
CA LYS Q 14 -27.15 -27.33 14.29
C LYS Q 14 -26.16 -26.38 14.95
N LEU Q 15 -25.54 -26.79 16.05
CA LEU Q 15 -24.61 -25.96 16.80
C LEU Q 15 -23.17 -26.41 16.63
N ALA Q 16 -22.83 -26.97 15.47
CA ALA Q 16 -21.44 -27.27 15.17
C ALA Q 16 -20.59 -26.02 15.30
N ASP Q 17 -19.43 -26.16 15.94
CA ASP Q 17 -18.50 -25.05 16.07
C ASP Q 17 -18.03 -24.60 14.70
N ARG Q 18 -18.39 -23.38 14.30
CA ARG Q 18 -18.01 -22.83 13.01
C ARG Q 18 -16.68 -22.09 13.05
N ARG Q 19 -15.99 -22.11 14.19
CA ARG Q 19 -14.87 -21.23 14.44
C ARG Q 19 -13.57 -22.00 14.23
N TYR Q 20 -12.71 -21.46 13.37
CA TYR Q 20 -11.45 -22.12 13.05
C TYR Q 20 -10.49 -22.02 14.23
N HIS Q 21 -9.93 -23.16 14.63
CA HIS Q 21 -8.91 -23.23 15.65
C HIS Q 21 -7.61 -23.72 15.03
N LEU Q 22 -6.50 -23.46 15.73
CA LEU Q 22 -5.22 -23.99 15.28
C LEU Q 22 -5.10 -25.50 15.43
N SER Q 23 -6.03 -26.12 16.16
CA SER Q 23 -6.08 -27.58 16.21
C SER Q 23 -6.66 -28.17 14.94
N ASP Q 24 -7.24 -27.35 14.06
CA ASP Q 24 -7.87 -27.80 12.83
C ASP Q 24 -6.89 -27.95 11.68
N THR Q 25 -5.66 -27.47 11.82
CA THR Q 25 -4.70 -27.49 10.73
C THR Q 25 -3.98 -28.83 10.67
N ASN Q 26 -3.86 -29.36 9.44
CA ASN Q 26 -3.12 -30.60 9.19
C ASN Q 26 -1.97 -30.30 8.23
N PRO Q 27 -0.81 -29.95 8.77
CA PRO Q 27 0.35 -29.70 7.90
C PRO Q 27 0.75 -30.93 7.10
N GLU Q 28 0.54 -32.13 7.62
CA GLU Q 28 0.78 -33.33 6.84
C GLU Q 28 -0.12 -33.38 5.62
N PHE Q 29 -1.38 -33.02 5.79
CA PHE Q 29 -2.30 -32.93 4.65
C PHE Q 29 -1.79 -31.94 3.63
N THR Q 30 -1.33 -30.76 4.09
CA THR Q 30 -0.81 -29.78 3.15
C THR Q 30 0.41 -30.31 2.39
N GLN Q 31 1.30 -31.00 3.10
CA GLN Q 31 2.52 -31.48 2.45
C GLN Q 31 2.21 -32.59 1.45
N LYS Q 32 1.26 -33.48 1.78
CA LYS Q 32 0.82 -34.48 0.83
C LYS Q 32 0.21 -33.84 -0.41
N ILE Q 33 -0.59 -32.79 -0.23
CA ILE Q 33 -1.18 -32.12 -1.37
C ILE Q 33 -0.09 -31.51 -2.24
N LEU Q 34 0.89 -30.85 -1.62
CA LEU Q 34 1.95 -30.23 -2.41
C LEU Q 34 2.73 -31.27 -3.19
N LYS Q 35 3.09 -32.38 -2.55
CA LYS Q 35 3.83 -33.42 -3.23
C LYS Q 35 3.04 -33.98 -4.41
N THR Q 36 1.79 -34.39 -4.18
CA THR Q 36 1.03 -35.03 -5.23
C THR Q 36 0.69 -34.07 -6.36
N SER Q 37 0.33 -32.83 -6.04
CA SER Q 37 -0.08 -31.88 -7.06
C SER Q 37 1.08 -31.32 -7.85
N ARG Q 38 2.30 -31.30 -7.28
CA ARG Q 38 3.48 -30.78 -7.96
C ARG Q 38 3.30 -29.31 -8.32
N THR Q 39 2.62 -28.57 -7.45
CA THR Q 39 2.35 -27.16 -7.68
C THR Q 39 2.62 -26.39 -6.39
N ILE Q 40 2.84 -25.08 -6.55
CA ILE Q 40 3.11 -24.21 -5.40
C ILE Q 40 1.76 -23.69 -4.91
N ALA Q 41 1.09 -24.53 -4.11
CA ALA Q 41 -0.26 -24.20 -3.67
C ALA Q 41 -0.26 -23.31 -2.44
N ASN Q 42 0.78 -23.38 -1.62
CA ASN Q 42 0.88 -22.55 -0.44
C ASN Q 42 1.11 -21.08 -0.76
N MET Q 43 1.21 -20.70 -2.02
CA MET Q 43 1.52 -19.34 -2.40
C MET Q 43 0.30 -18.59 -2.90
N CYS Q 44 -0.89 -19.14 -2.70
CA CYS Q 44 -2.11 -18.46 -3.09
C CYS Q 44 -2.33 -17.23 -2.22
N TYR Q 45 -2.70 -16.12 -2.83
CA TYR Q 45 -3.09 -14.95 -2.07
C TYR Q 45 -4.54 -14.54 -2.35
N GLN Q 46 -5.37 -15.50 -2.74
CA GLN Q 46 -6.82 -15.37 -2.69
C GLN Q 46 -7.33 -14.18 -3.51
N CYS Q 47 -6.85 -14.08 -4.74
CA CYS Q 47 -7.30 -13.03 -5.63
C CYS Q 47 -8.67 -13.28 -6.23
N GLY Q 48 -9.11 -14.54 -6.29
CA GLY Q 48 -10.40 -14.87 -6.84
C GLY Q 48 -10.47 -15.07 -8.34
N THR Q 49 -9.34 -15.02 -9.03
CA THR Q 49 -9.36 -15.21 -10.49
C THR Q 49 -9.82 -16.61 -10.86
N CYS Q 50 -9.38 -17.61 -10.10
CA CYS Q 50 -9.77 -18.98 -10.37
C CYS Q 50 -11.29 -19.16 -10.30
N THR Q 51 -11.91 -18.70 -9.22
CA THR Q 51 -13.36 -18.78 -9.12
C THR Q 51 -14.04 -17.94 -10.17
N GLY Q 52 -13.48 -16.78 -10.49
CA GLY Q 52 -14.07 -15.95 -11.53
C GLY Q 52 -14.03 -16.58 -12.90
N SER Q 53 -13.13 -17.53 -13.12
CA SER Q 53 -13.05 -18.22 -14.40
C SER Q 53 -13.73 -19.58 -14.42
N CYS Q 54 -14.05 -20.15 -13.26
CA CYS Q 54 -14.62 -21.49 -13.22
C CYS Q 54 -15.99 -21.55 -13.90
N PRO Q 55 -16.25 -22.56 -14.74
CA PRO Q 55 -17.59 -22.74 -15.29
C PRO Q 55 -18.55 -23.48 -14.36
N SER Q 56 -18.05 -24.12 -13.31
CA SER Q 56 -18.92 -24.80 -12.36
C SER Q 56 -19.42 -23.86 -11.27
N ALA Q 57 -18.71 -22.78 -11.00
CA ALA Q 57 -19.10 -21.88 -9.92
C ALA Q 57 -20.45 -21.20 -10.11
N PRO Q 58 -20.84 -20.71 -11.30
CA PRO Q 58 -22.09 -19.96 -11.41
C PRO Q 58 -23.35 -20.78 -11.16
N ARG Q 59 -23.25 -22.11 -11.04
CA ARG Q 59 -24.44 -22.95 -10.94
C ARG Q 59 -24.37 -23.90 -9.75
N SER Q 60 -23.48 -23.66 -8.80
CA SER Q 60 -23.32 -24.58 -7.69
C SER Q 60 -22.65 -23.81 -6.56
N SER Q 61 -22.34 -24.52 -5.48
CA SER Q 61 -21.61 -23.95 -4.37
C SER Q 61 -20.11 -24.21 -4.47
N TYR Q 62 -19.65 -24.75 -5.59
CA TYR Q 62 -18.24 -25.07 -5.78
C TYR Q 62 -17.41 -23.79 -5.87
N ARG Q 63 -16.40 -23.67 -5.00
CA ARG Q 63 -15.50 -22.52 -4.98
C ARG Q 63 -14.06 -23.03 -4.93
N ILE Q 64 -13.37 -22.95 -6.06
CA ILE Q 64 -12.00 -23.44 -6.12
C ILE Q 64 -11.09 -22.60 -5.23
N ARG Q 65 -11.35 -21.29 -5.11
CA ARG Q 65 -10.55 -20.46 -4.22
C ARG Q 65 -10.72 -20.92 -2.76
N LEU Q 66 -11.94 -21.29 -2.39
CA LEU Q 66 -12.17 -21.83 -1.06
C LEU Q 66 -11.40 -23.13 -0.85
N PHE Q 67 -11.36 -23.98 -1.87
CA PHE Q 67 -10.56 -25.21 -1.76
C PHE Q 67 -9.08 -24.90 -1.61
N MET Q 68 -8.59 -23.88 -2.32
CA MET Q 68 -7.19 -23.48 -2.17
C MET Q 68 -6.91 -22.99 -0.75
N ARG Q 69 -7.84 -22.21 -0.19
CA ARG Q 69 -7.69 -21.74 1.18
C ARG Q 69 -7.67 -22.89 2.17
N ARG Q 70 -8.55 -23.89 1.97
CA ARG Q 70 -8.54 -25.06 2.82
C ARG Q 70 -7.23 -25.82 2.72
N CYS Q 71 -6.70 -25.94 1.51
CA CYS Q 71 -5.38 -26.57 1.35
C CYS Q 71 -4.32 -25.82 2.11
N VAL Q 72 -4.30 -24.48 2.01
CA VAL Q 72 -3.28 -23.70 2.69
C VAL Q 72 -3.40 -23.85 4.20
N LEU Q 73 -4.62 -23.81 4.73
CA LEU Q 73 -4.81 -23.89 6.17
C LEU Q 73 -4.82 -25.33 6.70
N GLY Q 74 -4.75 -26.33 5.83
CA GLY Q 74 -4.68 -27.70 6.30
C GLY Q 74 -6.00 -28.26 6.75
N LEU Q 75 -7.11 -27.78 6.19
CA LEU Q 75 -8.44 -28.20 6.64
C LEU Q 75 -8.83 -29.50 5.93
N GLU Q 76 -8.15 -30.56 6.35
CA GLU Q 76 -8.55 -31.92 6.06
C GLU Q 76 -9.79 -32.26 6.87
N ASN Q 77 -10.68 -33.04 6.26
CA ASN Q 77 -12.05 -33.33 6.68
C ASN Q 77 -13.00 -32.17 6.40
N GLU Q 78 -12.51 -31.01 6.00
CA GLU Q 78 -13.35 -30.00 5.37
C GLU Q 78 -13.25 -30.04 3.86
N ALA Q 79 -12.03 -30.20 3.34
CA ALA Q 79 -11.85 -30.30 1.90
C ALA Q 79 -12.32 -31.66 1.37
N LEU Q 80 -11.92 -32.74 2.03
CA LEU Q 80 -12.11 -34.07 1.45
C LEU Q 80 -13.57 -34.49 1.44
N THR Q 81 -14.32 -34.15 2.49
CA THR Q 81 -15.71 -34.57 2.58
C THR Q 81 -16.67 -33.64 1.86
N ASP Q 82 -16.18 -32.55 1.28
CA ASP Q 82 -17.06 -31.64 0.57
C ASP Q 82 -17.60 -32.31 -0.68
N PRO Q 83 -18.91 -32.46 -0.83
CA PRO Q 83 -19.43 -33.05 -2.07
C PRO Q 83 -19.15 -32.23 -3.31
N ASP Q 84 -18.86 -30.94 -3.17
CA ASP Q 84 -18.42 -30.17 -4.33
C ASP Q 84 -16.92 -30.28 -4.53
N LEU Q 85 -16.37 -31.48 -4.40
CA LEU Q 85 -15.02 -31.75 -4.83
C LEU Q 85 -15.01 -32.44 -6.18
N TRP Q 86 -16.17 -32.93 -6.61
CA TRP Q 86 -16.31 -33.68 -7.85
C TRP Q 86 -17.06 -32.89 -8.90
N LEU Q 87 -17.18 -31.58 -8.74
CA LEU Q 87 -17.78 -30.73 -9.74
C LEU Q 87 -16.77 -30.01 -10.60
N CYS Q 88 -15.48 -30.26 -10.40
CA CYS Q 88 -14.45 -29.70 -11.26
C CYS Q 88 -14.38 -30.50 -12.56
N THR Q 89 -14.52 -29.81 -13.69
CA THR Q 89 -14.40 -30.46 -14.99
C THR Q 89 -12.96 -30.53 -15.47
N THR Q 90 -12.01 -30.04 -14.68
CA THR Q 90 -10.61 -29.97 -15.07
C THR Q 90 -10.44 -29.26 -16.42
N CYS Q 91 -11.16 -28.16 -16.58
CA CYS Q 91 -11.05 -27.36 -17.79
C CYS Q 91 -9.76 -26.53 -17.81
N TYR Q 92 -9.09 -26.40 -16.68
CA TYR Q 92 -7.80 -25.71 -16.55
C TYR Q 92 -7.86 -24.21 -16.80
N SER Q 93 -9.04 -23.59 -16.74
CA SER Q 93 -9.10 -22.13 -16.88
C SER Q 93 -8.44 -21.44 -15.69
N CYS Q 94 -8.68 -21.96 -14.49
CA CYS Q 94 -8.04 -21.40 -13.30
C CYS Q 94 -6.52 -21.46 -13.43
N THR Q 95 -6.00 -22.61 -13.84
CA THR Q 95 -4.56 -22.74 -14.01
C THR Q 95 -4.07 -21.83 -15.11
N ASP Q 96 -4.87 -21.65 -16.15
CA ASP Q 96 -4.50 -20.76 -17.24
C ASP Q 96 -4.36 -19.32 -16.76
N ARG Q 97 -5.13 -18.91 -15.75
CA ARG Q 97 -5.16 -17.49 -15.40
C ARG Q 97 -4.57 -17.12 -14.05
N CYS Q 98 -4.18 -18.07 -13.22
CA CYS Q 98 -3.71 -17.72 -11.88
C CYS Q 98 -2.47 -16.82 -11.97
N PRO Q 99 -2.46 -15.69 -11.25
CA PRO Q 99 -1.30 -14.79 -11.30
C PRO Q 99 -0.09 -15.29 -10.54
N ARG Q 100 -0.23 -16.35 -9.75
CA ARG Q 100 0.84 -16.88 -8.95
C ARG Q 100 1.46 -18.16 -9.53
N ASP Q 101 1.06 -18.55 -10.73
CA ASP Q 101 1.45 -19.83 -11.32
C ASP Q 101 1.13 -21.00 -10.41
N ILE Q 102 -0.11 -21.07 -9.97
CA ILE Q 102 -0.62 -22.21 -9.23
C ILE Q 102 -1.50 -23.01 -10.18
N ALA Q 103 -1.57 -24.31 -9.94
CA ALA Q 103 -2.48 -25.19 -10.66
C ALA Q 103 -3.56 -25.64 -9.68
N PRO Q 104 -4.61 -24.84 -9.50
CA PRO Q 104 -5.67 -25.24 -8.58
C PRO Q 104 -6.35 -26.54 -8.99
N THR Q 105 -6.48 -26.79 -10.28
CA THR Q 105 -7.05 -28.05 -10.72
C THR Q 105 -6.14 -29.23 -10.40
N ASP Q 106 -4.83 -29.03 -10.37
CA ASP Q 106 -3.94 -30.09 -9.90
C ASP Q 106 -4.08 -30.31 -8.40
N VAL Q 107 -4.32 -29.23 -7.65
CA VAL Q 107 -4.63 -29.38 -6.23
C VAL Q 107 -5.92 -30.17 -6.05
N ILE Q 108 -6.93 -29.89 -6.88
CA ILE Q 108 -8.18 -30.64 -6.86
C ILE Q 108 -7.93 -32.10 -7.13
N MET Q 109 -7.08 -32.40 -8.11
CA MET Q 109 -6.79 -33.80 -8.44
C MET Q 109 -6.14 -34.52 -7.27
N ALA Q 110 -5.18 -33.87 -6.61
CA ALA Q 110 -4.55 -34.47 -5.45
C ALA Q 110 -5.55 -34.69 -4.32
N MET Q 111 -6.44 -33.72 -4.10
CA MET Q 111 -7.49 -33.87 -3.09
C MET Q 111 -8.39 -35.06 -3.41
N ARG Q 112 -8.73 -35.23 -4.70
CA ARG Q 112 -9.57 -36.37 -5.08
C ARG Q 112 -8.86 -37.69 -4.82
N ASN Q 113 -7.55 -37.74 -5.05
CA ASN Q 113 -6.81 -38.95 -4.73
C ASN Q 113 -6.84 -39.25 -3.23
N LEU Q 114 -6.67 -38.23 -2.40
CA LEU Q 114 -6.75 -38.45 -0.95
C LEU Q 114 -8.15 -38.87 -0.52
N ALA Q 115 -9.18 -38.29 -1.15
CA ALA Q 115 -10.55 -38.69 -0.85
C ALA Q 115 -10.79 -40.15 -1.23
N PHE Q 116 -10.26 -40.58 -2.36
CA PHE Q 116 -10.39 -42.00 -2.71
C PHE Q 116 -9.68 -42.88 -1.69
N LYS Q 117 -8.48 -42.48 -1.26
CA LYS Q 117 -7.77 -43.28 -0.27
C LYS Q 117 -8.50 -43.34 1.06
N ARG Q 118 -9.31 -42.34 1.39
CA ARG Q 118 -10.17 -42.44 2.56
C ARG Q 118 -11.57 -42.92 2.23
N ASP Q 119 -11.81 -43.40 1.01
CA ASP Q 119 -13.00 -44.12 0.55
C ASP Q 119 -14.19 -43.23 0.19
N ILE Q 120 -14.01 -41.93 0.06
CA ILE Q 120 -15.04 -41.06 -0.50
C ILE Q 120 -14.80 -40.96 -1.99
N VAL Q 121 -15.75 -41.46 -2.79
CA VAL Q 121 -15.60 -41.47 -4.24
C VAL Q 121 -16.94 -41.81 -4.89
N PRO Q 122 -17.34 -41.09 -5.93
CA PRO Q 122 -18.58 -41.44 -6.64
C PRO Q 122 -18.45 -42.77 -7.36
N LYS Q 123 -19.60 -43.38 -7.61
CA LYS Q 123 -19.64 -44.75 -8.12
C LYS Q 123 -19.29 -44.86 -9.59
N ASN Q 124 -19.44 -43.79 -10.38
CA ASN Q 124 -19.05 -43.88 -11.78
C ASN Q 124 -17.56 -44.15 -11.92
N PHE Q 125 -16.76 -43.57 -11.03
CA PHE Q 125 -15.32 -43.80 -11.05
C PHE Q 125 -15.01 -45.27 -10.82
N LEU Q 126 -15.66 -45.88 -9.83
CA LEU Q 126 -15.44 -47.30 -9.55
C LEU Q 126 -15.91 -48.18 -10.71
N GLN Q 127 -17.04 -47.82 -11.32
CA GLN Q 127 -17.51 -48.59 -12.46
C GLN Q 127 -16.56 -48.51 -13.64
N THR Q 128 -15.98 -47.33 -13.87
CA THR Q 128 -14.96 -47.19 -14.91
C THR Q 128 -13.74 -48.04 -14.59
N VAL Q 129 -13.35 -48.10 -13.32
CA VAL Q 129 -12.25 -48.98 -12.93
C VAL Q 129 -12.59 -50.42 -13.27
N GLN Q 130 -13.81 -50.86 -12.98
CA GLN Q 130 -14.20 -52.23 -13.31
C GLN Q 130 -14.12 -52.48 -14.80
N LEU Q 131 -14.62 -51.54 -15.61
CA LEU Q 131 -14.62 -51.72 -17.05
C LEU Q 131 -13.20 -51.80 -17.60
N ILE Q 132 -12.31 -50.92 -17.13
CA ILE Q 132 -10.94 -50.91 -17.63
C ILE Q 132 -10.21 -52.18 -17.19
N TYR Q 133 -10.51 -52.67 -15.98
CA TYR Q 133 -9.93 -53.93 -15.54
C TYR Q 133 -10.37 -55.08 -16.43
N ASN Q 134 -11.66 -55.12 -16.77
CA ASN Q 134 -12.17 -56.26 -17.54
C ASN Q 134 -11.69 -56.23 -18.98
N SER Q 135 -11.74 -55.07 -19.63
CA SER Q 135 -11.46 -54.99 -21.06
C SER Q 135 -10.38 -54.00 -21.45
N GLY Q 136 -9.85 -53.22 -20.52
CA GLY Q 136 -8.90 -52.19 -20.88
C GLY Q 136 -9.50 -50.94 -21.51
N HIS Q 137 -10.82 -50.84 -21.59
CA HIS Q 137 -11.48 -49.73 -22.26
C HIS Q 137 -12.53 -49.13 -21.35
N GLY Q 138 -12.44 -47.81 -21.13
CA GLY Q 138 -13.47 -47.13 -20.36
C GLY Q 138 -14.83 -47.15 -21.02
N VAL Q 139 -14.86 -47.07 -22.35
CA VAL Q 139 -16.09 -47.16 -23.12
C VAL Q 139 -15.98 -48.34 -24.06
N PRO Q 140 -16.41 -49.53 -23.67
CA PRO Q 140 -16.15 -50.72 -24.47
C PRO Q 140 -17.12 -50.88 -25.63
N ASN Q 141 -16.76 -51.78 -26.54
CA ASN Q 141 -17.55 -52.08 -27.72
C ASN Q 141 -18.76 -52.93 -27.37
N ASN Q 142 -19.79 -52.84 -28.20
CA ASN Q 142 -20.97 -53.67 -28.07
C ASN Q 142 -21.35 -54.24 -29.43
N ASP Q 143 -22.41 -55.05 -29.44
CA ASP Q 143 -22.81 -55.75 -30.66
C ASP Q 143 -23.26 -54.80 -31.75
N VAL Q 144 -24.02 -53.75 -31.39
CA VAL Q 144 -24.52 -52.84 -32.40
C VAL Q 144 -23.39 -52.06 -33.04
N ASN Q 145 -22.39 -51.68 -32.25
CA ASN Q 145 -21.25 -50.99 -32.83
C ASN Q 145 -20.38 -51.93 -33.64
N ARG Q 146 -20.29 -53.20 -33.25
CA ARG Q 146 -19.59 -54.16 -34.10
C ARG Q 146 -20.27 -54.27 -35.46
N ALA Q 147 -21.61 -54.34 -35.46
CA ALA Q 147 -22.34 -54.37 -36.72
C ALA Q 147 -22.13 -53.10 -37.53
N ALA Q 148 -22.13 -51.94 -36.86
CA ALA Q 148 -21.91 -50.68 -37.58
C ALA Q 148 -20.52 -50.62 -38.19
N ARG Q 149 -19.50 -51.05 -37.45
CA ARG Q 149 -18.14 -51.08 -37.98
C ARG Q 149 -18.05 -52.01 -39.18
N THR Q 150 -18.69 -53.18 -39.08
CA THR Q 150 -18.68 -54.10 -40.21
C THR Q 150 -19.33 -53.48 -41.43
N LYS Q 151 -20.48 -52.82 -41.26
CA LYS Q 151 -21.15 -52.21 -42.40
C LYS Q 151 -20.31 -51.08 -42.98
N LEU Q 152 -19.55 -50.39 -42.14
CA LEU Q 152 -18.60 -49.38 -42.64
C LEU Q 152 -17.53 -50.04 -43.50
N GLY Q 153 -16.97 -51.14 -43.03
CA GLY Q 153 -15.84 -51.77 -43.67
C GLY Q 153 -14.65 -51.98 -42.75
N LEU Q 154 -14.67 -51.43 -41.56
CA LEU Q 154 -13.64 -51.70 -40.59
C LEU Q 154 -13.80 -53.11 -40.02
N PRO Q 155 -12.74 -53.66 -39.43
CA PRO Q 155 -12.89 -54.92 -38.70
C PRO Q 155 -13.88 -54.77 -37.55
N ALA Q 156 -14.54 -55.88 -37.22
CA ALA Q 156 -15.61 -55.84 -36.22
C ALA Q 156 -15.11 -55.38 -34.86
N ASP Q 157 -13.81 -55.45 -34.61
CA ASP Q 157 -13.23 -54.92 -33.39
C ASP Q 157 -12.01 -54.06 -33.73
N PRO Q 158 -11.79 -53.01 -32.97
CA PRO Q 158 -10.64 -52.14 -33.22
C PRO Q 158 -9.34 -52.84 -32.87
N PRO Q 159 -8.20 -52.35 -33.38
CA PRO Q 159 -6.90 -52.99 -33.13
C PRO Q 159 -6.47 -52.98 -31.67
N THR Q 160 -7.34 -52.55 -30.76
CA THR Q 160 -7.00 -52.40 -29.36
C THR Q 160 -7.00 -53.72 -28.60
N THR Q 161 -6.99 -53.64 -27.26
CA THR Q 161 -7.10 -54.84 -26.44
C THR Q 161 -8.44 -55.54 -26.61
N HIS Q 162 -9.37 -54.96 -27.37
CA HIS Q 162 -10.58 -55.69 -27.74
C HIS Q 162 -10.27 -56.79 -28.75
N SER Q 163 -9.21 -56.62 -29.53
CA SER Q 163 -8.80 -57.63 -30.48
C SER Q 163 -7.48 -58.30 -30.12
N TYR Q 164 -6.76 -57.78 -29.12
CA TYR Q 164 -5.52 -58.39 -28.63
C TYR Q 164 -5.62 -58.60 -27.12
N PRO Q 165 -6.38 -59.60 -26.69
CA PRO Q 165 -6.68 -59.74 -25.24
C PRO Q 165 -5.48 -60.14 -24.39
N GLU Q 166 -4.29 -60.32 -24.94
CA GLU Q 166 -3.15 -60.68 -24.11
C GLU Q 166 -2.57 -59.49 -23.36
N PHE Q 167 -2.76 -58.27 -23.86
CA PHE Q 167 -2.32 -57.08 -23.13
C PHE Q 167 -3.23 -56.74 -21.94
N VAL Q 168 -4.44 -57.28 -21.93
CA VAL Q 168 -5.36 -57.04 -20.82
C VAL Q 168 -4.74 -57.53 -19.52
N LYS Q 169 -4.02 -58.64 -19.58
CA LYS Q 169 -3.37 -59.17 -18.39
C LYS Q 169 -2.32 -58.22 -17.84
N GLY Q 170 -1.55 -57.58 -18.72
CA GLY Q 170 -0.60 -56.58 -18.27
C GLY Q 170 -1.28 -55.37 -17.66
N ILE Q 171 -2.36 -54.90 -18.27
CA ILE Q 171 -3.13 -53.80 -17.69
C ILE Q 171 -3.64 -54.19 -16.30
N GLN Q 172 -4.11 -55.42 -16.16
CA GLN Q 172 -4.63 -55.87 -14.88
C GLN Q 172 -3.54 -55.94 -13.84
N LYS Q 173 -2.33 -56.35 -14.23
CA LYS Q 173 -1.24 -56.34 -13.25
C LYS Q 173 -0.87 -54.92 -12.84
N ILE Q 174 -0.90 -53.97 -13.78
CA ILE Q 174 -0.65 -52.57 -13.42
C ILE Q 174 -1.67 -52.10 -12.40
N ILE Q 175 -2.94 -52.37 -12.64
CA ILE Q 175 -3.99 -51.93 -11.71
C ILE Q 175 -3.84 -52.64 -10.37
N ASP Q 176 -3.56 -53.94 -10.39
CA ASP Q 176 -3.44 -54.70 -9.15
C ASP Q 176 -2.25 -54.25 -8.32
N HIS Q 177 -1.20 -53.74 -8.96
CA HIS Q 177 -0.04 -53.30 -8.22
C HIS Q 177 -0.40 -52.16 -7.27
N TYR Q 178 -1.26 -51.25 -7.72
CA TYR Q 178 -1.75 -50.16 -6.89
C TYR Q 178 -3.00 -50.54 -6.11
N GLU Q 179 -3.57 -51.72 -6.36
CA GLU Q 179 -4.69 -52.27 -5.60
C GLU Q 179 -5.99 -51.55 -5.91
N LEU Q 180 -6.05 -50.93 -7.08
CA LEU Q 180 -7.20 -50.13 -7.45
C LEU Q 180 -8.45 -50.98 -7.54
N LYS Q 181 -8.36 -52.16 -8.14
CA LYS Q 181 -9.51 -53.06 -8.22
C LYS Q 181 -9.93 -53.55 -6.85
N GLU Q 182 -8.96 -53.93 -6.01
CA GLU Q 182 -9.27 -54.45 -4.69
C GLU Q 182 -9.90 -53.40 -3.79
N ASN Q 183 -9.67 -52.12 -4.09
CA ASN Q 183 -10.39 -51.08 -3.35
C ASN Q 183 -11.73 -50.74 -3.98
N ALA Q 184 -11.80 -50.72 -5.31
CA ALA Q 184 -13.03 -50.35 -5.99
C ALA Q 184 -14.14 -51.35 -5.71
N ASP Q 185 -13.82 -52.65 -5.78
CA ASP Q 185 -14.87 -53.65 -5.53
C ASP Q 185 -15.32 -53.60 -4.07
N ARG Q 186 -14.38 -53.40 -3.15
CA ARG Q 186 -14.73 -53.32 -1.73
C ARG Q 186 -15.64 -52.13 -1.47
N ILE Q 187 -15.33 -50.98 -2.04
CA ILE Q 187 -16.17 -49.82 -1.83
C ILE Q 187 -17.54 -50.01 -2.48
N LEU Q 188 -17.57 -50.60 -3.68
CA LEU Q 188 -18.85 -50.87 -4.34
C LEU Q 188 -19.72 -51.82 -3.53
N LYS Q 189 -19.10 -52.77 -2.82
CA LYS Q 189 -19.86 -53.69 -1.98
C LYS Q 189 -20.35 -52.96 -0.74
N GLY Q 190 -21.65 -52.66 -0.70
CA GLY Q 190 -22.23 -51.99 0.44
C GLY Q 190 -23.72 -51.74 0.29
N MET R 1 5.10 -39.22 -47.68
CA MET R 1 4.00 -39.65 -46.83
C MET R 1 4.49 -39.91 -45.41
N HIS R 2 4.21 -38.98 -44.51
CA HIS R 2 4.59 -39.14 -43.11
C HIS R 2 3.76 -40.25 -42.47
N GLU R 3 4.38 -41.00 -41.56
CA GLU R 3 3.74 -42.13 -40.92
C GLU R 3 3.66 -41.91 -39.43
N TYR R 4 2.47 -42.16 -38.86
CA TYR R 4 2.24 -42.00 -37.44
C TYR R 4 1.47 -43.20 -36.92
N ALA R 5 1.77 -43.60 -35.69
CA ALA R 5 0.93 -44.58 -34.99
C ALA R 5 -0.37 -43.90 -34.59
N PHE R 6 -1.49 -44.56 -34.86
CA PHE R 6 -2.82 -44.00 -34.65
C PHE R 6 -3.37 -44.56 -33.35
N PHE R 7 -3.50 -43.70 -32.32
CA PHE R 7 -3.78 -44.22 -30.98
C PHE R 7 -5.21 -44.73 -30.85
N LEU R 8 -6.20 -43.96 -31.31
CA LEU R 8 -7.57 -44.49 -31.38
C LEU R 8 -8.13 -44.92 -30.04
N GLY R 9 -8.54 -43.97 -29.19
CA GLY R 9 -8.94 -44.33 -27.84
C GLY R 9 -10.26 -45.08 -27.76
N CYS R 10 -11.09 -44.77 -26.80
CA CYS R 10 -12.28 -45.59 -26.58
C CYS R 10 -13.51 -45.14 -27.35
N ILE R 11 -13.83 -43.85 -27.37
CA ILE R 11 -15.12 -43.44 -27.89
C ILE R 11 -15.18 -43.44 -29.40
N ALA R 12 -14.12 -43.06 -30.08
CA ALA R 12 -14.16 -43.03 -31.53
C ALA R 12 -14.36 -44.43 -32.12
N PRO R 13 -13.61 -45.46 -31.69
CA PRO R 13 -13.83 -46.78 -32.28
C PRO R 13 -15.13 -47.44 -31.85
N ASN R 14 -15.60 -47.18 -30.63
CA ASN R 14 -16.72 -47.92 -30.06
C ASN R 14 -18.03 -47.16 -30.05
N ARG R 15 -18.03 -45.89 -30.37
CA ARG R 15 -19.30 -45.19 -30.48
C ARG R 15 -19.46 -44.45 -31.78
N TYR R 16 -18.38 -43.90 -32.33
CA TYR R 16 -18.42 -43.10 -33.55
C TYR R 16 -17.39 -43.60 -34.54
N PRO R 17 -17.53 -44.83 -35.04
CA PRO R 17 -16.49 -45.41 -35.89
C PRO R 17 -16.28 -44.64 -37.18
N GLY R 18 -17.28 -43.89 -37.64
CA GLY R 18 -17.08 -43.07 -38.81
C GLY R 18 -15.98 -42.05 -38.63
N CYS R 19 -15.80 -41.58 -37.39
CA CYS R 19 -14.72 -40.66 -37.09
C CYS R 19 -13.36 -41.27 -37.42
N GLU R 20 -13.11 -42.50 -36.96
CA GLU R 20 -11.82 -43.14 -37.23
C GLU R 20 -11.69 -43.53 -38.69
N ALA R 21 -12.77 -43.97 -39.32
CA ALA R 21 -12.72 -44.33 -40.73
C ALA R 21 -12.35 -43.13 -41.59
N SER R 22 -13.04 -42.02 -41.37
CA SER R 22 -12.72 -40.80 -42.09
C SER R 22 -11.33 -40.30 -41.74
N ALA R 23 -10.89 -40.49 -40.49
CA ALA R 23 -9.54 -40.11 -40.12
C ALA R 23 -8.53 -40.81 -41.01
N ILE R 24 -8.64 -42.13 -41.12
CA ILE R 24 -7.68 -42.88 -41.93
C ILE R 24 -7.76 -42.46 -43.39
N LYS R 25 -8.98 -42.38 -43.94
CA LYS R 25 -9.12 -42.07 -45.36
C LYS R 25 -8.60 -40.67 -45.70
N THR R 26 -9.05 -39.65 -44.96
CA THR R 26 -8.65 -38.29 -45.26
C THR R 26 -7.17 -38.07 -44.99
N SER R 27 -6.64 -38.64 -43.92
CA SER R 27 -5.22 -38.51 -43.66
C SER R 27 -4.41 -39.15 -44.78
N GLU R 28 -4.88 -40.26 -45.34
CA GLU R 28 -4.17 -40.85 -46.47
C GLU R 28 -4.30 -39.99 -47.72
N LYS R 29 -5.44 -39.34 -47.91
CA LYS R 29 -5.59 -38.48 -49.08
C LYS R 29 -4.61 -37.32 -49.03
N VAL R 30 -4.49 -36.68 -47.88
CA VAL R 30 -3.37 -35.75 -47.66
C VAL R 30 -2.15 -36.61 -47.34
N GLY R 31 -0.97 -36.01 -47.25
CA GLY R 31 0.21 -36.83 -47.14
C GLY R 31 0.52 -37.42 -45.78
N ILE R 32 -0.40 -38.16 -45.17
CA ILE R 32 -0.22 -38.72 -43.84
C ILE R 32 -0.66 -40.18 -43.85
N LYS R 33 0.07 -41.02 -43.13
CA LYS R 33 -0.20 -42.46 -43.09
C LYS R 33 -0.41 -42.86 -41.64
N LEU R 34 -1.62 -43.29 -41.31
CA LEU R 34 -2.01 -43.58 -39.94
C LEU R 34 -1.98 -45.09 -39.71
N LEU R 35 -0.99 -45.54 -38.94
CA LEU R 35 -0.74 -46.95 -38.66
C LEU R 35 -1.44 -47.39 -37.38
N PRO R 36 -2.07 -48.56 -37.39
CA PRO R 36 -2.73 -49.04 -36.16
C PRO R 36 -1.73 -49.23 -35.03
N LEU R 37 -2.18 -48.91 -33.82
CA LEU R 37 -1.40 -49.16 -32.62
C LEU R 37 -1.73 -50.54 -32.09
N LYS R 38 -0.70 -51.32 -31.78
CA LYS R 38 -0.85 -52.75 -31.54
C LYS R 38 -1.20 -52.98 -30.07
N GLY R 39 -2.48 -53.25 -29.80
CA GLY R 39 -2.88 -53.53 -28.44
C GLY R 39 -2.96 -52.33 -27.53
N ALA R 40 -3.14 -51.13 -28.09
CA ALA R 40 -3.38 -49.96 -27.26
C ALA R 40 -4.69 -50.10 -26.51
N SER R 41 -4.80 -49.40 -25.40
CA SER R 41 -6.00 -49.48 -24.59
C SER R 41 -6.58 -48.10 -24.37
N CYS R 42 -7.54 -47.99 -23.46
CA CYS R 42 -7.90 -46.70 -22.91
C CYS R 42 -6.64 -45.97 -22.49
N CYS R 43 -6.39 -44.82 -23.08
CA CYS R 43 -5.54 -43.88 -22.40
C CYS R 43 -6.22 -43.67 -21.06
N PRO R 44 -5.55 -43.84 -19.96
CA PRO R 44 -6.28 -43.73 -18.71
C PRO R 44 -6.93 -42.36 -18.71
N ALA R 45 -8.25 -42.34 -18.86
CA ALA R 45 -8.96 -41.11 -19.17
C ALA R 45 -8.66 -40.08 -18.08
N PRO R 46 -8.22 -38.89 -18.45
CA PRO R 46 -7.59 -38.02 -17.44
C PRO R 46 -8.50 -37.66 -16.29
N GLY R 47 -9.80 -37.48 -16.54
CA GLY R 47 -10.69 -37.13 -15.47
C GLY R 47 -11.08 -38.32 -14.63
N ALA R 48 -11.77 -39.28 -15.25
CA ALA R 48 -12.37 -40.39 -14.52
C ALA R 48 -11.35 -41.35 -13.94
N PHE R 49 -10.07 -41.19 -14.25
CA PHE R 49 -9.09 -42.17 -13.80
C PHE R 49 -7.93 -41.45 -13.10
N GLY R 50 -7.61 -40.26 -13.60
CA GLY R 50 -6.69 -39.40 -12.89
C GLY R 50 -7.25 -38.91 -11.58
N SER R 51 -8.56 -38.70 -11.50
CA SER R 51 -9.18 -38.33 -10.23
C SER R 51 -9.03 -39.43 -9.20
N ILE R 52 -8.96 -40.68 -9.62
CA ILE R 52 -8.84 -41.79 -8.70
C ILE R 52 -7.39 -42.00 -8.29
N ASP R 53 -6.48 -42.15 -9.25
CA ASP R 53 -5.11 -42.51 -8.90
C ASP R 53 -4.14 -42.03 -9.96
N LEU R 54 -3.32 -41.03 -9.60
CA LEU R 54 -2.38 -40.45 -10.54
C LEU R 54 -1.26 -41.42 -10.90
N ASN R 55 -0.86 -42.29 -9.98
CA ASN R 55 0.22 -43.23 -10.29
C ASN R 55 -0.20 -44.25 -11.33
N VAL R 56 -1.42 -44.78 -11.22
CA VAL R 56 -1.87 -45.72 -12.24
C VAL R 56 -2.20 -44.98 -13.53
N TRP R 57 -2.61 -43.72 -13.44
CA TRP R 57 -2.72 -42.91 -14.64
C TRP R 57 -1.38 -42.84 -15.38
N TYR R 58 -0.32 -42.56 -14.64
CA TYR R 58 1.02 -42.49 -15.23
C TYR R 58 1.40 -43.83 -15.85
N ALA R 59 1.19 -44.91 -15.10
CA ALA R 59 1.61 -46.23 -15.59
C ALA R 59 0.89 -46.63 -16.87
N MET R 60 -0.42 -46.42 -16.94
CA MET R 60 -1.14 -46.83 -18.13
C MET R 60 -0.80 -45.95 -19.33
N ALA R 61 -0.69 -44.63 -19.10
CA ALA R 61 -0.31 -43.77 -20.22
C ALA R 61 1.10 -44.12 -20.72
N ALA R 62 1.99 -44.48 -19.79
CA ALA R 62 3.34 -44.86 -20.20
C ALA R 62 3.34 -46.17 -20.97
N ARG R 63 2.48 -47.11 -20.59
CA ARG R 63 2.38 -48.35 -21.36
C ARG R 63 1.91 -48.06 -22.78
N ASN R 64 0.90 -47.20 -22.92
CA ASN R 64 0.46 -46.80 -24.25
C ASN R 64 1.57 -46.14 -25.04
N LEU R 65 2.42 -45.37 -24.35
CA LEU R 65 3.52 -44.69 -25.04
C LEU R 65 4.60 -45.67 -25.46
N VAL R 66 4.89 -46.68 -24.64
CA VAL R 66 5.97 -47.59 -24.98
C VAL R 66 5.54 -48.60 -26.03
N LEU R 67 4.25 -48.83 -26.22
CA LEU R 67 3.82 -49.59 -27.40
C LEU R 67 4.31 -48.91 -28.69
N ALA R 68 4.01 -47.63 -28.85
CA ALA R 68 4.47 -46.90 -30.01
C ALA R 68 5.98 -46.69 -30.00
N GLU R 69 6.59 -46.68 -28.81
CA GLU R 69 8.05 -46.63 -28.75
C GLU R 69 8.67 -47.87 -29.38
N GLU R 70 8.17 -49.04 -29.05
CA GLU R 70 8.62 -50.26 -29.70
C GLU R 70 8.32 -50.24 -31.19
N MET R 71 7.16 -49.69 -31.56
CA MET R 71 6.87 -49.49 -32.97
C MET R 71 7.82 -48.50 -33.63
N LYS R 72 8.50 -47.67 -32.85
CA LYS R 72 9.40 -46.63 -33.34
C LYS R 72 8.66 -45.64 -34.24
N LYS R 73 7.59 -45.06 -33.71
CA LYS R 73 6.76 -44.13 -34.47
C LYS R 73 6.24 -43.04 -33.56
N ASP R 74 5.74 -41.97 -34.17
CA ASP R 74 5.16 -40.85 -33.44
C ASP R 74 3.65 -41.05 -33.33
N ILE R 75 3.11 -40.85 -32.13
CA ILE R 75 1.68 -40.99 -31.91
C ILE R 75 0.92 -39.88 -32.62
N ALA R 76 -0.20 -40.24 -33.24
CA ALA R 76 -1.18 -39.28 -33.72
C ALA R 76 -2.52 -39.54 -33.06
N LEU R 77 -3.21 -38.49 -32.65
CA LEU R 77 -4.42 -38.59 -31.85
C LEU R 77 -5.56 -37.85 -32.52
N ILE R 78 -6.78 -38.14 -32.10
CA ILE R 78 -7.93 -37.39 -32.57
C ILE R 78 -8.83 -36.97 -31.40
N CYS R 79 -8.33 -37.10 -30.17
CA CYS R 79 -9.12 -36.75 -28.99
C CYS R 79 -8.34 -35.82 -28.10
N ASN R 80 -8.99 -34.75 -27.62
CA ASN R 80 -8.33 -33.80 -26.68
C ASN R 80 -8.05 -34.49 -25.33
N GLY R 81 -8.94 -35.34 -24.82
CA GLY R 81 -8.65 -36.02 -23.57
C GLY R 81 -7.53 -37.02 -23.69
N CYS R 82 -7.52 -37.77 -24.80
CA CYS R 82 -6.43 -38.68 -25.06
C CYS R 82 -5.13 -37.92 -25.24
N TYR R 83 -5.20 -36.75 -25.87
CA TYR R 83 -4.02 -35.91 -25.97
C TYR R 83 -3.51 -35.53 -24.60
N LYS R 84 -4.41 -35.09 -23.72
CA LYS R 84 -4.00 -34.77 -22.36
C LYS R 84 -3.24 -35.95 -21.75
N SER R 85 -3.89 -37.12 -21.68
CA SER R 85 -3.24 -38.27 -21.07
C SER R 85 -1.89 -38.57 -21.72
N ILE R 86 -1.91 -38.92 -23.00
CA ILE R 86 -0.70 -39.41 -23.67
C ILE R 86 0.38 -38.34 -23.71
N TRP R 87 0.07 -37.20 -24.32
CA TRP R 87 1.10 -36.17 -24.50
C TRP R 87 1.61 -35.66 -23.17
N GLU R 88 0.73 -35.44 -22.19
CA GLU R 88 1.18 -34.83 -20.95
C GLU R 88 1.98 -35.81 -20.12
N VAL R 89 1.61 -37.09 -20.10
CA VAL R 89 2.43 -38.05 -19.38
C VAL R 89 3.77 -38.23 -20.07
N ASN R 90 3.78 -38.21 -21.40
CA ASN R 90 5.04 -38.24 -22.13
C ASN R 90 5.92 -37.07 -21.73
N HIS R 91 5.35 -35.87 -21.68
CA HIS R 91 6.12 -34.68 -21.35
C HIS R 91 6.61 -34.72 -19.91
N ILE R 92 5.78 -35.18 -18.99
CA ILE R 92 6.15 -35.22 -17.57
C ILE R 92 7.25 -36.24 -17.35
N LEU R 93 7.12 -37.42 -17.94
CA LEU R 93 8.11 -38.47 -17.78
C LEU R 93 9.33 -38.26 -18.65
N LYS R 94 9.32 -37.27 -19.54
CA LYS R 94 10.59 -36.96 -20.19
C LYS R 94 11.48 -36.07 -19.34
N HIS R 95 10.96 -35.53 -18.23
CA HIS R 95 11.72 -34.55 -17.47
C HIS R 95 11.81 -34.87 -15.98
N ASN R 96 10.88 -35.64 -15.44
CA ASN R 96 10.86 -35.92 -14.01
C ASN R 96 11.47 -37.30 -13.76
N ASP R 97 12.63 -37.31 -13.11
CA ASP R 97 13.43 -38.54 -13.00
C ASP R 97 12.83 -39.52 -12.02
N GLU R 98 12.35 -39.05 -10.86
CA GLU R 98 11.80 -39.99 -9.89
C GLU R 98 10.50 -40.60 -10.40
N LEU R 99 9.74 -39.84 -11.17
CA LEU R 99 8.54 -40.40 -11.78
C LEU R 99 8.88 -41.39 -12.88
N ARG R 100 9.90 -41.10 -13.70
CA ARG R 100 10.41 -42.13 -14.60
C ARG R 100 10.76 -43.40 -13.85
N ASP R 101 11.50 -43.27 -12.76
CA ASP R 101 11.93 -44.44 -12.03
C ASP R 101 10.74 -45.24 -11.52
N ASN R 102 9.78 -44.55 -10.90
CA ASN R 102 8.61 -45.23 -10.34
C ASN R 102 7.83 -45.95 -11.43
N VAL R 103 7.56 -45.28 -12.55
CA VAL R 103 6.81 -45.90 -13.63
C VAL R 103 7.58 -47.08 -14.19
N ASN R 104 8.90 -46.96 -14.28
CA ASN R 104 9.69 -48.04 -14.85
C ASN R 104 9.70 -49.27 -13.95
N GLU R 105 9.78 -49.09 -12.64
CA GLU R 105 9.71 -50.28 -11.80
C GLU R 105 8.30 -50.81 -11.64
N VAL R 106 7.28 -50.03 -12.01
CA VAL R 106 5.95 -50.63 -12.13
C VAL R 106 5.85 -51.44 -13.42
N LEU R 107 6.36 -50.89 -14.52
CA LEU R 107 6.27 -51.52 -15.83
C LEU R 107 7.19 -52.73 -15.96
N ALA R 108 8.24 -52.81 -15.14
CA ALA R 108 9.14 -53.95 -15.19
C ALA R 108 8.46 -55.25 -14.80
N GLU R 109 7.28 -55.19 -14.17
CA GLU R 109 6.53 -56.40 -13.90
C GLU R 109 5.88 -56.97 -15.15
N ILE R 110 5.84 -56.21 -16.24
CA ILE R 110 5.30 -56.70 -17.50
C ILE R 110 6.34 -56.59 -18.62
N ASP R 111 7.62 -56.56 -18.28
CA ASP R 111 8.73 -56.67 -19.23
C ASP R 111 8.66 -55.54 -20.27
N MET R 112 8.82 -54.31 -19.79
CA MET R 112 8.41 -53.17 -20.57
C MET R 112 9.00 -51.91 -19.94
N GLN R 113 9.66 -51.07 -20.73
CA GLN R 113 10.39 -49.92 -20.21
C GLN R 113 10.05 -48.66 -20.99
N PHE R 114 10.04 -47.53 -20.28
CA PHE R 114 9.83 -46.23 -20.88
C PHE R 114 11.15 -45.48 -20.94
N LYS R 115 11.50 -44.99 -22.12
CA LYS R 115 12.73 -44.22 -22.30
C LYS R 115 12.50 -42.83 -22.85
N GLY R 116 11.32 -42.53 -23.39
CA GLY R 116 11.03 -41.19 -23.86
C GLY R 116 11.70 -40.83 -25.16
N THR R 117 11.29 -41.49 -26.25
CA THR R 117 11.93 -41.31 -27.54
C THR R 117 11.00 -40.79 -28.62
N ILE R 118 9.70 -40.68 -28.38
CA ILE R 118 8.75 -40.33 -29.42
C ILE R 118 8.00 -39.06 -29.04
N ASP R 119 7.22 -38.56 -29.98
CA ASP R 119 6.44 -37.35 -29.82
C ASP R 119 4.97 -37.66 -30.11
N VAL R 120 4.10 -36.84 -29.53
CA VAL R 120 2.67 -37.04 -29.61
C VAL R 120 2.06 -35.85 -30.31
N TRP R 121 1.20 -36.10 -31.30
CA TRP R 121 0.59 -35.06 -32.08
C TRP R 121 -0.92 -35.28 -32.15
N HIS R 122 -1.66 -34.19 -32.16
CA HIS R 122 -3.07 -34.23 -32.51
C HIS R 122 -3.20 -34.14 -34.02
N LEU R 123 -4.18 -34.86 -34.56
CA LEU R 123 -4.33 -34.88 -36.01
C LEU R 123 -4.62 -33.50 -36.57
N ALA R 124 -5.42 -32.70 -35.86
CA ALA R 124 -5.68 -31.33 -36.33
C ALA R 124 -4.42 -30.49 -36.27
N GLU R 125 -3.58 -30.72 -35.26
CA GLU R 125 -2.29 -30.06 -35.19
C GLU R 125 -1.43 -30.40 -36.40
N LEU R 126 -1.42 -31.67 -36.80
CA LEU R 126 -0.70 -32.06 -38.00
C LEU R 126 -1.29 -31.42 -39.24
N TYR R 127 -2.62 -31.40 -39.35
CA TYR R 127 -3.27 -30.76 -40.49
C TYR R 127 -2.95 -29.28 -40.56
N TYR R 128 -2.67 -28.66 -39.42
CA TYR R 128 -2.37 -27.24 -39.41
C TYR R 128 -0.90 -26.94 -39.65
N ASP R 129 -0.01 -27.82 -39.23
CA ASP R 129 1.43 -27.59 -39.43
C ASP R 129 1.74 -27.48 -40.92
N ASP R 130 2.79 -26.73 -41.22
CA ASP R 130 3.16 -26.51 -42.62
C ASP R 130 4.13 -27.55 -43.15
N LYS R 131 5.02 -28.07 -42.31
CA LYS R 131 5.89 -29.16 -42.73
C LYS R 131 5.06 -30.37 -43.17
N VAL R 132 4.16 -30.80 -42.29
CA VAL R 132 3.16 -31.82 -42.57
C VAL R 132 2.05 -31.08 -43.30
N CYS R 133 1.05 -31.80 -43.82
CA CYS R 133 -0.10 -31.20 -44.49
C CYS R 133 -0.52 -29.89 -43.85
N GLY R 134 -0.61 -28.84 -44.67
CA GLY R 134 -1.01 -27.53 -44.22
C GLY R 134 -2.43 -27.18 -44.64
N VAL R 135 -2.83 -25.96 -44.28
CA VAL R 135 -4.16 -25.48 -44.64
C VAL R 135 -4.32 -25.46 -46.15
N GLN R 136 -3.26 -25.09 -46.87
CA GLN R 136 -3.35 -25.07 -48.32
C GLN R 136 -3.53 -26.47 -48.89
N LYS R 137 -2.85 -27.47 -48.32
CA LYS R 137 -3.02 -28.84 -48.78
C LYS R 137 -4.44 -29.34 -48.49
N ILE R 138 -5.01 -28.93 -47.35
CA ILE R 138 -6.40 -29.29 -47.06
C ILE R 138 -7.33 -28.68 -48.09
N LYS R 139 -7.12 -27.41 -48.41
CA LYS R 139 -7.92 -26.75 -49.44
C LYS R 139 -7.79 -27.47 -50.77
N ASP R 140 -6.58 -27.92 -51.10
CA ASP R 140 -6.37 -28.66 -52.33
C ASP R 140 -7.16 -29.96 -52.34
N SER R 141 -7.12 -30.70 -51.22
CA SER R 141 -7.78 -32.00 -51.17
C SER R 141 -9.29 -31.87 -51.18
N VAL R 142 -9.83 -30.75 -50.71
CA VAL R 142 -11.28 -30.58 -50.68
C VAL R 142 -11.85 -30.62 -52.09
N THR R 143 -12.86 -31.46 -52.30
CA THR R 143 -13.49 -31.58 -53.61
C THR R 143 -14.97 -31.22 -53.62
N THR R 144 -15.66 -31.28 -52.48
CA THR R 144 -17.01 -30.76 -52.38
C THR R 144 -16.99 -29.49 -51.55
N PRO R 145 -17.47 -28.37 -52.09
CA PRO R 145 -17.22 -27.08 -51.43
C PRO R 145 -17.77 -26.96 -50.01
N LEU R 146 -18.89 -27.59 -49.68
CA LEU R 146 -19.56 -27.38 -48.39
C LEU R 146 -19.84 -25.90 -48.17
N SER R 147 -20.18 -25.18 -49.23
CA SER R 147 -20.43 -23.76 -49.13
C SER R 147 -21.84 -23.49 -48.61
N GLY R 148 -22.01 -22.29 -48.07
CA GLY R 148 -23.30 -21.90 -47.54
C GLY R 148 -23.73 -22.65 -46.30
N ALA R 149 -22.80 -22.93 -45.40
CA ALA R 149 -23.10 -23.59 -44.14
C ALA R 149 -22.41 -22.83 -43.01
N LYS R 150 -23.16 -22.48 -41.98
CA LYS R 150 -22.61 -21.84 -40.81
C LYS R 150 -22.24 -22.94 -39.81
N VAL R 151 -20.98 -22.93 -39.39
CA VAL R 151 -20.42 -24.02 -38.59
C VAL R 151 -19.72 -23.42 -37.38
N ALA R 152 -20.08 -23.89 -36.20
CA ALA R 152 -19.51 -23.39 -34.96
C ALA R 152 -18.44 -24.35 -34.45
N ALA R 153 -17.25 -23.84 -34.19
CA ALA R 153 -16.17 -24.65 -33.58
C ALA R 153 -16.10 -24.73 -32.07
N HIS R 154 -15.93 -25.94 -31.55
CA HIS R 154 -15.69 -26.12 -30.12
C HIS R 154 -14.27 -26.65 -30.01
N TYR R 155 -13.36 -25.88 -29.45
CA TYR R 155 -11.94 -26.25 -29.27
C TYR R 155 -11.77 -27.31 -28.20
N GLY R 156 -12.53 -27.24 -27.13
CA GLY R 156 -12.32 -28.14 -26.00
C GLY R 156 -11.34 -27.50 -25.07
N CYS R 157 -10.85 -28.21 -24.07
CA CYS R 157 -10.01 -27.57 -23.07
C CYS R 157 -8.69 -28.28 -22.96
N HIS R 158 -8.66 -29.59 -23.19
CA HIS R 158 -7.44 -30.32 -22.91
C HIS R 158 -6.42 -30.24 -24.02
N LEU R 159 -6.80 -29.78 -25.21
CA LEU R 159 -5.82 -29.59 -26.26
C LEU R 159 -4.97 -28.36 -25.99
N MET R 160 -5.62 -27.23 -25.74
CA MET R 160 -4.94 -25.91 -25.62
C MET R 160 -4.61 -25.49 -24.20
N LYS R 161 -5.19 -26.10 -23.15
CA LYS R 161 -4.97 -25.52 -21.84
C LYS R 161 -4.33 -26.53 -20.90
N PRO R 162 -3.48 -26.07 -19.97
CA PRO R 162 -3.07 -24.69 -19.76
C PRO R 162 -1.99 -24.25 -20.74
N LYS R 163 -2.01 -22.98 -21.15
CA LYS R 163 -1.06 -22.53 -22.15
C LYS R 163 0.37 -22.52 -21.63
N LYS R 164 0.57 -22.55 -20.31
CA LYS R 164 1.90 -22.73 -19.75
C LYS R 164 2.40 -24.15 -19.89
N GLU R 165 1.56 -25.08 -20.31
CA GLU R 165 1.95 -26.47 -20.51
C GLU R 165 1.82 -26.93 -21.97
N ARG R 166 1.23 -26.13 -22.84
CA ARG R 166 1.12 -26.47 -24.24
C ARG R 166 1.86 -25.46 -25.10
N HIS R 167 1.74 -25.62 -26.42
CA HIS R 167 2.46 -24.79 -27.37
C HIS R 167 1.57 -24.30 -28.51
N PHE R 168 0.27 -24.18 -28.26
CA PHE R 168 -0.66 -23.75 -29.30
C PHE R 168 -0.97 -22.26 -29.27
N GLY R 169 -0.36 -21.51 -28.35
CA GLY R 169 -0.51 -20.07 -28.33
C GLY R 169 -1.66 -19.56 -27.50
N ASP R 170 -2.40 -18.59 -28.03
CA ASP R 170 -3.45 -17.92 -27.28
C ASP R 170 -4.62 -18.86 -27.03
N THR R 171 -5.08 -18.91 -25.78
CA THR R 171 -6.27 -19.65 -25.43
C THR R 171 -7.51 -18.77 -25.34
N GLU R 172 -7.36 -17.45 -25.34
CA GLU R 172 -8.53 -16.59 -25.16
C GLU R 172 -9.38 -16.49 -26.41
N ASN R 173 -8.76 -16.42 -27.59
CA ASN R 173 -9.50 -16.34 -28.85
C ASN R 173 -8.65 -16.91 -29.99
N PRO R 174 -8.41 -18.25 -29.99
CA PRO R 174 -7.67 -18.87 -31.08
C PRO R 174 -8.49 -18.87 -32.37
N MET R 175 -7.81 -18.94 -33.50
CA MET R 175 -8.54 -18.87 -34.79
C MET R 175 -8.02 -19.98 -35.70
N TRP R 176 -7.12 -20.80 -35.19
CA TRP R 176 -6.47 -21.82 -36.05
C TRP R 176 -7.49 -22.86 -36.50
N PHE R 177 -8.32 -23.33 -35.59
CA PHE R 177 -9.35 -24.34 -35.89
C PHE R 177 -10.39 -23.69 -36.78
N GLU R 178 -10.59 -22.39 -36.67
CA GLU R 178 -11.54 -21.69 -37.56
C GLU R 178 -11.00 -21.67 -38.99
N GLU R 179 -9.67 -21.62 -39.17
CA GLU R 179 -9.01 -21.68 -40.50
C GLU R 179 -9.19 -23.06 -41.15
N LEU R 180 -9.08 -24.15 -40.37
CA LEU R 180 -9.32 -25.51 -40.91
C LEU R 180 -10.77 -25.66 -41.40
N ILE R 181 -11.75 -25.10 -40.68
CA ILE R 181 -13.18 -25.13 -41.12
C ILE R 181 -13.34 -24.21 -42.32
N GLY R 182 -12.62 -23.09 -42.36
CA GLY R 182 -12.70 -22.22 -43.53
C GLY R 182 -12.04 -22.82 -44.75
N ALA R 183 -11.04 -23.68 -44.56
CA ALA R 183 -10.45 -24.40 -45.67
C ALA R 183 -11.48 -25.29 -46.36
N LEU R 184 -12.33 -25.95 -45.59
CA LEU R 184 -13.34 -26.83 -46.16
C LEU R 184 -14.38 -26.08 -46.98
N GLY R 185 -14.46 -24.76 -46.85
CA GLY R 185 -15.45 -23.97 -47.55
C GLY R 185 -16.61 -23.53 -46.69
N ALA R 186 -16.80 -24.13 -45.53
CA ALA R 186 -17.85 -23.71 -44.61
C ALA R 186 -17.40 -22.48 -43.86
N GLU R 187 -18.29 -21.52 -43.68
CA GLU R 187 -17.92 -20.31 -42.96
C GLU R 187 -18.04 -20.54 -41.46
N PRO R 188 -16.96 -20.42 -40.70
CA PRO R 188 -17.05 -20.57 -39.25
C PRO R 188 -17.57 -19.29 -38.63
N ILE R 189 -18.52 -19.46 -37.70
CA ILE R 189 -19.17 -18.32 -37.03
C ILE R 189 -18.61 -18.21 -35.61
N GLN R 190 -18.75 -17.04 -35.01
CA GLN R 190 -18.27 -16.78 -33.64
C GLN R 190 -19.50 -16.66 -32.74
N TYR R 191 -19.43 -17.23 -31.55
CA TYR R 191 -20.59 -17.23 -30.63
C TYR R 191 -20.06 -16.73 -29.29
N ARG R 192 -20.94 -16.40 -28.36
CA ARG R 192 -20.52 -15.87 -27.05
C ARG R 192 -19.77 -16.95 -26.25
N ASN R 193 -18.72 -16.58 -25.56
CA ASN R 193 -17.97 -17.50 -24.67
C ASN R 193 -17.63 -18.79 -25.43
N LYS R 194 -16.98 -18.69 -26.59
CA LYS R 194 -16.69 -19.86 -27.45
C LYS R 194 -15.66 -20.79 -26.82
N MET R 195 -15.01 -20.36 -25.75
CA MET R 195 -13.90 -21.15 -25.18
C MET R 195 -14.38 -21.80 -23.89
N GLN R 196 -15.69 -21.89 -23.71
CA GLN R 196 -16.25 -22.50 -22.52
C GLN R 196 -16.16 -24.02 -22.59
N CYS R 197 -15.94 -24.64 -21.44
CA CYS R 197 -15.95 -26.10 -21.34
C CYS R 197 -17.33 -26.64 -21.70
N CYS R 198 -17.35 -27.81 -22.33
CA CYS R 198 -18.61 -28.47 -22.65
C CYS R 198 -19.26 -29.08 -21.42
N GLY R 199 -18.51 -29.31 -20.36
CA GLY R 199 -19.05 -29.80 -19.11
C GLY R 199 -18.81 -31.27 -18.84
N ALA R 200 -18.27 -32.02 -19.78
CA ALA R 200 -18.12 -33.46 -19.63
C ALA R 200 -16.79 -33.86 -19.02
N GLY R 201 -15.87 -32.94 -18.84
CA GLY R 201 -14.55 -33.31 -18.36
C GLY R 201 -14.55 -33.66 -16.89
N GLY R 202 -13.45 -34.24 -16.45
CA GLY R 202 -13.23 -34.50 -15.05
C GLY R 202 -14.13 -35.51 -14.41
N GLY R 203 -14.93 -36.26 -15.18
CA GLY R 203 -15.88 -37.17 -14.61
C GLY R 203 -17.19 -36.54 -14.19
N VAL R 204 -17.38 -35.25 -14.45
CA VAL R 204 -18.63 -34.59 -14.07
C VAL R 204 -19.79 -35.17 -14.88
N ARG R 205 -19.53 -35.53 -16.14
CA ARG R 205 -20.49 -36.22 -16.98
C ARG R 205 -21.14 -37.39 -16.27
N GLY R 206 -20.38 -38.12 -15.46
CA GLY R 206 -20.92 -39.24 -14.74
C GLY R 206 -21.42 -38.87 -13.36
N TYR R 207 -20.69 -38.01 -12.65
CA TYR R 207 -21.03 -37.72 -11.27
C TYR R 207 -22.32 -36.92 -11.15
N ASP R 208 -22.45 -35.82 -11.93
CA ASP R 208 -23.60 -34.93 -11.82
C ASP R 208 -24.04 -34.56 -13.24
N ILE R 209 -24.95 -35.37 -13.78
CA ILE R 209 -25.36 -35.21 -15.17
C ILE R 209 -26.10 -33.89 -15.36
N VAL R 210 -26.89 -33.45 -14.36
CA VAL R 210 -27.64 -32.21 -14.51
C VAL R 210 -26.69 -31.02 -14.54
N HIS R 211 -25.68 -31.02 -13.67
CA HIS R 211 -24.69 -29.96 -13.68
C HIS R 211 -23.95 -29.90 -15.01
N ALA R 212 -23.49 -31.06 -15.49
CA ALA R 212 -22.80 -31.12 -16.78
C ALA R 212 -23.71 -30.65 -17.91
N LEU R 213 -24.97 -31.06 -17.90
CA LEU R 213 -25.90 -30.65 -18.93
C LEU R 213 -26.21 -29.17 -18.88
N ASP R 214 -26.23 -28.56 -17.70
CA ASP R 214 -26.42 -27.12 -17.65
C ASP R 214 -25.24 -26.39 -18.28
N ILE R 215 -24.02 -26.85 -17.99
CA ILE R 215 -22.85 -26.27 -18.63
C ILE R 215 -22.94 -26.43 -20.15
N THR R 216 -23.38 -27.59 -20.62
CA THR R 216 -23.53 -27.80 -22.06
C THR R 216 -24.63 -26.92 -22.65
N ASN R 217 -25.72 -26.74 -21.92
CA ASN R 217 -26.86 -26.00 -22.43
C ASN R 217 -26.54 -24.53 -22.59
N GLU R 218 -25.66 -24.00 -21.72
CA GLU R 218 -25.20 -22.60 -21.88
C GLU R 218 -24.58 -22.47 -23.27
N LYS R 219 -23.66 -23.38 -23.63
CA LYS R 219 -23.02 -23.39 -24.97
C LYS R 219 -24.06 -23.54 -26.08
N LEU R 220 -24.97 -24.50 -25.99
CA LEU R 220 -25.95 -24.72 -27.04
C LEU R 220 -26.81 -23.49 -27.27
N ILE R 221 -27.15 -22.78 -26.20
CA ILE R 221 -27.92 -21.54 -26.33
C ILE R 221 -27.12 -20.51 -27.11
N ASN R 222 -25.84 -20.33 -26.76
CA ASN R 222 -25.01 -19.36 -27.45
C ASN R 222 -24.86 -19.72 -28.93
N ILE R 223 -24.67 -21.01 -29.21
CA ILE R 223 -24.46 -21.46 -30.59
C ILE R 223 -25.71 -21.26 -31.42
N GLN R 224 -26.88 -21.60 -30.88
CA GLN R 224 -28.12 -21.36 -31.60
C GLN R 224 -28.33 -19.88 -31.85
N GLU R 225 -28.01 -19.05 -30.85
CA GLU R 225 -28.16 -17.61 -31.02
C GLU R 225 -27.27 -17.10 -32.14
N ALA R 226 -26.04 -17.61 -32.23
CA ALA R 226 -25.17 -17.26 -33.35
C ALA R 226 -25.78 -17.70 -34.68
N GLY R 227 -26.32 -18.91 -34.73
CA GLY R 227 -27.00 -19.36 -35.93
C GLY R 227 -26.31 -20.52 -36.61
N ALA R 228 -25.62 -21.35 -35.84
CA ALA R 228 -24.86 -22.44 -36.40
C ALA R 228 -25.79 -23.52 -36.96
N ASP R 229 -25.27 -24.23 -37.96
CA ASP R 229 -25.96 -25.36 -38.56
C ASP R 229 -25.32 -26.68 -38.20
N ALA R 230 -24.13 -26.65 -37.61
CA ALA R 230 -23.46 -27.83 -37.07
C ALA R 230 -22.41 -27.35 -36.09
N ILE R 231 -21.93 -28.26 -35.26
CA ILE R 231 -20.83 -27.94 -34.31
C ILE R 231 -19.67 -28.88 -34.62
N THR R 232 -18.57 -28.37 -35.17
CA THR R 232 -17.35 -29.17 -35.34
C THR R 232 -16.66 -29.25 -33.99
N GLU R 233 -15.88 -30.29 -33.78
CA GLU R 233 -15.21 -30.51 -32.48
C GLU R 233 -14.01 -31.39 -32.77
N LEU R 234 -13.04 -31.40 -31.88
CA LEU R 234 -11.80 -32.22 -32.04
C LEU R 234 -11.70 -33.21 -30.90
N CYS R 235 -12.82 -33.59 -30.29
CA CYS R 235 -12.78 -34.48 -29.12
C CYS R 235 -13.98 -35.43 -29.09
N PRO R 236 -13.82 -36.78 -29.04
CA PRO R 236 -14.98 -37.65 -28.86
C PRO R 236 -15.71 -37.49 -27.52
N PHE R 237 -15.02 -37.14 -26.42
CA PHE R 237 -15.77 -36.70 -25.24
C PHE R 237 -16.73 -35.56 -25.54
N CYS R 238 -16.23 -34.49 -26.15
CA CYS R 238 -17.08 -33.33 -26.35
C CYS R 238 -18.19 -33.65 -27.35
N GLN R 239 -17.89 -34.48 -28.34
CA GLN R 239 -18.91 -34.90 -29.28
C GLN R 239 -19.99 -35.72 -28.57
N LEU R 240 -19.58 -36.63 -27.70
CA LEU R 240 -20.54 -37.42 -26.94
C LEU R 240 -21.40 -36.53 -26.07
N GLN R 241 -20.79 -35.56 -25.39
CA GLN R 241 -21.57 -34.64 -24.59
C GLN R 241 -22.55 -33.85 -25.45
N PHE R 242 -22.07 -33.20 -26.50
CA PHE R 242 -22.95 -32.40 -27.34
C PHE R 242 -23.98 -33.22 -28.09
N ASP R 243 -23.79 -34.54 -28.23
CA ASP R 243 -24.70 -35.39 -28.98
C ASP R 243 -25.72 -36.07 -28.07
N ARG R 244 -25.27 -36.89 -27.12
CA ARG R 244 -26.17 -37.46 -26.14
C ARG R 244 -26.85 -36.37 -25.32
N GLY R 245 -26.08 -35.43 -24.78
CA GLY R 245 -26.61 -34.39 -23.95
C GLY R 245 -27.69 -33.56 -24.61
N GLN R 246 -27.75 -33.45 -25.94
CA GLN R 246 -28.91 -32.80 -26.52
C GLN R 246 -30.18 -33.60 -26.26
N ILE R 247 -30.09 -34.93 -26.34
CA ILE R 247 -31.24 -35.78 -26.05
C ILE R 247 -31.59 -35.72 -24.57
N GLU R 248 -30.57 -35.83 -23.71
CA GLU R 248 -30.83 -35.72 -22.28
C GLU R 248 -31.33 -34.33 -21.89
N ILE R 249 -30.94 -33.29 -22.61
CA ILE R 249 -31.48 -31.97 -22.34
C ILE R 249 -32.93 -31.89 -22.80
N LYS R 250 -33.24 -32.48 -23.95
CA LYS R 250 -34.61 -32.51 -24.42
C LYS R 250 -35.52 -33.24 -23.44
N GLU R 251 -34.99 -34.21 -22.71
CA GLU R 251 -35.86 -34.97 -21.80
C GLU R 251 -35.86 -34.38 -20.38
N LYS R 252 -34.69 -34.02 -19.85
CA LYS R 252 -34.62 -33.49 -18.49
C LYS R 252 -35.08 -32.04 -18.41
N PHE R 253 -34.79 -31.24 -19.42
CA PHE R 253 -35.30 -29.89 -19.58
C PHE R 253 -36.27 -29.94 -20.75
N GLY R 254 -36.73 -28.77 -21.19
CA GLY R 254 -37.62 -28.74 -22.34
C GLY R 254 -37.05 -28.02 -23.53
N ASP R 255 -35.76 -28.19 -23.79
CA ASP R 255 -35.04 -27.41 -24.80
C ASP R 255 -34.75 -28.27 -26.02
N VAL R 256 -35.06 -27.73 -27.20
CA VAL R 256 -34.85 -28.42 -28.46
C VAL R 256 -33.94 -27.56 -29.32
N TYR R 257 -32.83 -28.14 -29.78
CA TYR R 257 -31.92 -27.47 -30.68
C TYR R 257 -31.73 -28.19 -32.00
N ASN R 258 -31.60 -29.52 -31.97
CA ASN R 258 -31.35 -30.34 -33.16
C ASN R 258 -30.20 -29.76 -33.99
N ILE R 259 -29.05 -29.65 -33.36
CA ILE R 259 -27.84 -29.14 -34.01
C ILE R 259 -26.89 -30.32 -34.18
N PRO R 260 -26.58 -30.73 -35.41
CA PRO R 260 -25.67 -31.86 -35.60
C PRO R 260 -24.29 -31.56 -35.05
N VAL R 261 -23.67 -32.58 -34.47
CA VAL R 261 -22.33 -32.50 -33.92
C VAL R 261 -21.44 -33.45 -34.71
N LEU R 262 -20.40 -32.91 -35.31
CA LEU R 262 -19.52 -33.69 -36.17
C LEU R 262 -18.08 -33.45 -35.79
N HIS R 263 -17.28 -34.51 -35.80
CA HIS R 263 -15.85 -34.37 -35.66
C HIS R 263 -15.28 -33.72 -36.91
N TYR R 264 -14.15 -33.03 -36.74
CA TYR R 264 -13.54 -32.38 -37.89
C TYR R 264 -13.14 -33.38 -38.95
N ASN R 265 -12.78 -34.59 -38.55
CA ASN R 265 -12.45 -35.62 -39.53
C ASN R 265 -13.68 -36.01 -40.34
N GLU R 266 -14.84 -36.05 -39.70
CA GLU R 266 -16.07 -36.32 -40.45
C GLU R 266 -16.38 -35.20 -41.42
N LEU R 267 -16.20 -33.94 -41.02
CA LEU R 267 -16.40 -32.87 -41.99
C LEU R 267 -15.37 -32.91 -43.11
N LEU R 268 -14.14 -33.27 -42.80
CA LEU R 268 -13.12 -33.38 -43.83
C LEU R 268 -13.47 -34.48 -44.81
N GLY R 269 -14.00 -35.60 -44.31
CA GLY R 269 -14.48 -36.64 -45.21
C GLY R 269 -15.63 -36.16 -46.09
N LEU R 270 -16.58 -35.43 -45.50
CA LEU R 270 -17.67 -34.89 -46.30
C LEU R 270 -17.15 -33.95 -47.36
N ALA R 271 -16.16 -33.13 -47.02
CA ALA R 271 -15.59 -32.21 -47.99
C ALA R 271 -14.86 -32.96 -49.10
N GLN R 272 -14.15 -34.03 -48.74
CA GLN R 272 -13.39 -34.80 -49.71
C GLN R 272 -14.24 -35.80 -50.48
N GLY R 273 -15.53 -35.90 -50.18
CA GLY R 273 -16.44 -36.66 -51.00
C GLY R 273 -16.89 -37.98 -50.43
N MET R 274 -16.56 -38.31 -49.19
CA MET R 274 -17.00 -39.54 -48.58
C MET R 274 -18.51 -39.51 -48.39
N SER R 275 -19.12 -40.68 -48.38
CA SER R 275 -20.57 -40.73 -48.31
C SER R 275 -21.04 -40.67 -46.86
N PRO R 276 -22.25 -40.16 -46.62
CA PRO R 276 -22.79 -40.20 -45.25
C PRO R 276 -22.90 -41.61 -44.70
N GLN R 277 -23.24 -42.59 -45.52
CA GLN R 277 -23.25 -43.97 -45.06
C GLN R 277 -21.84 -44.43 -44.70
N ASP R 278 -20.85 -44.04 -45.51
CA ASP R 278 -19.47 -44.42 -45.20
C ASP R 278 -18.93 -43.68 -43.99
N LEU R 279 -19.56 -42.59 -43.59
CA LEU R 279 -19.21 -41.88 -42.37
C LEU R 279 -20.05 -42.32 -41.18
N ALA R 280 -21.08 -43.11 -41.39
CA ALA R 280 -21.93 -43.63 -40.31
C ALA R 280 -22.56 -42.49 -39.52
N LEU R 281 -23.11 -41.51 -40.24
CA LEU R 281 -23.81 -40.41 -39.60
C LEU R 281 -25.12 -40.85 -38.98
N ASP R 282 -25.57 -42.07 -39.25
CA ASP R 282 -26.76 -42.62 -38.63
C ASP R 282 -26.53 -43.06 -37.18
N LEU R 283 -25.28 -43.07 -36.73
CA LEU R 283 -24.95 -43.46 -35.36
C LEU R 283 -24.96 -42.29 -34.39
N HIS R 284 -25.24 -41.07 -34.85
CA HIS R 284 -25.37 -39.93 -33.97
C HIS R 284 -26.79 -39.82 -33.47
N ALA R 285 -26.93 -39.35 -32.22
CA ALA R 285 -28.27 -39.12 -31.68
C ALA R 285 -29.01 -38.05 -32.46
N ILE R 286 -28.31 -36.97 -32.82
CA ILE R 286 -28.94 -35.84 -33.50
C ILE R 286 -28.80 -36.03 -35.00
N ASP R 287 -29.93 -36.00 -35.71
CA ASP R 287 -29.92 -36.21 -37.14
C ASP R 287 -29.12 -35.13 -37.84
N CYS R 288 -28.26 -35.54 -38.77
CA CYS R 288 -27.48 -34.60 -39.56
C CYS R 288 -28.17 -34.21 -40.86
N THR R 289 -29.37 -34.74 -41.11
CA THR R 289 -30.00 -34.56 -42.41
C THR R 289 -30.22 -33.10 -42.82
N PRO R 290 -30.64 -32.17 -41.95
CA PRO R 290 -30.74 -30.78 -42.40
C PRO R 290 -29.41 -30.21 -42.87
N PHE R 291 -28.33 -30.50 -42.14
CA PHE R 291 -27.01 -30.04 -42.54
C PHE R 291 -26.59 -30.65 -43.86
N LEU R 292 -26.90 -31.93 -44.06
CA LEU R 292 -26.60 -32.57 -45.33
C LEU R 292 -27.39 -31.97 -46.47
N GLN R 293 -28.65 -31.62 -46.23
CA GLN R 293 -29.42 -30.92 -47.27
C GLN R 293 -28.79 -29.59 -47.60
N LYS R 294 -28.28 -28.88 -46.60
CA LYS R 294 -27.67 -27.58 -46.87
C LYS R 294 -26.37 -27.72 -47.65
N VAL R 295 -25.49 -28.62 -47.23
CA VAL R 295 -24.17 -28.73 -47.85
C VAL R 295 -24.12 -29.71 -49.01
N LEU R 296 -25.25 -30.30 -49.39
CA LEU R 296 -25.26 -31.23 -50.51
C LEU R 296 -26.45 -30.92 -51.43
N SER S 5 7.75 85.36 30.16
CA SER S 5 6.72 86.38 30.38
C SER S 5 5.39 85.74 30.73
N GLU S 6 4.65 85.35 29.69
CA GLU S 6 3.31 84.82 29.82
C GLU S 6 3.23 83.49 29.09
N ILE S 7 2.57 82.52 29.72
CA ILE S 7 2.36 81.21 29.12
C ILE S 7 0.87 80.98 29.01
N MET S 8 0.39 80.77 27.79
CA MET S 8 -1.04 80.46 27.54
C MET S 8 -1.90 81.51 28.20
N LYS S 9 -1.88 82.71 27.70
CA LYS S 9 -2.77 83.77 28.16
C LYS S 9 -3.90 83.93 27.17
N TYR S 10 -5.12 84.06 27.68
CA TYR S 10 -6.32 84.17 26.87
C TYR S 10 -6.66 85.63 26.67
N VAL S 11 -6.91 86.03 25.43
CA VAL S 11 -7.29 87.40 25.09
C VAL S 11 -8.57 87.34 24.27
N ALA S 12 -9.64 87.98 24.75
CA ALA S 12 -10.90 87.98 24.05
C ALA S 12 -10.89 89.00 22.92
N THR S 13 -11.41 88.61 21.76
CA THR S 13 -11.38 89.45 20.58
C THR S 13 -12.57 89.08 19.70
N THR S 14 -12.85 89.91 18.72
CA THR S 14 -13.86 89.63 17.72
C THR S 14 -13.21 89.03 16.47
N CYS S 15 -13.92 88.11 15.84
CA CYS S 15 -13.43 87.52 14.60
C CYS S 15 -13.46 88.57 13.49
N PRO S 16 -12.43 88.68 12.69
CA PRO S 16 -12.38 89.73 11.68
C PRO S 16 -12.89 89.31 10.31
N TYR S 17 -13.59 88.19 10.18
CA TYR S 17 -13.81 87.63 8.86
C TYR S 17 -15.20 87.83 8.28
N CYS S 18 -16.21 88.13 9.08
CA CYS S 18 -17.49 88.53 8.50
C CYS S 18 -18.26 89.32 9.54
N GLY S 19 -19.48 89.69 9.20
CA GLY S 19 -20.26 90.62 9.97
C GLY S 19 -21.00 90.04 11.15
N VAL S 20 -20.87 88.74 11.43
CA VAL S 20 -21.53 88.19 12.60
C VAL S 20 -20.86 88.71 13.87
N GLY S 21 -19.56 88.89 13.84
CA GLY S 21 -18.87 89.41 15.00
C GLY S 21 -18.69 88.43 16.12
N CYS S 22 -18.38 87.19 15.81
CA CYS S 22 -18.21 86.18 16.84
C CYS S 22 -17.04 86.54 17.74
N THR S 23 -17.12 86.12 18.99
CA THR S 23 -16.06 86.36 19.95
C THR S 23 -15.22 85.11 20.11
N LEU S 24 -13.92 85.30 20.29
CA LEU S 24 -13.00 84.19 20.40
C LEU S 24 -11.86 84.60 21.31
N ASN S 25 -11.16 83.61 21.83
CA ASN S 25 -9.98 83.83 22.64
C ASN S 25 -8.75 83.52 21.83
N LEU S 26 -7.82 84.46 21.77
CA LEU S 26 -6.50 84.19 21.22
C LEU S 26 -5.58 83.78 22.36
N VAL S 27 -4.83 82.69 22.13
CA VAL S 27 -3.86 82.19 23.14
C VAL S 27 -2.52 82.81 22.81
N VAL S 28 -1.90 83.50 23.76
CA VAL S 28 -0.68 84.25 23.52
C VAL S 28 0.39 83.73 24.46
N SER S 29 1.42 83.11 23.90
CA SER S 29 2.51 82.54 24.68
C SER S 29 3.82 83.19 24.26
N ASN S 30 4.49 83.84 25.22
CA ASN S 30 5.72 84.60 24.96
C ASN S 30 5.52 85.62 23.84
N GLY S 31 4.41 86.34 23.89
CA GLY S 31 4.17 87.37 22.91
C GLY S 31 3.95 86.87 21.51
N LYS S 32 3.53 85.62 21.34
CA LYS S 32 3.17 85.08 20.04
C LYS S 32 1.78 84.47 20.14
N VAL S 33 0.92 84.79 19.17
CA VAL S 33 -0.40 84.16 19.12
C VAL S 33 -0.23 82.73 18.64
N VAL S 34 -0.64 81.78 19.47
CA VAL S 34 -0.33 80.36 19.19
C VAL S 34 -1.61 79.56 18.97
N GLY S 35 -2.77 80.19 19.06
CA GLY S 35 -4.01 79.46 18.79
C GLY S 35 -5.24 80.28 19.05
N VAL S 36 -6.41 79.72 18.73
CA VAL S 36 -7.71 80.39 18.96
C VAL S 36 -8.50 79.43 19.82
N GLU S 37 -9.14 79.94 20.87
CA GLU S 37 -9.88 79.10 21.82
C GLU S 37 -11.34 79.58 21.84
N PRO S 38 -12.35 78.77 22.19
CA PRO S 38 -13.73 79.25 22.31
C PRO S 38 -13.88 80.20 23.48
N ASN S 39 -14.81 81.14 23.32
CA ASN S 39 -15.25 82.02 24.40
C ASN S 39 -16.73 81.71 24.61
N GLN S 40 -17.03 80.84 25.57
CA GLN S 40 -18.41 80.42 25.78
C GLN S 40 -19.27 81.50 26.40
N ARG S 41 -18.68 82.58 26.90
CA ARG S 41 -19.46 83.63 27.52
C ARG S 41 -20.22 84.45 26.49
N SER S 42 -19.78 84.53 25.24
CA SER S 42 -20.38 85.45 24.26
C SER S 42 -21.82 85.17 23.90
N PRO S 43 -22.71 86.17 23.94
CA PRO S 43 -24.04 86.00 23.49
C PRO S 43 -24.16 85.71 21.98
N ILE S 44 -23.32 86.27 21.12
CA ILE S 44 -23.45 86.16 19.64
C ILE S 44 -23.25 84.72 19.18
N ASN S 45 -22.19 84.09 19.63
CA ASN S 45 -21.84 82.71 19.28
C ASN S 45 -21.55 82.18 20.66
N GLU S 46 -22.04 81.04 21.03
CA GLU S 46 -21.71 80.69 22.42
C GLU S 46 -20.44 79.87 22.43
N GLY S 47 -19.34 80.44 21.98
CA GLY S 47 -18.07 79.70 21.91
C GLY S 47 -17.92 78.94 20.62
N LYS S 48 -18.87 79.08 19.71
CA LYS S 48 -18.89 78.30 18.47
C LYS S 48 -18.31 79.19 17.39
N LEU S 49 -17.49 78.65 16.52
CA LEU S 49 -16.83 79.43 15.47
C LEU S 49 -16.85 78.58 14.21
N CYS S 50 -16.78 79.20 13.05
CA CYS S 50 -16.75 78.54 11.76
C CYS S 50 -15.29 78.22 11.43
N PRO S 51 -15.00 77.58 10.29
CA PRO S 51 -13.59 77.33 9.96
C PRO S 51 -12.72 78.58 9.94
N LYS S 52 -13.25 79.69 9.41
CA LYS S 52 -12.48 80.91 9.35
C LYS S 52 -12.13 81.43 10.73
N GLY S 53 -13.09 81.40 11.65
CA GLY S 53 -12.79 81.81 13.01
C GLY S 53 -11.84 80.87 13.69
N VAL S 54 -11.96 79.57 13.42
CA VAL S 54 -11.09 78.60 14.07
C VAL S 54 -9.64 78.80 13.64
N THR S 55 -9.41 79.20 12.39
CA THR S 55 -8.05 79.36 11.89
C THR S 55 -7.68 80.81 11.62
N CYS S 56 -8.36 81.77 12.25
CA CYS S 56 -8.00 83.17 12.08
C CYS S 56 -6.61 83.52 12.57
N TRP S 57 -6.00 82.67 13.40
CA TRP S 57 -4.73 83.03 14.03
C TRP S 57 -3.51 82.72 13.15
N GLU S 58 -3.70 82.11 11.98
CA GLU S 58 -2.56 81.59 11.25
C GLU S 58 -1.76 82.69 10.55
N HIS S 59 -2.44 83.72 10.07
CA HIS S 59 -1.80 84.74 9.25
C HIS S 59 -1.11 85.82 10.06
N ILE S 60 -1.19 85.75 11.39
CA ILE S 60 -0.73 86.88 12.20
C ILE S 60 0.78 87.02 12.14
N HIS S 61 1.50 85.93 12.33
CA HIS S 61 2.95 85.97 12.47
C HIS S 61 3.67 85.47 11.22
N SER S 62 3.03 85.58 10.07
CA SER S 62 3.67 85.18 8.83
C SER S 62 4.92 86.03 8.59
N PRO S 63 5.96 85.45 7.97
CA PRO S 63 7.14 86.25 7.63
C PRO S 63 6.89 87.31 6.58
N ASP S 64 5.83 87.17 5.78
CA ASP S 64 5.55 88.11 4.70
C ASP S 64 5.03 89.44 5.19
N ARG S 65 4.74 89.59 6.48
CA ARG S 65 4.18 90.82 6.99
C ARG S 65 5.14 91.98 6.78
N LEU S 66 4.61 93.10 6.31
CA LEU S 66 5.40 94.32 6.21
C LEU S 66 5.90 94.76 7.58
N THR S 67 7.17 95.12 7.65
CA THR S 67 7.84 95.42 8.89
C THR S 67 8.31 96.85 9.01
N THR S 68 8.63 97.51 7.91
CA THR S 68 9.18 98.85 7.91
C THR S 68 8.72 99.57 6.64
N PRO S 69 8.66 100.89 6.65
CA PRO S 69 8.20 101.62 5.47
C PRO S 69 9.12 101.39 4.28
N LEU S 70 8.52 101.46 3.10
CA LEU S 70 9.23 101.27 1.85
C LEU S 70 9.01 102.48 0.97
N ILE S 71 10.04 102.89 0.25
CA ILE S 71 9.95 104.00 -0.68
C ILE S 71 10.41 103.54 -2.05
N LYS S 72 9.61 103.83 -3.07
CA LYS S 72 9.99 103.54 -4.44
C LYS S 72 10.99 104.59 -4.90
N LYS S 73 12.27 104.21 -4.95
CA LYS S 73 13.35 105.10 -5.35
C LYS S 73 13.91 104.61 -6.69
N ASP S 74 13.33 105.11 -7.77
CA ASP S 74 13.76 104.79 -9.13
C ASP S 74 13.78 103.28 -9.37
N GLY S 75 12.77 102.59 -8.85
CA GLY S 75 12.70 101.15 -8.98
C GLY S 75 12.31 100.46 -7.70
N LYS S 76 12.89 99.28 -7.47
CA LYS S 76 12.50 98.42 -6.37
C LYS S 76 12.55 99.15 -5.04
N PHE S 77 11.63 98.80 -4.15
CA PHE S 77 11.45 99.52 -2.90
C PHE S 77 12.63 99.30 -1.96
N ILE S 78 13.15 100.40 -1.42
CA ILE S 78 14.23 100.35 -0.45
C ILE S 78 13.65 100.66 0.92
N GLU S 79 14.43 100.39 1.95
CA GLU S 79 13.90 100.41 3.31
C GLU S 79 14.04 101.80 3.88
N ALA S 80 12.97 102.33 4.46
CA ALA S 80 12.95 103.71 4.88
C ALA S 80 12.64 103.79 6.36
N SER S 81 12.96 104.93 6.95
CA SER S 81 12.61 105.23 8.32
C SER S 81 11.25 105.91 8.37
N TRP S 82 10.62 105.84 9.54
CA TRP S 82 9.27 106.40 9.67
C TRP S 82 9.28 107.90 9.41
N ASP S 83 10.26 108.61 9.96
CA ASP S 83 10.37 110.05 9.74
C ASP S 83 10.55 110.36 8.26
N GLU S 84 11.43 109.61 7.59
CA GLU S 84 11.68 109.85 6.16
C GLU S 84 10.41 109.65 5.35
N ALA S 85 9.75 108.49 5.53
CA ALA S 85 8.57 108.19 4.75
C ALA S 85 7.44 109.18 5.01
N LEU S 86 7.24 109.54 6.28
CA LEU S 86 6.16 110.45 6.59
C LEU S 86 6.45 111.85 6.09
N ASP S 87 7.70 112.31 6.12
CA ASP S 87 8.01 113.61 5.58
C ASP S 87 7.80 113.64 4.07
N LEU S 88 8.15 112.55 3.39
CA LEU S 88 7.88 112.45 1.96
C LEU S 88 6.39 112.53 1.68
N VAL S 89 5.59 111.79 2.45
CA VAL S 89 4.14 111.78 2.22
C VAL S 89 3.56 113.16 2.47
N ALA S 90 3.97 113.80 3.58
CA ALA S 90 3.45 115.12 3.90
C ALA S 90 3.79 116.12 2.81
N LYS S 91 5.02 116.09 2.31
CA LYS S 91 5.41 117.01 1.25
C LYS S 91 4.57 116.80 -0.01
N ASN S 92 4.43 115.56 -0.44
CA ASN S 92 3.70 115.31 -1.69
C ASN S 92 2.22 115.63 -1.57
N LEU S 93 1.60 115.26 -0.45
CA LEU S 93 0.20 115.62 -0.24
C LEU S 93 0.03 117.13 -0.19
N LYS S 94 0.95 117.82 0.47
CA LYS S 94 0.88 119.27 0.55
C LYS S 94 0.91 119.90 -0.83
N VAL S 95 1.82 119.44 -1.70
CA VAL S 95 1.92 120.08 -3.01
C VAL S 95 0.70 119.76 -3.87
N ILE S 96 0.20 118.52 -3.80
CA ILE S 96 -0.96 118.19 -4.62
C ILE S 96 -2.19 119.01 -4.18
N TYR S 97 -2.40 119.10 -2.86
CA TYR S 97 -3.37 120.05 -2.33
C TYR S 97 -3.19 121.44 -2.90
N ASP S 98 -2.04 122.06 -2.64
CA ASP S 98 -1.88 123.46 -2.99
C ASP S 98 -2.01 123.69 -4.49
N LYS S 99 -1.86 122.65 -5.30
CA LYS S 99 -2.04 122.85 -6.73
C LYS S 99 -3.48 122.61 -7.19
N HIS S 100 -4.18 121.62 -6.64
CA HIS S 100 -5.45 121.21 -7.22
C HIS S 100 -6.62 121.20 -6.24
N GLY S 101 -6.52 121.89 -5.12
CA GLY S 101 -7.63 122.01 -4.22
C GLY S 101 -7.99 120.71 -3.56
N PRO S 102 -9.24 120.58 -3.13
CA PRO S 102 -9.65 119.34 -2.46
C PRO S 102 -10.12 118.27 -3.43
N LYS S 103 -10.44 118.67 -4.66
CA LYS S 103 -10.86 117.69 -5.66
C LYS S 103 -9.72 116.79 -6.09
N GLY S 104 -8.47 117.24 -5.92
CA GLY S 104 -7.34 116.50 -6.45
C GLY S 104 -6.97 115.25 -5.68
N LEU S 105 -7.42 115.13 -4.45
CA LEU S 105 -7.04 114.00 -3.60
C LEU S 105 -8.16 112.97 -3.57
N GLY S 106 -7.80 111.76 -3.11
CA GLY S 106 -8.75 110.68 -3.05
C GLY S 106 -8.40 109.68 -1.98
N PHE S 107 -9.37 109.33 -1.14
CA PHE S 107 -9.16 108.45 -0.02
C PHE S 107 -10.09 107.25 -0.11
N GLN S 108 -9.57 106.09 0.22
CA GLN S 108 -10.47 104.96 0.44
C GLN S 108 -9.86 103.95 1.38
N THR S 109 -10.68 103.54 2.35
CA THR S 109 -10.33 102.58 3.37
C THR S 109 -11.01 101.26 3.07
N SER S 110 -10.63 100.25 3.85
CA SER S 110 -11.26 98.94 3.75
C SER S 110 -12.27 98.78 4.86
N CYS S 111 -13.14 97.79 4.70
CA CYS S 111 -14.06 97.42 5.75
C CYS S 111 -13.44 96.47 6.76
N ARG S 112 -12.20 96.05 6.55
CA ARG S 112 -11.47 95.20 7.49
C ARG S 112 -11.01 95.94 8.72
N THR S 113 -11.11 97.26 8.75
CA THR S 113 -10.41 98.09 9.70
C THR S 113 -11.33 98.44 10.86
N VAL S 114 -10.75 98.82 11.99
CA VAL S 114 -11.54 99.09 13.18
C VAL S 114 -12.21 100.45 13.09
N ASN S 115 -13.23 100.65 13.91
CA ASN S 115 -14.04 101.88 13.80
C ASN S 115 -13.17 103.10 14.05
N GLU S 116 -12.28 103.04 15.03
CA GLU S 116 -11.44 104.20 15.40
C GLU S 116 -10.53 104.60 14.24
N ASP S 117 -9.98 103.66 13.49
CA ASP S 117 -9.16 103.96 12.29
C ASP S 117 -10.03 104.46 11.13
N CYS S 118 -11.25 103.97 10.96
CA CYS S 118 -12.12 104.55 9.93
C CYS S 118 -12.51 105.98 10.28
N TYR S 119 -12.82 106.24 11.54
CA TYR S 119 -13.22 107.58 11.94
C TYR S 119 -12.06 108.56 11.80
N ILE S 120 -10.87 108.17 12.26
CA ILE S 120 -9.73 109.08 12.18
C ILE S 120 -9.31 109.27 10.74
N PHE S 121 -9.53 108.27 9.88
CA PHE S 121 -9.22 108.40 8.47
C PHE S 121 -10.14 109.40 7.79
N GLN S 122 -11.44 109.32 8.05
CA GLN S 122 -12.34 110.30 7.45
C GLN S 122 -12.15 111.68 8.07
N LYS S 123 -11.79 111.74 9.35
CA LYS S 123 -11.48 113.02 9.98
C LYS S 123 -10.24 113.63 9.34
N PHE S 124 -9.24 112.82 9.05
CA PHE S 124 -8.07 113.31 8.34
C PHE S 124 -8.43 113.82 6.96
N ALA S 125 -9.30 113.09 6.26
CA ALA S 125 -9.68 113.50 4.92
C ALA S 125 -10.52 114.77 4.89
N ARG S 126 -11.23 115.10 5.97
CA ARG S 126 -12.09 116.28 5.94
C ARG S 126 -11.58 117.47 6.74
N VAL S 127 -10.97 117.27 7.91
CA VAL S 127 -10.51 118.36 8.74
C VAL S 127 -9.35 119.09 8.08
N GLY S 128 -8.51 118.37 7.36
CA GLY S 128 -7.37 119.03 6.76
C GLY S 128 -7.86 119.68 5.48
N PHE S 129 -7.29 119.27 4.36
CA PHE S 129 -7.90 119.53 3.08
C PHE S 129 -9.35 119.09 3.02
N LYS S 130 -10.27 120.00 2.78
CA LYS S 130 -11.69 119.65 2.89
C LYS S 130 -12.18 118.90 1.67
N THR S 131 -12.04 117.57 1.64
CA THR S 131 -12.57 116.76 0.51
C THR S 131 -13.55 115.72 1.02
N ASN S 132 -14.61 115.41 0.28
CA ASN S 132 -15.49 114.29 0.69
C ASN S 132 -15.19 113.08 -0.20
N ASN S 133 -14.05 113.08 -0.88
CA ASN S 133 -13.66 111.94 -1.74
C ASN S 133 -13.15 110.84 -0.81
N VAL S 134 -13.98 110.37 0.11
CA VAL S 134 -13.61 109.28 1.05
C VAL S 134 -14.60 108.16 0.75
N ASP S 135 -14.19 106.90 0.84
CA ASP S 135 -15.09 105.78 0.49
C ASP S 135 -14.52 104.47 1.00
N ASN S 136 -15.24 103.37 0.80
CA ASN S 136 -14.77 102.08 1.26
C ASN S 136 -15.35 100.96 0.39
N CYS S 137 -15.02 99.72 0.77
CA CYS S 137 -15.31 98.54 -0.03
C CYS S 137 -16.80 98.36 -0.32
N ALA S 138 -17.68 98.87 0.54
CA ALA S 138 -19.10 98.51 0.47
C ALA S 138 -19.69 98.81 -0.89
N ARG S 139 -19.14 99.79 -1.60
CA ARG S 139 -19.60 100.07 -2.96
C ARG S 139 -19.39 98.85 -3.85
N ILE S 140 -18.14 98.50 -4.10
CA ILE S 140 -17.82 97.38 -4.99
C ILE S 140 -18.27 96.05 -4.42
N CYS S 141 -18.43 95.95 -3.10
CA CYS S 141 -18.96 94.71 -2.55
C CYS S 141 -20.42 94.55 -2.95
N HIS S 142 -20.95 93.36 -2.64
CA HIS S 142 -22.24 92.90 -3.14
C HIS S 142 -23.35 93.94 -3.01
N GLY S 143 -23.43 94.61 -1.86
CA GLY S 143 -24.64 95.33 -1.52
C GLY S 143 -24.54 96.85 -1.48
N PRO S 144 -25.16 97.51 -2.46
CA PRO S 144 -25.62 98.89 -2.25
C PRO S 144 -27.01 98.92 -1.64
N SER S 145 -27.41 97.79 -1.05
CA SER S 145 -28.73 97.64 -0.44
C SER S 145 -28.97 98.61 0.70
N VAL S 146 -27.92 99.20 1.27
CA VAL S 146 -28.10 100.16 2.35
C VAL S 146 -28.94 101.34 1.89
N ALA S 147 -28.68 101.84 0.68
CA ALA S 147 -29.46 102.97 0.16
C ALA S 147 -30.92 102.60 0.00
N GLY S 148 -31.20 101.41 -0.53
CA GLY S 148 -32.58 101.01 -0.73
C GLY S 148 -33.32 100.85 0.58
N LEU S 149 -32.71 100.18 1.55
CA LEU S 149 -33.38 100.00 2.82
C LEU S 149 -33.51 101.32 3.56
N SER S 150 -32.57 102.25 3.34
CA SER S 150 -32.71 103.58 3.90
C SER S 150 -33.90 104.31 3.30
N LEU S 151 -34.10 104.17 1.99
CA LEU S 151 -35.26 104.77 1.36
C LEU S 151 -36.55 104.19 1.91
N SER S 152 -36.59 102.88 2.12
CA SER S 152 -37.80 102.23 2.63
C SER S 152 -38.09 102.65 4.06
N PHE S 153 -37.11 102.54 4.95
CA PHE S 153 -37.34 102.70 6.38
C PHE S 153 -36.80 104.00 6.94
N GLY S 154 -35.55 104.32 6.67
CA GLY S 154 -34.91 105.45 7.30
C GLY S 154 -33.51 105.12 7.75
N SER S 155 -33.29 103.87 8.14
CA SER S 155 -31.98 103.37 8.52
C SER S 155 -31.68 102.15 7.67
N GLY S 156 -30.59 102.20 6.92
CA GLY S 156 -30.26 101.09 6.06
C GLY S 156 -29.79 99.85 6.79
N ALA S 157 -29.64 99.90 8.10
CA ALA S 157 -29.17 98.76 8.85
C ALA S 157 -30.26 97.70 8.97
N ALA S 158 -29.87 96.54 9.48
CA ALA S 158 -30.83 95.48 9.75
C ALA S 158 -31.74 95.89 10.90
N THR S 159 -33.04 95.61 10.75
CA THR S 159 -34.00 96.11 11.72
C THR S 159 -33.89 95.36 13.04
N ASN S 160 -33.72 94.04 13.01
CA ASN S 160 -33.63 93.25 14.22
C ASN S 160 -32.26 92.58 14.31
N GLY S 161 -32.10 91.71 15.30
CA GLY S 161 -30.84 91.04 15.54
C GLY S 161 -30.80 89.66 14.92
N PHE S 162 -29.96 88.80 15.49
CA PHE S 162 -29.83 87.42 15.07
C PHE S 162 -30.57 86.46 15.98
N GLU S 163 -30.42 86.61 17.29
CA GLU S 163 -31.18 85.83 18.26
C GLU S 163 -32.68 86.06 18.09
N ASP S 164 -33.03 87.17 17.47
CA ASP S 164 -34.42 87.61 17.37
C ASP S 164 -35.26 86.67 16.53
N ALA S 165 -34.69 86.09 15.48
CA ALA S 165 -35.46 85.24 14.58
C ALA S 165 -35.96 83.98 15.25
N LEU S 166 -35.44 83.64 16.43
CA LEU S 166 -35.98 82.54 17.21
C LEU S 166 -37.42 82.79 17.63
N ASN S 167 -37.88 84.03 17.56
CA ASN S 167 -39.23 84.39 18.00
C ASN S 167 -40.26 84.41 16.88
N ALA S 168 -39.87 84.12 15.65
CA ALA S 168 -40.81 84.19 14.55
C ALA S 168 -41.51 82.84 14.37
N ASP S 169 -42.50 82.84 13.49
CA ASP S 169 -43.03 81.58 12.99
C ASP S 169 -42.53 81.24 11.60
N LEU S 170 -42.10 82.23 10.82
CA LEU S 170 -41.88 82.04 9.40
C LEU S 170 -40.59 82.71 8.92
N ILE S 171 -39.45 82.32 9.49
CA ILE S 171 -38.18 82.71 8.89
C ILE S 171 -38.26 82.49 7.39
N LEU S 172 -37.99 83.53 6.62
CA LEU S 172 -38.08 83.46 5.17
C LEU S 172 -36.71 83.83 4.61
N ILE S 173 -35.85 82.82 4.46
CA ILE S 173 -34.57 83.06 3.79
C ILE S 173 -34.85 83.32 2.33
N TRP S 174 -34.20 84.33 1.77
CA TRP S 174 -34.45 84.71 0.40
C TRP S 174 -33.12 84.95 -0.30
N GLY S 175 -32.76 84.05 -1.20
CA GLY S 175 -31.57 84.24 -2.01
C GLY S 175 -30.33 84.40 -1.19
N SER S 176 -30.21 83.64 -0.11
CA SER S 176 -29.10 83.78 0.83
C SER S 176 -28.39 82.45 0.97
N ASN S 177 -27.06 82.51 0.95
CA ASN S 177 -26.23 81.38 1.36
C ASN S 177 -25.76 81.62 2.79
N ALA S 178 -26.73 81.64 3.70
CA ALA S 178 -26.46 82.09 5.06
C ALA S 178 -25.63 81.10 5.85
N VAL S 179 -25.46 79.88 5.36
CA VAL S 179 -24.63 78.91 6.06
C VAL S 179 -23.25 78.82 5.44
N GLU S 180 -23.09 79.20 4.18
CA GLU S 180 -21.77 79.32 3.60
C GLU S 180 -21.09 80.60 4.06
N ALA S 181 -21.78 81.72 3.94
CA ALA S 181 -21.34 82.98 4.49
C ALA S 181 -22.24 83.32 5.67
N HIS S 182 -21.64 83.76 6.77
CA HIS S 182 -22.30 83.94 8.06
C HIS S 182 -22.81 82.64 8.65
N PRO S 183 -21.98 81.61 8.77
CA PRO S 183 -22.47 80.34 9.33
C PRO S 183 -23.07 80.46 10.71
N LEU S 184 -22.60 81.37 11.55
CA LEU S 184 -23.21 81.47 12.86
C LEU S 184 -24.36 82.46 12.88
N ALA S 185 -24.72 83.03 11.74
CA ALA S 185 -26.06 83.56 11.59
C ALA S 185 -27.01 82.45 11.13
N GLY S 186 -26.52 81.54 10.29
CA GLY S 186 -27.35 80.39 9.91
C GLY S 186 -27.57 79.40 11.04
N ARG S 187 -26.72 79.44 12.05
CA ARG S 187 -26.99 78.66 13.25
C ARG S 187 -28.34 78.98 13.85
N ARG S 188 -28.78 80.24 13.74
CA ARG S 188 -30.10 80.60 14.21
C ARG S 188 -31.19 79.88 13.44
N ILE S 189 -31.00 79.72 12.13
CA ILE S 189 -31.94 78.94 11.33
C ILE S 189 -31.97 77.49 11.80
N ALA S 190 -30.80 76.93 12.10
CA ALA S 190 -30.76 75.56 12.59
C ALA S 190 -31.51 75.43 13.92
N GLN S 191 -31.27 76.36 14.84
CA GLN S 191 -31.96 76.34 16.12
C GLN S 191 -33.47 76.52 15.93
N ALA S 192 -33.87 77.38 15.01
CA ALA S 192 -35.28 77.60 14.77
C ALA S 192 -35.96 76.34 14.24
N LYS S 193 -35.33 75.66 13.28
CA LYS S 193 -35.99 74.46 12.77
C LYS S 193 -36.02 73.38 13.84
N LYS S 194 -35.02 73.34 14.72
CA LYS S 194 -35.08 72.42 15.85
C LYS S 194 -36.25 72.78 16.76
N LYS S 195 -36.53 74.07 16.92
CA LYS S 195 -37.71 74.51 17.67
C LYS S 195 -39.00 74.34 16.90
N GLY S 196 -38.96 73.98 15.63
CA GLY S 196 -40.18 73.81 14.88
C GLY S 196 -40.77 75.12 14.38
N ILE S 197 -40.00 75.85 13.58
CA ILE S 197 -40.44 77.12 13.02
C ILE S 197 -40.49 76.96 11.50
N GLN S 198 -41.59 77.43 10.91
CA GLN S 198 -41.72 77.36 9.46
C GLN S 198 -40.59 78.14 8.82
N ILE S 199 -39.91 77.52 7.86
CA ILE S 199 -38.78 78.13 7.19
C ILE S 199 -38.96 77.93 5.70
N ILE S 200 -38.90 79.01 4.95
CA ILE S 200 -39.06 78.98 3.51
C ILE S 200 -37.83 79.58 2.88
N ALA S 201 -37.11 78.80 2.10
CA ALA S 201 -35.96 79.29 1.36
C ALA S 201 -36.36 79.53 -0.09
N VAL S 202 -35.76 80.56 -0.69
CA VAL S 202 -36.15 80.97 -2.03
C VAL S 202 -34.96 81.18 -2.95
N ASP S 203 -33.79 80.65 -2.63
CA ASP S 203 -32.62 80.88 -3.49
C ASP S 203 -32.80 80.25 -4.87
N PRO S 204 -32.13 80.78 -5.89
CA PRO S 204 -32.14 80.11 -7.20
C PRO S 204 -31.52 78.72 -7.22
N ARG S 205 -30.60 78.40 -6.32
CA ARG S 205 -29.96 77.09 -6.32
C ARG S 205 -30.10 76.43 -4.95
N TYR S 206 -30.13 75.11 -4.96
CA TYR S 206 -30.40 74.31 -3.76
C TYR S 206 -29.16 74.34 -2.88
N THR S 207 -29.07 75.36 -2.05
CA THR S 207 -27.89 75.54 -1.22
C THR S 207 -28.03 74.81 0.12
N MET S 208 -26.92 74.78 0.85
CA MET S 208 -26.91 74.07 2.11
C MET S 208 -27.71 74.79 3.18
N THR S 209 -28.05 76.06 2.96
CA THR S 209 -29.04 76.73 3.80
C THR S 209 -30.45 76.51 3.29
N ALA S 210 -30.61 76.09 2.05
CA ALA S 210 -31.93 75.69 1.56
C ALA S 210 -32.26 74.26 1.96
N ARG S 211 -31.28 73.49 2.38
CA ARG S 211 -31.58 72.18 2.95
C ARG S 211 -32.39 72.30 4.23
N LEU S 212 -32.08 73.29 5.06
CA LEU S 212 -32.74 73.45 6.36
C LEU S 212 -34.21 73.82 6.24
N ALA S 213 -34.68 74.23 5.07
CA ALA S 213 -35.98 74.84 4.93
C ALA S 213 -37.07 73.80 4.70
N ASP S 214 -38.25 74.10 5.25
CA ASP S 214 -39.42 73.26 5.01
C ASP S 214 -39.87 73.35 3.54
N THR S 215 -39.92 74.55 2.99
CA THR S 215 -40.22 74.74 1.58
C THR S 215 -39.01 75.35 0.90
N TYR S 216 -38.69 74.85 -0.29
CA TYR S 216 -37.64 75.43 -1.11
C TYR S 216 -38.23 75.79 -2.46
N VAL S 217 -37.88 76.97 -2.97
CA VAL S 217 -38.49 77.50 -4.18
C VAL S 217 -37.38 77.94 -5.14
N ARG S 218 -37.32 77.29 -6.30
CA ARG S 218 -36.49 77.77 -7.40
C ARG S 218 -37.13 78.99 -8.06
N PHE S 219 -36.31 79.92 -8.50
CA PHE S 219 -36.75 80.89 -9.47
C PHE S 219 -35.61 81.21 -10.42
N ASN S 220 -35.95 81.68 -11.60
CA ASN S 220 -34.95 82.04 -12.58
C ASN S 220 -34.10 83.19 -12.04
N PRO S 221 -32.79 83.11 -12.12
CA PRO S 221 -31.95 84.16 -11.51
C PRO S 221 -32.25 85.53 -12.10
N SER S 222 -32.11 86.55 -11.26
CA SER S 222 -32.39 87.95 -11.61
C SER S 222 -33.88 88.17 -11.87
N THR S 223 -34.71 87.65 -10.96
CA THR S 223 -36.16 87.86 -11.05
C THR S 223 -36.79 88.17 -9.69
N HIS S 224 -36.00 88.66 -8.75
CA HIS S 224 -36.53 88.93 -7.41
C HIS S 224 -37.68 89.92 -7.47
N ILE S 225 -37.55 90.95 -8.31
CA ILE S 225 -38.61 91.95 -8.42
C ILE S 225 -39.90 91.30 -8.88
N ALA S 226 -39.83 90.44 -9.89
CA ALA S 226 -41.04 89.81 -10.41
C ALA S 226 -41.66 88.88 -9.37
N LEU S 227 -40.84 88.07 -8.70
CA LEU S 227 -41.39 87.15 -7.72
C LEU S 227 -42.03 87.88 -6.55
N ALA S 228 -41.34 88.89 -6.01
CA ALA S 228 -41.90 89.65 -4.90
C ALA S 228 -43.13 90.43 -5.33
N ASN S 229 -43.15 90.94 -6.56
CA ASN S 229 -44.34 91.62 -7.05
C ASN S 229 -45.52 90.67 -7.11
N SER S 230 -45.30 89.44 -7.55
CA SER S 230 -46.39 88.47 -7.56
C SER S 230 -46.89 88.17 -6.15
N MET S 231 -45.96 87.97 -5.22
CA MET S 231 -46.36 87.66 -3.85
C MET S 231 -47.18 88.79 -3.25
N MET S 232 -46.75 90.03 -3.46
CA MET S 232 -47.54 91.15 -2.97
C MET S 232 -48.86 91.29 -3.71
N TYR S 233 -48.92 90.90 -4.98
CA TYR S 233 -50.20 90.91 -5.66
C TYR S 233 -51.19 89.98 -5.00
N TRP S 234 -50.76 88.78 -4.65
CA TRP S 234 -51.70 87.86 -4.03
C TRP S 234 -52.07 88.31 -2.62
N ILE S 235 -51.11 88.84 -1.88
CA ILE S 235 -51.41 89.37 -0.54
C ILE S 235 -52.48 90.45 -0.64
N ILE S 236 -52.31 91.38 -1.57
CA ILE S 236 -53.31 92.43 -1.76
C ILE S 236 -54.63 91.84 -2.21
N LYS S 237 -54.59 90.88 -3.13
CA LYS S 237 -55.81 90.39 -3.76
C LYS S 237 -56.71 89.69 -2.75
N GLU S 238 -56.13 88.89 -1.87
CA GLU S 238 -56.93 88.26 -0.84
C GLU S 238 -57.01 89.09 0.44
N GLY S 239 -56.37 90.26 0.46
CA GLY S 239 -56.54 91.17 1.58
C GLY S 239 -55.99 90.68 2.90
N LEU S 240 -54.80 90.10 2.88
CA LEU S 240 -54.09 89.74 4.11
C LEU S 240 -53.11 90.81 4.54
N GLU S 241 -53.10 91.95 3.87
CA GLU S 241 -52.35 93.11 4.31
C GLU S 241 -52.77 93.52 5.71
N ASP S 242 -51.94 94.33 6.35
CA ASP S 242 -52.17 94.78 7.72
C ASP S 242 -52.74 96.19 7.66
N LYS S 243 -54.02 96.33 7.94
CA LYS S 243 -54.69 97.61 7.74
C LYS S 243 -54.24 98.66 8.75
N LYS S 244 -54.17 98.30 10.04
CA LYS S 244 -53.75 99.29 11.02
C LYS S 244 -52.33 99.75 10.73
N PHE S 245 -51.45 98.81 10.41
CA PHE S 245 -50.07 99.15 10.12
C PHE S 245 -49.97 100.04 8.89
N ILE S 246 -50.63 99.66 7.80
CA ILE S 246 -50.51 100.43 6.57
C ILE S 246 -51.12 101.81 6.75
N GLN S 247 -52.23 101.90 7.47
CA GLN S 247 -52.90 103.18 7.63
C GLN S 247 -52.19 104.08 8.63
N ASP S 248 -51.36 103.51 9.50
CA ASP S 248 -50.75 104.27 10.57
C ASP S 248 -49.28 104.61 10.32
N ARG S 249 -48.51 103.69 9.75
CA ARG S 249 -47.06 103.82 9.70
C ARG S 249 -46.46 103.68 8.33
N VAL S 250 -47.27 103.54 7.27
CA VAL S 250 -46.74 103.28 5.95
C VAL S 250 -47.42 104.20 4.95
N ASN S 251 -46.71 104.55 3.87
CA ASN S 251 -47.21 105.47 2.88
C ASN S 251 -46.80 105.01 1.48
N GLY S 252 -47.70 105.20 0.50
CA GLY S 252 -47.45 104.80 -0.86
C GLY S 252 -48.27 103.62 -1.36
N PHE S 253 -49.31 103.23 -0.63
CA PHE S 253 -50.00 101.97 -0.92
C PHE S 253 -50.65 101.99 -2.28
N GLU S 254 -51.19 103.14 -2.70
CA GLU S 254 -51.81 103.19 -4.02
C GLU S 254 -50.78 102.96 -5.12
N ASP S 255 -49.59 103.54 -4.96
CA ASP S 255 -48.53 103.32 -5.92
C ASP S 255 -48.15 101.86 -6.00
N LEU S 256 -48.02 101.20 -4.84
CA LEU S 256 -47.77 99.76 -4.84
C LEU S 256 -48.89 99.01 -5.54
N LYS S 257 -50.14 99.45 -5.34
CA LYS S 257 -51.29 98.80 -5.95
C LYS S 257 -51.17 98.78 -7.48
N LYS S 258 -51.05 99.97 -8.08
CA LYS S 258 -50.84 100.02 -9.53
C LYS S 258 -49.66 99.17 -9.94
N THR S 259 -48.52 99.31 -9.27
CA THR S 259 -47.31 98.70 -9.79
C THR S 259 -47.43 97.18 -9.80
N VAL S 260 -48.01 96.60 -8.75
CA VAL S 260 -48.05 95.15 -8.67
C VAL S 260 -49.22 94.52 -9.41
N GLU S 261 -50.28 95.29 -9.73
CA GLU S 261 -51.42 94.57 -10.30
C GLU S 261 -51.13 93.97 -11.68
N ASN S 262 -49.93 94.10 -12.23
CA ASN S 262 -49.58 93.49 -13.51
C ASN S 262 -48.77 92.21 -13.34
N TYR S 263 -48.83 91.58 -12.18
CA TYR S 263 -48.01 90.41 -11.91
C TYR S 263 -48.87 89.26 -11.40
N ALA S 264 -50.06 89.09 -11.96
CA ALA S 264 -50.88 87.93 -11.63
C ALA S 264 -50.19 86.64 -12.08
N ASP S 265 -49.81 86.58 -13.36
CA ASP S 265 -49.16 85.42 -13.94
C ASP S 265 -47.77 85.85 -14.39
N ALA S 266 -46.77 85.58 -13.56
CA ALA S 266 -45.39 85.90 -13.89
C ALA S 266 -44.53 84.66 -14.04
N GLU S 267 -45.15 83.49 -14.26
CA GLU S 267 -44.38 82.27 -14.48
C GLU S 267 -43.44 82.41 -15.67
N ALA S 268 -43.77 83.30 -16.60
CA ALA S 268 -42.86 83.57 -17.72
C ALA S 268 -41.53 84.11 -17.21
N ILE S 269 -41.56 85.03 -16.25
CA ILE S 269 -40.33 85.66 -15.79
C ILE S 269 -39.62 84.78 -14.78
N HIS S 270 -40.26 84.55 -13.64
CA HIS S 270 -39.73 83.64 -12.63
C HIS S 270 -40.32 82.26 -12.83
N GLY S 271 -39.56 81.24 -12.47
CA GLY S 271 -40.02 79.91 -12.78
C GLY S 271 -41.08 79.35 -11.87
N VAL S 272 -41.56 80.12 -10.91
CA VAL S 272 -42.38 79.57 -9.82
C VAL S 272 -43.82 79.41 -10.28
N PRO S 273 -44.40 78.20 -10.16
CA PRO S 273 -45.82 78.05 -10.48
C PRO S 273 -46.71 78.83 -9.56
N LEU S 274 -47.89 79.20 -10.08
CA LEU S 274 -48.82 80.02 -9.31
C LEU S 274 -49.24 79.35 -8.01
N ASP S 275 -49.27 78.02 -8.01
CA ASP S 275 -49.62 77.31 -6.78
C ASP S 275 -48.57 77.55 -5.70
N VAL S 276 -47.29 77.45 -6.05
CA VAL S 276 -46.23 77.67 -5.08
C VAL S 276 -46.18 79.14 -4.66
N VAL S 277 -46.43 80.04 -5.61
CA VAL S 277 -46.45 81.46 -5.27
C VAL S 277 -47.53 81.74 -4.24
N LYS S 278 -48.74 81.24 -4.47
CA LYS S 278 -49.80 81.45 -3.50
C LYS S 278 -49.45 80.81 -2.17
N ASP S 279 -48.84 79.63 -2.20
CA ASP S 279 -48.47 78.97 -0.95
C ASP S 279 -47.55 79.85 -0.12
N ILE S 280 -46.45 80.32 -0.70
CA ILE S 280 -45.51 81.10 0.09
C ILE S 280 -46.12 82.45 0.47
N ALA S 281 -46.86 83.07 -0.44
CA ALA S 281 -47.45 84.37 -0.15
C ALA S 281 -48.43 84.29 1.01
N PHE S 282 -49.29 83.29 1.02
CA PHE S 282 -50.28 83.19 2.08
C PHE S 282 -49.67 82.72 3.38
N ARG S 283 -48.67 81.84 3.34
CA ARG S 283 -47.98 81.49 4.58
C ARG S 283 -47.33 82.72 5.19
N TYR S 284 -46.71 83.56 4.36
CA TYR S 284 -46.06 84.76 4.88
C TYR S 284 -47.07 85.75 5.42
N ALA S 285 -48.13 86.01 4.67
CA ALA S 285 -49.13 86.98 5.11
C ALA S 285 -49.92 86.50 6.31
N LYS S 286 -50.07 85.18 6.49
CA LYS S 286 -50.82 84.64 7.61
C LYS S 286 -49.97 84.48 8.86
N ALA S 287 -48.67 84.26 8.71
CA ALA S 287 -47.79 84.22 9.87
C ALA S 287 -47.92 85.52 10.65
N LYS S 288 -48.05 85.39 11.97
CA LYS S 288 -48.21 86.59 12.79
C LYS S 288 -46.90 87.36 12.90
N ASN S 289 -45.79 86.65 13.04
CA ASN S 289 -44.47 87.26 13.18
C ASN S 289 -43.53 86.56 12.21
N ALA S 290 -43.18 87.23 11.11
CA ALA S 290 -42.36 86.63 10.07
C ALA S 290 -41.16 87.52 9.79
N VAL S 291 -39.98 86.91 9.68
CA VAL S 291 -38.73 87.63 9.51
C VAL S 291 -38.15 87.26 8.15
N ILE S 292 -37.68 88.27 7.43
CA ILE S 292 -37.04 88.10 6.12
C ILE S 292 -35.54 88.23 6.30
N ILE S 293 -34.79 87.28 5.75
CA ILE S 293 -33.33 87.32 5.76
C ILE S 293 -32.88 87.44 4.31
N TYR S 294 -32.21 88.53 3.99
CA TYR S 294 -31.85 88.84 2.61
C TYR S 294 -30.34 88.74 2.43
N CYS S 295 -29.91 88.21 1.29
CA CYS S 295 -28.50 88.20 0.91
C CYS S 295 -28.36 87.93 -0.58
N THR S 305 -30.54 97.32 -5.22
CA THR S 305 -31.27 98.53 -4.77
C THR S 305 -32.76 98.24 -4.84
N ASP S 306 -33.26 97.94 -6.02
CA ASP S 306 -34.68 97.59 -6.22
C ASP S 306 -34.93 96.30 -5.47
N ASN S 307 -33.94 95.41 -5.47
CA ASN S 307 -34.11 94.10 -4.81
C ASN S 307 -34.36 94.29 -3.32
N VAL S 308 -33.69 95.22 -2.63
CA VAL S 308 -33.90 95.34 -1.16
C VAL S 308 -35.17 96.19 -0.88
N ARG S 309 -35.51 97.15 -1.72
CA ARG S 309 -36.74 97.89 -1.55
C ARG S 309 -37.96 97.02 -1.76
N SER S 310 -37.86 95.97 -2.58
CA SER S 310 -38.97 95.03 -2.67
C SER S 310 -39.15 94.27 -1.37
N MET S 311 -38.06 93.93 -0.70
CA MET S 311 -38.16 93.32 0.62
C MET S 311 -38.80 94.26 1.62
N GLY S 312 -38.40 95.53 1.59
CA GLY S 312 -39.05 96.52 2.43
C GLY S 312 -40.52 96.61 2.11
N ASN S 313 -40.88 96.52 0.84
CA ASN S 313 -42.28 96.51 0.44
C ASN S 313 -43.02 95.36 1.09
N LEU S 314 -42.43 94.17 1.05
CA LEU S 314 -43.10 93.00 1.63
C LEU S 314 -43.31 93.19 3.13
N ALA S 315 -42.25 93.57 3.85
CA ALA S 315 -42.36 93.71 5.29
C ALA S 315 -43.36 94.78 5.68
N LEU S 316 -43.33 95.93 4.99
CA LEU S 316 -44.29 96.98 5.29
C LEU S 316 -45.71 96.56 4.93
N LEU S 317 -45.87 95.81 3.84
CA LEU S 317 -47.20 95.40 3.41
C LEU S 317 -47.82 94.46 4.40
N THR S 318 -47.03 93.56 4.98
CA THR S 318 -47.56 92.65 5.98
C THR S 318 -47.41 93.17 7.39
N GLY S 319 -46.93 94.41 7.57
CA GLY S 319 -46.79 94.97 8.89
C GLY S 319 -45.79 94.26 9.75
N ASN S 320 -44.75 93.72 9.14
CA ASN S 320 -43.75 92.91 9.84
C ASN S 320 -42.48 93.71 10.13
N VAL S 321 -42.56 94.77 10.93
CA VAL S 321 -41.34 95.56 11.12
C VAL S 321 -40.93 95.78 12.57
N GLY S 322 -41.72 96.52 13.33
CA GLY S 322 -41.23 97.06 14.59
C GLY S 322 -41.52 96.27 15.83
N ARG S 323 -40.94 95.08 15.99
CA ARG S 323 -41.41 94.20 17.04
C ARG S 323 -40.42 93.06 17.19
N GLU S 324 -40.48 92.37 18.33
CA GLU S 324 -39.67 91.17 18.51
C GLU S 324 -40.11 90.06 17.58
N GLY S 325 -39.15 89.30 17.08
CA GLY S 325 -39.43 88.16 16.22
C GLY S 325 -39.83 88.49 14.81
N VAL S 326 -39.40 89.62 14.29
CA VAL S 326 -39.88 90.03 12.98
C VAL S 326 -38.78 90.88 12.32
N GLY S 327 -39.02 91.37 11.13
CA GLY S 327 -38.16 92.38 10.54
C GLY S 327 -37.48 91.92 9.26
N VAL S 328 -36.45 92.68 8.89
CA VAL S 328 -35.64 92.41 7.69
C VAL S 328 -34.18 92.46 8.11
N ASN S 329 -33.42 91.43 7.78
CA ASN S 329 -32.02 91.31 8.21
C ASN S 329 -31.13 91.06 7.01
N PRO S 330 -30.76 92.10 6.27
CA PRO S 330 -29.78 91.91 5.18
C PRO S 330 -28.39 91.68 5.75
N LEU S 331 -27.79 90.57 5.35
CA LEU S 331 -26.49 90.16 5.87
C LEU S 331 -25.37 90.88 5.15
N ARG S 332 -24.38 91.36 5.91
CA ARG S 332 -23.41 92.31 5.35
C ARG S 332 -22.28 91.62 4.60
N GLY S 333 -21.46 90.83 5.30
CA GLY S 333 -20.42 90.06 4.66
C GLY S 333 -19.00 90.46 5.03
N GLN S 334 -18.75 91.71 5.37
CA GLN S 334 -17.43 92.15 5.80
C GLN S 334 -17.49 92.45 7.29
N ASN S 335 -16.34 92.29 7.96
CA ASN S 335 -16.38 92.31 9.42
C ASN S 335 -16.77 93.67 9.97
N ASN S 336 -16.36 94.75 9.32
CA ASN S 336 -16.64 96.07 9.83
C ASN S 336 -17.19 97.01 8.76
N VAL S 337 -17.94 96.46 7.81
CA VAL S 337 -18.57 97.31 6.81
C VAL S 337 -19.59 98.24 7.44
N GLN S 338 -20.41 97.70 8.36
CA GLN S 338 -21.34 98.53 9.09
C GLN S 338 -20.61 99.59 9.89
N GLY S 339 -19.50 99.21 10.53
CA GLY S 339 -18.76 100.17 11.34
C GLY S 339 -18.15 101.28 10.52
N ALA S 340 -17.61 100.96 9.35
CA ALA S 340 -17.05 102.00 8.50
C ALA S 340 -18.13 102.96 8.03
N CYS S 341 -19.27 102.44 7.60
CA CYS S 341 -20.36 103.33 7.19
C CYS S 341 -20.82 104.18 8.37
N ASP S 342 -20.88 103.60 9.57
CA ASP S 342 -21.29 104.36 10.75
C ASP S 342 -20.31 105.47 11.05
N MET S 343 -19.01 105.17 11.00
CA MET S 343 -17.99 106.16 11.31
C MET S 343 -17.96 107.26 10.28
N GLY S 344 -18.44 107.01 9.07
CA GLY S 344 -18.60 108.11 8.16
C GLY S 344 -17.56 108.10 7.07
N ALA S 345 -17.24 106.91 6.60
CA ALA S 345 -16.33 106.72 5.49
C ALA S 345 -17.07 106.66 4.17
N TYR S 346 -18.16 107.39 4.04
CA TYR S 346 -18.87 107.62 2.81
C TYR S 346 -18.73 109.05 2.36
N PRO S 347 -18.94 109.32 1.08
CA PRO S 347 -18.87 110.71 0.61
C PRO S 347 -19.90 111.63 1.21
N ASN S 348 -21.09 111.14 1.56
CA ASN S 348 -22.19 112.02 1.87
C ASN S 348 -22.52 112.12 3.36
N VAL S 349 -22.02 111.23 4.20
CA VAL S 349 -22.38 111.22 5.61
C VAL S 349 -21.16 111.53 6.45
N TYR S 350 -21.36 112.31 7.51
CA TYR S 350 -20.26 112.63 8.41
C TYR S 350 -19.99 111.49 9.37
N SER S 351 -20.97 111.15 10.21
CA SER S 351 -20.82 110.07 11.16
C SER S 351 -22.18 109.82 11.79
N GLY S 352 -22.49 108.54 12.03
CA GLY S 352 -23.85 108.21 12.44
C GLY S 352 -24.88 108.60 11.40
N TYR S 353 -24.48 108.59 10.13
CA TYR S 353 -25.36 108.95 9.01
C TYR S 353 -25.90 110.36 9.14
N GLN S 354 -25.06 111.29 9.59
CA GLN S 354 -25.39 112.71 9.54
C GLN S 354 -25.02 113.21 8.15
N LYS S 355 -26.03 113.52 7.34
CA LYS S 355 -25.78 113.98 5.98
C LYS S 355 -24.98 115.28 5.99
N CYS S 356 -24.10 115.42 5.00
CA CYS S 356 -23.35 116.65 4.81
C CYS S 356 -24.11 117.66 3.96
N GLU S 357 -25.24 117.26 3.38
CA GLU S 357 -26.06 118.18 2.61
C GLU S 357 -26.78 119.19 3.47
N VAL S 358 -26.83 118.98 4.78
CA VAL S 358 -27.59 119.84 5.68
C VAL S 358 -26.64 120.71 6.49
N ALA S 359 -26.80 122.02 6.32
CA ALA S 359 -25.91 123.00 6.93
C ALA S 359 -25.93 122.89 8.45
N GLU S 360 -26.99 122.33 9.01
CA GLU S 360 -27.09 122.22 10.46
C GLU S 360 -25.92 121.42 11.03
N ASN S 361 -25.85 120.13 10.67
CA ASN S 361 -24.75 119.34 11.20
C ASN S 361 -23.45 119.64 10.47
N ARG S 362 -23.49 120.27 9.30
CA ARG S 362 -22.23 120.76 8.74
C ARG S 362 -21.58 121.78 9.68
N ALA S 363 -22.37 122.75 10.15
CA ALA S 363 -21.84 123.72 11.10
C ALA S 363 -21.53 123.08 12.43
N LYS S 364 -22.28 122.06 12.84
CA LYS S 364 -21.93 121.35 14.06
C LYS S 364 -20.58 120.68 13.94
N MET S 365 -20.29 120.07 12.79
CA MET S 365 -18.97 119.50 12.55
C MET S 365 -17.90 120.58 12.62
N GLU S 366 -18.15 121.72 11.98
CA GLU S 366 -17.17 122.80 12.00
C GLU S 366 -16.86 123.23 13.42
N LYS S 367 -17.89 123.46 14.23
CA LYS S 367 -17.66 123.88 15.60
C LYS S 367 -16.94 122.82 16.41
N ALA S 368 -17.33 121.55 16.25
CA ALA S 368 -16.74 120.50 17.07
C ALA S 368 -15.29 120.25 16.69
N TRP S 369 -14.98 120.27 15.39
CA TRP S 369 -13.65 119.95 14.91
C TRP S 369 -12.74 121.16 14.84
N SER S 370 -13.26 122.36 15.11
CA SER S 370 -12.46 123.59 15.10
C SER S 370 -11.87 123.85 13.71
N VAL S 371 -12.69 123.61 12.69
CA VAL S 371 -12.32 123.79 11.30
C VAL S 371 -13.46 124.51 10.61
N THR S 372 -13.17 125.12 9.46
CA THR S 372 -14.12 125.98 8.78
C THR S 372 -14.30 125.55 7.33
N ASN S 373 -15.46 125.89 6.78
CA ASN S 373 -15.75 125.70 5.36
C ASN S 373 -15.63 124.24 4.93
N LEU S 374 -16.46 123.40 5.55
CA LEU S 374 -16.53 122.01 5.16
C LEU S 374 -17.15 121.90 3.77
N PRO S 375 -16.79 120.87 2.99
CA PRO S 375 -17.08 120.88 1.54
C PRO S 375 -18.55 121.02 1.19
N ASP S 376 -19.37 120.07 1.64
CA ASP S 376 -20.80 119.86 1.45
C ASP S 376 -21.17 119.23 0.10
N TRP S 377 -20.23 119.03 -0.81
CA TRP S 377 -20.58 118.43 -2.09
C TRP S 377 -20.46 116.92 -2.00
N TYR S 378 -21.20 116.24 -2.86
CA TYR S 378 -21.20 114.78 -2.85
C TYR S 378 -19.87 114.30 -3.40
N GLY S 379 -19.13 113.54 -2.60
CA GLY S 379 -17.80 113.12 -2.99
C GLY S 379 -17.78 112.14 -4.14
N ALA S 380 -16.67 111.45 -4.30
CA ALA S 380 -16.50 110.47 -5.36
C ALA S 380 -16.37 109.09 -4.74
N THR S 381 -17.19 108.16 -5.20
CA THR S 381 -17.14 106.80 -4.70
C THR S 381 -15.89 106.10 -5.24
N LEU S 382 -15.72 104.81 -4.93
CA LEU S 382 -14.51 104.11 -5.34
C LEU S 382 -14.36 104.12 -6.85
N THR S 383 -15.38 103.64 -7.56
CA THR S 383 -15.27 103.54 -9.00
C THR S 383 -15.23 104.92 -9.65
N GLU S 384 -15.94 105.89 -9.07
CA GLU S 384 -15.83 107.26 -9.56
C GLU S 384 -14.39 107.73 -9.53
N GLN S 385 -13.72 107.52 -8.39
CA GLN S 385 -12.32 107.92 -8.25
C GLN S 385 -11.44 107.19 -9.25
N ILE S 386 -11.59 105.87 -9.32
CA ILE S 386 -10.69 105.09 -10.17
C ILE S 386 -10.86 105.47 -11.63
N ASN S 387 -12.08 105.73 -12.07
CA ASN S 387 -12.29 106.15 -13.45
C ASN S 387 -11.74 107.54 -13.71
N GLN S 388 -11.88 108.47 -12.77
CA GLN S 388 -11.27 109.78 -12.94
C GLN S 388 -9.90 109.89 -12.29
N CYS S 389 -9.17 108.78 -12.22
CA CYS S 389 -7.90 108.72 -11.49
C CYS S 389 -6.77 109.50 -12.15
N GLY S 390 -6.94 110.00 -13.36
CA GLY S 390 -5.93 110.86 -13.92
C GLY S 390 -6.47 112.21 -14.32
N ASP S 391 -7.79 112.26 -14.57
CA ASP S 391 -8.39 113.45 -15.14
C ASP S 391 -8.35 114.61 -14.16
N GLU S 392 -8.81 114.41 -12.93
CA GLU S 392 -8.72 115.47 -11.93
C GLU S 392 -8.20 114.97 -10.59
N ILE S 393 -8.38 113.69 -10.29
CA ILE S 393 -7.82 113.12 -9.07
C ILE S 393 -6.38 112.69 -9.34
N LYS S 394 -5.48 113.06 -8.45
CA LYS S 394 -4.08 112.64 -8.53
C LYS S 394 -3.48 112.72 -7.15
N GLY S 395 -3.00 111.59 -6.65
CA GLY S 395 -2.68 111.50 -5.25
C GLY S 395 -3.78 110.76 -4.53
N MET S 396 -3.44 109.64 -3.89
CA MET S 396 -4.43 108.74 -3.35
C MET S 396 -3.87 108.03 -2.14
N TYR S 397 -4.58 108.01 -1.02
CA TYR S 397 -4.17 107.19 0.14
C TYR S 397 -5.11 105.99 0.14
N ILE S 398 -4.58 104.77 0.17
CA ILE S 398 -5.40 103.54 0.17
C ILE S 398 -5.16 102.85 1.51
N LEU S 399 -6.10 102.90 2.44
CA LEU S 399 -5.85 102.36 3.81
C LEU S 399 -5.72 100.85 3.91
N GLY S 400 -6.45 100.04 3.18
CA GLY S 400 -6.20 98.59 3.29
C GLY S 400 -6.65 97.83 2.07
N LEU S 401 -6.85 98.50 0.96
CA LEU S 401 -7.41 97.91 -0.24
C LEU S 401 -6.36 97.25 -1.12
N ASN S 402 -6.84 96.31 -1.93
CA ASN S 402 -6.06 95.69 -3.00
C ASN S 402 -6.89 95.82 -4.28
N PRO S 403 -7.03 97.04 -4.80
CA PRO S 403 -7.94 97.25 -5.93
C PRO S 403 -7.58 96.44 -7.17
N VAL S 404 -6.29 96.24 -7.43
CA VAL S 404 -5.90 95.53 -8.65
C VAL S 404 -6.41 94.10 -8.64
N VAL S 405 -6.57 93.52 -7.45
CA VAL S 405 -7.10 92.16 -7.35
C VAL S 405 -8.60 92.15 -7.12
N THR S 406 -9.17 93.23 -6.58
CA THR S 406 -10.58 93.19 -6.24
C THR S 406 -11.50 93.73 -7.33
N TYR S 407 -11.13 94.85 -7.95
CA TYR S 407 -12.03 95.43 -8.96
C TYR S 407 -12.05 94.56 -10.21
N PRO S 408 -13.18 94.54 -10.92
CA PRO S 408 -13.18 93.98 -12.28
C PRO S 408 -12.41 94.88 -13.24
N SER S 409 -11.95 94.27 -14.33
CA SER S 409 -11.04 94.91 -15.26
C SER S 409 -9.77 95.35 -14.55
N SER S 410 -9.06 94.36 -14.00
CA SER S 410 -7.85 94.61 -13.24
C SER S 410 -6.81 95.35 -14.07
N ASN S 411 -6.75 95.06 -15.37
CA ASN S 411 -5.79 95.74 -16.23
C ASN S 411 -6.15 97.22 -16.38
N HIS S 412 -7.44 97.53 -16.47
CA HIS S 412 -7.86 98.93 -16.47
C HIS S 412 -7.53 99.60 -15.14
N VAL S 413 -7.68 98.87 -14.04
CA VAL S 413 -7.31 99.42 -12.74
C VAL S 413 -5.83 99.74 -12.70
N LYS S 414 -5.00 98.84 -13.21
CA LYS S 414 -3.56 99.07 -13.24
C LYS S 414 -3.22 100.27 -14.10
N ALA S 415 -3.88 100.40 -15.25
CA ALA S 415 -3.62 101.56 -16.11
C ALA S 415 -3.96 102.85 -15.38
N GLN S 416 -5.12 102.89 -14.72
CA GLN S 416 -5.51 104.12 -14.03
C GLN S 416 -4.56 104.43 -12.88
N LEU S 417 -4.15 103.39 -12.13
CA LEU S 417 -3.26 103.62 -11.00
C LEU S 417 -1.88 104.08 -11.45
N GLU S 418 -1.38 103.56 -12.56
CA GLU S 418 -0.11 104.07 -13.07
C GLU S 418 -0.27 105.46 -13.69
N LYS S 419 -1.49 105.84 -14.09
CA LYS S 419 -1.72 107.23 -14.49
C LYS S 419 -1.70 108.19 -13.34
N LEU S 420 -1.33 107.75 -12.14
CA LEU S 420 -1.58 108.49 -10.92
C LEU S 420 -0.28 108.98 -10.30
N ASP S 421 -0.32 110.19 -9.77
CA ASP S 421 0.81 110.81 -9.08
C ASP S 421 0.71 110.52 -7.60
N PHE S 422 1.71 109.83 -7.05
CA PHE S 422 1.87 109.65 -5.61
C PHE S 422 0.69 108.90 -4.98
N LEU S 423 0.59 107.63 -5.34
CA LEU S 423 -0.20 106.69 -4.54
C LEU S 423 0.51 106.41 -3.22
N VAL S 424 -0.20 106.34 -2.08
CA VAL S 424 0.38 105.91 -0.77
C VAL S 424 -0.41 104.68 -0.34
N VAL S 425 0.19 103.59 0.09
CA VAL S 425 -0.61 102.39 0.41
C VAL S 425 -0.25 101.94 1.80
N GLN S 426 -1.22 101.72 2.68
CA GLN S 426 -0.92 101.18 4.01
C GLN S 426 -1.40 99.73 4.08
N ASP S 427 -0.53 98.75 4.24
CA ASP S 427 -1.04 97.37 4.37
C ASP S 427 -0.27 96.53 5.38
N ILE S 428 -0.77 95.36 5.76
CA ILE S 428 -0.02 94.42 6.57
C ILE S 428 0.80 93.46 5.73
N PHE S 429 0.51 93.34 4.44
CA PHE S 429 1.17 92.41 3.55
C PHE S 429 1.58 93.14 2.29
N PHE S 430 2.54 92.57 1.58
CA PHE S 430 2.95 93.14 0.29
C PHE S 430 2.01 92.60 -0.77
N THR S 431 1.01 93.40 -1.12
CA THR S 431 -0.01 92.98 -2.05
C THR S 431 0.43 93.26 -3.49
N GLU S 432 -0.49 93.13 -4.42
CA GLU S 432 -0.19 93.45 -5.82
C GLU S 432 -0.33 94.95 -6.08
N THR S 433 -1.22 95.62 -5.35
CA THR S 433 -1.38 97.05 -5.48
C THR S 433 -0.17 97.80 -4.95
N CYS S 434 0.65 97.13 -4.13
CA CYS S 434 1.79 97.80 -3.53
C CYS S 434 2.84 98.21 -4.56
N GLN S 435 3.02 97.44 -5.63
CA GLN S 435 4.05 97.80 -6.61
C GLN S 435 3.81 99.17 -7.19
N TYR S 436 2.57 99.63 -7.23
CA TYR S 436 2.28 100.91 -7.84
C TYR S 436 2.35 102.04 -6.85
N ALA S 437 2.60 101.74 -5.59
CA ALA S 437 2.71 102.75 -4.57
C ALA S 437 4.03 103.49 -4.69
N ASP S 438 4.05 104.72 -4.17
CA ASP S 438 5.30 105.43 -3.99
C ASP S 438 5.80 105.35 -2.56
N VAL S 439 4.90 105.21 -1.59
CA VAL S 439 5.25 104.98 -0.21
C VAL S 439 4.39 103.81 0.25
N ILE S 440 4.94 102.98 1.12
CA ILE S 440 4.19 101.88 1.70
C ILE S 440 4.37 101.95 3.21
N LEU S 441 3.29 102.22 3.91
CA LEU S 441 3.37 102.37 5.37
C LEU S 441 2.89 101.05 6.00
N PRO S 442 3.68 100.26 6.75
CA PRO S 442 3.23 99.00 7.33
C PRO S 442 2.17 99.23 8.39
N GLY S 443 1.26 98.26 8.49
CA GLY S 443 0.14 98.36 9.40
C GLY S 443 0.09 97.19 10.37
N ALA S 444 -0.91 97.25 11.24
CA ALA S 444 -1.16 96.20 12.21
C ALA S 444 -2.46 95.50 11.86
N CYS S 445 -2.56 94.22 12.24
CA CYS S 445 -3.76 93.46 11.99
C CYS S 445 -4.65 93.50 13.24
N PHE S 446 -5.70 92.69 13.23
CA PHE S 446 -6.68 92.72 14.30
C PHE S 446 -6.10 92.25 15.63
N ALA S 447 -5.02 91.48 15.60
CA ALA S 447 -4.41 91.02 16.83
C ALA S 447 -3.47 92.05 17.45
N GLU S 448 -3.13 93.10 16.73
CA GLU S 448 -2.34 94.19 17.28
C GLU S 448 -3.11 95.48 17.48
N LYS S 449 -4.25 95.64 16.82
CA LYS S 449 -5.06 96.82 17.08
C LYS S 449 -5.78 96.68 18.42
N ASP S 450 -6.41 97.77 18.84
CA ASP S 450 -7.17 97.79 20.09
C ASP S 450 -8.46 98.57 19.95
N GLY S 451 -9.18 98.38 18.86
CA GLY S 451 -10.36 99.17 18.57
C GLY S 451 -11.65 98.42 18.80
N THR S 452 -12.66 98.75 18.00
CA THR S 452 -13.95 98.07 18.01
C THR S 452 -14.36 97.70 16.61
N PHE S 453 -15.07 96.59 16.47
CA PHE S 453 -15.80 96.27 15.26
C PHE S 453 -17.28 96.55 15.48
N THR S 454 -18.05 96.54 14.39
CA THR S 454 -19.50 96.68 14.46
C THR S 454 -20.14 95.59 13.61
N SER S 455 -20.89 94.72 14.26
CA SER S 455 -21.50 93.60 13.58
C SER S 455 -22.53 94.07 12.56
N GLY S 456 -23.07 93.12 11.81
CA GLY S 456 -24.16 93.43 10.90
C GLY S 456 -25.47 93.67 11.61
N GLU S 457 -25.61 93.20 12.84
CA GLU S 457 -26.75 93.47 13.69
C GLU S 457 -26.56 94.72 14.54
N ARG S 458 -25.69 95.64 14.11
CA ARG S 458 -25.48 96.95 14.72
C ARG S 458 -24.79 96.87 16.08
N ARG S 459 -24.20 95.74 16.43
CA ARG S 459 -23.58 95.58 17.74
C ARG S 459 -22.11 95.97 17.70
N ILE S 460 -21.71 96.85 18.61
CA ILE S 460 -20.31 97.25 18.74
C ILE S 460 -19.60 96.27 19.66
N ASN S 461 -18.55 95.63 19.15
CA ASN S 461 -17.77 94.65 19.90
C ASN S 461 -16.36 95.16 20.06
N ARG S 462 -15.71 94.77 21.15
CA ARG S 462 -14.35 95.18 21.44
C ARG S 462 -13.35 94.27 20.74
N VAL S 463 -12.30 94.88 20.20
CA VAL S 463 -11.11 94.19 19.74
C VAL S 463 -9.99 94.50 20.73
N ARG S 464 -9.28 93.48 21.17
CA ARG S 464 -8.28 93.64 22.21
C ARG S 464 -6.91 93.30 21.67
N LYS S 465 -5.89 93.96 22.22
CA LYS S 465 -4.52 93.79 21.78
C LYS S 465 -3.95 92.50 22.38
N ALA S 466 -3.48 91.62 21.51
CA ALA S 466 -2.88 90.37 21.92
C ALA S 466 -1.36 90.42 21.87
N VAL S 467 -0.81 90.93 20.77
CA VAL S 467 0.63 90.97 20.56
C VAL S 467 0.99 92.35 20.03
N ASN S 468 2.27 92.57 19.83
CA ASN S 468 2.79 93.81 19.28
C ASN S 468 2.97 93.68 17.77
N PRO S 469 2.90 94.81 17.06
CA PRO S 469 3.14 94.76 15.62
C PRO S 469 4.53 94.22 15.32
N PRO S 470 4.71 93.54 14.19
CA PRO S 470 5.90 92.70 14.00
C PRO S 470 7.23 93.39 14.26
N GLY S 471 7.53 94.43 13.50
CA GLY S 471 8.77 95.15 13.69
C GLY S 471 8.53 96.61 14.02
N GLN S 472 8.79 97.46 13.04
CA GLN S 472 8.53 98.89 13.14
C GLN S 472 7.14 99.27 12.67
N ALA S 473 6.28 98.29 12.39
CA ALA S 473 4.93 98.58 11.96
C ALA S 473 4.14 99.22 13.09
N LYS S 474 3.20 100.08 12.72
CA LYS S 474 2.35 100.76 13.68
C LYS S 474 0.90 100.64 13.26
N GLU S 475 0.01 100.89 14.21
CA GLU S 475 -1.42 100.85 13.91
C GLU S 475 -1.88 102.19 13.34
N ASP S 476 -2.99 102.16 12.63
CA ASP S 476 -3.47 103.30 11.81
C ASP S 476 -3.80 104.58 12.56
N ILE S 477 -4.39 104.51 13.74
CA ILE S 477 -4.58 105.76 14.46
C ILE S 477 -3.22 106.43 14.69
N HIS S 478 -2.21 105.64 15.05
CA HIS S 478 -0.89 106.21 15.28
C HIS S 478 -0.31 106.78 13.99
N ILE S 479 -0.32 106.02 12.90
CA ILE S 479 0.17 106.55 11.59
C ILE S 479 -0.54 107.84 11.23
N ILE S 480 -1.88 107.87 11.24
CA ILE S 480 -2.60 109.06 10.76
C ILE S 480 -2.35 110.23 11.70
N SER S 481 -2.24 109.98 13.01
CA SER S 481 -1.93 111.06 13.91
C SER S 481 -0.55 111.62 13.64
N GLU S 482 0.43 110.76 13.37
CA GLU S 482 1.78 111.24 13.11
C GLU S 482 1.85 112.01 11.80
N LEU S 483 1.13 111.56 10.77
CA LEU S 483 1.07 112.29 9.51
C LEU S 483 0.39 113.64 9.69
N ALA S 484 -0.68 113.70 10.48
CA ALA S 484 -1.34 114.99 10.67
C ALA S 484 -0.49 115.94 11.49
N ALA S 485 0.27 115.41 12.45
CA ALA S 485 1.22 116.25 13.18
C ALA S 485 2.34 116.73 12.27
N LYS S 486 2.77 115.90 11.32
CA LYS S 486 3.73 116.35 10.33
C LYS S 486 3.16 117.48 9.48
N MET S 487 1.90 117.36 9.05
CA MET S 487 1.32 118.35 8.14
C MET S 487 0.76 119.56 8.86
N GLY S 488 0.74 119.55 10.20
CA GLY S 488 0.25 120.69 10.94
C GLY S 488 -1.26 120.76 10.96
N PHE S 489 -1.90 119.72 11.49
CA PHE S 489 -3.35 119.65 11.60
C PHE S 489 -3.73 119.51 13.06
N LYS S 490 -4.63 120.38 13.52
CA LYS S 490 -5.05 120.38 14.90
C LYS S 490 -6.28 119.49 15.07
N GLY S 491 -6.28 118.69 16.13
CA GLY S 491 -7.37 117.78 16.41
C GLY S 491 -7.00 116.31 16.35
N PHE S 492 -5.73 115.98 16.11
CA PHE S 492 -5.29 114.60 16.01
C PHE S 492 -4.31 114.27 17.14
N GLU S 493 -4.65 114.71 18.35
CA GLU S 493 -3.84 114.49 19.54
C GLU S 493 -4.34 113.30 20.33
N LEU S 494 -4.78 112.26 19.62
CA LEU S 494 -5.56 111.17 20.19
C LEU S 494 -4.65 109.96 20.33
N PRO S 495 -4.08 109.69 21.51
CA PRO S 495 -3.08 108.63 21.64
C PRO S 495 -3.66 107.23 21.73
N THR S 496 -4.95 107.08 21.95
CA THR S 496 -5.54 105.76 22.14
C THR S 496 -6.86 105.65 21.40
N ALA S 497 -7.25 104.39 21.17
CA ALA S 497 -8.56 104.11 20.59
C ALA S 497 -9.67 104.65 21.47
N LYS S 498 -9.46 104.71 22.79
CA LYS S 498 -10.47 105.31 23.64
C LYS S 498 -10.63 106.80 23.36
N ASP S 499 -9.52 107.51 23.15
CA ASP S 499 -9.65 108.94 22.85
C ASP S 499 -10.28 109.16 21.48
N VAL S 500 -9.94 108.32 20.50
CA VAL S 500 -10.62 108.41 19.20
C VAL S 500 -12.11 108.17 19.36
N TRP S 501 -12.47 107.14 20.14
CA TRP S 501 -13.87 106.83 20.35
C TRP S 501 -14.59 107.97 21.04
N ASP S 502 -13.96 108.60 22.03
CA ASP S 502 -14.62 109.70 22.73
C ASP S 502 -14.80 110.91 21.84
N ASP S 503 -13.84 111.20 20.97
CA ASP S 503 -14.05 112.27 20.00
C ASP S 503 -15.22 111.96 19.09
N MET S 504 -15.29 110.71 18.60
CA MET S 504 -16.41 110.34 17.75
C MET S 504 -17.73 110.48 18.49
N ARG S 505 -17.77 110.06 19.76
CA ARG S 505 -19.01 110.12 20.53
C ARG S 505 -19.44 111.56 20.76
N ALA S 506 -18.50 112.45 21.03
CA ALA S 506 -18.84 113.86 21.14
C ALA S 506 -19.45 114.36 19.85
N VAL S 507 -18.93 113.90 18.72
CA VAL S 507 -19.44 114.36 17.42
C VAL S 507 -20.85 113.84 17.17
N THR S 508 -21.08 112.54 17.37
CA THR S 508 -22.30 111.91 16.86
C THR S 508 -23.41 111.92 17.92
N PRO S 509 -24.66 112.19 17.51
CA PRO S 509 -25.78 112.15 18.46
C PRO S 509 -26.04 110.76 19.00
N SER S 510 -26.25 109.77 18.12
CA SER S 510 -26.27 108.39 18.58
C SER S 510 -24.85 107.97 18.92
N MET S 511 -24.71 106.74 19.40
CA MET S 511 -23.43 106.24 19.88
C MET S 511 -22.85 107.10 20.99
N PHE S 512 -23.60 108.06 21.51
CA PHE S 512 -23.11 108.85 22.63
C PHE S 512 -23.10 108.05 23.92
N GLY S 513 -23.93 107.01 24.01
CA GLY S 513 -23.94 106.20 25.20
C GLY S 513 -22.96 105.06 25.20
N ALA S 514 -22.28 104.80 24.07
CA ALA S 514 -21.44 103.62 23.93
C ALA S 514 -20.02 103.93 24.40
N THR S 515 -19.86 104.02 25.72
CA THR S 515 -18.56 104.19 26.32
C THR S 515 -17.84 102.84 26.41
N TYR S 516 -16.51 102.86 26.45
CA TYR S 516 -15.82 101.57 26.60
C TYR S 516 -16.10 100.88 27.91
N GLU S 517 -16.38 101.62 28.98
CA GLU S 517 -16.78 100.93 30.21
C GLU S 517 -18.05 100.14 30.00
N LYS S 518 -18.87 100.54 29.03
CA LYS S 518 -20.07 99.80 28.66
C LYS S 518 -19.81 98.75 27.60
N LEU S 519 -18.80 98.93 26.75
CA LEU S 519 -18.46 97.93 25.75
C LEU S 519 -17.62 96.80 26.31
N GLU S 520 -17.06 96.96 27.51
CA GLU S 520 -16.37 95.85 28.16
C GLU S 520 -17.32 94.75 28.57
N ARG S 521 -18.62 94.98 28.50
CA ARG S 521 -19.57 93.90 28.72
C ARG S 521 -19.49 92.93 27.55
N PRO S 522 -19.56 91.63 27.79
CA PRO S 522 -19.55 90.67 26.68
C PRO S 522 -20.72 90.85 25.74
N GLU S 523 -21.78 91.53 26.16
CA GLU S 523 -22.94 91.71 25.31
C GLU S 523 -22.71 92.76 24.23
N GLY S 524 -21.87 93.76 24.45
CA GLY S 524 -21.62 94.82 23.45
C GLY S 524 -22.72 95.86 23.51
N ILE S 525 -22.83 96.73 22.52
CA ILE S 525 -23.94 97.74 22.49
C ILE S 525 -24.48 97.83 21.06
N CYS S 526 -25.78 97.92 20.86
CA CYS S 526 -26.36 98.13 19.52
C CYS S 526 -26.34 99.62 19.18
N TRP S 527 -26.23 99.99 17.90
CA TRP S 527 -25.88 101.39 17.53
C TRP S 527 -26.80 102.53 17.92
N PRO S 528 -28.13 102.48 17.89
CA PRO S 528 -28.86 103.67 18.30
C PRO S 528 -28.81 103.63 19.83
N CYS S 529 -27.79 104.23 20.44
CA CYS S 529 -27.64 104.29 21.92
C CYS S 529 -27.41 105.75 22.28
N PRO S 530 -28.43 106.62 22.23
CA PRO S 530 -28.26 108.05 22.44
C PRO S 530 -27.84 108.61 23.80
N THR S 531 -28.01 107.87 24.89
CA THR S 531 -27.73 108.40 26.25
C THR S 531 -26.89 107.37 27.00
N GLU S 532 -26.22 107.75 28.08
CA GLU S 532 -25.29 106.82 28.76
C GLU S 532 -25.99 105.80 29.64
N GLU S 533 -27.27 105.96 29.95
CA GLU S 533 -28.00 104.93 30.67
C GLU S 533 -28.83 104.05 29.76
N HIS S 534 -28.96 104.43 28.49
CA HIS S 534 -29.68 103.63 27.51
C HIS S 534 -28.98 102.28 27.33
N PRO S 535 -29.73 101.17 27.34
CA PRO S 535 -29.11 99.86 27.14
C PRO S 535 -28.83 99.50 25.69
N GLY S 536 -29.25 100.33 24.75
CA GLY S 536 -29.13 100.03 23.33
C GLY S 536 -30.48 99.76 22.70
N THR S 537 -30.47 99.66 21.38
CA THR S 537 -31.68 99.47 20.58
C THR S 537 -31.49 98.24 19.72
N PRO S 538 -31.65 97.05 20.28
CA PRO S 538 -31.53 95.83 19.47
C PRO S 538 -32.58 95.70 18.39
N ILE S 539 -33.70 96.40 18.47
CA ILE S 539 -34.75 96.32 17.46
C ILE S 539 -35.10 97.74 17.02
N LEU S 540 -34.91 98.02 15.74
CA LEU S 540 -35.10 99.37 15.22
C LEU S 540 -36.56 99.65 14.93
N HIS S 541 -36.85 100.92 14.64
CA HIS S 541 -38.19 101.38 14.27
C HIS S 541 -39.22 100.91 15.28
N ARG S 542 -38.92 101.20 16.55
CA ARG S 542 -39.63 100.61 17.68
C ARG S 542 -41.12 100.87 17.61
N GLU S 543 -41.52 102.14 17.44
CA GLU S 543 -42.89 102.42 17.00
C GLU S 543 -42.99 103.54 15.98
N LYS S 544 -41.91 104.19 15.59
CA LYS S 544 -41.97 105.10 14.46
C LYS S 544 -40.70 104.96 13.64
N PHE S 545 -40.81 105.23 12.35
CA PHE S 545 -39.70 105.03 11.43
C PHE S 545 -38.77 106.23 11.48
N ALA S 546 -37.82 106.29 10.55
CA ALA S 546 -36.77 107.29 10.58
C ALA S 546 -36.74 108.14 9.31
N THR S 547 -37.93 108.34 8.76
CA THR S 547 -38.08 109.17 7.53
C THR S 547 -38.71 110.52 7.89
N ALA S 548 -39.02 111.37 6.92
CA ALA S 548 -39.51 112.75 7.18
C ALA S 548 -40.82 112.82 7.98
N ASP S 549 -41.81 112.00 7.65
CA ASP S 549 -43.12 111.99 8.36
C ASP S 549 -43.04 110.96 9.48
N GLY S 550 -41.90 110.29 9.62
CA GLY S 550 -41.77 109.19 10.60
C GLY S 550 -42.45 107.96 10.05
N LYS S 551 -42.82 107.99 8.76
CA LYS S 551 -43.57 106.85 8.17
C LYS S 551 -42.76 106.19 7.06
N GLY S 552 -42.72 104.86 7.04
CA GLY S 552 -42.03 104.13 5.96
C GLY S 552 -42.71 104.38 4.64
N ASN S 553 -41.94 104.47 3.57
CA ASN S 553 -42.56 104.63 2.24
C ASN S 553 -42.37 103.32 1.51
N LEU S 554 -43.42 102.82 0.87
CA LEU S 554 -43.23 101.59 0.11
C LEU S 554 -43.43 101.92 -1.37
N PHE S 555 -42.51 101.46 -2.20
CA PHE S 555 -42.39 101.91 -3.59
C PHE S 555 -42.93 100.85 -4.54
N GLY S 556 -43.25 101.31 -5.75
CA GLY S 556 -43.66 100.40 -6.79
C GLY S 556 -42.59 100.20 -7.85
N ILE S 557 -41.95 99.05 -7.84
CA ILE S 557 -40.84 98.74 -8.75
C ILE S 557 -41.36 97.85 -9.86
N ASP S 558 -41.07 98.23 -11.10
CA ASP S 558 -41.36 97.38 -12.24
C ASP S 558 -40.11 96.57 -12.59
N TYR S 559 -40.32 95.31 -12.93
CA TYR S 559 -39.20 94.44 -13.25
C TYR S 559 -38.61 94.79 -14.62
N ARG S 560 -37.29 94.98 -14.66
CA ARG S 560 -36.59 95.30 -15.89
C ARG S 560 -35.84 94.06 -16.38
N PRO S 561 -36.25 93.44 -17.48
CA PRO S 561 -35.51 92.28 -17.98
C PRO S 561 -34.19 92.72 -18.57
N PRO S 562 -33.09 92.02 -18.25
CA PRO S 562 -31.76 92.47 -18.65
C PRO S 562 -31.42 92.14 -20.10
N GLU T 2 -66.81 -19.49 124.62
CA GLU T 2 -65.59 -20.27 124.46
C GLU T 2 -65.15 -20.28 123.00
N THR T 3 -66.12 -20.18 122.09
CA THR T 3 -65.86 -20.30 120.67
C THR T 3 -66.76 -19.36 119.90
N ILE T 4 -66.30 -18.99 118.71
CA ILE T 4 -67.08 -18.20 117.76
C ILE T 4 -67.03 -18.91 116.41
N THR T 5 -68.14 -18.88 115.69
CA THR T 5 -68.22 -19.44 114.35
C THR T 5 -68.56 -18.34 113.36
N MET T 6 -67.73 -18.18 112.34
CA MET T 6 -67.94 -17.22 111.28
C MET T 6 -68.16 -17.99 109.98
N THR T 7 -69.20 -17.62 109.23
CA THR T 7 -69.52 -18.29 107.99
C THR T 7 -69.85 -17.23 106.95
N LEU T 8 -69.13 -17.27 105.82
CA LEU T 8 -69.28 -16.23 104.77
C LEU T 8 -70.62 -16.39 104.08
N VAL T 9 -71.42 -15.32 104.02
CA VAL T 9 -72.76 -15.36 103.44
C VAL T 9 -72.82 -14.56 102.14
N GLN T 10 -72.14 -13.43 102.09
CA GLN T 10 -72.10 -12.61 100.89
C GLN T 10 -70.67 -12.58 100.34
N GLU T 11 -70.52 -12.93 99.07
CA GLU T 11 -69.15 -12.91 98.55
C GLU T 11 -68.75 -11.48 98.18
N PRO T 12 -67.57 -10.98 98.69
CA PRO T 12 -67.05 -9.63 98.37
C PRO T 12 -66.28 -9.63 97.04
N GLU T 13 -66.63 -8.75 96.10
CA GLU T 13 -66.02 -8.76 94.79
C GLU T 13 -64.53 -8.41 94.86
N LEU T 14 -64.13 -7.66 95.88
CA LEU T 14 -62.72 -7.32 96.03
C LEU T 14 -62.20 -7.91 97.33
N PHE T 15 -60.98 -7.57 97.70
CA PHE T 15 -60.34 -8.13 98.88
C PHE T 15 -60.77 -7.34 100.11
N LEU T 16 -61.16 -8.08 101.15
CA LEU T 16 -61.57 -7.48 102.43
C LEU T 16 -60.40 -7.49 103.41
N GLU T 17 -59.97 -6.31 103.88
CA GLU T 17 -58.92 -6.19 104.87
C GLU T 17 -59.60 -6.33 106.23
N CYS T 18 -59.80 -7.58 106.64
CA CYS T 18 -60.51 -7.88 107.90
C CYS T 18 -59.53 -7.99 109.05
N TYR T 19 -58.75 -6.95 109.29
CA TYR T 19 -57.79 -6.94 110.40
C TYR T 19 -58.49 -7.11 111.74
N SER T 20 -59.77 -6.73 111.81
CA SER T 20 -60.50 -6.74 113.07
C SER T 20 -60.81 -8.15 113.56
N VAL T 21 -60.55 -9.17 112.77
CA VAL T 21 -60.86 -10.54 113.16
C VAL T 21 -59.70 -11.12 113.97
N THR T 22 -59.69 -10.84 115.27
CA THR T 22 -58.71 -11.41 116.17
C THR T 22 -59.42 -11.76 117.47
N PRO T 23 -58.88 -12.70 118.24
CA PRO T 23 -59.40 -12.91 119.59
C PRO T 23 -59.34 -11.66 120.44
N ASP T 24 -58.36 -10.78 120.18
CA ASP T 24 -58.25 -9.56 120.97
C ASP T 24 -59.46 -8.65 120.77
N LEU T 25 -59.95 -8.53 119.54
CA LEU T 25 -61.12 -7.71 119.30
C LEU T 25 -62.42 -8.47 119.55
N PHE T 26 -62.40 -9.80 119.52
CA PHE T 26 -63.61 -10.56 119.72
C PHE T 26 -63.87 -10.89 121.18
N ALA T 27 -62.88 -10.75 122.05
CA ALA T 27 -63.04 -11.16 123.43
C ALA T 27 -64.01 -10.25 124.17
N GLY T 28 -64.92 -10.86 124.93
CA GLY T 28 -65.84 -10.11 125.76
C GLY T 28 -66.72 -9.13 125.03
N LYS T 29 -67.24 -9.52 123.87
CA LYS T 29 -68.12 -8.65 123.09
C LYS T 29 -69.43 -9.37 122.77
N SER T 30 -70.50 -8.60 122.73
CA SER T 30 -71.80 -9.12 122.32
C SER T 30 -71.80 -9.41 120.83
N LEU T 31 -72.73 -10.29 120.43
CA LEU T 31 -72.74 -10.77 119.05
C LEU T 31 -72.98 -9.63 118.07
N ALA T 32 -73.88 -8.70 118.41
CA ALA T 32 -74.10 -7.55 117.53
C ALA T 32 -72.85 -6.69 117.43
N GLU T 33 -72.15 -6.49 118.55
CA GLU T 33 -70.92 -5.70 118.51
C GLU T 33 -69.88 -6.34 117.59
N ILE T 34 -69.68 -7.65 117.75
CA ILE T 34 -68.75 -8.36 116.89
C ILE T 34 -69.18 -8.23 115.43
N ALA T 35 -70.48 -8.35 115.18
CA ALA T 35 -70.98 -8.20 113.82
C ALA T 35 -70.82 -6.80 113.28
N ASP T 36 -70.65 -5.79 114.14
CA ASP T 36 -70.45 -4.44 113.66
C ASP T 36 -69.01 -3.94 113.81
N LEU T 37 -68.06 -4.80 114.17
CA LEU T 37 -66.66 -4.39 114.14
C LEU T 37 -66.26 -3.95 112.74
N PRO T 38 -65.38 -2.96 112.62
CA PRO T 38 -65.10 -2.38 111.30
C PRO T 38 -64.34 -3.34 110.40
N ALA T 39 -64.56 -3.18 109.11
CA ALA T 39 -63.82 -3.94 108.10
C ALA T 39 -63.86 -3.17 106.79
N HIS T 40 -62.70 -3.04 106.16
CA HIS T 40 -62.57 -2.25 104.94
C HIS T 40 -62.75 -3.11 103.72
N GLU T 41 -63.02 -2.46 102.60
CA GLU T 41 -63.05 -3.11 101.30
C GLU T 41 -62.94 -2.07 100.20
N GLY T 42 -61.87 -2.11 99.43
CA GLY T 42 -61.59 -1.01 98.54
C GLY T 42 -61.38 0.25 99.36
N LYS T 43 -62.05 1.33 98.96
CA LYS T 43 -62.04 2.56 99.75
C LYS T 43 -63.28 2.70 100.62
N ILE T 44 -64.09 1.65 100.70
CA ILE T 44 -65.30 1.64 101.52
C ILE T 44 -65.02 0.83 102.78
N GLN T 45 -65.73 1.18 103.85
CA GLN T 45 -65.64 0.48 105.12
C GLN T 45 -66.94 -0.25 105.40
N TRP T 46 -66.86 -1.58 105.49
CA TRP T 46 -68.01 -2.40 105.80
C TRP T 46 -68.06 -2.69 107.29
N LYS T 47 -69.12 -3.33 107.74
CA LYS T 47 -69.36 -3.49 109.17
C LYS T 47 -69.04 -4.88 109.69
N LEU T 48 -68.58 -5.80 108.86
CA LEU T 48 -68.21 -7.17 109.21
C LEU T 48 -69.42 -8.02 109.59
N GLY T 49 -70.62 -7.46 109.63
CA GLY T 49 -71.82 -8.26 109.70
C GLY T 49 -72.43 -8.35 108.33
N ASP T 50 -71.87 -7.56 107.41
CA ASP T 50 -72.31 -7.53 106.03
C ASP T 50 -71.68 -8.63 105.20
N PHE T 51 -70.79 -9.43 105.78
CA PHE T 51 -70.14 -10.50 105.04
C PHE T 51 -70.00 -11.79 105.85
N PHE T 52 -70.57 -11.81 107.04
CA PHE T 52 -70.37 -13.01 107.86
C PHE T 52 -71.60 -13.26 108.72
N LYS T 53 -71.77 -14.48 109.18
CA LYS T 53 -72.89 -14.83 110.06
C LYS T 53 -72.32 -15.53 111.27
N PHE T 54 -72.60 -15.01 112.46
CA PHE T 54 -71.94 -15.42 113.67
C PHE T 54 -72.85 -16.30 114.52
N GLU T 55 -72.26 -17.32 115.15
CA GLU T 55 -73.02 -18.19 116.05
C GLU T 55 -72.05 -18.74 117.08
N GLY T 56 -72.04 -18.15 118.26
CA GLY T 56 -71.16 -18.61 119.33
C GLY T 56 -71.15 -17.61 120.47
N LYS T 57 -70.30 -17.90 121.44
CA LYS T 57 -70.14 -17.06 122.62
C LYS T 57 -68.66 -16.89 122.92
N ALA T 58 -68.16 -15.67 122.72
CA ALA T 58 -66.76 -15.39 122.98
C ALA T 58 -66.52 -15.27 124.48
N GLY T 59 -65.24 -15.38 124.86
CA GLY T 59 -64.87 -15.34 126.25
C GLY T 59 -64.60 -13.94 126.75
N GLU T 60 -64.46 -13.84 128.09
CA GLU T 60 -64.05 -12.58 128.70
C GLU T 60 -62.65 -12.18 128.25
N THR T 61 -61.83 -13.15 127.86
CA THR T 61 -60.45 -12.88 127.50
C THR T 61 -60.12 -13.54 126.16
N ALA T 62 -59.21 -12.90 125.42
CA ALA T 62 -58.76 -13.47 124.16
C ALA T 62 -58.16 -14.86 124.37
N ALA T 63 -57.41 -15.03 125.46
CA ALA T 63 -56.85 -16.34 125.78
C ALA T 63 -57.93 -17.38 125.99
N ASP T 64 -59.17 -16.96 126.18
CA ASP T 64 -60.30 -17.87 126.28
C ASP T 64 -60.99 -18.08 124.94
N THR T 65 -61.20 -17.01 124.18
CA THR T 65 -62.01 -17.12 122.97
C THR T 65 -61.27 -17.91 121.88
N LYS T 66 -62.01 -18.24 120.84
CA LYS T 66 -61.49 -19.04 119.73
C LYS T 66 -62.41 -18.91 118.52
N ILE T 67 -61.88 -18.37 117.42
CA ILE T 67 -62.66 -18.08 116.23
C ILE T 67 -62.49 -19.21 115.24
N VAL T 68 -63.55 -19.55 114.53
CA VAL T 68 -63.54 -20.56 113.48
C VAL T 68 -64.22 -19.97 112.26
N VAL T 69 -63.46 -19.81 111.19
CA VAL T 69 -63.99 -19.21 109.92
C VAL T 69 -64.26 -20.37 108.97
N ASN T 70 -65.49 -20.54 108.50
CA ASN T 70 -65.86 -21.74 107.71
C ASN T 70 -66.22 -21.48 106.25
N GLY T 71 -65.82 -20.37 105.65
CA GLY T 71 -66.29 -20.10 104.27
C GLY T 71 -65.15 -20.01 103.28
N ASN T 72 -65.39 -19.43 102.10
CA ASN T 72 -64.29 -19.18 101.13
C ASN T 72 -63.63 -17.85 101.52
N VAL T 73 -62.79 -17.88 102.55
CA VAL T 73 -62.09 -16.66 103.01
C VAL T 73 -60.73 -16.69 102.33
N ARG T 74 -60.73 -16.91 101.01
CA ARG T 74 -59.44 -17.02 100.28
C ARG T 74 -59.16 -15.69 99.58
N ARG T 75 -59.99 -14.68 99.82
CA ARG T 75 -59.69 -13.32 99.32
C ARG T 75 -59.75 -12.37 100.51
N MET T 76 -59.47 -12.87 101.72
CA MET T 76 -59.51 -12.05 102.95
C MET T 76 -58.10 -11.92 103.49
N LYS T 77 -57.67 -10.72 103.83
CA LYS T 77 -56.27 -10.52 104.25
C LYS T 77 -56.22 -9.99 105.67
N ARG T 78 -55.09 -10.10 106.32
CA ARG T 78 -54.90 -9.47 107.65
C ARG T 78 -55.53 -10.27 108.80
N PHE T 79 -55.95 -11.51 108.57
CA PHE T 79 -56.46 -12.32 109.70
C PHE T 79 -55.37 -12.49 110.76
N GLY T 80 -55.70 -12.40 112.04
CA GLY T 80 -54.73 -12.69 113.11
C GLY T 80 -53.77 -11.56 113.39
N GLN T 81 -53.95 -10.38 112.76
CA GLN T 81 -52.94 -9.31 112.91
C GLN T 81 -52.78 -8.93 114.37
N GLN T 82 -51.55 -8.91 114.88
CA GLN T 82 -51.26 -8.48 116.26
C GLN T 82 -52.07 -9.28 117.27
N MET T 83 -52.31 -10.56 116.97
CA MET T 83 -53.08 -11.41 117.90
C MET T 83 -52.19 -11.70 119.08
N THR T 84 -52.65 -11.38 120.27
CA THR T 84 -51.85 -11.59 121.47
C THR T 84 -52.04 -12.97 122.08
N ALA T 85 -53.27 -13.48 122.14
CA ALA T 85 -53.50 -14.82 122.65
C ALA T 85 -54.82 -15.31 122.10
N GLY T 86 -55.04 -16.62 122.20
CA GLY T 86 -56.31 -17.22 121.83
C GLY T 86 -56.13 -18.31 120.78
N GLU T 87 -56.92 -18.21 119.71
CA GLU T 87 -56.94 -19.24 118.68
C GLU T 87 -57.73 -18.74 117.49
N ILE T 88 -57.26 -19.08 116.29
CA ILE T 88 -58.01 -18.87 115.06
C ILE T 88 -57.87 -20.14 114.22
N ILE T 89 -58.92 -20.46 113.47
CA ILE T 89 -58.91 -21.56 112.51
C ILE T 89 -59.45 -21.03 111.20
N ILE T 90 -58.79 -21.34 110.09
CA ILE T 90 -59.32 -20.91 108.78
C ILE T 90 -59.63 -22.16 107.95
N ASN T 91 -60.90 -22.62 107.93
CA ASN T 91 -61.26 -23.88 107.29
C ASN T 91 -61.32 -23.71 105.78
N SER T 92 -60.30 -23.08 105.23
CA SER T 92 -60.26 -22.85 103.77
C SER T 92 -58.81 -22.62 103.44
N ASP T 93 -58.52 -21.60 102.65
CA ASP T 93 -57.11 -21.24 102.45
C ASP T 93 -56.94 -19.89 103.13
N ALA T 94 -56.29 -18.91 102.50
CA ALA T 94 -56.17 -17.56 103.09
C ALA T 94 -55.46 -16.62 102.13
N ASP T 95 -55.26 -15.36 102.53
CA ASP T 95 -54.46 -14.44 101.68
C ASP T 95 -53.25 -13.82 102.40
N MET T 96 -53.02 -12.52 102.23
CA MET T 96 -51.79 -11.87 102.74
C MET T 96 -51.82 -11.45 104.21
N TYR T 97 -50.66 -11.44 104.88
CA TYR T 97 -50.49 -10.94 106.28
C TYR T 97 -51.16 -11.81 107.34
N ILE T 98 -51.41 -13.08 107.09
CA ILE T 98 -52.00 -13.88 108.18
C ILE T 98 -51.03 -13.87 109.34
N GLY T 99 -51.49 -13.60 110.56
CA GLY T 99 -50.64 -13.71 111.76
C GLY T 99 -49.59 -12.64 111.84
N GLY T 100 -49.77 -11.55 111.11
CA GLY T 100 -48.73 -10.51 111.09
C GLY T 100 -48.50 -9.87 112.44
N TRP T 101 -47.25 -9.71 112.83
CA TRP T 101 -46.92 -9.02 114.09
C TRP T 101 -47.64 -9.69 115.24
N MET T 102 -47.74 -11.01 115.21
CA MET T 102 -48.46 -11.77 116.26
C MET T 102 -47.56 -11.92 117.48
N LYS T 103 -48.15 -12.01 118.66
CA LYS T 103 -47.40 -12.11 119.91
C LYS T 103 -47.82 -13.30 120.75
N GLY T 104 -48.60 -14.21 120.22
CA GLY T 104 -49.02 -15.38 120.97
C GLY T 104 -50.11 -16.13 120.23
N GLY T 105 -50.67 -17.12 120.91
CA GLY T 105 -51.77 -17.85 120.33
C GLY T 105 -51.33 -18.70 119.14
N LYS T 106 -52.28 -18.95 118.23
CA LYS T 106 -52.00 -19.88 117.14
C LYS T 106 -53.03 -19.75 116.03
N ILE T 107 -52.59 -19.92 114.80
CA ILE T 107 -53.44 -19.88 113.62
C ILE T 107 -53.29 -21.21 112.90
N THR T 108 -54.40 -21.89 112.66
CA THR T 108 -54.36 -23.18 111.98
C THR T 108 -55.07 -23.03 110.64
N VAL T 109 -54.34 -22.49 109.67
CA VAL T 109 -54.89 -22.38 108.30
C VAL T 109 -54.91 -23.80 107.72
N LYS T 110 -56.06 -24.30 107.29
CA LYS T 110 -56.19 -25.64 106.75
C LYS T 110 -55.92 -25.71 105.25
N GLY T 111 -55.46 -24.63 104.67
CA GLY T 111 -55.29 -24.66 103.22
C GLY T 111 -54.00 -23.99 102.86
N ASN T 112 -54.05 -23.09 101.89
CA ASN T 112 -52.83 -22.43 101.38
C ASN T 112 -52.52 -21.18 102.18
N ALA T 113 -51.93 -20.19 101.53
CA ALA T 113 -51.60 -18.89 102.10
C ALA T 113 -50.87 -18.08 101.04
N ASP T 114 -51.11 -16.78 101.04
CA ASP T 114 -50.42 -15.88 100.12
C ASP T 114 -49.18 -15.34 100.80
N SER T 115 -48.63 -14.25 100.27
CA SER T 115 -47.33 -13.82 100.81
C SER T 115 -47.40 -13.20 102.19
N PHE T 116 -46.24 -12.88 102.75
CA PHE T 116 -46.17 -12.13 104.02
C PHE T 116 -46.80 -12.90 105.17
N LEU T 117 -46.84 -14.21 105.09
CA LEU T 117 -47.35 -14.96 106.26
C LEU T 117 -46.42 -14.72 107.44
N GLY T 118 -46.96 -14.50 108.65
CA GLY T 118 -46.12 -14.34 109.86
C GLY T 118 -45.14 -13.19 109.81
N ILE T 119 -45.49 -12.06 109.20
CA ILE T 119 -44.52 -10.94 109.03
C ILE T 119 -44.18 -10.43 110.42
N ALA T 120 -42.90 -10.37 110.79
CA ALA T 120 -42.44 -9.84 112.08
C ALA T 120 -43.10 -10.51 113.28
N MET T 121 -43.33 -11.81 113.23
CA MET T 121 -44.03 -12.50 114.33
C MET T 121 -43.14 -12.47 115.57
N GLU T 122 -43.74 -12.58 116.76
CA GLU T 122 -42.96 -12.48 118.01
C GLU T 122 -43.35 -13.59 118.98
N GLY T 123 -44.06 -14.62 118.53
CA GLY T 123 -44.43 -15.73 119.37
C GLY T 123 -45.50 -16.56 118.70
N GLY T 124 -45.96 -17.56 119.44
CA GLY T 124 -47.10 -18.32 118.97
C GLY T 124 -46.79 -19.25 117.82
N GLU T 125 -47.86 -19.84 117.29
CA GLU T 125 -47.74 -20.91 116.31
C GLU T 125 -48.56 -20.61 115.07
N ILE T 126 -48.14 -21.22 113.97
CA ILE T 126 -48.89 -21.26 112.72
C ILE T 126 -48.79 -22.69 112.19
N LEU T 127 -49.87 -23.21 111.62
CA LEU T 127 -49.95 -24.62 111.25
C LEU T 127 -50.51 -24.79 109.85
N ILE T 128 -49.96 -24.05 108.89
CA ILE T 128 -50.42 -24.15 107.51
C ILE T 128 -50.15 -25.55 106.98
N GLU T 129 -51.12 -26.10 106.22
CA GLU T 129 -50.91 -27.34 105.50
C GLU T 129 -50.89 -27.15 103.99
N GLY T 130 -50.85 -25.91 103.51
CA GLY T 130 -50.85 -25.63 102.10
C GLY T 130 -49.53 -25.07 101.61
N ASP T 131 -49.54 -24.55 100.40
CA ASP T 131 -48.34 -24.04 99.74
C ASP T 131 -48.23 -22.55 100.02
N ALA T 132 -47.53 -22.21 101.09
CA ALA T 132 -47.32 -20.81 101.41
C ALA T 132 -46.46 -20.14 100.36
N GLN T 133 -46.80 -18.91 100.02
CA GLN T 133 -45.98 -18.15 99.08
C GLN T 133 -44.76 -17.59 99.79
N ASN T 134 -44.09 -16.66 99.13
CA ASN T 134 -42.83 -16.11 99.59
C ASN T 134 -43.03 -15.12 100.73
N HIS T 135 -41.89 -14.66 101.28
CA HIS T 135 -41.85 -13.76 102.43
C HIS T 135 -42.48 -14.37 103.67
N VAL T 136 -42.25 -15.66 103.87
CA VAL T 136 -42.74 -16.34 105.07
C VAL T 136 -41.86 -15.95 106.24
N GLY T 137 -42.42 -15.24 107.21
CA GLY T 137 -41.65 -14.79 108.35
C GLY T 137 -40.75 -13.61 108.09
N SER T 138 -40.84 -13.02 106.91
CA SER T 138 -39.94 -11.94 106.52
C SER T 138 -40.27 -10.65 107.26
N ALA T 139 -39.23 -9.90 107.61
CA ALA T 139 -39.41 -8.61 108.26
C ALA T 139 -40.00 -7.60 107.28
N TYR T 140 -40.67 -6.59 107.82
CA TYR T 140 -41.27 -5.58 106.98
C TYR T 140 -40.20 -4.82 106.21
N ARG T 141 -40.57 -4.32 105.03
CA ARG T 141 -39.63 -3.61 104.18
C ARG T 141 -38.98 -2.46 104.92
N GLY T 142 -37.65 -2.44 104.91
CA GLY T 142 -36.92 -1.36 105.53
C GLY T 142 -36.60 -1.54 106.98
N ASP T 143 -36.61 -2.77 107.48
CA ASP T 143 -36.38 -3.04 108.89
C ASP T 143 -35.15 -3.93 109.05
N TRP T 144 -34.58 -3.94 110.25
CA TRP T 144 -33.43 -4.81 110.51
C TRP T 144 -33.67 -5.83 111.61
N ARG T 145 -34.60 -5.59 112.52
CA ARG T 145 -34.95 -6.58 113.54
C ARG T 145 -36.36 -7.07 113.26
N GLY T 146 -36.47 -8.25 112.66
CA GLY T 146 -37.76 -8.77 112.26
C GLY T 146 -38.28 -9.85 113.17
N MET T 147 -38.55 -11.02 112.61
CA MET T 147 -39.13 -12.11 113.38
C MET T 147 -38.21 -12.47 114.55
N SER T 148 -38.80 -12.58 115.74
CA SER T 148 -38.00 -12.72 116.96
C SER T 148 -38.53 -13.80 117.88
N GLY T 149 -39.37 -14.70 117.37
CA GLY T 149 -39.85 -15.79 118.19
C GLY T 149 -40.96 -16.53 117.47
N GLY T 150 -41.43 -17.58 118.13
CA GLY T 150 -42.56 -18.31 117.61
C GLY T 150 -42.18 -19.37 116.61
N LEU T 151 -43.21 -19.93 115.98
CA LEU T 151 -43.07 -21.09 115.12
C LEU T 151 -43.95 -20.91 113.88
N ILE T 152 -43.40 -21.25 112.73
CA ILE T 152 -44.13 -21.30 111.47
C ILE T 152 -43.92 -22.68 110.88
N ARG T 153 -45.00 -23.34 110.48
CA ARG T 153 -44.92 -24.72 109.98
C ARG T 153 -45.66 -24.81 108.66
N VAL T 154 -44.96 -24.51 107.57
CA VAL T 154 -45.55 -24.54 106.24
C VAL T 154 -45.38 -25.95 105.69
N LYS T 155 -46.46 -26.71 105.63
CA LYS T 155 -46.39 -28.08 105.18
C LYS T 155 -46.42 -28.22 103.67
N GLY T 156 -46.07 -27.16 102.94
CA GLY T 156 -46.04 -27.23 101.50
C GLY T 156 -44.86 -26.51 100.89
N LYS T 157 -44.95 -26.18 99.61
CA LYS T 157 -43.86 -25.49 98.94
C LYS T 157 -43.82 -24.03 99.36
N ALA T 158 -42.70 -23.61 99.95
CA ALA T 158 -42.48 -22.21 100.31
C ALA T 158 -42.07 -21.42 99.07
N GLY T 159 -41.53 -20.22 99.28
CA GLY T 159 -41.05 -19.44 98.15
C GLY T 159 -39.78 -18.65 98.45
N ASN T 160 -39.73 -17.41 98.00
CA ASN T 160 -38.61 -16.51 98.21
C ASN T 160 -38.58 -16.02 99.65
N ASP T 161 -37.46 -15.39 100.01
CA ASP T 161 -37.36 -14.52 101.18
C ASP T 161 -37.87 -15.20 102.44
N ILE T 162 -37.40 -16.41 102.68
CA ILE T 162 -37.73 -17.13 103.90
C ILE T 162 -36.85 -16.60 105.02
N GLY T 163 -37.48 -16.14 106.10
CA GLY T 163 -36.72 -15.71 107.28
C GLY T 163 -35.78 -14.55 107.03
N THR T 164 -36.16 -13.61 106.18
CA THR T 164 -35.34 -12.43 105.96
C THR T 164 -35.18 -11.65 107.27
N ALA T 165 -33.93 -11.28 107.57
CA ALA T 165 -33.62 -10.48 108.76
C ALA T 165 -34.18 -11.12 110.02
N MET T 166 -34.24 -12.45 110.04
CA MET T 166 -34.74 -13.18 111.20
C MET T 166 -33.83 -12.96 112.39
N THR T 167 -34.43 -12.86 113.58
CA THR T 167 -33.68 -12.68 114.81
C THR T 167 -33.77 -13.87 115.76
N GLY T 168 -34.94 -14.46 115.90
CA GLY T 168 -35.06 -15.62 116.76
C GLY T 168 -36.22 -16.48 116.30
N GLY T 169 -36.46 -17.55 117.04
CA GLY T 169 -37.58 -18.41 116.74
C GLY T 169 -37.25 -19.49 115.74
N THR T 170 -38.23 -19.89 114.91
CA THR T 170 -38.00 -21.02 113.97
C THR T 170 -39.00 -21.02 112.82
N ILE T 171 -38.55 -21.24 111.59
CA ILE T 171 -39.46 -21.38 110.43
C ILE T 171 -39.22 -22.79 109.90
N ILE T 172 -40.21 -23.68 109.94
CA ILE T 172 -40.06 -25.08 109.43
C ILE T 172 -40.87 -25.21 108.15
N ILE T 173 -40.24 -25.62 107.07
CA ILE T 173 -40.91 -25.78 105.76
C ILE T 173 -40.86 -27.25 105.40
N GLU T 174 -41.95 -28.01 105.61
CA GLU T 174 -41.96 -29.45 105.42
C GLU T 174 -41.86 -29.85 103.96
N GLY T 175 -42.01 -28.92 103.03
CA GLY T 175 -41.87 -29.23 101.63
C GLY T 175 -40.48 -28.93 101.12
N ASP T 176 -40.36 -27.90 100.28
CA ASP T 176 -39.06 -27.42 99.83
C ASP T 176 -39.12 -25.90 99.75
N ALA T 177 -38.18 -25.26 99.08
CA ALA T 177 -38.14 -23.80 99.09
C ALA T 177 -37.62 -23.30 97.74
N PHE T 178 -37.25 -22.03 97.73
CA PHE T 178 -36.71 -21.35 96.55
C PHE T 178 -35.59 -20.43 97.04
N ILE T 179 -35.23 -19.45 96.23
CA ILE T 179 -34.04 -18.65 96.50
C ILE T 179 -34.16 -17.87 97.81
N HIS T 180 -33.01 -17.40 98.29
CA HIS T 180 -32.92 -16.35 99.31
C HIS T 180 -33.59 -16.76 100.62
N VAL T 181 -32.98 -17.75 101.26
CA VAL T 181 -33.36 -18.17 102.60
C VAL T 181 -32.44 -17.49 103.61
N LEU T 182 -33.02 -16.89 104.65
CA LEU T 182 -32.30 -16.38 105.80
C LEU T 182 -31.33 -15.25 105.44
N THR T 183 -31.64 -14.47 104.43
CA THR T 183 -30.79 -13.33 104.10
C THR T 183 -30.83 -12.28 105.22
N HIS T 184 -29.72 -11.57 105.38
CA HIS T 184 -29.56 -10.53 106.39
C HIS T 184 -29.79 -11.03 107.81
N ALA T 185 -29.94 -12.34 108.01
CA ALA T 185 -30.44 -12.85 109.26
C ALA T 185 -29.46 -12.56 110.40
N GLU T 186 -29.91 -12.83 111.61
CA GLU T 186 -29.05 -12.74 112.78
C GLU T 186 -29.17 -13.91 113.73
N GLY T 187 -30.28 -14.64 113.73
CA GLY T 187 -30.41 -15.77 114.65
C GLY T 187 -31.56 -16.65 114.22
N GLY T 188 -31.73 -17.73 114.99
CA GLY T 188 -32.84 -18.64 114.80
C GLY T 188 -32.46 -19.80 113.87
N THR T 189 -33.49 -20.58 113.55
CA THR T 189 -33.32 -21.75 112.70
C THR T 189 -34.30 -21.68 111.53
N VAL T 190 -33.96 -22.37 110.45
CA VAL T 190 -34.87 -22.61 109.34
C VAL T 190 -34.70 -24.06 108.93
N ILE T 191 -35.76 -24.84 108.99
CA ILE T 191 -35.64 -26.26 108.73
C ILE T 191 -36.37 -26.61 107.44
N ILE T 192 -35.66 -26.56 106.32
CA ILE T 192 -36.23 -26.89 105.01
C ILE T 192 -35.98 -28.37 104.76
N LYS T 193 -37.02 -29.08 104.35
CA LYS T 193 -36.93 -30.52 104.17
C LYS T 193 -37.11 -30.91 102.71
N GLY T 194 -36.46 -30.18 101.82
CA GLY T 194 -36.58 -30.51 100.41
C GLY T 194 -35.60 -29.72 99.57
N ASP T 195 -35.77 -29.82 98.26
CA ASP T 195 -34.87 -29.19 97.32
C ASP T 195 -34.92 -27.68 97.46
N VAL T 196 -33.76 -27.04 97.44
CA VAL T 196 -33.66 -25.59 97.49
C VAL T 196 -32.85 -25.15 96.28
N GLU T 197 -33.34 -24.13 95.58
CA GLU T 197 -32.64 -23.67 94.38
C GLU T 197 -31.25 -23.16 94.73
N GLY T 198 -31.13 -22.43 95.83
CA GLY T 198 -29.84 -21.98 96.28
C GLY T 198 -29.97 -20.66 97.02
N ARG T 199 -28.86 -19.92 97.03
CA ARG T 199 -28.80 -18.60 97.65
C ARG T 199 -29.20 -18.63 99.11
N VAL T 200 -28.98 -19.74 99.78
CA VAL T 200 -29.34 -19.89 101.18
C VAL T 200 -28.24 -19.33 102.05
N GLY T 201 -28.61 -18.51 103.01
CA GLY T 201 -27.66 -17.99 103.98
C GLY T 201 -26.91 -16.76 103.55
N GLY T 202 -27.26 -16.16 102.42
CA GLY T 202 -26.56 -14.97 101.99
C GLY T 202 -26.69 -13.87 103.01
N GLN T 203 -25.63 -13.06 103.11
CA GLN T 203 -25.60 -11.89 103.99
C GLN T 203 -25.72 -12.25 105.47
N MET T 204 -25.80 -13.54 105.79
CA MET T 204 -26.01 -13.94 107.18
C MET T 204 -24.89 -13.42 108.07
N VAL T 205 -25.27 -12.90 109.23
CA VAL T 205 -24.33 -12.56 110.27
C VAL T 205 -24.22 -13.66 111.32
N LYS T 206 -25.35 -14.26 111.67
CA LYS T 206 -25.38 -15.39 112.59
C LYS T 206 -26.68 -16.11 112.35
N GLY T 207 -26.75 -17.37 112.74
CA GLY T 207 -27.98 -18.12 112.64
C GLY T 207 -27.70 -19.53 112.15
N ASP T 208 -28.77 -20.31 112.06
CA ASP T 208 -28.71 -21.70 111.65
C ASP T 208 -29.72 -21.95 110.55
N ALA T 209 -29.37 -22.83 109.61
CA ALA T 209 -30.28 -23.17 108.51
C ALA T 209 -30.12 -24.65 108.23
N TYR T 210 -30.95 -25.47 108.88
CA TYR T 210 -30.96 -26.90 108.66
C TYR T 210 -31.62 -27.20 107.32
N ILE T 211 -30.98 -28.02 106.50
CA ILE T 211 -31.51 -28.39 105.20
C ILE T 211 -31.37 -29.89 105.04
N LEU T 212 -32.45 -30.55 104.61
CA LEU T 212 -32.45 -32.00 104.42
C LEU T 212 -32.72 -32.39 102.99
N GLY T 213 -32.68 -31.43 102.06
CA GLY T 213 -32.89 -31.71 100.65
C GLY T 213 -31.60 -31.67 99.86
N ASN T 214 -31.48 -30.74 98.92
CA ASN T 214 -30.29 -30.66 98.08
C ASN T 214 -30.13 -29.22 97.60
N LEU T 215 -29.05 -28.56 98.02
CA LEU T 215 -28.71 -27.26 97.45
C LEU T 215 -28.13 -27.45 96.06
N LEU T 216 -28.75 -26.80 95.09
CA LEU T 216 -28.30 -26.86 93.71
C LEU T 216 -27.34 -25.73 93.36
N TYR T 217 -27.42 -24.58 94.03
CA TYR T 217 -26.46 -23.51 93.80
C TYR T 217 -25.88 -23.05 95.13
N PRO T 218 -24.82 -23.71 95.61
CA PRO T 218 -24.19 -23.24 96.84
C PRO T 218 -23.47 -21.92 96.62
N LEU T 219 -23.67 -21.00 97.56
CA LEU T 219 -22.98 -19.72 97.50
C LEU T 219 -21.50 -19.89 97.81
N PRO T 220 -20.64 -19.06 97.23
CA PRO T 220 -19.21 -19.15 97.53
C PRO T 220 -18.88 -18.81 98.98
N GLY T 221 -19.78 -18.17 99.69
CA GLY T 221 -19.47 -17.68 101.01
C GLY T 221 -19.51 -18.67 102.14
N PHE T 222 -19.67 -19.96 101.85
CA PHE T 222 -19.75 -20.98 102.89
C PHE T 222 -18.76 -22.08 102.60
N LYS T 223 -18.01 -22.48 103.62
CA LYS T 223 -17.00 -23.53 103.50
C LYS T 223 -17.31 -24.63 104.51
N LYS T 224 -17.06 -25.87 104.10
CA LYS T 224 -17.31 -27.00 104.98
C LYS T 224 -16.23 -27.08 106.04
N VAL T 225 -16.64 -27.31 107.29
CA VAL T 225 -15.67 -27.42 108.37
C VAL T 225 -15.83 -28.67 109.21
N ALA T 226 -17.00 -29.30 109.27
CA ALA T 226 -17.19 -30.46 110.12
C ALA T 226 -18.42 -31.23 109.65
N THR T 227 -18.50 -32.48 110.10
CA THR T 227 -19.65 -33.34 109.86
C THR T 227 -20.20 -33.74 111.22
N VAL T 228 -21.40 -33.27 111.55
CA VAL T 228 -21.96 -33.39 112.88
C VAL T 228 -23.31 -34.10 112.79
N GLU T 229 -23.64 -34.84 113.84
CA GLU T 229 -24.96 -35.42 113.97
C GLU T 229 -25.87 -34.45 114.73
N LYS T 230 -27.07 -34.25 114.22
CA LYS T 230 -27.99 -33.26 114.79
C LYS T 230 -29.41 -33.79 114.74
N GLU T 231 -30.14 -33.63 115.84
CA GLU T 231 -31.53 -34.08 115.96
C GLU T 231 -32.41 -32.83 115.80
N VAL T 232 -32.75 -32.51 114.56
CA VAL T 232 -33.52 -31.32 114.26
C VAL T 232 -34.87 -31.76 113.69
N ASP T 233 -35.92 -31.64 114.51
CA ASP T 233 -37.29 -31.96 114.12
C ASP T 233 -37.45 -33.46 113.88
N GLY T 234 -36.33 -34.18 113.94
CA GLY T 234 -36.28 -35.61 113.67
C GLY T 234 -35.33 -36.32 114.61
N ALA T 235 -34.34 -37.00 114.05
CA ALA T 235 -33.35 -37.75 114.81
C ALA T 235 -32.02 -37.61 114.06
N THR T 236 -31.07 -38.49 114.37
CA THR T 236 -29.71 -38.32 113.90
C THR T 236 -29.63 -38.37 112.38
N TYR T 237 -29.43 -37.21 111.75
CA TYR T 237 -29.30 -37.15 110.29
C TYR T 237 -27.87 -36.91 109.82
N THR T 238 -26.92 -36.68 110.72
CA THR T 238 -25.49 -36.61 110.38
C THR T 238 -25.21 -35.52 109.34
N PHE T 239 -25.39 -34.28 109.77
CA PHE T 239 -25.21 -33.13 108.90
C PHE T 239 -23.72 -32.78 108.75
N ASP T 240 -23.39 -32.23 107.58
CA ASP T 240 -22.05 -31.74 107.31
C ASP T 240 -22.09 -30.21 107.27
N GLN T 241 -21.84 -29.59 108.42
CA GLN T 241 -22.09 -28.17 108.53
C GLN T 241 -21.11 -27.36 107.69
N PHE T 242 -21.60 -26.28 107.12
CA PHE T 242 -20.78 -25.24 106.54
C PHE T 242 -20.72 -24.08 107.51
N ILE T 243 -19.71 -23.23 107.38
CA ILE T 243 -19.47 -22.22 108.40
C ILE T 243 -19.59 -20.83 107.78
N GLY T 244 -20.52 -20.04 108.30
CA GLY T 244 -20.55 -18.60 108.12
C GLY T 244 -20.77 -18.10 106.73
N ASP T 245 -21.24 -16.86 106.60
CA ASP T 245 -21.19 -16.16 105.32
C ASP T 245 -19.98 -15.25 105.40
N LEU T 246 -18.85 -15.75 104.90
CA LEU T 246 -17.60 -14.99 104.94
C LEU T 246 -17.68 -13.72 104.11
N GLY T 247 -18.69 -13.59 103.25
CA GLY T 247 -18.88 -12.34 102.53
C GLY T 247 -19.24 -11.18 103.44
N GLU T 248 -19.96 -11.44 104.52
CA GLU T 248 -20.48 -10.39 105.36
C GLU T 248 -19.78 -10.41 106.73
N ARG T 249 -19.58 -9.21 107.27
CA ARG T 249 -19.01 -9.03 108.59
C ARG T 249 -19.69 -9.92 109.61
N LYS T 250 -18.95 -10.25 110.68
CA LYS T 250 -19.42 -11.20 111.67
C LYS T 250 -19.34 -10.59 113.06
N GLU T 251 -20.43 -10.70 113.81
CA GLU T 251 -20.43 -10.34 115.22
C GLU T 251 -19.49 -11.25 115.99
N LYS T 252 -18.74 -10.66 116.93
CA LYS T 252 -17.80 -11.41 117.75
C LYS T 252 -18.30 -11.50 119.19
N LYS T 253 -18.21 -12.70 119.75
CA LYS T 253 -18.57 -12.98 121.12
C LYS T 253 -17.31 -12.93 121.98
N LYS T 254 -17.41 -13.37 123.23
CA LYS T 254 -16.29 -13.40 124.16
C LYS T 254 -15.22 -14.34 123.63
N GLY T 255 -14.12 -13.77 123.15
CA GLY T 255 -12.96 -14.54 122.77
C GLY T 255 -13.16 -15.48 121.60
N GLU T 256 -14.17 -15.26 120.75
CA GLU T 256 -14.39 -16.11 119.60
C GLU T 256 -15.35 -15.42 118.64
N ILE T 257 -15.06 -15.55 117.35
CA ILE T 257 -15.96 -15.08 116.31
C ILE T 257 -16.98 -16.18 116.02
N ILE T 258 -18.25 -15.81 116.00
CA ILE T 258 -19.33 -16.75 115.77
C ILE T 258 -19.79 -16.62 114.33
N TYR T 259 -19.85 -17.74 113.62
CA TYR T 259 -20.27 -17.76 112.24
C TYR T 259 -21.72 -18.23 112.13
N GLY T 260 -22.35 -17.89 111.02
CA GLY T 260 -23.69 -18.37 110.76
C GLY T 260 -23.63 -19.68 110.00
N ASN T 261 -23.74 -20.79 110.72
CA ASN T 261 -23.45 -22.11 110.17
C ASN T 261 -24.69 -22.69 109.51
N ILE T 262 -24.61 -22.95 108.22
CA ILE T 262 -25.62 -23.65 107.45
C ILE T 262 -25.29 -25.13 107.42
N PHE T 263 -26.27 -25.95 107.72
CA PHE T 263 -26.08 -27.40 107.72
C PHE T 263 -26.54 -27.97 106.39
N LEU T 264 -26.34 -29.27 106.21
CA LEU T 264 -26.78 -29.93 104.99
C LEU T 264 -26.89 -31.43 105.26
N LYS T 265 -27.57 -32.11 104.35
CA LYS T 265 -27.81 -33.54 104.45
C LYS T 265 -26.58 -34.36 104.08
N ALA U 63 -3.33 15.51 58.77
CA ALA U 63 -4.18 16.11 57.76
C ALA U 63 -5.01 15.05 57.05
N PHE U 64 -5.36 14.00 57.79
CA PHE U 64 -6.00 12.83 57.21
C PHE U 64 -7.49 13.08 57.02
N ALA U 65 -8.22 12.04 56.62
CA ALA U 65 -9.64 12.15 56.33
C ALA U 65 -10.40 11.11 57.16
N VAL U 66 -11.42 11.58 57.89
CA VAL U 66 -12.27 10.70 58.74
C VAL U 66 -13.66 10.68 58.09
N HIS U 67 -14.32 9.53 58.07
CA HIS U 67 -15.65 9.39 57.52
C HIS U 67 -16.55 8.76 58.55
N VAL U 68 -17.70 9.41 58.82
CA VAL U 68 -18.68 8.95 59.86
C VAL U 68 -19.93 8.37 59.18
N ASN U 69 -20.24 7.10 59.45
CA ASN U 69 -21.39 6.39 58.89
C ASN U 69 -22.64 6.91 59.57
N MET U 70 -23.31 7.88 58.94
CA MET U 70 -24.43 8.55 59.57
C MET U 70 -25.55 7.58 59.90
N GLU U 71 -25.57 6.42 59.25
CA GLU U 71 -26.74 5.55 59.33
C GLU U 71 -26.80 4.83 60.67
N ARG U 72 -25.65 4.64 61.30
CA ARG U 72 -25.59 3.93 62.60
C ARG U 72 -25.02 4.87 63.65
N CYS U 73 -24.92 6.18 63.41
CA CYS U 73 -24.46 7.11 64.47
C CYS U 73 -25.64 7.37 65.40
N THR U 74 -25.41 7.25 66.70
CA THR U 74 -26.48 7.42 67.70
C THR U 74 -26.46 8.78 68.37
N GLY U 75 -25.51 9.65 68.09
CA GLY U 75 -25.39 10.94 68.79
C GLY U 75 -24.75 10.82 70.14
N CYS U 76 -23.99 9.78 70.37
CA CYS U 76 -23.42 9.54 71.71
C CYS U 76 -22.46 10.66 72.12
N ASN U 77 -21.84 11.36 71.18
CA ASN U 77 -20.99 12.53 71.49
C ASN U 77 -19.68 12.11 72.14
N ASN U 78 -19.30 10.84 72.12
CA ASN U 78 -18.01 10.39 72.69
C ASN U 78 -16.91 10.47 71.64
N CYS U 79 -17.22 11.02 70.46
CA CYS U 79 -16.20 11.21 69.41
C CYS U 79 -15.83 12.68 69.48
N VAL U 80 -16.76 13.52 69.89
CA VAL U 80 -16.56 14.94 70.15
C VAL U 80 -15.78 15.17 71.42
N VAL U 81 -16.13 14.44 72.47
CA VAL U 81 -15.47 14.64 73.76
C VAL U 81 -14.05 14.07 73.74
N ALA U 82 -13.82 13.02 72.97
CA ALA U 82 -12.54 12.33 73.03
C ALA U 82 -11.50 12.82 72.04
N CYS U 83 -11.89 13.55 71.00
CA CYS U 83 -10.93 14.06 70.00
C CYS U 83 -9.96 14.98 70.69
N PRO U 84 -8.64 14.75 70.63
CA PRO U 84 -7.68 15.65 71.23
C PRO U 84 -7.48 16.99 70.51
N VAL U 85 -8.07 17.23 69.35
CA VAL U 85 -8.01 18.56 68.67
C VAL U 85 -9.21 19.34 69.18
N ASN U 86 -10.35 18.69 69.39
CA ASN U 86 -11.45 19.37 70.05
C ASN U 86 -11.06 19.76 71.47
N ALA U 87 -10.35 18.88 72.17
CA ALA U 87 -9.97 19.15 73.54
C ALA U 87 -8.90 20.23 73.67
N LEU U 88 -8.52 20.89 72.58
CA LEU U 88 -7.47 21.90 72.67
C LEU U 88 -7.98 23.20 73.26
N GLU U 89 -9.21 23.60 72.93
CA GLU U 89 -9.67 24.92 73.34
C GLU U 89 -9.78 25.01 74.86
N LEU U 90 -10.62 24.18 75.46
CA LEU U 90 -10.95 24.37 76.86
C LEU U 90 -9.97 23.69 77.82
N ASN U 91 -9.10 22.81 77.33
CA ASN U 91 -8.32 21.94 78.21
C ASN U 91 -6.82 22.16 78.08
N THR U 92 -6.40 23.29 77.52
CA THR U 92 -4.99 23.59 77.29
C THR U 92 -4.66 24.93 77.93
N VAL U 93 -3.44 25.07 78.40
CA VAL U 93 -2.97 26.38 78.86
C VAL U 93 -2.57 27.20 77.64
N ASN U 94 -3.18 28.37 77.51
CA ASN U 94 -3.01 29.25 76.34
C ASN U 94 -3.38 28.48 75.07
N PRO U 95 -4.66 28.21 74.85
CA PRO U 95 -5.06 27.43 73.67
C PRO U 95 -4.46 27.96 72.38
N SER U 96 -3.92 27.04 71.58
CA SER U 96 -3.31 27.41 70.31
C SER U 96 -4.34 27.59 69.21
N SER U 97 -5.05 26.52 68.87
CA SER U 97 -6.07 26.57 67.82
C SER U 97 -7.41 26.14 68.41
N THR U 98 -8.46 26.86 68.05
CA THR U 98 -9.79 26.64 68.61
C THR U 98 -10.77 26.12 67.58
N ASP U 99 -10.29 25.38 66.59
CA ASP U 99 -11.18 24.78 65.57
C ASP U 99 -11.52 23.36 66.00
N LYS U 100 -12.65 22.81 65.54
CA LYS U 100 -13.09 21.48 66.05
C LYS U 100 -13.42 20.54 64.89
N ILE U 101 -12.96 19.29 64.95
CA ILE U 101 -13.33 18.32 63.89
C ILE U 101 -14.81 17.97 63.97
N TYR U 102 -15.31 17.45 65.09
CA TYR U 102 -16.72 16.98 65.13
C TYR U 102 -17.65 17.81 65.99
N LYS U 103 -18.94 17.86 65.67
CA LYS U 103 -19.99 18.49 66.50
C LYS U 103 -21.25 17.69 66.18
N VAL U 104 -22.03 17.24 67.17
CA VAL U 104 -23.20 16.36 66.86
C VAL U 104 -24.44 17.18 66.52
N ILE U 105 -24.70 17.43 65.25
CA ILE U 105 -25.85 18.27 64.82
C ILE U 105 -26.95 17.33 64.34
N ASN U 106 -28.16 17.43 64.89
CA ASN U 106 -29.31 16.61 64.55
C ASN U 106 -29.08 15.14 64.86
N GLY U 107 -28.31 14.84 65.89
CA GLY U 107 -28.18 13.48 66.35
C GLY U 107 -27.06 12.67 65.76
N ASP U 108 -26.36 13.18 64.74
CA ASP U 108 -25.23 12.47 64.16
C ASP U 108 -24.01 13.36 64.13
N ALA U 109 -22.83 12.72 64.22
CA ALA U 109 -21.57 13.48 64.28
C ALA U 109 -21.21 14.06 62.92
N VAL U 110 -21.10 15.37 62.84
CA VAL U 110 -20.72 16.07 61.63
C VAL U 110 -19.28 16.52 61.77
N ILE U 111 -18.47 16.24 60.75
CA ILE U 111 -17.08 16.65 60.73
C ILE U 111 -16.98 18.01 60.05
N LEU U 112 -16.72 19.05 60.84
CA LEU U 112 -16.52 20.39 60.30
C LEU U 112 -15.21 20.51 59.55
N ASP U 113 -14.28 19.58 59.77
CA ASP U 113 -12.96 19.60 59.16
C ASP U 113 -13.08 19.11 57.71
N VAL U 114 -13.71 19.95 56.89
CA VAL U 114 -14.04 19.56 55.52
C VAL U 114 -12.78 19.35 54.69
N LYS U 115 -11.81 20.25 54.81
CA LYS U 115 -10.64 20.24 53.96
C LYS U 115 -9.49 19.44 54.55
N HIS U 116 -9.75 18.62 55.56
CA HIS U 116 -8.79 17.66 56.10
C HIS U 116 -7.49 18.31 56.51
N GLU U 117 -7.60 19.37 57.31
CA GLU U 117 -6.40 20.08 57.76
C GLU U 117 -6.05 19.82 59.22
N LEU U 118 -6.99 19.40 60.06
CA LEU U 118 -6.66 19.33 61.52
C LEU U 118 -6.49 17.93 62.09
N CYS U 119 -6.96 16.87 61.43
CA CYS U 119 -6.88 15.51 62.03
C CYS U 119 -5.42 15.12 62.16
N ALA U 120 -5.06 14.20 63.06
CA ALA U 120 -3.67 13.72 63.14
C ALA U 120 -3.62 12.20 63.17
N GLY U 121 -4.66 11.54 62.70
CA GLY U 121 -4.69 10.07 62.65
C GLY U 121 -4.45 9.47 64.00
N CYS U 122 -4.93 10.08 65.07
CA CYS U 122 -4.64 9.58 66.44
C CYS U 122 -5.36 8.27 66.71
N GLY U 123 -6.59 8.12 66.21
CA GLY U 123 -7.37 6.90 66.51
C GLY U 123 -8.04 6.96 67.85
N ILE U 124 -7.98 8.08 68.57
CA ILE U 124 -8.74 8.23 69.85
C ILE U 124 -10.23 8.26 69.48
N CYS U 125 -10.59 8.78 68.32
CA CYS U 125 -12.04 8.88 68.01
C CYS U 125 -12.56 7.56 67.49
N VAL U 126 -11.77 6.82 66.70
CA VAL U 126 -12.14 5.50 66.23
C VAL U 126 -12.20 4.52 67.39
N ASP U 127 -11.26 4.63 68.33
CA ASP U 127 -11.27 3.79 69.51
C ASP U 127 -12.38 4.17 70.48
N ALA U 128 -12.89 5.39 70.39
CA ALA U 128 -13.91 5.84 71.33
C ALA U 128 -15.30 5.40 70.92
N CYS U 129 -15.75 5.60 69.69
CA CYS U 129 -17.15 5.29 69.28
C CYS U 129 -17.52 3.89 69.75
N PRO U 130 -18.58 3.69 70.56
CA PRO U 130 -18.90 2.38 71.11
C PRO U 130 -19.27 1.34 70.05
N TYR U 131 -20.11 1.71 69.08
CA TYR U 131 -20.50 0.81 67.98
C TYR U 131 -19.73 1.24 66.75
N ASP U 132 -18.56 0.67 66.49
CA ASP U 132 -17.63 1.20 65.44
C ASP U 132 -18.41 1.82 64.29
N VAL U 133 -18.16 3.10 63.99
CA VAL U 133 -18.92 3.83 62.92
C VAL U 133 -17.99 4.86 62.29
N ILE U 134 -16.82 5.07 62.88
CA ILE U 134 -15.83 6.03 62.33
C ILE U 134 -14.70 5.26 61.65
N GLN U 135 -14.54 5.37 60.32
CA GLN U 135 -13.46 4.79 59.56
C GLN U 135 -12.39 5.86 59.35
N LEU U 136 -11.15 5.55 59.74
CA LEU U 136 -10.03 6.51 59.58
C LEU U 136 -9.24 6.13 58.32
N SER U 137 -9.05 7.08 57.41
CA SER U 137 -8.29 6.80 56.16
C SER U 137 -6.86 7.32 56.31
N GLY U 138 -5.87 6.43 56.26
CA GLY U 138 -4.46 6.82 56.42
C GLY U 138 -3.81 7.10 55.09
N GLN U 139 -4.58 7.10 54.00
CA GLN U 139 -4.04 7.28 52.63
C GLN U 139 -4.54 8.59 52.08
N PRO U 140 -3.77 9.32 51.23
CA PRO U 140 -4.19 10.64 50.77
C PRO U 140 -5.56 10.65 50.10
N PRO U 141 -6.47 11.60 50.44
CA PRO U 141 -7.80 11.63 49.88
C PRO U 141 -7.73 12.05 48.41
N GLU V 3 -57.89 44.41 113.07
CA GLU V 3 -58.49 43.25 112.42
C GLU V 3 -58.65 42.13 113.43
N LEU V 4 -57.92 42.24 114.53
CA LEU V 4 -57.93 41.23 115.57
C LEU V 4 -57.28 41.80 116.82
N LEU V 5 -57.77 41.38 117.99
CA LEU V 5 -57.12 41.75 119.24
C LEU V 5 -57.23 40.61 120.23
N ILE V 6 -56.16 40.40 120.98
CA ILE V 6 -56.05 39.30 121.94
C ILE V 6 -56.12 39.93 123.33
N LYS V 7 -57.32 39.98 123.89
CA LYS V 7 -57.56 40.75 125.10
C LYS V 7 -57.25 39.94 126.36
N ASN V 8 -56.50 40.55 127.27
CA ASN V 8 -56.38 40.09 128.65
C ASN V 8 -55.68 38.74 128.77
N GLY V 9 -54.48 38.65 128.20
CA GLY V 9 -53.62 37.49 128.35
C GLY V 9 -52.25 37.90 128.82
N TYR V 10 -51.63 37.08 129.67
CA TYR V 10 -50.29 37.34 130.13
C TYR V 10 -49.35 37.45 128.93
N ILE V 11 -48.47 38.45 128.94
CA ILE V 11 -47.58 38.71 127.83
C ILE V 11 -46.14 38.44 128.26
N PHE V 12 -45.39 37.79 127.39
CA PHE V 12 -43.97 37.52 127.62
C PHE V 12 -43.22 37.88 126.33
N ASP V 13 -42.72 39.11 126.28
CA ASP V 13 -41.99 39.65 125.14
C ASP V 13 -40.60 40.06 125.60
N PRO V 14 -39.61 39.16 125.47
CA PRO V 14 -38.27 39.50 125.95
C PRO V 14 -37.66 40.70 125.27
N ILE V 15 -38.03 40.96 124.01
CA ILE V 15 -37.48 42.11 123.29
C ILE V 15 -37.99 43.41 123.87
N SER V 16 -39.13 43.39 124.56
CA SER V 16 -39.61 44.57 125.27
C SER V 16 -39.53 44.43 126.78
N GLY V 17 -38.93 43.36 127.29
CA GLY V 17 -38.78 43.18 128.73
C GLY V 17 -40.07 43.09 129.50
N ILE V 18 -41.07 42.39 128.96
CA ILE V 18 -42.40 42.32 129.54
C ILE V 18 -42.57 40.98 130.22
N LYS V 19 -42.87 40.99 131.52
CA LYS V 19 -42.99 39.79 132.33
C LYS V 19 -44.39 39.73 132.93
N GLY V 20 -45.26 38.93 132.32
CA GLY V 20 -46.57 38.67 132.89
C GLY V 20 -47.49 39.86 133.01
N ASP V 21 -47.49 40.75 132.03
CA ASP V 21 -48.43 41.85 132.00
C ASP V 21 -49.70 41.46 131.28
N LYS V 22 -50.82 42.02 131.73
CA LYS V 22 -52.11 41.73 131.11
C LYS V 22 -52.32 42.60 129.87
N ALA V 23 -51.34 42.62 128.99
CA ALA V 23 -51.39 43.54 127.86
C ALA V 23 -52.30 43.00 126.77
N ASP V 24 -52.60 43.85 125.80
CA ASP V 24 -53.46 43.50 124.68
C ASP V 24 -52.70 43.75 123.38
N ILE V 25 -52.70 42.75 122.50
CA ILE V 25 -52.06 42.86 121.20
C ILE V 25 -53.15 43.06 120.17
N ALA V 26 -53.02 44.10 119.37
CA ALA V 26 -54.01 44.44 118.35
C ALA V 26 -53.36 44.25 116.98
N ILE V 27 -53.41 43.01 116.49
CA ILE V 27 -52.93 42.74 115.14
C ILE V 27 -53.82 43.46 114.16
N LYS V 28 -53.20 44.11 113.17
CA LYS V 28 -53.95 44.85 112.16
C LYS V 28 -53.28 44.60 110.82
N ASP V 29 -53.89 43.74 110.01
CA ASP V 29 -53.43 43.43 108.66
C ASP V 29 -52.01 42.86 108.67
N GLY V 30 -51.78 41.86 109.51
CA GLY V 30 -50.53 41.12 109.51
C GLY V 30 -49.44 41.71 110.37
N LYS V 31 -49.53 42.98 110.73
CA LYS V 31 -48.49 43.66 111.49
C LYS V 31 -49.10 44.23 112.75
N ILE V 32 -48.44 44.00 113.89
CA ILE V 32 -48.98 44.40 115.17
C ILE V 32 -49.06 45.91 115.25
N VAL V 33 -50.20 46.43 115.69
CA VAL V 33 -50.43 47.86 115.82
C VAL V 33 -51.00 48.12 117.22
N ASP V 34 -50.76 49.33 117.71
CA ASP V 34 -51.14 49.67 119.08
C ASP V 34 -52.65 49.59 119.29
N LYS V 35 -53.41 50.19 118.38
CA LYS V 35 -54.85 50.39 118.58
C LYS V 35 -55.62 50.01 117.33
N VAL V 36 -56.68 49.21 117.53
CA VAL V 36 -57.62 48.87 116.47
C VAL V 36 -59.03 49.04 117.03
N SER V 37 -59.95 49.45 116.15
CA SER V 37 -61.31 49.78 116.56
C SER V 37 -62.08 48.52 116.94
N SER V 38 -63.37 48.71 117.25
CA SER V 38 -64.20 47.65 117.81
C SER V 38 -64.80 46.73 116.75
N LYS V 39 -64.35 46.81 115.49
CA LYS V 39 -64.76 45.85 114.49
C LYS V 39 -63.88 44.60 114.47
N ALA V 40 -62.77 44.60 115.20
CA ALA V 40 -61.88 43.46 115.21
C ALA V 40 -62.45 42.33 116.07
N GLN V 41 -62.47 41.12 115.52
CA GLN V 41 -62.85 39.96 116.31
C GLN V 41 -61.87 39.77 117.46
N VAL V 42 -62.40 39.52 118.65
CA VAL V 42 -61.59 39.48 119.84
C VAL V 42 -61.30 38.04 120.21
N ILE V 43 -60.32 37.85 121.09
CA ILE V 43 -60.00 36.54 121.64
C ILE V 43 -59.89 36.70 123.15
N ASP V 44 -60.74 35.99 123.88
CA ASP V 44 -60.73 36.06 125.33
C ASP V 44 -59.71 35.04 125.84
N ALA V 45 -58.46 35.48 125.94
CA ALA V 45 -57.35 34.62 126.34
C ALA V 45 -57.12 34.64 127.84
N SER V 46 -58.18 34.85 128.63
CA SER V 46 -58.05 35.01 130.07
C SER V 46 -57.34 33.83 130.70
N GLY V 47 -56.36 34.13 131.55
CA GLY V 47 -55.60 33.10 132.24
C GLY V 47 -54.81 32.20 131.31
N LYS V 48 -54.30 32.74 130.22
CA LYS V 48 -53.56 31.96 129.24
C LYS V 48 -52.28 32.69 128.86
N THR V 49 -51.18 31.96 128.81
CA THR V 49 -49.86 32.55 128.61
C THR V 49 -49.63 32.84 127.14
N VAL V 50 -49.48 34.12 126.80
CA VAL V 50 -49.27 34.55 125.42
C VAL V 50 -47.79 34.81 125.22
N MET V 51 -47.26 34.30 124.10
CA MET V 51 -45.91 34.63 123.65
C MET V 51 -46.00 35.14 122.22
N SER V 52 -44.88 35.28 121.54
CA SER V 52 -44.90 35.56 120.12
C SER V 52 -44.71 34.28 119.34
N GLY V 53 -45.00 34.36 118.05
CA GLY V 53 -44.84 33.19 117.19
C GLY V 53 -43.41 32.72 117.17
N GLY V 54 -43.16 31.58 117.81
CA GLY V 54 -41.81 31.07 117.97
C GLY V 54 -41.01 31.05 116.69
N VAL V 55 -39.68 31.15 116.82
CA VAL V 55 -38.76 31.14 115.70
C VAL V 55 -37.77 30.01 115.93
N ASP V 56 -37.63 29.13 114.95
CA ASP V 56 -36.65 28.05 115.02
C ASP V 56 -35.47 28.39 114.11
N ILE V 57 -34.27 28.27 114.65
CA ILE V 57 -33.08 28.77 113.99
C ILE V 57 -32.36 27.64 113.28
N HIS V 58 -32.42 26.43 113.86
CA HIS V 58 -31.70 25.27 113.29
C HIS V 58 -32.60 24.05 113.23
N THR V 59 -33.06 23.70 112.05
CA THR V 59 -33.87 22.50 111.87
C THR V 59 -33.79 22.07 110.41
N HIS V 60 -33.59 20.77 110.19
CA HIS V 60 -33.52 20.24 108.81
C HIS V 60 -34.90 19.72 108.40
N VAL V 61 -35.82 20.60 108.07
CA VAL V 61 -37.18 20.22 107.73
C VAL V 61 -37.39 20.15 106.23
N SER V 62 -36.30 20.12 105.47
CA SER V 62 -36.42 19.98 104.02
C SER V 62 -35.06 19.61 103.44
N GLY V 63 -35.05 19.38 102.14
CA GLY V 63 -33.81 19.22 101.43
C GLY V 63 -33.52 17.79 101.01
N PRO V 64 -32.48 17.65 100.18
CA PRO V 64 -32.11 16.33 99.67
C PRO V 64 -31.71 15.35 100.77
N LYS V 65 -31.06 15.81 101.82
CA LYS V 65 -30.78 14.91 102.95
C LYS V 65 -32.07 14.31 103.48
N VAL V 66 -33.06 15.18 103.71
CA VAL V 66 -34.28 14.73 104.36
C VAL V 66 -35.06 13.82 103.45
N ASN V 67 -35.08 14.11 102.15
CA ASN V 67 -35.78 13.19 101.23
C ASN V 67 -35.07 11.86 101.14
N THR V 68 -33.74 11.86 101.15
CA THR V 68 -33.00 10.60 101.19
C THR V 68 -33.35 9.81 102.43
N GLY V 69 -33.50 10.49 103.56
CA GLY V 69 -33.93 9.79 104.76
C GLY V 69 -35.33 9.22 104.64
N ARG V 70 -36.26 10.01 104.09
CA ARG V 70 -37.63 9.54 103.96
C ARG V 70 -37.71 8.32 103.06
N MET V 71 -37.02 8.33 101.93
CA MET V 71 -36.91 7.11 101.12
C MET V 71 -36.31 5.99 101.93
N MET V 72 -35.07 6.16 102.37
CA MET V 72 -34.32 5.06 102.96
C MET V 72 -35.02 4.42 104.13
N ARG V 73 -35.92 5.13 104.81
CA ARG V 73 -36.45 4.68 106.08
C ARG V 73 -37.97 4.65 106.05
N PRO V 74 -38.56 3.58 105.53
CA PRO V 74 -40.02 3.39 105.64
C PRO V 74 -40.44 2.67 106.91
N GLU V 75 -39.51 2.06 107.64
CA GLU V 75 -39.81 1.66 109.01
C GLU V 75 -40.23 2.87 109.83
N ASP V 76 -39.74 4.04 109.47
CA ASP V 76 -40.01 5.25 110.24
C ASP V 76 -41.51 5.49 110.37
N LYS V 77 -42.24 5.36 109.26
CA LYS V 77 -43.68 5.58 109.29
C LYS V 77 -44.42 4.44 109.97
N PHE V 78 -44.06 3.20 109.67
CA PHE V 78 -44.81 2.01 110.05
C PHE V 78 -43.91 1.12 110.88
N PHE V 79 -44.38 0.70 112.06
CA PHE V 79 -43.55 -0.10 112.94
C PHE V 79 -44.39 -0.98 113.85
N ARG V 80 -44.08 -2.27 113.87
CA ARG V 80 -44.73 -3.24 114.74
C ARG V 80 -46.24 -3.30 114.51
N GLY V 81 -46.68 -3.06 113.29
CA GLY V 81 -48.08 -3.15 112.94
C GLY V 81 -48.83 -1.84 112.96
N SER V 82 -48.47 -0.93 113.85
CA SER V 82 -49.17 0.33 114.02
C SER V 82 -48.25 1.48 113.63
N TYR V 83 -48.84 2.61 113.30
CA TYR V 83 -48.08 3.75 112.81
C TYR V 83 -47.56 4.56 114.00
N ARG V 84 -46.24 4.67 114.12
CA ARG V 84 -45.67 5.49 115.18
C ARG V 84 -45.89 6.97 114.97
N GLY V 85 -46.26 7.39 113.76
CA GLY V 85 -46.56 8.78 113.59
C GLY V 85 -47.90 9.21 114.12
N GLY V 86 -48.68 8.27 114.64
CA GLY V 86 -50.07 8.52 114.96
C GLY V 86 -50.90 8.55 113.70
N ILE V 87 -52.22 8.54 113.91
CA ILE V 87 -53.17 8.59 112.80
C ILE V 87 -53.97 9.87 112.95
N ILE V 88 -53.87 10.76 111.96
CA ILE V 88 -54.63 12.00 112.03
C ILE V 88 -54.69 12.72 110.68
N LYS V 89 -55.84 13.33 110.40
CA LYS V 89 -56.06 14.16 109.22
C LYS V 89 -56.79 15.43 109.62
N GLN V 90 -56.28 16.13 110.65
CA GLN V 90 -56.87 17.41 111.04
C GLN V 90 -56.94 18.35 109.85
N GLY V 91 -55.82 18.56 109.17
CA GLY V 91 -55.76 19.47 108.05
C GLY V 91 -56.34 18.85 106.81
N LYS V 92 -56.11 19.53 105.69
CA LYS V 92 -56.61 19.03 104.43
C LYS V 92 -55.75 17.92 103.84
N ARG V 93 -54.63 17.57 104.47
CA ARG V 93 -53.78 16.51 103.98
C ARG V 93 -53.43 15.55 105.11
N MET V 94 -52.49 14.66 104.83
CA MET V 94 -52.12 13.57 105.72
C MET V 94 -50.91 13.95 106.57
N GLU V 95 -50.70 13.17 107.63
CA GLU V 95 -49.49 13.32 108.43
C GLU V 95 -48.83 11.96 108.57
N MET V 96 -47.74 11.77 107.84
CA MET V 96 -46.95 10.53 107.83
C MET V 96 -45.58 10.80 108.41
N GLY V 97 -45.16 9.96 109.35
CA GLY V 97 -43.79 10.01 109.80
C GLY V 97 -43.63 10.35 111.26
N PHE V 98 -42.90 9.53 112.01
CA PHE V 98 -42.54 9.90 113.37
C PHE V 98 -41.33 10.82 113.37
N SER V 99 -40.19 10.30 112.94
CA SER V 99 -39.08 11.16 112.59
C SER V 99 -39.29 11.68 111.18
N ILE V 100 -38.46 12.63 110.77
CA ILE V 100 -38.46 13.21 109.43
C ILE V 100 -39.87 13.26 108.84
N PRO V 101 -40.81 13.94 109.50
CA PRO V 101 -42.19 13.91 109.01
C PRO V 101 -42.30 14.51 107.62
N SER V 102 -43.30 14.04 106.89
CA SER V 102 -43.61 14.66 105.61
C SER V 102 -43.87 16.15 105.81
N THR V 103 -43.72 16.85 104.70
CA THR V 103 -43.85 18.31 104.74
C THR V 103 -45.18 18.69 105.36
N TYR V 104 -46.22 17.89 105.21
CA TYR V 104 -47.53 18.39 105.71
C TYR V 104 -47.60 18.17 107.21
N LYS V 105 -46.87 17.23 107.73
CA LYS V 105 -46.79 16.99 109.17
C LYS V 105 -45.87 17.98 109.86
N THR V 106 -44.75 18.33 109.22
CA THR V 106 -43.86 19.32 109.84
C THR V 106 -44.58 20.65 110.01
N GLY V 107 -45.25 21.10 108.96
CA GLY V 107 -45.96 22.37 109.05
C GLY V 107 -47.05 22.35 110.11
N TYR V 108 -47.85 21.29 110.13
CA TYR V 108 -48.94 21.24 111.10
C TYR V 108 -48.41 21.07 112.52
N ALA V 109 -47.34 20.30 112.70
CA ALA V 109 -46.81 20.08 114.04
C ALA V 109 -46.19 21.35 114.60
N TYR V 110 -45.44 22.10 113.80
CA TYR V 110 -45.01 23.42 114.24
C TYR V 110 -46.17 24.37 114.50
N ALA V 111 -47.19 24.38 113.66
CA ALA V 111 -48.33 25.24 113.93
C ALA V 111 -48.95 24.91 115.28
N ARG V 112 -49.11 23.62 115.58
CA ARG V 112 -49.62 23.22 116.88
C ARG V 112 -48.64 23.53 118.01
N MET V 113 -47.34 23.53 117.70
CA MET V 113 -46.34 23.93 118.70
C MET V 113 -46.43 25.41 119.03
N GLY V 114 -46.90 26.21 118.08
CA GLY V 114 -46.84 27.64 118.18
C GLY V 114 -45.78 28.27 117.31
N TYR V 115 -44.84 27.47 116.81
CA TYR V 115 -43.77 28.00 115.98
C TYR V 115 -44.31 28.56 114.68
N THR V 116 -43.60 29.55 114.14
CA THR V 116 -44.03 30.18 112.90
C THR V 116 -42.92 30.39 111.88
N PHE V 117 -41.67 30.42 112.29
CA PHE V 117 -40.56 30.55 111.35
C PHE V 117 -39.60 29.40 111.60
N THR V 118 -39.19 28.72 110.52
CA THR V 118 -38.21 27.66 110.64
C THR V 118 -37.12 27.86 109.61
N ASN V 119 -35.89 27.84 110.08
CA ASN V 119 -34.71 28.13 109.29
C ASN V 119 -34.09 26.81 108.89
N GLU V 120 -34.45 26.31 107.71
CA GLU V 120 -33.86 25.08 107.21
C GLU V 120 -32.36 25.23 107.07
N ALA V 121 -31.63 24.65 108.00
CA ALA V 121 -30.21 24.97 108.05
C ALA V 121 -29.42 24.64 106.80
N ALA V 122 -29.13 23.38 106.53
CA ALA V 122 -28.20 23.12 105.42
C ALA V 122 -28.84 22.83 104.07
N MET V 123 -28.37 23.51 103.04
CA MET V 123 -28.76 23.16 101.69
C MET V 123 -27.55 23.25 100.77
N PRO V 124 -27.22 22.20 100.02
CA PRO V 124 -26.22 22.34 98.98
C PRO V 124 -26.69 23.34 97.94
N PRO V 125 -25.88 24.35 97.55
CA PRO V 125 -26.39 25.34 96.60
C PRO V 125 -26.91 24.76 95.28
N LEU V 126 -26.34 23.67 94.79
CA LEU V 126 -26.73 23.04 93.50
C LEU V 126 -28.14 22.49 93.57
N LEU V 127 -28.62 22.20 94.78
CA LEU V 127 -29.91 21.52 94.94
C LEU V 127 -30.98 22.46 95.49
N ALA V 128 -31.03 23.67 94.97
CA ALA V 128 -31.94 24.69 95.46
C ALA V 128 -33.38 24.53 95.01
N PRO V 129 -33.66 24.10 93.77
CA PRO V 129 -35.06 23.88 93.40
C PRO V 129 -35.75 22.83 94.25
N HIS V 130 -35.01 21.82 94.71
CA HIS V 130 -35.56 20.83 95.63
C HIS V 130 -36.07 21.49 96.90
N VAL V 131 -35.22 22.31 97.53
CA VAL V 131 -35.59 22.94 98.78
C VAL V 131 -36.77 23.86 98.57
N HIS V 132 -36.80 24.59 97.45
CA HIS V 132 -37.89 25.52 97.27
C HIS V 132 -39.20 24.82 96.91
N GLU V 133 -39.11 23.60 96.40
CA GLU V 133 -40.30 22.79 96.07
C GLU V 133 -40.91 22.24 97.36
N GLU V 134 -40.11 21.66 98.24
CA GLU V 134 -40.62 21.16 99.54
C GLU V 134 -41.20 22.31 100.33
N PHE V 135 -40.60 23.49 100.27
CA PHE V 135 -41.12 24.69 100.97
C PHE V 135 -42.48 25.07 100.41
N ARG V 136 -42.69 24.98 99.12
CA ARG V 136 -44.05 25.29 98.62
C ARG V 136 -45.06 24.34 99.27
N ASP V 137 -44.65 23.13 99.60
CA ASP V 137 -45.60 22.15 100.18
C ASP V 137 -45.69 22.22 101.72
N THR V 138 -44.72 22.82 102.42
CA THR V 138 -44.90 22.96 103.88
C THR V 138 -46.09 23.90 104.10
N PRO V 139 -47.05 23.60 104.99
CA PRO V 139 -48.28 24.40 105.07
C PRO V 139 -48.43 25.84 105.59
N ILE V 140 -47.91 26.15 106.77
CA ILE V 140 -48.17 27.51 107.33
C ILE V 140 -46.87 28.23 107.67
N LEU V 141 -45.85 27.52 108.15
CA LEU V 141 -44.61 28.17 108.62
C LEU V 141 -43.90 28.99 107.54
N ASP V 142 -43.42 30.18 107.87
CA ASP V 142 -42.60 30.98 106.93
C ASP V 142 -41.26 30.30 107.02
N GLN V 143 -40.42 30.39 105.99
CA GLN V 143 -39.26 29.51 105.98
C GLN V 143 -38.13 30.10 105.14
N ALA V 144 -36.91 30.00 105.64
CA ALA V 144 -35.72 30.35 104.89
C ALA V 144 -34.70 29.24 105.02
N ALA V 145 -33.81 29.15 104.04
CA ALA V 145 -32.79 28.12 104.02
C ALA V 145 -31.42 28.77 103.90
N MET V 146 -30.42 28.10 104.45
CA MET V 146 -29.07 28.69 104.53
C MET V 146 -28.08 27.95 103.60
N PRO V 147 -27.61 28.53 102.48
CA PRO V 147 -26.71 27.80 101.60
C PRO V 147 -25.41 27.45 102.33
N VAL V 148 -24.78 26.30 102.04
CA VAL V 148 -23.55 25.86 102.75
C VAL V 148 -22.29 26.32 101.99
N PHE V 149 -21.46 27.18 102.61
CA PHE V 149 -20.29 27.77 101.92
C PHE V 149 -18.96 27.38 102.56
N GLY V 150 -18.92 26.30 103.33
CA GLY V 150 -17.67 25.96 104.01
C GLY V 150 -16.86 24.91 103.31
N ASN V 151 -17.37 24.36 102.21
CA ASN V 151 -16.62 23.36 101.41
C ASN V 151 -16.75 23.68 99.92
N ASN V 152 -17.26 24.87 99.58
CA ASN V 152 -17.35 25.29 98.17
C ASN V 152 -15.91 25.43 97.67
N TRP V 153 -15.61 24.94 96.48
CA TRP V 153 -14.25 25.08 95.91
C TRP V 153 -13.97 26.56 95.65
N PHE V 154 -14.95 27.34 95.20
CA PHE V 154 -14.74 28.78 94.87
C PHE V 154 -14.32 29.52 96.14
N CYS V 155 -14.85 29.11 97.29
CA CYS V 155 -14.51 29.75 98.59
C CYS V 155 -13.32 29.06 99.19
N PHE V 156 -12.67 28.18 98.45
CA PHE V 156 -11.41 27.54 98.92
C PHE V 156 -10.33 28.29 98.18
N GLU V 157 -10.60 28.64 96.94
CA GLU V 157 -9.67 29.47 96.17
C GLU V 157 -9.52 30.86 96.78
N TYR V 158 -10.64 31.51 97.07
CA TYR V 158 -10.57 32.92 97.45
C TYR V 158 -10.01 33.11 98.85
N ILE V 159 -10.35 32.23 99.80
CA ILE V 159 -9.71 32.31 101.11
C ILE V 159 -8.29 31.75 101.10
N LYS V 160 -7.89 30.99 100.07
CA LYS V 160 -6.47 30.75 99.88
C LYS V 160 -5.75 32.03 99.49
N ASN V 161 -6.30 32.76 98.53
CA ASN V 161 -5.57 33.84 97.88
C ASN V 161 -5.88 35.22 98.46
N LYS V 162 -6.70 35.29 99.51
CA LYS V 162 -6.91 36.52 100.26
C LYS V 162 -7.55 37.62 99.39
N GLU V 163 -8.74 37.33 98.87
CA GLU V 163 -9.55 38.31 98.14
C GLU V 163 -10.90 38.44 98.85
N LEU V 164 -10.95 39.36 99.80
CA LEU V 164 -12.20 39.59 100.52
C LEU V 164 -13.29 40.09 99.59
N GLU V 165 -12.95 41.01 98.69
CA GLU V 165 -13.97 41.55 97.79
C GLU V 165 -14.51 40.49 96.86
N ASN V 166 -13.63 39.67 96.28
CA ASN V 166 -14.09 38.63 95.38
C ASN V 166 -14.93 37.60 96.11
N ASN V 167 -14.50 37.19 97.30
CA ASN V 167 -15.28 36.20 98.03
C ASN V 167 -16.62 36.78 98.46
N ALA V 168 -16.67 38.06 98.80
CA ALA V 168 -17.94 38.69 99.13
C ALA V 168 -18.87 38.73 97.93
N ALA V 169 -18.33 39.07 96.76
CA ALA V 169 -19.16 39.07 95.56
C ALA V 169 -19.67 37.67 95.27
N TYR V 170 -18.92 36.65 95.65
CA TYR V 170 -19.35 35.28 95.29
C TYR V 170 -20.44 34.87 96.28
N VAL V 171 -20.26 35.25 97.53
CA VAL V 171 -21.31 34.91 98.49
C VAL V 171 -22.61 35.62 98.13
N ALA V 172 -22.53 36.86 97.67
CA ALA V 172 -23.73 37.58 97.25
C ALA V 172 -24.37 36.92 96.04
N TRP V 173 -23.55 36.50 95.07
CA TRP V 173 -24.11 35.80 93.91
C TRP V 173 -24.77 34.51 94.32
N LEU V 174 -24.12 33.73 95.18
CA LEU V 174 -24.73 32.44 95.58
C LEU V 174 -26.04 32.77 96.25
N LEU V 175 -26.02 33.58 97.29
CA LEU V 175 -27.25 33.86 98.02
C LEU V 175 -28.35 34.31 97.08
N ASN V 176 -28.02 35.16 96.11
CA ASN V 176 -29.03 35.60 95.15
C ASN V 176 -29.51 34.49 94.24
N ALA V 177 -28.69 33.45 94.04
CA ALA V 177 -29.12 32.35 93.19
C ALA V 177 -29.96 31.34 93.96
N THR V 178 -29.48 30.89 95.11
CA THR V 178 -30.19 29.88 95.89
C THR V 178 -31.20 30.47 96.87
N LYS V 179 -31.40 31.78 96.85
CA LYS V 179 -32.37 32.46 97.69
C LYS V 179 -32.19 32.12 99.17
N GLY V 180 -30.94 32.07 99.63
CA GLY V 180 -30.63 31.75 101.01
C GLY V 180 -30.74 32.96 101.90
N ILE V 181 -30.42 32.75 103.17
CA ILE V 181 -30.53 33.83 104.15
C ILE V 181 -29.23 33.98 104.94
N GLY V 182 -28.34 32.99 104.92
CA GLY V 182 -27.06 33.24 105.58
C GLY V 182 -25.91 32.42 105.08
N ILE V 183 -25.13 31.85 105.98
CA ILE V 183 -23.94 31.03 105.60
C ILE V 183 -23.84 29.92 106.63
N KCX V 184 -23.72 28.67 106.20
CA KCX V 184 -23.47 27.61 107.19
CB KCX V 184 -24.56 26.54 107.22
CG KCX V 184 -24.68 25.82 108.56
CD KCX V 184 -25.52 24.58 108.56
CE KCX V 184 -25.28 23.75 109.79
NZ KCX V 184 -25.78 22.38 109.65
C KCX V 184 -22.15 26.98 106.83
O KCX V 184 -21.93 26.76 105.63
CX KCX V 184 -25.65 21.46 110.61
OQ1 KCX V 184 -26.40 20.53 110.76
OQ2 KCX V 184 -24.61 21.64 111.41
N VAL V 185 -21.26 26.79 107.80
CA VAL V 185 -20.01 26.05 107.53
C VAL V 185 -20.20 24.70 108.21
N VAL V 186 -20.30 23.64 107.43
CA VAL V 186 -20.50 22.28 107.99
C VAL V 186 -19.17 21.56 107.88
N ASN V 187 -18.54 21.28 109.01
CA ASN V 187 -17.26 20.57 109.09
C ASN V 187 -16.26 21.27 108.17
N PRO V 188 -15.76 22.46 108.55
CA PRO V 188 -14.98 23.28 107.62
C PRO V 188 -13.84 22.53 106.98
N GLY V 189 -13.84 22.44 105.66
CA GLY V 189 -12.77 21.76 104.95
C GLY V 189 -12.82 20.25 104.91
N GLY V 190 -13.14 19.62 106.04
CA GLY V 190 -13.12 18.18 106.13
C GLY V 190 -14.06 17.45 105.20
N THR V 191 -15.24 18.00 104.98
CA THR V 191 -16.23 17.34 104.15
C THR V 191 -15.69 17.14 102.74
N GLU V 192 -14.82 18.03 102.29
CA GLU V 192 -14.23 17.83 100.97
C GLU V 192 -13.18 16.74 100.99
N ALA V 193 -12.38 16.67 102.06
CA ALA V 193 -11.45 15.54 102.18
C ALA V 193 -12.20 14.22 102.26
N TRP V 194 -13.46 14.26 102.69
CA TRP V 194 -14.25 13.03 102.63
C TRP V 194 -14.48 12.59 101.20
N ALA V 195 -14.52 13.53 100.25
CA ALA V 195 -14.70 13.15 98.86
C ALA V 195 -13.58 12.24 98.38
N TRP V 196 -12.42 12.30 99.03
CA TRP V 196 -11.36 11.34 98.82
C TRP V 196 -11.36 10.23 99.87
N GLY V 197 -12.09 10.42 100.97
CA GLY V 197 -12.19 9.39 101.98
C GLY V 197 -11.54 9.73 103.30
N GLU V 198 -11.01 10.94 103.45
CA GLU V 198 -10.35 11.36 104.67
C GLU V 198 -11.24 12.35 105.42
N ASN V 199 -10.73 12.82 106.56
CA ASN V 199 -11.46 13.79 107.36
C ASN V 199 -10.47 14.72 108.03
N CYS V 200 -10.91 15.95 108.27
CA CYS V 200 -10.10 16.95 108.96
C CYS V 200 -10.39 16.83 110.44
N THR V 201 -9.53 16.11 111.16
CA THR V 201 -9.79 15.74 112.54
C THR V 201 -9.52 16.86 113.54
N THR V 202 -8.95 17.97 113.11
CA THR V 202 -8.66 19.09 113.99
C THR V 202 -9.00 20.38 113.25
N ILE V 203 -8.51 21.50 113.79
CA ILE V 203 -8.74 22.80 113.19
C ILE V 203 -7.60 23.24 112.30
N ASN V 204 -6.46 22.57 112.35
CA ASN V 204 -5.24 23.04 111.70
C ASN V 204 -4.84 22.28 110.46
N ASP V 205 -5.30 21.04 110.26
CA ASP V 205 -4.80 20.22 109.17
C ASP V 205 -5.33 20.72 107.82
N PRO V 206 -4.52 20.62 106.77
CA PRO V 206 -4.91 21.17 105.47
C PRO V 206 -5.86 20.26 104.71
N VAL V 207 -6.61 20.87 103.81
CA VAL V 207 -7.47 20.13 102.89
C VAL V 207 -6.59 19.50 101.82
N PRO V 208 -6.91 18.30 101.33
CA PRO V 208 -6.14 17.73 100.23
C PRO V 208 -6.15 18.60 98.98
N TYR V 209 -4.96 18.91 98.49
CA TYR V 209 -4.68 19.66 97.26
C TYR V 209 -4.98 21.15 97.41
N PHE V 210 -5.65 21.56 98.48
CA PHE V 210 -5.96 22.97 98.63
C PHE V 210 -5.08 23.66 99.65
N ASP V 211 -4.54 22.92 100.62
CA ASP V 211 -3.61 23.45 101.60
C ASP V 211 -4.15 24.69 102.30
N ILE V 212 -5.46 24.75 102.43
CA ILE V 212 -6.14 25.71 103.30
C ILE V 212 -6.64 24.92 104.50
N THR V 213 -6.84 25.61 105.60
CA THR V 213 -7.20 24.89 106.81
C THR V 213 -8.59 25.30 107.30
N PRO V 214 -9.20 24.49 108.15
CA PRO V 214 -10.46 24.90 108.77
C PRO V 214 -10.39 26.27 109.43
N ALA V 215 -9.30 26.58 110.12
CA ALA V 215 -9.18 27.88 110.76
C ALA V 215 -9.20 29.00 109.71
N GLU V 216 -8.42 28.84 108.64
CA GLU V 216 -8.38 29.89 107.62
C GLU V 216 -9.73 30.07 106.96
N ILE V 217 -10.43 28.97 106.67
CA ILE V 217 -11.70 29.11 105.96
C ILE V 217 -12.76 29.73 106.87
N VAL V 218 -12.79 29.35 108.15
CA VAL V 218 -13.74 29.96 109.07
C VAL V 218 -13.46 31.45 109.20
N LYS V 219 -12.20 31.84 109.35
CA LYS V 219 -11.87 33.25 109.48
C LYS V 219 -12.23 34.02 108.22
N GLY V 220 -11.95 33.45 107.05
CA GLY V 220 -12.30 34.13 105.82
C GLY V 220 -13.80 34.33 105.66
N LEU V 221 -14.57 33.31 106.00
CA LEU V 221 -16.02 33.46 105.91
C LEU V 221 -16.56 34.45 106.92
N ILE V 222 -15.98 34.50 108.13
CA ILE V 222 -16.40 35.51 109.09
C ILE V 222 -16.12 36.91 108.56
N GLU V 223 -14.92 37.13 108.03
CA GLU V 223 -14.60 38.44 107.48
C GLU V 223 -15.56 38.81 106.36
N THR V 224 -15.84 37.86 105.47
CA THR V 224 -16.80 38.10 104.39
C THR V 224 -18.17 38.47 104.93
N ASN V 225 -18.66 37.71 105.90
CA ASN V 225 -20.00 37.91 106.42
C ASN V 225 -20.13 39.27 107.08
N GLU V 226 -19.20 39.59 107.98
CA GLU V 226 -19.33 40.85 108.71
C GLU V 226 -19.03 42.04 107.82
N TYR V 227 -18.31 41.81 106.72
CA TYR V 227 -18.08 42.88 105.75
C TYR V 227 -19.33 43.19 104.96
N LEU V 228 -20.00 42.15 104.46
CA LEU V 228 -21.26 42.36 103.75
C LEU V 228 -22.39 42.78 104.68
N GLY V 229 -22.27 42.52 105.97
CA GLY V 229 -23.34 42.83 106.89
C GLY V 229 -24.60 42.01 106.68
N LEU V 230 -24.45 40.70 106.46
CA LEU V 230 -25.60 39.85 106.26
C LEU V 230 -26.41 39.77 107.55
N PRO V 231 -27.71 39.50 107.47
CA PRO V 231 -28.52 39.42 108.68
C PRO V 231 -27.99 38.42 109.69
N HIS V 232 -27.89 37.15 109.29
CA HIS V 232 -27.45 36.11 110.19
C HIS V 232 -25.94 35.93 110.09
N SER V 233 -25.34 35.51 111.20
CA SER V 233 -23.89 35.40 111.29
C SER V 233 -23.43 34.15 110.55
N VAL V 234 -22.16 33.81 110.69
CA VAL V 234 -21.64 32.55 110.16
C VAL V 234 -22.09 31.44 111.11
N HIS V 235 -23.13 30.71 110.70
CA HIS V 235 -23.59 29.56 111.49
C HIS V 235 -22.51 28.52 111.30
N ILE V 236 -22.01 27.94 112.37
CA ILE V 236 -20.85 27.07 112.28
C ILE V 236 -21.20 25.71 112.87
N HIS V 237 -20.74 24.63 112.21
CA HIS V 237 -20.88 23.26 112.75
C HIS V 237 -19.67 23.03 113.65
N GLY V 238 -18.51 22.77 113.07
CA GLY V 238 -17.34 22.44 113.85
C GLY V 238 -16.66 21.17 113.36
N ASN V 239 -15.59 20.82 114.06
CA ASN V 239 -14.75 19.69 113.70
C ASN V 239 -14.66 18.71 114.87
N ASN V 240 -14.26 17.48 114.55
CA ASN V 240 -14.16 16.40 115.52
C ASN V 240 -15.50 16.21 116.24
N LEU V 241 -16.56 16.16 115.45
CA LEU V 241 -17.90 15.99 115.99
C LEU V 241 -18.11 14.57 116.49
N GLY V 242 -18.81 14.45 117.62
CA GLY V 242 -19.24 13.14 118.07
C GLY V 242 -18.16 12.23 118.57
N ASN V 243 -17.04 12.75 119.04
CA ASN V 243 -16.00 11.94 119.62
C ASN V 243 -15.63 12.44 121.00
N PRO V 244 -15.18 11.57 121.88
CA PRO V 244 -14.78 12.00 123.22
C PRO V 244 -13.56 12.93 123.15
N GLY V 245 -13.50 13.84 124.11
CA GLY V 245 -12.37 14.74 124.23
C GLY V 245 -12.37 15.93 123.31
N ASN V 246 -13.45 16.17 122.56
CA ASN V 246 -13.43 17.24 121.57
C ASN V 246 -13.90 18.58 122.14
N TYR V 247 -14.04 18.70 123.46
CA TYR V 247 -14.30 20.02 124.01
C TYR V 247 -13.10 20.93 123.83
N LYS V 248 -11.89 20.38 123.85
CA LYS V 248 -10.70 21.18 123.56
C LYS V 248 -10.78 21.76 122.15
N ASP V 249 -11.13 20.93 121.17
CA ASP V 249 -11.24 21.43 119.82
C ASP V 249 -12.41 22.40 119.68
N THR V 250 -13.47 22.21 120.46
CA THR V 250 -14.58 23.14 120.41
C THR V 250 -14.16 24.51 120.90
N LEU V 251 -13.37 24.56 121.97
CA LEU V 251 -12.83 25.85 122.41
C LEU V 251 -11.88 26.43 121.37
N ASP V 252 -11.07 25.59 120.75
CA ASP V 252 -10.16 26.08 119.71
C ASP V 252 -10.93 26.72 118.57
N THR V 253 -12.03 26.12 118.15
CA THR V 253 -12.81 26.71 117.06
C THR V 253 -13.63 27.90 117.52
N LEU V 254 -14.01 27.97 118.79
CA LEU V 254 -14.73 29.14 119.28
C LEU V 254 -13.81 30.34 119.46
N ARG V 255 -12.52 30.10 119.65
CA ARG V 255 -11.60 31.22 119.78
C ARG V 255 -11.31 31.92 118.47
N LEU V 256 -12.03 31.59 117.39
CA LEU V 256 -11.77 32.19 116.09
C LEU V 256 -12.48 33.52 115.89
N ALA V 257 -13.30 33.95 116.83
CA ALA V 257 -14.07 35.17 116.70
C ALA V 257 -13.53 36.32 117.54
N GLU V 258 -12.41 36.13 118.22
CA GLU V 258 -11.93 37.06 119.23
C GLU V 258 -11.55 38.42 118.67
N SER V 259 -11.68 38.62 117.36
CA SER V 259 -11.19 39.86 116.75
C SER V 259 -12.18 40.43 115.75
N TYR V 260 -13.48 40.27 115.97
CA TYR V 260 -14.47 40.78 115.04
C TYR V 260 -15.63 41.40 115.81
N LYS V 261 -16.36 42.26 115.13
CA LYS V 261 -17.52 42.95 115.69
C LYS V 261 -18.65 42.91 114.68
N ALA V 262 -19.86 42.60 115.15
CA ALA V 262 -21.01 42.45 114.28
C ALA V 262 -21.46 43.81 113.78
N LYS V 263 -21.20 44.11 112.51
CA LYS V 263 -21.61 45.36 111.89
C LYS V 263 -22.70 45.11 110.87
N ASN V 264 -23.87 45.67 111.11
CA ASN V 264 -25.00 45.54 110.20
C ASN V 264 -26.07 46.53 110.64
N LYS V 265 -27.06 46.73 109.77
CA LYS V 265 -28.21 47.55 110.11
C LYS V 265 -29.28 46.77 110.85
N PHE V 266 -29.06 45.49 111.09
CA PHE V 266 -29.98 44.67 111.88
C PHE V 266 -29.37 44.43 113.26
N GLY V 267 -30.23 44.17 114.23
CA GLY V 267 -29.73 44.00 115.57
C GLY V 267 -29.28 42.59 115.87
N ARG V 268 -27.97 42.35 115.84
CA ARG V 268 -27.44 41.08 116.30
C ARG V 268 -26.07 41.29 116.92
N GLU V 269 -25.81 40.59 118.03
CA GLU V 269 -24.58 40.71 118.79
C GLU V 269 -23.62 39.55 118.56
N GLN V 270 -24.09 38.47 117.93
CA GLN V 270 -23.21 37.39 117.54
C GLN V 270 -22.27 37.85 116.45
N VAL V 271 -21.18 37.10 116.27
CA VAL V 271 -20.43 37.13 115.04
C VAL V 271 -20.36 35.75 114.41
N LEU V 272 -20.42 34.70 115.22
CA LEU V 272 -20.62 33.34 114.74
C LEU V 272 -21.53 32.60 115.71
N HIS V 273 -22.26 31.63 115.17
CA HIS V 273 -23.25 30.87 115.92
C HIS V 273 -22.84 29.41 115.93
N ASN V 274 -22.39 28.92 117.09
CA ASN V 274 -21.95 27.55 117.21
C ASN V 274 -23.15 26.69 117.59
N THR V 275 -23.48 25.75 116.69
CA THR V 275 -24.74 24.99 116.82
C THR V 275 -24.60 23.73 117.65
N HIS V 276 -25.59 22.84 117.61
CA HIS V 276 -25.64 21.64 118.47
C HIS V 276 -24.39 21.47 119.32
N ILE V 277 -24.23 22.27 120.36
CA ILE V 277 -23.00 22.16 121.15
C ILE V 277 -22.97 21.00 122.13
N GLN V 278 -24.12 20.39 122.45
CA GLN V 278 -24.00 19.20 123.28
C GLN V 278 -23.33 18.07 122.50
N PHE V 279 -23.25 18.19 121.18
CA PHE V 279 -22.47 17.26 120.38
C PHE V 279 -20.99 17.60 120.39
N HIS V 280 -20.65 18.88 120.55
CA HIS V 280 -19.27 19.32 120.56
C HIS V 280 -18.66 19.38 121.95
N SER V 281 -19.44 19.10 122.98
CA SER V 281 -18.95 19.26 124.35
C SER V 281 -18.62 17.94 125.03
N TYR V 282 -18.07 16.98 124.31
CA TYR V 282 -17.69 15.73 124.94
C TYR V 282 -16.33 15.88 125.63
N LYS V 283 -15.95 14.85 126.38
CA LYS V 283 -14.70 14.87 127.13
C LYS V 283 -14.22 13.44 127.30
N GLY V 284 -12.94 13.29 127.60
CA GLY V 284 -12.38 11.98 127.83
C GLY V 284 -11.82 11.35 126.58
N THR V 285 -11.33 10.13 126.75
CA THR V 285 -10.60 9.41 125.71
C THR V 285 -11.50 8.56 124.82
N SER V 286 -12.34 7.71 125.41
CA SER V 286 -13.20 6.83 124.64
C SER V 286 -14.56 6.79 125.31
N TRP V 287 -15.39 5.82 124.93
CA TRP V 287 -16.74 5.72 125.45
C TRP V 287 -16.83 5.05 126.81
N ALA V 288 -15.70 4.61 127.37
CA ALA V 288 -15.69 4.09 128.73
C ALA V 288 -15.09 5.06 129.74
N ASP V 289 -14.42 6.12 129.27
CA ASP V 289 -13.89 7.15 130.13
C ASP V 289 -14.43 8.50 129.66
N PHE V 290 -15.73 8.55 129.46
CA PHE V 290 -16.41 9.62 128.74
C PHE V 290 -17.27 10.42 129.71
N GLU V 291 -17.00 11.71 129.83
CA GLU V 291 -17.83 12.59 130.65
C GLU V 291 -18.08 13.92 129.96
N SER V 292 -18.64 14.89 130.69
CA SER V 292 -19.21 16.08 130.10
C SER V 292 -18.27 17.28 130.23
N GLY V 293 -18.09 18.01 129.13
CA GLY V 293 -17.31 19.23 129.13
C GLY V 293 -18.17 20.47 128.98
N ALA V 294 -19.46 20.31 129.26
CA ALA V 294 -20.39 21.43 129.15
C ALA V 294 -20.00 22.58 130.07
N LYS V 295 -19.43 22.25 131.23
CA LYS V 295 -18.99 23.30 132.15
C LYS V 295 -17.97 24.22 131.49
N GLU V 296 -16.94 23.64 130.88
CA GLU V 296 -15.92 24.45 130.21
C GLU V 296 -16.51 25.20 129.01
N ILE V 297 -17.34 24.52 128.21
CA ILE V 297 -17.90 25.19 127.04
C ILE V 297 -18.72 26.41 127.46
N MET V 298 -19.56 26.25 128.47
CA MET V 298 -20.36 27.38 128.89
C MET V 298 -19.58 28.40 129.69
N ASP V 299 -18.46 28.03 130.31
CA ASP V 299 -17.62 29.08 130.86
C ASP V 299 -17.08 29.97 129.76
N TYR V 300 -16.61 29.38 128.67
CA TYR V 300 -16.12 30.19 127.57
C TYR V 300 -17.24 31.04 126.96
N VAL V 301 -18.43 30.47 126.80
CA VAL V 301 -19.53 31.23 126.21
C VAL V 301 -20.01 32.32 127.15
N ASN V 302 -20.06 32.04 128.46
CA ASN V 302 -20.45 33.06 129.42
C ASN V 302 -19.43 34.18 129.47
N ALA V 303 -18.17 33.89 129.15
CA ALA V 303 -17.20 34.96 128.98
C ALA V 303 -17.52 35.81 127.75
N ASN V 304 -17.53 35.19 126.58
CA ASN V 304 -17.58 35.92 125.32
C ASN V 304 -19.01 36.33 124.97
N LYS V 305 -19.17 37.60 124.59
CA LYS V 305 -20.47 38.16 124.24
C LYS V 305 -20.73 38.20 122.74
N ASN V 306 -19.77 37.83 121.89
CA ASN V 306 -20.01 37.76 120.47
C ASN V 306 -20.24 36.34 120.00
N ILE V 307 -20.44 35.40 120.92
CA ILE V 307 -20.66 34.00 120.61
C ILE V 307 -22.02 33.61 121.18
N THR V 308 -22.92 33.17 120.32
CA THR V 308 -24.20 32.62 120.74
C THR V 308 -24.31 31.19 120.25
N CYS V 309 -25.11 30.41 120.97
CA CYS V 309 -25.08 28.96 120.88
C CYS V 309 -26.50 28.44 120.68
N ASP V 310 -26.61 27.12 120.53
CA ASP V 310 -27.87 26.46 120.83
C ASP V 310 -27.55 25.04 121.28
N ILE V 311 -28.49 24.43 121.96
CA ILE V 311 -28.28 23.10 122.47
C ILE V 311 -28.86 22.10 121.48
N GLY V 312 -28.32 20.89 121.52
CA GLY V 312 -28.79 19.81 120.68
C GLY V 312 -29.35 18.69 121.53
N GLN V 313 -30.13 19.05 122.53
CA GLN V 313 -30.63 18.10 123.52
C GLN V 313 -31.20 16.85 122.85
N VAL V 314 -30.74 15.68 123.28
CA VAL V 314 -31.27 14.42 122.76
C VAL V 314 -32.53 14.08 123.54
N THR V 315 -33.58 13.70 122.81
CA THR V 315 -34.87 13.43 123.41
C THR V 315 -35.06 11.96 123.74
N LEU V 316 -34.02 11.14 123.62
CA LEU V 316 -34.01 9.77 124.10
C LEU V 316 -35.09 8.94 123.42
N ASP V 317 -34.95 8.77 122.11
CA ASP V 317 -35.84 7.91 121.35
C ASP V 317 -35.13 7.45 120.10
N GLU V 318 -35.89 6.83 119.19
CA GLU V 318 -35.36 6.37 117.91
C GLU V 318 -35.45 7.48 116.89
N THR V 319 -34.38 7.65 116.12
CA THR V 319 -34.30 8.76 115.19
C THR V 319 -33.29 8.44 114.10
N THR V 320 -33.38 9.20 113.01
CA THR V 320 -32.40 9.18 111.94
C THR V 320 -31.57 10.46 112.02
N THR V 321 -30.26 10.32 111.87
CA THR V 321 -29.33 11.42 112.04
C THR V 321 -28.82 11.86 110.68
N MET V 322 -29.10 13.11 110.31
CA MET V 322 -28.72 13.65 109.01
C MET V 322 -27.86 14.90 109.24
N THR V 323 -26.59 14.80 108.90
CA THR V 323 -25.69 15.95 108.89
C THR V 323 -25.02 16.02 107.53
N ALA V 324 -24.69 17.24 107.12
CA ALA V 324 -24.09 17.41 105.80
C ALA V 324 -22.69 16.85 105.71
N ASP V 325 -22.08 16.44 106.82
CA ASP V 325 -20.73 15.89 106.74
C ASP V 325 -20.75 14.37 106.69
N GLY V 326 -19.94 13.82 105.79
CA GLY V 326 -19.83 12.40 105.62
C GLY V 326 -19.17 11.66 106.77
N PRO V 327 -17.96 12.07 107.16
CA PRO V 327 -17.16 11.24 108.06
C PRO V 327 -17.87 10.87 109.36
N PHE V 328 -18.65 11.79 109.92
CA PHE V 328 -19.36 11.46 111.15
C PHE V 328 -20.37 10.35 110.93
N GLU V 329 -21.15 10.45 109.86
CA GLU V 329 -22.15 9.43 109.57
C GLU V 329 -21.50 8.10 109.26
N TYR V 330 -20.42 8.10 108.48
CA TYR V 330 -19.72 6.85 108.22
C TYR V 330 -19.20 6.23 109.49
N HIS V 331 -18.61 7.03 110.38
CA HIS V 331 -18.11 6.51 111.64
C HIS V 331 -19.25 5.91 112.45
N LEU V 332 -20.40 6.59 112.46
CA LEU V 332 -21.55 6.10 113.20
C LEU V 332 -22.05 4.78 112.63
N ASN V 333 -22.08 4.66 111.31
CA ASN V 333 -22.45 3.40 110.68
C ASN V 333 -21.50 2.29 111.08
N GLN V 334 -20.21 2.56 111.09
CA GLN V 334 -19.28 1.52 111.49
C GLN V 334 -19.40 1.19 112.97
N LEU V 335 -19.96 2.10 113.77
CA LEU V 335 -20.23 1.76 115.16
C LEU V 335 -21.45 0.85 115.32
N ASN V 336 -22.58 1.20 114.70
CA ASN V 336 -23.82 0.51 115.02
C ASN V 336 -24.34 -0.46 113.97
N HIS V 337 -23.69 -0.54 112.81
CA HIS V 337 -23.99 -1.56 111.80
C HIS V 337 -25.43 -1.48 111.29
N ILE V 338 -25.91 -0.27 111.08
CA ILE V 338 -27.26 -0.08 110.54
C ILE V 338 -27.11 0.63 109.19
N LYS V 339 -28.23 0.94 108.54
CA LYS V 339 -28.21 1.54 107.22
C LYS V 339 -27.32 2.77 107.18
N TRP V 340 -26.88 3.15 105.97
CA TRP V 340 -26.07 4.35 105.82
C TRP V 340 -26.22 4.83 104.38
N ALA V 341 -26.55 6.10 104.22
CA ALA V 341 -26.70 6.72 102.91
C ALA V 341 -25.75 7.89 102.80
N ASN V 342 -25.10 8.03 101.66
CA ASN V 342 -24.10 9.05 101.44
C ASN V 342 -24.41 9.73 100.12
N VAL V 343 -24.44 11.06 100.11
CA VAL V 343 -24.76 11.82 98.90
C VAL V 343 -23.71 12.92 98.77
N ASP V 344 -22.65 12.65 98.01
CA ASP V 344 -21.65 13.66 97.72
C ASP V 344 -22.18 14.59 96.64
N VAL V 345 -22.08 15.90 96.88
CA VAL V 345 -22.49 16.92 95.87
C VAL V 345 -21.27 17.29 95.03
N GLU V 346 -21.46 17.91 93.88
CA GLU V 346 -20.31 18.21 92.99
C GLU V 346 -19.76 19.57 93.37
N LEU V 347 -18.49 19.66 93.71
CA LEU V 347 -17.84 20.96 94.04
C LEU V 347 -18.60 21.68 95.14
N GLU V 348 -18.95 21.02 96.26
CA GLU V 348 -19.80 21.76 97.22
C GLU V 348 -19.87 21.08 98.58
N THR V 349 -20.63 20.01 98.71
CA THR V 349 -20.66 19.44 100.07
C THR V 349 -20.59 17.92 100.12
N GLY V 350 -21.08 17.32 101.20
CA GLY V 350 -21.24 15.89 101.32
C GLY V 350 -22.61 15.63 101.89
N SER V 351 -22.82 14.46 102.50
CA SER V 351 -24.09 14.15 103.16
C SER V 351 -23.95 12.81 103.84
N GLY V 352 -24.90 12.52 104.72
CA GLY V 352 -24.94 11.24 105.38
C GLY V 352 -26.20 11.05 106.19
N VAL V 353 -26.88 9.93 106.00
CA VAL V 353 -28.10 9.60 106.73
C VAL V 353 -27.90 8.24 107.37
N VAL V 354 -28.07 8.18 108.69
CA VAL V 354 -27.88 6.93 109.42
C VAL V 354 -28.89 6.85 110.56
N PRO V 355 -29.75 5.84 110.61
CA PRO V 355 -30.58 5.66 111.79
C PRO V 355 -29.74 5.44 113.04
N TYR V 356 -30.31 5.79 114.18
CA TYR V 356 -29.62 5.62 115.45
C TYR V 356 -30.64 5.51 116.57
N ILE V 357 -30.31 4.74 117.59
CA ILE V 357 -31.19 4.49 118.73
C ILE V 357 -30.60 5.16 119.96
N TYR V 358 -31.20 6.26 120.39
CA TYR V 358 -30.78 6.95 121.61
C TYR V 358 -31.46 6.37 122.84
N ASP V 359 -31.42 5.05 123.01
CA ASP V 359 -32.27 4.43 124.01
C ASP V 359 -31.76 4.75 125.41
N LYS V 360 -32.63 4.54 126.38
CA LYS V 360 -32.36 4.88 127.77
C LYS V 360 -31.41 3.92 128.46
N ASN V 361 -31.17 2.75 127.86
CA ASN V 361 -30.45 1.66 128.52
C ASN V 361 -28.97 1.66 128.18
N ILE V 362 -28.38 2.83 127.95
CA ILE V 362 -26.97 2.93 127.63
C ILE V 362 -26.36 4.08 128.42
N LYS V 363 -25.19 3.84 129.01
CA LYS V 363 -24.48 4.91 129.69
C LYS V 363 -24.18 6.06 128.72
N VAL V 364 -23.77 5.73 127.50
CA VAL V 364 -23.42 6.75 126.53
C VAL V 364 -24.61 7.66 126.24
N CYS V 365 -25.77 7.06 125.97
CA CYS V 365 -26.94 7.86 125.67
C CYS V 365 -27.43 8.64 126.88
N GLY V 366 -27.30 8.06 128.08
CA GLY V 366 -27.66 8.81 129.27
C GLY V 366 -26.81 10.05 129.45
N ILE V 367 -25.50 9.92 129.30
CA ILE V 367 -24.62 11.06 129.44
C ILE V 367 -24.89 12.08 128.34
N GLN V 368 -25.18 11.61 127.13
CA GLN V 368 -25.52 12.51 126.05
C GLN V 368 -26.76 13.32 126.38
N TRP V 369 -27.73 12.68 127.04
CA TRP V 369 -28.91 13.42 127.47
C TRP V 369 -28.57 14.43 128.54
N ALA V 370 -27.72 14.06 129.49
CA ALA V 370 -27.38 14.97 130.59
C ALA V 370 -26.62 16.19 130.10
N ILE V 371 -25.83 16.05 129.03
CA ILE V 371 -24.94 17.12 128.62
C ILE V 371 -25.72 18.36 128.20
N GLY V 372 -26.77 18.18 127.39
CA GLY V 372 -27.53 19.34 126.95
C GLY V 372 -28.19 20.08 128.09
N LEU V 373 -28.68 19.34 129.09
CA LEU V 373 -29.26 19.98 130.25
C LEU V 373 -28.21 20.75 131.04
N GLU V 374 -27.01 20.19 131.16
CA GLU V 374 -25.94 20.93 131.83
C GLU V 374 -25.62 22.21 131.07
N LEU V 375 -25.56 22.15 129.75
CA LEU V 375 -25.31 23.35 128.95
C LEU V 375 -26.37 24.40 129.21
N ALA V 376 -27.64 24.01 129.14
CA ALA V 376 -28.71 25.00 129.27
C ALA V 376 -28.80 25.54 130.68
N LEU V 377 -28.50 24.72 131.68
CA LEU V 377 -28.63 25.15 133.07
C LEU V 377 -27.38 25.83 133.60
N TYR V 378 -26.29 25.85 132.83
CA TYR V 378 -25.12 26.64 133.18
C TYR V 378 -25.10 28.00 132.50
N ALA V 379 -26.13 28.34 131.73
CA ALA V 379 -26.15 29.61 131.00
C ALA V 379 -26.53 30.75 131.94
N LYS V 380 -25.64 31.74 132.05
CA LYS V 380 -25.96 32.95 132.80
C LYS V 380 -26.85 33.88 131.99
N ASP V 381 -26.61 33.98 130.68
CA ASP V 381 -27.47 34.73 129.77
C ASP V 381 -28.14 33.74 128.84
N LEU V 382 -29.47 33.69 128.88
CA LEU V 382 -30.19 32.72 128.08
C LEU V 382 -30.49 33.25 126.68
N MET V 383 -30.43 34.56 126.49
CA MET V 383 -30.66 35.13 125.17
C MET V 383 -29.70 34.58 124.13
N ARG V 384 -28.51 34.14 124.55
CA ARG V 384 -27.51 33.64 123.63
C ARG V 384 -27.56 32.14 123.43
N VAL V 385 -28.30 31.40 124.24
CA VAL V 385 -28.34 29.94 124.15
C VAL V 385 -29.78 29.54 123.83
N HIS V 386 -29.99 28.98 122.64
CA HIS V 386 -31.34 28.71 122.16
C HIS V 386 -31.71 27.24 122.37
N ILE V 387 -32.90 26.87 121.93
CA ILE V 387 -33.36 25.49 121.94
C ILE V 387 -33.59 25.02 120.52
N THR V 388 -32.86 23.99 120.12
CA THR V 388 -33.23 23.14 119.02
C THR V 388 -32.96 21.70 119.44
N THR V 389 -33.16 20.78 118.51
CA THR V 389 -32.67 19.43 118.67
C THR V 389 -31.90 18.98 117.44
N ASP V 390 -31.58 19.90 116.53
CA ASP V 390 -30.94 19.54 115.24
C ASP V 390 -31.87 18.54 114.59
N HIS V 391 -33.16 18.79 114.59
CA HIS V 391 -34.11 17.79 114.13
C HIS V 391 -33.69 17.29 112.76
N PRO V 392 -33.55 15.97 112.57
CA PRO V 392 -33.86 14.97 113.60
C PRO V 392 -32.64 14.38 114.28
N ASN V 393 -31.49 15.04 114.21
CA ASN V 393 -30.22 14.45 114.68
C ASN V 393 -30.25 14.07 116.16
N ALA V 394 -30.96 14.83 116.98
CA ALA V 394 -31.06 14.52 118.40
C ALA V 394 -32.49 14.20 118.83
N GLY V 395 -33.39 13.99 117.88
CA GLY V 395 -34.77 13.72 118.19
C GLY V 395 -35.67 14.54 117.31
N PRO V 396 -36.91 14.09 117.12
CA PRO V 396 -37.84 14.86 116.30
C PRO V 396 -38.33 16.09 117.05
N PHE V 397 -38.71 17.10 116.29
CA PHE V 397 -39.19 18.34 116.87
C PHE V 397 -40.46 18.16 117.69
N THR V 398 -41.24 17.12 117.42
CA THR V 398 -42.42 16.89 118.24
C THR V 398 -42.07 16.55 119.67
N ARG V 399 -40.78 16.58 120.02
CA ARG V 399 -40.31 16.38 121.37
C ARG V 399 -39.77 17.66 121.99
N TYR V 400 -39.97 18.81 121.35
CA TYR V 400 -39.63 20.07 122.00
C TYR V 400 -40.30 20.22 123.35
N PRO V 401 -41.60 19.98 123.52
CA PRO V 401 -42.20 20.11 124.84
C PRO V 401 -41.56 19.19 125.87
N CYS V 402 -41.04 18.04 125.45
CA CYS V 402 -40.30 17.22 126.40
C CYS V 402 -39.04 17.92 126.87
N VAL V 403 -38.34 18.59 125.95
CA VAL V 403 -37.15 19.35 126.33
C VAL V 403 -37.52 20.45 127.31
N ILE V 404 -38.60 21.16 127.00
CA ILE V 404 -39.02 22.26 127.86
C ILE V 404 -39.47 21.75 129.23
N LYS V 405 -40.12 20.59 129.26
CA LYS V 405 -40.47 19.99 130.54
C LYS V 405 -39.23 19.66 131.34
N TRP V 406 -38.23 19.06 130.69
CA TRP V 406 -37.00 18.71 131.38
C TRP V 406 -36.33 19.94 131.97
N LEU V 407 -36.31 21.03 131.20
CA LEU V 407 -35.74 22.27 131.72
C LEU V 407 -36.55 22.79 132.90
N MET V 408 -37.87 22.87 132.75
CA MET V 408 -38.69 23.61 133.68
C MET V 408 -39.11 22.82 134.90
N SER V 409 -38.82 21.53 134.97
CA SER V 409 -39.22 20.74 136.14
C SER V 409 -38.14 19.74 136.47
N GLU V 410 -37.50 19.91 137.63
CA GLU V 410 -36.47 18.97 138.03
C GLU V 410 -37.04 17.61 138.38
N LYS V 411 -38.33 17.53 138.70
CA LYS V 411 -38.96 16.22 138.90
C LYS V 411 -38.91 15.40 137.61
N ALA V 412 -39.06 16.05 136.46
CA ALA V 412 -38.96 15.35 135.19
C ALA V 412 -37.57 14.76 135.01
N ARG V 413 -36.53 15.52 135.33
CA ARG V 413 -35.17 15.03 135.18
C ARG V 413 -34.87 13.90 136.16
N LYS V 414 -35.35 14.01 137.39
CA LYS V 414 -35.18 12.91 138.33
C LYS V 414 -35.89 11.66 137.82
N ALA V 415 -37.09 11.82 137.26
CA ALA V 415 -37.83 10.68 136.73
C ALA V 415 -37.06 10.01 135.60
N THR V 416 -36.56 10.79 134.65
CA THR V 416 -35.83 10.20 133.54
C THR V 416 -34.54 9.54 134.02
N LEU V 417 -33.81 10.19 134.93
CA LEU V 417 -32.58 9.59 135.41
C LEU V 417 -32.85 8.31 136.20
N ASP V 418 -34.00 8.23 136.86
CA ASP V 418 -34.30 7.01 137.61
C ASP V 418 -34.74 5.89 136.68
N THR V 419 -35.53 6.21 135.65
CA THR V 419 -35.91 5.17 134.68
C THR V 419 -34.75 4.78 133.78
N MET V 420 -33.68 5.57 133.78
CA MET V 420 -32.50 5.22 133.01
C MET V 420 -31.78 4.04 133.65
N LYS V 421 -31.10 3.25 132.82
CA LYS V 421 -30.55 1.97 133.26
C LYS V 421 -29.27 2.16 134.06
N TRP V 422 -28.26 2.80 133.46
CA TRP V 422 -26.99 3.03 134.15
C TRP V 422 -26.99 4.41 134.80
N LYS V 423 -27.91 4.55 135.76
CA LYS V 423 -28.01 5.82 136.49
C LYS V 423 -26.73 6.09 137.27
N ASP V 424 -26.15 5.06 137.89
CA ASP V 424 -24.94 5.28 138.68
C ASP V 424 -23.81 5.81 137.82
N LYS V 425 -23.58 5.18 136.66
CA LYS V 425 -22.54 5.64 135.76
C LYS V 425 -22.84 7.04 135.23
N VAL V 426 -24.09 7.31 134.85
CA VAL V 426 -24.41 8.62 134.29
C VAL V 426 -24.21 9.72 135.32
N ILE V 427 -24.71 9.52 136.54
CA ILE V 427 -24.55 10.56 137.54
C ILE V 427 -23.09 10.68 137.95
N ALA V 428 -22.33 9.59 137.92
CA ALA V 428 -20.91 9.67 138.23
C ALA V 428 -20.16 10.47 137.18
N ALA V 429 -20.53 10.31 135.92
CA ALA V 429 -19.83 10.96 134.82
C ALA V 429 -20.52 12.22 134.33
N SER V 430 -21.48 12.74 135.07
CA SER V 430 -22.11 14.00 134.73
C SER V 430 -22.37 14.77 136.02
N ASN V 431 -23.18 15.82 135.90
CA ASN V 431 -23.45 16.70 137.04
C ASN V 431 -24.92 17.05 137.16
N ILE V 432 -25.78 16.53 136.28
CA ILE V 432 -27.18 16.94 136.22
C ILE V 432 -28.03 16.35 137.33
N ALA V 433 -27.53 15.36 138.06
CA ALA V 433 -28.31 14.80 139.15
C ALA V 433 -28.58 15.85 140.22
N SER V 434 -27.53 16.53 140.67
CA SER V 434 -27.66 17.57 141.68
C SER V 434 -27.60 18.95 141.02
N MET V 435 -28.74 19.38 140.50
CA MET V 435 -28.84 20.69 139.87
C MET V 435 -30.25 21.20 140.01
N ASP V 436 -30.42 22.30 140.75
CA ASP V 436 -31.73 22.76 141.15
C ASP V 436 -32.40 23.62 140.09
N ARG V 437 -31.62 24.24 139.21
CA ARG V 437 -32.17 25.28 138.35
C ARG V 437 -33.33 24.77 137.52
N GLU V 438 -34.42 25.53 137.55
CA GLU V 438 -35.60 25.27 136.73
C GLU V 438 -35.86 26.56 135.95
N LEU V 439 -35.57 26.53 134.65
CA LEU V 439 -35.71 27.74 133.84
C LEU V 439 -37.14 28.26 133.92
N GLY V 440 -37.28 29.55 134.15
CA GLY V 440 -38.58 30.14 134.28
C GLY V 440 -39.30 30.25 132.95
N LEU V 441 -40.59 30.58 133.04
CA LEU V 441 -41.37 30.76 131.82
C LEU V 441 -40.83 31.92 131.00
N TYR V 442 -40.41 33.00 131.67
CA TYR V 442 -39.78 34.09 130.94
C TYR V 442 -38.52 33.61 130.24
N GLU V 443 -37.68 32.84 130.92
CA GLU V 443 -36.45 32.37 130.31
C GLU V 443 -36.74 31.47 129.11
N ILE V 444 -37.77 30.63 129.21
CA ILE V 444 -38.05 29.71 128.12
C ILE V 444 -38.59 30.48 126.93
N ALA V 445 -39.44 31.48 127.17
CA ALA V 445 -39.87 32.35 126.08
C ALA V 445 -38.69 33.07 125.48
N MET V 446 -37.76 33.52 126.32
CA MET V 446 -36.55 34.18 125.86
C MET V 446 -35.82 33.31 124.86
N MET V 447 -35.35 32.15 125.31
CA MET V 447 -34.46 31.31 124.53
C MET V 447 -35.19 30.47 123.50
N THR V 448 -36.51 30.61 123.41
CA THR V 448 -37.28 30.00 122.32
C THR V 448 -37.69 30.99 121.25
N ARG V 449 -38.06 32.21 121.62
CA ARG V 449 -38.59 33.20 120.69
C ARG V 449 -37.64 34.35 120.40
N ALA V 450 -37.07 34.97 121.44
CA ALA V 450 -36.30 36.19 121.21
C ALA V 450 -34.86 35.86 120.87
N GLY V 451 -34.28 34.86 121.51
CA GLY V 451 -32.95 34.41 121.20
C GLY V 451 -32.76 34.14 119.71
N PRO V 452 -33.51 33.19 119.16
CA PRO V 452 -33.39 32.90 117.74
C PRO V 452 -33.68 34.09 116.84
N ALA V 453 -34.70 34.88 117.14
CA ALA V 453 -35.04 35.98 116.25
C ALA V 453 -33.95 37.04 116.25
N LYS V 454 -33.52 37.45 117.44
CA LYS V 454 -32.49 38.47 117.54
C LYS V 454 -31.19 37.98 116.93
N ALA V 455 -30.83 36.71 117.15
CA ALA V 455 -29.64 36.16 116.52
C ALA V 455 -29.76 36.15 115.00
N LEU V 456 -30.93 35.80 114.47
CA LEU V 456 -31.10 35.88 113.03
C LEU V 456 -31.13 37.32 112.55
N GLY V 457 -31.22 38.29 113.46
CA GLY V 457 -31.18 39.68 113.05
C GLY V 457 -32.39 40.08 112.25
N LEU V 458 -33.54 39.51 112.59
CA LEU V 458 -34.83 39.83 112.00
C LEU V 458 -35.87 39.95 113.08
N ALA V 459 -35.44 40.38 114.27
CA ALA V 459 -36.34 40.64 115.38
C ALA V 459 -37.28 41.79 115.10
N ALA V 460 -37.04 42.56 114.04
CA ALA V 460 -37.97 43.61 113.66
C ALA V 460 -39.35 43.04 113.35
N ILE V 461 -39.41 41.93 112.62
CA ILE V 461 -40.67 41.36 112.16
C ILE V 461 -41.07 40.13 112.97
N TYR V 462 -40.16 39.19 113.17
CA TYR V 462 -40.47 37.98 113.92
C TYR V 462 -39.90 38.05 115.33
N GLY V 463 -40.44 37.19 116.20
CA GLY V 463 -39.85 36.96 117.50
C GLY V 463 -40.27 37.92 118.59
N SER V 464 -41.14 38.90 118.31
CA SER V 464 -41.53 39.82 119.36
C SER V 464 -42.90 40.41 119.04
N LEU V 465 -43.52 40.99 120.07
CA LEU V 465 -44.84 41.59 119.97
C LEU V 465 -44.79 43.11 119.97
N VAL V 466 -43.63 43.70 119.75
CA VAL V 466 -43.52 45.16 119.74
C VAL V 466 -44.18 45.70 118.48
N LYS V 467 -44.45 47.00 118.46
CA LYS V 467 -45.19 47.59 117.35
C LYS V 467 -44.43 47.40 116.05
N GLY V 468 -45.17 47.11 114.98
CA GLY V 468 -44.59 46.91 113.66
C GLY V 468 -44.16 45.50 113.36
N ALA V 469 -44.06 44.64 114.37
CA ALA V 469 -43.65 43.27 114.14
C ALA V 469 -44.73 42.52 113.35
N ASP V 470 -44.35 41.35 112.85
CA ASP V 470 -45.29 40.51 112.11
C ASP V 470 -46.25 39.85 113.09
N GLY V 471 -47.54 39.90 112.78
CA GLY V 471 -48.55 39.44 113.72
C GLY V 471 -48.64 37.94 113.85
N ASN V 472 -47.61 37.32 114.43
CA ASN V 472 -47.60 35.88 114.68
C ASN V 472 -47.64 35.67 116.18
N VAL V 473 -48.76 35.19 116.69
CA VAL V 473 -48.96 35.04 118.12
C VAL V 473 -49.31 33.59 118.43
N ALA V 474 -48.85 33.10 119.58
CA ALA V 474 -49.10 31.73 120.01
C ALA V 474 -49.52 31.74 121.47
N ILE V 475 -50.77 31.36 121.73
CA ILE V 475 -51.34 31.38 123.08
C ILE V 475 -51.32 29.97 123.64
N TYR V 476 -50.90 29.84 124.88
CA TYR V 476 -50.77 28.53 125.53
C TYR V 476 -51.78 28.40 126.65
N ASN V 477 -51.96 27.15 127.11
CA ASN V 477 -52.97 26.88 128.12
C ASN V 477 -52.53 27.30 129.52
N LEU V 478 -51.28 27.07 129.86
CA LEU V 478 -50.83 27.20 131.24
C LEU V 478 -50.88 28.63 131.72
N ASP V 479 -51.17 28.81 133.00
CA ASP V 479 -51.18 30.11 133.64
C ASP V 479 -49.79 30.41 134.19
N ALA V 480 -49.38 31.67 134.10
CA ALA V 480 -48.06 32.06 134.52
C ALA V 480 -47.95 32.26 136.03
N ASN V 481 -49.07 32.31 136.74
CA ASN V 481 -49.02 32.59 138.17
C ASN V 481 -48.53 31.39 138.97
N ASP V 482 -49.00 30.18 138.63
CA ASP V 482 -48.57 28.97 139.30
C ASP V 482 -48.34 27.87 138.27
N LEU V 483 -47.11 27.37 138.20
CA LEU V 483 -46.77 26.34 137.24
C LEU V 483 -47.42 25.01 137.64
N PRO V 484 -47.67 24.14 136.66
CA PRO V 484 -48.30 22.86 136.97
C PRO V 484 -47.43 21.99 137.85
N SER V 485 -48.08 21.21 138.72
CA SER V 485 -47.37 20.28 139.59
C SER V 485 -46.84 19.07 138.81
N ASP V 486 -47.68 18.49 137.96
CA ASP V 486 -47.29 17.34 137.17
C ASP V 486 -46.63 17.81 135.87
N PRO V 487 -45.38 17.42 135.61
CA PRO V 487 -44.71 17.89 134.38
C PRO V 487 -45.40 17.44 133.10
N GLU V 488 -46.17 16.37 133.13
CA GLU V 488 -46.94 15.99 131.95
C GLU V 488 -47.89 17.10 131.55
N LEU V 489 -48.37 17.89 132.53
CA LEU V 489 -49.20 19.04 132.22
C LEU V 489 -48.43 20.04 131.36
N ILE V 490 -47.17 20.29 131.70
CA ILE V 490 -46.32 21.16 130.89
C ILE V 490 -46.13 20.57 129.50
N GLU V 491 -45.87 19.27 129.44
CA GLU V 491 -45.72 18.59 128.15
C GLU V 491 -46.92 18.87 127.27
N ALA V 492 -48.12 18.61 127.78
CA ALA V 492 -49.32 18.82 126.99
C ALA V 492 -49.54 20.29 126.66
N ALA V 493 -49.25 21.17 127.63
CA ALA V 493 -49.51 22.59 127.43
C ALA V 493 -48.68 23.15 126.29
N PHE V 494 -47.41 22.75 126.21
CA PHE V 494 -46.57 23.20 125.11
C PHE V 494 -46.77 22.38 123.84
N GLN V 495 -47.26 21.14 123.97
CA GLN V 495 -47.52 20.33 122.80
C GLN V 495 -48.70 20.88 122.00
N ASN V 496 -49.80 21.18 122.68
CA ASN V 496 -51.00 21.70 122.04
C ASN V 496 -51.23 23.13 122.51
N THR V 497 -51.33 24.04 121.56
CA THR V 497 -51.57 25.45 121.86
C THR V 497 -53.06 25.75 121.82
N ALA V 498 -53.49 26.65 122.70
CA ALA V 498 -54.90 27.02 122.73
C ALA V 498 -55.30 27.78 121.48
N TYR V 499 -54.41 28.62 120.96
CA TYR V 499 -54.64 29.29 119.69
C TYR V 499 -53.30 29.51 119.02
N THR V 500 -53.34 29.94 117.76
CA THR V 500 -52.13 30.31 117.04
C THR V 500 -52.55 31.15 115.84
N ILE V 501 -51.94 32.31 115.70
CA ILE V 501 -52.30 33.26 114.65
C ILE V 501 -51.11 33.42 113.73
N LYS V 502 -51.37 33.43 112.42
CA LYS V 502 -50.33 33.67 111.42
C LYS V 502 -50.70 34.92 110.65
N GLU V 503 -49.92 35.98 110.86
CA GLU V 503 -50.16 37.31 110.31
C GLU V 503 -51.63 37.69 110.33
N GLY V 504 -52.29 37.44 111.46
CA GLY V 504 -53.64 37.93 111.69
C GLY V 504 -54.74 36.91 111.51
N VAL V 505 -54.45 35.75 110.93
CA VAL V 505 -55.45 34.74 110.62
C VAL V 505 -55.25 33.56 111.56
N VAL V 506 -56.24 33.28 112.40
CA VAL V 506 -56.14 32.16 113.33
C VAL V 506 -56.03 30.87 112.54
N VAL V 507 -55.04 30.06 112.88
CA VAL V 507 -54.79 28.81 112.15
C VAL V 507 -54.85 27.58 113.03
N VAL V 508 -54.82 27.71 114.35
CA VAL V 508 -54.94 26.57 115.24
C VAL V 508 -55.86 26.94 116.38
N LYS V 509 -56.83 26.08 116.68
CA LYS V 509 -57.76 26.31 117.77
C LYS V 509 -57.85 25.04 118.59
N ASP V 510 -57.64 25.17 119.89
CA ASP V 510 -57.65 24.05 120.84
C ASP V 510 -56.60 23.00 120.47
N GLY V 511 -55.71 23.32 119.54
CA GLY V 511 -54.79 22.35 119.00
C GLY V 511 -55.23 21.70 117.71
N GLU V 512 -56.30 22.20 117.10
CA GLU V 512 -56.86 21.61 115.89
C GLU V 512 -56.67 22.59 114.74
N ILE V 513 -56.03 22.14 113.67
CA ILE V 513 -55.77 23.04 112.55
C ILE V 513 -57.09 23.58 112.02
N ILE V 514 -57.06 24.84 111.56
CA ILE V 514 -58.25 25.53 111.11
C ILE V 514 -58.14 26.02 109.67
N ALA V 515 -57.01 26.60 109.29
CA ALA V 515 -56.83 27.06 107.92
C ALA V 515 -55.34 27.22 107.62
N GLU V 516 -55.03 27.46 106.36
CA GLU V 516 -53.65 27.72 105.91
C GLU V 516 -53.69 28.78 104.83
N PRO V 517 -53.63 30.06 105.20
CA PRO V 517 -53.67 31.11 104.18
C PRO V 517 -52.52 31.07 103.20
N HIS V 518 -51.28 31.24 103.69
CA HIS V 518 -50.11 31.27 102.83
C HIS V 518 -48.84 31.39 103.66
N LYS V 519 -47.69 31.46 102.99
CA LYS V 519 -46.40 31.50 103.66
C LYS V 519 -45.45 32.39 102.88
N TYR V 520 -44.38 32.79 103.53
CA TYR V 520 -43.29 33.53 102.92
C TYR V 520 -42.00 32.71 103.00
N THR V 521 -41.09 32.97 102.06
CA THR V 521 -39.78 32.34 102.06
C THR V 521 -38.69 33.41 101.99
N LEU V 522 -38.15 33.79 103.14
CA LEU V 522 -37.23 34.91 103.21
C LEU V 522 -35.90 34.59 102.54
N TRP V 523 -35.32 35.60 101.90
CA TRP V 523 -33.97 35.50 101.35
C TRP V 523 -33.25 36.82 101.54
N THR V 524 -32.02 36.88 101.05
CA THR V 524 -31.16 38.06 101.19
C THR V 524 -30.87 38.64 99.81
N LYS V 525 -30.90 39.97 99.72
CA LYS V 525 -30.96 40.67 98.44
C LYS V 525 -29.81 41.66 98.32
N VAL V 526 -28.57 41.19 98.55
CA VAL V 526 -27.40 42.05 98.50
C VAL V 526 -27.33 42.78 97.16
N ASN V 527 -27.36 44.12 97.21
CA ASN V 527 -27.26 44.95 96.03
C ASN V 527 -25.83 45.49 95.94
N MET V 528 -25.13 45.14 94.86
CA MET V 528 -23.71 45.45 94.75
C MET V 528 -23.30 45.30 93.30
N PRO V 529 -22.35 46.11 92.82
CA PRO V 529 -21.85 45.92 91.45
C PRO V 529 -21.06 44.63 91.31
N GLU V 530 -21.30 43.92 90.21
CA GLU V 530 -20.69 42.61 90.01
C GLU V 530 -19.19 42.73 89.75
N ASN V 531 -18.47 41.67 90.08
CA ASN V 531 -17.04 41.56 89.83
C ASN V 531 -16.83 40.78 88.54
N ALA V 532 -16.13 41.40 87.58
CA ALA V 532 -15.77 40.67 86.37
C ALA V 532 -14.93 39.44 86.70
N GLN V 533 -14.10 39.53 87.74
CA GLN V 533 -13.25 38.40 88.08
C GLN V 533 -14.06 37.21 88.55
N VAL V 534 -15.03 37.43 89.44
CA VAL V 534 -15.82 36.29 89.90
C VAL V 534 -16.76 35.82 88.80
N MET V 535 -17.26 36.73 87.96
CA MET V 535 -18.08 36.30 86.82
C MET V 535 -17.28 35.35 85.92
N HIS V 536 -16.05 35.74 85.59
CA HIS V 536 -15.21 34.89 84.75
C HIS V 536 -14.89 33.57 85.45
N ASP V 537 -14.57 33.61 86.74
CA ASP V 537 -14.23 32.38 87.43
C ASP V 537 -15.42 31.42 87.48
N ILE V 538 -16.61 31.96 87.70
CA ILE V 538 -17.81 31.12 87.74
C ILE V 538 -18.08 30.52 86.37
N LYS V 539 -17.96 31.31 85.31
CA LYS V 539 -18.19 30.77 83.97
C LYS V 539 -17.20 29.66 83.65
N GLU V 540 -15.93 29.88 83.97
CA GLU V 540 -14.90 28.87 83.72
C GLU V 540 -15.19 27.60 84.50
N LYS V 541 -15.58 27.74 85.77
CA LYS V 541 -15.80 26.58 86.62
C LYS V 541 -17.03 25.79 86.20
N PHE V 542 -18.06 26.47 85.70
CA PHE V 542 -19.22 25.73 85.22
C PHE V 542 -18.94 25.04 83.90
N THR V 543 -18.15 25.67 83.03
CA THR V 543 -17.80 25.01 81.79
C THR V 543 -16.99 23.75 82.04
N LYS V 544 -16.03 23.81 82.97
CA LYS V 544 -15.15 22.67 83.18
C LYS V 544 -15.67 21.63 84.16
N ASN V 545 -16.44 22.01 85.17
CA ASN V 545 -16.62 21.14 86.33
C ASN V 545 -18.06 20.77 86.63
N TYR V 546 -19.02 21.66 86.37
CA TYR V 546 -20.42 21.38 86.76
C TYR V 546 -21.22 20.83 85.57
N THR V 547 -21.97 19.76 85.80
CA THR V 547 -22.82 19.13 84.80
C THR V 547 -23.99 20.02 84.42
N VAL V 548 -24.59 20.72 85.37
CA VAL V 548 -25.66 21.66 85.08
C VAL V 548 -25.04 22.89 84.43
N ASN V 549 -25.87 23.74 83.83
CA ASN V 549 -25.40 24.93 83.15
C ASN V 549 -25.54 26.15 84.05
N LEU V 550 -24.79 27.20 83.69
CA LEU V 550 -24.84 28.43 84.46
C LEU V 550 -26.22 29.06 84.40
N GLU V 551 -26.87 28.98 83.24
CA GLU V 551 -28.18 29.58 83.09
C GLU V 551 -29.30 28.74 83.69
N ASN V 552 -29.03 27.48 84.04
CA ASN V 552 -30.00 26.65 84.74
C ASN V 552 -29.62 26.41 86.19
N TYR V 553 -28.58 27.06 86.71
CA TYR V 553 -28.27 26.85 88.15
C TYR V 553 -29.17 27.73 89.00
N ALA V 554 -29.39 28.96 88.57
CA ALA V 554 -30.18 29.85 89.41
C ALA V 554 -31.64 29.44 89.42
N VAL V 555 -32.21 29.31 90.62
CA VAL V 555 -33.64 29.04 90.76
C VAL V 555 -34.42 30.06 89.97
N PHE V 556 -35.32 29.59 89.12
CA PHE V 556 -36.07 30.50 88.27
C PHE V 556 -36.96 31.38 89.13
N ASP V 557 -37.29 32.55 88.58
CA ASP V 557 -38.06 33.52 89.35
C ASP V 557 -39.45 33.00 89.68
N GLU V 558 -39.88 31.93 89.02
CA GLU V 558 -41.21 31.37 89.22
C GLU V 558 -41.21 30.08 90.06
N HIS V 559 -40.06 29.68 90.60
CA HIS V 559 -39.98 28.49 91.43
C HIS V 559 -39.82 28.81 92.91
N VAL V 560 -40.02 30.06 93.30
CA VAL V 560 -39.95 30.47 94.70
C VAL V 560 -41.34 30.94 95.13
N HIS V 561 -41.66 30.70 96.40
CA HIS V 561 -43.03 30.81 96.90
C HIS V 561 -43.14 32.03 97.83
N ASN V 562 -43.57 33.17 97.27
CA ASN V 562 -43.79 34.39 98.04
C ASN V 562 -42.54 34.80 98.81
N PRO V 563 -41.51 35.31 98.14
CA PRO V 563 -40.20 35.46 98.78
C PRO V 563 -40.09 36.47 99.93
N ARG V 564 -40.39 37.75 99.71
CA ARG V 564 -40.12 38.81 100.69
C ARG V 564 -38.64 38.83 101.11
N ALA V 565 -37.81 39.28 100.18
CA ALA V 565 -36.38 39.42 100.41
C ALA V 565 -36.05 40.32 101.59
N ILE V 566 -34.80 40.22 102.04
CA ILE V 566 -34.19 41.13 103.02
C ILE V 566 -33.03 41.80 102.29
N GLU V 567 -33.20 43.07 101.92
CA GLU V 567 -32.22 43.71 101.06
C GLU V 567 -31.07 44.31 101.85
N LEU V 568 -29.98 44.60 101.14
CA LEU V 568 -28.74 45.08 101.73
C LEU V 568 -28.13 46.12 100.79
N ASP V 569 -26.96 46.62 101.16
CA ASP V 569 -26.27 47.61 100.35
C ASP V 569 -24.77 47.32 100.38
N VAL V 570 -24.17 47.26 99.20
CA VAL V 570 -22.73 47.06 99.05
C VAL V 570 -22.26 45.81 99.77
N LYS W 5 -32.16 -25.78 73.54
CA LYS W 5 -33.59 -26.07 73.52
C LYS W 5 -34.28 -25.34 74.66
N THR W 6 -33.79 -25.52 75.88
CA THR W 6 -34.29 -24.72 77.00
C THR W 6 -33.99 -23.24 76.79
N LEU W 7 -32.79 -22.94 76.29
CA LEU W 7 -32.45 -21.66 75.65
C LEU W 7 -32.94 -20.46 76.47
N ASN W 8 -32.26 -20.25 77.60
CA ASN W 8 -32.47 -19.08 78.44
C ASN W 8 -32.53 -17.80 77.62
N MET W 9 -33.24 -16.79 78.13
CA MET W 9 -33.56 -15.62 77.34
C MET W 9 -33.62 -14.36 78.19
N ILE W 10 -33.27 -13.22 77.58
CA ILE W 10 -33.32 -11.92 78.21
C ILE W 10 -34.02 -10.94 77.27
N THR W 11 -34.44 -9.80 77.82
CA THR W 11 -35.12 -8.76 77.06
C THR W 11 -34.57 -7.40 77.44
N GLN W 12 -34.04 -6.65 76.47
CA GLN W 12 -33.21 -5.49 76.78
C GLN W 12 -33.48 -4.39 75.75
N ARG W 13 -32.59 -3.40 75.70
CA ARG W 13 -32.79 -2.20 74.91
C ARG W 13 -31.90 -2.17 73.69
N ALA W 14 -32.15 -1.17 72.85
CA ALA W 14 -31.29 -0.85 71.72
C ALA W 14 -31.63 0.56 71.24
N VAL W 15 -30.66 1.26 70.70
CA VAL W 15 -30.89 2.67 70.31
C VAL W 15 -31.91 2.66 69.18
N GLU W 16 -31.75 1.75 68.21
CA GLU W 16 -32.75 1.73 67.15
C GLU W 16 -34.15 1.54 67.71
N GLU W 17 -34.27 0.77 68.79
CA GLU W 17 -35.54 0.58 69.46
C GLU W 17 -36.07 1.87 70.09
N GLY W 18 -35.23 2.62 70.79
CA GLY W 18 -35.65 3.89 71.34
C GLY W 18 -36.05 4.90 70.28
N ILE W 19 -35.18 5.03 69.29
CA ILE W 19 -35.49 5.80 68.09
C ILE W 19 -36.85 5.40 67.54
N ALA W 20 -37.11 4.11 67.44
CA ALA W 20 -38.35 3.65 66.83
C ALA W 20 -39.55 4.09 67.66
N MET W 21 -39.49 3.91 68.98
CA MET W 21 -40.66 4.27 69.77
C MET W 21 -40.92 5.75 69.67
N GLU W 22 -39.87 6.58 69.64
CA GLU W 22 -40.13 8.00 69.56
C GLU W 22 -40.55 8.45 68.17
N ILE W 23 -40.27 7.67 67.13
CA ILE W 23 -40.98 7.86 65.87
C ILE W 23 -42.45 7.57 66.07
N GLY W 24 -42.76 6.52 66.82
CA GLY W 24 -44.14 6.16 67.12
C GLY W 24 -44.33 4.68 67.35
N LYS W 25 -45.10 4.30 68.36
CA LYS W 25 -45.33 2.89 68.66
C LYS W 25 -46.07 2.15 67.55
N THR W 26 -46.72 2.87 66.63
CA THR W 26 -47.49 2.24 65.57
C THR W 26 -46.81 2.39 64.22
N SER W 27 -45.51 2.62 64.19
CA SER W 27 -44.81 2.94 62.96
C SER W 27 -44.03 1.75 62.43
N ARG W 28 -43.79 1.77 61.12
CA ARG W 28 -42.98 0.74 60.49
C ARG W 28 -41.60 0.68 61.11
N GLN W 29 -41.07 1.83 61.53
CA GLN W 29 -39.79 1.84 62.22
C GLN W 29 -39.85 1.03 63.50
N TYR W 30 -40.93 1.19 64.27
CA TYR W 30 -41.06 0.43 65.50
C TYR W 30 -41.21 -1.05 65.22
N PHE W 31 -42.01 -1.40 64.21
CA PHE W 31 -42.15 -2.79 63.83
C PHE W 31 -40.79 -3.41 63.52
N ASP W 32 -40.03 -2.76 62.64
CA ASP W 32 -38.73 -3.26 62.22
C ASP W 32 -37.76 -3.35 63.38
N ALA W 33 -37.83 -2.38 64.30
CA ALA W 33 -36.84 -2.34 65.38
C ALA W 33 -37.12 -3.39 66.44
N CYS W 34 -38.39 -3.63 66.76
CA CYS W 34 -38.68 -4.52 67.88
C CYS W 34 -38.91 -5.97 67.50
N SER W 35 -39.48 -6.26 66.33
CA SER W 35 -39.78 -7.66 65.98
C SER W 35 -38.48 -8.35 65.56
N ILE W 36 -37.69 -8.73 66.56
CA ILE W 36 -36.32 -9.19 66.31
C ILE W 36 -35.90 -10.16 67.40
N ILE W 37 -35.36 -11.31 67.01
CA ILE W 37 -34.58 -12.18 67.89
C ILE W 37 -33.11 -11.95 67.60
N GLU W 38 -32.32 -11.75 68.65
CA GLU W 38 -30.87 -11.62 68.49
C GLU W 38 -30.24 -12.75 69.28
N MET W 39 -30.02 -13.88 68.62
CA MET W 39 -29.50 -15.08 69.25
C MET W 39 -28.08 -15.36 68.75
N ASN W 40 -27.50 -16.46 69.20
CA ASN W 40 -26.14 -16.81 68.85
C ASN W 40 -26.09 -17.56 67.53
N GLU W 41 -24.97 -17.41 66.81
CA GLU W 41 -24.79 -18.10 65.55
C GLU W 41 -24.72 -19.62 65.73
N GLN W 42 -24.02 -20.07 66.77
CA GLN W 42 -23.96 -21.51 67.05
C GLN W 42 -25.35 -22.06 67.35
N ASP W 43 -26.13 -21.34 68.15
CA ASP W 43 -27.47 -21.79 68.46
C ASP W 43 -28.35 -21.78 67.21
N MET W 44 -28.20 -20.78 66.35
CA MET W 44 -28.98 -20.74 65.12
C MET W 44 -28.68 -21.95 64.25
N LYS W 45 -27.39 -22.28 64.08
CA LYS W 45 -27.02 -23.48 63.33
C LYS W 45 -27.59 -24.74 63.97
N GLU W 46 -27.47 -24.88 65.29
CA GLU W 46 -27.87 -26.13 65.94
C GLU W 46 -29.38 -26.31 65.89
N LEU W 47 -30.14 -25.23 66.07
CA LEU W 47 -31.59 -25.33 65.98
C LEU W 47 -32.04 -25.55 64.55
N GLY W 48 -31.42 -24.87 63.60
CA GLY W 48 -31.82 -25.01 62.21
C GLY W 48 -32.55 -23.78 61.71
N ILE W 49 -32.18 -22.61 62.24
CA ILE W 49 -32.86 -21.36 61.93
C ILE W 49 -32.07 -20.65 60.84
N MET W 50 -32.72 -20.42 59.70
CA MET W 50 -32.13 -19.59 58.67
C MET W 50 -32.07 -18.14 59.15
N LYS W 51 -30.94 -17.49 58.89
CA LYS W 51 -30.82 -16.10 59.28
C LYS W 51 -31.90 -15.27 58.60
N ASN W 52 -32.49 -14.34 59.35
CA ASN W 52 -33.54 -13.47 58.85
C ASN W 52 -34.74 -14.29 58.37
N THR W 53 -35.27 -15.11 59.28
CA THR W 53 -36.49 -15.86 59.03
C THR W 53 -37.33 -15.91 60.30
N ASN W 54 -38.64 -15.84 60.13
CA ASN W 54 -39.55 -15.85 61.26
C ASN W 54 -39.34 -17.12 62.09
N VAL W 55 -39.61 -17.02 63.38
CA VAL W 55 -39.39 -18.15 64.28
C VAL W 55 -40.37 -18.04 65.43
N ARG W 56 -40.76 -19.17 65.98
CA ARG W 56 -41.78 -19.23 67.03
C ARG W 56 -41.11 -19.28 68.38
N VAL W 57 -41.16 -18.17 69.11
CA VAL W 57 -40.64 -18.10 70.46
C VAL W 57 -41.82 -18.37 71.40
N LYS W 58 -41.79 -19.50 72.10
CA LYS W 58 -42.92 -19.95 72.89
C LYS W 58 -42.47 -20.27 74.29
N SER W 59 -42.76 -19.38 75.23
CA SER W 59 -42.50 -19.64 76.64
C SER W 59 -43.78 -20.13 77.30
N GLU W 60 -43.69 -20.41 78.60
CA GLU W 60 -44.82 -20.91 79.35
C GLU W 60 -45.92 -19.88 79.53
N SER W 61 -45.68 -18.61 79.22
CA SER W 61 -46.68 -17.57 79.44
C SER W 61 -47.04 -16.86 78.14
N GLY W 62 -47.07 -17.60 77.05
CA GLY W 62 -47.43 -17.01 75.78
C GLY W 62 -46.68 -17.65 74.64
N GLU W 63 -46.53 -16.84 73.60
CA GLU W 63 -46.04 -17.20 72.28
C GLU W 63 -45.99 -15.97 71.39
N VAL W 64 -45.01 -15.93 70.48
CA VAL W 64 -44.89 -14.83 69.53
C VAL W 64 -44.07 -15.31 68.34
N VAL W 65 -44.45 -14.86 67.14
CA VAL W 65 -43.68 -15.11 65.92
C VAL W 65 -42.82 -13.88 65.69
N VAL W 66 -41.51 -14.08 65.68
CA VAL W 66 -40.54 -12.99 65.65
C VAL W 66 -39.43 -13.33 64.68
N LYS W 67 -38.99 -12.34 63.91
CA LYS W 67 -37.85 -12.52 63.02
C LYS W 67 -36.62 -12.93 63.83
N ALA W 68 -35.79 -13.78 63.23
CA ALA W 68 -34.61 -14.32 63.90
C ALA W 68 -33.37 -13.83 63.19
N VAL W 69 -32.59 -12.98 63.85
CA VAL W 69 -31.37 -12.42 63.31
C VAL W 69 -30.22 -12.74 64.25
N VAL W 70 -29.03 -12.32 63.85
CA VAL W 70 -27.84 -12.42 64.69
C VAL W 70 -27.41 -11.02 65.07
N GLY W 71 -27.01 -10.85 66.33
CA GLY W 71 -26.72 -9.53 66.88
C GLY W 71 -25.22 -9.33 67.06
N ARG W 72 -24.78 -8.09 66.90
CA ARG W 72 -23.35 -7.73 67.10
C ARG W 72 -22.99 -8.01 68.54
N GLN W 73 -23.91 -7.70 69.45
CA GLN W 73 -23.67 -7.85 70.88
C GLN W 73 -23.68 -9.33 71.21
N THR W 74 -22.51 -9.94 71.22
CA THR W 74 -22.37 -11.38 71.07
C THR W 74 -22.99 -12.11 72.25
N CYS W 75 -24.15 -12.72 72.03
CA CYS W 75 -24.74 -13.58 73.04
C CYS W 75 -23.99 -14.90 73.10
N TYR W 76 -23.63 -15.32 74.30
CA TYR W 76 -22.90 -16.57 74.45
C TYR W 76 -23.80 -17.74 74.09
N PRO W 77 -23.25 -18.90 73.76
CA PRO W 77 -24.09 -20.05 73.38
C PRO W 77 -25.09 -20.41 74.46
N GLY W 78 -26.36 -20.27 74.13
CA GLY W 78 -27.44 -20.57 75.04
C GLY W 78 -28.23 -19.39 75.52
N LEU W 79 -28.18 -18.26 74.82
CA LEU W 79 -28.88 -17.06 75.22
C LEU W 79 -29.66 -16.51 74.04
N CYS W 80 -30.78 -15.87 74.33
CA CYS W 80 -31.64 -15.22 73.36
C CYS W 80 -31.74 -13.76 73.74
N HIS W 81 -32.43 -12.97 72.91
CA HIS W 81 -32.66 -11.58 73.24
C HIS W 81 -33.70 -10.93 72.34
N ILE W 82 -34.75 -10.36 72.92
CA ILE W 82 -35.67 -9.51 72.18
C ILE W 82 -35.55 -8.08 72.73
N ARG W 83 -35.45 -7.12 71.82
CA ARG W 83 -35.57 -5.72 72.21
C ARG W 83 -36.95 -5.49 72.82
N GLN W 84 -36.97 -4.84 73.97
CA GLN W 84 -38.20 -4.77 74.76
C GLN W 84 -39.29 -4.06 74.00
N GLY W 85 -40.53 -4.49 74.20
CA GLY W 85 -41.66 -3.87 73.53
C GLY W 85 -42.85 -4.81 73.48
N VAL W 86 -43.70 -4.58 72.49
CA VAL W 86 -44.92 -5.36 72.35
C VAL W 86 -44.60 -6.84 72.23
N TRP W 87 -43.68 -7.19 71.32
CA TRP W 87 -43.43 -8.58 71.03
C TRP W 87 -42.83 -9.30 72.23
N ALA W 88 -41.85 -8.68 72.89
CA ALA W 88 -41.25 -9.33 74.04
C ALA W 88 -42.26 -9.50 75.16
N ASN W 89 -43.10 -8.50 75.39
CA ASN W 89 -44.06 -8.60 76.47
C ASN W 89 -45.25 -9.48 76.12
N GLN W 90 -45.37 -9.91 74.86
CA GLN W 90 -46.26 -11.02 74.57
C GLN W 90 -45.80 -12.34 75.15
N VAL W 91 -44.57 -12.46 75.62
CA VAL W 91 -44.04 -13.76 76.01
C VAL W 91 -43.38 -13.67 77.38
N VAL W 92 -43.23 -12.46 77.91
CA VAL W 92 -42.61 -12.34 79.25
C VAL W 92 -43.52 -12.99 80.29
N PRO W 93 -42.99 -13.85 81.17
CA PRO W 93 -43.82 -14.37 82.24
C PRO W 93 -44.06 -13.32 83.30
N PRO W 94 -45.24 -13.32 83.94
CA PRO W 94 -45.58 -12.26 84.88
C PRO W 94 -45.10 -12.45 86.30
N ARG W 95 -44.36 -13.52 86.60
CA ARG W 95 -43.93 -13.78 87.96
C ARG W 95 -43.11 -12.62 88.50
N THR W 96 -43.45 -12.18 89.71
CA THR W 96 -42.80 -11.02 90.29
C THR W 96 -41.94 -11.33 91.50
N GLN W 97 -42.11 -12.50 92.13
CA GLN W 97 -41.39 -12.84 93.34
C GLN W 97 -41.65 -11.81 94.44
N SER W 98 -42.91 -11.36 94.52
CA SER W 98 -43.37 -10.41 95.54
C SER W 98 -42.49 -9.17 95.60
N THR W 99 -42.13 -8.67 94.43
CA THR W 99 -41.37 -7.44 94.30
C THR W 99 -41.96 -6.50 93.28
N GLY W 100 -42.89 -6.95 92.45
CA GLY W 100 -43.47 -6.11 91.44
C GLY W 100 -42.65 -5.97 90.18
N ALA W 101 -41.51 -6.64 90.08
CA ALA W 101 -40.71 -6.58 88.88
C ALA W 101 -40.82 -7.90 88.13
N PRO W 102 -41.64 -7.98 87.08
CA PRO W 102 -41.83 -9.25 86.38
C PRO W 102 -40.52 -9.81 85.87
N GLN W 103 -40.54 -11.09 85.52
CA GLN W 103 -39.31 -11.75 85.09
C GLN W 103 -38.93 -11.27 83.71
N TYR W 104 -38.40 -10.06 83.63
CA TYR W 104 -38.13 -9.43 82.35
C TYR W 104 -36.85 -9.93 81.70
N SER W 105 -36.06 -10.74 82.39
CA SER W 105 -34.79 -11.19 81.85
C SER W 105 -34.40 -12.47 82.56
N GLY W 106 -34.32 -13.57 81.82
CA GLY W 106 -33.92 -14.82 82.42
C GLY W 106 -35.04 -15.83 82.55
N PHE W 107 -35.89 -15.93 81.53
CA PHE W 107 -36.92 -16.94 81.57
C PHE W 107 -36.70 -17.96 80.46
N PRO W 108 -36.91 -19.25 80.73
CA PRO W 108 -36.69 -20.25 79.70
C PRO W 108 -37.70 -20.13 78.58
N VAL W 109 -37.30 -20.60 77.39
CA VAL W 109 -38.16 -20.51 76.22
C VAL W 109 -37.66 -21.51 75.19
N THR W 110 -38.58 -22.01 74.37
CA THR W 110 -38.24 -22.92 73.29
C THR W 110 -38.45 -22.21 71.96
N VAL W 111 -37.60 -22.51 70.98
CA VAL W 111 -37.55 -21.78 69.73
C VAL W 111 -37.76 -22.76 68.58
N GLU W 112 -38.73 -22.46 67.71
CA GLU W 112 -39.16 -23.37 66.65
C GLU W 112 -39.11 -22.64 65.32
N PRO W 113 -38.28 -23.06 64.36
CA PRO W 113 -38.20 -22.36 63.08
C PRO W 113 -39.48 -22.52 62.29
N VAL W 114 -40.22 -21.43 62.12
CA VAL W 114 -41.51 -21.51 61.46
C VAL W 114 -41.66 -20.44 60.38
N PRO W 115 -40.87 -20.49 59.30
CA PRO W 115 -41.07 -19.52 58.22
C PRO W 115 -42.41 -19.69 57.54
N ASN W 116 -42.70 -18.83 56.57
CA ASN W 116 -43.97 -18.79 55.83
C ASN W 116 -45.12 -18.34 56.70
N GLU W 117 -44.86 -17.87 57.92
CA GLU W 117 -45.88 -17.28 58.78
C GLU W 117 -45.55 -15.81 58.98
N ARG W 118 -46.55 -14.96 58.86
CA ARG W 118 -46.36 -13.53 58.95
C ARG W 118 -46.02 -13.12 60.38
N LEU W 119 -45.55 -11.89 60.52
CA LEU W 119 -45.38 -11.27 61.82
C LEU W 119 -46.64 -10.49 62.18
N LYS W 120 -46.97 -10.46 63.46
CA LYS W 120 -48.13 -9.73 63.94
C LYS W 120 -47.72 -8.32 64.33
N THR W 121 -48.44 -7.33 63.81
CA THR W 121 -48.14 -5.94 64.12
C THR W 121 -48.42 -5.65 65.60
N ALA W 122 -48.00 -4.48 66.05
CA ALA W 122 -48.18 -4.12 67.45
C ALA W 122 -49.65 -3.97 67.79
N LEU W 123 -50.39 -3.22 66.97
CA LEU W 123 -51.82 -3.06 67.20
C LEU W 123 -52.51 -4.42 67.16
N GLU W 124 -52.18 -5.25 66.17
CA GLU W 124 -52.85 -6.53 66.08
C GLU W 124 -52.57 -7.36 67.31
N LEU W 125 -51.32 -7.38 67.78
CA LEU W 125 -50.98 -8.15 68.96
C LEU W 125 -51.80 -7.72 70.17
N VAL W 126 -51.76 -6.42 70.49
CA VAL W 126 -52.37 -5.96 71.74
C VAL W 126 -53.89 -5.99 71.63
N GLN W 127 -54.44 -5.42 70.55
CA GLN W 127 -55.89 -5.36 70.41
C GLN W 127 -56.50 -6.74 70.24
N GLY W 128 -55.72 -7.73 69.77
CA GLY W 128 -56.23 -9.08 69.70
C GLY W 128 -56.08 -9.83 71.00
N ALA W 129 -55.05 -9.51 71.78
CA ALA W 129 -54.98 -10.08 73.12
C ALA W 129 -56.14 -9.61 73.96
N VAL W 130 -56.52 -8.35 73.81
CA VAL W 130 -57.65 -7.83 74.57
C VAL W 130 -58.97 -8.25 73.97
N GLY W 131 -59.04 -8.43 72.65
CA GLY W 131 -60.27 -8.73 71.98
C GLY W 131 -60.89 -7.56 71.24
N MET W 132 -60.08 -6.60 70.80
CA MET W 132 -60.56 -5.39 70.17
C MET W 132 -60.18 -5.29 68.70
N TRP W 133 -59.67 -6.35 68.11
CA TRP W 133 -59.06 -6.27 66.79
C TRP W 133 -60.12 -6.09 65.71
N LYS W 134 -60.51 -4.84 65.48
CA LYS W 134 -61.52 -4.55 64.47
C LYS W 134 -61.03 -4.88 63.08
N GLY W 135 -59.85 -4.38 62.71
CA GLY W 135 -59.30 -4.58 61.38
C GLY W 135 -59.08 -6.03 61.03
N GLU X 166 12.77 -19.81 107.83
CA GLU X 166 13.77 -20.37 106.94
C GLU X 166 14.27 -19.35 105.93
N PHE X 167 13.47 -19.13 104.91
CA PHE X 167 13.89 -18.35 103.74
C PHE X 167 13.77 -16.85 104.03
N LYS X 168 14.69 -16.08 103.46
CA LYS X 168 14.69 -14.64 103.65
C LYS X 168 15.55 -13.99 102.59
N VAL X 169 14.94 -13.06 101.82
CA VAL X 169 15.72 -12.29 100.81
C VAL X 169 16.13 -10.97 101.44
N ASP X 170 17.11 -10.27 100.87
CA ASP X 170 17.55 -8.94 101.34
C ASP X 170 17.21 -7.96 100.23
N ASP X 171 16.04 -7.35 100.25
CA ASP X 171 15.61 -6.48 99.13
C ASP X 171 16.60 -5.33 99.04
N GLU X 172 17.37 -5.10 100.10
CA GLU X 172 18.40 -4.05 100.04
C GLU X 172 19.41 -4.39 98.95
N LYS X 173 19.84 -5.65 98.86
CA LYS X 173 20.87 -6.03 97.87
C LYS X 173 20.32 -7.01 96.83
N CYS X 174 19.13 -6.77 96.28
CA CYS X 174 18.63 -7.63 95.20
C CYS X 174 18.38 -6.77 94.00
N THR X 175 18.69 -7.28 92.82
CA THR X 175 18.54 -6.50 91.58
C THR X 175 17.34 -7.04 90.81
N LYS X 176 16.58 -7.92 91.42
CA LYS X 176 15.47 -8.58 90.71
C LYS X 176 16.00 -9.28 89.46
N CYS X 177 17.09 -10.04 89.57
CA CYS X 177 17.61 -10.81 88.42
C CYS X 177 16.92 -12.15 88.49
N GLY X 178 16.36 -12.64 87.40
CA GLY X 178 15.56 -13.89 87.45
C GLY X 178 16.40 -15.11 87.79
N ILE X 179 17.73 -15.01 87.90
CA ILE X 179 18.62 -16.19 88.09
C ILE X 179 18.42 -16.82 89.44
N CYS X 180 17.35 -16.48 90.14
CA CYS X 180 17.11 -17.00 91.50
C CYS X 180 15.75 -17.61 91.42
N GLY X 181 14.93 -17.04 90.56
CA GLY X 181 13.65 -17.70 90.43
C GLY X 181 13.54 -18.60 89.22
N ASN X 182 14.59 -18.66 88.40
CA ASN X 182 14.62 -19.61 87.31
C ASN X 182 15.05 -20.99 87.75
N LEU X 183 15.67 -21.12 88.91
CA LEU X 183 16.20 -22.42 89.36
C LEU X 183 15.14 -23.20 90.13
N CYS X 184 14.75 -22.68 91.29
CA CYS X 184 13.80 -23.44 92.12
C CYS X 184 12.40 -23.19 91.61
N GLU X 185 11.50 -24.13 91.84
CA GLU X 185 10.09 -23.96 91.52
C GLU X 185 9.35 -23.25 92.65
N ALA X 186 10.08 -23.00 93.73
CA ALA X 186 9.47 -22.24 94.83
C ALA X 186 9.58 -20.75 94.58
N ILE X 187 10.69 -20.29 94.00
CA ILE X 187 10.90 -18.83 93.86
C ILE X 187 10.27 -18.32 92.59
N ASN X 188 9.20 -17.54 92.72
CA ASN X 188 8.59 -16.91 91.56
C ASN X 188 8.79 -15.41 91.67
N VAL X 189 9.53 -14.84 90.71
CA VAL X 189 9.94 -13.40 90.71
C VAL X 189 9.07 -12.56 89.79
N LEU X 190 8.18 -11.74 90.34
CA LEU X 190 7.25 -10.95 89.54
C LEU X 190 7.84 -9.57 89.33
N HIS X 191 8.10 -9.23 88.08
CA HIS X 191 8.53 -7.89 87.70
C HIS X 191 7.28 -7.09 87.35
N LYS X 192 6.87 -6.20 88.24
CA LYS X 192 5.73 -5.36 87.94
C LYS X 192 6.10 -4.39 86.82
N PRO X 193 5.14 -3.97 86.00
CA PRO X 193 5.45 -3.46 84.67
C PRO X 193 6.46 -2.33 84.68
N PHE X 194 7.33 -2.32 83.67
CA PHE X 194 8.42 -1.38 83.57
C PHE X 194 7.91 -0.06 83.02
N SER X 195 8.09 1.00 83.79
CA SER X 195 7.65 2.32 83.40
C SER X 195 8.80 3.30 83.53
N PRO X 196 8.93 4.23 82.58
CA PRO X 196 10.00 5.23 82.69
C PRO X 196 9.87 6.13 83.90
N GLU X 197 8.73 6.09 84.59
CA GLU X 197 8.54 6.84 85.83
C GLU X 197 9.76 6.71 86.70
N ILE X 198 10.02 5.47 87.12
CA ILE X 198 11.18 5.18 87.94
C ILE X 198 12.38 5.00 87.05
N GLY X 199 12.20 4.37 85.89
CA GLY X 199 13.31 4.03 85.04
C GLY X 199 14.15 2.89 85.57
N LYS X 200 13.59 2.10 86.47
CA LYS X 200 14.32 1.00 87.05
C LYS X 200 13.47 -0.26 87.01
N VAL X 201 14.10 -1.37 87.34
CA VAL X 201 13.42 -2.65 87.49
C VAL X 201 13.09 -2.81 88.97
N GLU X 202 11.86 -3.19 89.25
CA GLU X 202 11.44 -3.39 90.63
C GLU X 202 10.30 -4.38 90.68
N GLY X 203 10.45 -5.38 91.52
CA GLY X 203 9.43 -6.40 91.65
C GLY X 203 9.41 -7.03 93.02
N GLU X 204 9.24 -8.34 93.08
CA GLU X 204 9.18 -9.01 94.37
C GLU X 204 9.60 -10.45 94.16
N VAL X 205 10.18 -11.05 95.19
CA VAL X 205 10.54 -12.46 95.20
C VAL X 205 9.62 -13.18 96.19
N ILE X 206 8.89 -14.18 95.68
CA ILE X 206 7.90 -14.91 96.47
C ILE X 206 8.38 -16.34 96.61
N TRP X 207 8.53 -16.81 97.85
CA TRP X 207 8.99 -18.21 98.13
C TRP X 207 7.90 -19.00 98.84
N ASP X 208 7.59 -20.19 98.33
CA ASP X 208 6.53 -21.06 98.84
C ASP X 208 7.16 -22.25 99.54
N GLU X 209 6.62 -22.64 100.68
CA GLU X 209 7.16 -23.78 101.41
C GLU X 209 6.94 -25.08 100.64
N ALA X 210 5.82 -25.18 99.93
CA ALA X 210 5.40 -26.45 99.34
C ALA X 210 6.37 -26.98 98.30
N TYR X 211 7.46 -26.29 98.01
CA TYR X 211 8.38 -26.76 96.99
C TYR X 211 9.84 -26.70 97.40
N CYS X 212 10.14 -26.20 98.59
CA CYS X 212 11.57 -26.01 98.90
C CYS X 212 12.32 -27.27 99.26
N ASP X 213 13.53 -27.08 99.75
CA ASP X 213 14.43 -28.18 100.16
C ASP X 213 15.50 -27.40 100.90
N GLY X 214 16.51 -28.05 101.45
CA GLY X 214 17.63 -27.31 102.05
C GLY X 214 18.71 -27.21 101.00
N CYS X 215 18.35 -27.29 99.72
CA CYS X 215 19.35 -27.38 98.62
C CYS X 215 20.30 -26.19 98.69
N ASN X 216 19.78 -24.99 98.89
CA ASN X 216 20.67 -23.83 99.12
C ASN X 216 21.46 -23.55 97.85
N VAL X 217 21.10 -24.15 96.72
CA VAL X 217 21.84 -23.78 95.50
C VAL X 217 21.55 -22.33 95.19
N CYS X 218 20.29 -21.91 95.31
CA CYS X 218 19.99 -20.54 94.89
C CYS X 218 20.64 -19.50 95.79
N ALA X 219 21.13 -19.89 96.98
CA ALA X 219 21.86 -18.86 97.72
C ALA X 219 23.02 -18.32 96.89
N GLU X 220 23.87 -19.20 96.37
CA GLU X 220 25.04 -18.77 95.62
C GLU X 220 24.79 -18.65 94.14
N ALA X 221 23.65 -19.10 93.63
CA ALA X 221 23.29 -18.76 92.27
C ALA X 221 22.91 -17.31 92.12
N CYS X 222 22.41 -16.70 93.18
CA CYS X 222 22.11 -15.25 93.06
C CYS X 222 23.43 -14.58 92.74
N PRO X 223 23.48 -13.60 91.84
CA PRO X 223 24.71 -12.88 91.59
C PRO X 223 25.11 -12.25 92.93
N SER X 224 24.22 -11.48 93.56
CA SER X 224 24.45 -10.86 94.85
C SER X 224 24.26 -11.90 95.95
N GLU X 225 24.60 -11.52 97.17
CA GLU X 225 24.40 -12.41 98.30
C GLU X 225 23.03 -12.22 98.94
N ALA X 226 22.10 -11.76 98.12
CA ALA X 226 20.77 -11.40 98.63
C ALA X 226 19.94 -12.55 99.22
N ILE X 227 20.42 -13.78 99.29
CA ILE X 227 19.50 -14.83 99.79
C ILE X 227 20.13 -15.68 100.87
N LYS X 228 19.57 -15.67 102.08
CA LYS X 228 20.03 -16.62 103.07
C LYS X 228 18.86 -17.54 103.40
N VAL X 229 19.15 -18.85 103.44
CA VAL X 229 18.08 -19.85 103.67
C VAL X 229 18.52 -20.79 104.79
N THR X 230 17.57 -21.45 105.45
CA THR X 230 17.89 -22.45 106.46
C THR X 230 16.87 -23.59 106.49
N SER Y 2 1.70 3.21 24.65
CA SER Y 2 2.96 3.73 25.17
C SER Y 2 4.00 2.62 25.25
N THR Y 3 4.72 2.59 26.37
CA THR Y 3 5.63 1.50 26.70
C THR Y 3 5.27 0.97 28.07
N LEU Y 4 5.35 -0.36 28.24
CA LEU Y 4 4.78 -1.00 29.43
C LEU Y 4 5.79 -1.47 30.44
N PHE Y 5 6.98 -1.88 30.03
CA PHE Y 5 7.79 -2.74 30.87
C PHE Y 5 8.35 -2.15 32.14
N PRO Y 6 8.54 -0.83 32.27
CA PRO Y 6 8.77 -0.29 33.61
C PRO Y 6 7.49 -0.40 34.42
N LYS Y 7 7.18 -1.61 34.90
CA LYS Y 7 5.94 -1.89 35.60
C LYS Y 7 6.10 -1.52 37.07
N TYR Y 8 5.44 -0.44 37.48
CA TYR Y 8 5.51 0.03 38.86
C TYR Y 8 4.31 -0.51 39.62
N SER Y 9 4.57 -1.25 40.69
CA SER Y 9 3.52 -1.88 41.46
C SER Y 9 3.76 -1.68 42.94
N LYS Y 10 2.68 -1.70 43.72
CA LYS Y 10 2.72 -1.43 45.15
C LYS Y 10 1.68 -2.33 45.82
N THR Y 11 2.13 -3.48 46.32
CA THR Y 11 1.24 -4.50 46.84
C THR Y 11 1.44 -4.66 48.33
N THR Y 12 0.34 -4.87 49.05
CA THR Y 12 0.35 -5.02 50.51
C THR Y 12 0.19 -6.50 50.83
N ASP Y 13 1.29 -7.24 50.81
CA ASP Y 13 1.27 -8.69 50.96
C ASP Y 13 1.25 -9.03 52.44
N GLY Y 14 0.05 -9.05 53.03
CA GLY Y 14 -0.05 -9.38 54.43
C GLY Y 14 0.29 -8.17 55.29
N SER Y 15 1.42 -8.24 55.97
CA SER Y 15 1.90 -7.14 56.80
C SER Y 15 3.05 -6.39 56.17
N LYS Y 16 3.59 -6.87 55.06
CA LYS Y 16 4.69 -6.23 54.35
C LYS Y 16 4.11 -5.45 53.18
N VAL Y 17 4.42 -4.17 53.10
CA VAL Y 17 4.11 -3.40 51.91
C VAL Y 17 5.30 -3.52 50.97
N ILE Y 18 5.07 -4.10 49.80
CA ILE Y 18 6.14 -4.41 48.86
C ILE Y 18 6.01 -3.46 47.69
N MET Y 19 7.03 -2.66 47.47
CA MET Y 19 7.04 -1.69 46.38
C MET Y 19 8.06 -2.12 45.35
N GLU Y 20 7.64 -2.19 44.10
CA GLU Y 20 8.37 -2.97 43.11
C GLU Y 20 8.51 -2.18 41.82
N GLN Y 21 9.56 -2.52 41.07
CA GLN Y 21 9.74 -1.99 39.72
C GLN Y 21 10.17 -3.15 38.83
N ARG Y 22 9.27 -3.59 37.95
CA ARG Y 22 9.54 -4.71 37.07
C ARG Y 22 10.35 -4.29 35.86
N LEU Y 23 11.16 -5.21 35.37
CA LEU Y 23 11.75 -5.16 34.05
C LEU Y 23 11.56 -6.58 33.48
N LEU Y 24 12.20 -6.92 32.36
CA LEU Y 24 12.11 -8.31 31.91
C LEU Y 24 12.72 -9.27 32.92
N GLN Y 25 13.95 -9.02 33.33
CA GLN Y 25 14.64 -9.95 34.22
C GLN Y 25 15.12 -9.29 35.50
N GLN Y 26 15.17 -7.97 35.57
CA GLN Y 26 15.67 -7.26 36.72
C GLN Y 26 14.50 -6.64 37.46
N VAL Y 27 14.45 -6.82 38.77
CA VAL Y 27 13.40 -6.21 39.57
C VAL Y 27 14.02 -5.29 40.59
N ASN Y 28 13.19 -4.70 41.44
CA ASN Y 28 13.66 -3.83 42.50
C ASN Y 28 12.57 -3.82 43.55
N ASN Y 29 12.86 -4.29 44.75
CA ASN Y 29 11.84 -4.48 45.76
C ASN Y 29 12.21 -3.72 47.02
N LEU Y 30 11.54 -2.57 47.22
CA LEU Y 30 11.70 -1.85 48.50
C LEU Y 30 10.59 -2.42 49.36
N ILE Y 31 10.94 -3.17 50.38
CA ILE Y 31 9.99 -3.89 51.21
C ILE Y 31 9.95 -3.25 52.58
N LEU Y 32 8.77 -2.78 52.99
CA LEU Y 32 8.59 -2.16 54.33
C LEU Y 32 7.83 -3.14 55.23
N ASP Y 33 8.38 -3.46 56.38
CA ASP Y 33 7.76 -4.38 57.32
C ASP Y 33 6.92 -3.58 58.30
N ASN Y 34 5.61 -3.54 58.07
CA ASN Y 34 4.78 -2.63 58.83
C ASN Y 34 4.60 -3.03 60.28
N ASP Y 35 5.12 -4.18 60.72
CA ASP Y 35 5.05 -4.52 62.12
C ASP Y 35 6.19 -3.92 62.92
N ILE Y 36 7.23 -3.45 62.23
CA ILE Y 36 8.42 -2.91 62.93
C ILE Y 36 8.49 -1.38 62.74
N CYS Y 37 7.81 -0.81 61.74
CA CYS Y 37 7.94 0.64 61.56
C CYS Y 37 7.47 1.28 62.85
N THR Y 38 7.96 2.47 63.18
CA THR Y 38 7.62 3.13 64.45
C THR Y 38 7.07 4.51 64.19
N GLY Y 39 6.95 4.89 62.94
CA GLY Y 39 6.36 6.18 62.59
C GLY Y 39 7.32 7.34 62.69
N CYS Y 40 8.62 7.11 62.83
CA CYS Y 40 9.58 8.23 62.84
C CYS Y 40 9.68 8.72 61.40
N GLY Y 41 10.32 9.83 61.16
CA GLY Y 41 10.33 10.27 59.75
C GLY Y 41 11.74 10.22 59.24
N ILE Y 42 12.65 9.64 60.04
CA ILE Y 42 14.08 9.52 59.67
C ILE Y 42 14.21 8.74 58.37
N CYS Y 43 13.13 8.49 57.68
CA CYS Y 43 13.19 7.79 56.38
C CYS Y 43 12.69 8.79 55.37
N SER Y 44 11.90 9.75 55.83
CA SER Y 44 11.37 10.81 54.94
C SER Y 44 12.31 12.00 54.93
N GLU Y 45 12.94 12.27 56.07
CA GLU Y 45 13.95 13.32 56.07
C GLU Y 45 15.15 12.95 55.23
N VAL Y 46 15.47 11.66 55.17
CA VAL Y 46 16.71 11.21 54.56
C VAL Y 46 16.60 10.91 53.07
N CYS Y 47 15.42 10.49 52.62
CA CYS Y 47 15.18 10.16 51.20
C CYS Y 47 15.88 11.19 50.33
N PRO Y 48 16.91 10.85 49.56
CA PRO Y 48 17.48 11.79 48.65
C PRO Y 48 16.46 12.25 47.62
N GLU Y 49 15.59 11.36 47.16
CA GLU Y 49 14.67 11.68 46.05
C GLU Y 49 13.28 12.15 46.49
N GLU Y 50 13.06 12.39 47.79
CA GLU Y 50 11.81 12.92 48.34
C GLU Y 50 10.61 12.13 47.84
N ALA Y 51 10.58 10.87 48.23
CA ALA Y 51 9.43 10.02 47.85
C ALA Y 51 8.71 9.56 49.10
N ILE Y 52 9.44 9.25 50.17
CA ILE Y 52 8.75 8.66 51.33
C ILE Y 52 8.01 9.75 52.09
N SER Y 53 6.70 9.61 52.30
CA SER Y 53 5.93 10.50 53.13
C SER Y 53 5.36 9.71 54.30
N VAL Y 54 4.97 10.41 55.35
CA VAL Y 54 4.55 9.78 56.59
C VAL Y 54 3.04 9.87 56.72
N GLY Y 55 2.41 8.77 57.13
CA GLY Y 55 0.97 8.70 57.21
C GLY Y 55 0.43 8.69 58.63
N ALA Y 56 -0.71 8.04 58.84
CA ALA Y 56 -1.42 8.09 60.12
C ALA Y 56 -0.66 7.27 61.14
N VAL Y 57 0.34 7.90 61.75
CA VAL Y 57 1.25 7.18 62.64
C VAL Y 57 0.49 6.60 63.82
N GLY Y 58 -0.30 7.42 64.51
CA GLY Y 58 -0.97 6.94 65.70
C GLY Y 58 -1.97 5.84 65.39
N GLY Y 59 -2.80 6.05 64.37
CA GLY Y 59 -3.79 5.05 64.04
C GLY Y 59 -3.18 3.74 63.61
N VAL Y 60 -2.17 3.79 62.73
CA VAL Y 60 -1.55 2.57 62.26
C VAL Y 60 -0.81 1.87 63.40
N ARG Y 61 -0.10 2.62 64.23
CA ARG Y 61 0.64 2.02 65.33
C ARG Y 61 -0.29 1.50 66.42
N ARG Y 62 -1.54 1.91 66.41
CA ARG Y 62 -2.52 1.36 67.35
C ARG Y 62 -3.40 0.27 66.75
N GLY Y 63 -3.38 0.09 65.44
CA GLY Y 63 -4.15 -0.96 64.83
C GLY Y 63 -5.50 -0.56 64.31
N LEU Y 64 -5.83 0.72 64.37
CA LEU Y 64 -7.15 1.21 63.99
C LEU Y 64 -7.22 1.61 62.52
N VAL Y 65 -6.13 1.47 61.77
CA VAL Y 65 -6.10 1.79 60.36
C VAL Y 65 -5.68 0.55 59.60
N ASP Y 66 -6.37 0.28 58.49
CA ASP Y 66 -6.15 -0.93 57.70
C ASP Y 66 -5.65 -0.67 56.29
N ASP Y 67 -6.13 0.38 55.63
CA ASP Y 67 -5.80 0.64 54.23
C ASP Y 67 -4.54 1.48 54.05
N ALA Y 68 -3.66 1.49 55.04
CA ALA Y 68 -2.45 2.29 54.92
C ALA Y 68 -1.39 1.75 55.86
N ALA Y 69 -0.16 2.13 55.59
CA ALA Y 69 0.99 1.85 56.44
C ALA Y 69 1.39 3.14 57.15
N SER Y 70 2.44 3.05 57.96
CA SER Y 70 2.92 4.25 58.64
C SER Y 70 3.45 5.27 57.64
N ILE Y 71 4.03 4.75 56.55
CA ILE Y 71 4.71 5.59 55.53
C ILE Y 71 4.20 5.25 54.14
N HIS Y 72 4.11 6.21 53.23
CA HIS Y 72 3.78 5.96 51.84
C HIS Y 72 4.98 6.30 50.99
N VAL Y 73 5.41 5.35 50.15
CA VAL Y 73 6.57 5.57 49.24
C VAL Y 73 6.07 5.65 47.81
N ASP Y 74 6.33 6.75 47.11
CA ASP Y 74 5.99 6.88 45.70
C ASP Y 74 7.02 6.08 44.91
N GLU Y 75 6.68 4.83 44.59
CA GLU Y 75 7.66 3.96 43.94
C GLU Y 75 7.99 4.38 42.53
N THR Y 76 7.24 5.31 41.95
CA THR Y 76 7.64 5.90 40.68
C THR Y 76 8.77 6.89 40.83
N LYS Y 77 8.85 7.57 41.99
CA LYS Y 77 9.94 8.49 42.26
C LYS Y 77 11.12 7.83 42.93
N CYS Y 78 10.92 6.75 43.67
CA CYS Y 78 12.05 6.13 44.40
C CYS Y 78 13.11 5.72 43.39
N SER Y 79 14.38 5.70 43.77
CA SER Y 79 15.50 5.37 42.86
C SER Y 79 16.18 4.10 43.33
N TYR Y 80 15.70 3.51 44.39
CA TYR Y 80 16.24 2.24 44.90
C TYR Y 80 17.71 2.39 45.28
N CYS Y 81 18.10 3.55 45.80
CA CYS Y 81 19.46 3.76 46.33
C CYS Y 81 19.66 2.94 47.57
N GLY Y 82 18.65 2.91 48.43
CA GLY Y 82 18.77 2.17 49.69
C GLY Y 82 19.26 3.04 50.81
N VAL Y 83 19.27 4.36 50.63
CA VAL Y 83 19.67 5.27 51.74
C VAL Y 83 18.68 5.08 52.90
N CYS Y 84 17.38 5.02 52.63
CA CYS Y 84 16.35 4.78 53.67
C CYS Y 84 16.65 3.52 54.48
N VAL Y 85 17.11 2.45 53.84
CA VAL Y 85 17.37 1.16 54.53
C VAL Y 85 18.55 1.31 55.47
N ILE Y 86 19.60 2.03 55.07
CA ILE Y 86 20.81 2.28 55.92
C ILE Y 86 20.50 3.21 57.08
N MET Y 87 19.67 4.25 56.85
CA MET Y 87 19.42 5.33 57.84
C MET Y 87 18.13 5.16 58.64
N CYS Y 88 17.50 4.00 58.67
CA CYS Y 88 16.30 3.72 59.51
C CYS Y 88 16.77 3.10 60.80
N PRO Y 89 16.53 3.71 61.97
CA PRO Y 89 17.12 3.20 63.20
C PRO Y 89 16.68 1.78 63.56
N PHE Y 90 15.41 1.44 63.39
CA PHE Y 90 14.85 0.09 63.66
C PHE Y 90 14.64 -0.49 62.27
N SER Y 91 15.39 -1.51 61.86
CA SER Y 91 15.41 -1.91 60.43
C SER Y 91 14.07 -2.46 59.98
N ALA Y 92 13.20 -1.58 59.56
CA ALA Y 92 11.87 -1.98 59.09
C ALA Y 92 11.76 -1.69 57.61
N LEU Y 93 12.88 -1.43 56.94
CA LEU Y 93 12.86 -1.24 55.48
C LEU Y 93 14.00 -2.09 54.92
N ALA Y 94 13.80 -2.88 53.85
CA ALA Y 94 14.82 -3.69 53.22
C ALA Y 94 14.72 -3.52 51.71
N LEU Y 95 15.87 -3.63 51.05
CA LEU Y 95 15.97 -3.53 49.61
C LEU Y 95 16.40 -4.87 49.06
N LYS Y 96 15.64 -5.39 48.11
CA LYS Y 96 15.97 -6.66 47.47
C LYS Y 96 16.02 -6.40 45.98
N VAL Y 97 17.20 -6.58 45.38
CA VAL Y 97 17.40 -6.17 44.00
C VAL Y 97 16.79 -7.21 43.07
N ASP Y 98 17.33 -8.42 43.05
CA ASP Y 98 16.72 -9.50 42.27
C ASP Y 98 15.83 -10.36 43.14
N GLY Y 99 16.41 -11.06 44.11
CA GLY Y 99 15.63 -11.77 45.09
C GLY Y 99 16.32 -11.79 46.43
N GLU Y 100 17.41 -11.04 46.54
CA GLU Y 100 18.28 -11.10 47.72
C GLU Y 100 18.46 -9.70 48.28
N GLU Y 101 18.54 -9.63 49.61
CA GLU Y 101 18.80 -8.36 50.28
C GLU Y 101 20.19 -7.87 49.90
N ARG Y 102 20.25 -6.84 49.08
CA ARG Y 102 21.49 -6.43 48.43
C ARG Y 102 21.55 -4.91 48.42
N LEU Y 103 22.61 -4.36 49.00
CA LEU Y 103 22.77 -2.91 49.11
C LEU Y 103 24.01 -2.49 48.32
N PRO Y 104 23.83 -2.09 47.06
CA PRO Y 104 24.99 -1.72 46.25
C PRO Y 104 25.79 -0.56 46.81
N ILE Y 105 25.12 0.39 47.46
CA ILE Y 105 25.84 1.57 47.93
C ILE Y 105 26.80 1.19 49.05
N LEU Y 106 26.42 0.24 49.91
CA LEU Y 106 27.38 -0.29 50.87
C LEU Y 106 28.41 -1.17 50.20
N GLU Y 107 28.01 -1.97 49.21
CA GLU Y 107 28.98 -2.81 48.52
C GLU Y 107 30.11 -1.99 47.94
N LYS Y 108 29.81 -0.77 47.49
CA LYS Y 108 30.82 0.15 46.99
C LYS Y 108 31.31 1.13 48.04
N GLU Y 109 30.77 1.08 49.27
CA GLU Y 109 31.21 1.92 50.39
C GLU Y 109 30.92 3.39 50.15
N GLY Y 110 29.79 3.68 49.51
CA GLY Y 110 29.42 5.05 49.22
C GLY Y 110 28.59 5.72 50.28
N PHE Y 111 28.41 5.10 51.45
CA PHE Y 111 27.55 5.69 52.45
C PHE Y 111 27.93 5.14 53.82
N PRO Y 112 28.05 5.97 54.84
CA PRO Y 112 28.29 5.47 56.18
C PRO Y 112 27.05 4.85 56.79
N THR Y 113 27.27 4.03 57.82
CA THR Y 113 26.19 3.35 58.51
C THR Y 113 26.16 3.75 59.97
N TYR Y 114 25.10 3.42 60.68
CA TYR Y 114 24.95 3.88 62.09
C TYR Y 114 25.84 3.02 62.97
N ASP Y 115 26.54 3.62 63.93
CA ASP Y 115 27.33 2.84 64.91
C ASP Y 115 26.52 2.61 66.17
N LYS Y 116 25.60 1.66 66.18
CA LYS Y 116 24.83 1.32 67.40
C LYS Y 116 25.83 0.79 68.42
N GLY Y 117 26.91 0.15 67.98
CA GLY Y 117 28.01 -0.31 68.86
C GLY Y 117 27.65 -1.28 69.95
N THR Y 118 26.74 -2.22 69.71
CA THR Y 118 26.28 -3.11 70.79
C THR Y 118 27.34 -4.13 71.20
N ALA Y 119 27.25 -4.69 72.40
CA ALA Y 119 28.19 -5.74 72.85
C ALA Y 119 27.78 -6.18 74.24
N ILE Y 120 28.04 -7.42 74.63
CA ILE Y 120 27.72 -7.90 76.00
C ILE Y 120 28.90 -8.73 76.48
N ASP Y 121 29.76 -8.18 77.32
CA ASP Y 121 30.96 -8.88 77.77
C ASP Y 121 30.56 -10.15 78.49
N GLN Y 122 30.70 -11.29 77.81
CA GLN Y 122 30.21 -12.56 78.33
C GLN Y 122 30.96 -13.01 79.57
N ASP Y 123 32.06 -12.36 79.91
CA ASP Y 123 32.77 -12.62 81.14
C ASP Y 123 32.21 -11.79 82.30
N LYS Y 124 31.14 -11.03 82.06
CA LYS Y 124 30.52 -10.27 83.12
C LYS Y 124 29.02 -10.54 83.18
N CYS Y 125 28.35 -10.73 82.04
CA CYS Y 125 26.90 -11.10 82.06
C CYS Y 125 26.69 -12.36 82.90
N VAL Y 126 25.53 -12.50 83.55
CA VAL Y 126 25.28 -13.66 84.47
C VAL Y 126 24.02 -14.42 84.07
N ARG Y 127 23.53 -14.27 82.84
CA ARG Y 127 22.29 -14.93 82.35
C ARG Y 127 21.08 -14.48 83.18
N CYS Y 128 21.00 -13.20 83.48
CA CYS Y 128 19.98 -12.63 84.39
C CYS Y 128 18.50 -12.60 83.97
N ASN Y 129 18.10 -12.27 82.74
CA ASN Y 129 16.68 -12.12 82.32
C ASN Y 129 16.18 -10.67 82.35
N ILE Y 130 16.86 -9.74 83.03
CA ILE Y 130 16.46 -8.31 83.05
C ILE Y 130 16.59 -7.67 81.67
N CYS Y 131 17.66 -7.96 80.94
CA CYS Y 131 17.90 -7.26 79.66
C CYS Y 131 16.86 -7.65 78.63
N ASP Y 132 16.47 -8.91 78.58
CA ASP Y 132 15.39 -9.37 77.67
C ASP Y 132 14.06 -8.80 78.11
N ASP Y 133 13.85 -8.73 79.43
CA ASP Y 133 12.57 -8.22 79.99
C ASP Y 133 12.37 -6.72 79.70
N VAL Y 134 13.38 -5.88 79.89
CA VAL Y 134 13.20 -4.41 79.75
C VAL Y 134 13.31 -3.97 78.32
N CYS Y 135 13.72 -4.84 77.40
CA CYS Y 135 13.96 -4.39 76.01
C CYS Y 135 12.68 -3.98 75.31
N PRO Y 136 12.49 -2.69 74.96
CA PRO Y 136 11.30 -2.26 74.32
C PRO Y 136 11.05 -2.99 73.01
N ARG Y 137 12.09 -3.26 72.23
CA ARG Y 137 11.98 -4.01 70.94
C ARG Y 137 12.43 -5.45 71.20
N ASP Y 138 12.19 -6.40 70.28
CA ASP Y 138 12.59 -7.78 70.55
C ASP Y 138 13.99 -7.98 69.98
N ALA Y 139 14.98 -7.43 70.69
CA ALA Y 139 16.35 -7.46 70.16
C ALA Y 139 17.36 -8.11 71.07
N ILE Y 140 16.94 -8.78 72.14
CA ILE Y 140 17.97 -9.50 72.93
C ILE Y 140 17.84 -11.00 72.69
N ASP Y 141 18.80 -11.61 71.99
CA ASP Y 141 18.81 -13.04 71.72
C ASP Y 141 19.67 -13.68 72.80
N ARG Y 142 19.02 -14.12 73.88
CA ARG Y 142 19.71 -14.84 74.93
C ARG Y 142 19.55 -16.32 74.68
N ASP Y 143 20.67 -17.02 74.53
CA ASP Y 143 20.70 -18.45 74.29
C ASP Y 143 21.13 -19.11 75.59
N VAL Y 144 20.16 -19.52 76.40
CA VAL Y 144 20.42 -20.14 77.69
C VAL Y 144 19.58 -21.40 77.83
N PRO Y 145 20.14 -22.50 78.34
CA PRO Y 145 19.30 -23.65 78.68
C PRO Y 145 18.30 -23.29 79.77
N LEU Y 146 17.07 -23.77 79.60
CA LEU Y 146 15.95 -23.38 80.45
C LEU Y 146 15.84 -24.36 81.61
N PHE Y 147 16.11 -23.88 82.81
CA PHE Y 147 16.12 -24.73 83.99
C PHE Y 147 14.68 -24.99 84.44
N GLU Y 148 14.52 -25.49 85.66
CA GLU Y 148 13.20 -25.87 86.16
C GLU Y 148 12.21 -24.71 86.17
N GLY Y 149 12.70 -23.48 86.21
CA GLY Y 149 11.82 -22.35 86.08
C GLY Y 149 11.15 -22.30 84.73
N GLU Y 150 9.83 -22.54 84.73
CA GLU Y 150 8.92 -22.46 83.59
C GLU Y 150 9.03 -23.65 82.65
N ASP Y 151 9.95 -24.58 82.87
CA ASP Y 151 10.12 -25.70 81.94
C ASP Y 151 10.82 -26.85 82.64
N LYS Y 152 10.98 -27.95 81.90
CA LYS Y 152 11.84 -29.06 82.32
C LYS Y 152 13.29 -28.61 82.31
N GLU Y 153 14.08 -29.20 83.22
CA GLU Y 153 15.42 -28.71 83.51
C GLU Y 153 16.30 -28.63 82.27
N GLY Y 154 16.99 -27.49 82.11
CA GLY Y 154 17.96 -27.37 81.04
C GLY Y 154 19.13 -28.30 81.25
N LEU Y 155 19.72 -28.27 82.43
CA LEU Y 155 20.53 -29.37 82.91
C LEU Y 155 19.92 -30.00 84.16
N ALA Y 156 19.77 -29.23 85.23
CA ALA Y 156 19.08 -29.61 86.46
C ALA Y 156 19.15 -28.42 87.40
N LYS Y 157 18.27 -28.34 88.39
CA LYS Y 157 18.40 -27.16 89.28
C LYS Y 157 19.78 -27.22 89.89
N GLY Y 158 20.25 -28.42 90.20
CA GLY Y 158 21.54 -28.45 90.84
C GLY Y 158 22.71 -28.33 89.90
N GLN Y 159 22.48 -28.44 88.60
CA GLN Y 159 23.54 -28.20 87.62
C GLN Y 159 23.51 -26.81 87.04
N ALA Y 160 22.53 -25.98 87.41
CA ALA Y 160 22.65 -24.56 87.13
C ALA Y 160 23.81 -23.94 87.89
N VAL Y 161 24.27 -24.58 88.96
CA VAL Y 161 25.47 -24.19 89.67
C VAL Y 161 26.46 -25.32 89.63
N GLU Y 162 27.69 -25.02 89.23
CA GLU Y 162 28.73 -26.01 89.07
C GLU Y 162 29.17 -26.44 90.47
N LEU Y 163 28.55 -27.50 90.97
CA LEU Y 163 28.75 -27.99 92.32
C LEU Y 163 29.32 -29.39 92.29
N LYS Y 164 30.27 -29.67 93.18
CA LYS Y 164 30.96 -30.96 93.24
C LYS Y 164 30.31 -31.79 94.34
N ILE Y 165 29.44 -32.72 93.93
CA ILE Y 165 28.68 -33.56 94.85
C ILE Y 165 29.01 -35.03 94.63
N ARG Y 231 31.27 -29.61 100.58
CA ARG Y 231 30.97 -29.13 99.24
C ARG Y 231 31.12 -27.63 99.15
N THR Y 232 31.40 -27.15 97.94
CA THR Y 232 31.38 -25.72 97.67
C THR Y 232 31.25 -25.51 96.17
N VAL Y 233 30.67 -24.36 95.81
CA VAL Y 233 30.60 -23.97 94.41
C VAL Y 233 32.01 -23.82 93.84
N VAL Y 234 32.18 -24.23 92.59
CA VAL Y 234 33.45 -23.96 91.93
C VAL Y 234 33.33 -22.69 91.10
N GLY Y 235 33.51 -21.55 91.77
CA GLY Y 235 33.76 -20.27 91.11
C GLY Y 235 32.56 -19.59 90.48
N GLN Y 236 32.19 -20.04 89.27
CA GLN Y 236 31.32 -19.27 88.41
C GLN Y 236 30.62 -20.21 87.45
N LYS Y 237 29.43 -19.82 87.01
CA LYS Y 237 28.54 -20.77 86.35
C LYS Y 237 28.28 -20.39 84.90
N LYS Y 238 27.66 -19.24 84.66
CA LYS Y 238 27.55 -18.61 83.34
C LYS Y 238 27.29 -19.62 82.23
N LEU Y 239 26.15 -20.31 82.34
CA LEU Y 239 25.79 -21.36 81.39
C LEU Y 239 25.04 -20.76 80.21
N GLY Y 240 25.64 -20.83 79.03
CA GLY Y 240 24.97 -20.33 77.84
C GLY Y 240 25.66 -19.14 77.22
N ASN Y 241 24.89 -18.30 76.53
CA ASN Y 241 25.48 -17.15 75.85
C ASN Y 241 24.37 -16.18 75.49
N VAL Y 242 24.59 -14.87 75.72
CA VAL Y 242 23.58 -13.80 75.46
C VAL Y 242 24.18 -12.76 74.52
N ASN Y 243 23.45 -12.30 73.51
CA ASN Y 243 23.92 -11.33 72.52
C ASN Y 243 22.80 -10.32 72.27
N ILE Y 244 23.07 -9.31 71.43
CA ILE Y 244 22.06 -8.26 71.07
C ILE Y 244 21.97 -8.16 69.55
N ILE Y 245 20.84 -8.48 68.96
CA ILE Y 245 20.67 -8.47 67.51
C ILE Y 245 20.91 -7.05 67.04
N ASP Y 246 22.11 -6.80 66.50
CA ASP Y 246 22.55 -5.44 66.27
C ASP Y 246 21.73 -4.71 65.23
N GLU Y 247 20.98 -5.42 64.40
CA GLU Y 247 20.13 -4.73 63.44
C GLU Y 247 18.75 -4.42 63.99
N ASP Y 248 18.48 -4.77 65.24
CA ASP Y 248 17.19 -4.46 65.86
C ASP Y 248 17.30 -3.48 67.01
N CYS Y 249 18.38 -3.49 67.80
CA CYS Y 249 18.58 -2.51 68.89
C CYS Y 249 18.39 -1.11 68.38
N CYS Y 250 17.70 -0.24 69.12
CA CYS Y 250 17.43 1.17 68.72
C CYS Y 250 18.25 2.11 69.60
N THR Y 251 19.16 1.59 70.41
CA THR Y 251 19.99 2.37 71.34
C THR Y 251 19.18 3.10 72.39
N CYS Y 252 18.07 2.55 72.88
CA CYS Y 252 17.26 3.13 74.00
C CYS Y 252 18.05 3.10 75.29
N ARG Y 253 18.77 2.04 75.56
CA ARG Y 253 19.65 1.93 76.74
C ARG Y 253 18.88 1.48 77.97
N TRP Y 254 17.69 0.95 77.80
CA TRP Y 254 16.96 0.37 78.94
C TRP Y 254 17.76 -0.79 79.49
N CYS Y 255 18.46 -1.52 78.63
CA CYS Y 255 19.18 -2.74 79.05
C CYS Y 255 20.53 -2.40 79.65
N ALA Y 256 21.18 -1.33 79.19
CA ALA Y 256 22.47 -0.91 79.79
C ALA Y 256 22.25 -0.23 81.12
N ILE Y 257 21.26 0.64 81.21
CA ILE Y 257 20.97 1.42 82.45
C ILE Y 257 20.53 0.45 83.54
N ASN Y 258 19.79 -0.60 83.18
CA ASN Y 258 19.26 -1.56 84.17
C ASN Y 258 20.03 -2.88 84.20
N CYS Y 259 21.17 -3.01 83.55
CA CYS Y 259 21.83 -4.35 83.64
C CYS Y 259 22.42 -4.47 85.02
N PRO Y 260 22.28 -5.60 85.71
CA PRO Y 260 22.93 -5.73 86.98
C PRO Y 260 24.45 -5.62 86.99
N THR Y 261 25.17 -6.16 86.00
CA THR Y 261 26.66 -6.18 86.07
C THR Y 261 27.36 -5.23 85.11
N GLU Y 262 26.66 -4.28 84.51
CA GLU Y 262 27.24 -3.24 83.67
C GLU Y 262 28.00 -3.85 82.50
N ALA Y 263 27.46 -4.94 81.95
CA ALA Y 263 28.15 -5.71 80.92
C ALA Y 263 27.66 -5.40 79.52
N ILE Y 264 26.78 -4.40 79.38
CA ILE Y 264 26.21 -4.05 78.05
C ILE Y 264 26.75 -2.69 77.60
N THR Y 265 27.24 -2.56 76.37
CA THR Y 265 27.85 -1.34 75.84
C THR Y 265 27.09 -0.92 74.59
N VAL Y 266 26.15 0.00 74.76
CA VAL Y 266 25.38 0.54 73.62
C VAL Y 266 25.53 2.05 73.70
N ASN Y 267 25.61 2.76 72.59
CA ASN Y 267 25.74 4.20 72.53
C ASN Y 267 24.66 4.77 71.61
N LYS Y 268 23.96 5.80 72.07
CA LYS Y 268 22.84 6.31 71.30
C LYS Y 268 23.30 6.84 69.97
N ILE Y 269 22.53 6.55 68.93
CA ILE Y 269 22.89 7.02 67.61
C ILE Y 269 22.73 8.52 67.50
N PHE Y 270 21.72 9.10 68.13
CA PHE Y 270 21.45 10.53 68.04
C PHE Y 270 21.72 11.21 69.36
N GLU Y 271 22.05 12.49 69.29
CA GLU Y 271 22.25 13.31 70.49
C GLU Y 271 21.54 14.64 70.30
N GLY Y 272 21.01 15.16 71.39
CA GLY Y 272 20.24 16.39 71.32
C GLY Y 272 19.42 16.55 72.59
N GLU Y 273 18.24 17.14 72.42
CA GLU Y 273 17.35 17.35 73.54
C GLU Y 273 15.91 17.39 73.05
N ILE Y 274 15.02 16.83 73.86
CA ILE Y 274 13.59 16.85 73.62
C ILE Y 274 12.90 17.40 74.86
N THR Y 275 11.98 18.33 74.68
CA THR Y 275 11.27 18.95 75.78
C THR Y 275 9.77 18.79 75.61
N PHE Y 276 9.09 18.61 76.74
CA PHE Y 276 7.65 18.44 76.80
C PHE Y 276 7.04 19.59 77.59
N HIS Y 277 6.23 20.39 76.91
CA HIS Y 277 5.44 21.43 77.59
C HIS Y 277 4.15 20.78 78.06
N ALA Y 278 4.19 20.23 79.27
CA ALA Y 278 3.05 19.47 79.77
C ALA Y 278 1.77 20.30 79.77
N GLU Y 279 1.88 21.60 79.99
CA GLU Y 279 0.70 22.45 80.10
C GLU Y 279 0.00 22.63 78.82
N LYS Y 280 0.39 21.98 77.74
CA LYS Y 280 -0.31 22.12 76.47
C LYS Y 280 -0.85 20.80 75.96
N CYS Y 281 -0.75 19.75 76.72
CA CYS Y 281 -1.34 18.48 76.31
C CYS Y 281 -2.83 18.49 76.64
N PRO Y 282 -3.69 18.26 75.69
CA PRO Y 282 -5.12 18.15 75.97
C PRO Y 282 -5.51 16.77 76.52
N GLY Y 283 -4.84 16.37 77.59
CA GLY Y 283 -5.33 15.26 78.38
C GLY Y 283 -5.34 13.89 77.73
N GLY Y 284 -6.53 13.39 77.40
CA GLY Y 284 -6.72 12.02 76.98
C GLY Y 284 -6.30 11.75 75.55
N CYS Y 285 -5.00 11.86 75.30
CA CYS Y 285 -4.40 11.70 73.99
C CYS Y 285 -3.11 10.91 74.10
N SER Y 286 -3.13 9.75 74.74
CA SER Y 286 -1.83 9.12 74.94
C SER Y 286 -1.33 8.46 73.67
N THR Y 287 -1.38 9.20 72.56
CA THR Y 287 -0.82 8.72 71.32
C THR Y 287 0.70 8.70 71.37
N CYS Y 288 1.29 9.75 71.93
CA CYS Y 288 2.74 9.78 72.08
C CYS Y 288 3.21 8.61 72.93
N VAL Y 289 2.53 8.34 74.03
CA VAL Y 289 2.88 7.20 74.87
C VAL Y 289 2.75 5.91 74.07
N ASP Y 290 1.69 5.81 73.26
CA ASP Y 290 1.45 4.56 72.55
C ASP Y 290 2.46 4.31 71.46
N VAL Y 291 3.00 5.36 70.84
CA VAL Y 291 3.85 5.20 69.67
C VAL Y 291 5.33 5.33 69.98
N CYS Y 292 5.71 5.75 71.17
CA CYS Y 292 7.14 5.84 71.47
C CYS Y 292 7.79 4.47 71.37
N PRO Y 293 8.79 4.28 70.52
CA PRO Y 293 9.43 2.96 70.44
C PRO Y 293 10.18 2.57 71.69
N ALA Y 294 10.90 3.51 72.29
CA ALA Y 294 11.77 3.21 73.42
C ALA Y 294 11.08 3.39 74.76
N ASN Y 295 9.75 3.49 74.76
CA ASN Y 295 8.91 3.78 75.94
C ASN Y 295 9.57 4.75 76.91
N ALA Y 296 10.07 5.84 76.35
CA ALA Y 296 10.56 6.92 77.21
C ALA Y 296 9.44 7.71 77.84
N ILE Y 297 8.31 7.83 77.15
CA ILE Y 297 7.22 8.67 77.61
C ILE Y 297 6.39 7.94 78.65
N TYR Y 298 5.84 8.70 79.59
CA TYR Y 298 4.93 8.15 80.58
C TYR Y 298 3.85 9.17 80.89
N LEU Y 299 2.73 8.69 81.41
CA LEU Y 299 1.74 9.55 82.02
C LEU Y 299 2.06 9.63 83.50
N PRO Y 300 2.49 10.77 84.02
CA PRO Y 300 2.92 10.82 85.41
C PRO Y 300 1.77 10.42 86.33
N THR Y 301 2.02 9.43 87.17
CA THR Y 301 0.95 8.83 87.94
C THR Y 301 0.33 9.86 88.88
N PRO Y 302 -0.99 9.98 88.92
CA PRO Y 302 -1.62 10.91 89.87
C PRO Y 302 -1.31 10.50 91.31
N LYS Y 303 -0.97 11.49 92.11
CA LYS Y 303 -0.67 11.26 93.50
C LYS Y 303 -1.96 10.89 94.25
N PRO Y 304 -1.84 10.20 95.37
CA PRO Y 304 -3.03 9.98 96.20
C PRO Y 304 -3.45 11.25 96.89
N ALA Y 305 -4.60 11.21 97.55
CA ALA Y 305 -4.94 12.28 98.46
C ALA Y 305 -3.97 12.29 99.63
N LYS Y 306 -4.03 13.34 100.44
CA LYS Y 306 -3.13 13.58 101.57
C LYS Y 306 -1.66 13.52 101.16
N ASP Y 307 -1.41 13.54 99.85
CA ASP Y 307 -0.05 13.64 99.31
C ASP Y 307 0.06 14.61 98.15
N MET Y 308 -1.04 15.20 97.68
CA MET Y 308 -0.96 16.07 96.51
C MET Y 308 -0.20 17.36 96.81
N LYS Y 309 -0.34 17.88 98.03
CA LYS Y 309 0.42 19.06 98.46
C LYS Y 309 0.25 20.24 97.51
N GLY Y 310 -0.98 20.47 97.07
CA GLY Y 310 -1.30 21.64 96.28
C GLY Y 310 -0.76 21.63 94.87
N GLN Y 311 0.12 20.70 94.52
CA GLN Y 311 0.58 20.51 93.15
C GLN Y 311 -0.27 19.43 92.54
N ILE Y 312 -0.98 19.74 91.46
CA ILE Y 312 -2.04 18.85 91.02
C ILE Y 312 -1.44 17.62 90.33
N GLU Y 313 -0.87 17.80 89.14
CA GLU Y 313 -0.18 16.72 88.43
C GLU Y 313 0.27 17.28 87.08
N ALA Y 314 1.24 16.61 86.47
CA ALA Y 314 1.57 16.86 85.08
C ALA Y 314 0.75 15.94 84.19
N LYS Y 315 0.58 16.34 82.93
CA LYS Y 315 -0.19 15.49 82.02
C LYS Y 315 0.67 14.59 81.17
N ILE Y 316 1.96 14.89 80.99
CA ILE Y 316 2.84 14.11 80.14
C ILE Y 316 4.26 14.50 80.46
N ALA Y 317 5.18 13.55 80.31
CA ALA Y 317 6.61 13.83 80.50
C ALA Y 317 7.40 12.76 79.80
N VAL Y 318 8.72 12.93 79.78
CA VAL Y 318 9.63 12.08 79.03
C VAL Y 318 10.80 11.71 79.91
N ASN Y 319 11.48 10.63 79.54
CA ASN Y 319 12.72 10.22 80.19
C ASN Y 319 13.84 10.40 79.19
N LYS Y 320 14.64 11.45 79.36
CA LYS Y 320 15.72 11.72 78.42
C LYS Y 320 16.77 10.62 78.44
N ASP Y 321 16.79 9.77 79.46
CA ASP Y 321 17.74 8.68 79.47
C ASP Y 321 17.41 7.64 78.42
N PHE Y 322 16.13 7.50 78.08
CA PHE Y 322 15.71 6.47 77.14
C PHE Y 322 15.24 7.00 75.81
N CYS Y 323 14.85 8.27 75.72
CA CYS Y 323 14.51 8.82 74.41
C CYS Y 323 15.68 8.68 73.46
N ILE Y 324 15.42 8.15 72.26
CA ILE Y 324 16.45 7.97 71.25
C ILE Y 324 16.36 9.03 70.16
N LEU Y 325 15.59 10.09 70.39
CA LEU Y 325 15.46 11.20 69.45
C LEU Y 325 14.96 10.72 68.10
N CYS Y 326 14.06 9.74 68.11
CA CYS Y 326 13.54 9.21 66.86
C CYS Y 326 12.66 10.22 66.15
N GLY Y 327 11.56 10.61 66.78
CA GLY Y 327 10.63 11.56 66.18
C GLY Y 327 9.22 11.05 66.03
N ALA Y 328 8.92 9.82 66.44
CA ALA Y 328 7.57 9.32 66.34
C ALA Y 328 6.61 10.11 67.20
N CYS Y 329 7.07 10.55 68.37
CA CYS Y 329 6.23 11.35 69.24
C CYS Y 329 5.79 12.63 68.54
N VAL Y 330 6.72 13.32 67.89
CA VAL Y 330 6.38 14.55 67.19
C VAL Y 330 5.47 14.26 66.02
N ASN Y 331 5.73 13.19 65.29
CA ASN Y 331 4.90 12.89 64.13
C ASN Y 331 3.50 12.47 64.52
N ALA Y 332 3.31 11.98 65.75
CA ALA Y 332 2.03 11.45 66.17
C ALA Y 332 1.18 12.44 66.95
N CYS Y 333 1.80 13.33 67.73
CA CYS Y 333 1.04 14.27 68.56
C CYS Y 333 0.10 15.11 67.69
N PRO Y 334 -1.21 15.16 68.05
CA PRO Y 334 -2.17 16.04 67.39
C PRO Y 334 -2.19 17.45 67.98
N GLY Y 335 -1.35 17.73 68.98
CA GLY Y 335 -1.33 19.03 69.62
C GLY Y 335 -0.68 20.08 68.77
N GLU Y 336 -0.33 21.23 69.36
CA GLU Y 336 0.27 22.30 68.58
C GLU Y 336 1.79 22.35 68.72
N ASP Y 337 2.30 22.56 69.93
CA ASP Y 337 3.74 22.53 70.11
C ASP Y 337 4.10 21.95 71.45
N ILE Y 338 3.47 20.84 71.84
CA ILE Y 338 3.82 20.21 73.10
C ILE Y 338 5.25 19.74 73.09
N ILE Y 339 5.73 19.24 71.94
CA ILE Y 339 7.00 18.54 71.86
C ILE Y 339 7.97 19.38 71.04
N TYR Y 340 9.22 19.42 71.49
CA TYR Y 340 10.29 20.07 70.76
C TYR Y 340 11.43 19.08 70.58
N LEU Y 341 11.75 18.78 69.32
CA LEU Y 341 12.76 17.79 68.99
C LEU Y 341 13.89 18.45 68.21
N ARG Y 342 15.12 18.17 68.62
CA ARG Y 342 16.29 18.69 67.90
C ARG Y 342 17.44 17.73 68.14
N ARG Y 343 17.95 17.14 67.06
CA ARG Y 343 19.11 16.26 67.12
C ARG Y 343 20.36 17.04 66.77
N ASP Y 344 21.46 16.73 67.46
CA ASP Y 344 22.70 17.49 67.28
C ASP Y 344 23.83 16.70 66.65
N SER Y 345 23.87 15.37 66.82
CA SER Y 345 24.99 14.62 66.28
C SER Y 345 24.58 13.16 66.09
N VAL Y 346 24.70 12.67 64.87
CA VAL Y 346 24.53 11.25 64.57
C VAL Y 346 25.89 10.59 64.65
N LYS Y 347 25.92 9.36 65.17
CA LYS Y 347 27.17 8.63 65.37
C LYS Y 347 27.29 7.53 64.34
N ILE Y 348 28.33 7.58 63.51
CA ILE Y 348 28.46 6.71 62.35
C ILE Y 348 29.82 6.04 62.32
N LYS Y 349 29.90 4.98 61.52
CA LYS Y 349 31.14 4.40 61.07
C LYS Y 349 31.10 4.34 59.55
N GLY Y 350 32.26 4.44 58.93
CA GLY Y 350 32.29 4.85 57.54
C GLY Y 350 32.54 6.35 57.46
N LYS Y 351 33.24 6.77 56.41
CA LYS Y 351 33.88 8.07 56.54
C LYS Y 351 32.92 9.24 56.46
N GLU Y 352 32.42 9.55 55.27
CA GLU Y 352 31.48 10.65 55.08
C GLU Y 352 31.16 10.80 53.59
N THR Y 353 30.28 11.72 53.25
CA THR Y 353 29.98 12.04 51.85
C THR Y 353 29.30 13.40 51.83
N ASP Y 354 29.36 14.07 50.69
CA ASP Y 354 28.57 15.29 50.53
C ASP Y 354 27.09 15.00 50.71
N LEU Y 355 26.63 13.85 50.21
CA LEU Y 355 25.26 13.45 50.47
C LEU Y 355 25.01 13.28 51.95
N PHE Y 356 25.98 12.74 52.68
CA PHE Y 356 25.76 12.56 54.11
C PHE Y 356 25.77 13.88 54.85
N LYS Y 357 26.54 14.87 54.39
CA LYS Y 357 26.44 16.19 54.99
C LYS Y 357 25.08 16.81 54.73
N LYS Y 358 24.55 16.64 53.53
CA LYS Y 358 23.19 17.12 53.27
C LYS Y 358 22.18 16.43 54.17
N ILE Y 359 22.36 15.12 54.40
CA ILE Y 359 21.40 14.38 55.22
C ILE Y 359 21.52 14.80 56.67
N LYS Y 360 22.74 15.07 57.14
CA LYS Y 360 22.91 15.62 58.49
C LYS Y 360 22.18 16.94 58.62
N GLU Y 361 22.34 17.82 57.63
CA GLU Y 361 21.66 19.11 57.67
C GLU Y 361 20.14 18.92 57.69
N LYS Y 362 19.64 17.90 56.99
CA LYS Y 362 18.19 17.68 56.98
C LYS Y 362 17.70 17.10 58.29
N LEU Y 363 18.46 16.18 58.89
CA LEU Y 363 18.03 15.59 60.14
C LEU Y 363 18.15 16.53 61.32
N PHE Y 364 19.00 17.55 61.24
CA PHE Y 364 19.32 18.34 62.41
C PHE Y 364 18.54 19.64 62.51
N THR Y 365 17.49 19.80 61.74
CA THR Y 365 16.64 20.99 61.87
C THR Y 365 15.58 20.77 62.95
N PRO Y 366 15.42 21.69 63.89
CA PRO Y 366 14.44 21.48 64.96
C PRO Y 366 13.02 21.49 64.42
N ARG Y 367 12.15 20.75 65.11
CA ARG Y 367 10.80 20.54 64.64
C ARG Y 367 9.86 20.42 65.83
N THR Y 368 8.57 20.64 65.55
CA THR Y 368 7.54 20.50 66.56
C THR Y 368 6.21 20.28 65.84
N SER Y 369 5.19 19.92 66.61
CA SER Y 369 3.91 19.56 66.03
C SER Y 369 3.27 20.77 65.34
N LYS Y 370 2.12 20.54 64.72
CA LYS Y 370 1.36 21.63 64.13
C LYS Y 370 -0.08 21.18 63.92
N VAL Y 371 -1.00 22.08 64.21
CA VAL Y 371 -2.41 21.90 63.90
C VAL Y 371 -2.70 22.73 62.66
N LYS Y 372 -3.62 22.23 61.84
CA LYS Y 372 -4.11 22.96 60.67
C LYS Y 372 -2.98 23.20 59.66
N GLU Y 373 -2.40 22.11 59.19
CA GLU Y 373 -1.46 22.20 58.09
C GLU Y 373 -2.24 22.40 56.79
N GLN Y 374 -1.52 22.50 55.67
CA GLN Y 374 -2.14 22.90 54.42
C GLN Y 374 -2.98 21.76 53.84
N PRO Y 375 -4.07 22.07 53.15
CA PRO Y 375 -4.92 21.00 52.59
C PRO Y 375 -4.36 20.34 51.36
N SER Y 376 -3.54 21.06 50.57
CA SER Y 376 -3.07 20.51 49.31
C SER Y 376 -2.28 19.24 49.50
N LEU Y 377 -1.71 19.01 50.68
CA LEU Y 377 -0.97 17.80 50.99
C LEU Y 377 -1.74 16.86 51.89
N ALA Y 378 -3.08 16.94 51.87
CA ALA Y 378 -3.89 16.11 52.75
C ALA Y 378 -3.60 14.64 52.51
N GLY Y 379 -3.45 13.89 53.60
CA GLY Y 379 -3.04 12.51 53.54
C GLY Y 379 -1.66 12.24 54.07
N SER Y 380 -0.96 13.27 54.56
CA SER Y 380 0.38 13.12 55.08
C SER Y 380 0.57 14.10 56.23
N VAL Y 381 1.79 14.17 56.75
CA VAL Y 381 2.11 14.99 57.91
C VAL Y 381 3.03 16.13 57.48
N GLU Y 382 2.82 17.30 58.07
CA GLU Y 382 3.73 18.42 57.93
C GLU Y 382 3.96 19.03 59.30
N LEU Y 383 5.23 19.20 59.68
CA LEU Y 383 5.59 19.72 60.99
C LEU Y 383 5.90 21.21 60.89
N LYS Y 384 6.22 21.80 62.04
CA LYS Y 384 6.61 23.20 62.10
C LYS Y 384 8.12 23.33 62.10
N ALA Y 385 8.62 24.23 61.26
CA ALA Y 385 10.03 24.59 61.29
C ALA Y 385 10.25 25.60 62.40
N VAL Y 386 11.05 25.23 63.39
CA VAL Y 386 11.43 26.14 64.46
C VAL Y 386 12.71 26.86 64.07
N SER Y 387 12.73 28.16 64.28
CA SER Y 387 13.88 28.97 63.90
C SER Y 387 15.15 28.52 64.61
N PRO Z 2 -34.85 30.86 63.02
CA PRO Z 2 -33.50 31.38 63.25
C PRO Z 2 -33.35 32.09 64.59
N LYS Z 3 -34.12 31.67 65.60
CA LYS Z 3 -34.05 32.23 66.94
C LYS Z 3 -33.46 31.15 67.85
N VAL Z 4 -32.14 31.09 67.91
CA VAL Z 4 -31.46 30.00 68.60
C VAL Z 4 -31.72 30.08 70.10
N ILE Z 5 -32.17 28.97 70.67
CA ILE Z 5 -32.52 28.88 72.08
C ILE Z 5 -31.52 27.95 72.76
N GLU Z 6 -30.88 28.45 73.82
CA GLU Z 6 -29.89 27.66 74.53
C GLU Z 6 -30.55 26.88 75.67
N ASN Z 7 -29.75 26.07 76.33
CA ASN Z 7 -30.09 25.41 77.59
C ASN Z 7 -31.52 24.86 77.62
N VAL Z 8 -31.79 23.94 76.71
CA VAL Z 8 -33.04 23.22 76.72
C VAL Z 8 -32.78 21.87 77.37
N GLY Z 9 -33.85 21.16 77.70
CA GLY Z 9 -33.74 19.83 78.28
C GLY Z 9 -34.24 18.79 77.30
N CYS Z 10 -33.49 17.68 77.22
CA CYS Z 10 -33.93 16.52 76.41
C CYS Z 10 -34.78 15.63 77.33
N PRO Z 11 -36.09 15.46 77.09
CA PRO Z 11 -36.94 14.67 77.99
C PRO Z 11 -37.06 13.18 77.63
N TYR Z 12 -35.97 12.42 77.65
CA TYR Z 12 -36.11 10.95 77.50
C TYR Z 12 -35.38 10.12 78.51
N CYS Z 13 -34.07 10.14 78.57
CA CYS Z 13 -33.39 9.17 79.44
C CYS Z 13 -32.97 9.78 80.76
N GLY Z 14 -32.49 8.97 81.69
CA GLY Z 14 -32.11 9.39 83.01
C GLY Z 14 -31.08 10.48 83.04
N CYS Z 15 -30.45 10.78 81.92
CA CYS Z 15 -29.31 11.71 81.88
C CYS Z 15 -29.85 13.13 81.98
N SER Z 16 -31.09 13.34 81.59
CA SER Z 16 -31.70 14.68 81.70
C SER Z 16 -30.75 15.69 81.12
N CYS Z 17 -30.24 15.45 79.92
CA CYS Z 17 -29.21 16.35 79.38
C CYS Z 17 -29.85 17.70 79.12
N ASP Z 18 -29.17 18.74 79.58
CA ASP Z 18 -29.66 20.10 79.44
C ASP Z 18 -28.76 20.97 78.57
N ASP Z 19 -27.78 20.37 77.90
CA ASP Z 19 -26.91 21.10 76.98
C ASP Z 19 -27.44 21.03 75.56
N VAL Z 20 -28.70 21.36 75.34
CA VAL Z 20 -29.32 21.20 74.03
C VAL Z 20 -29.61 22.58 73.47
N ARG Z 21 -29.37 22.75 72.18
CA ARG Z 21 -29.57 24.02 71.51
C ARG Z 21 -30.59 23.81 70.41
N ILE Z 22 -31.63 24.63 70.39
CA ILE Z 22 -32.71 24.52 69.42
C ILE Z 22 -32.72 25.78 68.58
N THR Z 23 -32.94 25.64 67.28
CA THR Z 23 -33.07 26.78 66.39
C THR Z 23 -34.52 26.85 65.94
N VAL Z 24 -35.35 27.50 66.74
CA VAL Z 24 -36.78 27.56 66.46
C VAL Z 24 -37.02 28.50 65.29
N SER Z 25 -38.13 28.26 64.58
CA SER Z 25 -38.46 29.04 63.40
C SER Z 25 -38.76 30.49 63.78
N ASP Z 26 -39.05 31.30 62.76
CA ASP Z 26 -39.33 32.71 63.00
C ASP Z 26 -40.60 32.89 63.84
N ASP Z 27 -41.62 32.08 63.58
CA ASP Z 27 -42.91 32.21 64.26
C ASP Z 27 -42.94 31.52 65.61
N GLY Z 28 -41.86 30.86 66.01
CA GLY Z 28 -41.80 30.24 67.32
C GLY Z 28 -42.62 28.97 67.47
N LYS Z 29 -42.90 28.28 66.36
CA LYS Z 29 -43.70 27.06 66.45
C LYS Z 29 -43.19 25.94 65.54
N ASP Z 30 -42.03 26.09 64.91
CA ASP Z 30 -41.41 25.04 64.13
C ASP Z 30 -39.96 24.92 64.58
N ILE Z 31 -39.51 23.70 64.85
CA ILE Z 31 -38.12 23.47 65.22
C ILE Z 31 -37.35 23.07 63.97
N LEU Z 32 -36.27 23.81 63.67
CA LEU Z 32 -35.53 23.62 62.43
C LEU Z 32 -34.35 22.69 62.59
N GLU Z 33 -33.40 23.03 63.46
CA GLU Z 33 -32.24 22.18 63.69
C GLU Z 33 -31.98 22.08 65.17
N VAL Z 34 -31.59 20.90 65.61
CA VAL Z 34 -31.36 20.61 67.02
C VAL Z 34 -29.94 20.13 67.18
N GLU Z 35 -29.18 20.79 68.04
CA GLU Z 35 -27.76 20.51 68.16
C GLU Z 35 -27.47 19.95 69.54
N ASN Z 36 -26.46 19.09 69.61
CA ASN Z 36 -25.81 18.62 70.82
C ASN Z 36 -26.56 17.49 71.53
N VAL Z 37 -27.66 16.99 70.94
CA VAL Z 37 -28.55 15.97 71.56
C VAL Z 37 -28.35 14.65 70.83
N CYS Z 38 -28.77 13.52 71.40
CA CYS Z 38 -28.51 12.24 70.73
C CYS Z 38 -29.68 12.02 69.78
N ALA Z 39 -29.78 10.90 69.11
CA ALA Z 39 -30.84 10.69 68.13
C ALA Z 39 -32.20 10.52 68.76
N ILE Z 40 -32.23 9.71 69.84
CA ILE Z 40 -33.48 9.42 70.56
C ILE Z 40 -34.08 10.76 70.95
N GLY Z 41 -33.24 11.72 71.32
CA GLY Z 41 -33.73 13.03 71.73
C GLY Z 41 -34.17 13.80 70.52
N THR Z 42 -33.35 13.88 69.51
CA THR Z 42 -33.65 14.56 68.27
C THR Z 42 -35.07 14.21 67.83
N GLU Z 43 -35.41 12.94 67.96
CA GLU Z 43 -36.72 12.49 67.53
C GLU Z 43 -37.83 12.97 68.46
N ILE Z 44 -37.54 13.06 69.76
CA ILE Z 44 -38.52 13.61 70.68
C ILE Z 44 -38.88 15.03 70.27
N PHE Z 45 -37.87 15.85 69.99
CA PHE Z 45 -38.16 17.22 69.62
C PHE Z 45 -38.84 17.30 68.26
N LYS Z 46 -38.41 16.46 67.31
CA LYS Z 46 -39.04 16.44 66.00
C LYS Z 46 -40.50 16.04 66.08
N HIS Z 47 -40.84 15.16 67.02
CA HIS Z 47 -42.24 14.80 67.22
C HIS Z 47 -43.01 15.89 67.94
N GLY Z 48 -42.38 16.53 68.92
CA GLY Z 48 -43.06 17.60 69.63
C GLY Z 48 -43.42 18.77 68.73
N CYS Z 49 -42.57 19.05 67.73
CA CYS Z 49 -42.83 20.15 66.82
C CYS Z 49 -43.70 19.74 65.63
N SER Z 50 -44.49 18.68 65.77
CA SER Z 50 -45.30 18.20 64.65
C SER Z 50 -46.50 19.12 64.42
N LYS Z 51 -47.02 19.06 63.19
CA LYS Z 51 -48.16 19.89 62.80
C LYS Z 51 -49.50 19.19 63.01
N ASP Z 52 -49.52 17.88 62.91
CA ASP Z 52 -50.75 17.09 63.01
C ASP Z 52 -50.69 16.30 64.31
N ARG Z 53 -51.21 16.90 65.40
CA ARG Z 53 -51.13 16.27 66.70
C ARG Z 53 -52.46 16.41 67.44
N ILE Z 54 -52.66 15.54 68.42
CA ILE Z 54 -53.94 15.48 69.13
C ILE Z 54 -54.20 16.77 69.88
N ARG Z 55 -55.46 17.19 69.91
CA ARG Z 55 -55.81 18.50 70.42
C ARG Z 55 -56.98 18.45 71.40
N LEU Z 56 -57.84 17.45 71.27
CA LEU Z 56 -59.03 17.26 72.07
C LEU Z 56 -59.08 15.84 72.59
N PRO Z 57 -59.78 15.58 73.68
CA PRO Z 57 -59.98 14.19 74.12
C PRO Z 57 -60.72 13.37 73.09
N ARG Z 58 -60.91 12.09 73.35
CA ARG Z 58 -61.61 11.24 72.39
C ARG Z 58 -62.16 10.03 73.10
N MET Z 59 -63.46 9.77 72.92
CA MET Z 59 -64.22 8.82 73.70
C MET Z 59 -64.52 7.57 72.87
N ARG Z 60 -64.70 6.44 73.54
CA ARG Z 60 -65.12 5.22 72.86
C ARG Z 60 -66.62 5.11 72.81
N GLN Z 61 -67.17 5.24 71.61
CA GLN Z 61 -68.60 5.06 71.36
C GLN Z 61 -68.93 3.58 71.33
N PRO Z 62 -70.21 3.22 71.43
CA PRO Z 62 -70.59 1.80 71.36
C PRO Z 62 -70.07 1.08 70.15
N ASP Z 63 -70.02 1.75 68.99
CA ASP Z 63 -69.60 1.10 67.75
C ASP Z 63 -68.16 0.63 67.78
N GLY Z 64 -67.36 1.10 68.74
CA GLY Z 64 -65.96 0.74 68.82
C GLY Z 64 -65.02 1.78 68.24
N SER Z 65 -65.53 2.75 67.51
CA SER Z 65 -64.72 3.85 67.01
C SER Z 65 -64.41 4.79 68.17
N MET Z 66 -63.80 5.94 67.88
CA MET Z 66 -63.37 6.83 68.94
C MET Z 66 -63.55 8.27 68.46
N LYS Z 67 -64.47 8.99 69.10
CA LYS Z 67 -64.85 10.36 68.73
C LYS Z 67 -64.48 11.33 69.83
N ASP Z 68 -64.29 12.58 69.44
CA ASP Z 68 -63.79 13.63 70.33
C ASP Z 68 -64.86 14.12 71.29
N ILE Z 69 -64.41 14.62 72.44
CA ILE Z 69 -65.27 15.30 73.40
C ILE Z 69 -64.51 16.49 73.97
N SER Z 70 -65.23 17.37 74.66
CA SER Z 70 -64.61 18.54 75.26
C SER Z 70 -63.86 18.19 76.53
N TYR Z 71 -62.90 19.05 76.91
CA TYR Z 71 -62.14 18.83 78.14
C TYR Z 71 -63.04 18.76 79.36
N GLU Z 72 -64.05 19.62 79.44
CA GLU Z 72 -64.91 19.59 80.62
C GLU Z 72 -65.67 18.27 80.69
N GLU Z 73 -66.09 17.74 79.54
CA GLU Z 73 -66.79 16.46 79.53
C GLU Z 73 -65.88 15.33 79.96
N ALA Z 74 -64.62 15.35 79.50
CA ALA Z 74 -63.68 14.33 79.93
C ALA Z 74 -63.37 14.43 81.42
N ILE Z 75 -63.23 15.65 81.93
CA ILE Z 75 -63.00 15.83 83.36
C ILE Z 75 -64.19 15.33 84.17
N ASP Z 76 -65.41 15.62 83.72
CA ASP Z 76 -66.60 15.11 84.37
C ASP Z 76 -66.63 13.59 84.38
N TRP Z 77 -66.36 12.97 83.23
CA TRP Z 77 -66.31 11.52 83.14
C TRP Z 77 -65.33 10.94 84.14
N THR Z 78 -64.09 11.45 84.13
CA THR Z 78 -63.07 10.88 85.00
C THR Z 78 -63.41 11.09 86.47
N ALA Z 79 -63.94 12.26 86.81
CA ALA Z 79 -64.27 12.54 88.20
C ALA Z 79 -65.36 11.60 88.70
N ARG Z 80 -66.44 11.47 87.92
CA ARG Z 80 -67.53 10.60 88.33
C ARG Z 80 -67.06 9.17 88.47
N HIS Z 81 -66.22 8.69 87.53
CA HIS Z 81 -65.76 7.32 87.61
C HIS Z 81 -64.82 7.11 88.80
N LEU Z 82 -63.92 8.08 89.05
CA LEU Z 82 -63.01 7.95 90.19
C LEU Z 82 -63.78 7.90 91.49
N LEU Z 83 -64.88 8.64 91.59
CA LEU Z 83 -65.65 8.59 92.83
C LEU Z 83 -66.49 7.32 92.93
N LYS Z 84 -67.07 6.88 91.82
CA LYS Z 84 -67.90 5.67 91.86
C LYS Z 84 -67.08 4.41 92.10
N ALA Z 85 -65.82 4.39 91.67
CA ALA Z 85 -65.00 3.19 91.81
C ALA Z 85 -64.78 2.87 93.27
N LYS Z 86 -64.13 1.73 93.52
CA LYS Z 86 -63.87 1.26 94.87
C LYS Z 86 -62.39 1.18 95.20
N LYS Z 87 -61.52 1.06 94.21
CA LYS Z 87 -60.07 1.07 94.43
C LYS Z 87 -59.39 1.35 93.10
N PRO Z 88 -59.52 2.57 92.59
CA PRO Z 88 -58.89 2.90 91.30
C PRO Z 88 -57.37 2.89 91.43
N LEU Z 89 -56.71 2.69 90.30
CA LEU Z 89 -55.25 2.65 90.26
C LEU Z 89 -54.78 3.65 89.23
N MET Z 90 -53.91 4.57 89.65
CA MET Z 90 -53.29 5.55 88.78
C MET Z 90 -51.82 5.19 88.63
N TYR Z 91 -51.39 4.99 87.38
CA TYR Z 91 -50.07 4.46 87.10
C TYR Z 91 -49.35 5.34 86.09
N GLY Z 92 -48.04 5.50 86.28
CA GLY Z 92 -47.24 6.19 85.29
C GLY Z 92 -46.22 7.15 85.87
N PHE Z 93 -46.31 8.42 85.50
CA PHE Z 93 -45.47 9.49 86.12
C PHE Z 93 -43.99 9.40 85.80
N GLY Z 94 -43.57 8.49 84.94
CA GLY Z 94 -42.16 8.48 84.55
C GLY Z 94 -41.78 9.71 83.77
N SER Z 95 -42.69 10.17 82.93
CA SER Z 95 -42.39 11.29 82.03
C SER Z 95 -43.37 12.43 82.34
N THR Z 96 -43.12 13.18 83.41
CA THR Z 96 -43.96 14.34 83.77
C THR Z 96 -43.12 15.28 84.65
N ASN Z 97 -43.52 16.54 84.82
CA ASN Z 97 -42.80 17.50 85.69
C ASN Z 97 -43.13 17.11 87.11
N CYS Z 98 -42.47 17.72 88.11
CA CYS Z 98 -42.71 17.29 89.51
C CYS Z 98 -43.99 17.95 90.02
N GLU Z 99 -44.54 18.97 89.38
CA GLU Z 99 -45.86 19.52 89.68
C GLU Z 99 -46.95 18.57 89.20
N GLY Z 100 -46.67 17.85 88.13
CA GLY Z 100 -47.58 16.81 87.61
C GLY Z 100 -47.67 15.64 88.58
N GLN Z 101 -46.62 15.40 89.35
CA GLN Z 101 -46.57 14.27 90.31
C GLN Z 101 -47.09 14.73 91.68
N ALA Z 102 -47.17 16.03 91.93
CA ALA Z 102 -47.82 16.57 93.13
C ALA Z 102 -49.33 16.69 92.94
N ALA Z 103 -49.75 17.19 91.77
CA ALA Z 103 -51.18 17.29 91.50
C ALA Z 103 -51.82 15.91 91.50
N ALA Z 104 -51.15 14.91 90.94
CA ALA Z 104 -51.68 13.56 90.97
C ALA Z 104 -51.82 13.03 92.38
N ALA Z 105 -50.83 13.31 93.23
CA ALA Z 105 -50.91 12.88 94.62
C ALA Z 105 -52.13 13.49 95.29
N ARG Z 106 -52.41 14.77 95.02
CA ARG Z 106 -53.60 15.39 95.60
C ARG Z 106 -54.88 14.75 95.07
N VAL Z 107 -54.95 14.50 93.76
CA VAL Z 107 -56.14 13.93 93.16
C VAL Z 107 -56.46 12.58 93.78
N MET Z 108 -55.45 11.73 93.92
CA MET Z 108 -55.73 10.42 94.47
C MET Z 108 -55.86 10.43 95.98
N GLU Z 109 -55.37 11.46 96.64
CA GLU Z 109 -55.74 11.67 98.03
C GLU Z 109 -57.24 11.91 98.16
N ILE Z 110 -57.79 12.74 97.28
CA ILE Z 110 -59.24 12.96 97.29
C ILE Z 110 -59.98 11.67 96.97
N ALA Z 111 -59.57 10.99 95.89
CA ALA Z 111 -60.25 9.77 95.46
C ALA Z 111 -60.18 8.67 96.51
N GLY Z 112 -58.98 8.14 96.74
CA GLY Z 112 -58.79 7.10 97.73
C GLY Z 112 -58.26 5.80 97.17
N GLY Z 113 -57.70 5.85 95.98
CA GLY Z 113 -57.26 4.68 95.27
C GLY Z 113 -55.82 4.34 95.53
N MET Z 114 -55.20 3.68 94.56
CA MET Z 114 -53.80 3.30 94.61
C MET Z 114 -53.01 4.16 93.64
N LEU Z 115 -51.94 4.77 94.12
CA LEU Z 115 -51.13 5.67 93.32
C LEU Z 115 -49.76 5.04 93.14
N ASP Z 116 -49.28 4.98 91.90
CA ASP Z 116 -48.07 4.21 91.64
C ASP Z 116 -47.38 4.72 90.39
N ASN Z 117 -46.10 4.40 90.27
CA ASN Z 117 -45.26 4.88 89.17
C ASN Z 117 -44.48 3.72 88.58
N CYS Z 118 -43.65 4.05 87.57
CA CYS Z 118 -42.85 3.01 86.85
C CYS Z 118 -41.71 2.50 87.71
N ALA Z 119 -41.63 2.94 88.96
CA ALA Z 119 -40.61 2.40 89.84
C ALA Z 119 -40.83 0.93 90.11
N THR Z 120 -42.09 0.51 90.24
CA THR Z 120 -42.39 -0.87 90.56
C THR Z 120 -41.77 -1.83 89.56
N ILE Z 121 -41.95 -1.55 88.27
CA ILE Z 121 -41.52 -2.47 87.23
C ILE Z 121 -40.09 -2.18 86.81
N CYS Z 122 -39.51 -1.11 87.32
CA CYS Z 122 -38.15 -0.80 86.83
C CYS Z 122 -37.16 -0.89 87.98
N HIS Z 123 -36.99 0.18 88.73
CA HIS Z 123 -35.88 0.19 89.73
C HIS Z 123 -36.44 0.12 91.13
N GLY Z 124 -37.69 -0.26 91.25
CA GLY Z 124 -38.31 -0.48 92.55
C GLY Z 124 -37.67 -1.59 93.30
N PRO Z 125 -37.23 -2.69 92.68
CA PRO Z 125 -36.48 -3.67 93.41
C PRO Z 125 -35.24 -3.01 94.03
N SER Z 126 -34.64 -2.03 93.37
CA SER Z 126 -33.49 -1.30 93.95
C SER Z 126 -33.89 -0.53 95.21
N PHE Z 127 -35.03 0.14 95.17
CA PHE Z 127 -35.45 0.94 96.34
C PHE Z 127 -35.60 -0.05 97.47
N LEU Z 128 -36.14 -1.23 97.19
CA LEU Z 128 -36.43 -2.19 98.29
C LEU Z 128 -35.12 -2.60 98.94
N ALA Z 129 -34.03 -2.49 98.21
CA ALA Z 129 -32.70 -2.82 98.76
C ALA Z 129 -32.20 -1.61 99.50
N ILE Z 130 -32.43 -0.44 98.93
CA ILE Z 130 -32.08 0.78 99.67
C ILE Z 130 -32.71 0.75 101.04
N PHE Z 131 -33.98 0.34 101.14
CA PHE Z 131 -34.62 0.20 102.43
C PHE Z 131 -33.87 -0.78 103.32
N ASP Z 132 -33.26 -1.81 102.73
CA ASP Z 132 -32.57 -2.79 103.55
C ASP Z 132 -31.20 -2.30 104.02
N ASN Z 133 -30.40 -1.76 103.09
CA ASN Z 133 -28.98 -1.51 103.35
C ASN Z 133 -28.55 -0.05 103.27
N GLY Z 134 -29.25 0.78 102.52
CA GLY Z 134 -28.83 2.15 102.32
C GLY Z 134 -28.36 2.38 100.90
N TYR Z 135 -28.03 3.64 100.61
CA TYR Z 135 -27.73 4.08 99.25
C TYR Z 135 -26.50 4.97 99.23
N PRO Z 136 -25.30 4.40 99.42
CA PRO Z 136 -24.10 5.23 99.32
C PRO Z 136 -23.88 5.69 97.90
N SER Z 137 -24.14 6.96 97.61
CA SER Z 137 -24.22 7.44 96.25
C SER Z 137 -23.48 8.77 96.14
N CYS Z 138 -23.72 9.46 95.03
CA CYS Z 138 -23.05 10.71 94.73
C CYS Z 138 -23.76 11.35 93.55
N THR Z 139 -23.50 12.64 93.35
CA THR Z 139 -23.96 13.30 92.14
C THR Z 139 -23.02 12.95 90.98
N LEU Z 140 -23.47 13.25 89.76
CA LEU Z 140 -22.72 12.85 88.58
C LEU Z 140 -21.50 13.72 88.33
N GLY Z 141 -21.56 15.00 88.70
CA GLY Z 141 -20.35 15.79 88.63
C GLY Z 141 -19.23 15.26 89.51
N GLU Z 142 -19.59 14.54 90.58
CA GLU Z 142 -18.56 13.92 91.41
C GLU Z 142 -17.77 12.87 90.66
N VAL Z 143 -18.45 12.00 89.90
CA VAL Z 143 -17.71 11.02 89.12
C VAL Z 143 -17.06 11.67 87.93
N LYS Z 144 -17.62 12.76 87.41
CA LYS Z 144 -16.96 13.49 86.34
C LYS Z 144 -15.63 14.05 86.79
N ASN Z 145 -15.57 14.55 88.02
CA ASN Z 145 -14.41 15.28 88.48
C ASN Z 145 -13.46 14.46 89.33
N ARG Z 146 -13.83 13.26 89.76
CA ARG Z 146 -12.96 12.51 90.65
C ARG Z 146 -12.77 11.04 90.30
N ALA Z 147 -13.65 10.42 89.53
CA ALA Z 147 -13.69 8.97 89.43
C ALA Z 147 -12.41 8.43 88.78
N ASP Z 148 -11.85 7.39 89.40
CA ASP Z 148 -10.68 6.71 88.89
C ASP Z 148 -11.01 5.33 88.35
N VAL Z 149 -12.03 4.67 88.90
CA VAL Z 149 -12.54 3.40 88.41
C VAL Z 149 -14.04 3.54 88.20
N ILE Z 150 -14.54 2.93 87.13
CA ILE Z 150 -15.96 2.98 86.81
C ILE Z 150 -16.44 1.58 86.49
N VAL Z 151 -17.51 1.14 87.16
CA VAL Z 151 -18.05 -0.19 86.97
C VAL Z 151 -19.48 -0.07 86.48
N TYR Z 152 -19.79 -0.72 85.36
CA TYR Z 152 -21.14 -0.74 84.80
C TYR Z 152 -21.69 -2.14 85.00
N TRP Z 153 -22.28 -2.39 86.16
CA TRP Z 153 -22.68 -3.75 86.50
C TRP Z 153 -24.10 -3.98 85.98
N GLY Z 154 -24.21 -4.77 84.92
CA GLY Z 154 -25.54 -5.07 84.42
C GLY Z 154 -26.21 -3.93 83.71
N SER Z 155 -25.46 -2.94 83.26
CA SER Z 155 -26.02 -1.82 82.53
C SER Z 155 -25.38 -1.70 81.16
N ASN Z 156 -26.00 -0.87 80.32
CA ASN Z 156 -25.62 -0.72 78.92
C ASN Z 156 -25.80 0.73 78.52
N PRO Z 157 -24.95 1.62 79.03
CA PRO Z 157 -25.12 3.04 78.71
C PRO Z 157 -25.15 3.33 77.23
N ALA Z 158 -24.43 2.60 76.42
CA ALA Z 158 -24.37 2.98 75.00
C ALA Z 158 -25.74 3.00 74.38
N HIS Z 159 -26.62 2.11 74.80
CA HIS Z 159 -27.96 2.01 74.16
C HIS Z 159 -29.05 2.50 75.11
N ALA Z 160 -28.86 2.43 76.42
CA ALA Z 160 -29.85 2.99 77.33
C ALA Z 160 -29.69 4.50 77.43
N HIS Z 161 -28.57 4.95 77.95
CA HIS Z 161 -28.36 6.39 78.12
C HIS Z 161 -27.24 6.77 77.20
N PRO Z 162 -27.47 7.21 75.95
CA PRO Z 162 -26.38 7.40 75.04
C PRO Z 162 -25.24 8.36 75.43
N ARG Z 163 -25.50 9.58 75.90
CA ARG Z 163 -24.45 10.57 76.19
C ARG Z 163 -24.08 10.50 77.66
N HIS Z 164 -24.32 9.40 78.33
CA HIS Z 164 -23.85 9.20 79.69
C HIS Z 164 -22.33 9.13 79.73
N MET Z 165 -21.73 8.36 78.83
CA MET Z 165 -20.28 8.22 78.83
C MET Z 165 -19.61 9.55 78.46
N SER Z 166 -20.14 10.25 77.47
CA SER Z 166 -19.50 11.48 77.04
C SER Z 166 -19.81 12.67 77.94
N ARG Z 167 -20.72 12.53 78.91
CA ARG Z 167 -21.05 13.66 79.77
C ARG Z 167 -20.60 13.48 81.21
N TYR Z 168 -20.76 12.29 81.77
CA TYR Z 168 -20.59 12.16 83.21
C TYR Z 168 -19.53 11.17 83.62
N SER Z 169 -19.32 10.07 82.90
CA SER Z 169 -18.53 8.99 83.45
C SER Z 169 -17.10 8.93 82.91
N ILE Z 170 -16.93 8.73 81.61
CA ILE Z 170 -15.63 8.27 81.12
C ILE Z 170 -14.81 9.37 80.46
N PHE Z 171 -15.29 9.88 79.35
CA PHE Z 171 -14.51 10.74 78.47
C PHE Z 171 -14.26 12.18 78.94
N PRO Z 172 -15.17 12.82 79.68
CA PRO Z 172 -14.88 14.18 80.14
C PRO Z 172 -13.61 14.26 80.95
N ARG Z 173 -12.87 15.35 80.74
CA ARG Z 173 -11.66 15.64 81.50
C ARG Z 173 -12.05 16.57 82.65
N GLY Z 174 -12.07 16.04 83.86
CA GLY Z 174 -12.62 16.78 84.98
C GLY Z 174 -11.68 17.80 85.58
N PHE Z 175 -11.62 17.84 86.90
CA PHE Z 175 -10.64 18.64 87.61
C PHE Z 175 -9.47 17.81 88.09
N PHE Z 176 -9.74 16.78 88.90
CA PHE Z 176 -8.70 15.88 89.34
C PHE Z 176 -8.45 14.75 88.37
N THR Z 177 -9.18 14.73 87.26
CA THR Z 177 -9.01 13.73 86.21
C THR Z 177 -8.66 14.42 84.91
N GLY Z 178 -7.70 15.35 84.94
CA GLY Z 178 -7.36 16.09 83.75
C GLY Z 178 -6.91 15.23 82.59
N LYS Z 179 -6.36 14.06 82.87
CA LYS Z 179 -5.92 13.14 81.83
C LYS Z 179 -7.07 12.45 81.13
N GLY Z 180 -8.30 12.65 81.58
CA GLY Z 180 -9.45 12.16 80.85
C GLY Z 180 -9.60 10.66 81.00
N GLN Z 181 -10.02 10.01 79.90
CA GLN Z 181 -10.25 8.58 79.91
C GLN Z 181 -9.03 7.80 80.32
N LYS Z 182 -7.85 8.25 79.92
CA LYS Z 182 -6.66 7.42 79.95
C LYS Z 182 -6.23 7.03 81.35
N LYS Z 183 -6.77 7.66 82.39
CA LYS Z 183 -6.53 7.22 83.75
C LYS Z 183 -7.77 6.66 84.42
N ARG Z 184 -8.82 6.37 83.66
CA ARG Z 184 -10.02 5.72 84.17
C ARG Z 184 -10.00 4.26 83.78
N THR Z 185 -10.23 3.38 84.75
CA THR Z 185 -10.38 1.96 84.47
C THR Z 185 -11.86 1.62 84.44
N VAL Z 186 -12.35 1.17 83.30
CA VAL Z 186 -13.77 0.89 83.10
C VAL Z 186 -13.95 -0.61 83.07
N ILE Z 187 -14.79 -1.13 83.97
CA ILE Z 187 -15.13 -2.55 84.01
C ILE Z 187 -16.61 -2.68 83.70
N VAL Z 188 -16.95 -3.54 82.76
CA VAL Z 188 -18.33 -3.79 82.39
C VAL Z 188 -18.65 -5.25 82.60
N ILE Z 189 -19.71 -5.53 83.35
CA ILE Z 189 -20.15 -6.89 83.64
C ILE Z 189 -21.54 -7.08 83.05
N ASP Z 190 -21.67 -8.04 82.14
CA ASP Z 190 -22.95 -8.53 81.66
C ASP Z 190 -22.71 -9.70 80.72
N PRO Z 191 -23.67 -10.63 80.58
CA PRO Z 191 -23.43 -11.79 79.72
C PRO Z 191 -23.19 -11.43 78.27
N ARG Z 192 -23.78 -10.36 77.77
CA ARG Z 192 -23.53 -9.99 76.39
C ARG Z 192 -22.19 -9.26 76.29
N PHE Z 193 -21.71 -9.15 75.06
CA PHE Z 193 -20.57 -8.29 74.76
C PHE Z 193 -21.13 -7.00 74.15
N THR Z 194 -21.66 -6.16 75.03
CA THR Z 194 -22.37 -4.95 74.63
C THR Z 194 -21.38 -3.89 74.14
N ASP Z 195 -21.93 -2.81 73.60
CA ASP Z 195 -21.12 -1.68 73.09
C ASP Z 195 -20.41 -1.00 74.26
N THR Z 196 -21.00 -1.00 75.45
CA THR Z 196 -20.28 -0.52 76.61
C THR Z 196 -19.05 -1.37 76.88
N ALA Z 197 -19.17 -2.69 76.73
CA ALA Z 197 -17.99 -3.54 76.84
C ALA Z 197 -17.00 -3.27 75.73
N ASN Z 198 -17.47 -2.90 74.53
CA ASN Z 198 -16.48 -2.55 73.46
C ASN Z 198 -15.68 -1.38 73.98
N VAL Z 199 -16.33 -0.31 74.43
CA VAL Z 199 -15.55 0.83 74.89
C VAL Z 199 -14.71 0.52 76.12
N ALA Z 200 -15.16 -0.41 76.97
CA ALA Z 200 -14.51 -0.70 78.24
C ALA Z 200 -13.09 -1.20 78.09
N ASP Z 201 -12.42 -1.41 79.22
CA ASP Z 201 -11.09 -2.00 79.24
C ASP Z 201 -11.07 -3.39 79.85
N TYR Z 202 -12.06 -3.74 80.66
CA TYR Z 202 -12.25 -5.10 81.13
C TYR Z 202 -13.64 -5.56 80.73
N HIS Z 203 -13.92 -6.82 81.00
CA HIS Z 203 -15.23 -7.40 80.74
C HIS Z 203 -15.30 -8.71 81.50
N LEU Z 204 -16.32 -8.86 82.34
CA LEU Z 204 -16.53 -10.07 83.12
C LEU Z 204 -17.82 -10.69 82.61
N GLN Z 205 -17.70 -11.50 81.56
CA GLN Z 205 -18.87 -12.11 80.93
C GLN Z 205 -19.42 -13.16 81.87
N VAL Z 206 -20.48 -12.80 82.59
CA VAL Z 206 -21.03 -13.61 83.67
C VAL Z 206 -22.26 -14.34 83.16
N LYS Z 207 -22.47 -15.54 83.68
CA LYS Z 207 -23.70 -16.28 83.39
C LYS Z 207 -24.90 -15.46 83.85
N GLN Z 208 -25.90 -15.36 83.00
CA GLN Z 208 -27.07 -14.57 83.34
C GLN Z 208 -27.77 -15.17 84.54
N GLY Z 209 -27.89 -14.37 85.61
CA GLY Z 209 -28.58 -14.80 86.81
C GLY Z 209 -27.70 -15.10 88.00
N HIS Z 210 -26.38 -15.13 87.83
CA HIS Z 210 -25.46 -15.54 88.89
C HIS Z 210 -24.77 -14.36 89.57
N ASP Z 211 -25.30 -13.16 89.38
CA ASP Z 211 -24.65 -11.98 89.91
C ASP Z 211 -24.55 -12.02 91.42
N TYR Z 212 -25.46 -12.70 92.10
CA TYR Z 212 -25.33 -12.81 93.55
C TYR Z 212 -24.07 -13.56 93.93
N GLU Z 213 -23.80 -14.67 93.25
CA GLU Z 213 -22.57 -15.41 93.54
C GLU Z 213 -21.35 -14.58 93.17
N LEU Z 214 -21.44 -13.81 92.08
CA LEU Z 214 -20.33 -12.93 91.74
C LEU Z 214 -20.05 -11.91 92.83
N PHE Z 215 -21.10 -11.25 93.32
CA PHE Z 215 -20.91 -10.24 94.37
C PHE Z 215 -20.35 -10.88 95.62
N ASN Z 216 -20.83 -12.07 95.97
CA ASN Z 216 -20.32 -12.72 97.16
C ASN Z 216 -18.85 -13.08 97.02
N ALA Z 217 -18.43 -13.48 95.81
CA ALA Z 217 -17.02 -13.72 95.56
C ALA Z 217 -16.21 -12.45 95.76
N PHE Z 218 -16.64 -11.36 95.13
CA PHE Z 218 -15.94 -10.10 95.30
C PHE Z 218 -15.82 -9.72 96.76
N ARG Z 219 -16.90 -9.89 97.52
CA ARG Z 219 -16.87 -9.42 98.89
C ARG Z 219 -16.03 -10.31 99.78
N MET Z 220 -15.93 -11.61 99.47
CA MET Z 220 -14.99 -12.43 100.22
C MET Z 220 -13.55 -12.01 99.93
N VAL Z 221 -13.27 -11.71 98.66
CA VAL Z 221 -11.95 -11.18 98.30
C VAL Z 221 -11.65 -9.91 99.11
N ILE Z 222 -12.61 -8.98 99.14
CA ILE Z 222 -12.40 -7.72 99.83
C ILE Z 222 -12.20 -7.95 101.32
N HIS Z 223 -13.04 -8.79 101.93
CA HIS Z 223 -12.91 -9.07 103.35
C HIS Z 223 -11.62 -9.79 103.67
N GLY Z 224 -10.95 -10.34 102.67
CA GLY Z 224 -9.55 -10.63 102.85
C GLY Z 224 -9.10 -12.04 102.60
N HIS Z 225 -9.89 -13.02 103.01
CA HIS Z 225 -9.57 -14.42 102.73
C HIS Z 225 -10.27 -14.84 101.44
N GLY Z 226 -9.77 -14.31 100.33
CA GLY Z 226 -10.24 -14.64 99.02
C GLY Z 226 -9.69 -15.93 98.46
N LYS Z 227 -8.78 -16.57 99.19
CA LYS Z 227 -8.25 -17.86 98.77
C LYS Z 227 -9.29 -18.96 98.83
N ASP Z 228 -10.37 -18.76 99.58
CA ASP Z 228 -11.40 -19.76 99.74
C ASP Z 228 -12.41 -19.75 98.60
N LEU Z 229 -12.17 -18.96 97.56
CA LEU Z 229 -13.02 -19.01 96.38
C LEU Z 229 -12.85 -20.33 95.65
N PRO Z 230 -13.90 -20.82 95.01
CA PRO Z 230 -13.74 -21.99 94.12
C PRO Z 230 -12.90 -21.63 92.90
N ASP Z 231 -12.71 -22.60 92.00
CA ASP Z 231 -11.86 -22.35 90.85
C ASP Z 231 -12.46 -21.25 89.97
N GLU Z 232 -13.76 -21.34 89.70
CA GLU Z 232 -14.45 -20.30 88.96
C GLU Z 232 -15.78 -20.02 89.63
N VAL Z 233 -16.27 -18.79 89.44
CA VAL Z 233 -17.50 -18.33 90.06
C VAL Z 233 -18.35 -17.65 89.01
N ALA Z 234 -19.59 -18.14 88.82
CA ALA Z 234 -20.54 -17.55 87.89
C ALA Z 234 -20.03 -17.53 86.46
N GLY Z 235 -19.09 -18.42 86.14
CA GLY Z 235 -18.44 -18.41 84.85
C GLY Z 235 -17.21 -17.53 84.78
N ILE Z 236 -16.96 -16.73 85.81
CA ILE Z 236 -15.79 -15.86 85.88
C ILE Z 236 -14.68 -16.60 86.58
N LYS Z 237 -13.45 -16.39 86.14
CA LYS Z 237 -12.31 -17.15 86.61
C LYS Z 237 -11.63 -16.41 87.75
N LYS Z 238 -11.12 -17.19 88.71
CA LYS Z 238 -10.70 -16.62 89.98
C LYS Z 238 -9.60 -15.58 89.81
N GLU Z 239 -8.67 -15.82 88.88
CA GLU Z 239 -7.59 -14.85 88.69
C GLU Z 239 -8.14 -13.53 88.16
N THR Z 240 -9.11 -13.57 87.25
CA THR Z 240 -9.74 -12.33 86.79
C THR Z 240 -10.49 -11.65 87.91
N ILE Z 241 -11.15 -12.44 88.76
CA ILE Z 241 -11.81 -11.87 89.93
C ILE Z 241 -10.81 -11.11 90.79
N LEU Z 242 -9.66 -11.73 91.05
CA LEU Z 242 -8.63 -11.11 91.87
C LEU Z 242 -8.07 -9.87 91.19
N GLU Z 243 -7.91 -9.90 89.87
CA GLU Z 243 -7.46 -8.73 89.13
C GLU Z 243 -8.39 -7.54 89.32
N VAL Z 244 -9.68 -7.74 89.06
CA VAL Z 244 -10.64 -6.65 89.18
C VAL Z 244 -10.74 -6.19 90.64
N ALA Z 245 -10.67 -7.14 91.58
CA ALA Z 245 -10.75 -6.76 92.99
C ALA Z 245 -9.54 -5.94 93.41
N GLU Z 246 -8.36 -6.26 92.91
CA GLU Z 246 -7.19 -5.45 93.21
C GLU Z 246 -7.35 -4.04 92.66
N ILE Z 247 -7.85 -3.94 91.43
CA ILE Z 247 -8.09 -2.60 90.87
C ILE Z 247 -9.07 -1.83 91.74
N MET Z 248 -10.14 -2.48 92.17
CA MET Z 248 -11.14 -1.82 93.01
C MET Z 248 -10.55 -1.37 94.33
N LYS Z 249 -9.73 -2.22 94.95
CA LYS Z 249 -9.09 -1.82 96.20
C LYS Z 249 -8.19 -0.60 96.00
N ASN Z 250 -7.43 -0.58 94.92
CA ASN Z 250 -6.51 0.53 94.71
C ASN Z 250 -7.17 1.77 94.14
N ALA Z 251 -8.46 1.71 93.80
CA ALA Z 251 -9.14 2.89 93.27
C ALA Z 251 -9.08 4.04 94.25
N ARG Z 252 -8.74 5.22 93.74
CA ARG Z 252 -8.75 6.42 94.57
C ARG Z 252 -10.18 6.86 94.87
N PHE Z 253 -11.07 6.73 93.89
CA PHE Z 253 -12.48 7.08 94.06
C PHE Z 253 -13.24 6.31 93.00
N GLY Z 254 -13.97 5.27 93.40
CA GLY Z 254 -14.70 4.44 92.47
C GLY Z 254 -16.15 4.84 92.35
N THR Z 255 -16.86 4.15 91.46
CA THR Z 255 -18.27 4.39 91.27
C THR Z 255 -18.87 3.21 90.51
N THR Z 256 -19.98 2.68 91.01
CA THR Z 256 -20.66 1.54 90.41
C THR Z 256 -22.02 1.96 89.90
N PHE Z 257 -22.33 1.59 88.67
CA PHE Z 257 -23.64 1.82 88.09
C PHE Z 257 -24.31 0.48 87.83
N PHE Z 258 -25.61 0.39 88.04
CA PHE Z 258 -26.33 -0.85 87.81
C PHE Z 258 -27.65 -0.58 87.12
N GLY Z 259 -28.25 -1.63 86.57
CA GLY Z 259 -29.49 -1.51 85.83
C GLY Z 259 -30.34 -2.76 85.80
N MET Z 260 -30.86 -3.07 84.62
CA MET Z 260 -31.79 -4.21 84.51
C MET Z 260 -31.08 -5.54 84.75
N GLY Z 261 -29.80 -5.60 84.51
CA GLY Z 261 -29.09 -6.81 84.83
C GLY Z 261 -29.23 -7.21 86.27
N LEU Z 262 -29.47 -6.25 87.15
CA LEU Z 262 -29.66 -6.57 88.55
C LEU Z 262 -31.11 -6.44 89.01
N THR Z 263 -31.87 -5.49 88.48
CA THR Z 263 -33.22 -5.27 88.94
C THR Z 263 -34.28 -6.10 88.22
N HIS Z 264 -33.91 -6.90 87.23
CA HIS Z 264 -34.92 -7.68 86.51
C HIS Z 264 -34.59 -9.15 86.42
N THR Z 265 -33.73 -9.66 87.28
CA THR Z 265 -33.34 -11.06 87.25
C THR Z 265 -33.66 -11.72 88.59
N ASP Z 266 -33.20 -12.95 88.76
CA ASP Z 266 -33.49 -13.69 89.97
C ASP Z 266 -32.95 -12.96 91.18
N GLY Z 267 -33.77 -12.87 92.23
CA GLY Z 267 -33.38 -12.14 93.42
C GLY Z 267 -33.35 -10.65 93.18
N ARG Z 268 -34.49 -10.12 92.72
CA ARG Z 268 -34.57 -8.75 92.23
C ARG Z 268 -33.83 -7.76 93.11
N ASN Z 269 -34.23 -7.66 94.36
CA ASN Z 269 -33.63 -6.67 95.25
C ASN Z 269 -32.41 -7.19 95.98
N HIS Z 270 -32.26 -8.51 96.10
CA HIS Z 270 -31.11 -9.00 96.83
C HIS Z 270 -29.83 -8.81 96.03
N ASN Z 271 -29.92 -8.85 94.70
CA ASN Z 271 -28.77 -8.46 93.89
C ASN Z 271 -28.34 -7.04 94.21
N ILE Z 272 -29.30 -6.12 94.26
CA ILE Z 272 -28.96 -4.73 94.51
C ILE Z 272 -28.40 -4.54 95.91
N ASP Z 273 -28.97 -5.22 96.90
CA ASP Z 273 -28.48 -4.99 98.25
C ASP Z 273 -27.16 -5.69 98.52
N ILE Z 274 -26.85 -6.80 97.83
CA ILE Z 274 -25.48 -7.30 97.94
C ILE Z 274 -24.53 -6.34 97.24
N ALA Z 275 -24.95 -5.68 96.17
CA ALA Z 275 -24.10 -4.65 95.57
C ALA Z 275 -23.84 -3.51 96.53
N ILE Z 276 -24.88 -3.05 97.22
CA ILE Z 276 -24.73 -1.95 98.17
C ILE Z 276 -23.85 -2.38 99.34
N SER Z 277 -23.99 -3.62 99.79
CA SER Z 277 -23.09 -4.13 100.82
C SER Z 277 -21.65 -4.11 100.34
N LEU Z 278 -21.43 -4.49 99.08
CA LEU Z 278 -20.08 -4.45 98.53
C LEU Z 278 -19.53 -3.03 98.55
N THR Z 279 -20.35 -2.05 98.19
CA THR Z 279 -19.91 -0.66 98.19
C THR Z 279 -19.56 -0.19 99.61
N ARG Z 280 -20.42 -0.51 100.58
CA ARG Z 280 -20.15 -0.14 101.96
C ARG Z 280 -18.89 -0.82 102.47
N ASP Z 281 -18.58 -2.02 101.98
CA ASP Z 281 -17.36 -2.69 102.40
C ASP Z 281 -16.14 -2.06 101.75
N LEU Z 282 -16.24 -1.66 100.49
CA LEU Z 282 -15.11 -1.03 99.82
C LEU Z 282 -14.76 0.31 100.43
N ASN Z 283 -15.76 1.03 100.94
CA ASN Z 283 -15.44 2.31 101.56
C ASN Z 283 -14.63 2.16 102.83
N LYS Z 284 -14.26 0.95 103.22
CA LYS Z 284 -13.32 0.76 104.32
C LYS Z 284 -11.92 1.21 103.93
N ILE Z 285 -11.48 0.86 102.72
CA ILE Z 285 -10.13 1.16 102.27
C ILE Z 285 -10.08 2.14 101.11
N SER Z 286 -11.20 2.44 100.47
CA SER Z 286 -11.22 3.34 99.33
C SER Z 286 -12.47 4.20 99.46
N LYS Z 287 -12.85 4.88 98.39
CA LYS Z 287 -14.11 5.59 98.33
C LYS Z 287 -14.91 5.06 97.15
N TRP Z 288 -16.03 4.43 97.43
CA TRP Z 288 -16.86 3.83 96.40
C TRP Z 288 -18.30 4.26 96.59
N THR Z 289 -19.01 4.48 95.49
CA THR Z 289 -20.36 5.02 95.51
C THR Z 289 -21.22 4.29 94.50
N ILE Z 290 -22.16 3.48 94.98
CA ILE Z 290 -23.16 2.89 94.09
C ILE Z 290 -24.02 4.00 93.49
N MET Z 291 -24.70 3.66 92.40
CA MET Z 291 -25.59 4.62 91.75
C MET Z 291 -26.49 3.93 90.73
N ALA Z 292 -27.79 4.20 90.79
CA ALA Z 292 -28.76 3.48 89.98
C ALA Z 292 -29.04 4.20 88.66
N MET Z 293 -29.06 3.42 87.58
CA MET Z 293 -29.26 3.97 86.25
C MET Z 293 -30.76 4.18 86.01
N ARG Z 294 -31.28 5.26 86.59
CA ARG Z 294 -32.71 5.52 86.48
C ARG Z 294 -33.10 5.74 85.03
N GLY Z 295 -34.28 5.38 84.61
CA GLY Z 295 -34.55 5.43 83.18
C GLY Z 295 -35.10 6.72 82.69
N HIS Z 296 -36.36 6.99 82.97
CA HIS Z 296 -36.97 8.20 82.39
C HIS Z 296 -36.41 9.45 83.07
N TYR Z 297 -36.57 10.60 82.42
CA TYR Z 297 -36.03 11.87 82.99
C TYR Z 297 -36.49 12.00 84.42
N ASN Z 298 -37.76 12.29 84.62
CA ASN Z 298 -38.25 12.54 85.99
C ASN Z 298 -38.80 11.27 86.60
N ILE Z 299 -38.15 10.11 86.47
CA ILE Z 299 -38.66 8.97 87.21
C ILE Z 299 -38.21 9.00 88.67
N ALA Z 300 -37.20 9.80 88.99
CA ALA Z 300 -36.87 10.06 90.38
C ALA Z 300 -37.69 11.18 90.97
N GLY Z 301 -38.56 11.80 90.17
CA GLY Z 301 -39.43 12.86 90.62
C GLY Z 301 -40.60 12.37 91.46
N PRO Z 302 -41.32 11.36 90.96
CA PRO Z 302 -42.32 10.72 91.83
C PRO Z 302 -41.76 10.24 93.14
N GLY Z 303 -40.54 9.70 93.13
CA GLY Z 303 -39.95 9.25 94.37
C GLY Z 303 -39.83 10.36 95.40
N VAL Z 304 -39.22 11.48 95.01
CA VAL Z 304 -39.01 12.56 95.97
C VAL Z 304 -40.32 13.25 96.33
N VAL Z 305 -41.19 13.49 95.35
CA VAL Z 305 -42.41 14.21 95.61
C VAL Z 305 -43.32 13.41 96.55
N TRP Z 306 -43.46 12.11 96.31
CA TRP Z 306 -44.26 11.33 97.22
C TRP Z 306 -43.51 11.00 98.50
N SER Z 307 -42.19 11.13 98.51
CA SER Z 307 -41.46 11.04 99.76
C SER Z 307 -41.83 12.19 100.69
N TRP Z 308 -41.88 13.41 100.15
CA TRP Z 308 -42.21 14.59 100.97
C TRP Z 308 -43.70 14.64 101.24
N THR Z 309 -44.52 14.00 100.41
CA THR Z 309 -45.96 14.09 100.63
C THR Z 309 -46.47 12.99 101.56
N PHE Z 310 -46.20 11.73 101.23
CA PHE Z 310 -46.69 10.60 102.01
C PHE Z 310 -45.59 9.82 102.72
N GLY Z 311 -44.32 10.07 102.42
CA GLY Z 311 -43.24 9.33 103.03
C GLY Z 311 -42.86 8.04 102.32
N PHE Z 312 -43.57 7.67 101.26
CA PHE Z 312 -43.32 6.42 100.56
C PHE Z 312 -43.06 6.68 99.09
N PRO Z 313 -41.94 6.22 98.53
CA PRO Z 313 -41.64 6.52 97.12
C PRO Z 313 -42.61 5.92 96.12
N TYR Z 314 -43.15 4.73 96.35
CA TYR Z 314 -43.98 4.06 95.34
C TYR Z 314 -44.83 3.01 96.05
N CYS Z 315 -45.78 2.44 95.32
CA CYS Z 315 -46.72 1.46 95.87
C CYS Z 315 -47.49 2.04 97.06
N LEU Z 316 -48.31 3.04 96.78
CA LEU Z 316 -49.01 3.77 97.82
C LEU Z 316 -50.42 3.24 97.98
N ASP Z 317 -50.78 2.89 99.22
CA ASP Z 317 -52.09 2.38 99.61
C ASP Z 317 -52.87 3.53 100.25
N LEU Z 318 -53.49 4.36 99.42
CA LEU Z 318 -54.17 5.56 99.90
C LEU Z 318 -55.65 5.32 100.18
N THR Z 319 -56.03 4.09 100.55
CA THR Z 319 -57.45 3.76 100.68
C THR Z 319 -58.02 4.05 102.05
N LYS Z 320 -57.18 4.06 103.09
CA LYS Z 320 -57.66 4.42 104.42
C LYS Z 320 -58.03 5.88 104.52
N GLN Z 321 -57.56 6.72 103.60
CA GLN Z 321 -57.89 8.14 103.47
C GLN Z 321 -57.26 9.02 104.53
N ASN Z 322 -56.62 8.44 105.55
CA ASN Z 322 -55.85 9.26 106.47
C ASN Z 322 -54.52 8.65 106.88
N HIS Z 323 -54.26 7.38 106.61
CA HIS Z 323 -52.92 6.84 106.70
C HIS Z 323 -52.66 5.96 105.47
N ALA Z 324 -51.49 6.17 104.88
CA ALA Z 324 -51.09 5.45 103.69
C ALA Z 324 -50.26 4.23 104.07
N HIS Z 325 -50.17 3.28 103.14
CA HIS Z 325 -49.37 2.06 103.41
C HIS Z 325 -48.54 1.79 102.17
N MET Z 326 -47.50 1.01 102.33
CA MET Z 326 -46.63 0.64 101.23
C MET Z 326 -46.10 -0.76 101.48
N ASN Z 327 -46.37 -1.71 100.57
CA ASN Z 327 -45.69 -3.05 100.63
C ASN Z 327 -45.64 -3.51 99.16
N PRO Z 328 -44.50 -3.42 98.44
CA PRO Z 328 -44.47 -3.68 96.99
C PRO Z 328 -45.05 -5.01 96.58
N GLY Z 329 -44.87 -6.07 97.38
CA GLY Z 329 -45.47 -7.33 97.03
C GLY Z 329 -46.98 -7.33 97.06
N GLU Z 330 -47.59 -6.35 97.72
CA GLU Z 330 -49.07 -6.35 97.92
C GLU Z 330 -49.73 -5.14 97.26
N THR Z 331 -49.06 -3.99 97.17
CA THR Z 331 -49.71 -2.78 96.68
C THR Z 331 -49.25 -2.35 95.30
N SER Z 332 -48.43 -3.16 94.63
CA SER Z 332 -47.86 -2.74 93.35
C SER Z 332 -48.84 -2.99 92.20
N SER Z 333 -48.64 -2.24 91.13
CA SER Z 333 -49.59 -2.26 90.01
C SER Z 333 -49.69 -3.63 89.38
N VAL Z 334 -48.55 -4.31 89.18
CA VAL Z 334 -48.59 -5.59 88.50
C VAL Z 334 -49.24 -6.65 89.38
N ASP Z 335 -48.92 -6.68 90.67
CA ASP Z 335 -49.51 -7.68 91.54
C ASP Z 335 -51.02 -7.46 91.69
N MET Z 336 -51.43 -6.20 91.82
CA MET Z 336 -52.86 -5.91 91.91
C MET Z 336 -53.57 -6.25 90.61
N ALA Z 337 -52.96 -5.96 89.46
CA ALA Z 337 -53.56 -6.37 88.19
C ALA Z 337 -53.67 -7.88 88.10
N MET Z 338 -52.68 -8.61 88.58
CA MET Z 338 -52.75 -10.06 88.59
C MET Z 338 -53.92 -10.55 89.44
N ARG Z 339 -54.01 -10.08 90.68
CA ARG Z 339 -55.10 -10.49 91.56
C ARG Z 339 -56.32 -9.61 91.42
N ASP Z 340 -56.54 -9.04 90.22
CA ASP Z 340 -57.78 -8.35 89.83
C ASP Z 340 -58.32 -7.48 90.96
N GLU Z 341 -57.40 -6.89 91.71
CA GLU Z 341 -57.70 -6.10 92.90
C GLU Z 341 -57.96 -4.63 92.59
N VAL Z 342 -58.17 -4.28 91.32
CA VAL Z 342 -58.35 -2.89 90.93
C VAL Z 342 -59.80 -2.69 90.50
N ASP Z 343 -60.15 -1.44 90.23
CA ASP Z 343 -61.43 -1.12 89.62
C ASP Z 343 -61.31 -0.14 88.47
N MET Z 344 -60.17 0.50 88.28
CA MET Z 344 -60.01 1.49 87.23
C MET Z 344 -58.55 1.79 87.07
N PHE Z 345 -58.09 1.86 85.82
CA PHE Z 345 -56.70 2.10 85.51
C PHE Z 345 -56.58 3.39 84.74
N ILE Z 346 -55.70 4.27 85.20
CA ILE Z 346 -55.52 5.59 84.60
C ILE Z 346 -54.09 5.66 84.08
N ASN Z 347 -53.96 5.83 82.76
CA ASN Z 347 -52.65 5.84 82.12
C ASN Z 347 -52.17 7.28 82.03
N ILE Z 348 -51.19 7.63 82.85
CA ILE Z 348 -50.69 9.00 82.94
C ILE Z 348 -49.18 8.97 82.79
N GLY Z 349 -48.65 9.35 81.62
CA GLY Z 349 -47.19 9.44 81.48
C GLY Z 349 -46.52 8.10 81.34
N THR Z 350 -47.13 7.14 80.66
CA THR Z 350 -46.49 5.85 80.43
C THR Z 350 -47.25 5.11 79.35
N ASP Z 351 -46.80 3.89 79.04
CA ASP Z 351 -47.45 3.04 78.04
C ASP Z 351 -47.66 1.67 78.67
N ALA Z 352 -48.74 1.56 79.45
CA ALA Z 352 -48.99 0.33 80.17
C ALA Z 352 -49.30 -0.82 79.23
N ALA Z 353 -50.09 -0.56 78.19
CA ALA Z 353 -50.50 -1.63 77.29
C ALA Z 353 -49.29 -2.27 76.62
N ALA Z 354 -48.37 -1.46 76.12
CA ALA Z 354 -47.19 -2.01 75.48
C ALA Z 354 -46.27 -2.68 76.49
N HIS Z 355 -45.96 -2.00 77.59
CA HIS Z 355 -44.83 -2.40 78.40
C HIS Z 355 -45.20 -3.20 79.63
N PHE Z 356 -46.44 -3.59 79.78
CA PHE Z 356 -46.82 -4.57 80.78
C PHE Z 356 -46.86 -5.96 80.18
N PRO Z 357 -46.71 -6.99 80.98
CA PRO Z 357 -47.03 -8.33 80.48
C PRO Z 357 -48.47 -8.40 80.01
N ILE Z 358 -48.69 -9.16 78.94
CA ILE Z 358 -50.00 -9.20 78.34
C ILE Z 358 -51.02 -9.90 79.25
N PRO Z 359 -50.65 -10.85 80.12
CA PRO Z 359 -51.66 -11.31 81.10
C PRO Z 359 -52.15 -10.21 82.01
N ALA Z 360 -51.25 -9.33 82.46
CA ALA Z 360 -51.66 -8.23 83.30
C ALA Z 360 -52.54 -7.24 82.54
N VAL Z 361 -52.20 -6.97 81.28
CA VAL Z 361 -53.06 -6.07 80.49
C VAL Z 361 -54.44 -6.69 80.29
N LYS Z 362 -54.50 -7.99 80.02
CA LYS Z 362 -55.79 -8.66 79.89
C LYS Z 362 -56.59 -8.56 81.17
N GLN Z 363 -55.94 -8.77 82.31
CA GLN Z 363 -56.64 -8.68 83.59
C GLN Z 363 -57.14 -7.27 83.86
N LEU Z 364 -56.38 -6.26 83.45
CA LEU Z 364 -56.75 -4.88 83.75
C LEU Z 364 -57.89 -4.40 82.87
N LYS Z 365 -57.91 -4.79 81.61
CA LYS Z 365 -58.89 -4.21 80.69
C LYS Z 365 -60.33 -4.58 81.03
N LYS Z 366 -60.55 -5.47 81.99
CA LYS Z 366 -61.91 -5.76 82.44
C LYS Z 366 -62.65 -4.53 82.95
N HIS Z 367 -61.91 -3.49 83.37
CA HIS Z 367 -62.45 -2.29 84.00
C HIS Z 367 -62.30 -1.09 83.07
N PRO Z 368 -62.82 0.08 83.42
CA PRO Z 368 -62.58 1.26 82.59
C PRO Z 368 -61.10 1.64 82.56
N TRP Z 369 -60.72 2.33 81.50
CA TRP Z 369 -59.31 2.60 81.20
C TRP Z 369 -59.19 3.99 80.61
N VAL Z 370 -58.43 4.86 81.24
CA VAL Z 370 -58.28 6.25 80.85
C VAL Z 370 -56.81 6.53 80.58
N THR Z 371 -56.53 7.29 79.52
CA THR Z 371 -55.17 7.62 79.14
C THR Z 371 -54.99 9.12 79.02
N ILE Z 372 -53.94 9.64 79.65
CA ILE Z 372 -53.55 11.03 79.51
C ILE Z 372 -52.16 11.02 78.90
N ASP Z 373 -52.10 11.16 77.58
CA ASP Z 373 -50.86 11.15 76.84
C ASP Z 373 -50.91 12.27 75.81
N PRO Z 374 -49.77 12.76 75.37
CA PRO Z 374 -49.77 13.77 74.31
C PRO Z 374 -50.05 13.17 72.94
N SER Z 375 -49.70 11.90 72.75
CA SER Z 375 -49.71 11.28 71.44
C SER Z 375 -50.26 9.87 71.52
N ILE Z 376 -50.53 9.30 70.35
CA ILE Z 376 -51.09 7.96 70.24
C ILE Z 376 -50.07 6.91 70.66
N ASN Z 377 -50.50 5.97 71.49
CA ASN Z 377 -49.70 4.81 71.84
C ASN Z 377 -50.65 3.64 72.13
N MET Z 378 -50.10 2.53 72.63
CA MET Z 378 -50.91 1.34 72.83
C MET Z 378 -51.99 1.56 73.89
N ALA Z 379 -51.64 2.24 74.99
CA ALA Z 379 -52.64 2.51 76.01
C ALA Z 379 -53.75 3.40 75.46
N SER Z 380 -53.38 4.41 74.68
CA SER Z 380 -54.37 5.27 74.06
C SER Z 380 -55.13 4.58 72.94
N GLU Z 381 -54.71 3.39 72.54
CA GLU Z 381 -55.46 2.61 71.58
C GLU Z 381 -56.37 1.57 72.20
N ILE Z 382 -56.10 1.15 73.44
CA ILE Z 382 -57.06 0.29 74.11
C ILE Z 382 -57.73 0.98 75.30
N SER Z 383 -57.70 2.30 75.35
CA SER Z 383 -58.36 3.02 76.42
C SER Z 383 -59.83 3.30 76.09
N ASP Z 384 -60.54 3.88 77.07
CA ASP Z 384 -61.92 4.29 76.87
C ASP Z 384 -62.04 5.76 76.48
N LEU Z 385 -61.18 6.63 77.02
CA LEU Z 385 -61.02 7.97 76.49
C LEU Z 385 -59.56 8.37 76.62
N HIS Z 386 -59.11 9.20 75.68
CA HIS Z 386 -57.71 9.58 75.57
C HIS Z 386 -57.61 11.10 75.68
N ILE Z 387 -57.19 11.58 76.84
CA ILE Z 387 -57.09 13.02 77.10
C ILE Z 387 -55.70 13.47 76.69
N PRO Z 388 -55.56 14.42 75.77
CA PRO Z 388 -54.23 14.95 75.44
C PRO Z 388 -53.66 15.75 76.59
N VAL Z 389 -52.37 16.04 76.50
CA VAL Z 389 -51.66 16.76 77.55
C VAL Z 389 -50.36 17.29 76.93
N CYS Z 390 -49.80 18.33 77.54
CA CYS Z 390 -48.57 18.91 77.05
C CYS Z 390 -47.39 17.97 77.30
N ILE Z 391 -46.34 18.14 76.51
CA ILE Z 391 -45.11 17.39 76.68
C ILE Z 391 -44.16 18.20 77.55
N CYS Z 392 -43.60 17.55 78.57
CA CYS Z 392 -42.59 18.21 79.38
C CYS Z 392 -41.36 18.53 78.54
N GLY Z 393 -40.83 19.73 78.74
CA GLY Z 393 -39.58 20.12 78.12
C GLY Z 393 -39.69 20.64 76.72
N VAL Z 394 -40.83 20.46 76.06
CA VAL Z 394 -41.04 20.95 74.70
C VAL Z 394 -42.19 21.94 74.66
N ASP Z 395 -43.35 21.57 75.19
CA ASP Z 395 -44.47 22.47 75.28
C ASP Z 395 -44.60 23.14 76.63
N VAL Z 396 -44.09 22.52 77.70
CA VAL Z 396 -44.18 23.07 79.04
C VAL Z 396 -42.88 22.78 79.77
N GLY Z 397 -42.48 23.70 80.63
CA GLY Z 397 -41.29 23.54 81.43
C GLY Z 397 -41.61 23.08 82.85
N GLY Z 398 -40.57 23.02 83.66
CA GLY Z 398 -40.74 22.64 85.04
C GLY Z 398 -39.47 22.04 85.59
N ILE Z 399 -39.58 21.43 86.74
CA ILE Z 399 -38.47 20.74 87.37
C ILE Z 399 -38.51 19.29 86.94
N VAL Z 400 -37.35 18.70 86.74
CA VAL Z 400 -37.21 17.26 86.56
C VAL Z 400 -36.07 16.81 87.44
N TYR Z 401 -35.97 15.52 87.66
CA TYR Z 401 -34.96 15.00 88.58
C TYR Z 401 -34.08 14.01 87.85
N ARG Z 402 -32.78 14.28 87.85
CA ARG Z 402 -31.83 13.47 87.11
C ARG Z 402 -31.67 12.11 87.76
N MET Z 403 -30.75 11.32 87.23
CA MET Z 403 -30.39 10.01 87.76
C MET Z 403 -30.06 10.07 89.24
N ASP Z 404 -29.38 11.14 89.65
CA ASP Z 404 -28.85 11.29 90.99
C ASP Z 404 -29.63 12.27 91.85
N ASN Z 405 -30.89 12.51 91.51
CA ASN Z 405 -31.80 13.34 92.30
C ASN Z 405 -31.36 14.79 92.33
N VAL Z 406 -30.64 15.24 91.31
CA VAL Z 406 -30.29 16.65 91.14
C VAL Z 406 -31.37 17.29 90.27
N PRO Z 407 -32.04 18.35 90.73
CA PRO Z 407 -33.13 18.95 89.96
C PRO Z 407 -32.59 19.79 88.82
N ILE Z 408 -32.94 19.42 87.60
CA ILE Z 408 -32.67 20.25 86.43
C ILE Z 408 -33.93 21.04 86.16
N GLN Z 409 -33.78 22.27 85.67
CA GLN Z 409 -34.93 23.08 85.30
C GLN Z 409 -35.08 23.06 83.79
N PHE Z 410 -36.16 22.45 83.32
CA PHE Z 410 -36.39 22.34 81.89
C PHE Z 410 -37.11 23.58 81.39
N ARG Z 411 -36.87 23.90 80.13
CA ARG Z 411 -37.43 25.10 79.53
C ARG Z 411 -38.43 24.72 78.45
N LYS Z 412 -39.21 25.72 78.05
CA LYS Z 412 -40.26 25.58 77.06
C LYS Z 412 -39.76 26.15 75.74
N VAL Z 413 -40.00 25.44 74.65
CA VAL Z 413 -39.47 25.86 73.36
C VAL Z 413 -40.59 26.06 72.34
N ILE Z 414 -41.71 25.41 72.55
CA ILE Z 414 -42.84 25.49 71.63
C ILE Z 414 -44.10 25.76 72.43
N GLU Z 415 -44.95 26.64 71.92
CA GLU Z 415 -46.20 26.69 72.66
C GLU Z 415 -47.12 25.54 72.25
N PRO Z 416 -47.80 24.91 73.20
CA PRO Z 416 -48.63 23.75 72.88
C PRO Z 416 -49.82 24.16 72.03
N PRO Z 417 -50.41 23.22 71.28
CA PRO Z 417 -51.48 23.58 70.35
C PRO Z 417 -52.64 24.24 71.07
N GLU Z 418 -53.29 25.17 70.37
CA GLU Z 418 -54.34 25.98 70.96
C GLU Z 418 -55.46 25.10 71.49
N GLY Z 419 -55.61 25.07 72.82
CA GLY Z 419 -56.60 24.25 73.50
C GLY Z 419 -55.99 23.25 74.47
N VAL Z 420 -54.85 22.67 74.11
CA VAL Z 420 -54.26 21.62 74.94
C VAL Z 420 -53.72 22.24 76.21
N MET Z 421 -54.11 21.67 77.34
CA MET Z 421 -53.59 22.05 78.64
C MET Z 421 -52.52 21.04 79.06
N ASP Z 422 -51.97 21.24 80.26
CA ASP Z 422 -50.89 20.38 80.78
C ASP Z 422 -51.43 19.56 81.94
N ASP Z 423 -50.69 18.56 82.41
CA ASP Z 423 -51.21 17.65 83.46
C ASP Z 423 -51.47 18.38 84.77
N GLU Z 424 -50.62 19.30 85.21
CA GLU Z 424 -50.94 19.95 86.50
C GLU Z 424 -52.26 20.70 86.36
N THR Z 425 -52.49 21.43 85.27
CA THR Z 425 -53.83 22.06 85.16
C THR Z 425 -54.91 20.97 85.11
N LEU Z 426 -54.68 19.87 84.39
CA LEU Z 426 -55.71 18.84 84.22
C LEU Z 426 -56.00 18.15 85.54
N LEU Z 427 -54.97 17.73 86.25
CA LEU Z 427 -55.21 17.03 87.51
C LEU Z 427 -55.85 17.97 88.52
N ASN Z 428 -55.47 19.25 88.51
CA ASN Z 428 -56.12 20.19 89.42
C ASN Z 428 -57.59 20.35 89.08
N LYS Z 429 -57.95 20.40 87.80
CA LYS Z 429 -59.35 20.52 87.44
C LYS Z 429 -60.13 19.28 87.83
N ILE Z 430 -59.52 18.10 87.67
CA ILE Z 430 -60.17 16.87 88.13
C ILE Z 430 -60.41 16.92 89.63
N ALA Z 431 -59.42 17.36 90.41
CA ALA Z 431 -59.60 17.42 91.86
C ALA Z 431 -60.67 18.44 92.24
N ASP Z 432 -60.70 19.59 91.56
CA ASP Z 432 -61.74 20.57 91.82
C ASP Z 432 -63.12 20.00 91.53
N ARG Z 433 -63.26 19.28 90.42
CA ARG Z 433 -64.56 18.71 90.08
C ARG Z 433 -64.96 17.62 91.07
N MET Z 434 -64.00 16.83 91.54
CA MET Z 434 -64.32 15.82 92.53
C MET Z 434 -64.80 16.45 93.83
N GLU Z 435 -64.13 17.52 94.27
CA GLU Z 435 -64.61 18.22 95.46
C GLU Z 435 -65.97 18.85 95.22
N GLU Z 436 -66.25 19.29 94.00
CA GLU Z 436 -67.59 19.76 93.65
C GLU Z 436 -68.61 18.65 93.82
N LEU Z 437 -68.30 17.45 93.33
CA LEU Z 437 -69.13 16.29 93.56
C LEU Z 437 -69.13 15.87 95.02
N LYS Z 438 -68.35 16.54 95.85
CA LYS Z 438 -68.47 16.49 97.31
C LYS Z 438 -68.03 15.14 97.87
N ALA Z 439 -66.89 14.65 97.38
CA ALA Z 439 -66.33 13.43 97.92
C ALA Z 439 -64.80 13.48 97.86
FE1 SF4 AA . -1.05 -0.65 -8.84
FE2 SF4 AA . -2.07 -3.03 -7.98
FE3 SF4 AA . -2.46 -0.80 -6.50
FE4 SF4 AA . 0.06 -1.92 -6.68
S1 SF4 AA . -1.80 -2.84 -5.73
S2 SF4 AA . -0.51 0.30 -6.84
S3 SF4 AA . 0.02 -2.64 -8.81
S4 SF4 AA . -3.24 -1.20 -8.60
PA FAD BA . 8.51 11.23 -16.58
O1A FAD BA . 7.43 12.15 -16.26
O2A FAD BA . 8.18 10.02 -17.39
O5B FAD BA . 9.57 12.06 -17.28
C5B FAD BA . 10.70 11.46 -17.95
C4B FAD BA . 11.10 12.38 -19.06
O4B FAD BA . 12.40 11.98 -19.57
C3B FAD BA . 10.16 12.43 -20.26
O3B FAD BA . 10.01 13.77 -20.69
C2B FAD BA . 10.88 11.58 -21.30
O2B FAD BA . 10.58 11.98 -22.62
C1B FAD BA . 12.33 11.90 -20.98
N9A FAD BA . 13.27 10.89 -21.41
C8A FAD BA . 13.14 9.53 -21.31
N7A FAD BA . 14.17 8.86 -21.76
C5A FAD BA . 15.05 9.85 -22.18
C6A FAD BA . 16.32 9.79 -22.76
N6A FAD BA . 16.96 8.66 -23.03
N1A FAD BA . 16.92 10.96 -23.07
C2A FAD BA . 16.27 12.10 -22.80
N3A FAD BA . 15.08 12.28 -22.26
C4A FAD BA . 14.51 11.10 -21.97
N1 FAD BA . 1.39 10.96 -9.69
C2 FAD BA . 0.82 11.85 -8.83
O2 FAD BA . 1.45 12.36 -7.93
N3 FAD BA . -0.51 12.17 -8.96
C4 FAD BA . -1.35 11.70 -9.90
O4 FAD BA . -2.52 12.07 -9.90
C4X FAD BA . -0.75 10.75 -10.81
N5 FAD BA . -1.50 10.26 -11.70
C5X FAD BA . -0.95 9.36 -12.57
C6 FAD BA . -1.76 8.81 -13.56
C7 FAD BA . -1.26 7.91 -14.47
C7M FAD BA . -2.18 7.33 -15.52
C8 FAD BA . 0.09 7.52 -14.41
C8M FAD BA . 0.65 6.53 -15.38
C9 FAD BA . 0.90 8.07 -13.41
C9A FAD BA . 0.41 8.98 -12.51
N10 FAD BA . 1.18 9.54 -11.47
C10 FAD BA . 0.63 10.45 -10.62
C1' FAD BA . 2.63 9.27 -11.38
C2' FAD BA . 3.46 10.38 -12.05
O2' FAD BA . 3.19 10.44 -13.45
C3' FAD BA . 4.96 10.16 -11.81
O3' FAD BA . 5.19 10.18 -10.41
C4' FAD BA . 5.87 11.23 -12.42
O4' FAD BA . 5.45 11.58 -13.74
C5' FAD BA . 7.34 10.86 -12.47
O5' FAD BA . 8.03 11.79 -13.35
P FAD BA . 9.47 11.50 -13.91
O1P FAD BA . 10.08 12.85 -14.27
O2P FAD BA . 10.27 10.73 -13.07
O3P FAD BA . 9.21 10.73 -15.25
FE1 SF4 CA . 33.23 -4.61 13.19
FE2 SF4 CA . 34.48 -4.82 15.61
FE3 SF4 CA . 31.80 -5.30 15.43
FE4 SF4 CA . 32.76 -2.75 15.14
S1 SF4 CA . 32.85 -4.05 17.00
S2 SF4 CA . 31.21 -3.78 13.83
S3 SF4 CA . 34.73 -3.16 14.08
S4 SF4 CA . 33.48 -6.50 14.45
FE1 SF4 DA . 42.57 -0.06 -17.51
FE2 SF4 DA . 44.42 -1.53 -16.16
FE3 SF4 DA . 41.79 -1.70 -15.47
FE4 SF4 DA . 43.20 0.58 -14.93
S1 SF4 DA . 43.56 -1.49 -14.06
S2 SF4 DA . 41.11 0.44 -15.83
S3 SF4 DA . 44.58 0.66 -16.73
S4 SF4 DA . 42.73 -2.32 -17.44
FE1 SF4 EA . 54.68 -3.16 -21.55
FE2 SF4 EA . 53.57 -5.08 -23.11
FE3 SF4 EA . 51.96 -3.47 -21.61
FE4 SF4 EA . 53.53 -5.35 -20.41
S1 SF4 EA . 51.81 -5.73 -21.83
S2 SF4 EA . 53.26 -3.19 -19.77
S3 SF4 EA . 55.36 -5.31 -21.75
S4 SF4 EA . 53.32 -2.83 -23.33
FE1 SF4 FA . 4.74 30.30 -37.10
FE2 SF4 FA . 6.87 29.67 -38.70
FE3 SF4 FA . 5.16 27.72 -37.86
FE4 SF4 FA . 6.85 28.90 -36.07
S1 SF4 FA . 7.43 27.63 -37.86
S2 SF4 FA . 4.65 28.46 -35.77
S3 SF4 FA . 6.88 31.03 -36.87
S4 SF4 FA . 4.65 29.47 -39.21
FE1 SF4 GA . 5.63 21.66 -44.43
FE2 SF4 GA . 6.24 19.01 -44.49
FE3 SF4 GA . 4.68 20.10 -46.44
FE4 SF4 GA . 3.70 19.81 -43.91
S1 SF4 GA . 4.32 18.14 -45.34
S2 SF4 GA . 3.51 21.64 -45.25
S3 SF4 GA . 5.57 20.20 -42.69
S4 SF4 GA . 6.85 20.60 -46.01
FE1 FES HA . 33.72 -8.94 -9.72
FE2 FES HA . 34.80 -7.91 -11.97
S1 FES HA . 34.40 -10.01 -11.51
S2 FES HA . 33.95 -6.82 -10.27
FE1 SF4 IA . 58.24 -13.25 -20.55
FE2 SF4 IA . 58.74 -15.76 -21.51
FE3 SF4 IA . 56.82 -15.40 -19.65
FE4 SF4 IA . 59.43 -15.11 -18.97
S1 SF4 IA . 58.39 -17.01 -19.67
S2 SF4 IA . 57.74 -13.73 -18.40
S3 SF4 IA . 60.27 -14.19 -20.85
S4 SF4 IA . 56.84 -14.58 -21.78
FE1 SF4 JA . 68.27 -24.06 -18.86
FE2 SF4 JA . 66.93 -26.31 -19.63
FE3 SF4 JA . 65.61 -23.92 -19.48
FE4 SF4 JA . 66.42 -25.18 -17.20
S1 SF4 JA . 64.89 -25.93 -18.71
S2 SF4 JA . 66.65 -22.97 -17.70
S3 SF4 JA . 68.38 -26.11 -17.88
S4 SF4 JA . 67.32 -24.46 -20.89
FE1 SF4 KA . 59.46 -21.47 -27.61
FE2 SF4 KA . 60.03 -23.01 -29.79
FE3 SF4 KA . 57.87 -23.59 -28.23
FE4 SF4 KA . 60.40 -24.02 -27.29
S1 SF4 KA . 59.40 -25.06 -29.04
S2 SF4 KA . 58.67 -23.04 -26.18
S3 SF4 KA . 61.50 -22.28 -28.24
S4 SF4 KA . 58.19 -21.72 -29.47
FE1 SF4 LA . 61.45 -25.81 -38.77
FE2 SF4 LA . 61.49 -27.48 -40.93
FE3 SF4 LA . 59.44 -27.61 -39.13
FE4 SF4 LA . 61.92 -28.47 -38.42
S1 SF4 LA . 60.58 -29.35 -40.02
S2 SF4 LA . 60.54 -27.16 -37.19
S3 SF4 LA . 63.23 -26.99 -39.54
S4 SF4 LA . 59.96 -25.86 -40.49
PA FAD MA . 69.70 -21.65 -52.80
O1A FAD MA . 69.78 -23.04 -52.38
O2A FAD MA . 70.89 -21.07 -53.48
O5B FAD MA . 69.35 -20.92 -51.62
C5B FAD MA . 69.14 -21.59 -50.36
C4B FAD MA . 69.00 -20.52 -49.33
O4B FAD MA . 68.67 -21.11 -48.06
C3B FAD MA . 70.25 -19.68 -49.11
O3B FAD MA . 69.96 -18.30 -49.03
C2B FAD MA . 70.80 -20.22 -47.79
O2B FAD MA . 71.49 -19.22 -47.09
C1B FAD MA . 69.51 -20.57 -47.07
N9A FAD MA . 69.68 -21.57 -46.04
C8A FAD MA . 70.55 -22.62 -46.07
N7A FAD MA . 70.50 -23.38 -45.00
C5A FAD MA . 69.53 -22.78 -44.22
C6A FAD MA . 69.01 -23.10 -42.97
N6A FAD MA . 69.40 -24.15 -42.24
N1A FAD MA . 68.05 -22.30 -42.47
C2A FAD MA . 67.66 -21.25 -43.18
N3A FAD MA . 68.07 -20.86 -44.38
C4A FAD MA . 69.01 -21.67 -44.85
N1 FAD MA . 62.92 -28.26 -49.85
C2 FAD MA . 62.08 -29.24 -50.23
O2 FAD MA . 61.46 -29.20 -51.29
N3 FAD MA . 61.91 -30.33 -49.43
C4 FAD MA . 62.51 -30.55 -48.24
O4 FAD MA . 62.26 -31.57 -47.61
C4X FAD MA . 63.41 -29.49 -47.84
N5 FAD MA . 64.03 -29.60 -46.71
C5X FAD MA . 64.87 -28.58 -46.35
C6 FAD MA . 65.56 -28.67 -45.14
C7 FAD MA . 66.42 -27.67 -44.73
C7M FAD MA . 67.14 -27.78 -43.41
C8 FAD MA . 66.62 -26.54 -45.56
C8M FAD MA . 67.54 -25.44 -45.15
C9 FAD MA . 65.94 -26.46 -46.76
C9A FAD MA . 65.08 -27.46 -47.16
N10 FAD MA . 64.39 -27.39 -48.37
C10 FAD MA . 63.55 -28.39 -48.74
C1' FAD MA . 64.56 -26.25 -49.25
C2' FAD MA . 65.35 -26.59 -50.50
O2' FAD MA . 66.75 -26.48 -50.27
C3' FAD MA . 64.94 -25.60 -51.59
O3' FAD MA . 64.68 -26.33 -52.79
C4' FAD MA . 66.03 -24.61 -51.94
O4' FAD MA . 66.15 -23.70 -50.85
C5' FAD MA . 65.67 -23.88 -53.20
O5' FAD MA . 66.47 -22.69 -53.27
P FAD MA . 67.55 -22.50 -54.37
O1P FAD MA . 68.39 -23.76 -54.60
O2P FAD MA . 66.91 -22.02 -55.46
O3P FAD MA . 68.47 -21.44 -53.76
FE1 SF4 NA . -23.56 -7.33 16.39
FE2 SF4 NA . -23.56 -10.07 16.41
FE3 SF4 NA . -25.93 -8.71 16.56
FE4 SF4 NA . -24.23 -8.67 18.69
S1 SF4 NA . -25.31 -10.48 17.83
S2 SF4 NA . -25.31 -6.90 17.78
S3 SF4 NA . -22.20 -8.69 17.61
S4 SF4 NA . -24.44 -8.72 14.82
FE1 SF4 OA . -15.53 -3.93 9.60
FE2 SF4 OA . -18.04 -4.85 10.20
FE3 SF4 OA . -17.62 -3.27 8.00
FE4 SF4 OA . -17.44 -2.20 10.52
S1 SF4 OA . -19.30 -3.07 9.54
S2 SF4 OA . -16.00 -1.87 8.76
S3 SF4 OA . -16.53 -3.95 11.65
S4 SF4 OA . -16.79 -5.34 8.35
S1 9S8 PA . -40.52 -4.74 30.08
FE2 9S8 PA . -42.17 -5.07 28.75
S3 9S8 PA . -40.79 -6.83 28.69
FE4 9S8 PA . -38.90 -5.83 29.26
S5 9S8 PA . -38.59 -5.80 31.48
FE6 9S8 PA . -36.81 -4.48 31.54
S7 9S8 PA . -37.45 -4.30 29.53
FE9 9S8 PA . -39.22 -3.08 29.67
S1 9S8 QA . -27.52 -9.23 27.61
FE2 9S8 QA . -26.28 -9.71 25.94
S3 9S8 QA . -27.98 -8.43 25.21
FE4 9S8 QA . -29.42 -8.69 26.86
S5 9S8 QA . -28.98 -7.28 28.55
FE6 9S8 QA . -30.31 -8.18 30.08
S7 9S8 QA . -30.49 -9.57 28.48
FE9 9S8 QA . -28.69 -10.75 28.57
FE1 SF4 RA . 81.82 -22.54 -19.42
FE2 SF4 RA . 80.90 -24.93 -20.40
FE3 SF4 RA . 79.62 -23.72 -18.32
FE4 SF4 RA . 82.09 -24.82 -17.95
S1 SF4 RA . 80.18 -25.92 -18.49
S2 SF4 RA . 81.38 -22.79 -17.21
S3 SF4 RA . 83.06 -24.37 -19.94
S4 SF4 RA . 79.82 -22.94 -20.44
FE1 SF4 SA . 4.84 -16.21 -63.60
FE2 SF4 SA . 3.64 -15.63 -65.96
FE3 SF4 SA . 3.00 -17.89 -64.61
FE4 SF4 SA . 5.41 -17.67 -65.79
S1 SF4 SA . 3.38 -17.70 -66.80
S2 SF4 SA . 5.01 -18.44 -63.72
S3 SF4 SA . 5.84 -15.47 -65.51
S4 SF4 SA . 2.66 -15.77 -63.92
FE1 SF4 TA . -1.96 -27.56 -64.59
FE2 SF4 TA . -0.35 -29.55 -63.74
FE3 SF4 TA . 0.70 -27.46 -65.10
FE4 SF4 TA . -0.85 -29.26 -66.35
S1 SF4 TA . 1.17 -29.65 -65.41
S2 SF4 TA . -0.97 -27.02 -66.54
S3 SF4 TA . -2.35 -29.77 -64.74
S4 SF4 TA . -0.30 -27.40 -63.07
ZN ZN UA . 5.60 -41.77 -109.09
ZN ZN VA . 5.02 -37.93 -110.24
FE1 SF4 WA . -32.76 6.92 -95.11
FE2 SF4 WA . -35.29 7.57 -94.79
FE3 SF4 WA . -34.21 5.62 -93.32
FE4 SF4 WA . -34.63 5.28 -95.92
S1 SF4 WA . -36.19 5.59 -94.36
S2 SF4 WA . -32.81 4.73 -94.80
S3 SF4 WA . -34.23 7.32 -96.73
S4 SF4 WA . -33.68 7.77 -93.27
FE1 SF4 XA . -21.47 8.65 -91.17
FE2 SF4 XA . -22.91 9.74 -93.20
FE3 SF4 XA . -23.78 7.54 -91.98
FE4 SF4 XA . -21.60 7.43 -93.57
S1 SF4 XA . -23.72 7.90 -94.18
S2 SF4 XA . -21.85 6.46 -91.55
S3 SF4 XA . -20.68 9.43 -93.14
S4 SF4 XA . -23.50 9.57 -91.05
FE1 SF4 YA . 6.13 -8.30 -72.52
FE2 SF4 YA . 4.31 -8.21 -74.55
FE3 SF4 YA . 4.82 -10.58 -73.28
FE4 SF4 YA . 6.72 -9.46 -74.91
S1 SF4 YA . 4.67 -10.23 -75.53
S2 SF4 YA . 7.04 -10.36 -72.85
S3 SF4 YA . 6.37 -7.25 -74.52
S4 SF4 YA . 3.90 -8.71 -72.37
FE1 SF4 ZA . 1.77 3.36 -73.89
FE2 SF4 ZA . 0.03 1.30 -73.52
FE3 SF4 ZA . 1.17 2.54 -71.38
FE4 SF4 ZA . 2.69 0.96 -72.99
S1 SF4 ZA . 0.95 0.30 -71.69
S2 SF4 ZA . 3.24 3.01 -72.19
S3 SF4 ZA . 1.75 1.39 -75.01
S4 SF4 ZA . -0.25 3.45 -72.89
FE1 SF4 AB . 2.18 8.01 -50.90
FE2 SF4 AB . 0.93 10.33 -50.35
FE3 SF4 AB . 0.13 8.06 -49.15
FE4 SF4 AB . -0.37 8.46 -51.78
S1 SF4 AB . -1.20 9.64 -50.06
S2 SF4 AB . 0.44 6.58 -50.80
S3 SF4 AB . 1.48 9.59 -52.39
S4 SF4 AB . 2.16 9.05 -48.92
FE1 SF4 BB . -1.51 3.92 -61.92
FE2 SF4 BB . -3.23 5.44 -60.56
FE3 SF4 BB . -1.28 4.07 -59.26
FE4 SF4 BB . -3.35 2.74 -60.40
S1 SF4 BB . -3.46 4.21 -58.68
S2 SF4 BB . -1.20 2.20 -60.48
S3 SF4 BB . -3.73 4.01 -62.23
S4 SF4 BB . -1.02 5.75 -60.74
FE1 SF4 CB . -16.25 14.52 -82.54
FE2 SF4 CB . -18.74 15.12 -81.67
FE3 SF4 CB . -17.41 13.00 -80.61
FE4 SF4 CB . -18.32 12.91 -83.15
S1 SF4 CB . -19.55 13.06 -81.26
S2 SF4 CB . -16.28 12.28 -82.41
S3 SF4 CB . -18.03 15.02 -83.82
S4 SF4 CB . -16.84 15.18 -80.47
FE1 SF4 DB . -11.37 8.82 -74.11
FE2 SF4 DB . -9.76 10.73 -73.14
FE3 SF4 DB . -10.47 10.77 -75.75
FE4 SF4 DB . -8.80 8.87 -74.82
S1 SF4 DB . -8.41 11.10 -74.90
S2 SF4 DB . -10.55 8.58 -76.20
S3 SF4 DB . -9.61 8.50 -72.77
S4 SF4 DB . -11.83 11.03 -73.98
MO MO EB . -9.97 -46.61 -78.13
PB MGD FB . -13.49 -38.94 -74.63
O1B MGD FB . -12.31 -38.81 -73.74
O2B MGD FB . -14.25 -40.17 -74.27
O3B MGD FB . -13.07 -39.01 -76.20
O3A MGD FB . -10.68 -40.32 -76.09
PA MGD FB . -11.55 -39.14 -76.80
O1A MGD FB . -10.86 -37.82 -76.72
O2A MGD FB . -11.68 -39.52 -78.23
O5' MGD FB . -14.51 -37.69 -74.47
C5' MGD FB . -15.28 -37.54 -75.60
C4' MGD FB . -15.98 -36.16 -75.49
O4' MGD FB . -17.12 -36.16 -76.53
C3' MGD FB . -16.52 -36.06 -74.35
O3' MGD FB . -16.43 -34.70 -73.88
C2' MGD FB . -18.12 -36.34 -74.59
O2' MGD FB . -18.84 -35.58 -73.60
C1' MGD FB . -18.34 -35.79 -75.68
N9 MGD FB . -19.57 -36.37 -76.22
C8 MGD FB . -20.32 -37.39 -75.83
N7 MGD FB . -21.35 -37.48 -76.68
C5 MGD FB . -21.20 -36.52 -77.57
C6 MGD FB . -22.01 -36.10 -78.77
O6 MGD FB . -22.99 -36.68 -79.06
N1 MGD FB . -21.61 -35.00 -79.54
C2 MGD FB . -20.42 -34.28 -79.24
N2 MGD FB . -20.03 -33.17 -80.07
N3 MGD FB . -19.64 -34.69 -78.10
C4 MGD FB . -20.08 -35.83 -77.28
C10 MGD FB . -10.37 -41.36 -76.93
C11 MGD FB . -9.06 -42.10 -76.53
O11 MGD FB . -8.51 -41.70 -75.11
C12 MGD FB . -9.38 -43.35 -76.49
S12 MGD FB . -10.20 -43.95 -77.97
C13 MGD FB . -8.42 -44.27 -75.76
S13 MGD FB . -8.81 -46.01 -75.79
C14 MGD FB . -7.71 -43.78 -74.64
N15 MGD FB . -8.73 -44.02 -73.45
C16 MGD FB . -8.31 -43.38 -72.28
C17 MGD FB . -8.76 -43.86 -70.97
O17 MGD FB . -9.48 -44.79 -70.90
N18 MGD FB . -8.31 -43.18 -69.74
C19 MGD FB . -7.40 -41.97 -69.83
N19 MGD FB . -6.95 -41.29 -68.64
N20 MGD FB . -6.92 -41.48 -71.15
C21 MGD FB . -7.34 -42.12 -72.35
N22 MGD FB . -6.85 -41.63 -73.56
C23 MGD FB . -7.40 -42.37 -74.84
PB MGD GB . -6.43 -51.34 -71.71
O1B MGD GB . -7.46 -51.83 -70.74
O2B MGD GB . -5.65 -50.25 -71.05
O3B MGD GB . -7.16 -50.76 -73.05
O3A MGD GB . -9.72 -50.53 -73.62
PA MGD GB . -8.42 -51.47 -73.82
O1A MGD GB . -8.14 -51.61 -75.28
O2A MGD GB . -8.67 -52.83 -73.26
O5' MGD GB . -5.41 -52.54 -72.14
C5' MGD GB . -4.11 -52.54 -71.64
C4' MGD GB . -3.66 -54.00 -71.39
O4' MGD GB . -2.60 -54.40 -72.44
C3' MGD GB . -3.04 -54.05 -70.28
O3' MGD GB . -3.23 -55.36 -69.69
C2' MGD GB . -1.45 -53.93 -70.64
O2' MGD GB . -0.70 -54.44 -69.50
C1' MGD GB . -1.32 -54.71 -71.62
N9 MGD GB . -0.12 -54.35 -72.43
C8 MGD GB . 0.60 -53.23 -72.43
N7 MGD GB . 1.57 -53.38 -73.35
C5 MGD GB . 1.44 -54.59 -73.89
C6 MGD GB . 2.26 -55.31 -74.95
O6 MGD GB . 3.18 -54.79 -75.46
N1 MGD GB . 1.89 -56.63 -75.36
C2 MGD GB . 0.76 -57.26 -74.75
N2 MGD GB . 0.38 -58.59 -75.16
N3 MGD GB . 0.00 -56.55 -73.73
C4 MGD GB . 0.38 -55.19 -73.31
C10 MGD GB . -10.01 -49.62 -74.61
C11 MGD GB . -11.41 -49.99 -75.08
O11 MGD GB . -12.47 -49.33 -74.14
C12 MGD GB . -11.51 -49.46 -76.25
S12 MGD GB . -9.90 -48.86 -76.74
C13 MGD GB . -12.75 -48.62 -76.54
S13 MGD GB . -12.50 -46.99 -77.23
C14 MGD GB . -13.92 -48.81 -75.78
N15 MGD GB . -14.34 -47.37 -75.30
C16 MGD GB . -15.30 -47.42 -74.27
C17 MGD GB . -16.22 -46.30 -73.98
O17 MGD GB . -16.18 -45.30 -74.61
N18 MGD GB . -17.21 -46.43 -72.89
C19 MGD GB . -17.28 -47.72 -72.05
N19 MGD GB . -18.21 -47.91 -70.98
N20 MGD GB . -16.36 -48.84 -72.33
C21 MGD GB . -15.41 -48.74 -73.37
N22 MGD GB . -14.63 -49.87 -73.53
C23 MGD GB . -13.58 -49.72 -74.69
FE1 SF4 HB . 2.25 -38.57 -73.92
FE2 SF4 HB . 0.09 -40.04 -73.62
FE3 SF4 HB . 0.98 -38.67 -71.63
FE4 SF4 HB . 2.35 -40.74 -72.47
S1 SF4 HB . 0.32 -40.77 -71.57
S2 SF4 HB . 3.17 -38.77 -71.95
S3 SF4 HB . 1.98 -40.66 -74.63
S4 SF4 HB . 0.18 -37.86 -73.52
FE1 SF4 IB . 0.36 -0.02 8.93
FE2 SF4 IB . -2.16 -0.97 8.47
FE3 SF4 IB . -0.14 -1.67 6.81
FE4 SF4 IB . -1.10 0.92 6.81
S1 SF4 IB . -2.22 -0.97 6.19
S2 SF4 IB . 1.09 0.22 6.78
S3 SF4 IB . -1.57 1.17 9.00
S4 SF4 IB . -0.33 -2.19 9.02
PA FAD JB . 13.56 9.54 14.08
O1A FAD JB . 14.37 8.37 13.81
O2A FAD JB . 12.44 9.39 15.08
O5B FAD JB . 14.52 10.63 14.57
C5B FAD JB . 14.06 11.85 15.17
C4B FAD JB . 15.13 12.32 16.10
O4B FAD JB . 14.87 13.67 16.50
C3B FAD JB . 15.28 11.52 17.39
O3B FAD JB . 16.64 11.32 17.69
C2B FAD JB . 14.59 12.40 18.43
O2B FAD JB . 15.15 12.22 19.73
C1B FAD JB . 14.94 13.78 17.91
N9A FAD JB . 14.05 14.83 18.33
C8A FAD JB . 12.68 14.78 18.40
N7A FAD JB . 12.12 15.90 18.79
C5A FAD JB . 13.20 16.75 19.00
C6A FAD JB . 13.29 18.08 19.43
N6A FAD JB . 12.22 18.82 19.74
N1A FAD JB . 14.51 18.62 19.53
C2A FAD JB . 15.56 17.89 19.22
N3A FAD JB . 15.62 16.62 18.80
C4A FAD JB . 14.38 16.11 18.71
N1 FAD JB . 12.10 1.72 8.18
C2 FAD JB . 12.84 1.00 7.30
O2 FAD JB . 13.29 1.50 6.27
N3 FAD JB . 13.12 -0.31 7.55
C4 FAD JB . 12.72 -1.01 8.62
O4 FAD JB . 13.01 -2.19 8.74
C4X FAD JB . 11.92 -0.26 9.56
N5 FAD JB . 11.49 -0.86 10.59
C5X FAD JB . 10.74 -0.16 11.48
C6 FAD JB . 10.27 -0.83 12.60
C7 FAD JB . 9.50 -0.16 13.56
C7M FAD JB . 9.01 -0.92 14.75
C8 FAD JB . 9.19 1.19 13.37
C8M FAD JB . 8.34 1.93 14.38
C9 FAD JB . 9.64 1.86 12.23
C9A FAD JB . 10.42 1.19 11.30
N10 FAD JB . 10.89 1.82 10.13
C10 FAD JB . 11.66 1.12 9.25
C1' FAD JB . 10.69 3.27 9.88
C2' FAD JB . 11.91 4.08 10.32
O2' FAD JB . 12.12 3.97 11.73
C3' FAD JB . 11.75 5.56 9.93
O3' FAD JB . 11.62 5.63 8.52
C4' FAD JB . 12.93 6.46 10.32
O4' FAD JB . 13.40 6.16 11.63
C5' FAD JB . 12.65 7.95 10.22
O5' FAD JB . 13.70 8.66 10.90
P FAD JB . 13.56 10.17 11.32
O1P FAD JB . 14.98 10.73 11.45
O2P FAD JB . 12.74 10.94 10.48
O3P FAD JB . 12.93 10.12 12.75
FE1 SF4 KB . -4.39 31.75 -16.45
FE2 SF4 KB . -4.81 32.74 -18.97
FE3 SF4 KB . -5.41 30.13 -18.40
FE4 SF4 KB . -2.80 30.95 -18.52
S1 SF4 KB . -4.30 30.92 -20.23
S2 SF4 KB . -3.75 29.62 -16.93
S3 SF4 KB . -2.97 33.05 -17.66
S4 SF4 KB . -6.39 31.98 -17.51
FE1 SF4 LB . 4.27 44.16 12.21
FE2 SF4 LB . 2.74 45.95 10.82
FE3 SF4 LB . 2.36 43.27 10.47
FE4 SF4 LB . 4.62 44.45 9.52
S1 SF4 LB . 2.49 44.85 8.84
S2 SF4 LB . 4.49 42.50 10.68
S3 SF4 LB . 5.00 46.02 11.13
S4 SF4 LB . 2.02 44.46 12.39
FE1 SF4 MB . 2.31 56.82 15.10
FE2 SF4 MB . 0.53 56.03 17.00
FE3 SF4 MB . 1.87 54.17 15.53
FE4 SF4 MB . -0.07 55.70 14.36
S1 SF4 MB . -0.36 54.18 16.01
S2 SF4 MB . 1.99 55.23 13.51
S3 SF4 MB . 0.23 57.67 15.46
S4 SF4 MB . 2.77 55.65 16.98
FE1 SF4 NB . 34.70 6.86 32.65
FE2 SF4 NB . 34.38 9.17 34.05
FE3 SF4 NB . 32.25 7.52 33.64
FE4 SF4 NB . 33.31 8.93 31.55
S1 SF4 NB . 32.29 9.79 33.40
S2 SF4 NB . 32.71 6.73 31.56
S3 SF4 NB . 35.51 8.90 32.10
S4 SF4 NB . 34.13 7.06 34.84
FE1 SF4 OB . 27.06 9.13 40.75
FE2 SF4 OB . 24.47 9.92 41.03
FE3 SF4 OB . 25.69 8.52 43.03
FE4 SF4 OB . 25.05 7.28 40.67
S1 SF4 OB . 23.61 8.17 42.19
S2 SF4 OB . 27.02 7.12 41.81
S3 SF4 OB . 25.40 8.97 39.20
S4 SF4 OB . 26.25 10.58 42.28
FE1 FES PB . -5.92 35.09 6.59
FE2 FES PB . -4.59 36.36 8.55
S1 FES PB . -6.75 36.05 8.38
S2 FES PB . -3.75 35.25 6.85
FE1 SF4 QB . -7.63 60.91 14.83
FE2 SF4 QB . -9.97 61.68 15.99
FE3 SF4 QB . -9.94 59.55 14.35
FE4 SF4 QB . -9.60 62.03 13.33
S1 SF4 QB . -11.45 61.21 14.35
S2 SF4 QB . -8.39 60.21 12.82
S3 SF4 QB . -8.41 63.02 14.99
S4 SF4 QB . -8.88 59.75 16.34
FE1 SF4 RB . -18.02 71.38 13.17
FE2 SF4 RB . -20.23 70.29 14.34
FE3 SF4 RB . -17.95 68.81 14.09
FE4 SF4 RB . -19.42 69.44 11.88
S1 SF4 RB . -20.07 68.14 13.63
S2 SF4 RB . -17.16 69.58 12.10
S3 SF4 RB . -20.16 71.51 12.42
S4 SF4 RB . -18.23 70.70 15.32
FE1 SF4 SB . -14.87 63.46 22.56
FE2 SF4 SB . -16.11 64.36 24.82
FE3 SF4 SB . -16.99 62.09 23.59
FE4 SF4 SB . -17.39 64.52 22.41
S1 SF4 SB . -18.27 63.80 24.38
S2 SF4 SB . -16.64 62.61 21.42
S3 SF4 SB . -15.49 65.60 23.02
S4 SF4 SB . -14.96 62.42 24.57
FE1 SF4 TB . -17.74 66.97 33.82
FE2 SF4 TB . -19.14 67.36 36.13
FE3 SF4 TB . -19.60 65.13 34.62
FE4 SF4 TB . -20.41 67.58 33.71
S1 SF4 TB . -21.17 66.49 35.55
S2 SF4 TB . -19.32 65.97 32.52
S3 SF4 TB . -18.74 68.90 34.50
S4 SF4 TB . -17.67 65.69 35.69
PA FAD UB . -11.53 76.46 46.22
O1A FAD UB . -12.95 76.57 45.94
O2A FAD UB . -10.80 77.67 46.68
O5B FAD UB . -10.96 75.93 45.00
C5B FAD UB . -11.79 75.63 43.86
C4B FAD UB . -10.85 75.29 42.74
O4B FAD UB . -11.60 74.87 41.60
C3B FAD UB . -9.98 76.46 42.28
O3B FAD UB . -8.63 76.07 42.08
C2B FAD UB . -10.65 76.88 40.98
O2B FAD UB . -9.69 77.43 40.09
C1B FAD UB . -11.15 75.55 40.46
N9A FAD UB . -12.25 75.67 39.54
C8A FAD UB . -13.25 76.60 39.58
N7A FAD UB . -14.13 76.48 38.62
C5A FAD UB . -13.67 75.40 37.90
C6A FAD UB . -14.17 74.76 36.75
N6A FAD UB . -15.27 75.14 36.11
N1A FAD UB . -13.48 73.71 36.28
C2A FAD UB . -12.37 73.31 36.93
N3A FAD UB . -11.82 73.84 38.02
C4A FAD UB . -12.53 74.88 38.45
N1 FAD UB . -18.78 69.84 44.86
C2 FAD UB . -19.76 69.11 45.43
O2 FAD UB . -19.62 68.61 46.54
N3 FAD UB . -20.94 68.92 44.78
C4 FAD UB . -21.27 69.40 43.57
O4 FAD UB . -22.36 69.15 43.08
C4X FAD UB . -20.22 70.17 42.95
N5 FAD UB . -20.42 70.67 41.78
C5X FAD UB . -19.41 71.40 41.19
C6 FAD UB . -19.62 71.95 39.93
C7 FAD UB . -18.62 72.70 39.31
C7M FAD UB . -18.85 73.26 37.94
C8 FAD UB . -17.40 72.91 39.98
C8M FAD UB . -16.31 73.70 39.35
C9 FAD UB . -17.20 72.37 41.24
C9A FAD UB . -18.20 71.62 41.84
N10 FAD UB . -18.02 71.07 43.12
C10 FAD UB . -19.01 70.34 43.69
C1' FAD UB . -16.78 71.26 43.83
C2' FAD UB . -16.92 72.21 45.02
O2' FAD UB . -16.77 73.56 44.62
C3' FAD UB . -15.85 71.86 46.04
O3' FAD UB . -16.43 71.78 47.32
C4' FAD UB . -14.76 72.92 46.12
O4' FAD UB . -13.98 72.85 44.93
C5' FAD UB . -13.90 72.66 47.34
O5' FAD UB . -12.67 73.37 47.18
P FAD UB . -12.30 74.56 48.10
O1P FAD UB . -13.47 75.49 48.38
O2P FAD UB . -11.71 74.01 49.21
O3P FAD UB . -11.26 75.33 47.28
FE1 SF4 VB . -10.46 -24.73 -12.54
FE2 SF4 VB . -13.16 -24.56 -12.25
FE3 SF4 VB . -11.96 -27.01 -12.26
FE4 SF4 VB . -12.09 -25.55 -14.57
S1 SF4 VB . -13.84 -26.42 -13.39
S2 SF4 VB . -10.27 -26.65 -13.75
S3 SF4 VB . -11.87 -23.44 -13.75
S4 SF4 VB . -11.68 -25.34 -10.72
FE1 SF4 WB . -5.84 -16.22 -7.16
FE2 SF4 WB . -6.96 -18.72 -7.36
FE3 SF4 WB . -5.10 -18.17 -5.41
FE4 SF4 WB . -4.34 -18.33 -8.04
S1 SF4 WB . -5.18 -20.01 -6.76
S2 SF4 WB . -3.73 -16.74 -6.52
S3 SF4 WB . -6.16 -17.45 -9.06
S4 SF4 WB . -7.17 -17.25 -5.63
S1 9S8 XB . -10.39 -43.27 -24.30
FE2 9S8 XB . -10.65 -44.72 -22.75
S3 9S8 XB . -12.32 -43.23 -22.67
FE4 9S8 XB . -11.29 -41.49 -23.57
S5 9S8 XB . -11.52 -41.43 -25.79
FE6 9S8 XB . -10.11 -39.76 -26.21
S7 9S8 XB . -9.73 -40.18 -24.17
FE9 9S8 XB . -8.64 -42.03 -24.24
S1 9S8 YB . -13.87 -29.79 -22.91
FE2 9S8 YB . -14.08 -28.35 -21.35
S3 9S8 YB . -12.82 -30.03 -20.59
FE4 9S8 YB . -13.34 -31.63 -22.01
S5 9S8 YB . -12.13 -31.48 -23.88
FE6 9S8 YB . -13.27 -32.90 -25.14
S7 9S8 YB . -14.47 -32.81 -23.38
FE9 9S8 YB . -15.55 -30.96 -23.56
FE1 SF4 ZB . -15.74 84.78 11.94
FE2 SF4 ZB . -18.03 84.13 13.27
FE3 SF4 ZB . -17.15 82.55 11.25
FE4 SF4 ZB . -18.16 85.03 10.70
S1 SF4 ZB . -19.28 83.27 11.59
S2 SF4 ZB . -16.27 84.10 9.83
S3 SF4 ZB . -17.42 86.19 12.51
S4 SF4 ZB . -16.11 82.94 13.22
FE1 SF4 AC . -8.25 13.01 63.99
FE2 SF4 AC . -7.46 12.03 66.40
FE3 SF4 AC . -9.90 11.40 65.39
FE4 SF4 AC . -9.41 13.91 66.25
S1 SF4 AC . -9.42 12.01 67.50
S2 SF4 AC . -10.44 13.34 64.35
S3 SF4 AC . -7.24 14.16 65.67
S4 SF4 AC . -7.90 10.84 64.52
FE1 SF4 BC . -19.75 7.11 67.05
FE2 SF4 BC . -21.74 8.75 66.24
FE3 SF4 BC . -19.46 9.81 67.22
FE4 SF4 BC . -21.17 8.54 68.84
S1 SF4 BC . -21.56 10.45 67.72
S2 SF4 BC . -18.94 8.28 68.79
S3 SF4 BC . -21.95 6.90 67.48
S4 SF4 BC . -19.69 8.58 65.33
ZN ZN CC . -28.16 20.55 111.64
ZN ZN DC . -24.25 19.86 112.41
FE1 SF4 EC . 16.44 -22.27 96.97
FE2 SF4 EC . 16.92 -24.86 96.88
FE3 SF4 EC . 14.87 -23.81 95.53
FE4 SF4 EC . 14.81 -23.93 98.18
S1 SF4 EC . 14.85 -25.66 96.79
S2 SF4 EC . 14.23 -22.21 96.92
S3 SF4 EC . 16.95 -23.56 98.70
S4 SF4 EC . 17.02 -23.45 95.17
FE1 SF4 FC . 18.28 -11.63 91.55
FE2 SF4 FC . 19.53 -12.91 93.60
FE3 SF4 FC . 17.16 -13.76 92.75
FE4 SF4 FC . 17.34 -11.41 94.06
S1 SF4 FC . 17.79 -13.47 94.87
S2 SF4 FC . 16.14 -11.81 92.21
S3 SF4 FC . 19.33 -10.67 93.32
S4 SF4 FC . 19.08 -13.72 91.56
FE1 SF4 GC . 0.71 14.75 71.75
FE2 SF4 GC . 0.94 13.18 73.96
FE3 SF4 GC . -1.52 13.71 72.92
FE4 SF4 GC . -0.13 15.67 74.17
S1 SF4 GC . -0.92 13.78 75.11
S2 SF4 GC . -1.24 15.84 72.20
S3 SF4 GC . 2.00 15.15 73.57
S4 SF4 GC . 0.18 12.56 71.92
FE1 SF4 HC . 12.21 9.83 72.33
FE2 SF4 HC . 10.02 8.19 72.38
FE3 SF4 HC . 11.06 9.00 70.01
FE4 SF4 HC . 9.77 10.80 71.58
S1 SF4 HC . 8.87 8.97 70.59
S2 SF4 HC . 11.74 11.11 70.51
S3 SF4 HC . 10.39 10.05 73.64
S4 SF4 HC . 12.08 7.70 71.56
FE1 SF4 IC . 14.11 7.34 49.07
FE2 SF4 IC . 16.27 5.88 48.41
FE3 SF4 IC . 13.84 5.10 47.58
FE4 SF4 IC . 14.53 4.88 50.19
S1 SF4 IC . 15.44 3.78 48.47
S2 SF4 IC . 12.59 5.69 49.34
S3 SF4 IC . 15.81 6.71 50.44
S4 SF4 IC . 14.92 7.02 47.00
FE1 SF4 JC . 11.17 5.18 60.85
FE2 SF4 JC . 12.41 3.23 59.54
FE3 SF4 JC . 11.01 5.10 58.17
FE4 SF4 JC . 9.73 3.27 59.69
S1 SF4 JC . 10.97 2.87 57.83
S2 SF4 JC . 9.32 5.45 59.57
S3 SF4 JC . 11.18 3.01 61.39
S4 SF4 JC . 12.87 5.42 59.42
FE1 SF4 KC . 23.35 -7.81 81.76
FE2 SF4 KC . 23.71 -10.41 81.13
FE3 SF4 KC . 21.56 -9.08 80.16
FE4 SF4 KC . 21.73 -9.68 82.77
S1 SF4 KC . 21.59 -11.14 81.05
S2 SF4 KC . 21.12 -7.71 81.88
S3 SF4 KC . 23.91 -9.45 83.18
S4 SF4 KC . 23.73 -8.67 79.71
FE1 SF4 LC . 16.96 -3.54 73.50
FE2 SF4 LC . 18.81 -2.18 72.13
FE3 SF4 LC . 19.13 -2.59 74.78
FE4 SF4 LC . 17.22 -0.92 73.88
S1 SF4 LC . 19.46 -0.67 73.67
S2 SF4 LC . 17.01 -2.48 75.47
S3 SF4 LC . 16.57 -1.93 71.99
S4 SF4 LC . 19.10 -4.16 73.17
MO MO MC . -37.46 1.95 83.49
PB MGD NC . -30.44 -2.44 79.60
O1B MGD NC . -30.35 -1.37 78.56
O2B MGD NC . -31.75 -3.14 79.48
O3B MGD NC . -30.31 -1.83 81.10
O3A MGD NC . -31.49 0.60 80.86
PA MGD NC . -30.28 -0.25 81.54
O1A MGD NC . -28.96 0.34 81.23
O2A MGD NC . -30.49 -0.20 83.00
O5' MGD NC . -29.28 -3.54 79.44
C5' MGD NC . -29.03 -4.19 80.61
C4' MGD NC . -27.72 -4.99 80.44
O4' MGD NC . -27.66 -6.01 81.60
C3' MGD NC . -27.78 -5.66 79.37
O3' MGD NC . -26.48 -5.71 78.75
C2' MGD NC . -28.12 -7.19 79.81
O2' MGD NC . -27.53 -8.07 78.84
C1' MGD NC . -27.45 -7.33 80.86
N9 MGD NC . -28.03 -8.45 81.61
C8 MGD NC . -29.13 -9.18 81.42
N7 MGD NC . -29.17 -10.08 82.40
C5 MGD NC . -28.10 -9.91 83.15
C6 MGD NC . -27.59 -10.61 84.38
O6 MGD NC . -28.18 -11.50 84.85
N1 MGD NC . -26.39 -10.19 84.97
C2 MGD NC . -25.65 -9.09 84.46
N2 MGD NC . -24.43 -8.68 85.10
N3 MGD NC . -26.14 -8.42 83.29
C4 MGD NC . -27.39 -8.88 82.66
C10 MGD NC . -32.41 1.09 81.77
C11 MGD NC . -33.12 2.38 81.30
O11 MGD NC . -32.85 2.75 79.79
C12 MGD NC . -34.38 2.14 81.44
S12 MGD NC . -34.84 1.54 83.06
C13 MGD NC . -35.33 3.08 80.71
S13 MGD NC . -37.07 2.81 80.99
C14 MGD NC . -34.94 3.61 79.46
N15 MGD NC . -35.37 2.49 78.44
C16 MGD NC . -34.86 2.74 77.16
C17 MGD NC . -35.52 2.17 75.97
O17 MGD NC . -36.48 1.51 76.10
N18 MGD NC . -34.96 2.42 74.62
C19 MGD NC . -33.70 3.28 74.48
N19 MGD NC . -33.14 3.54 73.17
N20 MGD NC . -33.04 3.86 75.67
C21 MGD NC . -33.55 3.63 76.98
N22 MGD NC . -32.89 4.20 78.06
C23 MGD NC . -33.50 3.85 79.46
PB MGD OC . -42.72 5.06 77.27
O1B MGD OC . -43.37 3.96 76.49
O2B MGD OC . -41.67 5.68 76.40
O3B MGD OC . -42.03 4.44 78.60
O3A MGD OC . -41.87 1.96 79.45
PA MGD OC . -42.71 3.34 79.60
O1A MGD OC . -42.65 3.79 81.03
O2A MGD OC . -44.12 3.11 79.23
O5' MGD OC . -43.81 6.19 77.71
C5' MGD OC . -43.79 7.42 77.06
C4' MGD OC . -45.25 7.95 76.91
O4' MGD OC . -45.47 9.13 77.87
C3' MGD OC . -45.40 8.43 75.76
O3' MGD OC . -46.77 8.26 75.33
C2' MGD OC . -45.15 10.05 75.91
O2' MGD OC . -45.75 10.70 74.75
C1' MGD OC . -45.80 10.34 76.94
N9 MGD OC . -45.29 11.58 77.56
C8 MGD OC . -44.13 12.23 77.36
N7 MGD OC . -44.13 13.32 78.15
C5 MGD OC . -45.27 13.33 78.83
C6 MGD OC . -45.81 14.29 79.88
O6 MGD OC . -45.19 15.24 80.21
N1 MGD OC . -47.09 14.06 80.46
C2 MGD OC . -47.84 12.92 80.06
N2 MGD OC . -49.14 12.68 80.66
N3 MGD OC . -47.32 12.00 79.07
C4 MGD OC . -45.99 12.24 78.46
C10 MGD OC . -40.87 1.72 80.36
C11 MGD OC . -41.25 0.41 81.04
O11 MGD OC . -40.75 -0.79 80.15
C12 MGD OC . -40.59 0.41 82.14
S12 MGD OC . -39.85 2.01 82.37
C13 MGD OC . -39.78 -0.84 82.47
S13 MGD OC . -38.07 -0.64 82.94
C14 MGD OC . -40.13 -2.08 81.89
N15 MGD OC . -38.76 -2.65 81.30
C16 MGD OC . -39.00 -3.70 80.41
C17 MGD OC . -37.96 -4.73 80.11
O17 MGD OC . -36.89 -4.69 80.61
N18 MGD OC . -38.27 -5.81 79.17
C19 MGD OC . -39.65 -5.90 78.50
N19 MGD OC . -40.02 -6.93 77.56
N20 MGD OC . -40.69 -4.88 78.78
C21 MGD OC . -40.42 -3.84 79.68
N22 MGD OC . -41.48 -2.97 79.87
C23 MGD OC . -41.13 -1.81 80.86
FE1 SF4 PC . -29.33 13.07 76.99
FE2 SF4 PC . -30.95 10.99 77.11
FE3 SF4 PC . -29.78 11.56 74.88
FE4 SF4 PC . -31.66 13.15 75.78
S1 SF4 PC . -31.90 11.03 75.14
S2 SF4 PC . -29.72 13.78 74.95
S3 SF4 PC . -31.33 13.02 77.95
S4 SF4 PC . -28.79 10.93 76.75
#